data_8P5E
#
_entry.id   8P5E
#
_cell.length_a   1.00
_cell.length_b   1.00
_cell.length_c   1.00
_cell.angle_alpha   90.00
_cell.angle_beta   90.00
_cell.angle_gamma   90.00
#
_symmetry.space_group_name_H-M   'P 1'
#
loop_
_entity.id
_entity.type
_entity.pdbx_description
1 polymer 'DNA replication licensing factor MCM2'
2 polymer 'DNA replication licensing factor MCM3'
3 polymer 'DNA replication licensing factor MCM4'
4 polymer 'Minichromosome maintenance protein 5'
5 polymer 'DNA replication licensing factor MCM6'
6 polymer 'DNA replication licensing factor MCM7'
7 polymer 'DNA (19-MER)'
8 polymer 'DNA (7-MER)'
9 polymer 'DNA replication complex GINS protein PSF3'
10 polymer 'DNA replication complex GINS protein SLD5'
11 polymer 'Cell division control protein 45'
12 polymer 'DNA polymerase epsilon subunit B'
13 polymer 'DNA polymerase epsilon catalytic subunit A'
14 polymer 'DNA replication complex GINS protein PSF1'
15 polymer 'DNA replication complex GINS protein PSF2'
16 non-polymer "ADENOSINE-5'-TRIPHOSPHATE"
17 non-polymer 'ZINC ION'
18 non-polymer 'MAGNESIUM ION'
19 non-polymer "ADENOSINE-5'-DIPHOSPHATE"
#
loop_
_entity_poly.entity_id
_entity_poly.type
_entity_poly.pdbx_seq_one_letter_code
_entity_poly.pdbx_strand_id
1 'polypeptide(L)'
;MSDNRRRRREEDDSDSENELPPSSPQQHFRGGMNPVSSPIGSPDMINPEGDDNEVDDVPDIDEVEEQMNEVDLMDDNMYE
DYAADHNRDRYDPDQVDDREQQELSLSERRRIDAQLNERDRLLRNVAYIDDEDEEQEGAAQLDEMGLPVQRRRRRRQYED
LENSDDDLLSDMDIDPLREELTLESLSNVKANSYSEWITQPNVSRTIARELKSFLLEYTDETGRSVYGARIRTLGEMNSE
SLEVNYRHLAESKAILALFLAKCPEEMLKIFDLVAMEATELHYPDYARIHSEIHVRISDFPTIYSLRELRESNLSSLVRV
TGVVTRRTGVFPQLKYVKFNCLKCGSILGPFFQDSNEEIRISFCTNCKSKGPFRVNGEKTVYRNYQRVTLQEAPGTVPPG
RLPRHREVILLADLVDVSKPGEEVEVTGIYKNNYDGNLNAKNGFPVFATIIEANSIKRREGNTANEGEEGLDVFSWTEEE
EREFRKISRDRGIIDKIISSMAPSIYGHRDIKTAVACSLFGGVPKNVNGKHSIRGDINVLLLGDPGTAKSQILKYVEKTA
HRAVFATGQGASAVGLTASVRKDPITKEWTLEGGALVLADKGVCLIDEFDKMNDQDRTSIHEAMEQQSISISKAGIVTTL
QARCSIIAAANPNGGRYNSTLPLAQNVSLTEPILSRFDILCVVRDLVDEEADERLATFVVDSHVRSHPENDEDREGEELK
NNGESAIEQGEDEINEQLNARQRRLQRQRKKEEEISPIPQELLMKYIHYARTKIYPKLHQMDMDKVSRVYADLRRESIST
GSFPITVRHLESILRIAESFAKMRLSEFVSSYDLDRAIKVVVDSFVDAQKVSVRRQLRRSFAIYTLGH
;
2
2 'polypeptide(L)'
;MKRRWKKNFIAVSAANRFKKISSSGALENLYFQGEMEGSTGFDGDATTFFAPDAVFGDRVRRFQEFLDTFTSYRDSVRSI
QVYNSNNAANYNDDQDDADERDLLGDDDGDDLEKEKKAASSTSLNILPHRIIISLDDLREFDRSFWSGILVEPAYFIPPA
EKALTDLADSMDDVPHPNASAVSSRHPWKLSFKGSFGAHALSPRTLTAQHLNKLVSVEGIVTKTSLVRPKLIRSVHYAAK
TGRFHYRDYTDATTTLTTRIPTPAIYPTEDTEGNKLTTEYGYSTFIDHQRITVQEMPEMAPAGQLPRSIDVILDDDLVDK
TKPGDRVNVVGVFKSLGAGGMNQSNSNTLIGFKTLILGNTVYPLHARSTGVAARQMLTDFDIRNINKLSKKKDIFDILSQ
SLAPSIYGHDHIKKAILLMLMGGVEKNLENGSHLRGDINILMVGDPSTAKSQLLRFVLNTASLAIATTGRGSSGVGLTAA
VTTDRETGERRLEAGAMVLADRGVVCIDEFDKMTDVDRVAIHEVMEQQTVTIAKAGIHTTLNARCSVIAAANPVFGQYDV
NRDPHQNIALPDSLLSRFDLLFVVTDDINEIRDRSISEHVLRTHRYLPPGYLEGEPVRERLNLSLAVGEDADINPEEHSN
SGAGVENEGEDDEDHVFEKFNPLLQAGAKLAKNKGNYNGTEIPKLVTIPFLRKYVQYAKERVIPQLTQEAINVIVKNYTD
LRNDDNTKKSPITARTLETLIRLATAHAKVRLSKTVNKVDAKVAANLLRFALLGEDIGNDIDEEESEYEEALSKRSPQKS
PKKRQRVRQPASNSGSPIKSTPRRSTASSVNATPSSARRILRFQDDEQNAGEDDNDIMSPLPADEEAELQRRLQLGLRVS
PRRREHLHAPEEGSSGPLTEVGTPRLPNVSSAGQDDEQQQSVISFDNVEPGTISTGRLSLISGIIARLMQTEIFEEESYP
VASLFERINEELPEEEKFSAQEYLAGLKIMSDRNNLMVADDKVWRV
;
3
3 'polypeptide(L)'
;MSQQSSSPTKEDNNSSSPVVPNPDSVPPQLSSPALFYSSSSSQGDIYGRNNSQNLSQGEGNIRAAIGSSPLNFPSSSQRQ
NSDVFQSQGRQGRIRSSASASGRSRYHSDLRSDRALPTSSSSLGRNGQNRVHMRRNDIHTSDLSSPRRIVDFDTRSGVNT
LDTSSSSAPPSEASEPLRIIWGTNVSIQECTTNFRNFLMSFKYKFRKILDEREEFINNTTDEELYYIKQLNEMRELGTSN
LNLDARNLLAYKQTEDLYHQLLNYPQEVISIMDQTIKDCMVSLIVDNNLDYDLDEIETKFYKVRPYNVGSCKGMRELNPN
DIDKLINLKGLVLRSTPVIPDMKVAFFKCNVCDHTMAVEIDRGVIQEPARCERIDCNEPNSMSLIHNRCSFADKQVIKLQ
ETPDFVPDGQTPHSISLCVYDELVDSCRAGDRIEVTGTFRSIPIRANSRQRVLKSLYKTYVDVVHVKKVSDKRLDVDTST
IEQELMQNKVDHNEVEEVRQITDQDLAKIREVAAREDLYSLLARSIAPSIYELEDVKKGILLQLFGGTNKTFTKGGRYRG
DINILLCGDPSTSKSQILQYVHKITPRGVYTSGKGSSAVGLTAYITRDVDTKQLVLESGALVLSDGGVCCIDEFDKMSDS
TRSVLHEVMEQQTISIAKAGIITTLNARSSILASANPIGSRYNPNLPVTENIDLPPPLLSRFDLVYLVLDKVDEKNDREL
AKHLTNLYLEDKPEHISQDDVLPVEFLTMYISYAKEHIHPIITEAAKTELVRAYVGMRKMGDDSRSDEKRITATTRQLES
MIRLAEAHAKMKLKNVVELEDVQEAVRLIRSAIKDYATDPKTGKIDMNLVQTGKSVIQRKLQEDLSREIMNVLKDQASDS
MSFNELIKQINEHSQDRVESSDIQEALSRLQQEDKVIVLGEGVRRSVRLNNRV
;
4
4 'polypeptide(L)'
;MSFDRPEIYSAPVLQGESPNDDDNTEIIKSFKNFILEFRLDSQFIYRDQLRNNILVKNYSLTVNMEHLIGYNEDIYKKLS
DEPSDIIPLFETAITQVAKRISILSRAQSANNNDKDPENTSMDTDSLLLNSLPTFQLILNSNANQIPLRDLDSEHVSKIV
RLSGIIISTSVLSSRATYLSIMCRNCRHTTSITINNFNSITGNTVSLPRSCLSTIESESSMANESNIGDESTKKNCGPDP
YIIIHESSKFIDQQFLKLQEIPELVPVGEMPRNLTMTCDRYLTNKVIPGTRVTIVGIYSIYNSKNGAGSGRSGGGNGGSG
VAIRTPYIKILGIQSDVETSSIWNSVTMFTEEEEEEFLQLSRNPKLYEILTNSIAPSIFGNEDIKKAIVCLLMGGSKKIL
PDGMRLRGDINVLLLGDPGTAKSQLLKFVEKVSPIAVYTSGKGSSAAGLTASVQRDPMTREFYLEGGAMVLADGGVVCID
EFDKMRDEDRVAIHEAMEQQTISIAKAGITTVLNSRTSVLAAANPIYGRYDDLKSPGDNIDFQTTILSRFDMIFIVKDDH
NEERDISIANHVINIHTGNANAMQNQQEENGSEISIEKMKRYITYCRLKCAPRLSPQAAEKLSSNFVTIRKQLLINELES
TERSSIPITIRQLEAIIRITESLAKLELSPIAQERHVDEAIRLFQASTMDAASQDPIGGLNQASGTSLSEIRRFEQELKR
RLPIGWSTSYQTLRREFVDTHRFSQLALDKALYALEKHETIQLRHQGQNIYRSGV
;
5
5 'polypeptide(L)'
;MSSPFPADTPSSNRPSNSSPPPSSIGAGFGSSSGLDSQIGSRLHFPSSSQPHVSNSQTGPFVNDSTQFSSQRLQTDGSAT
NDMEGNEPARSFKSRALNHVKKVDDVTGEKVREAFEQFLEDFSVQSTDTGEVEKVYRAQIEFMKIYDLNTIYIDYQHLSM
RENGALAMAISEQYYRFLPFLQKGLRRVVRKYAPELLNTSDSLKRSEGDEGQADEDEQQDDDMNGSSLPRDSGSSAAPGN
GTSAMATRSITTSTSPEQTERVFQISFFNLPTVHRIRDIRSEKIGSLLSISGTVTRTSEVRPELYKASFTCDMCRAIVDN
VEQSFKYTEPTFCPNPSCENRAFWTLNVTRSRFLDWQKVRIQENANEIPTGSMPRTLDVILRGDSVERAKPGDRCKFTGV
EIVVPDVTQLGLPGVKPSSTLDTRGISKTTEGLNSGVTGLRSLGVRDLTYKISFLACHVISIGSNIGASSPDANSNNRET
ELQMAANLQANNVYQDNERDQEVFLNSLSSDEINELKEMVKDEHIYDKLVRSIAPAVFGHEAVKKGILLQMLGGVHKSTV
EGIKLRGDINICVVGDPSTSKSQFLKYVVGFAPRSVYTSGKASSAAGLTAAVVRDEEGGDYTIEAGALMLADNGICCIDE
FDKMDISDQVAIHEAMEQQTISIAKAGIHATLNARTSILAAANPVGGRYNRKLSLRGNLNMTAPIMSRFDLFFVILDDCN
EKIDTELASHIVDLHMKRDEAIEPPFSAEQLRRYIKYARTFKPILTKEARSYLVEKYKELRKDDAQGFSRSSYRITVRQL
ESMIRLSEAIARANCVDEITPSFIAEAYDLLRQSIIRVDVDDVEMDEEFDNIESQSHAASGNNDDNDDGTGSGVITSEPP
ADIEEGQSEATARPGTSEKKKTTVTYDKYVSMMNMIVRKIAEVDREGAEELTAVDIVDWYLLQKENDLGSLAEYWEERRL
AFKVIKRLVKDRILMEIHGTRHNLRDLENEENENNKTVYVIHPNCEVLDQLEPQDSS
;
6
6 'polypeptide(L)'
;MSAALPSIQLPVDYNNLFNEITDFLVTFKQDTLSSDATRNENEDENLDAENIEQHLLEKGPKYMAMLQKVANRELNSVII
DLDDILQYQNEKFLQGTQADDLVSAIQQNANHFTELFCRAIDNNMPLPTKEIDYKDDVLDVILNQRRLRNERMLSDRTNE
IRSENLMDTTMDPPSSMNDALREVVEDETELFPPNLTRRYFLYFKPLSQNCARRYRKKAISSKPLSVRQIKGDFLGQLIT
VRGIITRVSDVKPAVEVIAYTCDQCGYEVFQEVNSRTFTPLSECTSEECSQNQTKGQLFMSTRASKFSAFQECKIQELSQ
QVPVGHIPRSLNIHVNGTLVRSLSPGDIVDVTGIFLPAPYTGFKALKAGLLTETYLEAQFVRQHKKKFASFSLTSDVEER
VMELITSGDVYNRLAKSIAPEIYGNLDVKKALLLLLVGGVDKRVGDGMKIRGDINVCLMGDPGVAKSQLLKAICKISPRG
VYTTGKGSSGVGLTAAVMKDPVTDEMILEGGALVLADNGICCIDEFDKMDESDRTAIHEVMEQQTISISKAGINTTLNAR
TSILAAANPLYGRYNPRLSPLDNINLPAALLSRFDILFLMLDIPSRDDDEKLAEHVTYVHMHNKQPDLDFTPVEPSKMRE
YIAYAKTKRPVMSEAVNDYVVQAYIRLRQDSKREMDSKFSFGQATPRTLLGIIRLSQALAKLRLADMVDIDDVEEALRLV
RVSKESLYQETNKSKEDESPTTKIFTIIKKMLQETGKNTLSYENIVKTVRLRGFTMLQLSNCIQEYSYLNVWHLINEGNT
LKFVDDGTMDTDQEDSLVSTPKLAPQTTASANVSAQDSDIDLQDA
;
7
7 'polydeoxyribonucleotide' (DA)(DA)(DA)(DA)(DA)(DA)(DA)(DA)(DA)(DA)(DA)(DA)(DA)(DA)(DA)(DA)(DA)(DA)(DA) A
8 'polydeoxyribonucleotide' (DT)(DT)(DT)(DT)(DT)(DT)(DT) B
9 'polypeptide(L)'
;WSHPQFEKGGGSGGGSGGGSWSHPQFEKENLYFQSMGYYDIDDVLADGTEFPCKFQYDIPGLGYLENNPGRPITKNTKLS
LPLWLARILAIVGGDEALVDEEPVPFVELLPPDMFSTKVMNAIKTDPVALDLHSINSHFFSLAIKWIMLFSEKELANVVS
ELLLQRAQELNHHASSLSIDLNADSTGKNSANTNIATSTFLLKLEEMEKEIYKKSHESYKDTKRWMFKK
;
C
10 'polypeptide(L)'
;MDINIDDILAELDKETTAVDSTKITQGSSSTTHRDANTIVGSSLDLNDKTQIYVSPQQDFSDLMKSWKNERCSPELLPYP
HQLMKRLLNRISMQSQLIENISMGFLDMQNASNANPPMPNESKLPLLCMETELERLKFVIRSYIRCRLSKIDKFSLYLRQ
LNEDENSLISLTDLLSKDEIKYHDTHSLIWLKLVNDSILKYMPEELQAINDTEGSVNMIDEPDWNKFVFIHVNGPPDGKW
NEDPLLQENEFGKPCYTVTIPDLKEEVELTIGSIYVMRYEVIRDLLRDDKVALI
;
D
11 'polypeptide(L)'
;MYYGISQFSEAYNKILRNSSSHSSCQLVIFVSCLNIDALCATKMLSLLFKKQLVQSQIVPIFGYSELRRHYSQLDDNINS
LLLVGFGGVIDLEAFLEIDPQEYVIDTDEKSGEQSFRRDIYVLDAHRPWNLDNIFGSQIIQCFDDGTVDDTLGEQKEAYY
KLLELDEESGDDELSGDENDNNGGDDEATDADEVTDEDYKDDDGDYKDDDETISNKRGNSSIGPNDLSKRKQRKKQIHEY
EGVLEEYYSQGTTVVNSISAQIYSLLSAIGETNLSNLWLNILGTTSLDIAYAQVYNRLYPLLQDEVKRLTPSSRNSVKTP
DTLTLNIQPDYYLFLLRHSSLYDSFYYSNYVNAKLSLWNENGKKRLHKMFARMGIPLSTAQETWLYMDHSIKRELGIIFD
KNLDRYGLQDIIRDGFVRTLGYRGSISASEFVEALTALLEVGNSTDKDSVKINNDNNDDTDGEEEEDNSAQKLTNLRKRW
VSNFWLSWDALDDRKVELLNRGIQLAQDLQRAIFNTGVAILEKKLIKHLRIYRLCVLQDGPDLDLYRNPLTLLRLGNWLI
ECCAESEDKQLLPMVLASIDENTDTYLVAGLTPRYPRGLDTIHTKKPILNNFSMAFQQITAETDAKVRIDNFESSIIEIR
REDLSPFLEKLTLSGLL
;
E
12 'polypeptide(L)'
;MFGSGNVLPVKIQPPLLRPLAYRVLSRKYGLSIKSDGLSALAEFVGTNIGANWRQGPATIKFLEQFAAVWKQQERGLFID
QSGVKEVIQEMKEREKVEWSHEHPIQHEENILGRTDDDENNSDDEMPIAADSSLQNVSLSSPMRQPTERDEYKQPFKPES
SKALDWRDYFKVINASQQQRFSYNPHKMQFIFVPNKKQNGLGGIAGFLPDIEDKVQMFLTRYYLTNDRVMRNENFQNSDM
FNPLSSMVSLQNELSNTNRQQQSSSMSITPIKNLLGRDAQNFLLLGLLNKNFKGNWSLEDPSGSVEIDISQTIPTQGHYY
VPGCMVLVEGIYYSVGNKFHVTSMTLPPGERREITLETIGNLDLLGIHGISNNNFIARLDKDLKIRLHLLEKELTDHKFV
ILGANLFLDDLKIMTALSKILQKLNDDPPTLLIWQGSFTSVPVFASMSSRNISSSTQFKNNFDALATLLSRFDNLTENTT
MIFIPGPNDLWGSMVSLGASGTLPQDPIPSAFTKKINKVCKNVVWSSNPTRIAYLSQEIVIFRDDLSGRFKRHRLEFPFN
ESEDVYTENDNMMSKDTDIVPIDELVKEPDQLPQKVQETRKLVKTILDQGHLSPFLDSLRPISWDLDHTLTLCPIPSTMV
LCDTTSAQFDLTYNGCKVINPGSFIHNRRARYMEYVPSSKKTIQEEIYI
;
F
13 'polypeptide(L)'
;MMFGKKKNNGGSSTARYSAGNKYNTLSNNYALSAQQLLNASKIDDIDSMMGFERYVPPQYNGRFDAKDIDQIPGRVGWLT
NMHATLVSQETLSSGSNGGGNSNDGERVTTNQGISGVDFYFLDEEGGSFKSTVVYDPYFFIACNDESRVNDVEELVKKYL
ESCLKSLQIIRKEDLTMDNHLLGLQKTLIKLSFVNSNQLFEARKLLRPILQDNANNNVQRNIYNVAANGSEKVDAKHLIE
DIREYDVPYHVRVSIDKDIRVGKWYKVTQQGFIEDTRKIAFADPVVMAFDIETTKPPLKFPDSAVDQIMMISYMIDGEGF
LITNREIISEDIEDFEYTPKPEYPGFFTIFNENDEVALLQRFFEHIRDVRPTVISTFNGDFFDWPFIHNRSKIHGLDMFD
EIGFAPDAEGEYKSSYCSHMDCFRWVKRDSYLPQGSQGLKAVTQSKLGYNPIELDPELMTPYAFEKPQHLSEYSVSDAVA
TYYLYMKYVHPFIFSLCTIIPLNPDETLRKGTGTLCEMLLMVQAYQHNILLPNKHTDPIERFYDGHLLESETYVGGHVES
LEAGVFRSDLKNEFKIDPSAIDELLQELPEALKFSVEVENKSSVDKVTNFEEIKNQITQKLLELKENNIRNELPLIYHVD
VASMYPNIMTTNRLQPDSIKAERDCASCDFNRPGKTCARKLKWAWRGEFFPSKMDEYNMIKRALQNETFPNKNKFSKKKV
LTFDELSYADQVIHIKKRLTEYSRKVYHRVKVSEIVEREAIVCQRENPFYVDTVKSFRDRRYEFKGLAKTWKGNLSKIDP
SDKHARDEAKKMIVLYDSLQLAHKVILNSFYGYVMRKGSRWYSMEMAGITCLTGATIIQMARALVERVGRPLELDTDGIW
CILPKSFPETYFFTLENGKKLYLSYPCSMLNYRVHQKFTNHQYQELKDPLNYIYETHSENTIFFEVDGPYKAMILPSSKE
EGKGIKKRYAVFNEDGSLAELKGFELKRRGELQLIKNFQSDIFKVFLEGDTLEGCYSAVASVCNRWLDVLDSHGLMLEDE
DLVSLICENRSMSKTLKEYEGQKSTSITTARRLGDFLGEDMVKDKGLQCKYIISSKPFNAPVTERAIPVAIFSADIPIKR
SFLRRWTLDPSLEDLDIRTIIDWGYYRERLGSAIQKIITIPAALQGVSNPVPRVEHPDWLKRKIATKEDKFKQTSLTKFF
SKTKNVPTMGKIKDIEDLFEPTVEEDNAKIKIARTTKKKAVSKRKRNQLTNEEDPLVLPSEIPSMDEDYVGWLNYQKIKW
KIQARDRKRRDQLFGNTNSSRERSALGSMIRKQAESYANSTWEVLQYKDSGEPGVLEVFVTINGKVQNITFHIPKTIYMK
FKSQTMPLQKIKNCLIEKSSASLPNNPKTSNPAGGQLFKITLPESVFLEEKENCTSIFNDENVLGVFEGTITPHQRAIMD
LGASVTFRSKAMGALGKGIQQGFEMKDLSMAENERYLSGFSMDIGYLLHFPTSIGYEFFSLFKSWGDTITILVLKPSNQA
QEINASSLGQIYKQMFEKKKGKIETYSYLVDIKEDINFEFVYFTDISKLYRRLSQETTKLKEERGLQFLLLLQSPFITKL
LGTIRLLNQMPIVKLSLNEVLLPQLNWQPTLLKKLVNHVLSSGSWISHLIKLSQYSNIPICNLRLDSMDYIIDVLYARKL
KKENIVLWWNEKAPLPDHGGIQNDFDLNTSWIMNDSEFPKINNSGVYDNVVLDVGVDNLTVNTILTSALINDAEGSDLVN
NNMGIDDKDAVINSPSEFVHDAFSNDALNVLRGMLKEWWDEALKENSTADLLVNSLASWVQNPNAKLFDGLLRYHVHNLT
KKALLQLVNEFSALGSTIVYADRNQILIKTNKYSPENCYAYSQYMMKAVRTNPMFSYLDLNIKRYWDLLIWMDKFNFSGL
ACIEIEEKENQDYTAVSQWQLKKFLSPIYQPEFEDWMMIILDSMLKTKQSYLKLNSGTQRPTQIVNVKKQDKEDSVENSL
NGFSHLFSKPLMKRVKKLFKNQQEFILDPQYEADYVIPVLPGSHLNVKNPLLELVKSLCHVMLLSKSTILEIRTLRKELL
KIFELREFAKVAEFKDPSLSLVVPDFLCEYCFFISDIDFCKAAPESIFSCVRCHKAFNQVLLQEHLIQKLRSDIESYLIQ
DLRCSRCHKVKRDYMSAHCPCAGAWEGTLPRESIVQKLNVFKQVAKYYGFDILLSCIADLTI
;
G
14 'polypeptide(L)'
;MYGDLGNKLVLEAKRTKQLYARSNQDVNLPMYHEDIIRNILKEVSNLRKNTEYLKEQQQLGMLDDKVAKCQYFVTLLCME
RNKRCLLAYQRLRTDILDSMAWNNNGLDLMSSITFSQQDTNNLSHQEQEYLKEYCDLITDLKSGDLVDIDLSGSLVPPSD
VFIDVRVLKDAGEIQTEYGVFNLIKDSQFFVRQSDVERLIQQGYLQKI
;
H
15 'polypeptide(L)'
;MSLPAHLQQTFSPEEIQFIVENEPIKIFPRITTRQKIRGDDRGTGNHTRWQLITTDDKALNNMVAMRSTEVVLWIALLLK
QQSKCSIVAPQWLTTKELDRKIQYEKTHPDRFSELPWNWLVLARILFNKAKDDFHDPIHELRGKIQDLREIRQIKVLKGL
KYLNESHLQLDNLSLLEINELRPFITEIMDKLREIHTASLTAGTENDEEEFNI
;
I
#
# COMPACT_ATOMS: atom_id res chain seq x y z
N GLU A 179 -72.72 12.77 29.96
CA GLU A 179 -71.75 13.55 29.19
C GLU A 179 -72.04 13.44 27.69
N GLU A 180 -72.33 14.58 27.07
CA GLU A 180 -72.66 14.62 25.65
C GLU A 180 -71.36 14.56 24.84
N LEU A 181 -70.94 13.34 24.52
CA LEU A 181 -69.72 13.12 23.76
C LEU A 181 -70.02 13.17 22.26
N THR A 182 -70.50 14.33 21.83
CA THR A 182 -70.87 14.56 20.44
C THR A 182 -69.79 15.37 19.73
N LEU A 183 -69.52 15.00 18.47
CA LEU A 183 -68.49 15.70 17.70
C LEU A 183 -68.87 17.15 17.47
N GLU A 184 -70.15 17.41 17.21
CA GLU A 184 -70.59 18.77 16.89
C GLU A 184 -70.36 19.73 18.04
N SER A 185 -70.35 19.23 19.28
CA SER A 185 -70.15 20.08 20.44
C SER A 185 -68.76 20.70 20.47
N LEU A 186 -67.81 20.21 19.67
CA LEU A 186 -66.49 20.80 19.61
C LEU A 186 -66.42 22.03 18.73
N SER A 187 -67.49 22.34 17.99
CA SER A 187 -67.44 23.48 17.07
C SER A 187 -67.29 24.80 17.82
N ASN A 188 -68.00 24.96 18.92
CA ASN A 188 -67.98 26.19 19.70
C ASN A 188 -67.12 26.01 20.94
N VAL A 189 -66.17 26.92 21.13
CA VAL A 189 -65.28 26.87 22.28
C VAL A 189 -65.96 27.50 23.49
N LYS A 190 -65.64 26.99 24.67
CA LYS A 190 -66.15 27.54 25.91
C LYS A 190 -65.10 28.27 26.74
N ALA A 191 -63.83 27.95 26.55
CA ALA A 191 -62.75 28.65 27.22
C ALA A 191 -62.24 29.79 26.34
N ASN A 192 -61.31 30.57 26.89
CA ASN A 192 -60.77 31.72 26.15
C ASN A 192 -59.92 31.27 24.97
N SER A 193 -59.18 30.17 25.11
CA SER A 193 -58.24 29.75 24.08
C SER A 193 -58.39 28.25 23.84
N TYR A 194 -57.78 27.81 22.74
CA TYR A 194 -57.83 26.39 22.37
C TYR A 194 -57.04 25.53 23.36
N SER A 195 -55.85 25.98 23.75
CA SER A 195 -54.95 25.14 24.52
C SER A 195 -55.54 24.77 25.88
N GLU A 196 -56.19 25.73 26.54
CA GLU A 196 -56.82 25.46 27.82
C GLU A 196 -58.13 24.71 27.68
N TRP A 197 -58.70 24.64 26.47
CA TRP A 197 -59.94 23.89 26.27
C TRP A 197 -59.70 22.45 25.90
N ILE A 198 -58.60 22.17 25.18
CA ILE A 198 -58.29 20.79 24.79
C ILE A 198 -58.06 19.93 26.01
N THR A 199 -57.28 20.45 26.97
CA THR A 199 -56.91 19.70 28.17
C THR A 199 -58.08 19.45 29.12
N GLN A 200 -59.28 19.92 28.79
CA GLN A 200 -60.43 19.69 29.64
C GLN A 200 -60.77 18.20 29.68
N PRO A 201 -61.03 17.64 30.86
CA PRO A 201 -61.28 16.19 30.95
C PRO A 201 -62.44 15.71 30.08
N ASN A 202 -63.51 16.50 29.97
CA ASN A 202 -64.61 16.12 29.08
C ASN A 202 -64.17 16.12 27.62
N VAL A 203 -63.35 17.10 27.25
CA VAL A 203 -62.95 17.22 25.85
C VAL A 203 -61.99 16.11 25.45
N SER A 204 -61.02 15.80 26.30
CA SER A 204 -59.93 14.92 25.90
C SER A 204 -60.43 13.52 25.57
N ARG A 205 -61.33 12.96 26.39
CA ARG A 205 -61.78 11.60 26.13
C ARG A 205 -62.62 11.53 24.86
N THR A 206 -63.43 12.56 24.60
CA THR A 206 -64.20 12.59 23.36
C THR A 206 -63.27 12.68 22.15
N ILE A 207 -62.23 13.52 22.24
CA ILE A 207 -61.25 13.58 21.16
C ILE A 207 -60.59 12.23 20.95
N ALA A 208 -60.22 11.56 22.04
CA ALA A 208 -59.55 10.27 21.91
C ALA A 208 -60.45 9.24 21.25
N ARG A 209 -61.72 9.17 21.67
CA ARG A 209 -62.61 8.15 21.10
C ARG A 209 -62.93 8.46 19.64
N GLU A 210 -63.08 9.75 19.29
CA GLU A 210 -63.31 10.08 17.89
C GLU A 210 -62.09 9.75 17.04
N LEU A 211 -60.90 10.02 17.54
CA LEU A 211 -59.68 9.67 16.81
C LEU A 211 -59.59 8.16 16.62
N LYS A 212 -59.93 7.40 17.65
CA LYS A 212 -59.93 5.93 17.55
C LYS A 212 -60.89 5.47 16.48
N SER A 213 -62.13 5.96 16.52
CA SER A 213 -63.11 5.58 15.51
C SER A 213 -62.66 6.00 14.12
N PHE A 214 -61.90 7.09 14.02
CA PHE A 214 -61.31 7.46 12.75
C PHE A 214 -60.33 6.41 12.25
N LEU A 215 -59.26 6.16 13.01
CA LEU A 215 -58.20 5.36 12.40
C LEU A 215 -58.50 3.88 12.42
N LEU A 216 -59.56 3.45 13.10
CA LEU A 216 -59.97 2.06 13.02
C LEU A 216 -60.92 1.79 11.86
N GLU A 217 -61.45 2.83 11.23
CA GLU A 217 -62.51 2.65 10.24
C GLU A 217 -62.32 3.43 8.95
N TYR A 218 -61.30 4.27 8.84
CA TYR A 218 -61.14 5.09 7.65
C TYR A 218 -60.93 4.24 6.41
N THR A 219 -61.90 4.28 5.50
CA THR A 219 -61.89 3.46 4.31
C THR A 219 -61.30 4.23 3.14
N ASP A 220 -60.34 3.63 2.45
CA ASP A 220 -59.74 4.24 1.27
C ASP A 220 -60.63 3.96 0.06
N GLU A 221 -60.15 4.30 -1.13
CA GLU A 221 -60.93 4.09 -2.34
C GLU A 221 -61.15 2.61 -2.62
N THR A 222 -60.30 1.73 -2.10
CA THR A 222 -60.43 0.31 -2.32
C THR A 222 -61.39 -0.36 -1.34
N GLY A 223 -61.94 0.38 -0.39
CA GLY A 223 -62.87 -0.19 0.56
C GLY A 223 -62.22 -0.91 1.72
N ARG A 224 -60.92 -0.70 1.94
CA ARG A 224 -60.19 -1.34 3.03
C ARG A 224 -59.45 -0.27 3.82
N SER A 225 -59.42 -0.44 5.14
CA SER A 225 -58.74 0.51 6.01
C SER A 225 -57.24 0.46 5.74
N VAL A 226 -56.70 1.54 5.17
CA VAL A 226 -55.27 1.59 4.87
C VAL A 226 -54.45 1.55 6.16
N TYR A 227 -55.00 2.10 7.25
CA TYR A 227 -54.26 2.13 8.50
C TYR A 227 -54.10 0.73 9.09
N GLY A 228 -55.01 -0.19 8.79
CA GLY A 228 -54.80 -1.58 9.18
C GLY A 228 -53.54 -2.15 8.54
N ALA A 229 -53.38 -1.93 7.23
CA ALA A 229 -52.16 -2.36 6.56
C ALA A 229 -50.94 -1.66 7.11
N ARG A 230 -51.07 -0.37 7.44
CA ARG A 230 -49.95 0.35 8.03
C ARG A 230 -49.54 -0.27 9.35
N ILE A 231 -50.50 -0.64 10.19
CA ILE A 231 -50.19 -1.27 11.48
C ILE A 231 -49.55 -2.63 11.27
N ARG A 232 -50.06 -3.42 10.34
CA ARG A 232 -49.44 -4.72 10.07
C ARG A 232 -48.00 -4.56 9.62
N THR A 233 -47.75 -3.62 8.70
CA THR A 233 -46.39 -3.42 8.22
C THR A 233 -45.48 -2.92 9.33
N LEU A 234 -45.98 -2.02 10.19
CA LEU A 234 -45.20 -1.54 11.31
C LEU A 234 -44.86 -2.68 12.27
N GLY A 235 -45.83 -3.56 12.52
CA GLY A 235 -45.56 -4.71 13.36
C GLY A 235 -44.50 -5.63 12.76
N GLU A 236 -44.57 -5.84 11.45
CA GLU A 236 -43.55 -6.66 10.78
C GLU A 236 -42.17 -6.04 10.92
N MET A 237 -42.08 -4.72 10.70
CA MET A 237 -40.80 -4.03 10.72
C MET A 237 -40.42 -3.56 12.12
N ASN A 238 -41.32 -3.70 13.09
CA ASN A 238 -41.20 -3.24 14.49
C ASN A 238 -40.50 -1.89 14.61
N SER A 239 -40.81 -0.97 13.70
CA SER A 239 -40.20 0.35 13.70
C SER A 239 -40.90 1.23 14.75
N GLU A 240 -40.61 2.53 14.72
CA GLU A 240 -41.05 3.44 15.77
C GLU A 240 -41.77 4.66 15.21
N SER A 241 -42.43 4.53 14.07
CA SER A 241 -43.09 5.67 13.45
C SER A 241 -44.29 5.21 12.65
N LEU A 242 -45.46 5.71 12.99
CA LEU A 242 -46.68 5.50 12.22
C LEU A 242 -47.02 6.80 11.49
N GLU A 243 -47.30 6.71 10.20
CA GLU A 243 -47.52 7.88 9.35
C GLU A 243 -49.01 8.05 9.09
N VAL A 244 -49.50 9.27 9.28
CA VAL A 244 -50.91 9.59 9.05
C VAL A 244 -50.99 10.67 8.00
N ASN A 245 -51.75 10.39 6.93
CA ASN A 245 -51.97 11.38 5.89
C ASN A 245 -52.79 12.54 6.42
N TYR A 246 -52.36 13.76 6.11
CA TYR A 246 -53.07 14.94 6.61
C TYR A 246 -54.41 15.12 5.90
N ARG A 247 -54.42 14.98 4.57
CA ARG A 247 -55.67 15.17 3.84
C ARG A 247 -56.72 14.14 4.22
N HIS A 248 -56.29 12.95 4.64
CA HIS A 248 -57.24 11.97 5.14
C HIS A 248 -57.94 12.51 6.38
N LEU A 249 -57.19 13.12 7.29
CA LEU A 249 -57.79 13.73 8.46
C LEU A 249 -58.62 14.95 8.10
N ALA A 250 -58.26 15.64 7.02
CA ALA A 250 -59.02 16.83 6.63
C ALA A 250 -60.36 16.46 6.04
N GLU A 251 -60.42 15.38 5.24
CA GLU A 251 -61.65 15.03 4.55
C GLU A 251 -62.72 14.54 5.50
N SER A 252 -62.33 13.92 6.61
CA SER A 252 -63.27 13.45 7.62
C SER A 252 -62.81 13.93 8.99
N LYS A 253 -63.72 14.51 9.76
CA LYS A 253 -63.43 15.11 11.06
C LYS A 253 -62.43 16.26 10.91
N ALA A 254 -62.84 17.29 10.17
CA ALA A 254 -61.95 18.40 9.86
C ALA A 254 -61.67 19.29 11.06
N ILE A 255 -62.60 19.35 12.02
CA ILE A 255 -62.40 20.17 13.20
C ILE A 255 -61.18 19.69 13.98
N LEU A 256 -60.97 18.38 14.04
CA LEU A 256 -59.77 17.85 14.67
C LEU A 256 -58.53 18.23 13.88
N ALA A 257 -58.64 18.30 12.55
CA ALA A 257 -57.50 18.76 11.76
C ALA A 257 -57.15 20.20 12.09
N LEU A 258 -58.17 21.05 12.27
CA LEU A 258 -57.91 22.42 12.70
C LEU A 258 -57.25 22.46 14.07
N PHE A 259 -57.76 21.67 15.01
CA PHE A 259 -57.18 21.62 16.34
C PHE A 259 -55.71 21.23 16.29
N LEU A 260 -55.39 20.22 15.49
CA LEU A 260 -54.00 19.80 15.33
C LEU A 260 -53.16 20.88 14.65
N ALA A 261 -53.75 21.61 13.71
CA ALA A 261 -53.00 22.64 13.00
C ALA A 261 -52.70 23.83 13.90
N LYS A 262 -53.56 24.10 14.88
CA LYS A 262 -53.35 25.24 15.77
C LYS A 262 -52.65 24.87 17.08
N CYS A 263 -52.98 23.72 17.68
CA CYS A 263 -52.38 23.30 18.95
C CYS A 263 -51.79 21.90 18.77
N PRO A 264 -50.53 21.81 18.33
CA PRO A 264 -49.95 20.48 18.09
C PRO A 264 -49.62 19.73 19.37
N GLU A 265 -49.10 20.44 20.38
CA GLU A 265 -48.57 19.76 21.56
C GLU A 265 -49.67 19.02 22.31
N GLU A 266 -50.84 19.64 22.46
CA GLU A 266 -51.92 19.00 23.19
C GLU A 266 -52.66 17.95 22.38
N MET A 267 -52.45 17.92 21.06
CA MET A 267 -53.09 16.92 20.21
C MET A 267 -52.23 15.67 20.04
N LEU A 268 -50.93 15.86 19.84
CA LEU A 268 -50.06 14.72 19.53
C LEU A 268 -49.97 13.72 20.67
N LYS A 269 -50.06 14.19 21.92
CA LYS A 269 -50.00 13.25 23.05
C LYS A 269 -51.20 12.32 23.06
N ILE A 270 -52.40 12.90 22.95
CA ILE A 270 -53.60 12.08 22.90
C ILE A 270 -53.56 11.16 21.70
N PHE A 271 -53.01 11.64 20.58
CA PHE A 271 -52.99 10.82 19.39
C PHE A 271 -51.99 9.68 19.51
N ASP A 272 -50.87 9.91 20.20
CA ASP A 272 -49.93 8.83 20.49
C ASP A 272 -50.57 7.79 21.40
N LEU A 273 -51.33 8.23 22.40
CA LEU A 273 -52.00 7.29 23.29
C LEU A 273 -52.98 6.42 22.51
N VAL A 274 -53.79 7.03 21.66
CA VAL A 274 -54.73 6.22 20.90
C VAL A 274 -54.00 5.35 19.88
N ALA A 275 -52.83 5.78 19.40
CA ALA A 275 -52.03 4.94 18.52
C ALA A 275 -51.52 3.70 19.24
N MET A 276 -51.05 3.85 20.47
CA MET A 276 -50.68 2.69 21.27
C MET A 276 -51.86 1.76 21.48
N GLU A 277 -53.03 2.31 21.78
CA GLU A 277 -54.20 1.46 21.99
C GLU A 277 -54.54 0.67 20.73
N ALA A 278 -54.53 1.36 19.58
CA ALA A 278 -54.84 0.68 18.32
C ALA A 278 -53.79 -0.37 17.98
N THR A 279 -52.51 -0.07 18.19
CA THR A 279 -51.46 -1.02 17.85
C THR A 279 -51.53 -2.26 18.72
N GLU A 280 -51.75 -2.10 20.03
CA GLU A 280 -51.89 -3.29 20.86
C GLU A 280 -53.24 -3.98 20.69
N LEU A 281 -54.19 -3.36 19.99
CA LEU A 281 -55.38 -4.11 19.58
C LEU A 281 -55.01 -5.25 18.64
N HIS A 282 -53.97 -5.08 17.81
CA HIS A 282 -53.53 -6.12 16.88
C HIS A 282 -52.44 -7.00 17.49
N TYR A 283 -51.42 -6.40 18.10
CA TYR A 283 -50.30 -7.12 18.69
C TYR A 283 -50.37 -7.00 20.21
N PRO A 284 -51.05 -7.90 20.90
CA PRO A 284 -51.02 -7.85 22.37
C PRO A 284 -49.61 -8.12 22.88
N ASP A 285 -49.30 -7.53 24.04
CA ASP A 285 -48.00 -7.62 24.67
C ASP A 285 -46.88 -7.08 23.77
N TYR A 286 -47.22 -6.24 22.80
CA TYR A 286 -46.20 -5.56 22.01
C TYR A 286 -45.42 -4.54 22.82
N ALA A 287 -45.89 -4.19 24.02
CA ALA A 287 -45.20 -3.19 24.83
C ALA A 287 -43.78 -3.60 25.18
N ARG A 288 -43.52 -4.91 25.25
CA ARG A 288 -42.16 -5.38 25.49
C ARG A 288 -41.20 -4.95 24.39
N ILE A 289 -41.72 -4.68 23.19
CA ILE A 289 -40.86 -4.17 22.12
C ILE A 289 -40.61 -2.68 22.31
N HIS A 290 -41.68 -1.90 22.40
CA HIS A 290 -41.59 -0.46 22.58
C HIS A 290 -42.81 0.02 23.35
N SER A 291 -42.60 0.96 24.26
CA SER A 291 -43.69 1.45 25.10
C SER A 291 -44.50 2.55 24.43
N GLU A 292 -43.89 3.32 23.54
CA GLU A 292 -44.53 4.49 22.96
C GLU A 292 -44.31 4.51 21.45
N ILE A 293 -45.00 5.43 20.78
CA ILE A 293 -44.85 5.63 19.34
C ILE A 293 -44.76 7.13 19.07
N HIS A 294 -44.16 7.47 17.92
CA HIS A 294 -44.01 8.86 17.49
C HIS A 294 -44.77 9.04 16.18
N VAL A 295 -45.99 9.54 16.27
CA VAL A 295 -46.79 9.72 15.05
C VAL A 295 -46.20 10.84 14.20
N ARG A 296 -46.24 10.63 12.89
CA ARG A 296 -45.74 11.59 11.92
C ARG A 296 -46.89 11.99 10.99
N ILE A 297 -46.91 13.26 10.61
CA ILE A 297 -47.92 13.77 9.68
C ILE A 297 -47.29 13.85 8.30
N SER A 298 -48.06 13.46 7.28
CA SER A 298 -47.49 13.28 5.95
C SER A 298 -47.18 14.61 5.28
N ASP A 299 -48.20 15.43 5.03
CA ASP A 299 -48.01 16.64 4.24
C ASP A 299 -49.07 17.66 4.63
N PHE A 300 -48.65 18.74 5.29
CA PHE A 300 -49.56 19.81 5.62
C PHE A 300 -49.94 20.59 4.37
N PRO A 301 -51.09 21.25 4.37
CA PRO A 301 -51.54 21.95 3.16
C PRO A 301 -50.69 23.16 2.81
N THR A 302 -50.39 23.99 3.80
CA THR A 302 -49.65 25.23 3.57
C THR A 302 -48.15 24.99 3.67
N ILE A 303 -47.39 25.77 2.89
CA ILE A 303 -45.94 25.68 2.86
C ILE A 303 -45.37 27.08 3.04
N TYR A 304 -44.37 27.21 3.91
CA TYR A 304 -43.67 28.47 4.13
C TYR A 304 -42.19 28.29 3.83
N SER A 305 -41.56 29.37 3.41
CA SER A 305 -40.11 29.42 3.31
C SER A 305 -39.53 30.08 4.54
N LEU A 306 -38.20 30.12 4.62
CA LEU A 306 -37.56 30.66 5.81
C LEU A 306 -37.72 32.17 5.92
N ARG A 307 -37.94 32.86 4.81
CA ARG A 307 -38.13 34.31 4.87
C ARG A 307 -39.52 34.69 5.37
N GLU A 308 -40.53 33.86 5.10
CA GLU A 308 -41.91 34.20 5.43
C GLU A 308 -42.31 33.63 6.79
N LEU A 309 -41.56 34.03 7.82
CA LEU A 309 -41.83 33.63 9.20
C LEU A 309 -42.15 34.85 10.03
N ARG A 310 -43.29 34.82 10.73
CA ARG A 310 -43.80 35.99 11.43
C ARG A 310 -44.05 35.69 12.90
N GLU A 311 -44.73 36.60 13.59
CA GLU A 311 -45.08 36.39 14.98
C GLU A 311 -46.28 35.47 15.16
N SER A 312 -47.25 35.52 14.25
CA SER A 312 -48.49 34.78 14.44
C SER A 312 -48.27 33.28 14.43
N ASN A 313 -47.42 32.79 13.52
CA ASN A 313 -47.21 31.36 13.34
C ASN A 313 -46.21 30.83 14.37
N LEU A 314 -46.65 30.87 15.63
CA LEU A 314 -45.91 30.29 16.74
C LEU A 314 -46.81 29.29 17.46
N SER A 315 -46.19 28.26 18.03
CA SER A 315 -46.90 27.16 18.68
C SER A 315 -47.91 26.52 17.74
N SER A 316 -47.49 26.30 16.50
CA SER A 316 -48.33 25.64 15.51
C SER A 316 -47.44 25.06 14.43
N LEU A 317 -48.01 24.14 13.65
CA LEU A 317 -47.22 23.40 12.68
C LEU A 317 -46.74 24.30 11.54
N VAL A 318 -45.48 24.09 11.13
CA VAL A 318 -44.89 24.77 10.00
C VAL A 318 -44.23 23.73 9.10
N ARG A 319 -44.00 24.12 7.85
CA ARG A 319 -43.45 23.25 6.82
C ARG A 319 -42.36 24.02 6.09
N VAL A 320 -41.11 23.65 6.32
CA VAL A 320 -39.97 24.45 5.89
C VAL A 320 -39.06 23.62 5.01
N THR A 321 -38.66 24.18 3.87
CA THR A 321 -37.69 23.57 2.98
C THR A 321 -36.32 24.19 3.22
N GLY A 322 -35.28 23.36 3.15
CA GLY A 322 -33.96 23.91 3.42
C GLY A 322 -32.86 22.95 3.02
N VAL A 323 -31.63 23.36 3.35
CA VAL A 323 -30.42 22.61 3.06
C VAL A 323 -29.65 22.43 4.36
N VAL A 324 -29.22 21.21 4.63
CA VAL A 324 -28.50 20.91 5.87
C VAL A 324 -27.04 21.32 5.72
N THR A 325 -26.54 22.04 6.72
CA THR A 325 -25.17 22.57 6.70
C THR A 325 -24.27 21.93 7.74
N ARG A 326 -24.71 21.84 8.99
CA ARG A 326 -23.88 21.32 10.06
C ARG A 326 -24.73 20.46 10.98
N ARG A 327 -24.36 19.19 11.10
CA ARG A 327 -25.04 18.23 11.97
C ARG A 327 -24.18 18.00 13.21
N THR A 328 -24.81 18.09 14.39
CA THR A 328 -24.02 18.02 15.61
C THR A 328 -23.58 16.60 15.95
N GLY A 329 -24.52 15.71 16.21
CA GLY A 329 -24.17 14.36 16.60
C GLY A 329 -25.30 13.72 17.39
N VAL A 330 -24.97 12.63 18.06
CA VAL A 330 -25.94 11.84 18.82
C VAL A 330 -25.53 11.84 20.28
N PHE A 331 -26.42 12.31 21.15
CA PHE A 331 -26.18 12.33 22.58
C PHE A 331 -27.43 11.84 23.30
N PRO A 332 -27.26 11.19 24.44
CA PRO A 332 -28.42 10.77 25.24
C PRO A 332 -29.04 11.94 25.98
N GLN A 333 -30.26 11.73 26.45
CA GLN A 333 -31.01 12.73 27.19
C GLN A 333 -31.61 12.10 28.43
N LEU A 334 -32.32 12.92 29.20
CA LEU A 334 -33.09 12.45 30.35
C LEU A 334 -34.57 12.62 30.02
N LYS A 335 -35.33 11.54 30.15
CA LYS A 335 -36.75 11.56 29.81
C LYS A 335 -37.63 11.73 31.03
N TYR A 336 -37.43 10.90 32.05
CA TYR A 336 -38.19 10.99 33.30
C TYR A 336 -37.21 11.29 34.43
N VAL A 337 -37.16 12.56 34.84
CA VAL A 337 -36.20 13.03 35.82
C VAL A 337 -36.82 12.93 37.21
N LYS A 338 -36.07 12.37 38.15
CA LYS A 338 -36.49 12.28 39.55
C LYS A 338 -35.39 12.81 40.43
N PHE A 339 -35.77 13.31 41.60
CA PHE A 339 -34.81 13.95 42.51
C PHE A 339 -35.00 13.40 43.92
N ASN A 340 -33.92 13.48 44.70
CA ASN A 340 -33.91 13.11 46.10
C ASN A 340 -33.46 14.33 46.90
N CYS A 341 -34.37 14.92 47.66
CA CYS A 341 -34.07 16.09 48.49
C CYS A 341 -33.58 15.58 49.84
N LEU A 342 -32.28 15.77 50.10
CA LEU A 342 -31.63 15.21 51.27
C LEU A 342 -31.84 16.04 52.54
N LYS A 343 -32.18 17.32 52.40
CA LYS A 343 -32.48 18.12 53.58
C LYS A 343 -33.77 17.68 54.26
N CYS A 344 -34.64 16.96 53.54
CA CYS A 344 -35.86 16.42 54.10
C CYS A 344 -36.06 14.95 53.75
N GLY A 345 -35.23 14.37 52.89
CA GLY A 345 -35.39 12.99 52.48
C GLY A 345 -36.67 12.76 51.70
N SER A 346 -36.95 13.64 50.73
CA SER A 346 -38.17 13.58 49.95
C SER A 346 -37.86 13.19 48.51
N ILE A 347 -38.55 12.18 48.01
CA ILE A 347 -38.35 11.69 46.65
C ILE A 347 -39.38 12.36 45.74
N LEU A 348 -38.90 13.14 44.78
CA LEU A 348 -39.77 13.85 43.86
C LEU A 348 -40.26 12.93 42.75
N GLY A 349 -41.50 13.16 42.32
CA GLY A 349 -42.11 12.35 41.30
C GLY A 349 -41.46 12.56 39.94
N PRO A 350 -41.71 11.64 39.01
CA PRO A 350 -41.11 11.76 37.68
C PRO A 350 -41.56 13.03 36.97
N PHE A 351 -40.62 13.70 36.34
CA PHE A 351 -40.86 14.96 35.64
C PHE A 351 -40.37 14.85 34.21
N PHE A 352 -41.04 15.59 33.33
CA PHE A 352 -40.74 15.58 31.91
C PHE A 352 -39.65 16.59 31.58
N GLN A 353 -39.42 16.83 30.29
CA GLN A 353 -38.50 17.86 29.83
C GLN A 353 -38.90 18.25 28.43
N ASP A 354 -38.70 19.53 28.09
CA ASP A 354 -39.12 20.09 26.81
C ASP A 354 -37.98 20.27 25.83
N SER A 355 -36.81 19.67 26.09
CA SER A 355 -35.68 19.59 25.18
C SER A 355 -35.00 20.92 24.91
N ASN A 356 -35.49 22.02 25.46
CA ASN A 356 -34.76 23.28 25.35
C ASN A 356 -34.83 24.09 26.64
N GLU A 357 -35.17 23.46 27.76
CA GLU A 357 -35.27 24.13 29.05
C GLU A 357 -34.63 23.24 30.11
N GLU A 358 -34.57 23.75 31.33
CA GLU A 358 -34.13 22.98 32.48
C GLU A 358 -35.22 22.97 33.54
N ILE A 359 -35.47 21.79 34.11
CA ILE A 359 -36.50 21.67 35.14
C ILE A 359 -36.03 22.40 36.39
N ARG A 360 -36.77 23.42 36.79
CA ARG A 360 -36.46 24.22 37.96
C ARG A 360 -37.57 24.05 38.98
N ILE A 361 -37.21 23.56 40.17
CA ILE A 361 -38.16 23.31 41.25
C ILE A 361 -37.88 24.30 42.36
N SER A 362 -38.92 24.99 42.82
CA SER A 362 -38.75 26.07 43.78
C SER A 362 -38.91 25.61 45.22
N PHE A 363 -40.11 25.13 45.58
CA PHE A 363 -40.43 24.89 46.98
C PHE A 363 -40.16 23.45 47.43
N CYS A 364 -39.76 22.57 46.52
CA CYS A 364 -39.27 21.23 46.87
C CYS A 364 -40.34 20.45 47.67
N THR A 365 -41.42 20.12 46.96
CA THR A 365 -42.54 19.30 47.42
C THR A 365 -43.11 19.76 48.76
N ASN A 366 -43.83 18.86 49.45
CA ASN A 366 -44.75 19.26 50.51
C ASN A 366 -44.07 20.03 51.63
N CYS A 367 -42.77 19.83 51.85
CA CYS A 367 -42.11 20.53 52.95
C CYS A 367 -42.03 22.03 52.72
N LYS A 368 -42.17 22.48 51.46
CA LYS A 368 -42.15 23.90 51.12
C LYS A 368 -40.90 24.59 51.65
N SER A 369 -39.76 23.94 51.46
CA SER A 369 -38.49 24.48 51.89
C SER A 369 -37.47 24.34 50.76
N LYS A 370 -36.58 25.31 50.64
CA LYS A 370 -35.55 25.30 49.61
C LYS A 370 -34.27 24.68 50.15
N GLY A 371 -33.61 23.89 49.32
CA GLY A 371 -32.38 23.24 49.71
C GLY A 371 -31.78 22.36 48.62
N PRO A 372 -30.71 21.65 48.98
CA PRO A 372 -30.02 20.82 47.99
C PRO A 372 -30.75 19.50 47.73
N PHE A 373 -30.52 18.96 46.54
CA PHE A 373 -31.08 17.67 46.15
C PHE A 373 -30.21 17.06 45.07
N ARG A 374 -30.32 15.75 44.92
CA ARG A 374 -29.53 14.99 43.96
C ARG A 374 -30.42 14.34 42.91
N VAL A 375 -29.78 13.95 41.81
CA VAL A 375 -30.50 13.43 40.65
C VAL A 375 -30.78 11.93 40.75
N ASN A 376 -29.98 11.19 41.52
CA ASN A 376 -30.10 9.75 41.76
C ASN A 376 -30.59 8.98 40.54
N GLY A 377 -29.91 9.16 39.41
CA GLY A 377 -30.38 8.62 38.14
C GLY A 377 -30.12 7.15 37.94
N GLU A 378 -30.20 6.36 39.01
CA GLU A 378 -30.21 4.91 38.85
C GLU A 378 -31.55 4.41 38.32
N LYS A 379 -32.62 5.16 38.54
CA LYS A 379 -33.96 4.83 38.05
C LYS A 379 -34.37 5.94 37.09
N THR A 380 -33.97 5.78 35.82
CA THR A 380 -34.26 6.79 34.81
C THR A 380 -34.26 6.12 33.45
N VAL A 381 -34.88 6.80 32.49
CA VAL A 381 -34.96 6.34 31.11
C VAL A 381 -34.46 7.46 30.20
N TYR A 382 -33.79 7.06 29.11
CA TYR A 382 -33.08 7.99 28.26
C TYR A 382 -33.70 8.08 26.88
N ARG A 383 -33.61 9.26 26.29
CA ARG A 383 -33.85 9.48 24.87
C ARG A 383 -32.52 9.89 24.24
N ASN A 384 -32.57 10.24 22.95
CA ASN A 384 -31.42 10.79 22.27
C ASN A 384 -31.89 11.80 21.22
N TYR A 385 -31.14 12.88 21.06
CA TYR A 385 -31.53 13.89 20.10
C TYR A 385 -30.32 14.30 19.28
N GLN A 386 -30.58 15.11 18.26
CA GLN A 386 -29.53 15.57 17.36
C GLN A 386 -29.97 16.91 16.78
N ARG A 387 -29.15 17.94 16.92
CA ARG A 387 -29.53 19.24 16.39
C ARG A 387 -28.66 19.59 15.20
N VAL A 388 -29.24 20.37 14.28
CA VAL A 388 -28.68 20.58 12.95
C VAL A 388 -29.05 21.99 12.49
N THR A 389 -28.23 22.52 11.57
CA THR A 389 -28.42 23.85 11.02
C THR A 389 -29.08 23.76 9.65
N LEU A 390 -30.13 24.55 9.45
CA LEU A 390 -30.93 24.50 8.23
C LEU A 390 -30.85 25.86 7.54
N GLN A 391 -30.31 25.87 6.32
CA GLN A 391 -30.24 27.08 5.52
C GLN A 391 -31.42 27.13 4.56
N GLU A 392 -31.36 28.07 3.62
CA GLU A 392 -32.35 28.19 2.55
C GLU A 392 -31.84 27.49 1.29
N ALA A 393 -32.77 26.95 0.52
CA ALA A 393 -32.41 26.29 -0.72
C ALA A 393 -31.83 27.31 -1.70
N PRO A 394 -30.64 27.07 -2.25
CA PRO A 394 -30.06 28.05 -3.19
C PRO A 394 -30.92 28.28 -4.42
N GLY A 395 -31.78 27.34 -4.80
CA GLY A 395 -32.71 27.58 -5.88
C GLY A 395 -33.95 28.35 -5.49
N THR A 396 -34.14 28.61 -4.20
CA THR A 396 -35.31 29.32 -3.71
C THR A 396 -35.03 30.76 -3.29
N VAL A 397 -33.81 31.05 -2.86
CA VAL A 397 -33.48 32.41 -2.42
C VAL A 397 -33.53 33.36 -3.61
N PRO A 398 -33.98 34.60 -3.44
CA PRO A 398 -33.90 35.56 -4.54
C PRO A 398 -32.45 35.78 -4.93
N PRO A 399 -32.19 36.06 -6.20
CA PRO A 399 -30.81 36.16 -6.67
C PRO A 399 -30.04 37.28 -5.98
N GLY A 400 -28.77 37.02 -5.72
CA GLY A 400 -27.90 38.03 -5.13
C GLY A 400 -28.20 38.38 -3.70
N ARG A 401 -28.89 37.51 -2.96
CA ARG A 401 -29.23 37.76 -1.57
C ARG A 401 -28.53 36.75 -0.67
N LEU A 402 -28.85 36.80 0.62
CA LEU A 402 -28.19 35.94 1.60
C LEU A 402 -29.21 35.04 2.28
N PRO A 403 -28.81 33.82 2.63
CA PRO A 403 -29.75 32.88 3.24
C PRO A 403 -29.99 33.18 4.72
N ARG A 404 -31.07 32.59 5.24
CA ARG A 404 -31.45 32.71 6.64
C ARG A 404 -31.30 31.33 7.29
N HIS A 405 -30.53 31.27 8.38
CA HIS A 405 -30.30 30.02 9.07
C HIS A 405 -31.34 29.82 10.17
N ARG A 406 -31.62 28.55 10.46
CA ARG A 406 -32.44 28.18 11.60
C ARG A 406 -31.84 26.92 12.22
N GLU A 407 -32.29 26.61 13.43
CA GLU A 407 -31.84 25.43 14.16
C GLU A 407 -32.99 24.45 14.26
N VAL A 408 -32.71 23.18 13.96
CA VAL A 408 -33.71 22.12 14.02
C VAL A 408 -33.21 21.06 15.01
N ILE A 409 -34.09 20.68 15.93
CA ILE A 409 -33.79 19.66 16.94
C ILE A 409 -34.57 18.41 16.59
N LEU A 410 -33.87 17.28 16.54
CA LEU A 410 -34.40 15.99 16.11
C LEU A 410 -34.47 15.09 17.33
N LEU A 411 -35.69 14.70 17.72
CA LEU A 411 -35.88 13.85 18.88
C LEU A 411 -35.69 12.39 18.48
N ALA A 412 -36.11 11.48 19.37
CA ALA A 412 -35.86 10.06 19.16
C ALA A 412 -36.57 9.56 17.90
N ASP A 413 -35.94 8.58 17.25
CA ASP A 413 -36.34 7.88 16.04
C ASP A 413 -36.14 8.72 14.78
N LEU A 414 -35.82 10.00 14.89
CA LEU A 414 -35.49 10.81 13.72
C LEU A 414 -33.99 11.03 13.60
N VAL A 415 -33.20 10.30 14.37
CA VAL A 415 -31.77 10.56 14.45
C VAL A 415 -31.08 10.08 13.17
N ASP A 416 -30.18 10.90 12.65
CA ASP A 416 -29.33 10.59 11.51
C ASP A 416 -30.11 10.37 10.22
N VAL A 417 -31.41 10.68 10.20
CA VAL A 417 -32.17 10.55 8.96
C VAL A 417 -31.66 11.55 7.92
N SER A 418 -31.23 12.73 8.35
CA SER A 418 -30.72 13.75 7.45
C SER A 418 -29.20 13.68 7.36
N LYS A 419 -28.68 13.97 6.17
CA LYS A 419 -27.25 13.92 5.90
C LYS A 419 -26.77 15.30 5.46
N PRO A 420 -25.49 15.61 5.67
CA PRO A 420 -24.98 16.92 5.25
C PRO A 420 -25.07 17.10 3.74
N GLY A 421 -25.38 18.33 3.33
CA GLY A 421 -25.35 18.71 1.93
C GLY A 421 -26.61 18.45 1.14
N GLU A 422 -27.61 17.81 1.74
CA GLU A 422 -28.82 17.44 1.00
C GLU A 422 -29.95 18.44 1.26
N GLU A 423 -30.83 18.56 0.27
CA GLU A 423 -32.00 19.40 0.38
C GLU A 423 -33.16 18.59 0.95
N VAL A 424 -33.81 19.12 1.99
CA VAL A 424 -34.81 18.39 2.75
C VAL A 424 -36.00 19.31 3.02
N GLU A 425 -37.13 18.69 3.36
CA GLU A 425 -38.32 19.41 3.76
C GLU A 425 -38.81 18.85 5.09
N VAL A 426 -39.02 19.72 6.07
CA VAL A 426 -39.30 19.31 7.44
C VAL A 426 -40.63 19.91 7.88
N THR A 427 -41.48 19.07 8.47
CA THR A 427 -42.68 19.50 9.14
C THR A 427 -42.42 19.50 10.64
N GLY A 428 -42.65 20.62 11.30
CA GLY A 428 -42.31 20.72 12.70
C GLY A 428 -43.15 21.74 13.43
N ILE A 429 -42.73 22.04 14.66
CA ILE A 429 -43.40 22.99 15.54
C ILE A 429 -42.47 24.17 15.77
N TYR A 430 -43.01 25.38 15.68
CA TYR A 430 -42.24 26.60 15.88
C TYR A 430 -42.38 27.03 17.35
N LYS A 431 -41.26 27.19 18.04
CA LYS A 431 -41.26 27.53 19.44
C LYS A 431 -40.18 28.56 19.72
N ASN A 432 -40.38 29.33 20.79
CA ASN A 432 -39.50 30.42 21.17
C ASN A 432 -39.00 30.23 22.60
N ASN A 433 -37.84 30.79 22.88
CA ASN A 433 -37.23 30.65 24.19
C ASN A 433 -36.37 31.88 24.48
N TYR A 434 -36.10 32.10 25.76
CA TYR A 434 -35.32 33.25 26.19
C TYR A 434 -33.83 32.99 26.04
N ASP A 435 -33.09 34.06 25.80
CA ASP A 435 -31.64 34.01 25.73
C ASP A 435 -31.05 35.24 26.39
N GLY A 436 -29.85 35.10 26.93
CA GLY A 436 -29.18 36.21 27.57
C GLY A 436 -28.35 37.06 26.62
N ASN A 437 -27.43 36.41 25.90
CA ASN A 437 -26.53 37.17 25.03
C ASN A 437 -27.27 37.82 23.89
N LEU A 438 -28.37 37.22 23.44
CA LEU A 438 -29.18 37.84 22.38
C LEU A 438 -29.76 39.17 22.85
N ASN A 439 -30.25 39.22 24.08
CA ASN A 439 -30.71 40.47 24.64
C ASN A 439 -29.55 41.41 24.94
N ALA A 440 -28.35 40.85 25.18
CA ALA A 440 -27.20 41.69 25.47
C ALA A 440 -26.73 42.44 24.23
N LYS A 441 -26.62 41.75 23.10
CA LYS A 441 -26.04 42.34 21.89
C LYS A 441 -27.00 43.26 21.15
N ASN A 442 -28.29 43.25 21.49
CA ASN A 442 -29.28 44.06 20.78
C ASN A 442 -29.87 45.18 21.60
N GLY A 443 -29.88 45.05 22.93
CA GLY A 443 -30.49 46.06 23.76
C GLY A 443 -32.00 46.03 23.78
N PHE A 444 -32.62 45.01 23.20
CA PHE A 444 -34.07 44.88 23.17
C PHE A 444 -34.45 43.47 23.57
N PRO A 445 -35.64 43.29 24.14
CA PRO A 445 -36.04 41.95 24.59
C PRO A 445 -36.32 41.02 23.41
N VAL A 446 -35.26 40.55 22.76
CA VAL A 446 -35.39 39.65 21.62
C VAL A 446 -35.35 38.21 22.11
N PHE A 447 -36.01 37.33 21.37
CA PHE A 447 -36.13 35.92 21.73
C PHE A 447 -35.59 35.05 20.60
N ALA A 448 -35.03 33.91 20.96
CA ALA A 448 -34.57 32.94 19.98
C ALA A 448 -35.68 31.93 19.67
N THR A 449 -35.58 31.31 18.50
CA THR A 449 -36.58 30.34 18.05
C THR A 449 -35.90 29.14 17.43
N ILE A 450 -36.40 27.95 17.76
CA ILE A 450 -35.89 26.68 17.25
C ILE A 450 -37.07 25.90 16.71
N ILE A 451 -36.78 24.94 15.83
CA ILE A 451 -37.82 24.10 15.23
C ILE A 451 -37.66 22.68 15.73
N GLU A 452 -38.69 22.17 16.41
CA GLU A 452 -38.71 20.78 16.84
C GLU A 452 -39.22 19.93 15.69
N ALA A 453 -38.37 19.08 15.12
CA ALA A 453 -38.77 18.30 13.96
C ALA A 453 -39.85 17.29 14.32
N ASN A 454 -40.76 17.06 13.37
CA ASN A 454 -41.84 16.09 13.57
C ASN A 454 -41.94 15.15 12.39
N SER A 455 -41.49 15.59 11.21
CA SER A 455 -41.45 14.72 10.05
C SER A 455 -40.42 15.27 9.06
N ILE A 456 -39.72 14.36 8.39
CA ILE A 456 -38.66 14.72 7.45
C ILE A 456 -38.90 14.00 6.13
N LYS A 457 -38.80 14.73 5.03
CA LYS A 457 -38.93 14.18 3.70
C LYS A 457 -37.78 14.66 2.83
N ARG A 458 -37.08 13.72 2.20
CA ARG A 458 -35.95 14.07 1.34
C ARG A 458 -36.45 14.57 -0.01
N ARG A 459 -35.82 15.62 -0.52
CA ARG A 459 -36.18 16.21 -1.79
C ARG A 459 -34.95 16.54 -2.61
N GLU A 460 -33.98 15.63 -2.63
CA GLU A 460 -32.76 15.84 -3.42
C GLU A 460 -32.94 15.29 -4.82
N GLY A 461 -32.71 16.15 -5.81
CA GLY A 461 -32.78 15.74 -7.20
C GLY A 461 -34.20 15.60 -7.73
N ASN A 462 -34.98 14.71 -7.13
CA ASN A 462 -36.33 14.40 -7.62
C ASN A 462 -37.27 15.55 -7.25
N THR A 463 -37.27 16.58 -8.10
CA THR A 463 -38.13 17.73 -7.89
C THR A 463 -39.56 17.51 -8.37
N ALA A 464 -39.83 16.46 -9.13
CA ALA A 464 -41.18 16.14 -9.55
C ALA A 464 -41.94 15.65 -8.33
N ASN A 465 -42.71 16.55 -7.71
CA ASN A 465 -43.34 16.31 -6.41
C ASN A 465 -44.86 16.34 -6.52
N GLU A 466 -45.39 15.85 -7.64
CA GLU A 466 -46.83 15.80 -7.85
C GLU A 466 -47.34 14.41 -8.17
N GLY A 467 -46.48 13.43 -8.38
CA GLY A 467 -46.95 12.09 -8.69
C GLY A 467 -47.76 11.48 -7.57
N GLU A 468 -47.25 11.58 -6.33
CA GLU A 468 -47.97 11.06 -5.19
C GLU A 468 -47.50 11.80 -3.94
N GLU A 469 -48.25 11.57 -2.86
CA GLU A 469 -47.98 12.16 -1.55
C GLU A 469 -47.28 11.15 -0.66
N GLY A 470 -46.91 11.62 0.54
CA GLY A 470 -46.29 10.73 1.51
C GLY A 470 -44.86 11.11 1.83
N LEU A 471 -44.34 10.60 2.94
CA LEU A 471 -42.96 10.89 3.31
C LEU A 471 -41.98 10.28 2.33
N ASP A 472 -42.25 9.06 1.88
CA ASP A 472 -41.36 8.35 0.96
C ASP A 472 -42.17 7.86 -0.23
N VAL A 473 -41.82 8.33 -1.42
CA VAL A 473 -42.51 7.90 -2.64
C VAL A 473 -41.92 6.64 -3.23
N PHE A 474 -40.77 6.18 -2.75
CA PHE A 474 -40.16 4.95 -3.21
C PHE A 474 -40.54 3.76 -2.35
N SER A 475 -41.44 3.94 -1.38
CA SER A 475 -41.91 2.86 -0.53
C SER A 475 -43.23 2.32 -1.08
N TRP A 476 -43.48 1.05 -0.80
CA TRP A 476 -44.63 0.34 -1.36
C TRP A 476 -45.50 -0.22 -0.25
N THR A 477 -46.79 -0.38 -0.56
CA THR A 477 -47.70 -1.09 0.30
C THR A 477 -47.67 -2.58 -0.05
N GLU A 478 -48.48 -3.38 0.64
CA GLU A 478 -48.50 -4.81 0.36
C GLU A 478 -49.19 -5.12 -0.96
N GLU A 479 -50.31 -4.44 -1.23
CA GLU A 479 -51.00 -4.68 -2.51
C GLU A 479 -50.16 -4.24 -3.69
N GLU A 480 -49.33 -3.20 -3.51
CA GLU A 480 -48.42 -2.82 -4.58
C GLU A 480 -47.40 -3.91 -4.85
N GLU A 481 -46.92 -4.58 -3.80
CA GLU A 481 -46.05 -5.74 -3.99
C GLU A 481 -46.78 -6.87 -4.70
N ARG A 482 -48.04 -7.09 -4.32
CA ARG A 482 -48.83 -8.13 -4.99
C ARG A 482 -48.98 -7.84 -6.47
N GLU A 483 -49.24 -6.59 -6.83
CA GLU A 483 -49.36 -6.23 -8.24
C GLU A 483 -48.02 -6.31 -8.95
N PHE A 484 -46.92 -6.00 -8.25
CA PHE A 484 -45.60 -6.22 -8.81
C PHE A 484 -45.43 -7.68 -9.23
N ARG A 485 -45.75 -8.60 -8.31
CA ARG A 485 -45.63 -10.01 -8.62
C ARG A 485 -46.57 -10.41 -9.75
N LYS A 486 -47.79 -9.87 -9.75
CA LYS A 486 -48.78 -10.24 -10.76
C LYS A 486 -48.34 -9.81 -12.16
N ILE A 487 -47.81 -8.59 -12.30
CA ILE A 487 -47.44 -8.08 -13.61
C ILE A 487 -45.98 -8.37 -13.96
N SER A 488 -45.23 -9.04 -13.09
CA SER A 488 -43.86 -9.41 -13.39
C SER A 488 -43.77 -10.70 -14.20
N ARG A 489 -44.89 -11.35 -14.51
CA ARG A 489 -44.88 -12.67 -15.10
C ARG A 489 -45.41 -12.73 -16.53
N ASP A 490 -46.07 -11.69 -17.01
CA ASP A 490 -46.63 -11.75 -18.35
C ASP A 490 -45.52 -11.77 -19.40
N ARG A 491 -45.85 -12.30 -20.56
CA ARG A 491 -44.88 -12.40 -21.65
C ARG A 491 -44.53 -11.02 -22.18
N GLY A 492 -43.27 -10.87 -22.59
CA GLY A 492 -42.81 -9.61 -23.16
C GLY A 492 -42.84 -8.45 -22.18
N ILE A 493 -42.62 -8.73 -20.89
CA ILE A 493 -42.59 -7.64 -19.92
C ILE A 493 -41.40 -6.73 -20.15
N ILE A 494 -40.27 -7.27 -20.62
CA ILE A 494 -39.11 -6.44 -20.90
C ILE A 494 -39.43 -5.46 -22.02
N ASP A 495 -40.20 -5.91 -23.01
CA ASP A 495 -40.60 -5.02 -24.09
C ASP A 495 -41.43 -3.85 -23.57
N LYS A 496 -42.40 -4.14 -22.70
CA LYS A 496 -43.22 -3.08 -22.13
C LYS A 496 -42.39 -2.13 -21.28
N ILE A 497 -41.46 -2.66 -20.49
CA ILE A 497 -40.64 -1.81 -19.64
C ILE A 497 -39.77 -0.88 -20.49
N ILE A 498 -39.11 -1.43 -21.51
CA ILE A 498 -38.23 -0.60 -22.33
C ILE A 498 -39.05 0.42 -23.11
N SER A 499 -40.24 0.05 -23.58
CA SER A 499 -41.10 0.98 -24.28
C SER A 499 -41.77 1.98 -23.35
N SER A 500 -41.71 1.76 -22.04
CA SER A 500 -42.37 2.62 -21.06
C SER A 500 -41.42 3.64 -20.45
N MET A 501 -40.21 3.77 -20.98
CA MET A 501 -39.24 4.73 -20.48
C MET A 501 -39.14 5.91 -21.45
N ALA A 502 -39.28 7.11 -20.91
CA ALA A 502 -39.28 8.34 -21.69
C ALA A 502 -40.28 8.24 -22.83
N PRO A 503 -41.58 8.26 -22.55
CA PRO A 503 -42.57 8.07 -23.62
C PRO A 503 -42.75 9.31 -24.48
N SER A 504 -41.85 10.30 -24.34
CA SER A 504 -41.92 11.51 -25.14
C SER A 504 -40.70 11.67 -26.05
N ILE A 505 -39.89 10.63 -26.22
CA ILE A 505 -38.75 10.65 -27.12
C ILE A 505 -38.95 9.56 -28.15
N TYR A 506 -38.82 9.91 -29.42
CA TYR A 506 -39.04 8.97 -30.51
C TYR A 506 -37.76 8.25 -30.90
N GLY A 507 -37.86 6.96 -31.19
CA GLY A 507 -36.71 6.20 -31.60
C GLY A 507 -35.75 5.92 -30.45
N HIS A 508 -34.51 5.63 -30.83
CA HIS A 508 -33.43 5.35 -29.87
C HIS A 508 -33.77 4.17 -28.98
N ARG A 509 -34.14 3.04 -29.60
CA ARG A 509 -34.48 1.85 -28.84
C ARG A 509 -33.27 1.32 -28.08
N ASP A 510 -32.09 1.34 -28.71
CA ASP A 510 -30.89 0.83 -28.07
C ASP A 510 -30.56 1.62 -26.81
N ILE A 511 -30.69 2.93 -26.86
CA ILE A 511 -30.47 3.75 -25.66
C ILE A 511 -31.54 3.48 -24.62
N LYS A 512 -32.80 3.35 -25.05
CA LYS A 512 -33.87 3.05 -24.11
C LYS A 512 -33.69 1.70 -23.43
N THR A 513 -32.92 0.80 -24.04
CA THR A 513 -32.59 -0.46 -23.39
C THR A 513 -31.36 -0.35 -22.50
N ALA A 514 -30.32 0.34 -22.98
CA ALA A 514 -29.10 0.47 -22.21
C ALA A 514 -29.34 1.23 -20.92
N VAL A 515 -30.21 2.24 -20.95
CA VAL A 515 -30.48 3.00 -19.72
C VAL A 515 -31.15 2.13 -18.66
N ALA A 516 -32.13 1.32 -19.07
CA ALA A 516 -32.77 0.42 -18.11
C ALA A 516 -31.77 -0.57 -17.56
N CYS A 517 -30.95 -1.16 -18.43
CA CYS A 517 -29.94 -2.11 -17.96
C CYS A 517 -28.93 -1.45 -17.04
N SER A 518 -28.70 -0.14 -17.21
CA SER A 518 -27.77 0.56 -16.35
C SER A 518 -28.37 0.88 -14.99
N LEU A 519 -29.66 1.23 -14.95
CA LEU A 519 -30.25 1.62 -13.68
C LEU A 519 -30.83 0.44 -12.91
N PHE A 520 -30.85 -0.76 -13.50
CA PHE A 520 -31.07 -1.95 -12.68
C PHE A 520 -29.78 -2.46 -12.05
N GLY A 521 -28.71 -2.56 -12.84
CA GLY A 521 -27.44 -3.00 -12.33
C GLY A 521 -27.41 -4.50 -12.07
N GLY A 522 -26.22 -4.99 -11.76
CA GLY A 522 -25.98 -6.40 -11.50
C GLY A 522 -25.99 -6.72 -10.02
N VAL A 523 -25.34 -7.82 -9.68
CA VAL A 523 -25.19 -8.27 -8.30
C VAL A 523 -23.72 -8.21 -7.94
N PRO A 524 -23.32 -7.39 -6.96
CA PRO A 524 -21.91 -7.37 -6.54
C PRO A 524 -21.51 -8.74 -6.01
N LYS A 525 -20.32 -9.18 -6.37
CA LYS A 525 -19.85 -10.52 -6.04
C LYS A 525 -18.69 -10.44 -5.06
N ASN A 526 -18.78 -11.25 -4.00
CA ASN A 526 -17.70 -11.38 -3.03
C ASN A 526 -17.31 -12.84 -2.92
N VAL A 527 -16.12 -13.17 -3.41
CA VAL A 527 -15.61 -14.54 -3.40
C VAL A 527 -14.73 -14.70 -2.18
N ASN A 528 -15.19 -15.52 -1.23
CA ASN A 528 -14.45 -15.90 -0.04
C ASN A 528 -13.99 -14.71 0.79
N GLY A 529 -14.55 -13.52 0.53
CA GLY A 529 -14.10 -12.32 1.20
C GLY A 529 -12.74 -11.83 0.75
N LYS A 530 -12.12 -12.48 -0.23
CA LYS A 530 -10.83 -12.06 -0.73
C LYS A 530 -10.83 -11.71 -2.21
N HIS A 531 -11.96 -11.82 -2.89
CA HIS A 531 -12.10 -11.32 -4.25
C HIS A 531 -13.38 -10.51 -4.36
N SER A 532 -13.30 -9.39 -5.07
CA SER A 532 -14.42 -8.47 -5.22
C SER A 532 -14.70 -8.25 -6.70
N ILE A 533 -15.96 -8.39 -7.09
CA ILE A 533 -16.40 -8.17 -8.47
C ILE A 533 -17.49 -7.11 -8.44
N ARG A 534 -17.26 -6.00 -9.15
CA ARG A 534 -18.22 -4.91 -9.22
C ARG A 534 -19.51 -5.38 -9.89
N GLY A 535 -20.63 -4.88 -9.39
CA GLY A 535 -21.92 -5.28 -9.91
C GLY A 535 -22.78 -4.16 -10.45
N ASP A 536 -22.16 -3.13 -11.02
CA ASP A 536 -22.88 -2.02 -11.62
C ASP A 536 -22.31 -1.71 -13.00
N ILE A 537 -23.17 -1.20 -13.87
CA ILE A 537 -22.85 -1.01 -15.29
C ILE A 537 -22.73 0.47 -15.61
N ASN A 538 -21.63 0.84 -16.24
CA ASN A 538 -21.47 2.19 -16.77
C ASN A 538 -22.02 2.26 -18.19
N VAL A 539 -22.38 3.47 -18.60
CA VAL A 539 -22.92 3.72 -19.94
C VAL A 539 -22.31 5.02 -20.45
N LEU A 540 -21.92 5.03 -21.73
CA LEU A 540 -21.43 6.23 -22.38
C LEU A 540 -22.20 6.45 -23.67
N LEU A 541 -22.60 7.70 -23.90
CA LEU A 541 -23.29 8.10 -25.13
C LEU A 541 -22.38 9.02 -25.93
N LEU A 542 -22.63 9.08 -27.23
CA LEU A 542 -21.79 9.86 -28.12
C LEU A 542 -22.48 10.06 -29.46
N GLY A 543 -22.39 11.26 -30.00
CA GLY A 543 -22.96 11.52 -31.31
C GLY A 543 -23.12 13.01 -31.57
N ASP A 544 -23.88 13.30 -32.61
CA ASP A 544 -24.11 14.65 -33.08
C ASP A 544 -25.10 15.40 -32.18
N PRO A 545 -25.08 16.72 -32.20
CA PRO A 545 -26.04 17.48 -31.39
C PRO A 545 -27.46 17.33 -31.92
N GLY A 546 -28.41 17.63 -31.03
CA GLY A 546 -29.82 17.51 -31.39
C GLY A 546 -30.40 16.13 -31.24
N THR A 547 -29.73 15.24 -30.52
CA THR A 547 -30.15 13.86 -30.37
C THR A 547 -30.82 13.58 -29.03
N ALA A 548 -31.19 14.62 -28.28
CA ALA A 548 -31.97 14.50 -27.05
C ALA A 548 -31.26 13.68 -25.99
N LYS A 549 -29.93 13.76 -25.93
CA LYS A 549 -29.21 13.09 -24.85
C LYS A 549 -29.55 13.72 -23.49
N SER A 550 -29.60 15.05 -23.45
CA SER A 550 -29.83 15.73 -22.18
C SER A 550 -31.21 15.41 -21.61
N GLN A 551 -32.22 15.23 -22.46
CA GLN A 551 -33.53 14.85 -21.97
C GLN A 551 -33.49 13.47 -21.33
N ILE A 552 -32.74 12.54 -21.93
CA ILE A 552 -32.59 11.22 -21.35
C ILE A 552 -31.90 11.31 -20.00
N LEU A 553 -30.86 12.14 -19.90
CA LEU A 553 -30.18 12.31 -18.62
C LEU A 553 -31.12 12.90 -17.57
N LYS A 554 -31.94 13.87 -17.96
CA LYS A 554 -32.88 14.46 -17.02
C LYS A 554 -33.90 13.43 -16.54
N TYR A 555 -34.38 12.59 -17.45
CA TYR A 555 -35.33 11.55 -17.04
C TYR A 555 -34.67 10.55 -16.11
N VAL A 556 -33.41 10.21 -16.36
CA VAL A 556 -32.68 9.32 -15.47
C VAL A 556 -32.56 9.93 -14.09
N GLU A 557 -32.23 11.22 -14.02
CA GLU A 557 -32.17 11.90 -12.73
C GLU A 557 -33.51 11.85 -12.02
N LYS A 558 -34.59 12.10 -12.76
CA LYS A 558 -35.92 12.02 -12.18
C LYS A 558 -36.30 10.61 -11.76
N THR A 559 -35.64 9.60 -12.31
CA THR A 559 -36.06 8.22 -12.12
C THR A 559 -35.41 7.54 -10.91
N ALA A 560 -34.08 7.59 -10.82
CA ALA A 560 -33.37 6.78 -9.83
C ALA A 560 -33.62 7.30 -8.42
N HIS A 561 -33.36 6.42 -7.45
CA HIS A 561 -33.55 6.78 -6.04
C HIS A 561 -32.52 7.81 -5.60
N ARG A 562 -31.29 7.69 -6.08
CA ARG A 562 -30.22 8.62 -5.73
C ARG A 562 -29.60 9.13 -7.03
N ALA A 563 -29.82 10.41 -7.33
CA ALA A 563 -29.36 11.01 -8.57
C ALA A 563 -28.52 12.24 -8.27
N VAL A 564 -27.36 12.34 -8.90
CA VAL A 564 -26.48 13.49 -8.79
C VAL A 564 -26.17 13.99 -10.19
N PHE A 565 -26.35 15.29 -10.41
CA PHE A 565 -26.18 15.89 -11.72
C PHE A 565 -24.99 16.82 -11.71
N ALA A 566 -24.11 16.67 -12.70
CA ALA A 566 -22.97 17.55 -12.90
C ALA A 566 -22.92 17.94 -14.37
N THR A 567 -21.98 18.81 -14.71
CA THR A 567 -21.88 19.27 -16.10
C THR A 567 -20.51 19.91 -16.34
N GLY A 568 -19.92 19.56 -17.48
CA GLY A 568 -18.77 20.24 -18.05
C GLY A 568 -17.70 20.71 -17.09
N GLN A 569 -17.38 22.00 -17.15
CA GLN A 569 -16.41 22.61 -16.25
C GLN A 569 -16.97 22.84 -14.86
N GLY A 570 -18.27 22.64 -14.65
CA GLY A 570 -18.91 22.96 -13.40
C GLY A 570 -18.61 22.01 -12.27
N ALA A 571 -17.77 21.01 -12.49
CA ALA A 571 -17.38 20.07 -11.43
C ALA A 571 -15.87 19.93 -11.44
N SER A 572 -15.26 19.97 -10.27
CA SER A 572 -13.83 19.79 -10.11
C SER A 572 -13.54 18.38 -9.58
N ALA A 573 -12.29 17.96 -9.72
CA ALA A 573 -11.90 16.62 -9.31
C ALA A 573 -12.13 16.42 -7.82
N VAL A 574 -11.75 17.42 -7.00
CA VAL A 574 -11.93 17.32 -5.56
C VAL A 574 -13.37 17.55 -5.15
N GLY A 575 -14.23 17.96 -6.08
CA GLY A 575 -15.63 18.13 -5.77
C GLY A 575 -16.42 16.84 -5.87
N LEU A 576 -16.16 16.07 -6.93
CA LEU A 576 -16.81 14.77 -7.07
C LEU A 576 -16.39 13.83 -5.95
N THR A 577 -15.10 13.80 -5.64
CA THR A 577 -14.54 13.00 -4.56
C THR A 577 -14.63 13.77 -3.24
N ALA A 578 -14.56 13.05 -2.13
CA ALA A 578 -14.56 13.69 -0.83
C ALA A 578 -13.33 14.58 -0.67
N SER A 579 -13.47 15.65 0.12
CA SER A 579 -12.43 16.65 0.28
C SER A 579 -12.11 16.86 1.76
N VAL A 580 -10.90 17.34 1.99
CA VAL A 580 -10.42 17.63 3.34
C VAL A 580 -10.69 19.09 3.66
N ARG A 581 -11.36 19.33 4.78
CA ARG A 581 -11.72 20.67 5.21
C ARG A 581 -11.38 20.84 6.68
N LYS A 582 -10.95 22.05 7.04
CA LYS A 582 -10.70 22.37 8.44
C LYS A 582 -11.99 22.90 9.06
N ASP A 583 -12.40 22.29 10.17
CA ASP A 583 -13.61 22.71 10.86
C ASP A 583 -13.40 24.12 11.41
N PRO A 584 -14.23 25.10 11.04
CA PRO A 584 -14.02 26.47 11.54
C PRO A 584 -14.33 26.64 13.01
N ILE A 585 -14.94 25.66 13.67
CA ILE A 585 -15.28 25.75 15.09
C ILE A 585 -14.38 24.84 15.94
N THR A 586 -14.35 23.55 15.63
CA THR A 586 -13.54 22.62 16.41
C THR A 586 -12.05 22.80 16.12
N LYS A 587 -11.71 23.44 15.00
CA LYS A 587 -10.35 23.90 14.70
C LYS A 587 -9.38 22.75 14.39
N GLU A 588 -9.80 21.78 13.58
CA GLU A 588 -8.88 20.81 13.02
C GLU A 588 -9.45 20.29 11.71
N TRP A 589 -8.70 19.39 11.08
CA TRP A 589 -9.10 18.85 9.78
C TRP A 589 -10.23 17.85 9.92
N THR A 590 -11.03 17.74 8.86
CA THR A 590 -12.11 16.77 8.78
C THR A 590 -12.46 16.54 7.32
N LEU A 591 -13.20 15.46 7.07
CA LEU A 591 -13.55 15.07 5.71
C LEU A 591 -14.91 15.62 5.32
N GLU A 592 -15.02 16.07 4.07
CA GLU A 592 -16.26 16.60 3.52
C GLU A 592 -16.72 15.71 2.39
N GLY A 593 -17.98 15.28 2.45
CA GLY A 593 -18.52 14.35 1.47
C GLY A 593 -18.53 14.88 0.05
N GLY A 594 -17.95 14.12 -0.88
CA GLY A 594 -17.93 14.49 -2.27
C GLY A 594 -19.24 14.17 -2.98
N ALA A 595 -19.29 14.51 -4.26
CA ALA A 595 -20.48 14.26 -5.06
C ALA A 595 -20.76 12.77 -5.19
N LEU A 596 -19.71 11.97 -5.41
CA LEU A 596 -19.89 10.54 -5.62
C LEU A 596 -20.46 9.85 -4.38
N VAL A 597 -20.15 10.37 -3.19
CA VAL A 597 -20.65 9.76 -1.96
C VAL A 597 -22.17 9.82 -1.92
N LEU A 598 -22.75 10.95 -2.34
CA LEU A 598 -24.20 11.04 -2.45
C LEU A 598 -24.73 10.07 -3.50
N ALA A 599 -23.91 9.74 -4.49
CA ALA A 599 -24.31 8.80 -5.54
C ALA A 599 -24.17 7.34 -5.12
N ASP A 600 -23.61 7.07 -3.94
CA ASP A 600 -23.49 5.69 -3.47
C ASP A 600 -24.88 5.06 -3.38
N LYS A 601 -25.01 3.88 -3.97
CA LYS A 601 -26.33 3.26 -4.19
C LYS A 601 -27.20 4.22 -4.99
N GLY A 602 -26.79 4.42 -6.24
CA GLY A 602 -27.46 5.37 -7.10
C GLY A 602 -26.69 5.57 -8.39
N VAL A 603 -26.98 6.68 -9.06
CA VAL A 603 -26.37 7.00 -10.35
C VAL A 603 -25.78 8.40 -10.28
N CYS A 604 -24.65 8.58 -10.95
CA CYS A 604 -24.03 9.90 -11.13
C CYS A 604 -24.04 10.21 -12.61
N LEU A 605 -24.61 11.36 -12.97
CA LEU A 605 -24.80 11.74 -14.37
C LEU A 605 -23.90 12.91 -14.71
N ILE A 606 -23.09 12.74 -15.76
CA ILE A 606 -22.17 13.78 -16.21
C ILE A 606 -22.59 14.20 -17.61
N ASP A 607 -22.73 15.50 -17.81
CA ASP A 607 -22.97 16.07 -19.14
C ASP A 607 -21.71 16.74 -19.63
N GLU A 608 -21.55 16.78 -20.96
CA GLU A 608 -20.36 17.32 -21.59
C GLU A 608 -19.09 16.70 -21.01
N PHE A 609 -18.98 15.39 -21.21
CA PHE A 609 -17.86 14.64 -20.66
C PHE A 609 -16.54 15.00 -21.33
N ASP A 610 -16.57 15.33 -22.62
CA ASP A 610 -15.32 15.53 -23.36
C ASP A 610 -14.65 16.84 -22.97
N LYS A 611 -15.44 17.89 -22.70
CA LYS A 611 -14.86 19.20 -22.45
C LYS A 611 -14.36 19.36 -21.02
N MET A 612 -14.76 18.47 -20.11
CA MET A 612 -14.22 18.51 -18.76
C MET A 612 -12.71 18.33 -18.79
N ASN A 613 -12.00 19.16 -18.03
CA ASN A 613 -10.54 19.10 -18.03
C ASN A 613 -10.06 17.76 -17.51
N ASP A 614 -8.98 17.25 -18.09
CA ASP A 614 -8.54 15.90 -17.79
C ASP A 614 -8.15 15.72 -16.32
N GLN A 615 -7.62 16.76 -15.69
CA GLN A 615 -7.35 16.68 -14.26
C GLN A 615 -8.64 16.50 -13.46
N ASP A 616 -9.75 17.05 -13.96
CA ASP A 616 -11.05 16.86 -13.34
C ASP A 616 -11.69 15.54 -13.76
N ARG A 617 -11.05 14.78 -14.66
CA ARG A 617 -11.61 13.56 -15.19
C ARG A 617 -10.91 12.30 -14.70
N THR A 618 -9.60 12.36 -14.47
CA THR A 618 -8.83 11.18 -14.09
C THR A 618 -9.09 10.73 -12.66
N SER A 619 -9.78 11.52 -11.86
CA SER A 619 -9.90 11.23 -10.44
C SER A 619 -10.99 10.20 -10.11
N ILE A 620 -11.77 9.76 -11.08
CA ILE A 620 -12.90 8.89 -10.81
C ILE A 620 -12.65 7.45 -11.29
N HIS A 621 -11.38 7.11 -11.57
CA HIS A 621 -11.08 5.75 -12.01
C HIS A 621 -11.44 4.73 -10.94
N GLU A 622 -10.99 4.96 -9.70
CA GLU A 622 -11.32 4.05 -8.62
C GLU A 622 -12.82 3.99 -8.39
N ALA A 623 -13.50 5.14 -8.47
CA ALA A 623 -14.94 5.15 -8.27
C ALA A 623 -15.65 4.31 -9.32
N MET A 624 -15.18 4.35 -10.57
CA MET A 624 -15.78 3.48 -11.58
C MET A 624 -15.48 2.01 -11.28
N GLU A 625 -14.21 1.67 -11.05
CA GLU A 625 -13.79 0.27 -11.08
C GLU A 625 -13.68 -0.35 -9.68
N GLN A 626 -12.83 0.20 -8.82
CA GLN A 626 -12.62 -0.41 -7.51
C GLN A 626 -13.78 -0.19 -6.56
N GLN A 627 -14.68 0.74 -6.87
CA GLN A 627 -15.81 1.11 -6.01
C GLN A 627 -15.35 1.63 -4.66
N SER A 628 -14.12 2.15 -4.58
CA SER A 628 -13.55 2.61 -3.32
C SER A 628 -12.92 3.98 -3.51
N ILE A 629 -12.98 4.79 -2.46
CA ILE A 629 -12.35 6.11 -2.43
C ILE A 629 -11.37 6.14 -1.28
N SER A 630 -10.11 6.48 -1.58
CA SER A 630 -9.06 6.52 -0.57
C SER A 630 -8.48 7.93 -0.52
N ILE A 631 -8.28 8.44 0.69
CA ILE A 631 -7.73 9.78 0.90
C ILE A 631 -6.59 9.67 1.91
N SER A 632 -5.43 10.23 1.55
CA SER A 632 -4.29 10.34 2.47
C SER A 632 -3.82 11.79 2.39
N LYS A 633 -4.45 12.66 3.18
CA LYS A 633 -4.23 14.09 3.10
C LYS A 633 -4.27 14.70 4.49
N ALA A 634 -3.31 15.57 4.77
CA ALA A 634 -3.28 16.34 6.03
C ALA A 634 -3.36 15.43 7.25
N GLY A 635 -2.60 14.34 7.22
CA GLY A 635 -2.53 13.45 8.36
C GLY A 635 -3.67 12.48 8.50
N ILE A 636 -4.63 12.49 7.57
CA ILE A 636 -5.78 11.60 7.62
C ILE A 636 -5.62 10.53 6.56
N VAL A 637 -5.76 9.27 6.95
CA VAL A 637 -5.62 8.13 6.05
C VAL A 637 -6.88 7.28 6.22
N THR A 638 -7.87 7.49 5.36
CA THR A 638 -9.13 6.77 5.44
C THR A 638 -9.55 6.32 4.05
N THR A 639 -10.41 5.32 4.02
CA THR A 639 -10.97 4.79 2.78
C THR A 639 -12.50 4.77 2.89
N LEU A 640 -13.17 5.35 1.90
CA LEU A 640 -14.62 5.44 1.91
C LEU A 640 -15.20 4.28 1.09
N GLN A 641 -16.51 4.32 0.88
CA GLN A 641 -17.22 3.34 0.05
C GLN A 641 -18.13 4.07 -0.90
N ALA A 642 -18.12 3.66 -2.17
CA ALA A 642 -18.92 4.30 -3.21
C ALA A 642 -19.40 3.25 -4.19
N ARG A 643 -20.72 3.10 -4.29
CA ARG A 643 -21.36 2.25 -5.31
C ARG A 643 -22.13 3.17 -6.24
N CYS A 644 -21.51 3.55 -7.35
CA CYS A 644 -22.07 4.52 -8.28
C CYS A 644 -21.96 4.01 -9.71
N SER A 645 -22.99 4.29 -10.51
CA SER A 645 -22.99 3.98 -11.93
C SER A 645 -22.95 5.31 -12.70
N ILE A 646 -21.92 5.48 -13.53
CA ILE A 646 -21.69 6.73 -14.23
C ILE A 646 -22.32 6.66 -15.61
N ILE A 647 -23.18 7.63 -15.90
CA ILE A 647 -23.76 7.80 -17.24
C ILE A 647 -23.25 9.11 -17.79
N ALA A 648 -22.56 9.06 -18.92
CA ALA A 648 -21.91 10.24 -19.46
C ALA A 648 -22.32 10.46 -20.91
N ALA A 649 -22.28 11.71 -21.34
CA ALA A 649 -22.56 12.10 -22.70
C ALA A 649 -21.50 13.10 -23.16
N ALA A 650 -21.25 13.15 -24.45
CA ALA A 650 -20.20 14.00 -24.98
C ALA A 650 -20.49 14.29 -26.44
N ASN A 651 -19.56 14.99 -27.08
CA ASN A 651 -19.61 15.29 -28.51
C ASN A 651 -18.27 14.92 -29.13
N PRO A 652 -18.27 14.37 -30.34
CA PRO A 652 -17.01 13.98 -30.98
C PRO A 652 -16.23 15.18 -31.46
N ASN A 653 -15.05 14.95 -32.03
CA ASN A 653 -14.24 16.05 -32.54
C ASN A 653 -14.95 16.71 -33.72
N GLY A 654 -14.93 18.04 -33.72
CA GLY A 654 -15.51 18.81 -34.80
C GLY A 654 -17.01 18.97 -34.75
N GLY A 655 -17.68 18.42 -33.73
CA GLY A 655 -19.11 18.56 -33.58
C GLY A 655 -19.93 17.56 -34.36
N ARG A 656 -19.33 16.76 -35.22
CA ARG A 656 -20.04 15.73 -35.97
C ARG A 656 -19.19 14.47 -36.04
N TYR A 657 -19.87 13.33 -36.09
CA TYR A 657 -19.20 12.03 -36.10
C TYR A 657 -18.90 11.63 -37.53
N ASN A 658 -17.62 11.45 -37.84
CA ASN A 658 -17.19 11.03 -39.18
C ASN A 658 -17.20 9.51 -39.23
N SER A 659 -18.12 8.96 -40.01
CA SER A 659 -18.30 7.50 -40.03
C SER A 659 -17.10 6.77 -40.58
N THR A 660 -16.39 7.38 -41.53
CA THR A 660 -15.30 6.70 -42.22
C THR A 660 -13.98 6.72 -41.44
N LEU A 661 -14.04 6.97 -40.15
CA LEU A 661 -12.85 6.92 -39.30
C LEU A 661 -13.12 6.05 -38.09
N PRO A 662 -12.11 5.36 -37.58
CA PRO A 662 -12.30 4.53 -36.39
C PRO A 662 -12.53 5.40 -35.15
N LEU A 663 -12.93 4.74 -34.07
CA LEU A 663 -13.27 5.45 -32.85
C LEU A 663 -12.05 6.14 -32.22
N ALA A 664 -10.84 5.71 -32.56
CA ALA A 664 -9.65 6.31 -31.97
C ALA A 664 -9.41 7.72 -32.48
N GLN A 665 -9.81 8.02 -33.71
CA GLN A 665 -9.63 9.34 -34.29
C GLN A 665 -10.89 10.20 -34.19
N ASN A 666 -11.90 9.75 -33.45
CA ASN A 666 -13.13 10.52 -33.28
C ASN A 666 -13.23 11.19 -31.92
N VAL A 667 -12.58 10.65 -30.89
CA VAL A 667 -12.64 11.21 -29.54
C VAL A 667 -11.21 11.33 -29.01
N SER A 668 -11.07 12.15 -27.98
CA SER A 668 -9.77 12.39 -27.37
C SER A 668 -9.49 11.49 -26.17
N LEU A 669 -10.43 10.63 -25.79
CA LEU A 669 -10.21 9.71 -24.69
C LEU A 669 -9.26 8.59 -25.10
N THR A 670 -8.70 7.91 -24.10
CA THR A 670 -7.74 6.85 -24.33
C THR A 670 -8.31 5.51 -23.88
N GLU A 671 -7.48 4.47 -23.97
CA GLU A 671 -7.91 3.13 -23.58
C GLU A 671 -8.30 3.01 -22.12
N PRO A 672 -7.53 3.52 -21.15
CA PRO A 672 -7.89 3.26 -19.74
C PRO A 672 -9.27 3.73 -19.36
N ILE A 673 -9.72 4.86 -19.90
CA ILE A 673 -11.03 5.38 -19.56
C ILE A 673 -12.12 4.75 -20.42
N LEU A 674 -11.81 4.47 -21.69
CA LEU A 674 -12.80 3.86 -22.57
C LEU A 674 -13.15 2.45 -22.11
N SER A 675 -12.14 1.68 -21.68
CA SER A 675 -12.36 0.28 -21.36
C SER A 675 -13.30 0.08 -20.18
N ARG A 676 -13.38 1.07 -19.29
CA ARG A 676 -14.23 0.91 -18.11
C ARG A 676 -15.71 0.99 -18.43
N PHE A 677 -16.08 1.35 -19.65
CA PHE A 677 -17.48 1.51 -20.03
C PHE A 677 -18.00 0.21 -20.63
N ASP A 678 -19.15 -0.23 -20.15
CA ASP A 678 -19.72 -1.49 -20.61
C ASP A 678 -20.49 -1.31 -21.91
N ILE A 679 -21.53 -0.49 -21.90
CA ILE A 679 -22.35 -0.25 -23.07
C ILE A 679 -22.02 1.14 -23.61
N LEU A 680 -21.53 1.19 -24.84
CA LEU A 680 -21.18 2.44 -25.49
C LEU A 680 -22.03 2.58 -26.75
N CYS A 681 -22.90 3.58 -26.76
CA CYS A 681 -23.83 3.81 -27.85
C CYS A 681 -23.38 5.01 -28.68
N VAL A 682 -23.40 4.86 -30.00
CA VAL A 682 -23.09 5.93 -30.94
C VAL A 682 -24.35 6.25 -31.70
N VAL A 683 -24.77 7.51 -31.66
CA VAL A 683 -25.98 7.97 -32.34
C VAL A 683 -25.57 8.95 -33.42
N ARG A 684 -26.03 8.70 -34.65
CA ARG A 684 -25.69 9.53 -35.79
C ARG A 684 -26.90 10.30 -36.28
N ASP A 685 -26.66 11.50 -36.79
CA ASP A 685 -27.69 12.33 -37.39
C ASP A 685 -27.62 12.17 -38.90
N LEU A 686 -28.69 11.66 -39.50
CA LEU A 686 -28.72 11.37 -40.93
C LEU A 686 -29.96 11.97 -41.56
N VAL A 687 -29.86 12.21 -42.86
CA VAL A 687 -30.95 12.83 -43.62
C VAL A 687 -31.87 11.73 -44.14
N ASP A 688 -33.17 11.90 -43.87
CA ASP A 688 -34.16 10.95 -44.34
C ASP A 688 -35.47 11.69 -44.56
N GLU A 689 -36.36 11.08 -45.35
CA GLU A 689 -37.63 11.72 -45.68
C GLU A 689 -38.77 11.24 -44.76
N GLU A 690 -39.09 9.95 -44.82
CA GLU A 690 -40.20 9.46 -44.01
C GLU A 690 -39.85 9.44 -42.53
N ALA A 691 -38.58 9.20 -42.19
CA ALA A 691 -38.17 9.29 -40.80
C ALA A 691 -38.37 10.71 -40.26
N ASP A 692 -37.99 11.72 -41.05
CA ASP A 692 -38.22 13.10 -40.63
C ASP A 692 -39.70 13.39 -40.50
N GLU A 693 -40.52 12.91 -41.43
CA GLU A 693 -41.96 13.15 -41.34
C GLU A 693 -42.54 12.54 -40.08
N ARG A 694 -42.17 11.29 -39.78
CA ARG A 694 -42.69 10.64 -38.58
C ARG A 694 -42.22 11.33 -37.32
N LEU A 695 -40.95 11.72 -37.26
CA LEU A 695 -40.44 12.41 -36.08
C LEU A 695 -41.13 13.74 -35.88
N ALA A 696 -41.36 14.48 -36.97
CA ALA A 696 -42.07 15.75 -36.87
C ALA A 696 -43.49 15.55 -36.39
N THR A 697 -44.18 14.53 -36.90
CA THR A 697 -45.54 14.26 -36.45
C THR A 697 -45.55 13.96 -34.95
N PHE A 698 -44.61 13.13 -34.50
CA PHE A 698 -44.55 12.79 -33.08
C PHE A 698 -44.28 14.01 -32.23
N VAL A 699 -43.33 14.85 -32.65
CA VAL A 699 -42.97 16.03 -31.86
C VAL A 699 -44.13 17.00 -31.79
N VAL A 700 -44.82 17.23 -32.91
CA VAL A 700 -45.94 18.15 -32.91
C VAL A 700 -47.06 17.62 -32.03
N ASP A 701 -47.34 16.32 -32.11
CA ASP A 701 -48.38 15.77 -31.25
C ASP A 701 -47.98 15.82 -29.78
N SER A 702 -46.68 15.72 -29.50
CA SER A 702 -46.22 15.87 -28.12
C SER A 702 -46.43 17.28 -27.62
N HIS A 703 -46.10 18.29 -28.44
CA HIS A 703 -46.34 19.67 -28.04
C HIS A 703 -47.83 19.95 -27.82
N VAL A 704 -48.68 19.47 -28.73
CA VAL A 704 -50.11 19.73 -28.53
C VAL A 704 -50.65 18.90 -27.37
N ARG A 705 -49.99 17.79 -27.02
CA ARG A 705 -50.43 16.99 -25.89
C ARG A 705 -50.23 17.72 -24.56
N SER A 706 -49.10 18.40 -24.40
CA SER A 706 -48.70 18.99 -23.13
C SER A 706 -49.28 20.38 -22.93
N HIS A 707 -50.37 20.72 -23.60
CA HIS A 707 -50.94 22.05 -23.46
C HIS A 707 -51.56 22.21 -22.09
N PRO A 708 -51.26 23.30 -21.37
CA PRO A 708 -51.85 23.47 -20.03
C PRO A 708 -53.36 23.59 -20.05
N GLU A 709 -53.92 24.18 -21.10
CA GLU A 709 -55.38 24.26 -21.28
C GLU A 709 -55.79 23.03 -22.07
N ASN A 710 -56.06 21.93 -21.35
CA ASN A 710 -56.36 20.64 -21.95
C ASN A 710 -55.22 20.18 -22.85
N LEU A 738 -67.61 14.42 -8.57
CA LEU A 738 -66.75 14.07 -7.45
C LEU A 738 -65.83 15.22 -7.07
N ASN A 739 -64.80 14.91 -6.29
CA ASN A 739 -63.83 15.93 -5.91
C ASN A 739 -63.04 16.36 -7.14
N ALA A 740 -62.63 17.64 -7.13
CA ALA A 740 -61.89 18.18 -8.27
C ALA A 740 -60.53 17.52 -8.43
N ARG A 741 -59.86 17.22 -7.31
CA ARG A 741 -58.51 16.67 -7.39
C ARG A 741 -58.49 15.30 -8.06
N GLN A 742 -59.45 14.43 -7.73
CA GLN A 742 -59.48 13.11 -8.34
C GLN A 742 -59.83 13.19 -9.82
N ARG A 743 -60.68 14.14 -10.21
CA ARG A 743 -60.97 14.33 -11.63
C ARG A 743 -59.73 14.82 -12.38
N ARG A 744 -58.97 15.73 -11.76
CA ARG A 744 -57.68 16.12 -12.33
C ARG A 744 -56.76 14.91 -12.47
N LEU A 745 -56.72 14.06 -11.45
CA LEU A 745 -55.84 12.90 -11.48
C LEU A 745 -56.22 11.93 -12.58
N GLN A 746 -57.52 11.71 -12.77
CA GLN A 746 -57.94 10.80 -13.84
C GLN A 746 -57.70 11.41 -15.21
N ARG A 747 -57.81 12.74 -15.34
CA ARG A 747 -57.40 13.38 -16.58
C ARG A 747 -55.91 13.16 -16.84
N GLN A 748 -55.09 13.29 -15.81
CA GLN A 748 -53.66 13.04 -15.97
C GLN A 748 -53.39 11.60 -16.36
N ARG A 749 -54.13 10.66 -15.77
CA ARG A 749 -53.97 9.26 -16.11
C ARG A 749 -54.33 9.00 -17.57
N LYS A 750 -55.43 9.59 -18.04
CA LYS A 750 -55.80 9.45 -19.44
C LYS A 750 -54.73 10.04 -20.35
N LYS A 751 -54.17 11.19 -19.97
CA LYS A 751 -53.11 11.80 -20.77
C LYS A 751 -51.88 10.90 -20.82
N GLU A 752 -51.53 10.27 -19.70
CA GLU A 752 -50.30 9.51 -19.61
C GLU A 752 -50.40 8.12 -20.25
N GLU A 753 -51.61 7.53 -20.26
CA GLU A 753 -51.73 6.16 -20.74
C GLU A 753 -51.59 6.03 -22.24
N GLU A 754 -51.64 7.13 -22.99
CA GLU A 754 -51.59 7.05 -24.45
C GLU A 754 -50.19 6.88 -25.00
N ILE A 755 -49.15 7.07 -24.18
CA ILE A 755 -47.78 6.89 -24.64
C ILE A 755 -46.96 5.97 -23.76
N SER A 756 -47.34 5.75 -22.51
CA SER A 756 -46.60 4.87 -21.60
C SER A 756 -47.49 3.68 -21.24
N PRO A 757 -47.03 2.45 -21.47
CA PRO A 757 -47.87 1.28 -21.15
C PRO A 757 -48.23 1.16 -19.67
N ILE A 758 -47.40 1.65 -18.76
CA ILE A 758 -47.69 1.56 -17.33
C ILE A 758 -47.50 2.92 -16.66
N PRO A 759 -48.26 3.23 -15.60
CA PRO A 759 -48.06 4.50 -14.90
C PRO A 759 -46.68 4.61 -14.26
N GLN A 760 -46.18 5.85 -14.17
CA GLN A 760 -44.79 6.05 -13.81
C GLN A 760 -44.52 5.84 -12.32
N GLU A 761 -45.46 6.22 -11.46
CA GLU A 761 -45.22 6.00 -10.04
C GLU A 761 -45.13 4.50 -9.73
N LEU A 762 -45.97 3.71 -10.39
CA LEU A 762 -45.86 2.26 -10.27
C LEU A 762 -44.50 1.79 -10.78
N LEU A 763 -44.02 2.39 -11.85
CA LEU A 763 -42.70 2.02 -12.37
C LEU A 763 -41.60 2.36 -11.37
N MET A 764 -41.69 3.52 -10.71
CA MET A 764 -40.67 3.90 -9.74
C MET A 764 -40.64 2.94 -8.57
N LYS A 765 -41.82 2.61 -8.05
CA LYS A 765 -41.86 1.65 -6.95
C LYS A 765 -41.40 0.27 -7.40
N TYR A 766 -41.66 -0.09 -8.65
CA TYR A 766 -41.12 -1.33 -9.20
C TYR A 766 -39.60 -1.30 -9.24
N ILE A 767 -39.02 -0.17 -9.66
CA ILE A 767 -37.57 -0.04 -9.69
C ILE A 767 -37.01 -0.25 -8.30
N HIS A 768 -37.61 0.38 -7.30
CA HIS A 768 -37.12 0.26 -5.94
C HIS A 768 -37.23 -1.18 -5.44
N TYR A 769 -38.36 -1.83 -5.69
CA TYR A 769 -38.55 -3.21 -5.25
C TYR A 769 -37.53 -4.14 -5.89
N ALA A 770 -37.31 -3.98 -7.20
CA ALA A 770 -36.35 -4.82 -7.90
C ALA A 770 -34.94 -4.58 -7.41
N ARG A 771 -34.57 -3.32 -7.17
CA ARG A 771 -33.24 -3.05 -6.66
C ARG A 771 -33.05 -3.61 -5.26
N THR A 772 -34.13 -3.67 -4.47
CA THR A 772 -33.98 -4.08 -3.07
C THR A 772 -33.98 -5.60 -2.90
N LYS A 773 -35.04 -6.27 -3.34
CA LYS A 773 -35.24 -7.64 -2.88
C LYS A 773 -34.65 -8.70 -3.80
N ILE A 774 -34.98 -8.66 -5.09
CA ILE A 774 -34.64 -9.78 -5.97
C ILE A 774 -33.14 -9.80 -6.24
N TYR A 775 -32.55 -10.98 -6.07
CA TYR A 775 -31.14 -11.22 -6.42
C TYR A 775 -31.06 -12.43 -7.35
N PRO A 776 -30.75 -12.24 -8.63
CA PRO A 776 -30.68 -13.39 -9.53
C PRO A 776 -29.47 -14.27 -9.24
N LYS A 777 -29.59 -15.55 -9.62
CA LYS A 777 -28.51 -16.51 -9.49
C LYS A 777 -28.25 -17.14 -10.85
N LEU A 778 -26.99 -17.46 -11.10
CA LEU A 778 -26.52 -17.83 -12.43
C LEU A 778 -25.90 -19.22 -12.41
N HIS A 779 -26.65 -20.23 -12.88
CA HIS A 779 -26.16 -21.61 -12.88
C HIS A 779 -26.03 -22.18 -14.29
N GLN A 780 -27.09 -22.16 -15.09
CA GLN A 780 -27.12 -22.91 -16.35
C GLN A 780 -26.84 -21.99 -17.54
N MET A 781 -25.56 -21.61 -17.66
CA MET A 781 -25.13 -20.79 -18.77
C MET A 781 -24.14 -21.54 -19.64
N ASP A 782 -24.16 -21.23 -20.94
CA ASP A 782 -23.34 -21.94 -21.91
C ASP A 782 -21.89 -21.53 -21.78
N MET A 783 -21.05 -22.47 -21.33
CA MET A 783 -19.63 -22.20 -21.18
C MET A 783 -18.98 -21.89 -22.51
N ASP A 784 -19.16 -22.79 -23.49
CA ASP A 784 -18.41 -22.69 -24.73
C ASP A 784 -18.91 -21.53 -25.58
N LYS A 785 -20.20 -21.24 -25.56
CA LYS A 785 -20.73 -20.13 -26.36
C LYS A 785 -20.09 -18.82 -25.93
N VAL A 786 -20.13 -18.51 -24.63
CA VAL A 786 -19.56 -17.26 -24.15
C VAL A 786 -18.05 -17.24 -24.33
N SER A 787 -17.39 -18.38 -24.09
CA SER A 787 -15.94 -18.43 -24.27
C SER A 787 -15.55 -18.14 -25.72
N ARG A 788 -16.25 -18.75 -26.67
CA ARG A 788 -15.96 -18.52 -28.08
C ARG A 788 -16.28 -17.08 -28.47
N VAL A 789 -17.37 -16.52 -27.95
CA VAL A 789 -17.70 -15.13 -28.27
C VAL A 789 -16.59 -14.21 -27.80
N TYR A 790 -16.13 -14.42 -26.57
CA TYR A 790 -15.06 -13.57 -26.06
C TYR A 790 -13.78 -13.74 -26.85
N ALA A 791 -13.47 -14.98 -27.25
CA ALA A 791 -12.29 -15.19 -28.08
C ALA A 791 -12.41 -14.49 -29.42
N ASP A 792 -13.62 -14.50 -30.00
CA ASP A 792 -13.83 -13.84 -31.28
C ASP A 792 -13.68 -12.33 -31.14
N LEU A 793 -14.24 -11.75 -30.08
CA LEU A 793 -14.06 -10.31 -29.85
C LEU A 793 -12.61 -9.95 -29.55
N ARG A 794 -11.86 -10.85 -28.90
CA ARG A 794 -10.43 -10.62 -28.73
C ARG A 794 -9.73 -10.62 -30.08
N ARG A 795 -10.10 -11.55 -30.95
CA ARG A 795 -9.73 -11.42 -32.35
C ARG A 795 -10.40 -10.17 -32.92
N GLU A 796 -9.96 -9.78 -34.11
CA GLU A 796 -10.39 -8.51 -34.72
C GLU A 796 -10.03 -7.42 -33.72
N SER A 797 -10.95 -6.53 -33.34
CA SER A 797 -10.73 -5.53 -32.30
C SER A 797 -9.46 -4.74 -32.65
N ILE A 798 -8.55 -4.52 -31.71
CA ILE A 798 -7.35 -3.75 -32.01
C ILE A 798 -6.49 -4.46 -33.04
N SER A 799 -6.53 -5.80 -33.07
CA SER A 799 -5.74 -6.54 -34.04
C SER A 799 -6.14 -6.21 -35.48
N THR A 800 -7.34 -5.68 -35.71
CA THR A 800 -7.73 -5.24 -37.04
C THR A 800 -8.26 -3.81 -37.02
N GLY A 801 -8.87 -3.40 -35.92
CA GLY A 801 -9.45 -2.08 -35.82
C GLY A 801 -8.81 -1.22 -34.75
N SER A 802 -9.63 -0.53 -33.95
CA SER A 802 -9.10 0.41 -32.97
C SER A 802 -9.71 0.24 -31.59
N PHE A 803 -10.95 -0.24 -31.53
CA PHE A 803 -11.65 -0.29 -30.25
C PHE A 803 -11.00 -1.30 -29.32
N PRO A 804 -10.76 -0.96 -28.05
CA PRO A 804 -10.14 -1.90 -27.13
C PRO A 804 -11.15 -2.78 -26.41
N ILE A 805 -10.81 -4.06 -26.29
CA ILE A 805 -11.63 -5.05 -25.62
C ILE A 805 -10.76 -5.78 -24.60
N THR A 806 -11.27 -5.91 -23.37
CA THR A 806 -10.54 -6.58 -22.31
C THR A 806 -11.48 -7.52 -21.58
N VAL A 807 -10.95 -8.19 -20.56
CA VAL A 807 -11.72 -9.18 -19.79
C VAL A 807 -12.92 -8.53 -19.12
N ARG A 808 -12.86 -7.22 -18.89
CA ARG A 808 -13.95 -6.54 -18.19
C ARG A 808 -15.25 -6.61 -18.98
N HIS A 809 -15.16 -6.76 -20.30
CA HIS A 809 -16.38 -6.89 -21.10
C HIS A 809 -17.09 -8.21 -20.86
N LEU A 810 -16.36 -9.27 -20.53
CA LEU A 810 -17.00 -10.53 -20.16
C LEU A 810 -17.82 -10.38 -18.89
N GLU A 811 -17.23 -9.74 -17.87
CA GLU A 811 -17.99 -9.43 -16.67
C GLU A 811 -19.17 -8.51 -17.00
N SER A 812 -19.00 -7.63 -17.98
CA SER A 812 -20.11 -6.77 -18.40
C SER A 812 -21.24 -7.59 -19.00
N ILE A 813 -20.91 -8.60 -19.80
CA ILE A 813 -21.93 -9.48 -20.36
C ILE A 813 -22.67 -10.19 -19.24
N LEU A 814 -21.92 -10.71 -18.27
CA LEU A 814 -22.55 -11.40 -17.14
C LEU A 814 -23.48 -10.46 -16.37
N ARG A 815 -23.03 -9.22 -16.13
CA ARG A 815 -23.84 -8.26 -15.39
C ARG A 815 -25.10 -7.88 -16.17
N ILE A 816 -24.98 -7.71 -17.48
CA ILE A 816 -26.15 -7.39 -18.28
C ILE A 816 -27.16 -8.53 -18.24
N ALA A 817 -26.68 -9.77 -18.32
CA ALA A 817 -27.58 -10.90 -18.19
C ALA A 817 -28.27 -10.91 -16.83
N GLU A 818 -27.52 -10.62 -15.77
CA GLU A 818 -28.12 -10.57 -14.44
C GLU A 818 -29.17 -9.49 -14.35
N SER A 819 -28.92 -8.33 -14.96
CA SER A 819 -29.91 -7.25 -14.97
C SER A 819 -31.17 -7.67 -15.70
N PHE A 820 -31.02 -8.32 -16.86
CA PHE A 820 -32.19 -8.79 -17.59
C PHE A 820 -32.98 -9.79 -16.77
N ALA A 821 -32.29 -10.64 -16.01
CA ALA A 821 -32.98 -11.53 -15.09
C ALA A 821 -33.71 -10.74 -14.02
N LYS A 822 -33.09 -9.66 -13.52
CA LYS A 822 -33.74 -8.81 -12.53
C LYS A 822 -35.02 -8.20 -13.06
N MET A 823 -35.07 -7.91 -14.37
CA MET A 823 -36.22 -7.21 -14.93
C MET A 823 -37.52 -7.97 -14.70
N ARG A 824 -37.47 -9.30 -14.65
CA ARG A 824 -38.67 -10.12 -14.53
C ARG A 824 -38.96 -10.56 -13.11
N LEU A 825 -38.18 -10.10 -12.13
CA LEU A 825 -38.31 -10.53 -10.74
C LEU A 825 -38.13 -12.05 -10.62
N SER A 826 -37.02 -12.54 -11.16
CA SER A 826 -36.67 -13.95 -11.13
C SER A 826 -35.33 -14.13 -10.42
N GLU A 827 -35.23 -15.21 -9.66
CA GLU A 827 -34.00 -15.50 -8.91
C GLU A 827 -32.97 -16.27 -9.72
N PHE A 828 -33.30 -16.73 -10.91
CA PHE A 828 -32.39 -17.56 -11.70
C PHE A 828 -32.36 -17.06 -13.14
N VAL A 829 -31.15 -16.92 -13.68
CA VAL A 829 -30.98 -16.46 -15.05
C VAL A 829 -31.39 -17.56 -16.01
N SER A 830 -32.18 -17.20 -17.02
CA SER A 830 -32.55 -18.12 -18.08
C SER A 830 -31.73 -17.85 -19.34
N SER A 831 -31.87 -18.74 -20.32
CA SER A 831 -31.07 -18.63 -21.53
C SER A 831 -31.48 -17.43 -22.38
N TYR A 832 -32.76 -17.08 -22.37
CA TYR A 832 -33.23 -15.95 -23.18
C TYR A 832 -32.56 -14.65 -22.76
N ASP A 833 -32.39 -14.45 -21.45
CA ASP A 833 -31.71 -13.25 -20.97
C ASP A 833 -30.25 -13.24 -21.42
N LEU A 834 -29.60 -14.39 -21.42
CA LEU A 834 -28.24 -14.47 -21.93
C LEU A 834 -28.18 -14.11 -23.40
N ASP A 835 -29.16 -14.60 -24.18
CA ASP A 835 -29.22 -14.24 -25.60
C ASP A 835 -29.41 -12.75 -25.79
N ARG A 836 -30.29 -12.13 -25.01
CA ARG A 836 -30.50 -10.69 -25.11
C ARG A 836 -29.23 -9.92 -24.77
N ALA A 837 -28.54 -10.34 -23.71
CA ALA A 837 -27.31 -9.66 -23.31
C ALA A 837 -26.25 -9.77 -24.39
N ILE A 838 -26.04 -10.97 -24.93
CA ILE A 838 -25.02 -11.15 -25.95
C ILE A 838 -25.40 -10.36 -27.20
N LYS A 839 -26.69 -10.30 -27.53
CA LYS A 839 -27.13 -9.51 -28.68
C LYS A 839 -26.78 -8.04 -28.47
N VAL A 840 -27.08 -7.52 -27.28
CA VAL A 840 -26.82 -6.10 -27.02
C VAL A 840 -25.33 -5.81 -27.14
N VAL A 841 -24.50 -6.66 -26.54
CA VAL A 841 -23.06 -6.38 -26.53
C VAL A 841 -22.49 -6.46 -27.95
N VAL A 842 -22.85 -7.51 -28.70
CA VAL A 842 -22.29 -7.65 -30.04
C VAL A 842 -22.78 -6.53 -30.95
N ASP A 843 -24.04 -6.11 -30.80
CA ASP A 843 -24.53 -5.00 -31.61
C ASP A 843 -23.79 -3.70 -31.29
N SER A 844 -23.56 -3.45 -29.99
CA SER A 844 -22.84 -2.25 -29.59
C SER A 844 -21.43 -2.25 -30.16
N PHE A 845 -20.78 -3.41 -30.19
CA PHE A 845 -19.44 -3.46 -30.79
C PHE A 845 -19.51 -3.30 -32.31
N VAL A 846 -20.52 -3.88 -32.95
CA VAL A 846 -20.60 -3.87 -34.40
C VAL A 846 -20.82 -2.45 -34.91
N ASP A 847 -21.78 -1.73 -34.33
CA ASP A 847 -22.15 -0.43 -34.86
C ASP A 847 -21.17 0.68 -34.49
N ALA A 848 -19.97 0.35 -34.05
CA ALA A 848 -18.95 1.33 -33.73
C ALA A 848 -17.73 1.18 -34.64
N GLN A 849 -17.93 0.66 -35.84
CA GLN A 849 -16.85 0.42 -36.78
C GLN A 849 -17.06 1.24 -38.04
N LYS A 850 -16.04 1.24 -38.90
CA LYS A 850 -16.12 1.93 -40.17
C LYS A 850 -17.16 1.27 -41.07
N VAL A 851 -17.71 2.06 -42.00
CA VAL A 851 -18.70 1.54 -42.94
C VAL A 851 -18.11 0.56 -43.93
N SER A 852 -16.78 0.50 -44.04
CA SER A 852 -16.17 -0.42 -44.99
C SER A 852 -16.30 -1.87 -44.55
N VAL A 853 -16.29 -2.12 -43.24
CA VAL A 853 -16.32 -3.47 -42.71
C VAL A 853 -17.55 -3.75 -41.87
N ARG A 854 -18.48 -2.81 -41.76
CA ARG A 854 -19.64 -2.99 -40.91
C ARG A 854 -20.49 -4.16 -41.36
N ARG A 855 -20.80 -4.22 -42.66
CA ARG A 855 -21.63 -5.31 -43.17
C ARG A 855 -20.93 -6.66 -43.03
N GLN A 856 -19.62 -6.69 -43.30
CA GLN A 856 -18.89 -7.95 -43.19
C GLN A 856 -18.89 -8.46 -41.76
N LEU A 857 -18.63 -7.58 -40.79
CA LEU A 857 -18.69 -8.02 -39.40
C LEU A 857 -20.10 -8.43 -39.00
N ARG A 858 -21.11 -7.71 -39.52
CA ARG A 858 -22.48 -8.03 -39.18
C ARG A 858 -22.87 -9.43 -39.65
N ARG A 859 -22.46 -9.79 -40.88
CA ARG A 859 -22.73 -11.15 -41.35
C ARG A 859 -21.80 -12.17 -40.68
N SER A 860 -20.66 -11.74 -40.17
CA SER A 860 -19.77 -12.67 -39.47
C SER A 860 -20.33 -13.06 -38.11
N PHE A 861 -20.93 -12.12 -37.39
CA PHE A 861 -21.40 -12.34 -36.03
C PHE A 861 -22.86 -12.80 -35.97
N ALA A 862 -23.40 -13.32 -37.06
CA ALA A 862 -24.81 -13.67 -37.09
C ALA A 862 -25.11 -15.02 -36.46
N ILE A 863 -24.10 -15.78 -36.05
CA ILE A 863 -24.34 -17.13 -35.57
C ILE A 863 -24.55 -17.19 -34.06
N TYR A 864 -23.94 -16.28 -33.30
CA TYR A 864 -24.12 -16.30 -31.86
C TYR A 864 -25.48 -15.75 -31.44
N THR A 865 -25.96 -14.73 -32.14
CA THR A 865 -27.25 -14.10 -31.86
C THR A 865 -28.34 -14.61 -32.80
N LEU A 866 -28.29 -15.89 -33.14
CA LEU A 866 -29.19 -16.43 -34.17
C LEU A 866 -30.65 -16.26 -33.79
N GLY A 867 -31.00 -16.57 -32.55
CA GLY A 867 -32.37 -16.43 -32.08
C GLY A 867 -33.35 -17.33 -32.81
N ASP B 53 11.19 12.76 63.62
CA ASP B 53 11.49 12.96 65.03
C ASP B 53 12.98 12.75 65.29
N ALA B 54 13.33 11.64 65.95
CA ALA B 54 14.73 11.29 66.19
C ALA B 54 15.32 10.46 65.07
N VAL B 55 14.49 9.93 64.17
CA VAL B 55 15.00 9.22 63.01
C VAL B 55 15.84 10.15 62.14
N PHE B 56 15.43 11.42 62.04
CA PHE B 56 16.22 12.41 61.32
C PHE B 56 17.61 12.56 61.94
N GLY B 57 17.67 12.64 63.27
CA GLY B 57 18.95 12.77 63.93
C GLY B 57 19.83 11.55 63.73
N ASP B 58 19.23 10.35 63.82
CA ASP B 58 20.01 9.14 63.63
C ASP B 58 20.56 9.07 62.21
N ARG B 59 19.73 9.39 61.21
CA ARG B 59 20.20 9.39 59.84
C ARG B 59 21.29 10.44 59.64
N VAL B 60 21.14 11.61 60.27
CA VAL B 60 22.13 12.67 60.12
C VAL B 60 23.47 12.23 60.69
N ARG B 61 23.45 11.63 61.89
CA ARG B 61 24.72 11.20 62.48
C ARG B 61 25.33 10.02 61.73
N ARG B 62 24.50 9.13 61.19
CA ARG B 62 25.05 8.05 60.36
C ARG B 62 25.71 8.60 59.11
N PHE B 63 25.07 9.59 58.46
CA PHE B 63 25.68 10.22 57.31
C PHE B 63 26.96 10.96 57.69
N GLN B 64 26.99 11.54 58.88
CA GLN B 64 28.22 12.18 59.35
C GLN B 64 29.33 11.15 59.50
N GLU B 65 29.01 9.98 60.05
CA GLU B 65 29.99 8.91 60.13
C GLU B 65 30.48 8.51 58.75
N PHE B 66 29.56 8.37 57.80
CA PHE B 66 29.93 8.00 56.44
C PHE B 66 30.85 9.04 55.82
N LEU B 67 30.52 10.32 56.01
CA LEU B 67 31.37 11.38 55.47
C LEU B 67 32.75 11.37 56.12
N ASP B 68 32.80 11.06 57.42
CA ASP B 68 34.08 11.00 58.10
C ASP B 68 34.90 9.80 57.65
N THR B 69 34.24 8.74 57.18
CA THR B 69 34.97 7.56 56.73
C THR B 69 35.85 7.88 55.52
N PHE B 70 35.32 8.64 54.56
CA PHE B 70 36.03 8.98 53.34
C PHE B 70 36.64 10.37 53.45
N THR B 71 37.77 10.57 52.78
CA THR B 71 38.52 11.81 52.88
C THR B 71 38.53 12.65 51.62
N SER B 72 38.02 12.14 50.49
CA SER B 72 38.04 12.90 49.26
C SER B 72 37.09 14.09 49.33
N TYR B 73 35.88 13.86 49.84
CA TYR B 73 34.86 14.91 49.85
C TYR B 73 35.29 16.08 50.75
N ARG B 74 35.92 15.78 51.89
CA ARG B 74 36.40 16.85 52.76
C ARG B 74 37.49 17.66 52.07
N ASP B 75 38.36 16.99 51.30
CA ASP B 75 39.36 17.71 50.53
C ASP B 75 38.71 18.63 49.51
N SER B 76 37.67 18.14 48.83
CA SER B 76 36.95 18.99 47.88
C SER B 76 36.33 20.19 48.57
N VAL B 77 35.75 19.97 49.75
CA VAL B 77 35.10 21.06 50.48
C VAL B 77 36.11 22.12 50.89
N ARG B 78 37.26 21.69 51.41
CA ARG B 78 38.25 22.67 51.81
C ARG B 78 38.85 23.39 50.61
N SER B 79 39.00 22.70 49.48
CA SER B 79 39.45 23.37 48.26
C SER B 79 38.46 24.43 47.82
N ILE B 80 37.17 24.11 47.87
CA ILE B 80 36.14 25.09 47.50
C ILE B 80 36.20 26.27 48.45
N GLN B 81 36.33 26.02 49.75
CA GLN B 81 36.37 27.10 50.72
C GLN B 81 37.58 28.01 50.49
N VAL B 82 38.75 27.42 50.26
CA VAL B 82 39.94 28.25 50.08
C VAL B 82 39.86 29.03 48.78
N TYR B 83 39.28 28.44 47.73
CA TYR B 83 39.09 29.19 46.49
C TYR B 83 38.15 30.37 46.69
N ASN B 84 37.05 30.15 47.41
CA ASN B 84 36.11 31.22 47.67
C ASN B 84 36.76 32.33 48.49
N SER B 85 37.55 31.97 49.51
CA SER B 85 38.24 32.98 50.29
C SER B 85 39.26 33.73 49.46
N ASN B 86 39.97 33.03 48.58
CA ASN B 86 40.97 33.68 47.73
C ASN B 86 40.33 34.62 46.73
N ASN B 87 39.11 34.33 46.31
CA ASN B 87 38.41 35.20 45.38
C ASN B 87 37.71 36.38 46.06
N ALA B 88 38.01 36.65 47.33
CA ALA B 88 37.26 37.66 48.08
C ALA B 88 37.72 39.08 47.74
N ALA B 89 38.99 39.39 48.00
CA ALA B 89 39.49 40.75 47.83
C ALA B 89 40.93 40.75 47.35
N ASN B 90 41.25 39.91 46.37
CA ASN B 90 42.60 39.81 45.83
C ASN B 90 42.62 40.33 44.40
N TYR B 91 43.61 41.17 44.09
CA TYR B 91 43.68 41.86 42.81
C TYR B 91 43.90 40.90 41.65
N LEU B 124 36.66 36.31 38.38
CA LEU B 124 35.24 36.55 38.58
C LEU B 124 34.51 35.24 38.87
N ASN B 125 35.21 34.13 38.64
CA ASN B 125 34.59 32.82 38.81
C ASN B 125 34.37 32.50 40.28
N ILE B 126 33.25 31.86 40.57
CA ILE B 126 32.95 31.36 41.91
C ILE B 126 32.51 29.91 41.80
N LEU B 127 32.64 29.19 42.90
CA LEU B 127 32.33 27.77 42.94
C LEU B 127 31.04 27.53 43.71
N PRO B 128 30.01 26.98 43.08
CA PRO B 128 28.76 26.74 43.80
C PRO B 128 28.91 25.64 44.85
N HIS B 129 28.03 25.69 45.85
CA HIS B 129 28.06 24.75 46.97
C HIS B 129 27.39 23.45 46.54
N ARG B 130 28.11 22.66 45.75
CA ARG B 130 27.64 21.35 45.31
C ARG B 130 28.81 20.39 45.28
N ILE B 131 28.58 19.18 45.79
CA ILE B 131 29.57 18.12 45.79
C ILE B 131 28.94 16.85 45.25
N ILE B 132 29.71 16.08 44.49
CA ILE B 132 29.23 14.87 43.84
C ILE B 132 29.71 13.67 44.65
N ILE B 133 28.78 12.81 45.05
CA ILE B 133 29.12 11.58 45.73
C ILE B 133 28.98 10.43 44.74
N SER B 134 29.69 9.34 45.01
CA SER B 134 29.60 8.12 44.22
C SER B 134 28.91 7.07 45.09
N LEU B 135 27.64 6.82 44.82
CA LEU B 135 26.87 5.96 45.70
C LEU B 135 27.32 4.50 45.65
N ASP B 136 28.28 4.16 44.80
CA ASP B 136 28.90 2.83 44.91
C ASP B 136 29.60 2.67 46.26
N ASP B 137 30.35 3.70 46.68
CA ASP B 137 30.97 3.65 48.00
C ASP B 137 29.93 3.61 49.10
N LEU B 138 28.84 4.35 48.93
CA LEU B 138 27.76 4.33 49.92
C LEU B 138 27.14 2.95 50.03
N ARG B 139 26.95 2.27 48.89
CA ARG B 139 26.45 0.90 48.93
C ARG B 139 27.44 -0.02 49.61
N GLU B 140 28.74 0.14 49.31
CA GLU B 140 29.76 -0.69 49.95
C GLU B 140 29.87 -0.40 51.45
N PHE B 141 29.41 0.75 51.91
CA PHE B 141 29.40 1.07 53.33
C PHE B 141 28.14 0.56 54.02
N ASP B 142 26.98 1.05 53.58
CA ASP B 142 25.69 0.66 54.17
C ASP B 142 24.71 0.37 53.06
N ARG B 143 24.12 -0.82 53.08
CA ARG B 143 23.09 -1.15 52.11
C ARG B 143 21.74 -0.53 52.47
N SER B 144 21.44 -0.42 53.77
CA SER B 144 20.13 0.10 54.18
C SER B 144 19.95 1.55 53.74
N PHE B 145 20.95 2.39 53.98
CA PHE B 145 20.83 3.81 53.64
C PHE B 145 20.81 4.00 52.12
N TRP B 146 21.63 3.22 51.40
CA TRP B 146 21.63 3.27 49.95
C TRP B 146 20.27 2.87 49.38
N SER B 147 19.69 1.79 49.90
CA SER B 147 18.36 1.38 49.46
C SER B 147 17.32 2.43 49.79
N GLY B 148 17.42 3.05 50.97
CA GLY B 148 16.48 4.11 51.31
C GLY B 148 16.55 5.29 50.36
N ILE B 149 17.76 5.65 49.95
CA ILE B 149 17.91 6.73 48.96
C ILE B 149 17.28 6.31 47.64
N LEU B 150 17.63 5.14 47.13
CA LEU B 150 17.18 4.76 45.80
C LEU B 150 15.72 4.33 45.73
N VAL B 151 15.05 4.12 46.86
CA VAL B 151 13.64 3.76 46.85
C VAL B 151 12.76 4.92 47.24
N GLU B 152 13.08 5.61 48.33
CA GLU B 152 12.31 6.76 48.82
C GLU B 152 13.27 7.89 49.15
N PRO B 153 13.66 8.68 48.15
CA PRO B 153 14.59 9.79 48.41
C PRO B 153 14.02 10.87 49.31
N ALA B 154 12.69 10.95 49.45
CA ALA B 154 12.09 12.04 50.21
C ALA B 154 12.52 12.02 51.66
N TYR B 155 12.59 10.83 52.27
CA TYR B 155 12.94 10.71 53.68
C TYR B 155 14.43 10.50 53.90
N PHE B 156 15.25 10.55 52.85
CA PHE B 156 16.67 10.26 52.99
C PHE B 156 17.58 11.38 52.53
N ILE B 157 17.24 12.06 51.43
CA ILE B 157 18.11 13.14 50.94
C ILE B 157 18.21 14.30 51.91
N PRO B 158 17.11 14.84 52.46
CA PRO B 158 17.23 16.01 53.33
C PRO B 158 18.11 15.78 54.54
N PRO B 159 18.05 14.62 55.21
CA PRO B 159 19.00 14.39 56.30
C PRO B 159 20.46 14.43 55.85
N ALA B 160 20.75 13.87 54.68
CA ALA B 160 22.11 13.92 54.16
C ALA B 160 22.53 15.35 53.89
N GLU B 161 21.64 16.15 53.30
CA GLU B 161 21.98 17.54 53.03
C GLU B 161 22.19 18.32 54.32
N LYS B 162 21.37 18.05 55.33
CA LYS B 162 21.54 18.71 56.62
C LYS B 162 22.87 18.36 57.27
N ALA B 163 23.23 17.08 57.24
CA ALA B 163 24.51 16.67 57.81
C ALA B 163 25.68 17.29 57.05
N LEU B 164 25.58 17.35 55.72
CA LEU B 164 26.63 17.98 54.94
C LEU B 164 26.75 19.46 55.27
N THR B 165 25.63 20.15 55.43
CA THR B 165 25.66 21.56 55.80
C THR B 165 26.30 21.74 57.17
N ASP B 166 25.97 20.87 58.13
CA ASP B 166 26.57 20.97 59.45
C ASP B 166 28.07 20.76 59.40
N LEU B 167 28.53 19.77 58.62
CA LEU B 167 29.97 19.53 58.49
C LEU B 167 30.66 20.72 57.83
N ALA B 168 30.07 21.28 56.78
CA ALA B 168 30.67 22.45 56.12
C ALA B 168 30.73 23.62 57.07
N ASP B 169 29.69 23.83 57.86
CA ASP B 169 29.68 24.91 58.84
C ASP B 169 30.77 24.73 59.88
N SER B 170 30.92 23.50 60.40
CA SER B 170 31.96 23.25 61.39
C SER B 170 33.34 23.47 60.80
N MET B 171 33.58 23.02 59.57
CA MET B 171 34.86 23.24 58.93
C MET B 171 35.07 24.71 58.60
N ASP B 172 33.99 25.44 58.36
CA ASP B 172 34.10 26.86 58.05
C ASP B 172 34.60 27.65 59.26
N ASP B 173 35.45 28.65 58.98
CA ASP B 173 36.02 29.49 60.04
C ASP B 173 36.22 30.89 59.48
N VAL B 174 35.24 31.76 59.72
CA VAL B 174 35.30 33.14 59.25
C VAL B 174 35.08 34.07 60.44
N PRO B 175 36.14 34.48 61.14
CA PRO B 175 35.96 35.40 62.28
C PRO B 175 35.38 36.75 61.90
N HIS B 176 35.63 37.23 60.69
CA HIS B 176 35.21 38.57 60.26
C HIS B 176 34.40 38.45 58.97
N PRO B 177 33.12 38.07 59.07
CA PRO B 177 32.30 37.92 57.86
C PRO B 177 31.62 39.22 57.46
N ASN B 178 30.89 39.17 56.35
CA ASN B 178 30.07 40.30 55.92
C ASN B 178 28.71 40.22 56.61
N ALA B 179 27.75 41.04 56.16
CA ALA B 179 26.44 41.12 56.79
C ALA B 179 25.35 40.50 55.93
N SER B 180 25.20 40.96 54.69
CA SER B 180 24.14 40.43 53.84
C SER B 180 24.47 39.04 53.31
N ALA B 181 25.75 38.77 53.06
CA ALA B 181 26.14 37.49 52.46
C ALA B 181 26.10 36.35 53.47
N VAL B 182 26.34 36.63 54.75
CA VAL B 182 26.40 35.56 55.75
C VAL B 182 25.03 34.94 55.98
N SER B 183 23.96 35.66 55.67
CA SER B 183 22.60 35.18 55.90
C SER B 183 22.04 34.39 54.71
N SER B 184 22.91 33.96 53.80
CA SER B 184 22.45 33.17 52.65
C SER B 184 21.97 31.79 53.09
N ARG B 185 22.77 31.10 53.90
CA ARG B 185 22.48 29.75 54.39
C ARG B 185 22.28 28.78 53.23
N HIS B 186 23.30 28.70 52.37
CA HIS B 186 23.29 27.74 51.28
C HIS B 186 23.42 26.32 51.83
N PRO B 187 22.50 25.41 51.50
CA PRO B 187 22.48 24.09 52.15
C PRO B 187 23.36 23.03 51.52
N TRP B 188 24.12 23.35 50.46
CA TRP B 188 25.07 22.41 49.86
C TRP B 188 24.37 21.14 49.37
N LYS B 189 23.49 21.31 48.38
CA LYS B 189 22.79 20.14 47.85
C LYS B 189 23.76 19.27 47.05
N LEU B 190 23.35 18.01 46.85
CA LEU B 190 24.23 16.95 46.40
C LEU B 190 24.02 16.60 44.93
N SER B 191 24.99 15.88 44.38
CA SER B 191 24.90 15.28 43.07
C SER B 191 25.42 13.85 43.14
N PHE B 192 24.96 13.01 42.22
CA PHE B 192 25.23 11.58 42.28
C PHE B 192 25.93 11.10 41.02
N LYS B 193 26.67 10.00 41.18
CA LYS B 193 27.28 9.29 40.08
C LYS B 193 27.49 7.84 40.50
N GLY B 194 27.38 6.93 39.54
CA GLY B 194 27.58 5.53 39.81
C GLY B 194 26.60 4.68 39.04
N SER B 195 26.52 3.42 39.42
CA SER B 195 25.69 2.45 38.71
C SER B 195 24.29 2.42 39.31
N PHE B 196 23.28 2.60 38.47
CA PHE B 196 21.88 2.60 38.89
C PHE B 196 21.18 1.29 38.63
N GLY B 197 21.42 0.67 37.48
CA GLY B 197 20.81 -0.62 37.18
C GLY B 197 19.40 -0.50 36.63
N ALA B 198 18.41 -0.87 37.44
CA ALA B 198 17.02 -0.87 37.00
C ALA B 198 16.36 0.49 37.09
N HIS B 199 17.07 1.52 37.55
CA HIS B 199 16.52 2.86 37.69
C HIS B 199 17.08 3.83 36.65
N ALA B 200 17.63 3.32 35.56
CA ALA B 200 18.04 4.13 34.42
C ALA B 200 17.05 3.85 33.29
N LEU B 201 16.17 4.81 33.02
CA LEU B 201 15.04 4.58 32.14
C LEU B 201 15.10 5.51 30.93
N SER B 202 14.03 5.49 30.15
CA SER B 202 13.84 6.33 28.97
C SER B 202 12.49 7.01 29.10
N PRO B 203 12.29 8.13 28.41
CA PRO B 203 11.03 8.88 28.59
C PRO B 203 9.78 8.09 28.25
N ARG B 204 9.89 7.03 27.43
CA ARG B 204 8.73 6.20 27.14
C ARG B 204 8.43 5.22 28.26
N THR B 205 9.46 4.75 28.97
CA THR B 205 9.27 3.70 29.98
C THR B 205 8.79 4.22 31.32
N LEU B 206 8.85 5.53 31.57
CA LEU B 206 8.45 6.08 32.85
C LEU B 206 6.94 5.93 33.04
N THR B 207 6.53 5.41 34.19
CA THR B 207 5.13 5.11 34.42
C THR B 207 4.85 5.18 35.92
N ALA B 208 3.68 4.67 36.31
CA ALA B 208 3.17 4.91 37.66
C ALA B 208 4.07 4.32 38.74
N GLN B 209 4.55 3.09 38.54
CA GLN B 209 5.29 2.44 39.62
C GLN B 209 6.66 3.05 39.84
N HIS B 210 7.14 3.92 38.96
CA HIS B 210 8.43 4.57 39.13
C HIS B 210 8.33 5.90 39.86
N LEU B 211 7.15 6.31 40.29
CA LEU B 211 7.00 7.59 40.97
C LEU B 211 7.67 7.55 42.33
N ASN B 212 8.08 8.74 42.79
CA ASN B 212 8.69 8.94 44.11
C ASN B 212 10.03 8.21 44.25
N LYS B 213 10.70 7.91 43.13
CA LYS B 213 11.95 7.17 43.17
C LYS B 213 13.00 7.90 42.36
N LEU B 214 14.20 8.04 42.92
CA LEU B 214 15.30 8.65 42.19
C LEU B 214 15.56 7.88 40.90
N VAL B 215 15.69 8.60 39.79
CA VAL B 215 15.88 7.99 38.49
C VAL B 215 16.92 8.80 37.71
N SER B 216 17.36 8.22 36.59
CA SER B 216 18.26 8.89 35.67
C SER B 216 17.78 8.60 34.26
N VAL B 217 17.36 9.63 33.54
CA VAL B 217 16.79 9.49 32.21
C VAL B 217 17.66 10.20 31.20
N GLU B 218 17.81 9.58 30.03
CA GLU B 218 18.57 10.13 28.92
C GLU B 218 17.61 10.73 27.90
N GLY B 219 18.14 11.59 27.05
CA GLY B 219 17.32 12.11 25.97
C GLY B 219 17.98 13.27 25.26
N ILE B 220 17.16 13.98 24.49
CA ILE B 220 17.57 15.11 23.68
C ILE B 220 16.82 16.33 24.17
N VAL B 221 17.48 17.49 24.12
CA VAL B 221 16.88 18.73 24.62
C VAL B 221 16.00 19.33 23.54
N THR B 222 14.71 19.48 23.84
CA THR B 222 13.75 19.98 22.86
C THR B 222 13.60 21.49 22.93
N LYS B 223 13.18 22.02 24.07
CA LYS B 223 13.02 23.45 24.21
C LYS B 223 13.31 23.85 25.65
N THR B 224 13.67 25.12 25.83
CA THR B 224 14.00 25.67 27.13
C THR B 224 13.15 26.90 27.39
N SER B 225 12.80 27.11 28.66
CA SER B 225 12.03 28.27 29.06
C SER B 225 12.97 29.42 29.41
N LEU B 226 12.43 30.47 30.01
CA LEU B 226 13.19 31.66 30.35
C LEU B 226 13.62 31.64 31.82
N VAL B 227 14.81 32.14 32.08
CA VAL B 227 15.32 32.22 33.45
C VAL B 227 14.52 33.27 34.20
N ARG B 228 13.92 32.88 35.32
CA ARG B 228 13.16 33.81 36.14
C ARG B 228 13.53 33.61 37.61
N PRO B 229 13.85 34.68 38.33
CA PRO B 229 14.10 34.55 39.77
C PRO B 229 12.81 34.31 40.53
N LYS B 230 12.94 33.63 41.67
CA LYS B 230 11.84 33.43 42.59
C LYS B 230 12.32 33.66 44.01
N LEU B 231 11.40 34.05 44.88
CA LEU B 231 11.70 34.45 46.24
C LEU B 231 11.67 33.23 47.17
N ILE B 232 12.48 33.29 48.23
CA ILE B 232 12.46 32.24 49.24
C ILE B 232 12.17 32.84 50.61
N ARG B 233 13.07 33.72 51.05
CA ARG B 233 13.02 34.26 52.41
C ARG B 233 13.27 35.76 52.33
N SER B 234 12.30 36.54 52.79
CA SER B 234 12.38 37.99 52.74
C SER B 234 12.89 38.54 54.07
N VAL B 235 13.33 39.80 54.03
CA VAL B 235 13.85 40.49 55.20
C VAL B 235 13.11 41.80 55.37
N HIS B 236 12.61 42.05 56.57
CA HIS B 236 11.89 43.27 56.88
C HIS B 236 12.64 44.07 57.94
N TYR B 237 12.38 45.37 57.98
CA TYR B 237 12.95 46.25 58.98
C TYR B 237 11.89 47.22 59.47
N ALA B 238 11.93 47.53 60.76
CA ALA B 238 11.07 48.54 61.37
C ALA B 238 11.95 49.58 62.06
N ALA B 239 11.68 50.85 61.79
CA ALA B 239 12.50 51.92 62.34
C ALA B 239 12.38 52.01 63.85
N LYS B 240 11.16 51.89 64.37
CA LYS B 240 10.94 52.05 65.81
C LYS B 240 11.66 50.95 66.59
N THR B 241 11.40 49.69 66.24
CA THR B 241 11.97 48.59 67.00
C THR B 241 13.46 48.43 66.72
N GLY B 242 13.86 48.59 65.46
CA GLY B 242 15.21 48.27 65.07
C GLY B 242 15.50 46.79 64.99
N ARG B 243 14.46 45.96 65.04
CA ARG B 243 14.59 44.51 64.99
C ARG B 243 14.19 44.03 63.60
N PHE B 244 15.11 43.36 62.92
CA PHE B 244 14.83 42.82 61.61
C PHE B 244 14.00 41.54 61.73
N HIS B 245 12.98 41.44 60.88
CA HIS B 245 12.13 40.26 60.82
C HIS B 245 12.24 39.62 59.45
N TYR B 246 12.11 38.29 59.42
CA TYR B 246 12.23 37.54 58.19
C TYR B 246 11.13 36.49 58.11
N ARG B 247 10.58 36.31 56.91
CA ARG B 247 9.58 35.30 56.66
C ARG B 247 10.04 34.45 55.48
N ASP B 248 9.87 33.14 55.60
CA ASP B 248 10.37 32.19 54.62
C ASP B 248 9.21 31.58 53.85
N TYR B 249 9.35 31.53 52.52
CA TYR B 249 8.30 31.06 51.64
C TYR B 249 8.80 29.83 50.88
N THR B 250 7.96 28.80 50.81
CA THR B 250 8.28 27.59 50.07
C THR B 250 7.06 27.08 49.34
N ASP B 251 7.28 26.47 48.19
CA ASP B 251 6.24 25.92 47.34
C ASP B 251 6.44 24.42 47.17
N ALA B 252 5.51 23.79 46.44
CA ALA B 252 5.58 22.35 46.22
C ALA B 252 6.84 21.95 45.44
N THR B 253 7.18 22.72 44.41
CA THR B 253 8.35 22.42 43.62
C THR B 253 9.65 22.89 44.27
N THR B 254 9.57 23.68 45.33
CA THR B 254 10.78 24.16 45.99
C THR B 254 11.42 23.04 46.83
N THR B 255 10.62 22.27 47.54
CA THR B 255 11.11 21.26 48.46
C THR B 255 10.51 19.91 48.13
N LEU B 256 11.24 18.85 48.47
CA LEU B 256 10.79 17.50 48.16
C LEU B 256 9.60 17.09 49.01
N THR B 257 9.45 17.67 50.20
CA THR B 257 8.42 17.27 51.14
C THR B 257 7.26 18.25 51.10
N THR B 258 6.03 17.72 51.10
CA THR B 258 4.86 18.56 51.06
C THR B 258 4.62 19.20 52.42
N ARG B 259 4.40 20.52 52.42
CA ARG B 259 4.10 21.26 53.63
C ARG B 259 2.97 22.24 53.33
N ILE B 260 2.40 22.82 54.38
CA ILE B 260 1.27 23.72 54.22
C ILE B 260 1.74 24.96 53.46
N PRO B 261 1.14 25.26 52.31
CA PRO B 261 1.64 26.37 51.49
C PRO B 261 1.43 27.72 52.16
N THR B 262 2.29 28.66 51.79
CA THR B 262 2.23 30.02 52.29
C THR B 262 2.09 30.99 51.11
N PRO B 263 1.15 31.91 51.14
CA PRO B 263 1.00 32.87 50.04
C PRO B 263 2.13 33.88 50.03
N ALA B 264 2.25 34.59 48.90
CA ALA B 264 3.32 35.57 48.70
C ALA B 264 2.95 36.95 49.20
N ILE B 265 2.04 37.05 50.16
CA ILE B 265 1.65 38.35 50.69
C ILE B 265 2.76 38.88 51.59
N TYR B 266 3.22 40.09 51.30
CA TYR B 266 4.26 40.70 52.10
C TYR B 266 3.69 41.17 53.43
N PRO B 267 4.20 40.72 54.57
CA PRO B 267 3.76 41.26 55.86
C PRO B 267 4.43 42.60 56.12
N THR B 268 3.64 43.66 56.19
CA THR B 268 4.16 45.00 56.41
C THR B 268 3.72 45.59 57.74
N GLU B 269 2.93 44.88 58.52
CA GLU B 269 2.47 45.34 59.83
C GLU B 269 2.93 44.38 60.91
N ASP B 270 3.47 44.93 62.00
CA ASP B 270 3.88 44.13 63.14
C ASP B 270 2.65 43.68 63.93
N THR B 271 2.91 42.95 65.02
CA THR B 271 1.83 42.55 65.91
C THR B 271 1.29 43.72 66.72
N GLU B 272 2.05 44.81 66.83
CA GLU B 272 1.62 46.01 67.54
C GLU B 272 1.44 47.20 66.62
N GLY B 273 1.29 46.96 65.32
CA GLY B 273 1.01 48.02 64.37
C GLY B 273 2.22 48.74 63.81
N ASN B 274 3.43 48.30 64.15
CA ASN B 274 4.61 48.94 63.57
C ASN B 274 4.66 48.71 62.07
N LYS B 275 5.18 49.70 61.36
CA LYS B 275 5.33 49.60 59.91
C LYS B 275 6.62 48.85 59.57
N LEU B 276 6.51 47.92 58.63
CA LEU B 276 7.64 47.11 58.20
C LEU B 276 7.91 47.38 56.73
N THR B 277 9.16 47.71 56.41
CA THR B 277 9.59 47.99 55.04
C THR B 277 10.43 46.82 54.55
N THR B 278 10.04 46.25 53.41
CA THR B 278 10.78 45.12 52.85
C THR B 278 12.20 45.55 52.49
N GLU B 279 13.17 44.73 52.85
CA GLU B 279 14.59 45.03 52.63
C GLU B 279 15.10 44.18 51.48
N TYR B 280 15.21 44.79 50.30
CA TYR B 280 15.90 44.17 49.19
C TYR B 280 17.40 44.27 49.40
N GLY B 281 18.13 43.32 48.81
CA GLY B 281 19.54 43.17 49.09
C GLY B 281 19.85 42.32 50.30
N TYR B 282 18.86 42.02 51.12
CA TYR B 282 18.99 41.07 52.22
C TYR B 282 18.11 39.85 52.06
N SER B 283 17.15 39.87 51.13
CA SER B 283 16.28 38.73 50.91
C SER B 283 16.95 37.72 49.98
N THR B 284 16.27 36.59 49.79
CA THR B 284 16.82 35.46 49.04
C THR B 284 16.02 35.22 47.78
N PHE B 285 16.70 35.18 46.64
CA PHE B 285 16.09 34.88 45.35
C PHE B 285 16.96 33.89 44.61
N ILE B 286 16.34 32.88 44.01
CA ILE B 286 17.07 31.85 43.28
C ILE B 286 16.52 31.76 41.87
N ASP B 287 17.39 31.36 40.94
CA ASP B 287 17.01 31.25 39.54
C ASP B 287 16.06 30.07 39.33
N HIS B 288 15.30 30.13 38.24
CA HIS B 288 14.39 29.05 37.89
C HIS B 288 14.30 28.94 36.38
N GLN B 289 14.40 27.71 35.88
CA GLN B 289 14.30 27.42 34.46
C GLN B 289 13.67 26.04 34.27
N ARG B 290 12.75 25.94 33.33
CA ARG B 290 12.13 24.67 32.97
C ARG B 290 12.57 24.27 31.57
N ILE B 291 12.92 22.99 31.42
CA ILE B 291 13.24 22.43 30.12
C ILE B 291 12.44 21.15 29.93
N THR B 292 12.35 20.71 28.68
CA THR B 292 11.66 19.47 28.33
C THR B 292 12.60 18.61 27.51
N VAL B 293 12.77 17.35 27.93
CA VAL B 293 13.69 16.42 27.30
C VAL B 293 12.89 15.34 26.59
N GLN B 294 13.38 14.93 25.42
CA GLN B 294 12.68 14.01 24.54
C GLN B 294 13.54 12.78 24.27
N GLU B 295 12.89 11.63 24.14
CA GLU B 295 13.60 10.40 23.80
C GLU B 295 14.20 10.50 22.40
N MET B 296 15.32 9.82 22.21
CA MET B 296 15.98 9.86 20.92
C MET B 296 15.14 9.09 19.91
N PRO B 297 14.86 9.68 18.73
CA PRO B 297 13.99 8.99 17.76
C PRO B 297 14.58 7.71 17.19
N GLU B 298 15.90 7.54 17.22
CA GLU B 298 16.50 6.32 16.70
C GLU B 298 16.03 5.09 17.46
N MET B 299 15.99 5.17 18.79
CA MET B 299 15.46 4.09 19.61
C MET B 299 13.97 4.33 19.83
N ALA B 300 13.18 3.94 18.83
CA ALA B 300 11.74 4.14 18.86
C ALA B 300 11.04 2.86 18.47
N PRO B 301 9.81 2.65 18.95
CA PRO B 301 9.06 1.45 18.56
C PRO B 301 8.63 1.46 17.10
N ALA B 302 7.89 0.44 16.69
CA ALA B 302 7.46 0.32 15.30
C ALA B 302 6.31 1.30 15.03
N GLY B 303 6.60 2.33 14.24
CA GLY B 303 5.58 3.29 13.87
C GLY B 303 5.02 4.09 15.03
N GLN B 304 5.88 4.61 15.89
CA GLN B 304 5.45 5.42 17.02
C GLN B 304 6.33 6.65 17.12
N LEU B 305 5.73 7.74 17.59
CA LEU B 305 6.40 9.03 17.65
C LEU B 305 7.23 9.16 18.94
N PRO B 306 8.29 9.95 18.91
CA PRO B 306 9.06 10.20 20.14
C PRO B 306 8.22 10.95 21.15
N ARG B 307 8.51 10.73 22.42
CA ARG B 307 7.79 11.35 23.52
C ARG B 307 8.77 12.10 24.43
N SER B 308 8.22 12.94 25.30
CA SER B 308 9.03 13.85 26.11
C SER B 308 8.47 13.93 27.52
N ILE B 309 9.33 14.39 28.44
CA ILE B 309 8.98 14.54 29.85
C ILE B 309 9.47 15.91 30.32
N ASP B 310 8.97 16.33 31.48
CA ASP B 310 9.17 17.69 31.99
C ASP B 310 10.23 17.69 33.08
N VAL B 311 11.16 18.63 32.99
CA VAL B 311 12.29 18.71 33.92
C VAL B 311 12.39 20.13 34.47
N ILE B 312 12.50 20.24 35.78
CA ILE B 312 12.73 21.51 36.46
C ILE B 312 14.07 21.46 37.17
N LEU B 313 14.90 22.47 36.92
CA LEU B 313 16.17 22.62 37.61
C LEU B 313 16.35 24.09 38.00
N ASP B 314 17.04 24.31 39.11
CA ASP B 314 17.14 25.65 39.69
C ASP B 314 18.48 25.81 40.39
N ASP B 315 18.66 26.94 41.07
CA ASP B 315 19.89 27.32 41.73
C ASP B 315 21.05 27.30 40.74
N ASP B 316 21.98 26.38 40.92
CA ASP B 316 23.09 26.24 39.99
C ASP B 316 22.61 25.53 38.73
N LEU B 317 23.55 25.26 37.81
CA LEU B 317 23.29 24.57 36.55
C LEU B 317 22.02 25.07 35.86
N VAL B 318 21.69 26.34 36.08
CA VAL B 318 20.36 26.82 35.70
C VAL B 318 20.23 27.07 34.21
N ASP B 319 21.32 27.33 33.51
CA ASP B 319 21.25 27.59 32.07
C ASP B 319 22.35 26.87 31.32
N LYS B 320 22.63 25.63 31.71
CA LYS B 320 23.57 24.83 30.97
C LYS B 320 22.91 24.24 29.72
N THR B 321 23.73 23.88 28.74
CA THR B 321 23.29 23.28 27.49
C THR B 321 22.33 24.17 26.73
N LYS B 322 21.60 23.60 25.78
CA LYS B 322 20.73 24.32 24.87
C LYS B 322 19.82 23.33 24.16
N PRO B 323 18.76 23.78 23.50
CA PRO B 323 17.95 22.85 22.69
C PRO B 323 18.80 22.19 21.62
N GLY B 324 18.54 20.90 21.40
CA GLY B 324 19.30 20.14 20.43
C GLY B 324 20.62 19.62 20.99
N ASP B 325 20.56 18.96 22.15
CA ASP B 325 21.75 18.39 22.76
C ASP B 325 21.38 17.10 23.46
N ARG B 326 22.32 16.16 23.47
CA ARG B 326 22.13 14.86 24.10
C ARG B 326 22.55 14.95 25.55
N VAL B 327 21.61 14.70 26.47
CA VAL B 327 21.85 14.88 27.89
C VAL B 327 21.36 13.67 28.66
N ASN B 328 21.90 13.51 29.87
CA ASN B 328 21.47 12.52 30.84
C ASN B 328 21.27 13.21 32.17
N VAL B 329 20.06 13.17 32.69
CA VAL B 329 19.72 13.92 33.91
C VAL B 329 19.32 12.95 34.99
N VAL B 330 19.80 13.20 36.21
CA VAL B 330 19.49 12.40 37.39
C VAL B 330 18.68 13.26 38.33
N GLY B 331 17.52 12.76 38.75
CA GLY B 331 16.66 13.53 39.63
C GLY B 331 15.53 12.71 40.20
N VAL B 332 14.69 13.39 40.96
CA VAL B 332 13.56 12.76 41.63
C VAL B 332 12.32 12.90 40.75
N PHE B 333 11.59 11.80 40.60
CA PHE B 333 10.39 11.76 39.77
C PHE B 333 9.17 11.73 40.69
N LYS B 334 8.45 12.85 40.76
CA LYS B 334 7.34 12.98 41.70
C LYS B 334 6.15 13.62 41.02
N SER B 335 4.97 13.40 41.63
CA SER B 335 3.73 13.97 41.14
C SER B 335 3.31 15.13 42.03
N LEU B 336 2.60 16.09 41.43
CA LEU B 336 2.25 17.32 42.11
C LEU B 336 0.92 17.84 41.58
N GLY B 337 0.30 18.70 42.38
CA GLY B 337 -0.98 19.28 42.00
C GLY B 337 -2.15 18.39 42.39
N ALA B 338 -3.29 19.01 42.68
CA ALA B 338 -4.48 18.24 43.04
C ALA B 338 -5.00 17.43 41.86
N GLY B 339 -4.85 17.95 40.65
CA GLY B 339 -5.27 17.21 39.47
C GLY B 339 -6.76 17.12 39.26
N GLY B 340 -7.55 17.86 40.02
CA GLY B 340 -8.99 17.81 39.90
C GLY B 340 -9.70 16.96 40.92
N MET B 341 -8.99 16.42 41.91
CA MET B 341 -9.65 15.70 42.99
C MET B 341 -10.55 16.63 43.80
N ASN B 342 -10.35 17.94 43.70
CA ASN B 342 -11.19 18.91 44.40
C ASN B 342 -12.48 19.10 43.61
N GLN B 343 -13.26 20.12 43.98
CA GLN B 343 -14.52 20.42 43.30
C GLN B 343 -14.32 21.03 41.92
N SER B 344 -13.09 21.37 41.54
CA SER B 344 -12.84 22.07 40.29
C SER B 344 -12.87 21.16 39.07
N ASN B 345 -13.03 19.85 39.25
CA ASN B 345 -13.09 18.94 38.12
C ASN B 345 -14.31 19.23 37.26
N SER B 346 -14.15 19.04 35.94
CA SER B 346 -15.25 19.20 35.01
C SER B 346 -15.62 17.91 34.30
N ASN B 347 -14.80 16.86 34.43
CA ASN B 347 -15.09 15.58 33.79
C ASN B 347 -14.53 14.46 34.66
N THR B 348 -15.03 13.25 34.41
CA THR B 348 -14.62 12.09 35.20
C THR B 348 -13.22 11.61 34.83
N LEU B 349 -12.79 11.84 33.59
CA LEU B 349 -11.55 11.26 33.07
C LEU B 349 -10.36 12.20 33.21
N ILE B 350 -10.32 12.98 34.28
CA ILE B 350 -9.18 13.84 34.57
C ILE B 350 -7.99 13.01 35.00
N GLY B 351 -6.81 13.62 35.00
CA GLY B 351 -5.60 12.93 35.43
C GLY B 351 -4.80 13.72 36.45
N PHE B 352 -3.52 13.40 36.59
CA PHE B 352 -2.62 14.10 37.48
C PHE B 352 -1.40 14.55 36.69
N LYS B 353 -0.65 15.49 37.27
CA LYS B 353 0.58 15.95 36.65
C LYS B 353 1.76 15.11 37.14
N THR B 354 2.76 14.98 36.27
CA THR B 354 4.01 14.32 36.61
C THR B 354 5.16 15.23 36.20
N LEU B 355 6.22 15.20 36.99
CA LEU B 355 7.30 16.16 36.80
C LEU B 355 8.55 15.63 37.47
N ILE B 356 9.70 16.11 37.01
CA ILE B 356 11.00 15.69 37.52
C ILE B 356 11.70 16.89 38.15
N LEU B 357 12.13 16.73 39.40
CA LEU B 357 12.96 17.72 40.07
C LEU B 357 14.42 17.32 39.84
N GLY B 358 15.04 17.90 38.84
CA GLY B 358 16.38 17.50 38.48
C GLY B 358 17.39 17.79 39.57
N ASN B 359 18.32 16.86 39.76
CA ASN B 359 19.44 17.04 40.68
C ASN B 359 20.74 17.35 39.93
N THR B 360 21.04 16.63 38.86
CA THR B 360 22.29 16.84 38.16
C THR B 360 22.14 16.48 36.68
N VAL B 361 23.03 17.04 35.86
CA VAL B 361 22.95 16.95 34.41
C VAL B 361 24.32 16.61 33.86
N TYR B 362 24.37 15.68 32.90
CA TYR B 362 25.62 15.33 32.25
C TYR B 362 25.46 15.38 30.73
N PRO B 363 26.50 15.82 30.02
CA PRO B 363 26.47 15.82 28.55
C PRO B 363 26.73 14.43 28.02
N LEU B 364 25.70 13.81 27.44
CA LEU B 364 25.83 12.44 26.97
C LEU B 364 26.87 12.32 25.86
N HIS B 365 26.73 13.14 24.82
CA HIS B 365 27.63 13.12 23.67
C HIS B 365 27.77 11.70 23.11
N ALA B 366 26.64 11.00 23.01
CA ALA B 366 26.59 9.62 22.56
C ALA B 366 27.50 8.72 23.41
N ARG B 374 36.41 11.51 26.76
CA ARG B 374 35.44 11.64 25.69
C ARG B 374 35.75 12.85 24.81
N GLN B 375 36.00 13.98 25.47
CA GLN B 375 36.37 15.21 24.78
C GLN B 375 37.71 15.76 25.23
N MET B 376 38.39 15.09 26.16
CA MET B 376 39.66 15.56 26.69
C MET B 376 40.82 14.80 26.07
N LEU B 377 42.02 15.33 26.29
CA LEU B 377 43.25 14.75 25.75
C LEU B 377 44.17 14.37 26.90
N THR B 378 44.71 13.16 26.84
CA THR B 378 45.69 12.72 27.83
C THR B 378 47.10 13.08 27.36
N ASP B 379 48.07 12.86 28.25
CA ASP B 379 49.46 13.18 27.92
C ASP B 379 49.95 12.34 26.76
N PHE B 380 49.79 11.02 26.84
CA PHE B 380 50.25 10.17 25.76
C PHE B 380 49.38 10.32 24.52
N ASP B 381 48.14 10.79 24.67
CA ASP B 381 47.35 11.16 23.50
C ASP B 381 48.02 12.28 22.73
N ILE B 382 48.48 13.31 23.44
CA ILE B 382 49.19 14.40 22.79
C ILE B 382 50.51 13.92 22.21
N ARG B 383 51.20 13.02 22.92
CA ARG B 383 52.43 12.46 22.38
C ARG B 383 52.17 11.72 21.07
N ASN B 384 51.10 10.93 21.02
CA ASN B 384 50.76 10.20 19.80
C ASN B 384 50.37 11.16 18.68
N ILE B 385 49.60 12.20 18.99
CA ILE B 385 49.23 13.17 17.97
C ILE B 385 50.47 13.84 17.41
N ASN B 386 51.42 14.20 18.27
CA ASN B 386 52.66 14.82 17.80
C ASN B 386 53.46 13.87 16.93
N LYS B 387 53.61 12.61 17.35
CA LYS B 387 54.41 11.68 16.58
C LYS B 387 53.74 11.34 15.25
N LEU B 388 52.42 11.35 15.20
CA LEU B 388 51.73 11.21 13.91
C LEU B 388 51.97 12.44 13.04
N SER B 389 51.87 13.64 13.62
CA SER B 389 51.97 14.85 12.83
C SER B 389 53.36 15.02 12.23
N LYS B 390 54.40 14.66 12.99
CA LYS B 390 55.75 14.83 12.47
C LYS B 390 56.07 13.87 11.33
N LYS B 391 55.20 12.90 11.05
CA LYS B 391 55.40 12.02 9.91
C LYS B 391 55.21 12.80 8.60
N LYS B 392 55.80 12.25 7.53
CA LYS B 392 55.78 12.91 6.23
C LYS B 392 54.43 12.79 5.54
N ASP B 393 53.71 11.69 5.74
CA ASP B 393 52.55 11.40 4.91
C ASP B 393 51.28 11.22 5.74
N ILE B 394 51.02 12.13 6.69
CA ILE B 394 49.85 11.99 7.54
C ILE B 394 48.58 12.37 6.80
N PHE B 395 48.65 13.34 5.90
CA PHE B 395 47.44 13.92 5.32
C PHE B 395 46.65 12.89 4.51
N ASP B 396 47.34 12.13 3.65
CA ASP B 396 46.62 11.18 2.82
C ASP B 396 46.15 9.98 3.63
N ILE B 397 46.88 9.61 4.68
CA ILE B 397 46.39 8.56 5.58
C ILE B 397 45.09 8.99 6.23
N LEU B 398 45.03 10.24 6.71
CA LEU B 398 43.80 10.74 7.31
C LEU B 398 42.68 10.81 6.28
N SER B 399 43.00 11.23 5.06
CA SER B 399 41.99 11.28 4.01
C SER B 399 41.42 9.91 3.72
N GLN B 400 42.28 8.93 3.47
CA GLN B 400 41.84 7.57 3.21
C GLN B 400 41.15 6.95 4.41
N SER B 401 41.37 7.48 5.62
CA SER B 401 40.73 6.94 6.80
C SER B 401 39.23 7.22 6.83
N LEU B 402 38.75 8.14 6.01
CA LEU B 402 37.34 8.53 6.05
C LEU B 402 36.49 7.56 5.25
N ALA B 403 35.50 6.95 5.92
CA ALA B 403 34.52 6.09 5.27
C ALA B 403 35.18 5.02 4.42
N PRO B 404 35.79 3.99 5.03
CA PRO B 404 36.52 3.00 4.24
C PRO B 404 35.66 2.17 3.32
N SER B 405 34.33 2.19 3.48
CA SER B 405 33.44 1.37 2.68
C SER B 405 33.03 2.01 1.36
N ILE B 406 33.56 3.19 1.04
CA ILE B 406 33.26 3.90 -0.19
C ILE B 406 34.48 3.84 -1.09
N TYR B 407 34.29 3.33 -2.29
CA TYR B 407 35.40 3.10 -3.21
C TYR B 407 35.63 4.33 -4.09
N GLY B 408 36.90 4.65 -4.30
CA GLY B 408 37.23 5.82 -5.08
C GLY B 408 36.96 7.11 -4.31
N HIS B 409 36.75 8.17 -5.08
CA HIS B 409 36.41 9.49 -4.53
C HIS B 409 37.45 9.97 -3.52
N ASP B 410 38.73 9.72 -3.82
CA ASP B 410 39.79 10.11 -2.89
C ASP B 410 39.84 11.62 -2.71
N HIS B 411 39.74 12.37 -3.81
CA HIS B 411 39.79 13.82 -3.72
C HIS B 411 38.60 14.37 -2.93
N ILE B 412 37.45 13.69 -3.01
CA ILE B 412 36.32 14.07 -2.18
C ILE B 412 36.64 13.88 -0.70
N LYS B 413 37.28 12.77 -0.35
CA LYS B 413 37.67 12.57 1.03
C LYS B 413 38.63 13.65 1.50
N LYS B 414 39.60 14.00 0.65
CA LYS B 414 40.53 15.07 1.00
C LYS B 414 39.80 16.40 1.20
N ALA B 415 38.84 16.70 0.33
CA ALA B 415 38.08 17.93 0.47
C ALA B 415 37.28 17.94 1.77
N ILE B 416 36.68 16.82 2.13
CA ILE B 416 35.93 16.74 3.38
C ILE B 416 36.86 16.97 4.56
N LEU B 417 38.05 16.34 4.52
CA LEU B 417 39.00 16.52 5.61
C LEU B 417 39.40 17.98 5.75
N LEU B 418 39.68 18.65 4.63
CA LEU B 418 40.05 20.06 4.70
C LEU B 418 38.89 20.93 5.16
N MET B 419 37.66 20.55 4.83
CA MET B 419 36.51 21.35 5.21
C MET B 419 36.21 21.22 6.70
N LEU B 420 36.42 20.04 7.28
CA LEU B 420 36.07 19.84 8.68
C LEU B 420 36.92 20.70 9.62
N MET B 421 38.06 21.19 9.15
CA MET B 421 38.98 21.97 9.97
C MET B 421 39.46 23.20 9.21
N GLY B 422 38.52 23.95 8.66
CA GLY B 422 38.82 25.08 7.79
C GLY B 422 39.63 26.21 8.39
N GLY B 423 39.83 27.27 7.62
CA GLY B 423 40.71 28.35 8.01
C GLY B 423 40.11 29.26 9.07
N VAL B 424 40.92 30.23 9.48
CA VAL B 424 40.56 31.11 10.59
C VAL B 424 39.70 32.26 10.08
N GLU B 425 38.94 32.86 10.99
CA GLU B 425 38.18 34.06 10.68
C GLU B 425 39.08 35.28 10.73
N LYS B 426 38.76 36.27 9.90
CA LYS B 426 39.49 37.53 9.87
C LYS B 426 38.52 38.68 10.12
N ASN B 427 38.86 39.51 11.10
CA ASN B 427 38.07 40.69 11.43
C ASN B 427 39.01 41.89 11.50
N LEU B 428 38.62 42.98 10.85
CA LEU B 428 39.41 44.19 10.81
C LEU B 428 38.58 45.37 11.33
N GLU B 429 39.25 46.26 12.07
CA GLU B 429 38.57 47.44 12.59
C GLU B 429 37.96 48.28 11.46
N ASN B 430 38.54 48.20 10.26
CA ASN B 430 38.03 48.91 9.10
C ASN B 430 37.49 47.99 8.02
N GLY B 431 38.02 46.77 7.92
CA GLY B 431 37.62 45.80 6.92
C GLY B 431 36.51 44.86 7.33
N SER B 432 35.81 45.16 8.44
CA SER B 432 34.66 44.39 8.89
C SER B 432 35.02 42.94 9.18
N HIS B 433 34.52 42.01 8.36
CA HIS B 433 34.73 40.59 8.60
C HIS B 433 34.96 39.88 7.28
N LEU B 434 35.72 38.78 7.34
CA LEU B 434 35.98 37.93 6.20
C LEU B 434 35.58 36.50 6.56
N ARG B 435 34.92 35.83 5.62
CA ARG B 435 34.48 34.46 5.86
C ARG B 435 35.68 33.54 6.01
N GLY B 436 35.51 32.49 6.82
CA GLY B 436 36.65 31.71 7.26
C GLY B 436 36.68 30.23 6.90
N ASP B 437 35.53 29.62 6.66
CA ASP B 437 35.47 28.19 6.40
C ASP B 437 35.22 27.93 4.91
N ILE B 438 35.05 26.65 4.58
CA ILE B 438 34.93 26.20 3.20
C ILE B 438 33.53 25.61 2.99
N ASN B 439 33.01 25.79 1.79
CA ASN B 439 31.74 25.19 1.39
C ASN B 439 31.93 24.40 0.10
N ILE B 440 31.26 23.25 0.01
CA ILE B 440 31.43 22.33 -1.11
C ILE B 440 30.07 21.83 -1.56
N LEU B 441 29.86 21.77 -2.87
CA LEU B 441 28.61 21.31 -3.45
C LEU B 441 28.87 20.09 -4.33
N MET B 442 27.92 19.17 -4.35
CA MET B 442 28.01 17.96 -5.15
C MET B 442 26.85 17.89 -6.13
N VAL B 443 27.17 17.71 -7.41
CA VAL B 443 26.17 17.42 -8.43
C VAL B 443 26.67 16.24 -9.25
N GLY B 444 25.78 15.29 -9.50
CA GLY B 444 26.21 14.11 -10.24
C GLY B 444 25.06 13.19 -10.57
N ASP B 445 25.40 12.19 -11.37
CA ASP B 445 24.45 11.20 -11.82
C ASP B 445 23.94 10.33 -10.66
N PRO B 446 22.74 9.76 -10.78
CA PRO B 446 22.13 9.07 -9.64
C PRO B 446 22.92 7.83 -9.23
N SER B 447 22.83 7.51 -7.93
CA SER B 447 23.39 6.29 -7.37
C SER B 447 24.91 6.23 -7.56
N THR B 448 25.58 7.26 -7.05
CA THR B 448 27.04 7.30 -7.02
C THR B 448 27.57 7.60 -5.63
N ALA B 449 26.80 7.28 -4.59
CA ALA B 449 27.21 7.38 -3.18
C ALA B 449 27.59 8.82 -2.81
N LYS B 450 26.58 9.69 -2.86
CA LYS B 450 26.69 11.03 -2.29
C LYS B 450 25.97 11.12 -0.94
N SER B 451 24.75 10.59 -0.86
CA SER B 451 24.02 10.62 0.40
C SER B 451 24.74 9.80 1.46
N GLN B 452 25.36 8.69 1.07
CA GLN B 452 26.09 7.87 2.04
C GLN B 452 27.28 8.64 2.62
N LEU B 453 28.02 9.34 1.76
CA LEU B 453 29.14 10.12 2.25
C LEU B 453 28.67 11.28 3.13
N LEU B 454 27.53 11.87 2.78
CA LEU B 454 26.97 12.93 3.61
C LEU B 454 26.57 12.39 4.98
N ARG B 455 26.00 11.18 5.02
CA ARG B 455 25.67 10.56 6.30
C ARG B 455 26.92 10.29 7.12
N PHE B 456 27.99 9.85 6.44
CA PHE B 456 29.25 9.65 7.13
C PHE B 456 29.78 10.94 7.73
N VAL B 457 29.65 12.04 6.98
CA VAL B 457 30.07 13.34 7.49
C VAL B 457 29.21 13.74 8.69
N LEU B 458 27.91 13.44 8.63
CA LEU B 458 27.05 13.66 9.79
C LEU B 458 27.58 12.95 11.02
N ASN B 459 27.87 11.65 10.89
CA ASN B 459 28.30 10.89 12.06
C ASN B 459 29.69 11.29 12.54
N THR B 460 30.60 11.64 11.63
CA THR B 460 31.98 11.91 12.01
C THR B 460 32.14 13.26 12.71
N ALA B 461 31.48 14.29 12.21
CA ALA B 461 31.71 15.64 12.70
C ALA B 461 31.17 15.80 14.11
N SER B 462 31.69 16.81 14.81
CA SER B 462 31.28 17.04 16.20
C SER B 462 29.84 17.51 16.27
N LEU B 463 29.52 18.65 15.65
CA LEU B 463 28.19 19.23 15.66
C LEU B 463 27.68 19.32 14.23
N ALA B 464 26.54 18.68 13.95
CA ALA B 464 25.97 18.69 12.61
C ALA B 464 24.47 18.49 12.70
N ILE B 465 23.76 19.05 11.72
CA ILE B 465 22.32 18.97 11.63
C ILE B 465 21.94 18.58 10.21
N ALA B 466 20.96 17.69 10.08
CA ALA B 466 20.56 17.15 8.79
C ALA B 466 19.28 17.85 8.30
N THR B 467 19.30 18.32 7.06
CA THR B 467 18.15 18.96 6.44
C THR B 467 17.92 18.37 5.05
N THR B 468 16.66 18.39 4.63
CA THR B 468 16.25 17.95 3.31
C THR B 468 15.52 19.08 2.61
N GLY B 469 15.76 19.22 1.30
CA GLY B 469 15.19 20.34 0.57
C GLY B 469 13.67 20.36 0.58
N ARG B 470 13.05 19.19 0.36
CA ARG B 470 11.60 19.14 0.30
C ARG B 470 10.94 19.13 1.67
N GLY B 471 11.67 18.78 2.72
CA GLY B 471 11.07 18.68 4.03
C GLY B 471 11.29 19.88 4.94
N SER B 472 11.63 21.03 4.35
CA SER B 472 11.94 22.22 5.13
C SER B 472 11.25 23.43 4.55
N SER B 473 11.03 24.43 5.39
CA SER B 473 10.48 25.72 5.00
C SER B 473 11.47 26.81 5.40
N GLY B 474 11.68 27.77 4.50
CA GLY B 474 12.70 28.77 4.74
C GLY B 474 12.45 29.60 5.98
N VAL B 475 11.21 30.03 6.19
CA VAL B 475 10.90 30.85 7.36
C VAL B 475 11.03 30.03 8.63
N GLY B 476 10.66 28.75 8.59
CA GLY B 476 10.82 27.88 9.72
C GLY B 476 12.22 27.34 9.92
N LEU B 477 13.14 27.72 9.03
CA LEU B 477 14.52 27.24 9.09
C LEU B 477 15.42 28.13 9.94
N THR B 478 15.10 29.41 10.06
CA THR B 478 15.96 30.39 10.75
C THR B 478 15.41 30.81 12.10
N ALA B 479 14.12 31.11 12.20
CA ALA B 479 13.54 31.53 13.46
C ALA B 479 12.03 31.33 13.42
N ALA B 480 11.42 31.33 14.60
CA ALA B 480 9.98 31.19 14.74
C ALA B 480 9.50 32.05 15.90
N VAL B 481 8.30 32.60 15.74
CA VAL B 481 7.70 33.46 16.76
C VAL B 481 6.66 32.63 17.49
N THR B 482 7.03 32.15 18.69
CA THR B 482 6.15 31.33 19.51
C THR B 482 6.06 31.92 20.90
N THR B 483 4.94 31.67 21.56
CA THR B 483 4.65 32.24 22.87
C THR B 483 4.95 31.20 23.95
N ASP B 484 5.83 31.55 24.88
CA ASP B 484 6.13 30.68 26.01
C ASP B 484 4.89 30.54 26.89
N ARG B 485 4.62 29.31 27.34
CA ARG B 485 3.36 29.03 28.03
C ARG B 485 3.30 29.73 29.38
N GLU B 486 4.38 29.70 30.16
CA GLU B 486 4.31 30.19 31.53
C GLU B 486 4.19 31.71 31.58
N THR B 487 4.89 32.42 30.70
CA THR B 487 4.90 33.88 30.74
C THR B 487 3.86 34.52 29.84
N GLY B 488 3.27 33.78 28.91
CA GLY B 488 2.33 34.38 27.99
C GLY B 488 2.92 35.39 27.04
N GLU B 489 4.25 35.37 26.87
CA GLU B 489 4.95 36.29 26.00
C GLU B 489 5.55 35.53 24.82
N ARG B 490 5.49 36.13 23.64
CA ARG B 490 6.01 35.50 22.44
C ARG B 490 7.49 35.81 22.27
N ARG B 491 8.30 34.76 22.15
CA ARG B 491 9.75 34.85 22.10
C ARG B 491 10.26 34.05 20.92
N LEU B 492 11.37 34.51 20.34
CA LEU B 492 11.93 33.84 19.18
C LEU B 492 12.39 32.43 19.51
N GLU B 493 12.10 31.51 18.61
CA GLU B 493 12.51 30.12 18.73
C GLU B 493 13.62 29.85 17.72
N ALA B 494 14.71 29.25 18.18
CA ALA B 494 15.88 29.07 17.32
C ALA B 494 15.54 28.17 16.13
N GLY B 495 16.04 28.56 14.96
CA GLY B 495 15.83 27.80 13.76
C GLY B 495 16.82 26.65 13.65
N ALA B 496 16.75 25.96 12.51
CA ALA B 496 17.57 24.77 12.31
C ALA B 496 19.06 25.14 12.25
N MET B 497 19.44 25.96 11.27
CA MET B 497 20.86 26.22 11.07
C MET B 497 21.45 27.12 12.14
N VAL B 498 20.62 27.84 12.90
CA VAL B 498 21.15 28.62 14.01
C VAL B 498 21.67 27.68 15.11
N LEU B 499 20.98 26.55 15.32
CA LEU B 499 21.44 25.57 16.31
C LEU B 499 22.82 25.03 15.95
N ALA B 500 23.15 24.99 14.66
CA ALA B 500 24.43 24.45 14.22
C ALA B 500 25.47 25.54 14.00
N ASP B 501 25.39 26.64 14.75
CA ASP B 501 26.39 27.69 14.63
C ASP B 501 27.77 27.13 14.98
N ARG B 502 28.75 27.47 14.15
CA ARG B 502 30.14 27.03 14.22
C ARG B 502 30.28 25.56 13.82
N GLY B 503 29.19 24.85 13.59
CA GLY B 503 29.20 23.48 13.13
C GLY B 503 29.06 23.37 11.63
N VAL B 504 28.39 22.32 11.16
CA VAL B 504 28.15 22.09 9.74
C VAL B 504 26.72 21.62 9.55
N VAL B 505 26.09 22.09 8.47
CA VAL B 505 24.74 21.70 8.11
C VAL B 505 24.80 21.00 6.75
N CYS B 506 24.18 19.82 6.69
CA CYS B 506 24.15 19.03 5.47
C CYS B 506 22.74 19.05 4.89
N ILE B 507 22.64 19.33 3.59
CA ILE B 507 21.37 19.42 2.89
C ILE B 507 21.34 18.37 1.79
N ASP B 508 20.26 17.58 1.75
CA ASP B 508 20.04 16.62 0.70
C ASP B 508 18.90 17.09 -0.19
N GLU B 509 18.95 16.66 -1.45
CA GLU B 509 17.99 17.09 -2.47
C GLU B 509 17.93 18.61 -2.52
N PHE B 510 19.12 19.22 -2.59
CA PHE B 510 19.23 20.67 -2.50
C PHE B 510 18.49 21.36 -3.63
N ASP B 511 18.65 20.86 -4.85
CA ASP B 511 17.98 21.49 -5.98
C ASP B 511 16.48 21.28 -5.97
N LYS B 512 15.98 20.34 -5.18
CA LYS B 512 14.56 20.08 -5.08
C LYS B 512 13.88 20.94 -4.02
N MET B 513 14.53 22.01 -3.58
CA MET B 513 13.95 22.90 -2.60
C MET B 513 13.18 24.02 -3.28
N THR B 514 12.18 24.55 -2.57
CA THR B 514 11.43 25.69 -3.06
C THR B 514 12.35 26.90 -3.23
N ASP B 515 12.16 27.62 -4.34
CA ASP B 515 13.06 28.73 -4.65
C ASP B 515 13.04 29.81 -3.58
N VAL B 516 11.90 30.05 -2.94
CA VAL B 516 11.81 31.09 -1.93
C VAL B 516 12.85 30.87 -0.85
N ASP B 517 12.87 29.67 -0.26
CA ASP B 517 13.83 29.36 0.79
C ASP B 517 15.25 29.65 0.33
N ARG B 518 15.52 29.46 -0.96
CA ARG B 518 16.88 29.64 -1.46
C ARG B 518 17.41 31.03 -1.13
N VAL B 519 16.56 32.06 -1.21
CA VAL B 519 17.08 33.41 -0.99
C VAL B 519 17.62 33.53 0.43
N ALA B 520 16.93 32.89 1.40
CA ALA B 520 17.43 32.90 2.77
C ALA B 520 18.83 32.34 2.83
N ILE B 521 19.08 31.24 2.12
CA ILE B 521 20.41 30.65 2.08
C ILE B 521 21.42 31.68 1.63
N HIS B 522 21.10 32.43 0.57
CA HIS B 522 22.02 33.43 0.09
C HIS B 522 22.39 34.41 1.20
N GLU B 523 21.40 34.83 1.97
CA GLU B 523 21.67 35.75 3.07
C GLU B 523 22.71 35.16 4.02
N VAL B 524 22.49 33.90 4.44
CA VAL B 524 23.42 33.31 5.39
C VAL B 524 24.75 32.95 4.74
N MET B 525 24.81 32.95 3.41
CA MET B 525 26.07 32.78 2.73
C MET B 525 26.73 34.11 2.42
N GLU B 526 26.04 35.22 2.66
CA GLU B 526 26.59 36.54 2.36
C GLU B 526 27.44 37.05 3.52
N GLN B 527 26.84 37.19 4.70
CA GLN B 527 27.54 37.70 5.87
C GLN B 527 27.38 36.82 7.09
N GLN B 528 26.84 35.61 6.93
CA GLN B 528 26.71 34.63 8.01
C GLN B 528 25.90 35.21 9.18
N THR B 529 24.85 35.96 8.85
CA THR B 529 24.01 36.56 9.87
C THR B 529 22.58 36.65 9.36
N VAL B 530 21.62 36.26 10.20
CA VAL B 530 20.22 36.30 9.86
C VAL B 530 19.52 37.32 10.78
N THR B 531 18.68 38.16 10.19
CA THR B 531 17.98 39.22 10.90
C THR B 531 16.48 38.92 10.90
N ILE B 532 15.84 39.07 12.04
CA ILE B 532 14.40 38.85 12.19
C ILE B 532 13.75 40.14 12.63
N ALA B 533 12.89 40.70 11.79
CA ALA B 533 12.14 41.92 12.09
C ALA B 533 10.67 41.61 11.84
N LYS B 534 9.94 41.29 12.90
CA LYS B 534 8.57 40.86 12.77
C LYS B 534 7.89 40.89 14.13
N ALA B 535 6.64 41.34 14.16
CA ALA B 535 5.80 41.32 15.36
C ALA B 535 6.46 42.05 16.53
N GLY B 536 7.19 43.12 16.25
CA GLY B 536 7.78 43.90 17.31
C GLY B 536 9.08 43.39 17.86
N ILE B 537 9.78 42.52 17.12
CA ILE B 537 11.09 42.04 17.51
C ILE B 537 12.07 42.36 16.39
N HIS B 538 13.17 43.03 16.74
CA HIS B 538 14.22 43.39 15.78
C HIS B 538 15.54 42.91 16.37
N THR B 539 16.08 41.83 15.81
CA THR B 539 17.27 41.21 16.38
C THR B 539 18.07 40.55 15.27
N THR B 540 19.39 40.59 15.40
CA THR B 540 20.30 39.91 14.49
C THR B 540 20.87 38.69 15.18
N LEU B 541 20.78 37.53 14.51
CA LEU B 541 21.24 36.27 15.07
C LEU B 541 22.49 35.81 14.33
N ASN B 542 23.48 35.36 15.09
CA ASN B 542 24.72 34.88 14.50
C ASN B 542 24.58 33.44 14.02
N ALA B 543 25.16 33.15 12.85
CA ALA B 543 25.14 31.80 12.30
C ALA B 543 26.37 31.68 11.39
N ARG B 544 27.43 31.05 11.91
CA ARG B 544 28.70 30.93 11.20
C ARG B 544 28.96 29.50 10.74
N CYS B 545 27.90 28.76 10.43
CA CYS B 545 28.03 27.35 10.05
C CYS B 545 28.46 27.21 8.59
N SER B 546 28.96 26.03 8.27
CA SER B 546 29.33 25.66 6.91
C SER B 546 28.29 24.70 6.34
N VAL B 547 28.15 24.72 5.01
CA VAL B 547 27.09 23.98 4.33
C VAL B 547 27.72 22.99 3.37
N ILE B 548 27.27 21.74 3.45
CA ILE B 548 27.61 20.69 2.50
C ILE B 548 26.31 20.16 1.92
N ALA B 549 26.26 20.03 0.60
CA ALA B 549 25.00 19.67 -0.05
C ALA B 549 25.26 18.90 -1.33
N ALA B 550 24.24 18.16 -1.76
CA ALA B 550 24.29 17.38 -2.99
C ALA B 550 23.01 17.59 -3.76
N ALA B 551 23.12 17.69 -5.08
CA ALA B 551 21.97 17.97 -5.93
C ALA B 551 22.07 17.16 -7.22
N ASN B 552 20.90 16.88 -7.81
CA ASN B 552 20.77 16.14 -9.05
C ASN B 552 20.81 17.08 -10.25
N PRO B 553 21.26 16.60 -11.42
CA PRO B 553 21.17 17.42 -12.62
C PRO B 553 19.73 17.56 -13.08
N VAL B 554 19.52 18.49 -14.01
CA VAL B 554 18.16 18.81 -14.46
C VAL B 554 17.52 17.60 -15.12
N PHE B 555 18.29 16.86 -15.92
CA PHE B 555 17.78 15.66 -16.57
C PHE B 555 17.91 14.48 -15.62
N GLY B 556 17.65 13.27 -16.13
CA GLY B 556 17.89 12.08 -15.33
C GLY B 556 19.37 11.86 -15.07
N GLN B 557 20.22 12.16 -16.06
CA GLN B 557 21.65 11.96 -15.94
C GLN B 557 22.37 13.18 -16.49
N TYR B 558 23.60 13.36 -16.03
CA TYR B 558 24.43 14.47 -16.51
C TYR B 558 24.73 14.32 -17.99
N ASP B 559 24.63 15.43 -18.72
CA ASP B 559 24.99 15.48 -20.13
C ASP B 559 26.34 16.17 -20.24
N VAL B 560 27.36 15.43 -20.68
CA VAL B 560 28.72 15.96 -20.70
C VAL B 560 28.98 16.86 -21.90
N ASN B 561 28.08 16.87 -22.89
CA ASN B 561 28.27 17.67 -24.09
C ASN B 561 27.63 19.05 -24.01
N ARG B 562 27.01 19.38 -22.89
CA ARG B 562 26.21 20.59 -22.77
C ARG B 562 26.92 21.62 -21.90
N ASP B 563 26.33 22.81 -21.84
CA ASP B 563 26.84 23.86 -20.97
C ASP B 563 26.68 23.43 -19.53
N PRO B 564 27.71 23.56 -18.70
CA PRO B 564 27.54 23.24 -17.26
C PRO B 564 26.42 24.01 -16.61
N HIS B 565 26.19 25.26 -17.01
CA HIS B 565 25.05 26.01 -16.50
C HIS B 565 23.73 25.42 -16.97
N GLN B 566 23.73 24.79 -18.15
CA GLN B 566 22.52 24.16 -18.66
C GLN B 566 22.13 22.94 -17.83
N ASN B 567 23.10 22.28 -17.20
CA ASN B 567 22.83 21.05 -16.46
C ASN B 567 22.37 21.30 -15.03
N ILE B 568 22.45 22.54 -14.53
CA ILE B 568 22.16 22.85 -13.14
C ILE B 568 20.96 23.78 -13.08
N ALA B 569 20.06 23.52 -12.13
CA ALA B 569 18.87 24.33 -11.95
C ALA B 569 19.07 25.51 -11.00
N LEU B 570 20.26 25.66 -10.43
CA LEU B 570 20.42 26.75 -9.47
C LEU B 570 21.03 27.98 -10.14
N PRO B 571 20.60 29.18 -9.75
CA PRO B 571 21.18 30.39 -10.33
C PRO B 571 22.63 30.56 -9.92
N ASP B 572 23.39 31.21 -10.80
CA ASP B 572 24.81 31.41 -10.56
C ASP B 572 25.10 32.29 -9.36
N SER B 573 24.11 33.07 -8.90
CA SER B 573 24.33 34.00 -7.80
C SER B 573 24.78 33.27 -6.54
N LEU B 574 24.15 32.13 -6.24
CA LEU B 574 24.56 31.34 -5.10
C LEU B 574 25.56 30.24 -5.46
N LEU B 575 25.65 29.86 -6.73
CA LEU B 575 26.63 28.86 -7.13
C LEU B 575 28.05 29.42 -7.08
N SER B 576 28.21 30.71 -7.38
CA SER B 576 29.54 31.31 -7.25
C SER B 576 29.98 31.43 -5.80
N ARG B 577 29.03 31.42 -4.85
CA ARG B 577 29.38 31.48 -3.44
C ARG B 577 30.16 30.25 -3.02
N PHE B 578 29.76 29.07 -3.49
CA PHE B 578 30.43 27.83 -3.10
C PHE B 578 31.85 27.81 -3.59
N ASP B 579 32.78 27.43 -2.70
CA ASP B 579 34.19 27.44 -3.04
C ASP B 579 34.53 26.34 -4.03
N LEU B 580 34.04 25.13 -3.79
CA LEU B 580 34.40 23.97 -4.59
C LEU B 580 33.15 23.26 -5.08
N LEU B 581 33.12 22.95 -6.37
CA LEU B 581 32.02 22.22 -6.99
C LEU B 581 32.58 20.97 -7.66
N PHE B 582 31.94 19.83 -7.39
CA PHE B 582 32.40 18.54 -7.90
C PHE B 582 31.33 17.91 -8.78
N VAL B 583 31.77 17.29 -9.87
CA VAL B 583 30.89 16.57 -10.79
C VAL B 583 31.32 15.12 -10.80
N VAL B 584 30.39 14.23 -10.47
CA VAL B 584 30.66 12.79 -10.38
C VAL B 584 29.81 12.05 -11.41
N THR B 585 30.44 11.17 -12.16
CA THR B 585 29.77 10.39 -13.19
C THR B 585 30.32 8.97 -13.19
N ASP B 586 29.43 7.98 -13.33
CA ASP B 586 29.84 6.58 -13.28
C ASP B 586 30.16 6.11 -14.68
N ASP B 587 31.42 6.32 -15.10
CA ASP B 587 31.87 5.81 -16.39
C ASP B 587 31.82 4.28 -16.39
N ILE B 588 31.30 3.71 -17.48
CA ILE B 588 31.07 2.28 -17.56
C ILE B 588 32.33 1.63 -18.11
N ASN B 589 33.14 1.07 -17.23
CA ASN B 589 34.34 0.33 -17.60
C ASN B 589 34.34 -0.99 -16.83
N GLU B 590 34.53 -2.09 -17.56
CA GLU B 590 34.39 -3.41 -16.95
C GLU B 590 35.40 -3.65 -15.85
N ILE B 591 36.60 -3.06 -15.95
CA ILE B 591 37.60 -3.24 -14.90
C ILE B 591 37.13 -2.58 -13.61
N ARG B 592 36.69 -1.33 -13.70
CA ARG B 592 36.14 -0.66 -12.52
C ARG B 592 34.89 -1.35 -12.02
N ASP B 593 34.08 -1.88 -12.93
CA ASP B 593 32.89 -2.63 -12.53
C ASP B 593 33.26 -3.83 -11.68
N ARG B 594 34.25 -4.60 -12.13
CA ARG B 594 34.69 -5.77 -11.37
C ARG B 594 35.28 -5.37 -10.02
N SER B 595 36.08 -4.30 -9.99
CA SER B 595 36.68 -3.87 -8.74
C SER B 595 35.62 -3.45 -7.73
N ILE B 596 34.68 -2.61 -8.16
CA ILE B 596 33.65 -2.16 -7.24
C ILE B 596 32.72 -3.31 -6.86
N SER B 597 32.51 -4.27 -7.75
CA SER B 597 31.72 -5.44 -7.39
C SER B 597 32.40 -6.24 -6.30
N GLU B 598 33.71 -6.44 -6.41
CA GLU B 598 34.45 -7.12 -5.37
C GLU B 598 34.35 -6.37 -4.05
N HIS B 599 34.49 -5.05 -4.09
CA HIS B 599 34.41 -4.28 -2.85
C HIS B 599 33.05 -4.39 -2.20
N VAL B 600 31.98 -4.22 -2.99
CA VAL B 600 30.63 -4.26 -2.42
C VAL B 600 30.33 -5.65 -1.87
N LEU B 601 30.71 -6.70 -2.60
CA LEU B 601 30.47 -8.05 -2.08
C LEU B 601 31.30 -8.32 -0.83
N ARG B 602 32.48 -7.73 -0.73
CA ARG B 602 33.25 -7.84 0.51
C ARG B 602 32.50 -7.17 1.66
N THR B 603 31.85 -6.05 1.39
CA THR B 603 31.15 -5.32 2.45
C THR B 603 29.97 -6.12 3.00
N HIS B 604 29.12 -6.65 2.12
CA HIS B 604 27.90 -7.32 2.57
C HIS B 604 28.19 -8.57 3.38
N ARG B 605 29.40 -9.12 3.33
CA ARG B 605 29.75 -10.25 4.17
C ARG B 605 30.50 -9.74 5.40
N TYR B 606 29.73 -9.15 6.31
CA TYR B 606 30.26 -8.64 7.57
C TYR B 606 29.37 -9.09 8.71
N LEU B 607 30.00 -9.49 9.82
CA LEU B 607 29.29 -9.96 11.00
C LEU B 607 29.76 -9.17 12.21
N PRO B 608 28.85 -8.66 13.03
CA PRO B 608 29.25 -7.97 14.26
C PRO B 608 30.01 -8.92 15.17
N PRO B 609 31.08 -8.43 15.81
CA PRO B 609 31.89 -9.31 16.66
C PRO B 609 31.08 -9.85 17.82
N GLY B 610 31.40 -11.07 18.22
CA GLY B 610 30.72 -11.69 19.34
C GLY B 610 29.29 -12.08 19.06
N TYR B 611 28.90 -12.17 17.79
CA TYR B 611 27.53 -12.45 17.42
C TYR B 611 27.51 -13.43 16.26
N LEU B 612 26.62 -14.41 16.32
CA LEU B 612 26.50 -15.39 15.26
C LEU B 612 25.64 -14.84 14.12
N GLU B 613 25.71 -15.51 12.97
CA GLU B 613 25.09 -15.02 11.74
C GLU B 613 23.64 -15.48 11.57
N GLY B 614 23.17 -16.41 12.41
CA GLY B 614 21.86 -16.99 12.17
C GLY B 614 20.68 -16.13 12.58
N GLU B 615 20.90 -15.09 13.37
CA GLU B 615 19.81 -14.30 13.90
C GLU B 615 20.05 -12.83 13.65
N PRO B 616 18.97 -12.02 13.56
CA PRO B 616 19.13 -10.60 13.22
C PRO B 616 19.69 -9.77 14.35
N VAL B 617 19.94 -8.49 14.07
CA VAL B 617 20.46 -7.57 15.09
C VAL B 617 19.34 -7.20 16.05
N ARG B 618 19.66 -7.19 17.34
CA ARG B 618 18.69 -6.90 18.38
C ARG B 618 19.06 -5.60 19.09
N GLU B 619 18.09 -5.07 19.83
CA GLU B 619 18.33 -3.90 20.66
C GLU B 619 19.14 -4.26 21.89
N ARG B 620 19.81 -3.27 22.46
CA ARG B 620 20.72 -3.47 23.58
C ARG B 620 20.37 -2.50 24.70
N LEU B 621 20.95 -2.78 25.87
CA LEU B 621 20.80 -1.94 27.05
C LEU B 621 21.85 -0.85 27.07
N ASN B 622 21.59 0.19 27.87
CA ASN B 622 22.54 1.29 28.03
C ASN B 622 23.80 0.80 28.74
N LEU B 623 24.74 1.71 28.93
CA LEU B 623 25.97 1.37 29.65
C LEU B 623 25.65 1.12 31.11
N SER B 624 26.53 0.32 31.75
CA SER B 624 26.27 -0.11 33.12
C SER B 624 26.26 1.06 34.09
N LEU B 625 27.15 2.03 33.90
CA LEU B 625 27.23 3.19 34.78
C LEU B 625 26.52 4.38 34.15
N ALA B 626 25.60 4.99 34.89
CA ALA B 626 24.92 6.19 34.42
C ALA B 626 25.90 7.35 34.25
N VAL B 627 26.98 7.35 35.02
CA VAL B 627 28.00 8.40 34.93
C VAL B 627 29.37 7.74 34.93
N GLY B 628 30.21 8.13 33.98
CA GLY B 628 31.57 7.64 33.93
C GLY B 628 32.58 8.76 34.09
N GLU B 629 33.72 8.63 33.43
CA GLU B 629 34.74 9.68 33.46
C GLU B 629 35.07 10.13 32.05
N GLN B 665 52.17 2.98 32.17
CA GLN B 665 50.84 2.62 31.70
C GLN B 665 50.44 3.48 30.50
N ALA B 666 51.00 4.68 30.44
CA ALA B 666 50.70 5.64 29.38
C ALA B 666 51.89 5.72 28.42
N GLY B 667 51.61 5.55 27.12
CA GLY B 667 52.63 5.66 26.10
C GLY B 667 53.35 4.37 25.76
N ALA B 668 53.10 3.30 26.50
CA ALA B 668 53.79 2.03 26.26
C ALA B 668 52.90 0.98 25.62
N LYS B 669 51.60 1.23 25.46
CA LYS B 669 50.69 0.23 24.93
C LYS B 669 50.29 0.47 23.48
N LEU B 670 49.99 1.72 23.10
CA LEU B 670 49.50 2.06 21.76
C LEU B 670 48.33 1.15 21.37
N ALA B 671 47.32 1.11 22.23
CA ALA B 671 46.20 0.21 22.03
C ALA B 671 45.42 0.58 20.77
N LYS B 672 44.86 1.79 20.74
CA LYS B 672 44.15 2.29 19.58
C LYS B 672 44.89 3.43 18.89
N ASN B 673 46.15 3.65 19.27
CA ASN B 673 46.89 4.79 18.76
C ASN B 673 47.27 4.59 17.29
N LYS B 674 47.78 3.41 16.94
CA LYS B 674 48.16 3.15 15.57
C LYS B 674 46.96 3.05 14.66
N GLY B 675 45.82 2.61 15.19
CA GLY B 675 44.58 2.59 14.45
C GLY B 675 44.40 1.43 13.51
N ASN B 676 45.44 0.69 13.20
CA ASN B 676 45.32 -0.43 12.27
C ASN B 676 44.62 -1.60 12.93
N TYR B 677 43.30 -1.67 12.78
CA TYR B 677 42.52 -2.69 13.47
C TYR B 677 42.69 -4.06 12.83
N ASN B 678 42.85 -4.12 11.50
CA ASN B 678 43.01 -5.39 10.81
C ASN B 678 43.93 -5.19 9.61
N GLY B 679 44.56 -6.27 9.20
CA GLY B 679 45.50 -6.23 8.08
C GLY B 679 44.84 -6.43 6.73
N THR B 680 44.73 -5.36 5.96
CA THR B 680 44.20 -5.44 4.60
C THR B 680 45.06 -4.74 3.56
N GLU B 681 45.89 -3.77 3.96
CA GLU B 681 46.79 -3.08 3.04
C GLU B 681 48.01 -2.62 3.82
N ILE B 682 49.13 -2.49 3.10
CA ILE B 682 50.37 -2.00 3.73
C ILE B 682 50.20 -0.61 4.31
N PRO B 683 49.57 0.36 3.65
CA PRO B 683 49.37 1.66 4.28
C PRO B 683 48.54 1.56 5.55
N LYS B 684 48.87 2.41 6.52
CA LYS B 684 48.21 2.41 7.81
C LYS B 684 46.82 3.02 7.72
N LEU B 685 46.05 2.83 8.78
CA LEU B 685 44.75 3.46 8.95
C LEU B 685 44.57 3.83 10.41
N VAL B 686 43.64 4.75 10.66
CA VAL B 686 43.37 5.21 12.01
C VAL B 686 41.87 5.10 12.27
N THR B 687 41.52 4.83 13.53
CA THR B 687 40.13 4.68 13.90
C THR B 687 39.48 6.05 14.08
N ILE B 688 38.15 6.04 14.06
CA ILE B 688 37.39 7.30 14.10
C ILE B 688 37.68 8.12 15.37
N PRO B 689 37.64 7.54 16.58
CA PRO B 689 37.88 8.39 17.77
C PRO B 689 39.20 9.09 17.76
N PHE B 690 40.27 8.44 17.29
CA PHE B 690 41.56 9.11 17.22
C PHE B 690 41.53 10.26 16.23
N LEU B 691 40.85 10.08 15.11
CA LEU B 691 40.73 11.15 14.13
C LEU B 691 39.97 12.34 14.71
N ARG B 692 38.88 12.06 15.44
CA ARG B 692 38.14 13.16 16.07
C ARG B 692 38.98 13.87 17.12
N LYS B 693 39.79 13.12 17.87
CA LYS B 693 40.69 13.75 18.84
C LYS B 693 41.70 14.63 18.13
N TYR B 694 42.23 14.17 17.00
CA TYR B 694 43.15 14.99 16.23
C TYR B 694 42.50 16.28 15.75
N VAL B 695 41.26 16.17 15.26
CA VAL B 695 40.53 17.36 14.82
C VAL B 695 40.31 18.32 15.98
N GLN B 696 39.91 17.80 17.14
CA GLN B 696 39.69 18.65 18.30
C GLN B 696 40.97 19.37 18.71
N TYR B 697 42.09 18.66 18.72
CA TYR B 697 43.36 19.30 19.06
C TYR B 697 43.72 20.37 18.04
N ALA B 698 43.54 20.07 16.75
CA ALA B 698 43.99 20.98 15.71
C ALA B 698 43.14 22.26 15.68
N LYS B 699 41.84 22.14 15.91
CA LYS B 699 40.98 23.31 15.81
C LYS B 699 41.19 24.29 16.95
N GLU B 700 41.96 23.93 17.97
CA GLU B 700 42.16 24.80 19.13
C GLU B 700 43.61 25.19 19.34
N ARG B 701 44.56 24.29 19.14
CA ARG B 701 45.91 24.53 19.61
C ARG B 701 46.80 25.24 18.60
N VAL B 702 46.35 25.45 17.36
CA VAL B 702 47.17 26.10 16.35
C VAL B 702 46.34 27.11 15.57
N ILE B 703 46.91 28.28 15.36
CA ILE B 703 46.35 29.33 14.52
C ILE B 703 47.44 29.80 13.57
N PRO B 704 47.60 29.15 12.42
CA PRO B 704 48.76 29.43 11.57
C PRO B 704 48.66 30.79 10.88
N GLN B 705 49.80 31.24 10.36
CA GLN B 705 49.91 32.49 9.61
C GLN B 705 50.69 32.22 8.33
N LEU B 706 50.27 32.88 7.24
CA LEU B 706 50.89 32.66 5.95
C LEU B 706 52.15 33.50 5.78
N THR B 707 52.94 33.16 4.77
CA THR B 707 54.20 33.83 4.48
C THR B 707 54.28 34.17 2.99
N GLN B 708 55.35 34.86 2.63
CA GLN B 708 55.46 35.45 1.29
C GLN B 708 55.73 34.42 0.19
N GLU B 709 56.32 33.27 0.53
CA GLU B 709 56.57 32.26 -0.50
C GLU B 709 55.26 31.65 -0.98
N ALA B 710 54.38 31.28 -0.05
CA ALA B 710 53.06 30.83 -0.43
C ALA B 710 52.31 31.92 -1.17
N ILE B 711 52.54 33.18 -0.80
CA ILE B 711 51.95 34.30 -1.54
C ILE B 711 52.41 34.28 -2.99
N ASN B 712 53.71 34.11 -3.21
CA ASN B 712 54.24 34.10 -4.56
C ASN B 712 53.65 32.95 -5.37
N VAL B 713 53.60 31.76 -4.78
CA VAL B 713 53.07 30.61 -5.49
C VAL B 713 51.59 30.82 -5.83
N ILE B 714 50.82 31.31 -4.85
CA ILE B 714 49.39 31.48 -5.05
C ILE B 714 49.13 32.54 -6.12
N VAL B 715 49.85 33.65 -6.09
CA VAL B 715 49.61 34.70 -7.08
C VAL B 715 50.02 34.22 -8.47
N LYS B 716 51.12 33.46 -8.56
CA LYS B 716 51.53 32.94 -9.85
C LYS B 716 50.47 32.00 -10.42
N ASN B 717 49.94 31.10 -9.58
CA ASN B 717 48.92 30.17 -10.05
C ASN B 717 47.64 30.91 -10.43
N TYR B 718 47.26 31.93 -9.66
CA TYR B 718 46.05 32.67 -9.99
C TYR B 718 46.19 33.41 -11.31
N THR B 719 47.34 34.06 -11.53
CA THR B 719 47.56 34.76 -12.79
C THR B 719 47.57 33.79 -13.96
N ASP B 720 48.20 32.61 -13.79
CA ASP B 720 48.21 31.63 -14.86
C ASP B 720 46.80 31.13 -15.17
N LEU B 721 46.05 30.75 -14.13
CA LEU B 721 44.71 30.22 -14.33
C LEU B 721 43.77 31.26 -14.93
N ARG B 722 43.95 32.53 -14.57
CA ARG B 722 43.08 33.57 -15.10
C ARG B 722 43.26 33.75 -16.60
N ASN B 723 44.46 33.46 -17.12
CA ASN B 723 44.77 33.70 -18.53
C ASN B 723 45.19 32.43 -19.26
N ASP B 724 44.83 31.25 -18.72
CA ASP B 724 45.02 30.01 -19.49
C ASP B 724 44.17 30.01 -20.75
N ASP B 725 42.95 30.56 -20.65
CA ASP B 725 42.08 30.81 -21.80
C ASP B 725 41.76 29.52 -22.55
N ASN B 726 41.12 28.59 -21.84
CA ASN B 726 40.57 27.38 -22.42
C ASN B 726 39.26 27.08 -21.71
N THR B 727 38.58 26.02 -22.15
CA THR B 727 37.30 25.68 -21.57
C THR B 727 37.47 25.23 -20.13
N LYS B 728 36.47 25.57 -19.30
CA LYS B 728 36.49 25.22 -17.89
C LYS B 728 35.07 25.06 -17.40
N LYS B 729 34.92 24.33 -16.29
CA LYS B 729 33.59 24.03 -15.78
C LYS B 729 32.86 25.27 -15.30
N SER B 730 33.57 26.17 -14.63
CA SER B 730 32.96 27.39 -14.12
C SER B 730 33.92 28.56 -14.34
N PRO B 731 33.40 29.76 -14.58
CA PRO B 731 34.26 30.94 -14.69
C PRO B 731 34.91 31.27 -13.35
N ILE B 732 36.08 31.88 -13.42
CA ILE B 732 36.85 32.22 -12.25
C ILE B 732 36.85 33.73 -12.06
N THR B 733 37.03 34.16 -10.82
CA THR B 733 37.01 35.57 -10.46
C THR B 733 37.95 35.77 -9.29
N ALA B 734 37.84 36.92 -8.62
CA ALA B 734 38.78 37.27 -7.56
C ALA B 734 38.58 36.41 -6.31
N ARG B 735 37.38 35.90 -6.08
CA ARG B 735 37.11 35.18 -4.85
C ARG B 735 37.83 33.85 -4.78
N THR B 736 38.35 33.34 -5.89
CA THR B 736 39.08 32.09 -5.87
C THR B 736 40.40 32.22 -5.11
N LEU B 737 40.99 33.41 -5.12
CA LEU B 737 42.22 33.61 -4.36
C LEU B 737 41.96 33.47 -2.86
N GLU B 738 40.79 33.92 -2.40
CA GLU B 738 40.40 33.66 -1.03
C GLU B 738 40.32 32.17 -0.74
N THR B 739 39.77 31.40 -1.68
CA THR B 739 39.69 29.95 -1.49
C THR B 739 41.08 29.34 -1.41
N LEU B 740 42.01 29.80 -2.26
CA LEU B 740 43.38 29.30 -2.18
C LEU B 740 44.01 29.62 -0.83
N ILE B 741 43.79 30.85 -0.34
CA ILE B 741 44.35 31.25 0.95
C ILE B 741 43.82 30.36 2.06
N ARG B 742 42.50 30.15 2.09
CA ARG B 742 41.91 29.37 3.15
C ARG B 742 42.28 27.89 3.04
N LEU B 743 42.42 27.36 1.83
CA LEU B 743 42.86 25.97 1.68
C LEU B 743 44.29 25.80 2.15
N ALA B 744 45.17 26.75 1.84
CA ALA B 744 46.53 26.67 2.34
C ALA B 744 46.56 26.74 3.86
N THR B 745 45.73 27.61 4.45
CA THR B 745 45.65 27.70 5.91
C THR B 745 45.16 26.39 6.50
N ALA B 746 44.14 25.77 5.90
CA ALA B 746 43.63 24.50 6.40
C ALA B 746 44.68 23.41 6.32
N HIS B 747 45.42 23.35 5.21
CA HIS B 747 46.44 22.32 5.09
C HIS B 747 47.59 22.55 6.06
N ALA B 748 47.92 23.82 6.36
CA ALA B 748 48.88 24.09 7.41
C ALA B 748 48.37 23.61 8.76
N LYS B 749 47.07 23.84 9.03
CA LYS B 749 46.47 23.30 10.23
C LYS B 749 46.56 21.79 10.29
N VAL B 750 46.49 21.13 9.13
CA VAL B 750 46.51 19.67 9.09
C VAL B 750 47.84 19.13 9.61
N ARG B 751 48.95 19.69 9.13
CA ARG B 751 50.27 19.23 9.54
C ARG B 751 50.76 19.89 10.81
N LEU B 752 49.91 20.68 11.47
CA LEU B 752 50.21 21.29 12.77
C LEU B 752 51.50 22.13 12.71
N SER B 753 51.45 23.17 11.88
CA SER B 753 52.52 24.14 11.80
C SER B 753 51.92 25.54 11.94
N LYS B 754 52.66 26.42 12.61
CA LYS B 754 52.20 27.78 12.81
C LYS B 754 52.42 28.68 11.60
N THR B 755 53.07 28.18 10.56
CA THR B 755 53.32 28.97 9.36
C THR B 755 52.95 28.15 8.13
N VAL B 756 52.54 28.85 7.08
CA VAL B 756 52.13 28.22 5.82
C VAL B 756 53.32 28.19 4.89
N ASN B 757 53.67 27.00 4.42
CA ASN B 757 54.79 26.83 3.49
C ASN B 757 54.26 26.53 2.10
N LYS B 758 55.15 26.70 1.11
CA LYS B 758 54.74 26.61 -0.29
C LYS B 758 54.18 25.25 -0.68
N VAL B 759 54.47 24.21 0.11
CA VAL B 759 53.92 22.89 -0.20
C VAL B 759 52.40 22.91 -0.10
N ASP B 760 51.86 23.64 0.88
CA ASP B 760 50.41 23.75 1.00
C ASP B 760 49.83 24.54 -0.17
N ALA B 761 50.54 25.57 -0.62
CA ALA B 761 50.10 26.27 -1.83
C ALA B 761 50.05 25.32 -3.02
N LYS B 762 51.08 24.48 -3.16
CA LYS B 762 51.10 23.53 -4.27
C LYS B 762 49.94 22.56 -4.20
N VAL B 763 49.67 22.02 -3.01
CA VAL B 763 48.60 21.02 -2.90
C VAL B 763 47.24 21.67 -3.11
N ALA B 764 47.06 22.90 -2.62
CA ALA B 764 45.80 23.60 -2.86
C ALA B 764 45.60 23.87 -4.35
N ALA B 765 46.66 24.30 -5.04
CA ALA B 765 46.56 24.55 -6.47
C ALA B 765 46.22 23.26 -7.22
N ASN B 766 46.88 22.15 -6.85
CA ASN B 766 46.60 20.88 -7.52
C ASN B 766 45.16 20.45 -7.29
N LEU B 767 44.67 20.57 -6.06
CA LEU B 767 43.31 20.16 -5.77
C LEU B 767 42.31 21.02 -6.52
N LEU B 768 42.56 22.33 -6.58
CA LEU B 768 41.68 23.21 -7.34
C LEU B 768 41.67 22.86 -8.81
N ARG B 769 42.84 22.58 -9.38
CA ARG B 769 42.91 22.20 -10.79
C ARG B 769 42.14 20.92 -11.04
N PHE B 770 42.24 19.95 -10.12
CA PHE B 770 41.46 18.72 -10.27
C PHE B 770 39.96 19.02 -10.20
N ALA B 771 39.56 19.87 -9.26
CA ALA B 771 38.13 20.09 -9.04
C ALA B 771 37.50 20.96 -10.13
N LEU B 772 38.28 21.74 -10.85
CA LEU B 772 37.72 22.64 -11.86
C LEU B 772 38.12 22.28 -13.28
N LEU B 773 39.37 21.87 -13.51
CA LEU B 773 39.79 21.41 -14.83
C LEU B 773 39.51 19.93 -15.03
N GLY B 774 39.94 19.10 -14.10
CA GLY B 774 39.80 17.66 -14.22
C GLY B 774 41.13 16.99 -14.46
N GLU B 775 41.69 16.40 -13.40
CA GLU B 775 43.01 15.75 -13.41
C GLU B 775 44.05 16.48 -14.26
N THR C 183 -8.42 80.70 42.31
CA THR C 183 -8.39 81.47 43.55
C THR C 183 -9.54 82.47 43.60
N ASN C 184 -9.71 83.12 44.75
CA ASN C 184 -10.82 84.03 45.00
C ASN C 184 -10.41 85.49 44.86
N VAL C 185 -9.52 85.79 43.92
CA VAL C 185 -9.01 87.14 43.73
C VAL C 185 -9.68 87.84 42.55
N SER C 186 -9.87 87.13 41.44
CA SER C 186 -10.30 87.75 40.19
C SER C 186 -11.80 88.04 40.13
N ILE C 187 -12.57 87.63 41.14
CA ILE C 187 -14.02 87.80 41.07
C ILE C 187 -14.41 89.27 41.10
N GLN C 188 -13.71 90.08 41.91
CA GLN C 188 -14.17 91.44 42.20
C GLN C 188 -13.66 92.46 41.20
N GLU C 189 -12.33 92.62 41.10
CA GLU C 189 -11.76 93.77 40.40
C GLU C 189 -11.38 93.46 38.96
N CYS C 190 -11.00 92.22 38.65
CA CYS C 190 -10.58 91.89 37.29
C CYS C 190 -11.75 92.03 36.32
N THR C 191 -12.95 91.64 36.74
CA THR C 191 -14.12 91.79 35.88
C THR C 191 -14.39 93.26 35.56
N THR C 192 -14.31 94.12 36.58
CA THR C 192 -14.53 95.54 36.35
C THR C 192 -13.46 96.14 35.47
N ASN C 193 -12.20 95.75 35.67
CA ASN C 193 -11.13 96.25 34.82
C ASN C 193 -11.32 95.82 33.37
N PHE C 194 -11.69 94.56 33.15
CA PHE C 194 -11.92 94.08 31.80
C PHE C 194 -13.09 94.80 31.15
N ARG C 195 -14.15 95.06 31.92
CA ARG C 195 -15.28 95.81 31.39
C ARG C 195 -14.88 97.24 31.02
N ASN C 196 -14.08 97.88 31.87
CA ASN C 196 -13.62 99.23 31.59
C ASN C 196 -12.81 99.27 30.31
N PHE C 197 -11.91 98.30 30.12
CA PHE C 197 -11.13 98.27 28.89
C PHE C 197 -11.94 97.73 27.71
N LEU C 198 -13.06 97.06 27.96
CA LEU C 198 -14.01 96.76 26.89
C LEU C 198 -14.56 98.04 26.32
N MET C 199 -15.01 98.94 27.19
CA MET C 199 -15.47 100.23 26.71
C MET C 199 -14.34 101.20 26.38
N SER C 200 -13.09 100.85 26.68
CA SER C 200 -11.98 101.80 26.54
C SER C 200 -10.89 101.35 25.57
N PHE C 201 -11.01 100.16 24.98
CA PHE C 201 -9.95 99.65 24.11
C PHE C 201 -9.99 100.35 22.76
N LYS C 202 -8.81 100.75 22.28
CA LYS C 202 -8.63 101.20 20.90
C LYS C 202 -7.39 100.54 20.36
N TYR C 203 -7.51 99.92 19.19
CA TYR C 203 -6.37 99.22 18.61
C TYR C 203 -5.25 100.15 18.18
N LYS C 204 -5.42 101.47 18.35
CA LYS C 204 -4.32 102.39 18.15
C LYS C 204 -3.17 102.09 19.10
N PHE C 205 -3.47 101.56 20.29
CA PHE C 205 -2.41 101.16 21.20
C PHE C 205 -1.57 100.03 20.59
N ARG C 206 -2.24 99.04 20.00
CA ARG C 206 -1.52 97.98 19.31
C ARG C 206 -0.77 98.53 18.10
N LYS C 207 -1.36 99.50 17.41
CA LYS C 207 -0.68 100.13 16.28
C LYS C 207 0.62 100.79 16.73
N ILE C 208 0.57 101.51 17.85
CA ILE C 208 1.77 102.14 18.40
C ILE C 208 2.78 101.06 18.80
N LEU C 209 2.30 99.98 19.42
CA LEU C 209 3.18 98.86 19.75
C LEU C 209 3.84 98.28 18.50
N ASP C 210 3.18 98.39 17.35
CA ASP C 210 3.76 97.89 16.11
C ASP C 210 4.88 98.79 15.61
N GLU C 211 4.70 100.11 15.73
CA GLU C 211 5.64 101.09 15.19
C GLU C 211 5.83 100.92 13.69
N ARG C 212 4.71 100.98 12.96
CA ARG C 212 4.69 100.80 11.51
C ARG C 212 5.52 101.85 10.80
N GLU C 223 -12.00 102.81 16.32
CA GLU C 223 -10.93 101.96 16.82
C GLU C 223 -11.41 101.13 18.02
N LEU C 224 -12.59 101.47 18.53
CA LEU C 224 -13.18 100.78 19.66
C LEU C 224 -13.77 99.46 19.17
N TYR C 225 -12.91 98.45 19.09
CA TYR C 225 -13.29 97.14 18.58
C TYR C 225 -14.48 96.57 19.33
N TYR C 226 -14.44 96.60 20.66
CA TYR C 226 -15.39 95.84 21.46
C TYR C 226 -16.81 96.35 21.29
N ILE C 227 -17.02 97.68 21.37
CA ILE C 227 -18.38 98.20 21.32
C ILE C 227 -18.98 98.05 19.93
N LYS C 228 -18.20 98.36 18.89
CA LYS C 228 -18.71 98.22 17.52
C LYS C 228 -19.01 96.76 17.20
N GLN C 229 -18.11 95.86 17.62
CA GLN C 229 -18.35 94.44 17.37
C GLN C 229 -19.52 93.91 18.20
N LEU C 230 -19.72 94.46 19.39
CA LEU C 230 -20.82 94.01 20.23
C LEU C 230 -22.16 94.47 19.67
N ASN C 231 -22.22 95.71 19.17
CA ASN C 231 -23.44 96.15 18.48
C ASN C 231 -23.64 95.40 17.17
N GLU C 232 -22.56 95.03 16.50
CA GLU C 232 -22.66 94.16 15.33
C GLU C 232 -23.31 92.83 15.70
N MET C 233 -22.87 92.25 16.81
CA MET C 233 -23.49 91.02 17.31
C MET C 233 -24.97 91.24 17.65
N ARG C 234 -25.28 92.38 18.25
CA ARG C 234 -26.66 92.70 18.60
C ARG C 234 -27.55 92.75 17.36
N GLU C 235 -27.08 93.40 16.30
CA GLU C 235 -27.86 93.48 15.07
C GLU C 235 -27.77 92.21 14.23
N LEU C 236 -26.84 91.30 14.53
CA LEU C 236 -26.70 90.07 13.78
C LEU C 236 -27.52 88.93 14.36
N GLY C 237 -27.62 88.84 15.68
CA GLY C 237 -28.22 87.70 16.33
C GLY C 237 -27.27 86.54 16.55
N THR C 238 -25.99 86.70 16.22
CA THR C 238 -24.98 85.68 16.44
C THR C 238 -24.62 85.61 17.92
N SER C 239 -23.86 84.58 18.29
CA SER C 239 -23.35 84.43 19.66
C SER C 239 -21.94 83.88 19.59
N ASN C 240 -20.96 84.78 19.55
CA ASN C 240 -19.55 84.42 19.50
C ASN C 240 -18.71 85.67 19.69
N LEU C 241 -17.62 85.54 20.44
CA LEU C 241 -16.70 86.66 20.67
C LEU C 241 -15.27 86.13 20.56
N ASN C 242 -14.65 86.35 19.40
CA ASN C 242 -13.24 86.05 19.25
C ASN C 242 -12.42 87.01 20.11
N LEU C 243 -11.33 86.52 20.67
CA LEU C 243 -10.52 87.29 21.61
C LEU C 243 -9.06 86.96 21.41
N ASP C 244 -8.29 87.94 20.94
CA ASP C 244 -6.85 87.77 20.80
C ASP C 244 -6.15 88.10 22.12
N ALA C 245 -4.96 87.53 22.31
CA ALA C 245 -4.18 87.78 23.51
C ALA C 245 -3.20 88.93 23.34
N ARG C 246 -2.64 89.12 22.15
CA ARG C 246 -1.65 90.17 21.94
C ARG C 246 -2.26 91.55 22.21
N ASN C 247 -3.39 91.85 21.57
CA ASN C 247 -4.08 93.10 21.85
C ASN C 247 -4.57 93.15 23.29
N LEU C 248 -4.86 91.98 23.88
CA LEU C 248 -5.14 91.91 25.30
C LEU C 248 -3.90 92.22 26.12
N LEU C 249 -2.73 91.82 25.65
CA LEU C 249 -1.48 92.16 26.32
C LEU C 249 -1.10 93.62 26.15
N ALA C 250 -1.69 94.30 25.16
CA ALA C 250 -1.32 95.69 24.87
C ALA C 250 -1.63 96.64 26.03
N TYR C 251 -2.48 96.23 26.97
CA TYR C 251 -2.89 97.09 28.07
C TYR C 251 -2.28 96.61 29.37
N LYS C 252 -1.88 97.56 30.21
CA LYS C 252 -1.03 97.26 31.36
C LYS C 252 -1.82 96.62 32.50
N GLN C 253 -3.08 97.00 32.71
CA GLN C 253 -3.86 96.35 33.75
C GLN C 253 -4.31 94.96 33.32
N THR C 254 -4.46 94.74 32.02
CA THR C 254 -5.05 93.50 31.54
C THR C 254 -4.09 92.32 31.66
N GLU C 255 -2.78 92.58 31.60
CA GLU C 255 -1.82 91.48 31.66
C GLU C 255 -1.90 90.73 32.98
N ASP C 256 -2.34 91.38 34.05
CA ASP C 256 -2.60 90.67 35.29
C ASP C 256 -3.71 89.64 35.11
N LEU C 257 -4.82 90.07 34.51
CA LEU C 257 -5.89 89.13 34.17
C LEU C 257 -5.41 88.12 33.15
N TYR C 258 -4.47 88.50 32.29
CA TYR C 258 -3.90 87.54 31.34
C TYR C 258 -3.23 86.38 32.08
N HIS C 259 -2.30 86.72 33.00
CA HIS C 259 -1.61 85.67 33.74
C HIS C 259 -2.57 84.87 34.60
N GLN C 260 -3.57 85.53 35.20
CA GLN C 260 -4.54 84.79 35.98
C GLN C 260 -5.39 83.89 35.10
N LEU C 261 -5.59 84.25 33.84
CA LEU C 261 -6.32 83.40 32.91
C LEU C 261 -5.51 82.16 32.56
N LEU C 262 -4.20 82.31 32.33
CA LEU C 262 -3.40 81.10 32.08
C LEU C 262 -3.48 80.13 33.24
N ASN C 263 -3.42 80.64 34.48
CA ASN C 263 -3.47 79.74 35.63
C ASN C 263 -4.86 79.14 35.82
N TYR C 264 -5.90 79.95 35.66
CA TYR C 264 -7.27 79.54 35.94
C TYR C 264 -8.14 79.83 34.73
N PRO C 265 -8.08 78.97 33.71
CA PRO C 265 -8.84 79.24 32.48
C PRO C 265 -10.36 79.20 32.65
N GLN C 266 -10.86 78.14 33.28
CA GLN C 266 -12.30 77.90 33.28
C GLN C 266 -13.06 79.02 33.95
N GLU C 267 -12.66 79.37 35.17
CA GLU C 267 -13.39 80.38 35.94
C GLU C 267 -13.28 81.74 35.29
N VAL C 268 -12.09 82.09 34.78
CA VAL C 268 -11.92 83.38 34.12
C VAL C 268 -12.84 83.47 32.90
N ILE C 269 -12.87 82.40 32.09
CA ILE C 269 -13.70 82.42 30.89
C ILE C 269 -15.18 82.50 31.27
N SER C 270 -15.59 81.78 32.30
CA SER C 270 -16.99 81.81 32.73
C SER C 270 -17.38 83.21 33.19
N ILE C 271 -16.52 83.86 33.98
CA ILE C 271 -16.88 85.18 34.45
C ILE C 271 -16.82 86.21 33.33
N MET C 272 -15.94 86.00 32.33
CA MET C 272 -15.95 86.88 31.15
C MET C 272 -17.25 86.73 30.38
N ASP C 273 -17.74 85.49 30.24
CA ASP C 273 -19.01 85.27 29.55
C ASP C 273 -20.16 85.92 30.30
N GLN C 274 -20.16 85.82 31.63
CA GLN C 274 -21.20 86.51 32.40
C GLN C 274 -21.07 88.02 32.25
N THR C 275 -19.83 88.52 32.17
CA THR C 275 -19.63 89.95 31.95
C THR C 275 -20.23 90.38 30.62
N ILE C 276 -20.05 89.58 29.57
CA ILE C 276 -20.66 89.89 28.28
C ILE C 276 -22.17 89.82 28.38
N LYS C 277 -22.68 88.85 29.16
CA LYS C 277 -24.13 88.73 29.34
C LYS C 277 -24.70 89.99 29.95
N ASP C 278 -24.03 90.56 30.95
CA ASP C 278 -24.49 91.81 31.52
C ASP C 278 -24.23 92.99 30.59
N CYS C 279 -23.15 92.91 29.79
CA CYS C 279 -22.87 93.96 28.83
C CYS C 279 -23.96 94.07 27.78
N MET C 280 -24.68 92.97 27.52
CA MET C 280 -25.87 93.04 26.69
C MET C 280 -26.77 94.19 27.13
N VAL C 281 -27.26 94.12 28.36
CA VAL C 281 -28.17 95.14 28.88
C VAL C 281 -27.44 96.47 29.05
N SER C 282 -26.17 96.43 29.44
CA SER C 282 -25.43 97.67 29.64
C SER C 282 -25.27 98.46 28.34
N LEU C 283 -25.29 97.78 27.20
CA LEU C 283 -25.16 98.45 25.91
C LEU C 283 -26.51 98.77 25.27
N ILE C 284 -27.51 97.89 25.40
CA ILE C 284 -28.80 98.16 24.79
C ILE C 284 -29.55 99.29 25.48
N VAL C 285 -29.08 99.75 26.63
CA VAL C 285 -29.74 100.83 27.35
C VAL C 285 -29.13 102.18 26.95
N ASP C 292 -33.49 94.73 22.64
CA ASP C 292 -34.91 94.46 22.89
C ASP C 292 -35.09 93.59 24.13
N LEU C 293 -33.98 93.00 24.59
CA LEU C 293 -33.90 92.23 25.83
C LEU C 293 -34.59 90.88 25.72
N ASP C 294 -35.30 90.64 24.61
CA ASP C 294 -35.94 89.35 24.43
C ASP C 294 -34.99 88.33 23.79
N GLU C 295 -34.25 88.74 22.77
CA GLU C 295 -33.25 87.86 22.17
C GLU C 295 -32.09 87.61 23.12
N ILE C 296 -31.87 88.49 24.09
CA ILE C 296 -30.73 88.36 25.00
C ILE C 296 -30.94 87.18 25.94
N GLU C 297 -32.15 87.06 26.50
CA GLU C 297 -32.43 86.03 27.48
C GLU C 297 -32.38 84.63 26.89
N THR C 298 -32.49 84.50 25.57
CA THR C 298 -32.53 83.19 24.92
C THR C 298 -31.15 82.65 24.59
N LYS C 299 -30.18 83.52 24.34
CA LYS C 299 -28.88 83.11 23.82
C LYS C 299 -27.83 83.08 24.92
N PHE C 300 -26.97 82.06 24.88
CA PHE C 300 -25.80 82.03 25.73
C PHE C 300 -24.68 82.84 25.11
N TYR C 301 -23.57 82.97 25.84
CA TYR C 301 -22.43 83.75 25.38
C TYR C 301 -21.15 83.02 25.72
N LYS C 302 -20.22 83.01 24.77
CA LYS C 302 -18.93 82.35 24.95
C LYS C 302 -17.85 83.17 24.25
N VAL C 303 -16.61 82.92 24.62
CA VAL C 303 -15.47 83.59 24.03
C VAL C 303 -14.55 82.55 23.40
N ARG C 304 -13.71 83.00 22.49
CA ARG C 304 -12.75 82.16 21.79
C ARG C 304 -11.37 82.79 21.91
N PRO C 305 -10.68 82.55 23.02
CA PRO C 305 -9.30 83.03 23.13
C PRO C 305 -8.39 82.30 22.15
N TYR C 306 -7.35 83.01 21.72
CA TYR C 306 -6.36 82.43 20.81
C TYR C 306 -5.08 83.25 20.90
N ASN C 307 -4.02 82.71 20.30
CA ASN C 307 -2.70 83.35 20.27
C ASN C 307 -2.19 83.63 21.68
N VAL C 308 -2.54 82.77 22.64
CA VAL C 308 -2.15 83.00 24.02
C VAL C 308 -0.64 82.84 24.19
N GLY C 309 -0.04 81.88 23.48
CA GLY C 309 1.38 81.63 23.65
C GLY C 309 1.94 80.90 22.45
N SER C 310 3.21 80.55 22.56
CA SER C 310 3.90 79.84 21.48
C SER C 310 3.29 78.46 21.27
N CYS C 311 3.27 78.03 20.02
CA CYS C 311 2.73 76.73 19.67
C CYS C 311 3.74 75.65 20.02
N LYS C 312 3.36 74.74 20.91
CA LYS C 312 4.25 73.69 21.36
C LYS C 312 4.06 72.43 20.52
N GLY C 313 4.84 71.40 20.83
CA GLY C 313 4.72 70.13 20.16
C GLY C 313 4.54 69.00 21.16
N MET C 314 4.06 67.87 20.64
CA MET C 314 3.79 66.72 21.49
C MET C 314 5.06 66.08 22.04
N ARG C 315 6.23 66.45 21.53
CA ARG C 315 7.47 65.85 22.00
C ARG C 315 7.98 66.49 23.29
N GLU C 316 7.46 67.66 23.67
CA GLU C 316 7.86 68.35 24.89
C GLU C 316 6.60 68.77 25.64
N LEU C 317 6.11 67.90 26.52
CA LEU C 317 4.92 68.19 27.33
C LEU C 317 5.21 67.67 28.74
N ASN C 318 5.77 68.52 29.58
CA ASN C 318 6.06 68.14 30.95
C ASN C 318 4.79 68.25 31.80
N PRO C 319 4.72 67.50 32.91
CA PRO C 319 3.55 67.60 33.78
C PRO C 319 3.39 68.96 34.45
N ASN C 320 4.37 69.86 34.30
CA ASN C 320 4.19 71.22 34.77
C ASN C 320 3.10 71.96 34.01
N ASP C 321 2.73 71.46 32.82
CA ASP C 321 1.77 72.11 31.95
C ASP C 321 0.37 71.51 32.07
N ILE C 322 0.00 71.03 33.25
CA ILE C 322 -1.32 70.48 33.49
C ILE C 322 -2.25 71.62 33.89
N ASP C 323 -3.48 71.58 33.37
CA ASP C 323 -4.48 72.62 33.63
C ASP C 323 -3.97 74.00 33.23
N LYS C 324 -3.31 74.07 32.08
CA LYS C 324 -2.81 75.32 31.53
C LYS C 324 -3.17 75.40 30.05
N LEU C 325 -3.43 76.62 29.59
CA LEU C 325 -3.84 76.84 28.21
C LEU C 325 -2.63 76.81 27.29
N ILE C 326 -2.74 76.07 26.19
CA ILE C 326 -1.66 75.95 25.22
C ILE C 326 -2.22 76.10 23.82
N ASN C 327 -1.32 76.39 22.88
CA ASN C 327 -1.64 76.53 21.47
C ASN C 327 -0.97 75.39 20.71
N LEU C 328 -1.75 74.66 19.91
CA LEU C 328 -1.26 73.48 19.21
C LEU C 328 -1.63 73.54 17.74
N LYS C 329 -0.72 73.09 16.89
CA LYS C 329 -0.96 72.93 15.46
C LYS C 329 -0.71 71.48 15.08
N GLY C 330 -1.48 71.00 14.11
CA GLY C 330 -1.35 69.61 13.71
C GLY C 330 -2.32 69.25 12.61
N LEU C 331 -2.36 67.97 12.30
CA LEU C 331 -3.20 67.42 11.23
C LEU C 331 -4.26 66.52 11.82
N VAL C 332 -5.52 66.78 11.48
CA VAL C 332 -6.61 65.92 11.93
C VAL C 332 -6.57 64.61 11.17
N LEU C 333 -6.52 63.50 11.91
CA LEU C 333 -6.46 62.18 11.31
C LEU C 333 -7.84 61.54 11.18
N ARG C 334 -8.52 61.32 12.30
CA ARG C 334 -9.78 60.60 12.33
C ARG C 334 -10.77 61.35 13.20
N SER C 335 -11.96 60.79 13.34
CA SER C 335 -13.03 61.41 14.10
C SER C 335 -13.79 60.31 14.84
N THR C 336 -14.96 60.65 15.35
CA THR C 336 -15.83 59.69 16.01
C THR C 336 -17.26 60.19 15.93
N PRO C 337 -18.25 59.30 15.99
CA PRO C 337 -19.64 59.77 16.04
C PRO C 337 -19.89 60.56 17.30
N VAL C 338 -20.84 61.51 17.20
CA VAL C 338 -21.15 62.37 18.33
C VAL C 338 -21.72 61.55 19.47
N ILE C 339 -21.24 61.78 20.68
CA ILE C 339 -21.58 61.01 21.86
C ILE C 339 -22.50 61.85 22.74
N PRO C 340 -23.72 61.43 23.00
CA PRO C 340 -24.58 62.16 23.94
C PRO C 340 -23.95 62.21 25.33
N ASP C 341 -24.17 63.33 26.00
CA ASP C 341 -23.65 63.56 27.35
C ASP C 341 -24.81 63.87 28.28
N MET C 342 -24.81 63.24 29.45
CA MET C 342 -25.88 63.43 30.42
C MET C 342 -25.79 64.82 31.02
N LYS C 343 -26.91 65.57 30.97
CA LYS C 343 -26.98 66.86 31.63
C LYS C 343 -28.10 66.95 32.64
N VAL C 344 -29.32 66.56 32.28
CA VAL C 344 -30.50 66.69 33.13
C VAL C 344 -31.11 65.32 33.28
N ALA C 345 -31.03 64.74 34.48
CA ALA C 345 -31.58 63.42 34.72
C ALA C 345 -33.08 63.51 34.98
N PHE C 346 -33.84 62.66 34.28
CA PHE C 346 -35.28 62.58 34.43
C PHE C 346 -35.63 61.38 35.28
N PHE C 347 -36.59 61.54 36.19
CA PHE C 347 -37.01 60.48 37.09
C PHE C 347 -38.53 60.45 37.18
N LYS C 348 -39.06 59.29 37.55
CA LYS C 348 -40.50 59.11 37.63
C LYS C 348 -40.84 58.18 38.77
N CYS C 349 -41.69 58.65 39.67
CA CYS C 349 -42.18 57.85 40.79
C CYS C 349 -43.27 56.93 40.26
N ASN C 350 -42.89 55.72 39.86
CA ASN C 350 -43.76 54.90 39.03
C ASN C 350 -45.09 54.59 39.71
N VAL C 351 -45.06 54.37 41.02
CA VAL C 351 -46.30 54.03 41.72
C VAL C 351 -47.29 55.18 41.63
N CYS C 352 -46.82 56.41 41.81
CA CYS C 352 -47.69 57.59 41.77
C CYS C 352 -47.47 58.43 40.52
N ASP C 353 -46.73 57.92 39.55
CA ASP C 353 -46.49 58.58 38.26
C ASP C 353 -45.87 59.96 38.41
N HIS C 354 -45.37 60.30 39.59
CA HIS C 354 -44.79 61.61 39.81
C HIS C 354 -43.41 61.69 39.18
N THR C 355 -43.11 62.81 38.54
CA THR C 355 -41.87 63.02 37.83
C THR C 355 -41.10 64.18 38.43
N MET C 356 -39.79 64.01 38.56
CA MET C 356 -38.91 65.05 39.08
C MET C 356 -37.68 65.17 38.22
N ALA C 357 -37.24 66.39 37.99
CA ALA C 357 -36.05 66.68 37.19
C ALA C 357 -34.89 67.01 38.12
N VAL C 358 -33.75 66.38 37.87
CA VAL C 358 -32.59 66.48 38.75
C VAL C 358 -31.39 66.96 37.95
N GLU C 359 -30.68 67.94 38.50
CA GLU C 359 -29.42 68.39 37.92
C GLU C 359 -28.28 67.50 38.41
N ILE C 360 -27.17 67.52 37.67
CA ILE C 360 -26.02 66.70 37.98
C ILE C 360 -24.78 67.58 38.03
N ASP C 361 -23.71 67.02 38.60
CA ASP C 361 -22.43 67.71 38.70
C ASP C 361 -21.32 66.67 38.68
N ARG C 362 -20.30 66.92 37.86
CA ARG C 362 -19.14 66.03 37.73
C ARG C 362 -19.53 64.62 37.32
N GLY C 363 -20.64 64.50 36.59
CA GLY C 363 -21.08 63.21 36.09
C GLY C 363 -21.85 62.37 37.08
N VAL C 364 -21.40 62.35 38.34
CA VAL C 364 -22.00 61.47 39.34
C VAL C 364 -23.38 62.00 39.71
N ILE C 365 -24.36 61.10 39.74
CA ILE C 365 -25.74 61.44 40.07
C ILE C 365 -26.00 61.09 41.53
N GLN C 366 -26.53 62.06 42.28
CA GLN C 366 -27.08 61.77 43.60
C GLN C 366 -28.54 61.39 43.40
N GLU C 367 -28.80 60.09 43.32
CA GLU C 367 -30.15 59.63 43.05
C GLU C 367 -31.07 59.95 44.22
N PRO C 368 -32.33 60.30 43.96
CA PRO C 368 -33.28 60.52 45.06
C PRO C 368 -33.71 59.19 45.67
N ALA C 369 -33.42 59.02 46.96
CA ALA C 369 -33.71 57.77 47.65
C ALA C 369 -35.18 57.56 47.92
N ARG C 370 -36.03 58.56 47.69
CA ARG C 370 -37.44 58.45 48.00
C ARG C 370 -38.19 59.51 47.19
N CYS C 371 -39.41 59.15 46.76
CA CYS C 371 -40.19 60.11 45.99
C CYS C 371 -40.77 61.17 46.92
N GLU C 372 -40.75 62.42 46.44
CA GLU C 372 -41.10 63.55 47.29
C GLU C 372 -42.54 63.49 47.76
N ARG C 373 -43.40 62.76 47.06
CA ARG C 373 -44.82 62.71 47.41
C ARG C 373 -44.97 61.92 48.70
N ILE C 374 -45.05 62.62 49.83
CA ILE C 374 -45.19 61.96 51.12
C ILE C 374 -46.50 61.18 51.21
N ASP C 375 -47.45 61.44 50.30
CA ASP C 375 -48.67 60.66 50.27
C ASP C 375 -48.37 59.20 49.97
N CYS C 376 -47.46 58.94 49.03
CA CYS C 376 -46.93 57.59 48.86
C CYS C 376 -45.65 57.42 49.64
N ASN C 377 -44.71 58.35 49.50
CA ASN C 377 -43.50 58.43 50.31
C ASN C 377 -42.64 57.17 50.20
N GLU C 378 -42.85 56.37 49.15
CA GLU C 378 -42.14 55.12 49.01
C GLU C 378 -40.69 55.38 48.62
N PRO C 379 -39.75 54.60 49.16
CA PRO C 379 -38.33 54.82 48.84
C PRO C 379 -37.91 54.19 47.52
N ASN C 380 -38.51 53.05 47.18
CA ASN C 380 -38.05 52.23 46.07
C ASN C 380 -38.78 52.50 44.77
N SER C 381 -39.71 53.46 44.75
CA SER C 381 -40.51 53.73 43.56
C SER C 381 -39.83 54.68 42.59
N MET C 382 -38.52 54.84 42.68
CA MET C 382 -37.79 55.77 41.82
C MET C 382 -37.26 55.04 40.60
N SER C 383 -37.77 55.40 39.42
CA SER C 383 -37.33 54.82 38.16
C SER C 383 -37.15 55.95 37.16
N LEU C 384 -36.04 55.94 36.43
CA LEU C 384 -35.73 57.00 35.50
C LEU C 384 -36.22 56.67 34.10
N ILE C 385 -36.27 57.69 33.25
CA ILE C 385 -36.64 57.55 31.85
C ILE C 385 -35.47 57.99 31.00
N HIS C 386 -35.00 57.09 30.14
CA HIS C 386 -33.82 57.40 29.31
C HIS C 386 -34.14 58.47 28.28
N ASN C 387 -35.32 58.41 27.66
CA ASN C 387 -35.61 59.16 26.46
C ASN C 387 -36.32 60.48 26.70
N ARG C 388 -36.47 60.89 27.96
CA ARG C 388 -37.07 62.19 28.27
C ARG C 388 -36.09 63.12 28.96
N CYS C 389 -34.80 62.86 28.83
CA CYS C 389 -33.77 63.69 29.45
C CYS C 389 -33.30 64.76 28.47
N SER C 390 -32.21 65.43 28.82
CA SER C 390 -31.56 66.40 27.94
C SER C 390 -30.08 66.07 27.86
N PHE C 391 -29.50 66.23 26.67
CA PHE C 391 -28.15 65.75 26.41
C PHE C 391 -27.31 66.82 25.72
N ALA C 392 -26.00 66.66 25.84
CA ALA C 392 -25.02 67.51 25.19
C ALA C 392 -24.20 66.68 24.20
N ASP C 393 -23.81 67.30 23.10
CA ASP C 393 -23.11 66.61 22.02
C ASP C 393 -21.62 66.72 22.23
N LYS C 394 -20.95 65.57 22.31
CA LYS C 394 -19.50 65.51 22.47
C LYS C 394 -18.89 64.73 21.31
N GLN C 395 -17.78 65.27 20.78
CA GLN C 395 -17.05 64.62 19.71
C GLN C 395 -15.56 64.57 20.07
N VAL C 396 -14.93 63.44 19.76
CA VAL C 396 -13.52 63.22 20.07
C VAL C 396 -12.75 63.16 18.76
N ILE C 397 -11.69 63.96 18.67
CA ILE C 397 -10.85 64.01 17.48
C ILE C 397 -9.47 63.47 17.84
N LYS C 398 -8.83 62.82 16.88
CA LYS C 398 -7.46 62.37 17.03
C LYS C 398 -6.56 63.27 16.20
N LEU C 399 -5.51 63.79 16.82
CA LEU C 399 -4.65 64.78 16.20
C LEU C 399 -3.21 64.26 16.12
N GLN C 400 -2.56 64.53 14.99
CA GLN C 400 -1.18 64.16 14.75
C GLN C 400 -0.31 65.41 14.70
N GLU C 401 0.89 65.29 15.25
CA GLU C 401 1.86 66.38 15.15
C GLU C 401 2.27 66.58 13.70
N THR C 402 2.61 67.82 13.36
CA THR C 402 3.09 68.11 12.02
C THR C 402 4.44 67.43 11.80
N PRO C 403 4.72 67.00 10.57
CA PRO C 403 6.01 66.35 10.30
C PRO C 403 7.21 67.27 10.51
N ASP C 404 6.99 68.57 10.69
CA ASP C 404 8.10 69.48 10.94
C ASP C 404 8.80 69.20 12.26
N PHE C 405 8.15 68.50 13.18
CA PHE C 405 8.69 68.27 14.51
C PHE C 405 9.51 66.99 14.62
N VAL C 406 9.68 66.26 13.53
CA VAL C 406 10.44 65.02 13.51
C VAL C 406 11.53 65.15 12.45
N PRO C 407 12.74 65.56 12.83
CA PRO C 407 13.78 65.81 11.84
C PRO C 407 14.61 64.59 11.47
N ASP C 408 14.66 63.58 12.33
CA ASP C 408 15.59 62.46 12.18
C ASP C 408 14.87 61.15 11.89
N GLY C 409 13.75 61.19 11.19
CA GLY C 409 13.09 59.97 10.76
C GLY C 409 12.43 59.17 11.86
N GLN C 410 12.06 59.80 12.97
CA GLN C 410 11.32 59.12 14.03
C GLN C 410 9.85 59.02 13.63
N THR C 411 9.00 58.60 14.57
CA THR C 411 7.58 58.49 14.24
C THR C 411 6.77 59.54 14.98
N PRO C 412 5.77 60.13 14.33
CA PRO C 412 4.90 61.09 15.01
C PRO C 412 4.02 60.40 16.04
N HIS C 413 3.35 61.21 16.85
CA HIS C 413 2.51 60.72 17.94
C HIS C 413 1.11 61.29 17.80
N SER C 414 0.23 60.88 18.71
CA SER C 414 -1.18 61.25 18.67
C SER C 414 -1.64 61.75 20.02
N ILE C 415 -2.41 62.84 20.02
CA ILE C 415 -3.00 63.42 21.21
C ILE C 415 -4.50 63.48 21.01
N SER C 416 -5.25 62.93 21.96
CA SER C 416 -6.70 62.94 21.85
C SER C 416 -7.25 64.36 22.04
N LEU C 417 -8.41 64.60 21.46
CA LEU C 417 -9.04 65.91 21.46
C LEU C 417 -10.49 65.79 21.91
N CYS C 418 -11.03 66.90 22.40
CA CYS C 418 -12.43 66.97 22.79
C CYS C 418 -13.01 68.32 22.35
N VAL C 419 -14.24 68.30 21.85
CA VAL C 419 -14.93 69.51 21.41
C VAL C 419 -16.37 69.47 21.90
N TYR C 420 -17.01 70.63 21.88
CA TYR C 420 -18.40 70.75 22.32
C TYR C 420 -19.17 71.70 21.40
N ASP C 421 -20.42 71.32 21.11
CA ASP C 421 -21.38 72.21 20.47
C ASP C 421 -20.92 72.73 19.12
N GLU C 422 -20.64 74.04 19.04
CA GLU C 422 -20.33 74.67 17.76
C GLU C 422 -19.06 74.13 17.13
N LEU C 423 -18.17 73.52 17.91
CA LEU C 423 -16.95 72.96 17.37
C LEU C 423 -17.14 71.53 16.86
N VAL C 424 -18.34 70.98 17.01
CA VAL C 424 -18.60 69.63 16.52
C VAL C 424 -18.58 69.63 15.00
N ASP C 425 -17.87 68.65 14.43
CA ASP C 425 -17.77 68.47 12.98
C ASP C 425 -17.12 69.67 12.29
N SER C 426 -16.48 70.55 13.05
CA SER C 426 -15.77 71.67 12.45
C SER C 426 -14.50 71.25 11.72
N CYS C 427 -14.09 69.99 11.89
CA CYS C 427 -12.93 69.46 11.20
C CYS C 427 -13.22 68.02 10.79
N ARG C 428 -12.48 67.55 9.79
CA ARG C 428 -12.59 66.17 9.33
C ARG C 428 -11.21 65.70 8.89
N ALA C 429 -11.15 64.50 8.32
CA ALA C 429 -9.89 63.84 8.04
C ALA C 429 -9.05 64.64 7.06
N GLY C 430 -7.73 64.63 7.27
CA GLY C 430 -6.79 65.27 6.38
C GLY C 430 -6.61 66.76 6.58
N ASP C 431 -7.36 67.37 7.48
CA ASP C 431 -7.30 68.81 7.65
C ASP C 431 -6.01 69.23 8.36
N ARG C 432 -5.62 70.48 8.14
CA ARG C 432 -4.51 71.12 8.84
C ARG C 432 -5.09 72.28 9.64
N ILE C 433 -5.04 72.17 10.96
CA ILE C 433 -5.68 73.13 11.84
C ILE C 433 -4.72 73.51 12.97
N GLU C 434 -5.05 74.60 13.65
CA GLU C 434 -4.39 75.01 14.87
C GLU C 434 -5.44 75.25 15.95
N VAL C 435 -5.14 74.80 17.17
CA VAL C 435 -6.11 74.81 18.25
C VAL C 435 -5.52 75.48 19.47
N THR C 436 -6.40 75.97 20.34
CA THR C 436 -6.02 76.59 21.60
C THR C 436 -6.94 76.08 22.69
N GLY C 437 -6.37 75.37 23.66
CA GLY C 437 -7.15 74.80 24.73
C GLY C 437 -6.26 74.34 25.86
N THR C 438 -6.91 74.00 26.97
CA THR C 438 -6.22 73.60 28.19
C THR C 438 -5.86 72.13 28.16
N PHE C 439 -4.90 71.76 29.00
CA PHE C 439 -4.46 70.38 29.15
C PHE C 439 -5.33 69.69 30.20
N ARG C 440 -5.25 68.35 30.21
CA ARG C 440 -6.04 67.59 31.18
C ARG C 440 -5.47 66.19 31.32
N SER C 441 -5.66 65.61 32.50
CA SER C 441 -5.27 64.24 32.78
C SER C 441 -6.40 63.54 33.51
N ILE C 442 -6.53 62.23 33.27
CA ILE C 442 -7.66 61.48 33.80
C ILE C 442 -7.18 60.13 34.34
N PRO C 443 -7.74 59.64 35.44
CA PRO C 443 -7.43 58.27 35.87
C PRO C 443 -8.09 57.25 34.95
N ILE C 444 -7.36 56.17 34.69
CA ILE C 444 -7.85 55.09 33.82
C ILE C 444 -8.44 54.00 34.69
N ARG C 445 -9.55 53.42 34.23
CA ARG C 445 -10.35 52.54 35.08
C ARG C 445 -9.65 51.22 35.39
N ALA C 446 -8.81 50.72 34.48
CA ALA C 446 -8.19 49.40 34.59
C ALA C 446 -9.32 48.37 34.57
N ASN C 447 -9.39 47.45 35.53
CA ASN C 447 -10.47 46.47 35.55
C ASN C 447 -11.79 47.17 35.85
N SER C 448 -12.73 47.09 34.91
CA SER C 448 -14.02 47.76 35.07
C SER C 448 -14.86 47.14 36.18
N ARG C 449 -14.50 45.94 36.64
CA ARG C 449 -15.23 45.27 37.71
C ARG C 449 -14.65 45.57 39.09
N GLN C 450 -13.62 46.41 39.18
CA GLN C 450 -12.92 46.64 40.43
C GLN C 450 -12.72 48.14 40.65
N ARG C 451 -12.49 48.49 41.92
CA ARG C 451 -12.35 49.89 42.32
C ARG C 451 -10.95 50.44 42.11
N VAL C 452 -9.97 49.59 41.75
CA VAL C 452 -8.60 50.05 41.66
C VAL C 452 -8.41 50.96 40.45
N LEU C 453 -7.36 51.77 40.51
CA LEU C 453 -6.97 52.65 39.41
C LEU C 453 -5.47 52.55 39.20
N LYS C 454 -5.05 52.66 37.94
CA LYS C 454 -3.64 52.54 37.62
C LYS C 454 -2.88 53.79 38.08
N SER C 455 -1.57 53.60 38.28
CA SER C 455 -0.71 54.69 38.73
C SER C 455 -0.44 55.73 37.66
N LEU C 456 -0.80 55.47 36.41
CA LEU C 456 -0.58 56.40 35.31
C LEU C 456 -1.90 56.99 34.85
N TYR C 457 -1.83 58.18 34.26
CA TYR C 457 -3.01 58.87 33.74
C TYR C 457 -2.89 59.09 32.25
N LYS C 458 -4.05 59.05 31.58
CA LYS C 458 -4.11 59.38 30.16
C LYS C 458 -4.14 60.89 29.98
N THR C 459 -3.43 61.37 28.95
CA THR C 459 -3.32 62.79 28.68
C THR C 459 -4.20 63.16 27.49
N TYR C 460 -5.03 64.17 27.66
CA TYR C 460 -5.89 64.65 26.60
C TYR C 460 -6.16 66.13 26.81
N VAL C 461 -6.48 66.82 25.73
CA VAL C 461 -6.67 68.27 25.78
C VAL C 461 -8.12 68.60 25.44
N ASP C 462 -8.59 69.72 25.99
CA ASP C 462 -9.92 70.24 25.72
C ASP C 462 -9.75 71.63 25.09
N VAL C 463 -10.30 71.82 23.90
CA VAL C 463 -10.05 73.02 23.13
C VAL C 463 -11.31 73.88 23.11
N VAL C 464 -11.10 75.19 22.93
CA VAL C 464 -12.19 76.15 22.85
C VAL C 464 -12.18 76.96 21.56
N HIS C 465 -11.11 76.90 20.78
CA HIS C 465 -11.04 77.63 19.53
C HIS C 465 -10.18 76.86 18.54
N VAL C 466 -10.60 76.85 17.28
CA VAL C 466 -9.88 76.16 16.21
C VAL C 466 -9.78 77.09 15.00
N LYS C 467 -8.59 77.19 14.44
CA LYS C 467 -8.37 77.82 13.14
C LYS C 467 -7.72 76.82 12.21
N LYS C 468 -7.91 77.02 10.91
CA LYS C 468 -7.36 76.15 9.88
C LYS C 468 -6.09 76.77 9.32
N VAL C 469 -5.00 76.01 9.35
CA VAL C 469 -3.71 76.44 8.80
C VAL C 469 -3.28 77.80 9.36
N GLN C 504 -19.60 89.66 -6.45
CA GLN C 504 -20.08 90.58 -7.47
C GLN C 504 -19.05 90.75 -8.57
N ASP C 505 -18.05 89.86 -8.60
CA ASP C 505 -16.99 89.93 -9.59
C ASP C 505 -17.42 89.46 -10.98
N LEU C 506 -18.69 89.10 -11.14
CA LEU C 506 -19.18 88.67 -12.45
C LEU C 506 -19.04 89.78 -13.49
N ALA C 507 -19.02 91.04 -13.06
CA ALA C 507 -18.80 92.14 -13.99
C ALA C 507 -17.40 92.08 -14.58
N LYS C 508 -16.41 91.70 -13.78
CA LYS C 508 -15.04 91.60 -14.28
C LYS C 508 -14.93 90.51 -15.34
N ILE C 509 -15.72 89.45 -15.23
CA ILE C 509 -15.66 88.36 -16.20
C ILE C 509 -16.05 88.87 -17.59
N ARG C 510 -17.17 89.58 -17.68
CA ARG C 510 -17.66 90.02 -18.98
C ARG C 510 -16.69 91.00 -19.63
N GLU C 511 -16.06 91.85 -18.83
CA GLU C 511 -15.03 92.74 -19.37
C GLU C 511 -13.90 91.93 -19.98
N VAL C 512 -13.47 90.87 -19.31
CA VAL C 512 -12.49 89.96 -19.90
C VAL C 512 -13.12 89.15 -21.02
N ALA C 513 -14.37 88.70 -20.82
CA ALA C 513 -15.03 87.85 -21.81
C ALA C 513 -15.34 88.60 -23.09
N ALA C 514 -15.29 89.93 -23.09
CA ALA C 514 -15.58 90.70 -24.29
C ALA C 514 -14.39 90.80 -25.24
N ARG C 515 -13.20 90.41 -24.81
CA ARG C 515 -12.02 90.57 -25.64
C ARG C 515 -12.03 89.55 -26.78
N GLU C 516 -11.35 89.91 -27.88
CA GLU C 516 -11.35 89.05 -29.06
C GLU C 516 -10.36 87.90 -28.94
N ASP C 517 -9.19 88.15 -28.36
CA ASP C 517 -8.16 87.13 -28.21
C ASP C 517 -8.20 86.44 -26.86
N LEU C 518 -9.39 86.32 -26.27
CA LEU C 518 -9.53 85.60 -25.01
C LEU C 518 -9.13 84.13 -25.17
N TYR C 519 -9.44 83.55 -26.33
CA TYR C 519 -9.20 82.12 -26.54
C TYR C 519 -7.73 81.76 -26.40
N SER C 520 -6.86 82.46 -27.14
CA SER C 520 -5.45 82.08 -27.17
C SER C 520 -4.77 82.34 -25.84
N LEU C 521 -5.02 83.51 -25.24
CA LEU C 521 -4.41 83.82 -23.96
C LEU C 521 -4.90 82.87 -22.87
N LEU C 522 -6.21 82.59 -22.86
CA LEU C 522 -6.76 81.65 -21.89
C LEU C 522 -6.15 80.27 -22.04
N ALA C 523 -5.98 79.81 -23.28
CA ALA C 523 -5.38 78.50 -23.50
C ALA C 523 -3.93 78.47 -23.04
N ARG C 524 -3.13 79.47 -23.43
CA ARG C 524 -1.72 79.47 -23.07
C ARG C 524 -1.50 79.81 -21.59
N SER C 525 -2.53 80.27 -20.89
CA SER C 525 -2.37 80.69 -19.50
C SER C 525 -2.35 79.53 -18.52
N ILE C 526 -2.70 78.32 -18.94
CA ILE C 526 -2.75 77.19 -18.01
C ILE C 526 -1.48 76.35 -18.02
N ALA C 527 -0.62 76.53 -19.02
CA ALA C 527 0.65 75.81 -19.11
C ALA C 527 1.76 76.81 -19.39
N PRO C 528 2.09 77.65 -18.41
CA PRO C 528 3.10 78.69 -18.65
C PRO C 528 4.48 78.14 -18.97
N SER C 529 4.86 77.01 -18.38
CA SER C 529 6.22 76.48 -18.53
C SER C 529 6.36 75.55 -19.73
N ILE C 530 5.28 75.20 -20.41
CA ILE C 530 5.33 74.29 -21.55
C ILE C 530 5.61 75.08 -22.81
N TYR C 531 6.63 74.66 -23.55
CA TYR C 531 7.03 75.35 -24.77
C TYR C 531 6.30 74.78 -25.98
N GLU C 532 5.68 75.66 -26.75
CA GLU C 532 4.94 75.31 -27.98
C GLU C 532 3.80 74.36 -27.58
N LEU C 533 3.47 73.38 -28.42
CA LEU C 533 2.36 72.46 -28.16
C LEU C 533 1.05 73.21 -27.95
N GLU C 534 0.75 74.13 -28.86
CA GLU C 534 -0.43 74.99 -28.70
C GLU C 534 -1.72 74.22 -28.91
N ASP C 535 -1.78 73.40 -29.97
CA ASP C 535 -3.04 72.76 -30.34
C ASP C 535 -3.52 71.80 -29.25
N VAL C 536 -2.61 71.02 -28.66
CA VAL C 536 -3.01 70.12 -27.59
C VAL C 536 -3.47 70.92 -26.37
N LYS C 537 -2.85 72.07 -26.12
CA LYS C 537 -3.32 72.93 -25.03
C LYS C 537 -4.74 73.41 -25.28
N LYS C 538 -5.03 73.82 -26.51
CA LYS C 538 -6.38 74.25 -26.84
C LYS C 538 -7.38 73.11 -26.67
N GLY C 539 -7.00 71.92 -27.12
CA GLY C 539 -7.88 70.77 -26.95
C GLY C 539 -8.16 70.46 -25.50
N ILE C 540 -7.12 70.51 -24.66
CA ILE C 540 -7.29 70.23 -23.24
C ILE C 540 -8.16 71.29 -22.58
N LEU C 541 -7.97 72.55 -22.98
CA LEU C 541 -8.81 73.61 -22.42
C LEU C 541 -10.28 73.41 -22.80
N LEU C 542 -10.54 73.07 -24.06
CA LEU C 542 -11.91 72.81 -24.47
C LEU C 542 -12.50 71.59 -23.75
N GLN C 543 -11.67 70.57 -23.51
CA GLN C 543 -12.12 69.43 -22.72
C GLN C 543 -12.48 69.86 -21.31
N LEU C 544 -11.69 70.75 -20.73
CA LEU C 544 -11.99 71.27 -19.41
C LEU C 544 -13.32 72.02 -19.40
N PHE C 545 -13.57 72.80 -20.45
CA PHE C 545 -14.85 73.51 -20.54
C PHE C 545 -16.03 72.55 -20.61
N GLY C 546 -15.89 71.47 -21.36
CA GLY C 546 -16.93 70.47 -21.46
C GLY C 546 -18.03 70.88 -22.43
N GLY C 547 -18.85 69.90 -22.78
CA GLY C 547 -19.98 70.08 -23.67
C GLY C 547 -21.27 70.31 -22.92
N THR C 548 -22.37 69.89 -23.54
CA THR C 548 -23.69 70.00 -22.95
C THR C 548 -24.25 68.61 -22.65
N ASN C 549 -25.01 68.51 -21.56
CA ASN C 549 -25.64 67.26 -21.15
C ASN C 549 -27.15 67.45 -21.14
N LYS C 550 -27.85 66.53 -21.80
CA LYS C 550 -29.30 66.61 -21.92
C LYS C 550 -29.91 65.25 -21.61
N THR C 551 -31.17 65.27 -21.17
CA THR C 551 -31.83 64.08 -20.65
C THR C 551 -33.24 63.95 -21.23
N PHE C 552 -33.39 64.17 -22.54
CA PHE C 552 -34.67 63.99 -23.17
C PHE C 552 -35.13 62.53 -23.04
N THR C 553 -36.40 62.35 -22.70
CA THR C 553 -36.89 61.03 -22.29
C THR C 553 -37.23 60.11 -23.47
N LYS C 554 -37.48 60.67 -24.65
CA LYS C 554 -37.90 59.84 -25.78
C LYS C 554 -36.78 58.90 -26.25
N GLY C 555 -35.53 59.20 -25.95
CA GLY C 555 -34.44 58.36 -26.40
C GLY C 555 -33.34 58.18 -25.39
N GLY C 556 -33.55 58.67 -24.16
CA GLY C 556 -32.55 58.57 -23.12
C GLY C 556 -31.51 59.67 -23.20
N ARG C 557 -30.72 59.77 -22.14
CA ARG C 557 -29.75 60.85 -22.04
C ARG C 557 -28.61 60.65 -23.04
N TYR C 558 -27.92 61.76 -23.33
CA TYR C 558 -26.75 61.75 -24.20
C TYR C 558 -25.53 62.21 -23.42
N ARG C 559 -24.42 61.51 -23.61
CA ARG C 559 -23.19 61.85 -22.93
C ARG C 559 -22.68 63.20 -23.40
N GLY C 560 -22.27 64.04 -22.44
CA GLY C 560 -21.72 65.35 -22.75
C GLY C 560 -20.26 65.55 -22.39
N ASP C 561 -19.52 64.48 -22.12
CA ASP C 561 -18.14 64.59 -21.68
C ASP C 561 -17.18 64.32 -22.84
N ILE C 562 -16.00 64.91 -22.76
CA ILE C 562 -14.95 64.76 -23.76
C ILE C 562 -13.81 63.95 -23.14
N ASN C 563 -13.29 63.00 -23.91
CA ASN C 563 -12.19 62.15 -23.45
C ASN C 563 -11.05 62.24 -24.47
N ILE C 564 -9.84 62.51 -23.98
CA ILE C 564 -8.68 62.74 -24.84
C ILE C 564 -7.53 61.87 -24.35
N LEU C 565 -6.78 61.29 -25.29
CA LEU C 565 -5.64 60.44 -24.98
C LEU C 565 -4.34 61.11 -25.42
N LEU C 566 -3.29 60.91 -24.62
CA LEU C 566 -1.96 61.42 -24.92
C LEU C 566 -1.02 60.25 -25.14
N CYS C 567 -0.20 60.34 -26.18
CA CYS C 567 0.77 59.30 -26.47
C CYS C 567 2.07 59.92 -26.96
N GLY C 568 3.17 59.24 -26.71
CA GLY C 568 4.47 59.70 -27.14
C GLY C 568 5.56 59.25 -26.20
N ASP C 569 6.80 59.52 -26.60
CA ASP C 569 7.94 59.11 -25.82
C ASP C 569 7.98 59.86 -24.49
N PRO C 570 8.61 59.27 -23.46
CA PRO C 570 8.66 59.94 -22.15
C PRO C 570 9.71 61.05 -22.10
N SER C 571 9.73 61.91 -23.11
CA SER C 571 10.63 63.06 -23.16
C SER C 571 9.86 64.35 -23.42
N THR C 572 8.64 64.44 -22.90
CA THR C 572 7.76 65.56 -23.20
C THR C 572 7.17 66.19 -21.95
N SER C 573 7.46 65.65 -20.76
CA SER C 573 6.93 66.18 -19.51
C SER C 573 5.40 66.13 -19.51
N LYS C 574 4.84 65.07 -20.10
CA LYS C 574 3.40 64.98 -20.25
C LYS C 574 2.67 64.79 -18.94
N SER C 575 3.34 64.25 -17.92
CA SER C 575 2.71 64.17 -16.60
C SER C 575 2.50 65.55 -15.99
N GLN C 576 3.31 66.53 -16.40
CA GLN C 576 3.16 67.88 -15.89
C GLN C 576 1.82 68.47 -16.28
N ILE C 577 1.35 68.16 -17.49
CA ILE C 577 0.06 68.66 -17.94
C ILE C 577 -1.07 68.10 -17.06
N LEU C 578 -1.02 66.81 -16.78
CA LEU C 578 -2.03 66.21 -15.91
C LEU C 578 -1.97 66.82 -14.51
N GLN C 579 -0.75 67.06 -14.01
CA GLN C 579 -0.63 67.68 -12.70
C GLN C 579 -1.20 69.09 -12.70
N TYR C 580 -1.01 69.83 -13.78
CA TYR C 580 -1.62 71.16 -13.92
C TYR C 580 -3.13 71.06 -13.86
N VAL C 581 -3.71 70.21 -14.70
CA VAL C 581 -5.16 70.16 -14.81
C VAL C 581 -5.80 69.61 -13.54
N HIS C 582 -5.10 68.73 -12.81
CA HIS C 582 -5.67 68.19 -11.58
C HIS C 582 -5.97 69.28 -10.57
N LYS C 583 -5.05 70.23 -10.39
CA LYS C 583 -5.29 71.31 -9.45
C LYS C 583 -6.10 72.44 -10.07
N ILE C 584 -6.05 72.60 -11.39
CA ILE C 584 -6.85 73.64 -12.03
C ILE C 584 -8.33 73.29 -11.97
N THR C 585 -8.67 72.02 -12.17
CA THR C 585 -10.07 71.62 -12.22
C THR C 585 -10.73 71.78 -10.86
N PRO C 586 -12.05 72.02 -10.82
CA PRO C 586 -12.75 72.07 -9.54
C PRO C 586 -12.73 70.72 -8.83
N ARG C 587 -13.17 69.68 -9.52
CA ARG C 587 -13.21 68.33 -8.99
C ARG C 587 -12.42 67.40 -9.90
N GLY C 588 -11.65 66.50 -9.29
CA GLY C 588 -10.87 65.57 -10.05
C GLY C 588 -9.98 64.70 -9.18
N VAL C 589 -9.73 63.47 -9.63
CA VAL C 589 -8.85 62.54 -8.93
C VAL C 589 -7.73 62.14 -9.88
N TYR C 590 -6.48 62.29 -9.43
CA TYR C 590 -5.32 61.93 -10.22
C TYR C 590 -4.78 60.60 -9.72
N THR C 591 -4.84 59.58 -10.57
CA THR C 591 -4.37 58.24 -10.20
C THR C 591 -3.44 57.66 -11.26
N SER C 592 -3.10 56.39 -11.13
CA SER C 592 -2.27 55.69 -12.10
C SER C 592 -2.59 54.21 -12.06
N GLY C 593 -2.22 53.51 -13.13
CA GLY C 593 -2.46 52.09 -13.25
C GLY C 593 -1.80 51.26 -12.17
N GLY C 600 -9.46 48.62 -8.40
CA GLY C 600 -8.99 49.53 -7.38
C GLY C 600 -9.44 50.96 -7.61
N LEU C 601 -9.68 51.31 -8.87
CA LEU C 601 -10.13 52.66 -9.21
C LEU C 601 -11.63 52.86 -8.99
N THR C 602 -12.37 51.80 -8.77
CA THR C 602 -13.82 51.87 -8.63
C THR C 602 -14.24 51.36 -7.26
N ALA C 603 -15.56 51.26 -7.06
CA ALA C 603 -16.09 50.89 -5.76
C ALA C 603 -15.78 49.44 -5.42
N TYR C 604 -15.44 49.21 -4.16
CA TYR C 604 -15.28 47.85 -3.64
C TYR C 604 -15.49 47.88 -2.13
N ILE C 605 -16.25 46.90 -1.64
CA ILE C 605 -16.58 46.85 -0.22
C ILE C 605 -15.35 46.48 0.58
N THR C 606 -15.13 47.17 1.70
CA THR C 606 -13.96 46.98 2.53
C THR C 606 -14.36 46.65 3.96
N ARG C 607 -13.45 45.98 4.66
CA ARG C 607 -13.59 45.73 6.08
C ARG C 607 -12.91 46.85 6.86
N ASP C 608 -13.64 47.45 7.80
CA ASP C 608 -13.10 48.59 8.54
C ASP C 608 -11.88 48.17 9.35
N VAL C 609 -10.91 49.09 9.45
CA VAL C 609 -9.65 48.78 10.13
C VAL C 609 -9.76 49.07 11.62
N ASP C 610 -10.01 50.32 11.99
CA ASP C 610 -10.08 50.69 13.40
C ASP C 610 -11.30 50.07 14.08
N THR C 611 -12.44 50.08 13.40
CA THR C 611 -13.65 49.43 13.88
C THR C 611 -13.87 48.13 13.12
N LYS C 612 -14.71 47.27 13.70
CA LYS C 612 -15.00 45.97 13.09
C LYS C 612 -16.40 46.04 12.47
N GLN C 613 -16.47 46.62 11.28
CA GLN C 613 -17.73 46.76 10.57
C GLN C 613 -17.47 46.81 9.07
N LEU C 614 -18.56 46.71 8.30
CA LEU C 614 -18.51 46.67 6.84
C LEU C 614 -19.12 47.95 6.29
N VAL C 615 -18.37 48.61 5.40
CA VAL C 615 -18.82 49.86 4.79
C VAL C 615 -18.64 49.75 3.28
N LEU C 616 -19.52 50.45 2.55
CA LEU C 616 -19.41 50.53 1.10
C LEU C 616 -18.50 51.70 0.74
N GLU C 617 -17.46 51.42 -0.04
CA GLU C 617 -16.47 52.40 -0.40
C GLU C 617 -16.48 52.60 -1.90
N SER C 618 -16.45 53.85 -2.34
CA SER C 618 -16.46 54.21 -3.75
C SER C 618 -15.05 54.59 -4.20
N GLY C 619 -14.74 54.27 -5.45
CA GLY C 619 -13.42 54.44 -6.01
C GLY C 619 -13.18 55.85 -6.54
N ALA C 620 -12.04 55.99 -7.22
CA ALA C 620 -11.64 57.30 -7.74
C ALA C 620 -12.60 57.79 -8.81
N LEU C 621 -13.05 56.90 -9.70
CA LEU C 621 -13.90 57.32 -10.81
C LEU C 621 -15.23 57.84 -10.31
N VAL C 622 -15.79 57.22 -9.27
CA VAL C 622 -17.09 57.66 -8.76
C VAL C 622 -17.01 59.07 -8.20
N LEU C 623 -15.89 59.41 -7.57
CA LEU C 623 -15.75 60.73 -6.96
C LEU C 623 -15.53 61.84 -7.98
N SER C 624 -15.20 61.50 -9.23
CA SER C 624 -14.91 62.50 -10.25
C SER C 624 -16.14 62.91 -11.04
N ASP C 625 -17.33 62.79 -10.44
CA ASP C 625 -18.56 63.13 -11.16
C ASP C 625 -18.60 64.62 -11.48
N GLY C 626 -18.76 64.93 -12.77
CA GLY C 626 -18.80 66.31 -13.22
C GLY C 626 -17.45 66.94 -13.46
N GLY C 627 -16.37 66.33 -13.00
CA GLY C 627 -15.04 66.88 -13.18
C GLY C 627 -14.23 66.13 -14.21
N VAL C 628 -12.91 66.15 -14.07
CA VAL C 628 -11.99 65.47 -14.97
C VAL C 628 -11.19 64.45 -14.17
N CYS C 629 -11.19 63.21 -14.63
CA CYS C 629 -10.41 62.15 -14.01
C CYS C 629 -9.15 61.92 -14.84
N CYS C 630 -8.00 62.04 -14.19
CA CYS C 630 -6.70 61.97 -14.87
C CYS C 630 -6.06 60.63 -14.58
N ILE C 631 -5.59 59.96 -15.63
CA ILE C 631 -4.97 58.64 -15.53
C ILE C 631 -3.60 58.68 -16.17
N ASP C 632 -2.60 58.14 -15.49
CA ASP C 632 -1.26 57.99 -16.02
C ASP C 632 -0.95 56.51 -16.24
N GLU C 633 0.21 56.26 -16.84
CA GLU C 633 0.71 54.91 -17.15
C GLU C 633 -0.40 54.00 -17.64
N PHE C 634 -1.14 54.49 -18.65
CA PHE C 634 -2.34 53.78 -19.10
C PHE C 634 -2.02 52.44 -19.73
N ASP C 635 -0.81 52.25 -20.26
CA ASP C 635 -0.45 50.97 -20.85
C ASP C 635 -0.43 49.88 -19.79
N LYS C 636 0.11 50.18 -18.61
CA LYS C 636 0.17 49.23 -17.50
C LYS C 636 -1.15 49.29 -16.73
N MET C 637 -2.22 48.87 -17.40
CA MET C 637 -3.57 48.93 -16.88
C MET C 637 -4.07 47.59 -16.38
N SER C 638 -3.25 46.54 -16.47
CA SER C 638 -3.66 45.16 -16.17
C SER C 638 -4.80 44.81 -17.13
N ASP C 639 -5.66 43.88 -16.75
CA ASP C 639 -6.72 43.49 -17.66
C ASP C 639 -8.11 43.59 -17.06
N SER C 640 -8.27 43.26 -15.78
CA SER C 640 -9.59 43.27 -15.18
C SER C 640 -10.18 44.67 -15.16
N THR C 641 -9.37 45.68 -14.83
CA THR C 641 -9.87 47.05 -14.72
C THR C 641 -10.28 47.61 -16.07
N ARG C 642 -9.63 47.18 -17.15
CA ARG C 642 -9.92 47.74 -18.47
C ARG C 642 -11.39 47.58 -18.82
N SER C 643 -11.95 46.39 -18.58
CA SER C 643 -13.36 46.16 -18.83
C SER C 643 -14.23 47.18 -18.12
N VAL C 644 -13.86 47.52 -16.88
CA VAL C 644 -14.62 48.51 -16.12
C VAL C 644 -14.68 49.83 -16.88
N LEU C 645 -13.56 50.25 -17.47
CA LEU C 645 -13.57 51.45 -18.29
C LEU C 645 -14.53 51.30 -19.46
N HIS C 646 -14.49 50.15 -20.13
CA HIS C 646 -15.45 49.89 -21.20
C HIS C 646 -16.88 49.94 -20.68
N GLU C 647 -17.07 49.66 -19.40
CA GLU C 647 -18.40 49.78 -18.80
C GLU C 647 -18.77 51.24 -18.58
N VAL C 648 -17.80 52.07 -18.18
CA VAL C 648 -18.13 53.42 -17.75
C VAL C 648 -18.12 54.42 -18.91
N MET C 649 -17.30 54.21 -19.94
CA MET C 649 -17.24 55.17 -21.03
C MET C 649 -18.44 55.07 -21.95
N GLU C 650 -19.15 53.95 -21.96
CA GLU C 650 -20.29 53.75 -22.84
C GLU C 650 -21.62 53.97 -22.17
N GLN C 651 -21.68 54.01 -20.84
CA GLN C 651 -22.95 54.21 -20.16
C GLN C 651 -22.89 55.22 -19.02
N GLN C 652 -21.71 55.61 -18.55
CA GLN C 652 -21.57 56.57 -17.46
C GLN C 652 -22.26 56.09 -16.19
N THR C 653 -22.34 54.78 -16.00
CA THR C 653 -22.99 54.19 -14.84
C THR C 653 -22.34 52.86 -14.53
N ILE C 654 -22.03 52.63 -13.26
CA ILE C 654 -21.37 51.40 -12.81
C ILE C 654 -22.25 50.74 -11.77
N SER C 655 -22.45 49.43 -11.92
CA SER C 655 -23.24 48.64 -10.98
C SER C 655 -22.34 47.63 -10.27
N ILE C 656 -22.74 47.26 -9.07
CA ILE C 656 -21.98 46.32 -8.25
C ILE C 656 -22.94 45.28 -7.68
N ALA C 657 -22.52 44.02 -7.71
CA ALA C 657 -23.30 42.90 -7.16
C ALA C 657 -22.33 42.05 -6.34
N LYS C 658 -22.22 42.35 -5.04
CA LYS C 658 -21.26 41.68 -4.19
C LYS C 658 -21.77 41.70 -2.76
N ALA C 659 -21.61 40.57 -2.07
CA ALA C 659 -21.95 40.45 -0.65
C ALA C 659 -23.40 40.84 -0.38
N GLY C 660 -24.28 40.49 -1.30
CA GLY C 660 -25.69 40.77 -1.13
C GLY C 660 -26.12 42.19 -1.45
N ILE C 661 -25.21 43.02 -1.95
CA ILE C 661 -25.51 44.41 -2.29
C ILE C 661 -25.56 44.52 -3.81
N ILE C 662 -26.72 44.92 -4.33
CA ILE C 662 -26.91 45.15 -5.77
C ILE C 662 -27.40 46.58 -5.94
N THR C 663 -26.62 47.39 -6.64
CA THR C 663 -26.95 48.80 -6.82
C THR C 663 -26.15 49.35 -7.99
N THR C 664 -26.54 50.56 -8.42
CA THR C 664 -25.90 51.25 -9.53
C THR C 664 -25.43 52.62 -9.07
N LEU C 665 -24.26 53.02 -9.53
CA LEU C 665 -23.67 54.30 -9.17
C LEU C 665 -23.35 55.10 -10.42
N ASN C 666 -23.55 56.42 -10.34
CA ASN C 666 -23.34 57.31 -11.48
C ASN C 666 -21.92 57.85 -11.48
N ALA C 667 -21.32 57.94 -12.66
CA ALA C 667 -19.97 58.47 -12.81
C ALA C 667 -19.94 59.79 -13.58
N ARG C 668 -20.42 59.79 -14.82
CA ARG C 668 -20.57 61.00 -15.64
C ARG C 668 -19.32 61.90 -15.56
N SER C 669 -18.18 61.33 -15.95
CA SER C 669 -16.91 62.00 -15.78
C SER C 669 -16.13 62.00 -17.10
N SER C 670 -15.22 62.96 -17.21
CA SER C 670 -14.31 63.04 -18.33
C SER C 670 -13.00 62.30 -18.02
N ILE C 671 -12.34 61.83 -19.07
CA ILE C 671 -11.14 61.01 -18.95
C ILE C 671 -10.02 61.66 -19.74
N LEU C 672 -8.84 61.75 -19.13
CA LEU C 672 -7.62 62.18 -19.80
C LEU C 672 -6.51 61.23 -19.41
N ALA C 673 -5.86 60.61 -20.40
CA ALA C 673 -4.89 59.57 -20.13
C ALA C 673 -3.65 59.76 -21.00
N SER C 674 -2.53 59.22 -20.51
CA SER C 674 -1.26 59.25 -21.21
C SER C 674 -0.68 57.84 -21.25
N ALA C 675 -0.06 57.49 -22.37
CA ALA C 675 0.53 56.18 -22.54
C ALA C 675 1.86 56.30 -23.25
N ASN C 676 2.71 55.29 -23.08
CA ASN C 676 4.04 55.27 -23.65
C ASN C 676 4.16 54.21 -24.74
N PRO C 677 5.00 54.45 -25.75
CA PRO C 677 5.24 53.43 -26.77
C PRO C 677 6.15 52.33 -26.24
N ILE C 678 6.19 51.23 -26.98
CA ILE C 678 7.01 50.09 -26.62
C ILE C 678 8.37 50.23 -27.27
N GLY C 679 9.42 50.34 -26.47
CA GLY C 679 10.77 50.50 -26.94
C GLY C 679 11.35 51.85 -26.57
N SER C 680 12.62 52.04 -26.96
CA SER C 680 13.32 53.28 -26.69
C SER C 680 12.78 54.45 -27.49
N ARG C 681 11.96 54.20 -28.51
CA ARG C 681 11.41 55.27 -29.34
C ARG C 681 10.18 54.75 -30.05
N TYR C 682 9.38 55.68 -30.56
CA TYR C 682 8.21 55.36 -31.36
C TYR C 682 8.55 55.56 -32.83
N ASN C 683 8.47 54.48 -33.60
CA ASN C 683 8.84 54.53 -35.01
C ASN C 683 7.71 55.15 -35.82
N PRO C 684 7.95 56.27 -36.52
CA PRO C 684 6.87 56.87 -37.32
C PRO C 684 6.33 55.95 -38.40
N ASN C 685 7.18 55.11 -39.00
CA ASN C 685 6.68 54.15 -39.98
C ASN C 685 5.73 53.17 -39.33
N LEU C 686 6.03 52.75 -38.11
CA LEU C 686 5.16 51.84 -37.38
C LEU C 686 3.82 52.52 -37.10
N PRO C 687 2.70 51.87 -37.39
CA PRO C 687 1.40 52.44 -37.03
C PRO C 687 1.26 52.60 -35.52
N VAL C 688 0.24 53.38 -35.14
CA VAL C 688 0.04 53.72 -33.73
C VAL C 688 -0.36 52.48 -32.91
N THR C 689 -1.12 51.57 -33.52
CA THR C 689 -1.83 50.55 -32.75
C THR C 689 -0.88 49.69 -31.92
N GLU C 690 0.15 49.12 -32.56
CA GLU C 690 0.99 48.15 -31.85
C GLU C 690 1.85 48.83 -30.79
N ASN C 691 2.31 50.05 -31.04
CA ASN C 691 3.20 50.71 -30.09
C ASN C 691 2.47 51.08 -28.81
N ILE C 692 1.15 51.30 -28.87
CA ILE C 692 0.39 51.72 -27.70
C ILE C 692 -0.29 50.55 -27.00
N ASP C 693 -0.22 49.34 -27.57
CA ASP C 693 -0.72 48.09 -26.98
C ASP C 693 -2.00 48.26 -26.15
N LEU C 694 -2.99 48.90 -26.78
CA LEU C 694 -4.37 48.95 -26.30
C LEU C 694 -5.29 48.27 -27.30
N PRO C 695 -6.42 47.70 -26.85
CA PRO C 695 -7.33 47.06 -27.78
C PRO C 695 -7.93 48.07 -28.74
N PRO C 696 -8.18 47.67 -29.98
CA PRO C 696 -8.71 48.61 -30.98
C PRO C 696 -10.01 49.25 -30.58
N PRO C 697 -10.97 48.52 -29.97
CA PRO C 697 -12.23 49.19 -29.60
C PRO C 697 -12.05 50.30 -28.58
N LEU C 698 -11.25 50.05 -27.53
CA LEU C 698 -11.08 51.05 -26.48
C LEU C 698 -10.46 52.32 -27.03
N LEU C 699 -9.40 52.19 -27.83
CA LEU C 699 -8.78 53.37 -28.42
C LEU C 699 -9.64 53.99 -29.51
N SER C 700 -10.54 53.21 -30.11
CA SER C 700 -11.45 53.75 -31.11
C SER C 700 -12.57 54.56 -30.48
N ARG C 701 -12.94 54.25 -29.24
CA ARG C 701 -14.06 54.90 -28.59
C ARG C 701 -13.66 56.10 -27.74
N PHE C 702 -12.39 56.51 -27.76
CA PHE C 702 -12.03 57.81 -27.23
C PHE C 702 -12.55 58.91 -28.15
N ASP C 703 -12.76 60.09 -27.56
CA ASP C 703 -13.30 61.21 -28.33
C ASP C 703 -12.25 61.75 -29.29
N LEU C 704 -11.03 61.98 -28.81
CA LEU C 704 -9.92 62.41 -29.65
C LEU C 704 -8.64 61.73 -29.17
N VAL C 705 -7.56 61.97 -29.91
CA VAL C 705 -6.25 61.42 -29.59
C VAL C 705 -5.20 62.40 -30.06
N TYR C 706 -4.07 62.44 -29.36
CA TYR C 706 -2.96 63.31 -29.72
C TYR C 706 -1.66 62.53 -29.68
N LEU C 707 -0.75 62.85 -30.58
CA LEU C 707 0.53 62.16 -30.72
C LEU C 707 1.65 63.16 -30.60
N VAL C 708 2.66 62.81 -29.80
CA VAL C 708 3.85 63.64 -29.63
C VAL C 708 5.04 62.83 -30.13
N LEU C 709 5.80 63.40 -31.06
CA LEU C 709 6.93 62.72 -31.69
C LEU C 709 8.14 63.64 -31.66
N ASP C 710 9.08 63.37 -30.77
CA ASP C 710 10.28 64.17 -30.63
C ASP C 710 11.35 63.64 -31.58
N LYS C 711 11.72 64.44 -32.57
CA LYS C 711 12.78 64.11 -33.51
C LYS C 711 13.88 65.15 -33.44
N VAL C 712 15.12 64.70 -33.62
CA VAL C 712 16.28 65.56 -33.41
C VAL C 712 16.46 66.46 -34.63
N ASP C 713 16.40 67.77 -34.39
CA ASP C 713 16.74 68.78 -35.38
C ASP C 713 17.61 69.83 -34.71
N GLU C 714 18.41 70.53 -35.52
CA GLU C 714 19.26 71.57 -34.97
C GLU C 714 18.42 72.73 -34.43
N LYS C 715 17.48 73.23 -35.24
CA LYS C 715 16.70 74.39 -34.86
C LYS C 715 15.89 74.13 -33.60
N ASN C 716 14.94 73.18 -33.67
CA ASN C 716 14.02 72.98 -32.56
C ASN C 716 14.76 72.65 -31.27
N ASP C 717 15.84 71.88 -31.37
CA ASP C 717 16.67 71.64 -30.19
C ASP C 717 17.27 72.94 -29.67
N ARG C 718 17.69 73.83 -30.57
CA ARG C 718 18.24 75.10 -30.13
C ARG C 718 17.20 75.91 -29.35
N GLU C 719 15.98 76.02 -29.89
CA GLU C 719 14.95 76.77 -29.18
C GLU C 719 14.58 76.11 -27.86
N LEU C 720 14.47 74.77 -27.83
CA LEU C 720 14.16 74.09 -26.59
C LEU C 720 15.23 74.32 -25.54
N ALA C 721 16.51 74.23 -25.93
CA ALA C 721 17.59 74.46 -24.99
C ALA C 721 17.58 75.88 -24.48
N LYS C 722 17.36 76.85 -25.38
CA LYS C 722 17.32 78.25 -24.95
C LYS C 722 16.17 78.48 -23.98
N HIS C 723 15.00 77.94 -24.28
CA HIS C 723 13.84 78.12 -23.42
C HIS C 723 14.07 77.50 -22.05
N LEU C 724 14.61 76.28 -22.02
CA LEU C 724 14.86 75.61 -20.75
C LEU C 724 15.90 76.36 -19.93
N THR C 725 16.97 76.84 -20.57
CA THR C 725 17.99 77.60 -19.85
C THR C 725 17.41 78.88 -19.29
N ASN C 726 16.63 79.60 -20.11
CA ASN C 726 16.08 80.88 -19.67
C ASN C 726 15.12 80.69 -18.51
N LEU C 727 14.27 79.67 -18.56
CA LEU C 727 13.38 79.40 -17.43
C LEU C 727 14.17 78.99 -16.21
N TYR C 728 15.18 78.13 -16.40
CA TYR C 728 16.00 77.69 -15.26
C TYR C 728 16.78 78.86 -14.67
N LEU C 729 17.32 79.72 -15.52
CA LEU C 729 18.11 80.87 -15.06
C LEU C 729 17.25 81.83 -14.23
N VAL C 741 0.12 87.88 -17.00
CA VAL C 741 -0.71 87.34 -18.07
C VAL C 741 -1.35 86.03 -17.63
N LEU C 742 -1.04 85.60 -16.40
CA LEU C 742 -1.54 84.35 -15.87
C LEU C 742 -2.58 84.61 -14.79
N PRO C 743 -3.84 84.21 -14.98
CA PRO C 743 -4.87 84.49 -13.98
C PRO C 743 -4.74 83.65 -12.72
N VAL C 744 -5.74 83.75 -11.86
CA VAL C 744 -5.75 83.19 -10.52
C VAL C 744 -7.03 82.37 -10.45
N GLU C 745 -7.43 81.92 -9.26
CA GLU C 745 -8.61 81.08 -9.06
C GLU C 745 -9.85 81.65 -9.75
N PHE C 746 -9.77 82.91 -10.17
CA PHE C 746 -10.67 83.49 -11.16
C PHE C 746 -10.97 82.49 -12.27
N LEU C 747 -9.97 81.71 -12.68
CA LEU C 747 -10.21 80.66 -13.67
C LEU C 747 -11.23 79.65 -13.18
N THR C 748 -11.10 79.22 -11.92
CA THR C 748 -12.00 78.19 -11.40
C THR C 748 -13.43 78.70 -11.34
N MET C 749 -13.63 79.91 -10.84
CA MET C 749 -14.98 80.45 -10.74
C MET C 749 -15.56 80.73 -12.12
N TYR C 750 -14.72 81.17 -13.07
CA TYR C 750 -15.19 81.35 -14.43
C TYR C 750 -15.64 80.01 -15.02
N ILE C 751 -14.86 78.96 -14.80
CA ILE C 751 -15.21 77.64 -15.32
C ILE C 751 -16.53 77.19 -14.73
N SER C 752 -16.70 77.36 -13.41
CA SER C 752 -17.95 76.96 -12.77
C SER C 752 -19.14 77.74 -13.32
N TYR C 753 -18.98 79.05 -13.47
CA TYR C 753 -20.06 79.89 -13.97
C TYR C 753 -20.46 79.46 -15.39
N ALA C 754 -19.47 79.21 -16.25
CA ALA C 754 -19.76 78.72 -17.58
C ALA C 754 -20.45 77.36 -17.51
N LYS C 755 -19.99 76.49 -16.60
CA LYS C 755 -20.49 75.13 -16.54
C LYS C 755 -21.97 75.10 -16.19
N GLU C 756 -22.39 75.88 -15.20
CA GLU C 756 -23.75 75.73 -14.69
C GLU C 756 -24.71 76.86 -15.04
N HIS C 757 -24.25 78.09 -15.21
CA HIS C 757 -25.16 79.12 -15.71
C HIS C 757 -25.42 78.96 -17.21
N ILE C 758 -24.39 78.67 -17.99
CA ILE C 758 -24.49 78.73 -19.45
C ILE C 758 -24.92 77.37 -19.98
N HIS C 759 -25.96 77.39 -20.83
CA HIS C 759 -26.45 76.20 -21.51
C HIS C 759 -26.61 76.49 -23.00
N PRO C 760 -25.49 76.58 -23.73
CA PRO C 760 -25.57 76.91 -25.15
C PRO C 760 -26.24 75.79 -25.95
N ILE C 761 -26.90 76.19 -27.03
CA ILE C 761 -27.49 75.25 -27.98
C ILE C 761 -27.04 75.63 -29.38
N ILE C 762 -27.11 74.66 -30.29
CA ILE C 762 -26.73 74.88 -31.68
C ILE C 762 -27.91 75.49 -32.42
N THR C 763 -27.65 76.04 -33.60
CA THR C 763 -28.66 76.69 -34.42
C THR C 763 -28.82 75.96 -35.74
N GLU C 764 -29.83 76.38 -36.51
CA GLU C 764 -30.12 75.72 -37.77
C GLU C 764 -29.01 75.94 -38.80
N ALA C 765 -28.35 77.11 -38.76
CA ALA C 765 -27.30 77.39 -39.74
C ALA C 765 -26.15 76.41 -39.62
N ALA C 766 -25.76 76.07 -38.39
CA ALA C 766 -24.62 75.18 -38.19
C ALA C 766 -24.87 73.77 -38.69
N LYS C 767 -26.14 73.37 -38.82
CA LYS C 767 -26.45 72.03 -39.31
C LYS C 767 -25.93 71.84 -40.72
N THR C 768 -26.09 72.86 -41.58
CA THR C 768 -25.62 72.75 -42.95
C THR C 768 -24.11 72.58 -43.00
N GLU C 769 -23.38 73.35 -42.19
CA GLU C 769 -21.93 73.21 -42.16
C GLU C 769 -21.52 71.84 -41.64
N LEU C 770 -22.20 71.34 -40.61
CA LEU C 770 -21.87 70.03 -40.06
C LEU C 770 -22.07 68.94 -41.11
N VAL C 771 -23.21 68.95 -41.80
CA VAL C 771 -23.48 67.91 -42.78
C VAL C 771 -22.53 68.04 -43.97
N ARG C 772 -22.19 69.26 -44.35
CA ARG C 772 -21.22 69.46 -45.43
C ARG C 772 -19.86 68.89 -45.05
N ALA C 773 -19.42 69.13 -43.82
CA ALA C 773 -18.15 68.59 -43.37
C ALA C 773 -18.18 67.07 -43.34
N TYR C 774 -19.29 66.49 -42.89
CA TYR C 774 -19.41 65.04 -42.85
C TYR C 774 -19.32 64.46 -44.26
N VAL C 775 -20.08 65.03 -45.20
CA VAL C 775 -20.03 64.58 -46.58
C VAL C 775 -18.63 64.74 -47.14
N GLY C 776 -17.97 65.85 -46.79
CA GLY C 776 -16.63 66.11 -47.31
C GLY C 776 -15.62 65.08 -46.86
N MET C 777 -15.59 64.77 -45.57
CA MET C 777 -14.62 63.78 -45.13
C MET C 777 -15.01 62.38 -45.57
N ARG C 778 -16.30 62.13 -45.79
CA ARG C 778 -16.70 60.89 -46.46
C ARG C 778 -16.05 60.80 -47.83
N LYS C 779 -16.11 61.88 -48.60
CA LYS C 779 -15.47 61.91 -49.92
C LYS C 779 -13.96 61.85 -49.79
N MET C 780 -13.39 62.57 -48.82
CA MET C 780 -11.96 62.52 -48.59
C MET C 780 -11.49 61.13 -48.17
N GLY C 781 -12.39 60.32 -47.62
CA GLY C 781 -12.09 58.95 -47.26
C GLY C 781 -12.25 57.94 -48.37
N ASP C 782 -12.62 58.39 -49.57
CA ASP C 782 -12.78 57.50 -50.72
C ASP C 782 -12.11 58.11 -51.94
N ASP C 783 -11.88 57.27 -52.94
CA ASP C 783 -11.29 57.70 -54.20
C ASP C 783 -11.97 56.97 -55.35
N SER C 784 -11.65 57.38 -56.57
CA SER C 784 -12.25 56.78 -57.76
C SER C 784 -11.83 55.33 -57.95
N ARG C 785 -10.71 54.91 -57.37
CA ARG C 785 -10.21 53.57 -57.57
C ARG C 785 -10.98 52.58 -56.70
N SER C 786 -10.86 51.30 -57.04
CA SER C 786 -11.59 50.22 -56.38
C SER C 786 -10.82 49.66 -55.18
N ASP C 787 -10.00 50.48 -54.52
CA ASP C 787 -9.25 50.00 -53.36
C ASP C 787 -10.14 49.63 -52.19
N GLU C 788 -11.42 50.03 -52.24
CA GLU C 788 -12.37 49.79 -51.14
C GLU C 788 -11.85 50.42 -49.84
N LYS C 789 -11.76 51.74 -49.87
CA LYS C 789 -11.17 52.49 -48.77
C LYS C 789 -11.97 52.32 -47.49
N ARG C 790 -11.28 52.39 -46.36
CA ARG C 790 -11.92 52.31 -45.06
C ARG C 790 -12.83 53.51 -44.86
N ILE C 791 -13.95 53.29 -44.17
CA ILE C 791 -14.91 54.35 -43.93
C ILE C 791 -14.40 55.18 -42.75
N THR C 792 -13.65 56.25 -43.05
CA THR C 792 -13.02 57.04 -42.00
C THR C 792 -13.97 58.03 -41.36
N ALA C 793 -15.12 58.30 -41.97
CA ALA C 793 -16.10 59.23 -41.42
C ALA C 793 -17.16 58.43 -40.69
N THR C 794 -16.96 58.26 -39.39
CA THR C 794 -17.87 57.48 -38.56
C THR C 794 -18.85 58.40 -37.84
N THR C 795 -19.90 57.79 -37.29
CA THR C 795 -20.86 58.55 -36.49
C THR C 795 -20.21 59.12 -35.23
N ARG C 796 -19.17 58.45 -34.74
CA ARG C 796 -18.38 59.00 -33.63
C ARG C 796 -17.84 60.37 -33.99
N GLN C 797 -17.45 60.58 -35.24
CA GLN C 797 -16.98 61.89 -35.67
C GLN C 797 -18.07 62.95 -35.54
N LEU C 798 -19.29 62.61 -35.96
CA LEU C 798 -20.39 63.56 -35.85
C LEU C 798 -20.69 63.89 -34.39
N GLU C 799 -20.74 62.87 -33.54
CA GLU C 799 -20.98 63.13 -32.11
C GLU C 799 -19.88 64.00 -31.53
N SER C 800 -18.63 63.70 -31.90
CA SER C 800 -17.50 64.46 -31.39
C SER C 800 -17.58 65.92 -31.82
N MET C 801 -17.91 66.17 -33.08
CA MET C 801 -17.97 67.55 -33.54
C MET C 801 -19.15 68.29 -32.94
N ILE C 802 -20.27 67.61 -32.72
CA ILE C 802 -21.39 68.25 -32.05
C ILE C 802 -20.99 68.68 -30.65
N ARG C 803 -20.34 67.78 -29.91
CA ARG C 803 -19.91 68.10 -28.56
C ARG C 803 -18.87 69.22 -28.55
N LEU C 804 -17.94 69.19 -29.51
CA LEU C 804 -16.90 70.21 -29.55
C LEU C 804 -17.47 71.58 -29.92
N ALA C 805 -18.42 71.63 -30.85
CA ALA C 805 -19.06 72.88 -31.19
C ALA C 805 -19.85 73.43 -30.01
N GLU C 806 -20.52 72.55 -29.25
CA GLU C 806 -21.19 73.01 -28.04
C GLU C 806 -20.18 73.53 -27.02
N ALA C 807 -19.02 72.88 -26.93
CA ALA C 807 -17.99 73.32 -25.99
C ALA C 807 -17.44 74.69 -26.38
N HIS C 808 -17.27 74.94 -27.68
CA HIS C 808 -16.76 76.23 -28.11
C HIS C 808 -17.71 77.36 -27.74
N ALA C 809 -19.02 77.09 -27.81
CA ALA C 809 -20.00 78.06 -27.33
C ALA C 809 -20.05 78.11 -25.81
N LYS C 810 -19.62 77.04 -25.13
CA LYS C 810 -19.59 77.06 -23.68
C LYS C 810 -18.64 78.14 -23.17
N MET C 811 -17.47 78.27 -23.78
CA MET C 811 -16.61 79.39 -23.50
C MET C 811 -17.13 80.64 -24.20
N LYS C 812 -16.59 81.79 -23.80
CA LYS C 812 -17.02 83.11 -24.22
C LYS C 812 -18.45 83.42 -23.80
N LEU C 813 -19.08 82.53 -23.03
CA LEU C 813 -20.37 82.76 -22.38
C LEU C 813 -21.49 82.99 -23.38
N LYS C 814 -21.34 82.51 -24.61
CA LYS C 814 -22.39 82.66 -25.61
C LYS C 814 -23.55 81.73 -25.30
N ASN C 815 -24.68 81.96 -25.98
CA ASN C 815 -25.86 81.13 -25.81
C ASN C 815 -26.21 80.30 -27.02
N VAL C 816 -25.73 80.67 -28.20
CA VAL C 816 -25.97 79.91 -29.42
C VAL C 816 -24.68 79.87 -30.22
N VAL C 817 -24.44 78.74 -30.90
CA VAL C 817 -23.18 78.57 -31.62
C VAL C 817 -23.17 79.41 -32.89
N GLU C 818 -21.96 79.70 -33.35
CA GLU C 818 -21.75 80.37 -34.63
C GLU C 818 -20.94 79.45 -35.54
N LEU C 819 -20.73 79.91 -36.77
CA LEU C 819 -19.93 79.13 -37.72
C LEU C 819 -18.50 78.96 -37.22
N GLU C 820 -17.91 80.03 -36.68
CA GLU C 820 -16.53 79.95 -36.21
C GLU C 820 -16.33 78.76 -35.28
N ASP C 821 -17.32 78.50 -34.43
CA ASP C 821 -17.26 77.34 -33.54
C ASP C 821 -17.09 76.05 -34.32
N VAL C 822 -17.92 75.84 -35.36
CA VAL C 822 -17.88 74.57 -36.06
C VAL C 822 -16.63 74.46 -36.92
N GLN C 823 -16.15 75.56 -37.50
CA GLN C 823 -14.90 75.47 -38.25
C GLN C 823 -13.73 75.14 -37.33
N GLU C 824 -13.67 75.78 -36.15
CA GLU C 824 -12.63 75.43 -35.20
C GLU C 824 -12.73 73.96 -34.78
N ALA C 825 -13.95 73.50 -34.52
CA ALA C 825 -14.13 72.11 -34.08
C ALA C 825 -13.70 71.13 -35.15
N VAL C 826 -14.08 71.38 -36.41
CA VAL C 826 -13.71 70.43 -37.47
C VAL C 826 -12.22 70.48 -37.75
N ARG C 827 -11.60 71.67 -37.70
CA ARG C 827 -10.16 71.74 -37.88
C ARG C 827 -9.44 70.99 -36.77
N LEU C 828 -9.91 71.14 -35.53
CA LEU C 828 -9.30 70.43 -34.41
C LEU C 828 -9.48 68.92 -34.55
N ILE C 829 -10.66 68.48 -35.00
CA ILE C 829 -10.93 67.06 -35.09
C ILE C 829 -10.17 66.44 -36.25
N ARG C 830 -9.83 67.23 -37.27
CA ARG C 830 -9.14 66.70 -38.45
C ARG C 830 -7.63 66.86 -38.37
N SER C 831 -7.12 67.75 -37.51
CA SER C 831 -5.68 67.90 -37.38
C SER C 831 -5.03 66.63 -36.85
N ALA C 832 -5.63 66.00 -35.83
CA ALA C 832 -5.08 64.77 -35.29
C ALA C 832 -5.19 63.63 -36.29
N ILE C 833 -6.28 63.61 -37.07
CA ILE C 833 -6.44 62.58 -38.09
C ILE C 833 -5.38 62.75 -39.18
N LYS C 834 -5.02 63.99 -39.49
CA LYS C 834 -4.03 64.24 -40.53
C LYS C 834 -2.67 63.65 -40.19
N ASP C 835 -2.38 63.50 -38.89
CA ASP C 835 -1.14 62.86 -38.44
C ASP C 835 -1.40 61.45 -37.91
N TYR C 836 -2.58 60.90 -38.17
CA TYR C 836 -2.95 59.57 -37.70
C TYR C 836 -2.59 58.47 -38.70
N ALA C 837 -2.11 58.83 -39.89
CA ALA C 837 -1.82 57.85 -40.92
C ALA C 837 -0.56 57.05 -40.60
N THR C 838 -0.49 55.84 -41.15
CA THR C 838 0.66 54.96 -41.00
C THR C 838 1.67 55.25 -42.11
N ASP C 839 2.67 54.38 -42.24
CA ASP C 839 3.70 54.60 -43.26
C ASP C 839 3.13 54.64 -44.67
N PRO C 840 2.24 53.73 -45.10
CA PRO C 840 1.55 53.95 -46.37
C PRO C 840 0.73 55.24 -46.34
N LYS C 841 0.72 55.92 -47.49
CA LYS C 841 0.18 57.28 -47.64
C LYS C 841 0.45 58.16 -46.42
N ASN D 20 -26.60 -3.54 54.36
CA ASN D 20 -25.83 -3.03 53.22
C ASN D 20 -24.52 -3.78 53.04
N ASP D 21 -23.80 -4.02 54.15
CA ASP D 21 -22.56 -4.76 54.06
C ASP D 21 -22.81 -6.25 53.87
N ASP D 22 -23.94 -6.76 54.36
CA ASP D 22 -24.21 -8.19 54.29
C ASP D 22 -24.31 -8.66 52.84
N ASP D 23 -24.93 -7.87 51.97
CA ASP D 23 -25.01 -8.23 50.56
C ASP D 23 -23.63 -8.29 49.93
N ASN D 24 -22.77 -7.31 50.25
CA ASN D 24 -21.41 -7.33 49.73
C ASN D 24 -20.64 -8.55 50.22
N THR D 25 -20.79 -8.89 51.50
CA THR D 25 -20.11 -10.06 52.02
C THR D 25 -20.61 -11.33 51.35
N GLU D 26 -21.92 -11.44 51.15
CA GLU D 26 -22.47 -12.62 50.48
C GLU D 26 -21.96 -12.73 49.06
N ILE D 27 -21.93 -11.61 48.33
CA ILE D 27 -21.46 -11.64 46.95
C ILE D 27 -19.99 -12.03 46.89
N ILE D 28 -19.17 -11.44 47.75
CA ILE D 28 -17.74 -11.76 47.75
C ILE D 28 -17.53 -13.23 48.11
N LYS D 29 -18.30 -13.73 49.09
CA LYS D 29 -18.19 -15.13 49.46
C LYS D 29 -18.58 -16.05 48.31
N SER D 30 -19.64 -15.69 47.58
CA SER D 30 -20.05 -16.49 46.44
C SER D 30 -18.97 -16.51 45.36
N PHE D 31 -18.38 -15.35 45.07
CA PHE D 31 -17.33 -15.33 44.06
C PHE D 31 -16.10 -16.12 44.50
N LYS D 32 -15.74 -16.03 45.77
CA LYS D 32 -14.60 -16.81 46.26
C LYS D 32 -14.91 -18.30 46.19
N ASN D 33 -16.14 -18.69 46.50
CA ASN D 33 -16.53 -20.10 46.39
C ASN D 33 -16.44 -20.56 44.94
N PHE D 34 -16.88 -19.72 44.01
CA PHE D 34 -16.75 -20.07 42.59
C PHE D 34 -15.28 -20.23 42.20
N ILE D 35 -14.43 -19.32 42.65
CA ILE D 35 -13.01 -19.41 42.29
C ILE D 35 -12.39 -20.68 42.85
N LEU D 36 -12.70 -21.00 44.11
CA LEU D 36 -12.03 -22.11 44.78
C LEU D 36 -12.69 -23.47 44.53
N GLU D 37 -13.88 -23.51 43.92
CA GLU D 37 -14.61 -24.76 43.78
C GLU D 37 -14.75 -25.24 42.35
N PHE D 38 -14.53 -24.38 41.36
CA PHE D 38 -14.71 -24.77 39.98
C PHE D 38 -13.57 -25.68 39.52
N ARG D 39 -13.92 -26.81 38.90
CA ARG D 39 -12.92 -27.75 38.43
C ARG D 39 -13.47 -28.54 37.25
N LEU D 40 -12.60 -28.77 36.26
CA LEU D 40 -12.88 -29.64 35.14
C LEU D 40 -11.96 -30.85 35.19
N ASP D 41 -12.53 -32.03 34.95
CA ASP D 41 -11.78 -33.28 35.02
C ASP D 41 -11.12 -33.43 36.38
N SER D 42 -9.83 -33.07 36.44
CA SER D 42 -9.08 -33.15 37.69
C SER D 42 -8.21 -31.91 37.88
N GLN D 43 -8.65 -30.77 37.37
CA GLN D 43 -7.86 -29.54 37.42
C GLN D 43 -8.73 -28.39 37.91
N PHE D 44 -8.22 -27.65 38.90
CA PHE D 44 -8.81 -26.37 39.29
C PHE D 44 -8.12 -25.30 38.46
N ILE D 45 -8.78 -24.87 37.39
CA ILE D 45 -8.12 -24.06 36.37
C ILE D 45 -7.72 -22.70 36.92
N TYR D 46 -8.65 -22.02 37.61
CA TYR D 46 -8.39 -20.63 37.98
C TYR D 46 -7.36 -20.52 39.10
N ARG D 47 -7.32 -21.48 40.02
CA ARG D 47 -6.30 -21.44 41.06
C ARG D 47 -4.91 -21.59 40.47
N ASP D 48 -4.75 -22.52 39.52
CA ASP D 48 -3.46 -22.68 38.86
C ASP D 48 -3.10 -21.42 38.07
N GLN D 49 -4.09 -20.81 37.42
CA GLN D 49 -3.86 -19.56 36.73
C GLN D 49 -3.35 -18.50 37.68
N LEU D 50 -3.98 -18.40 38.86
CA LEU D 50 -3.55 -17.42 39.85
C LEU D 50 -2.13 -17.67 40.31
N ARG D 51 -1.79 -18.94 40.56
CA ARG D 51 -0.43 -19.25 41.00
C ARG D 51 0.59 -18.85 39.96
N ASN D 52 0.37 -19.26 38.71
CA ASN D 52 1.32 -18.92 37.65
C ASN D 52 1.39 -17.42 37.42
N ASN D 53 0.26 -16.73 37.54
CA ASN D 53 0.27 -15.28 37.37
C ASN D 53 1.07 -14.59 38.46
N ILE D 54 0.90 -15.02 39.72
CA ILE D 54 1.63 -14.42 40.82
C ILE D 54 3.13 -14.70 40.68
N LEU D 55 3.48 -15.89 40.19
CA LEU D 55 4.90 -16.22 40.05
C LEU D 55 5.62 -15.25 39.12
N VAL D 56 4.98 -14.87 38.01
CA VAL D 56 5.63 -14.02 37.03
C VAL D 56 5.21 -12.56 37.17
N LYS D 57 4.62 -12.19 38.30
CA LYS D 57 4.26 -10.80 38.59
C LYS D 57 3.29 -10.23 37.55
N ASN D 58 2.28 -11.01 37.20
CA ASN D 58 1.17 -10.54 36.37
C ASN D 58 -0.09 -10.65 37.23
N TYR D 59 -0.33 -9.61 38.03
CA TYR D 59 -1.46 -9.61 38.95
C TYR D 59 -2.74 -9.38 38.15
N SER D 60 -3.23 -10.45 37.54
CA SER D 60 -4.45 -10.39 36.75
C SER D 60 -5.07 -11.78 36.69
N LEU D 61 -6.36 -11.81 36.37
CA LEU D 61 -7.10 -13.04 36.23
C LEU D 61 -8.06 -12.88 35.06
N THR D 62 -8.30 -13.98 34.35
CA THR D 62 -9.16 -13.98 33.17
C THR D 62 -10.34 -14.91 33.41
N VAL D 63 -11.55 -14.39 33.26
CA VAL D 63 -12.77 -15.14 33.47
C VAL D 63 -13.46 -15.34 32.13
N ASN D 64 -13.77 -16.58 31.80
CA ASN D 64 -14.57 -16.88 30.62
C ASN D 64 -16.04 -16.91 31.01
N MET D 65 -16.86 -16.16 30.29
CA MET D 65 -18.24 -15.96 30.71
C MET D 65 -19.04 -17.25 30.70
N GLU D 66 -18.73 -18.19 29.79
CA GLU D 66 -19.48 -19.43 29.74
C GLU D 66 -19.34 -20.22 31.03
N HIS D 67 -18.12 -20.27 31.59
CA HIS D 67 -17.93 -20.93 32.87
C HIS D 67 -18.73 -20.24 33.96
N LEU D 68 -18.76 -18.91 33.95
CA LEU D 68 -19.54 -18.17 34.93
C LEU D 68 -21.01 -18.52 34.84
N ILE D 69 -21.55 -18.60 33.63
CA ILE D 69 -22.95 -18.95 33.46
C ILE D 69 -23.22 -20.38 33.90
N GLY D 70 -22.34 -21.32 33.51
CA GLY D 70 -22.57 -22.71 33.82
C GLY D 70 -22.49 -23.01 35.31
N TYR D 71 -21.55 -22.37 36.00
CA TYR D 71 -21.43 -22.58 37.44
C TYR D 71 -22.70 -22.16 38.16
N ASN D 72 -23.16 -20.94 37.90
CA ASN D 72 -24.41 -20.45 38.46
C ASN D 72 -24.91 -19.32 37.57
N GLU D 73 -26.23 -19.23 37.45
CA GLU D 73 -26.84 -18.22 36.58
C GLU D 73 -27.19 -16.94 37.32
N ASP D 74 -27.44 -17.01 38.63
CA ASP D 74 -27.82 -15.82 39.37
C ASP D 74 -26.67 -14.82 39.46
N ILE D 75 -25.45 -15.32 39.65
CA ILE D 75 -24.30 -14.42 39.68
C ILE D 75 -24.11 -13.76 38.32
N TYR D 76 -24.34 -14.49 37.24
CA TYR D 76 -24.28 -13.88 35.92
C TYR D 76 -25.37 -12.83 35.76
N LYS D 77 -26.57 -13.09 36.28
CA LYS D 77 -27.63 -12.11 36.23
C LYS D 77 -27.24 -10.83 36.96
N LYS D 78 -26.65 -10.97 38.15
CA LYS D 78 -26.23 -9.81 38.91
C LYS D 78 -25.11 -9.05 38.22
N LEU D 79 -24.19 -9.77 37.57
CA LEU D 79 -23.15 -9.10 36.81
C LEU D 79 -23.71 -8.41 35.57
N SER D 80 -24.80 -8.94 35.01
CA SER D 80 -25.40 -8.34 33.84
C SER D 80 -26.19 -7.09 34.19
N ASP D 81 -26.84 -7.08 35.35
CA ASP D 81 -27.69 -5.94 35.71
C ASP D 81 -26.86 -4.70 36.01
N GLU D 82 -25.98 -4.77 37.01
CA GLU D 82 -25.21 -3.62 37.46
C GLU D 82 -23.73 -3.95 37.41
N PRO D 83 -23.08 -3.73 36.27
CA PRO D 83 -21.67 -4.10 36.14
C PRO D 83 -20.74 -3.27 37.01
N SER D 84 -20.92 -1.95 37.00
CA SER D 84 -20.00 -1.07 37.71
C SER D 84 -20.08 -1.24 39.21
N ASP D 85 -21.27 -1.57 39.74
CA ASP D 85 -21.39 -1.80 41.17
C ASP D 85 -20.85 -3.16 41.58
N ILE D 86 -20.89 -4.14 40.69
CA ILE D 86 -20.58 -5.51 41.07
C ILE D 86 -19.10 -5.85 40.86
N ILE D 87 -18.50 -5.34 39.77
CA ILE D 87 -17.13 -5.74 39.43
C ILE D 87 -16.13 -5.52 40.57
N PRO D 88 -16.12 -4.39 41.27
CA PRO D 88 -15.12 -4.22 42.33
C PRO D 88 -15.18 -5.29 43.41
N LEU D 89 -16.37 -5.80 43.73
CA LEU D 89 -16.45 -6.88 44.71
C LEU D 89 -15.70 -8.11 44.24
N PHE D 90 -15.86 -8.46 42.97
CA PHE D 90 -15.15 -9.61 42.43
C PHE D 90 -13.64 -9.35 42.39
N GLU D 91 -13.25 -8.14 41.98
CA GLU D 91 -11.83 -7.84 41.86
C GLU D 91 -11.15 -7.67 43.20
N THR D 92 -11.90 -7.57 44.30
CA THR D 92 -11.29 -7.67 45.62
C THR D 92 -11.37 -9.07 46.20
N ALA D 93 -12.40 -9.85 45.86
CA ALA D 93 -12.41 -11.25 46.25
C ALA D 93 -11.22 -11.98 45.65
N ILE D 94 -10.84 -11.62 44.42
CA ILE D 94 -9.69 -12.24 43.79
C ILE D 94 -8.43 -11.99 44.61
N THR D 95 -8.21 -10.75 45.04
CA THR D 95 -7.00 -10.46 45.80
C THR D 95 -7.04 -11.11 47.18
N GLN D 96 -8.24 -11.25 47.76
CA GLN D 96 -8.34 -11.99 49.02
C GLN D 96 -7.88 -13.43 48.84
N VAL D 97 -8.36 -14.09 47.79
CA VAL D 97 -7.97 -15.47 47.55
C VAL D 97 -6.46 -15.56 47.27
N ALA D 98 -5.92 -14.60 46.53
CA ALA D 98 -4.50 -14.63 46.23
C ALA D 98 -3.67 -14.51 47.50
N LYS D 99 -4.03 -13.59 48.39
CA LYS D 99 -3.34 -13.50 49.67
C LYS D 99 -3.48 -14.78 50.46
N ARG D 100 -4.65 -15.43 50.39
CA ARG D 100 -4.85 -16.68 51.11
C ARG D 100 -3.91 -17.77 50.60
N ILE D 101 -3.73 -17.88 49.30
CA ILE D 101 -3.05 -19.03 48.73
C ILE D 101 -1.64 -18.67 48.24
N SER D 102 -1.09 -17.53 48.64
CA SER D 102 0.29 -17.23 48.32
C SER D 102 1.17 -16.84 49.51
N ILE D 103 0.59 -16.42 50.64
CA ILE D 103 1.36 -15.92 51.77
C ILE D 103 0.99 -16.70 53.03
N LEU D 104 1.99 -17.07 53.81
CA LEU D 104 1.77 -17.76 55.08
C LEU D 104 1.39 -16.77 56.17
N SER D 105 0.47 -17.18 57.04
CA SER D 105 0.03 -16.33 58.14
C SER D 105 1.05 -16.26 59.27
N ARG D 106 1.95 -17.24 59.37
CA ARG D 106 2.98 -17.33 60.41
C ARG D 106 2.44 -16.98 61.79
N ALA D 107 1.29 -17.56 62.12
CA ALA D 107 0.65 -17.44 63.42
C ALA D 107 0.30 -16.01 63.79
N GLN D 108 0.16 -15.14 62.79
CA GLN D 108 -0.27 -13.75 63.01
C GLN D 108 -1.10 -13.25 61.85
N LEU D 128 5.32 -6.83 57.47
CA LEU D 128 5.58 -7.58 56.25
C LEU D 128 5.43 -6.68 55.02
N LEU D 129 5.59 -7.26 53.84
CA LEU D 129 5.54 -6.48 52.61
C LEU D 129 4.10 -6.24 52.17
N ASN D 130 3.38 -7.32 51.84
CA ASN D 130 1.99 -7.24 51.37
C ASN D 130 1.83 -6.23 50.24
N SER D 131 2.74 -6.31 49.26
CA SER D 131 2.69 -5.42 48.11
C SER D 131 1.83 -6.01 46.99
N LEU D 132 0.60 -6.36 47.34
CA LEU D 132 -0.35 -6.91 46.37
C LEU D 132 -1.47 -5.91 46.15
N PRO D 133 -1.48 -5.19 45.04
CA PRO D 133 -2.59 -4.26 44.77
C PRO D 133 -3.87 -5.00 44.44
N THR D 134 -4.94 -4.27 44.14
CA THR D 134 -6.19 -4.91 43.74
C THR D 134 -6.01 -5.54 42.36
N PHE D 135 -6.40 -6.80 42.24
CA PHE D 135 -6.13 -7.55 41.01
C PHE D 135 -7.07 -7.11 39.89
N GLN D 136 -6.53 -7.07 38.68
CA GLN D 136 -7.30 -6.68 37.51
C GLN D 136 -8.10 -7.87 36.98
N LEU D 137 -9.37 -7.64 36.67
CA LEU D 137 -10.24 -8.67 36.13
C LEU D 137 -10.46 -8.42 34.64
N ILE D 138 -10.25 -9.46 33.83
CA ILE D 138 -10.39 -9.37 32.38
C ILE D 138 -11.40 -10.43 31.95
N LEU D 139 -12.37 -10.02 31.14
CA LEU D 139 -13.43 -10.90 30.70
C LEU D 139 -13.27 -11.28 29.22
N ASN D 140 -13.83 -12.44 28.88
CA ASN D 140 -13.94 -12.88 27.50
C ASN D 140 -15.30 -13.52 27.31
N SER D 141 -15.93 -13.26 26.17
CA SER D 141 -17.26 -13.78 25.88
C SER D 141 -17.42 -13.97 24.38
N ASN D 142 -18.55 -14.57 24.00
CA ASN D 142 -18.87 -14.86 22.60
C ASN D 142 -20.31 -14.46 22.29
N ALA D 143 -20.71 -13.27 22.72
CA ALA D 143 -22.05 -12.79 22.44
C ALA D 143 -22.12 -12.23 21.03
N ASN D 144 -23.32 -11.83 20.62
CA ASN D 144 -23.50 -11.27 19.29
C ASN D 144 -22.90 -9.87 19.21
N GLN D 145 -22.09 -9.65 18.17
CA GLN D 145 -21.49 -8.33 17.99
C GLN D 145 -22.56 -7.29 17.72
N ILE D 146 -22.30 -6.07 18.18
CA ILE D 146 -23.18 -4.93 17.96
C ILE D 146 -22.35 -3.83 17.29
N PRO D 147 -22.72 -3.40 16.09
CA PRO D 147 -21.92 -2.36 15.42
C PRO D 147 -22.00 -1.03 16.15
N LEU D 148 -21.07 -0.14 15.79
CA LEU D 148 -20.96 1.13 16.50
C LEU D 148 -22.23 1.96 16.35
N ARG D 149 -22.79 2.02 15.14
CA ARG D 149 -23.93 2.89 14.90
C ARG D 149 -25.21 2.37 15.55
N ASP D 150 -25.24 1.12 16.00
CA ASP D 150 -26.44 0.60 16.65
C ASP D 150 -26.49 0.90 18.14
N LEU D 151 -25.43 1.49 18.70
CA LEU D 151 -25.45 1.87 20.11
C LEU D 151 -26.38 3.06 20.29
N ASP D 152 -27.26 2.96 21.28
CA ASP D 152 -28.27 3.99 21.51
C ASP D 152 -28.47 4.12 23.02
N SER D 153 -29.56 4.78 23.41
CA SER D 153 -29.81 5.07 24.82
C SER D 153 -30.14 3.82 25.62
N GLU D 154 -30.55 2.73 24.98
CA GLU D 154 -30.94 1.53 25.72
C GLU D 154 -29.76 0.69 26.19
N HIS D 155 -28.54 1.05 25.81
CA HIS D 155 -27.36 0.30 26.21
C HIS D 155 -26.59 0.96 27.33
N VAL D 156 -27.16 1.96 27.99
CA VAL D 156 -26.45 2.69 29.03
C VAL D 156 -26.22 1.77 30.23
N SER D 157 -24.96 1.70 30.67
CA SER D 157 -24.56 0.87 31.80
C SER D 157 -24.87 -0.60 31.56
N LYS D 158 -24.48 -1.09 30.39
CA LYS D 158 -24.64 -2.49 30.02
C LYS D 158 -23.35 -3.01 29.42
N ILE D 159 -23.18 -4.33 29.50
CA ILE D 159 -22.00 -4.97 28.92
C ILE D 159 -22.29 -5.27 27.45
N VAL D 160 -21.43 -4.77 26.57
CA VAL D 160 -21.61 -4.95 25.13
C VAL D 160 -20.29 -5.35 24.50
N ARG D 161 -20.39 -5.98 23.33
CA ARG D 161 -19.24 -6.43 22.57
C ARG D 161 -19.27 -5.81 21.18
N LEU D 162 -18.14 -5.32 20.72
CA LEU D 162 -18.07 -4.60 19.46
C LEU D 162 -16.66 -4.66 18.91
N SER D 163 -16.53 -4.32 17.63
CA SER D 163 -15.24 -4.32 16.96
C SER D 163 -15.12 -3.12 16.04
N GLY D 164 -13.89 -2.67 15.83
CA GLY D 164 -13.63 -1.52 14.99
C GLY D 164 -12.18 -1.46 14.57
N ILE D 165 -11.69 -0.25 14.32
CA ILE D 165 -10.31 0.00 13.92
C ILE D 165 -9.73 1.11 14.79
N ILE D 166 -8.47 0.97 15.16
CA ILE D 166 -7.80 1.91 16.06
C ILE D 166 -7.08 2.96 15.23
N ILE D 167 -7.30 4.23 15.56
CA ILE D 167 -6.80 5.35 14.78
C ILE D 167 -5.82 6.23 15.55
N SER D 168 -6.09 6.51 16.82
CA SER D 168 -5.26 7.42 17.58
C SER D 168 -5.17 6.97 19.03
N THR D 169 -3.97 7.11 19.60
CA THR D 169 -3.69 6.70 20.97
C THR D 169 -3.12 7.87 21.74
N SER D 170 -3.62 8.09 22.95
CA SER D 170 -3.12 9.14 23.82
C SER D 170 -1.94 8.65 24.63
N VAL D 171 -1.20 9.59 25.21
CA VAL D 171 -0.09 9.25 26.08
C VAL D 171 -0.63 8.77 27.43
N LEU D 172 0.26 8.13 28.19
CA LEU D 172 -0.14 7.58 29.48
C LEU D 172 -0.40 8.70 30.49
N SER D 173 -1.17 8.36 31.53
CA SER D 173 -1.48 9.30 32.58
C SER D 173 -1.63 8.55 33.89
N SER D 174 -1.56 9.29 34.99
CA SER D 174 -1.61 8.69 36.31
C SER D 174 -2.98 8.90 36.96
N ARG D 175 -3.37 7.93 37.79
CA ARG D 175 -4.60 8.01 38.55
C ARG D 175 -4.34 7.50 39.96
N ALA D 176 -4.91 8.19 40.96
CA ALA D 176 -4.65 7.85 42.34
C ALA D 176 -5.61 6.79 42.83
N THR D 177 -5.11 5.88 43.67
CA THR D 177 -5.94 4.86 44.30
C THR D 177 -5.89 4.89 45.81
N TYR D 178 -4.79 5.31 46.41
CA TYR D 178 -4.66 5.40 47.87
C TYR D 178 -4.02 6.74 48.20
N LEU D 179 -4.79 7.64 48.79
CA LEU D 179 -4.37 9.01 49.04
C LEU D 179 -4.14 9.24 50.52
N SER D 180 -2.98 9.82 50.84
CA SER D 180 -2.67 10.26 52.20
C SER D 180 -3.11 11.71 52.35
N ILE D 181 -4.00 11.96 53.29
CA ILE D 181 -4.66 13.25 53.45
C ILE D 181 -4.32 13.81 54.82
N MET D 182 -3.86 15.06 54.85
CA MET D 182 -3.42 15.72 56.07
C MET D 182 -4.19 17.02 56.23
N CYS D 183 -4.58 17.32 57.48
CA CYS D 183 -5.26 18.56 57.78
C CYS D 183 -4.25 19.64 58.19
N ARG D 184 -4.71 20.88 58.19
CA ARG D 184 -3.88 22.03 58.55
C ARG D 184 -4.03 22.43 60.00
N ASN D 185 -5.27 22.64 60.47
CA ASN D 185 -5.48 23.12 61.83
C ASN D 185 -5.33 22.00 62.85
N CYS D 186 -6.20 20.98 62.78
CA CYS D 186 -6.09 19.87 63.70
C CYS D 186 -4.87 19.02 63.40
N ARG D 187 -4.45 18.98 62.13
CA ARG D 187 -3.21 18.31 61.71
C ARG D 187 -3.22 16.83 62.10
N HIS D 188 -4.12 16.09 61.49
CA HIS D 188 -4.17 14.65 61.63
C HIS D 188 -4.11 14.00 60.25
N THR D 189 -3.70 12.73 60.23
CA THR D 189 -3.53 11.99 58.99
C THR D 189 -4.69 11.03 58.77
N THR D 190 -5.01 10.81 57.49
CA THR D 190 -6.10 9.94 57.11
C THR D 190 -5.75 9.32 55.75
N SER D 191 -6.38 8.20 55.44
CA SER D 191 -6.17 7.52 54.17
C SER D 191 -7.50 7.36 53.45
N ILE D 192 -7.49 7.64 52.15
CA ILE D 192 -8.67 7.48 51.30
C ILE D 192 -8.37 6.42 50.24
N THR D 193 -9.26 5.45 50.11
CA THR D 193 -9.12 4.39 49.12
C THR D 193 -10.01 4.69 47.94
N ILE D 194 -9.45 4.63 46.74
CA ILE D 194 -10.12 5.05 45.52
C ILE D 194 -10.28 3.83 44.61
N ASN D 195 -11.52 3.53 44.24
CA ASN D 195 -11.81 2.57 43.19
C ASN D 195 -12.06 3.31 41.89
N ASN D 196 -11.63 2.71 40.78
CA ASN D 196 -11.60 3.39 39.49
C ASN D 196 -12.89 3.24 38.71
N PHE D 197 -13.93 2.66 39.29
CA PHE D 197 -15.20 2.44 38.61
C PHE D 197 -16.17 3.57 38.98
N ASN D 198 -16.82 4.12 37.96
CA ASN D 198 -17.75 5.24 38.14
C ASN D 198 -19.16 4.78 37.77
N SER D 199 -20.09 4.97 38.70
CA SER D 199 -21.51 4.73 38.42
C SER D 199 -22.20 6.03 38.01
N ILE D 200 -22.18 7.03 38.88
CA ILE D 200 -22.64 8.37 38.53
C ILE D 200 -21.45 9.15 37.99
N THR D 201 -21.75 10.29 37.37
CA THR D 201 -20.71 11.09 36.74
C THR D 201 -19.68 11.58 37.75
N GLY D 202 -20.13 11.98 38.94
CA GLY D 202 -19.21 12.46 39.95
C GLY D 202 -18.39 11.35 40.59
N ASN D 203 -19.05 10.49 41.35
CA ASN D 203 -18.45 9.27 41.90
C ASN D 203 -17.27 9.54 42.83
N THR D 204 -16.97 10.81 43.09
CA THR D 204 -15.75 11.18 43.81
C THR D 204 -16.10 11.92 45.09
N VAL D 205 -15.56 11.45 46.21
CA VAL D 205 -15.59 12.20 47.46
C VAL D 205 -14.35 13.08 47.45
N SER D 206 -14.56 14.35 47.10
CA SER D 206 -13.44 15.28 46.94
C SER D 206 -12.67 15.43 48.26
N LEU D 207 -13.32 15.97 49.28
CA LEU D 207 -12.72 16.15 50.59
C LEU D 207 -13.85 16.10 51.60
N PRO D 208 -13.69 15.37 52.70
CA PRO D 208 -14.75 15.31 53.71
C PRO D 208 -15.05 16.69 54.26
N ARG D 209 -16.33 16.95 54.49
CA ARG D 209 -16.74 18.20 55.12
C ARG D 209 -16.38 18.18 56.59
N SER D 210 -15.78 19.27 57.07
CA SER D 210 -15.35 19.43 58.45
C SER D 210 -14.22 18.46 58.80
N CYS D 211 -13.65 18.60 59.99
CA CYS D 211 -12.54 17.80 60.44
C CYS D 211 -13.03 16.57 61.21
N LEU D 212 -12.09 15.70 61.60
CA LEU D 212 -12.38 14.48 62.34
C LEU D 212 -11.93 14.65 63.78
N SER D 213 -12.80 14.28 64.71
CA SER D 213 -12.49 14.39 66.14
C SER D 213 -12.73 13.09 66.87
N LYS D 234 -9.92 21.47 66.72
CA LYS D 234 -11.30 21.90 66.97
C LYS D 234 -11.65 23.15 66.18
N ASN D 235 -12.87 23.17 65.63
CA ASN D 235 -13.41 24.34 64.93
C ASN D 235 -12.57 24.72 63.72
N CYS D 236 -12.34 23.74 62.85
CA CYS D 236 -11.58 23.96 61.63
C CYS D 236 -12.47 24.61 60.58
N GLY D 237 -11.95 24.73 59.35
CA GLY D 237 -12.68 25.33 58.27
C GLY D 237 -13.57 24.33 57.56
N PRO D 238 -14.03 24.66 56.36
CA PRO D 238 -14.88 23.74 55.59
C PRO D 238 -14.17 22.45 55.22
N ASP D 239 -13.06 22.57 54.51
CA ASP D 239 -12.30 21.42 54.02
C ASP D 239 -10.80 21.74 54.11
N PRO D 240 -10.23 21.68 55.32
CA PRO D 240 -8.82 22.04 55.52
C PRO D 240 -7.86 20.87 55.30
N TYR D 241 -8.00 20.19 54.16
CA TYR D 241 -7.23 19.00 53.86
C TYR D 241 -6.33 19.23 52.65
N ILE D 242 -5.17 18.58 52.67
CA ILE D 242 -4.23 18.60 51.55
C ILE D 242 -3.88 17.17 51.20
N ILE D 243 -3.37 16.98 49.99
CA ILE D 243 -2.99 15.67 49.48
C ILE D 243 -1.49 15.48 49.66
N ILE D 244 -1.11 14.47 50.43
CA ILE D 244 0.29 14.14 50.62
C ILE D 244 0.75 13.30 49.44
N HIS D 245 1.54 13.89 48.56
CA HIS D 245 1.92 13.21 47.32
C HIS D 245 2.80 11.99 47.61
N GLU D 246 3.76 12.12 48.52
CA GLU D 246 4.52 10.96 48.93
C GLU D 246 3.63 10.01 49.73
N SER D 247 3.99 8.72 49.71
CA SER D 247 3.21 7.68 50.37
C SER D 247 1.80 7.58 49.80
N SER D 248 1.72 7.42 48.47
CA SER D 248 0.46 7.23 47.78
C SER D 248 0.67 6.21 46.67
N LYS D 249 -0.43 5.64 46.19
CA LYS D 249 -0.38 4.62 45.15
C LYS D 249 -1.09 5.10 43.89
N PHE D 250 -0.45 4.89 42.74
CA PHE D 250 -0.91 5.39 41.45
C PHE D 250 -0.91 4.28 40.41
N ILE D 251 -1.94 4.30 39.56
CA ILE D 251 -2.06 3.38 38.45
C ILE D 251 -2.00 4.17 37.15
N ASP D 252 -1.95 3.46 36.03
CA ASP D 252 -1.74 4.05 34.71
C ASP D 252 -3.00 3.94 33.87
N GLN D 253 -3.28 4.97 33.08
CA GLN D 253 -4.48 5.07 32.28
C GLN D 253 -4.14 5.63 30.90
N GLN D 254 -4.87 5.18 29.89
CA GLN D 254 -4.65 5.59 28.51
C GLN D 254 -6.00 5.71 27.79
N PHE D 255 -6.03 6.55 26.76
CA PHE D 255 -7.23 6.80 25.97
C PHE D 255 -7.01 6.38 24.52
N LEU D 256 -8.07 5.84 23.91
CA LEU D 256 -8.00 5.36 22.54
C LEU D 256 -9.22 5.83 21.77
N LYS D 257 -9.08 5.87 20.44
CA LYS D 257 -10.17 6.25 19.54
C LYS D 257 -10.47 5.11 18.59
N LEU D 258 -11.76 4.87 18.34
CA LEU D 258 -12.23 3.79 17.48
C LEU D 258 -13.03 4.36 16.32
N GLN D 259 -12.80 3.81 15.13
CA GLN D 259 -13.49 4.20 13.91
C GLN D 259 -14.23 2.99 13.35
N GLU D 260 -15.36 3.24 12.69
CA GLU D 260 -16.18 2.15 12.20
C GLU D 260 -15.46 1.34 11.13
N ILE D 261 -15.78 0.05 11.09
CA ILE D 261 -15.20 -0.86 10.09
C ILE D 261 -15.70 -0.46 8.70
N PRO D 262 -14.85 -0.41 7.68
CA PRO D 262 -15.27 0.16 6.39
C PRO D 262 -16.47 -0.51 5.74
N GLU D 263 -16.59 -1.83 5.81
CA GLU D 263 -17.62 -2.51 5.03
C GLU D 263 -18.95 -2.62 5.77
N LEU D 264 -19.08 -2.05 6.95
CA LEU D 264 -20.38 -1.96 7.62
C LEU D 264 -20.91 -0.53 7.67
N VAL D 265 -20.26 0.40 6.97
CA VAL D 265 -20.77 1.77 6.93
C VAL D 265 -22.11 1.79 6.20
N PRO D 266 -23.16 2.37 6.78
CA PRO D 266 -24.44 2.45 6.07
C PRO D 266 -24.33 3.34 4.84
N VAL D 267 -25.40 3.31 4.03
CA VAL D 267 -25.37 3.93 2.71
C VAL D 267 -25.16 5.44 2.83
N GLY D 268 -24.25 5.96 2.03
CA GLY D 268 -24.03 7.40 1.94
C GLY D 268 -23.67 8.07 3.24
N GLU D 269 -22.76 7.46 4.01
CA GLU D 269 -22.40 7.96 5.31
C GLU D 269 -20.90 8.17 5.42
N MET D 270 -20.50 8.76 6.54
CA MET D 270 -19.12 8.94 6.94
C MET D 270 -18.87 8.19 8.24
N PRO D 271 -17.72 7.54 8.39
CA PRO D 271 -17.48 6.76 9.61
C PRO D 271 -17.51 7.61 10.87
N ARG D 272 -17.98 7.01 11.95
CA ARG D 272 -18.16 7.69 13.22
C ARG D 272 -17.09 7.24 14.22
N ASN D 273 -16.66 8.17 15.06
CA ASN D 273 -15.61 7.92 16.04
C ASN D 273 -16.21 7.69 17.42
N LEU D 274 -15.44 6.99 18.25
CA LEU D 274 -15.82 6.74 19.63
C LEU D 274 -14.56 6.72 20.50
N THR D 275 -14.74 6.95 21.79
CA THR D 275 -13.63 7.10 22.72
C THR D 275 -13.65 5.99 23.76
N MET D 276 -12.47 5.43 24.04
CA MET D 276 -12.33 4.35 25.00
C MET D 276 -11.25 4.69 26.02
N THR D 277 -11.43 4.15 27.23
CA THR D 277 -10.48 4.31 28.32
C THR D 277 -10.00 2.95 28.77
N CYS D 278 -8.68 2.78 28.86
CA CYS D 278 -8.07 1.55 29.34
C CYS D 278 -7.12 1.89 30.47
N ASP D 279 -6.82 0.89 31.30
CA ASP D 279 -6.02 1.15 32.49
C ASP D 279 -5.30 -0.12 32.93
N ARG D 280 -4.26 0.08 33.74
CA ARG D 280 -3.44 -1.00 34.31
C ARG D 280 -2.83 -1.80 33.15
N TYR D 281 -2.96 -3.13 33.14
CA TYR D 281 -2.23 -3.93 32.16
C TYR D 281 -2.75 -3.75 30.74
N LEU D 282 -4.01 -3.35 30.58
CA LEU D 282 -4.58 -3.21 29.23
C LEU D 282 -3.90 -2.11 28.43
N THR D 283 -3.14 -1.24 29.07
CA THR D 283 -2.53 -0.12 28.36
C THR D 283 -1.36 -0.61 27.49
N ASN D 284 -1.06 0.19 26.47
CA ASN D 284 0.09 -0.03 25.60
C ASN D 284 0.05 -1.41 24.95
N LYS D 285 -1.15 -1.88 24.62
CA LYS D 285 -1.32 -3.19 24.00
C LYS D 285 -1.59 -3.11 22.51
N VAL D 286 -2.16 -2.02 22.02
CA VAL D 286 -2.51 -1.88 20.62
C VAL D 286 -1.75 -0.71 20.02
N ILE D 287 -1.71 -0.68 18.69
CA ILE D 287 -1.10 0.41 17.93
C ILE D 287 -2.11 0.85 16.87
N PRO D 288 -2.07 2.09 16.41
CA PRO D 288 -3.10 2.56 15.47
C PRO D 288 -3.08 1.77 14.18
N GLY D 289 -4.28 1.54 13.64
CA GLY D 289 -4.42 0.86 12.37
C GLY D 289 -4.51 -0.64 12.44
N THR D 290 -4.87 -1.21 13.60
CA THR D 290 -4.99 -2.65 13.76
C THR D 290 -6.41 -2.99 14.16
N ARG D 291 -7.03 -3.92 13.42
CA ARG D 291 -8.39 -4.35 13.73
C ARG D 291 -8.42 -5.01 15.09
N VAL D 292 -9.41 -4.65 15.90
CA VAL D 292 -9.51 -5.13 17.27
C VAL D 292 -10.95 -5.49 17.59
N THR D 293 -11.11 -6.27 18.66
CA THR D 293 -12.42 -6.61 19.21
C THR D 293 -12.40 -6.26 20.70
N ILE D 294 -13.36 -5.44 21.12
CA ILE D 294 -13.38 -4.88 22.46
C ILE D 294 -14.62 -5.36 23.19
N VAL D 295 -14.47 -5.67 24.47
CA VAL D 295 -15.58 -5.97 25.37
C VAL D 295 -15.49 -5.01 26.54
N GLY D 296 -16.57 -4.31 26.82
CA GLY D 296 -16.55 -3.32 27.86
C GLY D 296 -17.93 -2.84 28.23
N ILE D 297 -17.96 -1.70 28.91
CA ILE D 297 -19.19 -1.08 29.38
C ILE D 297 -19.39 0.24 28.66
N TYR D 298 -20.62 0.50 28.25
CA TYR D 298 -20.99 1.71 27.53
C TYR D 298 -21.64 2.67 28.51
N SER D 299 -20.91 3.72 28.89
CA SER D 299 -21.37 4.65 29.90
C SER D 299 -21.09 6.07 29.45
N ILE D 300 -21.48 7.04 30.29
CA ILE D 300 -21.50 8.45 29.94
C ILE D 300 -20.80 9.26 31.02
N TYR D 301 -20.35 10.46 30.64
CA TYR D 301 -19.78 11.39 31.59
C TYR D 301 -20.20 12.81 31.22
N ASN D 302 -20.48 13.61 32.24
CA ASN D 302 -21.00 14.96 32.04
C ASN D 302 -19.93 15.87 31.44
N SER D 303 -20.39 16.96 30.82
CA SER D 303 -19.51 17.92 30.16
C SER D 303 -19.87 19.32 30.66
N LYS D 304 -19.24 19.73 31.77
CA LYS D 304 -19.43 21.08 32.29
C LYS D 304 -18.66 22.11 31.47
N ASN D 305 -17.45 21.76 31.02
CA ASN D 305 -16.60 22.70 30.29
C ASN D 305 -17.08 22.95 28.87
N GLY D 306 -18.05 22.19 28.37
CA GLY D 306 -18.56 22.39 27.03
C GLY D 306 -19.36 23.67 26.87
N SER D 319 -23.94 24.45 24.75
CA SER D 319 -24.31 23.57 23.65
C SER D 319 -25.34 22.53 24.08
N GLY D 320 -26.58 22.71 23.63
CA GLY D 320 -27.63 21.79 23.99
C GLY D 320 -28.04 21.91 25.44
N VAL D 321 -28.88 20.98 25.87
CA VAL D 321 -29.34 20.91 27.24
C VAL D 321 -29.26 19.46 27.72
N ALA D 322 -28.70 19.26 28.91
CA ALA D 322 -28.57 17.94 29.53
C ALA D 322 -27.79 16.96 28.64
N ILE D 323 -26.80 17.47 27.91
CA ILE D 323 -25.96 16.58 27.11
C ILE D 323 -25.02 15.81 28.02
N ARG D 324 -24.67 14.59 27.58
CA ARG D 324 -23.73 13.75 28.32
C ARG D 324 -23.01 12.88 27.30
N THR D 325 -21.74 13.21 27.03
CA THR D 325 -21.00 12.49 26.01
C THR D 325 -20.78 11.05 26.44
N PRO D 326 -21.01 10.08 25.56
CA PRO D 326 -20.76 8.68 25.91
C PRO D 326 -19.33 8.25 25.60
N TYR D 327 -18.93 7.16 26.23
CA TYR D 327 -17.59 6.61 26.06
C TYR D 327 -17.62 5.13 26.43
N ILE D 328 -16.48 4.47 26.27
CA ILE D 328 -16.37 3.04 26.48
C ILE D 328 -15.26 2.78 27.51
N LYS D 329 -15.54 1.90 28.47
CA LYS D 329 -14.56 1.45 29.44
C LYS D 329 -14.09 0.06 29.01
N ILE D 330 -12.82 -0.04 28.61
CA ILE D 330 -12.31 -1.31 28.09
C ILE D 330 -12.19 -2.31 29.24
N LEU D 331 -12.73 -3.51 29.03
CA LEU D 331 -12.51 -4.62 29.94
C LEU D 331 -11.71 -5.76 29.31
N GLY D 332 -11.87 -6.00 28.02
CA GLY D 332 -11.13 -7.05 27.35
C GLY D 332 -10.84 -6.73 25.90
N ILE D 333 -9.65 -7.09 25.43
CA ILE D 333 -9.21 -6.77 24.08
C ILE D 333 -8.72 -8.06 23.41
N GLN D 334 -9.20 -8.30 22.19
CA GLN D 334 -8.69 -9.38 21.35
C GLN D 334 -8.20 -8.77 20.05
N SER D 335 -6.98 -9.14 19.64
CA SER D 335 -6.37 -8.59 18.46
C SER D 335 -5.93 -9.71 17.53
N ASP D 336 -5.86 -9.38 16.23
CA ASP D 336 -5.47 -10.37 15.23
C ASP D 336 -3.98 -10.61 15.21
N VAL D 337 -3.16 -9.60 15.54
CA VAL D 337 -1.72 -9.75 15.52
C VAL D 337 -1.15 -10.18 16.86
N GLU D 338 -1.93 -10.05 17.95
CA GLU D 338 -1.48 -10.41 19.30
C GLU D 338 -0.18 -9.72 19.68
N THR D 339 0.03 -8.51 19.17
CA THR D 339 1.13 -7.64 19.59
C THR D 339 2.50 -8.32 19.41
N SER D 340 2.55 -9.36 18.58
CA SER D 340 3.76 -10.17 18.47
C SER D 340 4.90 -9.37 17.84
N SER D 341 4.64 -8.70 16.71
CA SER D 341 5.66 -7.89 16.07
C SER D 341 5.93 -6.60 16.83
N ILE D 342 4.96 -6.12 17.61
CA ILE D 342 5.16 -4.91 18.38
C ILE D 342 6.21 -5.12 19.47
N SER D 345 8.78 -6.84 19.49
CA SER D 345 10.12 -6.99 18.90
C SER D 345 10.79 -8.29 19.33
N VAL D 346 10.07 -9.20 19.97
CA VAL D 346 10.58 -10.50 20.38
C VAL D 346 9.57 -11.57 19.97
N THR D 347 10.01 -12.82 20.01
CA THR D 347 9.17 -13.96 19.68
C THR D 347 8.58 -14.55 20.96
N MET D 348 7.28 -14.84 20.93
CA MET D 348 6.62 -15.39 22.11
C MET D 348 5.66 -16.53 21.76
N PHE D 349 5.80 -17.13 20.59
CA PHE D 349 4.92 -18.22 20.20
C PHE D 349 5.13 -19.45 21.09
N THR D 350 4.06 -20.22 21.27
CA THR D 350 4.16 -21.46 22.02
C THR D 350 4.93 -22.51 21.21
N GLU D 351 5.31 -23.58 21.89
CA GLU D 351 6.13 -24.61 21.24
C GLU D 351 5.36 -25.33 20.14
N GLU D 352 4.05 -25.50 20.29
CA GLU D 352 3.27 -26.19 19.27
C GLU D 352 3.30 -25.43 17.95
N GLU D 353 3.05 -24.11 18.01
CA GLU D 353 3.02 -23.30 16.79
C GLU D 353 4.39 -23.20 16.16
N GLU D 354 5.44 -23.06 16.97
CA GLU D 354 6.79 -23.02 16.43
C GLU D 354 7.16 -24.34 15.76
N GLU D 355 6.77 -25.46 16.38
CA GLU D 355 7.01 -26.76 15.77
C GLU D 355 6.27 -26.87 14.44
N GLU D 356 5.03 -26.41 14.38
CA GLU D 356 4.28 -26.47 13.14
C GLU D 356 4.94 -25.62 12.05
N PHE D 357 5.42 -24.42 12.42
CA PHE D 357 6.12 -23.59 11.46
C PHE D 357 7.38 -24.26 10.96
N LEU D 358 8.13 -24.90 11.85
CA LEU D 358 9.33 -25.63 11.42
C LEU D 358 8.95 -26.78 10.48
N GLN D 359 7.87 -27.48 10.79
CA GLN D 359 7.43 -28.60 9.96
C GLN D 359 7.07 -28.13 8.56
N LEU D 360 6.35 -27.01 8.45
CA LEU D 360 6.07 -26.45 7.13
C LEU D 360 7.34 -25.98 6.44
N SER D 361 8.28 -25.39 7.19
CA SER D 361 9.52 -24.95 6.59
C SER D 361 10.38 -26.12 6.12
N ARG D 362 10.14 -27.32 6.65
CA ARG D 362 10.90 -28.49 6.24
C ARG D 362 10.39 -29.10 4.93
N ASN D 363 9.25 -28.64 4.43
CA ASN D 363 8.71 -29.17 3.19
C ASN D 363 9.65 -28.86 2.03
N PRO D 364 9.91 -29.82 1.14
CA PRO D 364 10.89 -29.58 0.06
C PRO D 364 10.39 -28.67 -1.05
N LYS D 365 9.10 -28.36 -1.11
CA LYS D 365 8.57 -27.55 -2.21
C LYS D 365 7.60 -26.49 -1.73
N LEU D 366 7.79 -25.97 -0.51
CA LEU D 366 6.88 -24.96 0.02
C LEU D 366 6.87 -23.70 -0.83
N TYR D 367 7.92 -23.48 -1.62
CA TYR D 367 7.95 -22.32 -2.50
C TYR D 367 6.76 -22.32 -3.44
N GLU D 368 6.47 -23.47 -4.06
CA GLU D 368 5.31 -23.55 -4.95
C GLU D 368 4.01 -23.45 -4.18
N ILE D 369 3.96 -23.96 -2.95
CA ILE D 369 2.75 -23.86 -2.15
C ILE D 369 2.43 -22.39 -1.87
N LEU D 370 3.44 -21.60 -1.54
CA LEU D 370 3.21 -20.18 -1.31
C LEU D 370 2.90 -19.44 -2.60
N THR D 371 3.57 -19.81 -3.69
CA THR D 371 3.32 -19.15 -4.97
C THR D 371 1.88 -19.38 -5.43
N ASN D 372 1.39 -20.60 -5.28
CA ASN D 372 -0.01 -20.87 -5.62
C ASN D 372 -0.96 -20.11 -4.71
N SER D 373 -0.60 -19.96 -3.44
CA SER D 373 -1.49 -19.37 -2.46
C SER D 373 -1.63 -17.86 -2.58
N ILE D 374 -0.81 -17.22 -3.40
CA ILE D 374 -0.89 -15.77 -3.60
C ILE D 374 -1.99 -15.48 -4.60
N ALA D 375 -3.09 -14.90 -4.13
CA ALA D 375 -4.22 -14.50 -4.96
C ALA D 375 -4.67 -15.67 -5.82
N PRO D 376 -5.32 -16.68 -5.23
CA PRO D 376 -5.70 -17.86 -6.02
C PRO D 376 -6.66 -17.55 -7.15
N SER D 377 -7.45 -16.50 -7.04
CA SER D 377 -8.44 -16.19 -8.07
C SER D 377 -7.83 -15.52 -9.29
N ILE D 378 -6.58 -15.09 -9.22
CA ILE D 378 -5.90 -14.48 -10.37
C ILE D 378 -5.15 -15.58 -11.12
N PHE D 379 -5.32 -15.59 -12.44
CA PHE D 379 -4.86 -16.68 -13.29
C PHE D 379 -3.69 -16.25 -14.16
N GLY D 380 -2.68 -17.12 -14.25
CA GLY D 380 -1.66 -17.00 -15.26
C GLY D 380 -0.34 -16.37 -14.85
N ASN D 381 -0.39 -15.30 -14.07
CA ASN D 381 0.82 -14.57 -13.74
C ASN D 381 1.65 -15.37 -12.74
N GLU D 382 2.94 -15.52 -13.03
CA GLU D 382 3.83 -16.31 -12.18
C GLU D 382 5.00 -15.51 -11.63
N ASP D 383 5.75 -14.82 -12.49
CA ASP D 383 6.90 -14.08 -12.02
C ASP D 383 6.51 -12.94 -11.09
N ILE D 384 5.36 -12.31 -11.35
CA ILE D 384 4.88 -11.25 -10.46
C ILE D 384 4.57 -11.83 -9.08
N LYS D 385 3.93 -12.99 -9.02
CA LYS D 385 3.64 -13.61 -7.73
C LYS D 385 4.92 -14.00 -7.00
N LYS D 386 5.91 -14.53 -7.72
CA LYS D 386 7.18 -14.83 -7.09
C LYS D 386 7.83 -13.57 -6.54
N ALA D 387 7.78 -12.47 -7.30
CA ALA D 387 8.35 -11.21 -6.83
C ALA D 387 7.62 -10.70 -5.60
N ILE D 388 6.29 -10.86 -5.57
CA ILE D 388 5.52 -10.42 -4.40
C ILE D 388 5.91 -11.20 -3.16
N VAL D 389 6.07 -12.52 -3.30
CA VAL D 389 6.49 -13.32 -2.15
C VAL D 389 7.89 -12.89 -1.69
N CYS D 390 8.80 -12.70 -2.64
CA CYS D 390 10.15 -12.26 -2.30
C CYS D 390 10.14 -10.92 -1.57
N LEU D 391 9.27 -10.00 -2.02
CA LEU D 391 9.13 -8.72 -1.34
C LEU D 391 8.58 -8.90 0.06
N LEU D 392 7.58 -9.77 0.23
CA LEU D 392 6.99 -9.98 1.55
C LEU D 392 8.03 -10.49 2.53
N MET D 393 8.86 -11.44 2.11
CA MET D 393 9.90 -11.95 3.00
C MET D 393 10.90 -10.85 3.36
N GLY D 394 11.33 -10.07 2.38
CA GLY D 394 12.25 -8.99 2.63
C GLY D 394 13.70 -9.46 2.72
N GLY D 395 14.60 -8.48 2.71
CA GLY D 395 16.03 -8.75 2.75
C GLY D 395 16.56 -8.89 4.15
N SER D 396 17.86 -8.61 4.30
CA SER D 396 18.55 -8.71 5.59
C SER D 396 19.20 -7.37 5.90
N LYS D 397 18.75 -6.74 6.98
CA LYS D 397 19.31 -5.47 7.41
C LYS D 397 20.76 -5.64 7.85
N LYS D 398 21.58 -4.64 7.56
CA LYS D 398 22.99 -4.68 7.88
C LYS D 398 23.42 -3.37 8.54
N ILE D 399 24.52 -3.44 9.29
CA ILE D 399 25.15 -2.27 9.89
C ILE D 399 26.66 -2.47 9.83
N LEU D 400 27.39 -1.37 9.94
CA LEU D 400 28.83 -1.36 9.76
C LEU D 400 29.50 -0.62 10.90
N PRO D 401 30.79 -0.84 11.11
CA PRO D 401 31.50 -0.13 12.19
C PRO D 401 31.45 1.38 12.08
N ASP D 402 31.55 1.92 10.87
CA ASP D 402 31.62 3.36 10.70
C ASP D 402 30.24 4.03 10.66
N GLY D 403 29.17 3.27 10.83
CA GLY D 403 27.84 3.82 10.91
C GLY D 403 27.00 3.69 9.66
N MET D 404 27.59 3.29 8.54
CA MET D 404 26.86 3.21 7.29
C MET D 404 25.75 2.18 7.38
N ARG D 405 24.54 2.57 7.00
CA ARG D 405 23.40 1.68 6.94
C ARG D 405 23.27 1.07 5.55
N LEU D 406 22.61 -0.08 5.49
CA LEU D 406 22.29 -0.75 4.24
C LEU D 406 20.83 -1.14 4.24
N ARG D 407 20.12 -0.81 3.17
CA ARG D 407 18.68 -1.06 3.12
C ARG D 407 18.41 -2.56 3.14
N GLY D 408 17.25 -2.91 3.69
CA GLY D 408 16.87 -4.30 3.82
C GLY D 408 15.51 -4.63 3.25
N ASP D 409 15.09 -3.89 2.22
CA ASP D 409 13.81 -4.11 1.58
C ASP D 409 13.97 -4.08 0.07
N ILE D 410 12.92 -4.54 -0.63
CA ILE D 410 12.88 -4.58 -2.08
C ILE D 410 11.61 -3.88 -2.55
N ASN D 411 11.71 -3.11 -3.62
CA ASN D 411 10.62 -2.28 -4.11
C ASN D 411 10.27 -2.69 -5.54
N VAL D 412 9.01 -3.08 -5.76
CA VAL D 412 8.55 -3.60 -7.03
C VAL D 412 7.58 -2.61 -7.65
N LEU D 413 7.74 -2.36 -8.94
CA LEU D 413 6.86 -1.48 -9.71
C LEU D 413 6.19 -2.27 -10.81
N LEU D 414 4.87 -2.20 -10.89
CA LEU D 414 4.11 -2.79 -11.97
C LEU D 414 3.73 -1.71 -12.96
N LEU D 415 4.16 -1.86 -14.21
CA LEU D 415 3.94 -0.87 -15.26
C LEU D 415 3.37 -1.62 -16.47
N GLY D 416 2.04 -1.76 -16.51
CA GLY D 416 1.43 -2.64 -17.48
C GLY D 416 0.22 -2.02 -18.15
N ASP D 417 -0.30 -2.77 -19.12
CA ASP D 417 -1.44 -2.36 -19.91
C ASP D 417 -2.73 -2.50 -19.08
N PRO D 418 -3.79 -1.81 -19.48
CA PRO D 418 -5.05 -1.92 -18.74
C PRO D 418 -5.66 -3.31 -18.88
N GLY D 419 -6.46 -3.68 -17.88
CA GLY D 419 -7.19 -4.94 -17.89
C GLY D 419 -6.41 -6.14 -17.44
N THR D 420 -5.17 -5.97 -16.99
CA THR D 420 -4.33 -7.09 -16.56
C THR D 420 -4.42 -7.36 -15.07
N ALA D 421 -5.32 -6.68 -14.36
CA ALA D 421 -5.54 -6.89 -12.92
C ALA D 421 -4.27 -6.60 -12.11
N LYS D 422 -3.85 -5.33 -12.16
CA LYS D 422 -2.72 -4.92 -11.35
C LYS D 422 -3.14 -4.62 -9.91
N SER D 423 -4.22 -3.87 -9.73
CA SER D 423 -4.63 -3.48 -8.38
C SER D 423 -5.31 -4.62 -7.63
N GLN D 424 -5.90 -5.57 -8.35
CA GLN D 424 -6.49 -6.73 -7.70
C GLN D 424 -5.43 -7.47 -6.89
N LEU D 425 -4.18 -7.41 -7.33
CA LEU D 425 -3.06 -7.90 -6.53
C LEU D 425 -2.71 -6.94 -5.40
N LEU D 426 -2.85 -5.63 -5.62
CA LEU D 426 -2.49 -4.66 -4.59
C LEU D 426 -3.36 -4.82 -3.35
N LYS D 427 -4.67 -4.98 -3.52
CA LYS D 427 -5.50 -5.05 -2.31
C LYS D 427 -5.30 -6.38 -1.59
N PHE D 428 -5.04 -7.46 -2.32
CA PHE D 428 -4.75 -8.72 -1.65
C PHE D 428 -3.42 -8.67 -0.91
N VAL D 429 -2.41 -8.02 -1.50
CA VAL D 429 -1.14 -7.84 -0.81
C VAL D 429 -1.35 -7.01 0.46
N GLU D 430 -2.18 -5.97 0.36
CA GLU D 430 -2.55 -5.22 1.55
C GLU D 430 -3.19 -6.12 2.59
N LYS D 431 -4.01 -7.08 2.15
CA LYS D 431 -4.69 -7.96 3.09
C LYS D 431 -3.72 -8.92 3.79
N VAL D 432 -2.70 -9.41 3.07
CA VAL D 432 -1.84 -10.44 3.63
C VAL D 432 -0.88 -9.85 4.65
N SER D 433 -0.16 -8.80 4.29
CA SER D 433 0.92 -8.30 5.12
C SER D 433 0.39 -7.82 6.47
N PRO D 434 1.09 -8.10 7.57
CA PRO D 434 0.59 -7.67 8.89
C PRO D 434 0.50 -6.16 9.03
N ILE D 435 1.36 -5.40 8.37
CA ILE D 435 1.37 -3.95 8.42
C ILE D 435 1.26 -3.46 6.98
N ALA D 436 0.07 -3.02 6.58
CA ALA D 436 -0.15 -2.58 5.21
C ALA D 436 -1.21 -1.49 5.19
N VAL D 437 -1.02 -0.52 4.31
CA VAL D 437 -1.98 0.55 4.07
C VAL D 437 -2.17 0.72 2.57
N TYR D 438 -3.40 0.97 2.17
CA TYR D 438 -3.75 1.12 0.76
C TYR D 438 -4.22 2.54 0.51
N THR D 439 -3.61 3.21 -0.46
CA THR D 439 -3.95 4.59 -0.77
C THR D 439 -3.73 4.84 -2.25
N SER D 440 -4.40 5.86 -2.77
CA SER D 440 -4.34 6.21 -4.17
C SER D 440 -3.33 7.34 -4.39
N GLY D 441 -2.57 7.25 -5.48
CA GLY D 441 -1.59 8.27 -5.78
C GLY D 441 -2.22 9.60 -6.16
N LYS D 442 -3.45 9.56 -6.68
CA LYS D 442 -4.15 10.80 -7.00
C LYS D 442 -4.57 11.54 -5.74
N GLY D 443 -5.16 10.82 -4.79
CA GLY D 443 -5.59 11.43 -3.54
C GLY D 443 -4.50 11.39 -2.49
N SER D 444 -3.40 12.09 -2.74
CA SER D 444 -2.28 12.11 -1.81
C SER D 444 -1.47 13.37 -2.03
N SER D 445 -0.67 13.72 -1.04
CA SER D 445 0.18 14.90 -1.10
C SER D 445 1.43 14.66 -0.28
N ALA D 446 2.48 15.44 -0.56
CA ALA D 446 3.75 15.26 0.12
C ALA D 446 3.62 15.47 1.62
N ALA D 447 2.85 16.49 2.02
CA ALA D 447 2.68 16.75 3.45
C ALA D 447 1.74 15.73 4.10
N GLY D 448 0.84 15.13 3.32
CA GLY D 448 -0.09 14.16 3.84
C GLY D 448 0.42 12.75 3.93
N LEU D 449 1.69 12.51 3.63
CA LEU D 449 2.28 11.18 3.68
C LEU D 449 3.37 11.08 4.74
N THR D 450 4.38 11.94 4.69
CA THR D 450 5.54 11.78 5.56
C THR D 450 5.27 12.32 6.97
N ALA D 451 5.03 13.63 7.08
CA ALA D 451 4.88 14.26 8.38
C ALA D 451 4.04 15.53 8.24
N SER D 452 3.09 15.71 9.17
CA SER D 452 2.22 16.86 9.18
C SER D 452 2.36 17.60 10.50
N VAL D 453 2.44 18.93 10.44
CA VAL D 453 2.66 19.77 11.61
C VAL D 453 1.35 20.45 11.95
N GLN D 454 0.76 20.08 13.09
CA GLN D 454 -0.47 20.68 13.56
C GLN D 454 -0.18 21.65 14.69
N ARG D 455 -1.24 22.28 15.20
CA ARG D 455 -1.14 23.10 16.40
C ARG D 455 -2.43 22.94 17.20
N ASP D 456 -2.28 22.81 18.51
CA ASP D 456 -3.40 22.43 19.35
C ASP D 456 -4.48 23.51 19.32
N PRO D 457 -5.76 23.13 19.36
CA PRO D 457 -6.82 24.15 19.44
C PRO D 457 -6.75 25.03 20.68
N MET D 458 -6.34 24.46 21.82
CA MET D 458 -6.38 25.20 23.08
C MET D 458 -5.05 25.87 23.40
N THR D 459 -3.98 25.10 23.54
CA THR D 459 -2.69 25.65 23.92
C THR D 459 -1.86 26.13 22.73
N ARG D 460 -2.29 25.81 21.50
CA ARG D 460 -1.72 26.35 20.27
C ARG D 460 -0.34 25.77 19.98
N GLU D 461 0.24 25.02 20.91
CA GLU D 461 1.60 24.54 20.73
C GLU D 461 1.69 23.58 19.54
N PHE D 462 2.72 23.78 18.73
CA PHE D 462 2.92 22.96 17.55
C PHE D 462 3.40 21.57 17.93
N TYR D 463 2.94 20.57 17.18
CA TYR D 463 3.39 19.21 17.40
C TYR D 463 3.34 18.45 16.08
N LEU D 464 4.11 17.37 16.01
CA LEU D 464 4.30 16.61 14.78
C LEU D 464 3.37 15.41 14.78
N GLU D 465 2.57 15.29 13.73
CA GLU D 465 1.66 14.16 13.56
C GLU D 465 2.02 13.43 12.28
N GLY D 466 2.22 12.12 12.38
CA GLY D 466 2.62 11.34 11.22
C GLY D 466 1.49 11.06 10.27
N GLY D 467 1.86 10.82 9.01
CA GLY D 467 0.89 10.59 7.96
C GLY D 467 0.65 9.12 7.66
N ALA D 468 0.83 8.73 6.40
CA ALA D 468 0.57 7.36 5.96
C ALA D 468 1.83 6.52 5.90
N MET D 469 2.88 7.02 5.27
CA MET D 469 4.09 6.21 5.08
C MET D 469 4.76 5.88 6.40
N VAL D 470 4.65 6.76 7.40
CA VAL D 470 5.17 6.45 8.73
C VAL D 470 4.21 5.54 9.48
N LEU D 471 2.91 5.65 9.21
CA LEU D 471 1.94 4.78 9.88
C LEU D 471 2.13 3.32 9.50
N ALA D 472 2.73 3.04 8.34
CA ALA D 472 3.00 1.68 7.90
C ALA D 472 4.50 1.38 7.94
N ASP D 473 5.21 1.90 8.93
CA ASP D 473 6.60 1.57 9.11
C ASP D 473 6.74 0.14 9.61
N GLY D 474 7.74 -0.57 9.10
CA GLY D 474 7.90 -1.98 9.43
C GLY D 474 6.95 -2.90 8.70
N GLY D 475 6.33 -2.44 7.61
CA GLY D 475 5.43 -3.25 6.83
C GLY D 475 5.58 -3.00 5.35
N VAL D 476 4.48 -2.74 4.65
CA VAL D 476 4.51 -2.45 3.23
C VAL D 476 3.38 -1.48 2.91
N VAL D 477 3.59 -0.65 1.89
CA VAL D 477 2.62 0.35 1.47
C VAL D 477 2.18 0.04 0.04
N CYS D 478 0.88 0.20 -0.22
CA CYS D 478 0.28 -0.13 -1.50
C CYS D 478 -0.15 1.16 -2.19
N ILE D 479 0.59 1.56 -3.22
CA ILE D 479 0.30 2.76 -4.00
C ILE D 479 -0.14 2.34 -5.40
N ASP D 480 -1.30 2.82 -5.83
CA ASP D 480 -1.77 2.58 -7.18
C ASP D 480 -1.96 3.92 -7.90
N GLU D 481 -1.92 3.86 -9.23
CA GLU D 481 -1.91 5.05 -10.09
C GLU D 481 -0.74 5.96 -9.70
N PHE D 482 0.47 5.40 -9.82
CA PHE D 482 1.66 6.12 -9.41
C PHE D 482 1.94 7.32 -10.31
N ASP D 483 1.49 7.30 -11.57
CA ASP D 483 1.77 8.41 -12.46
C ASP D 483 0.88 9.61 -12.17
N LYS D 484 -0.37 9.38 -11.74
CA LYS D 484 -1.33 10.46 -11.59
C LYS D 484 -0.94 11.46 -10.50
N MET D 485 -0.05 11.08 -9.60
CA MET D 485 0.34 11.98 -8.52
C MET D 485 1.18 13.13 -9.07
N ARG D 486 1.07 14.27 -8.42
CA ARG D 486 1.75 15.48 -8.88
C ARG D 486 3.27 15.32 -8.79
N ASP D 487 3.96 16.08 -9.63
CA ASP D 487 5.42 16.03 -9.64
C ASP D 487 6.00 16.48 -8.31
N GLU D 488 5.42 17.51 -7.71
CA GLU D 488 5.90 18.00 -6.42
C GLU D 488 5.76 16.94 -5.34
N ASP D 489 4.74 16.10 -5.43
CA ASP D 489 4.52 15.06 -4.43
C ASP D 489 5.37 13.82 -4.67
N ARG D 490 5.96 13.68 -5.85
CA ARG D 490 6.73 12.50 -6.18
C ARG D 490 8.22 12.64 -5.88
N VAL D 491 8.64 13.79 -5.37
CA VAL D 491 10.05 14.00 -5.05
C VAL D 491 10.33 13.83 -3.55
N ALA D 492 9.30 13.91 -2.71
CA ALA D 492 9.50 13.77 -1.27
C ALA D 492 9.83 12.34 -0.86
N ILE D 493 9.56 11.35 -1.72
CA ILE D 493 9.77 9.95 -1.36
C ILE D 493 11.19 9.48 -1.67
N HIS D 494 11.99 10.29 -2.34
CA HIS D 494 13.34 9.89 -2.75
C HIS D 494 14.16 9.45 -1.53
N GLU D 495 14.41 10.39 -0.61
CA GLU D 495 15.18 10.04 0.58
C GLU D 495 14.42 9.05 1.45
N ALA D 496 13.09 9.16 1.50
CA ALA D 496 12.30 8.29 2.36
C ALA D 496 12.45 6.83 1.99
N MET D 497 12.75 6.54 0.72
CA MET D 497 12.99 5.14 0.33
C MET D 497 14.44 4.82 0.04
N GLU D 498 15.33 5.81 -0.13
CA GLU D 498 16.73 5.47 -0.33
C GLU D 498 17.50 5.36 0.98
N GLN D 499 17.11 6.10 2.01
CA GLN D 499 17.79 6.05 3.29
C GLN D 499 16.88 5.67 4.45
N GLN D 500 15.57 5.63 4.23
CA GLN D 500 14.59 5.17 5.20
C GLN D 500 14.45 6.09 6.41
N THR D 501 14.94 7.33 6.30
CA THR D 501 14.80 8.32 7.35
C THR D 501 14.31 9.62 6.75
N ILE D 502 13.21 10.17 7.30
CA ILE D 502 12.65 11.43 6.84
C ILE D 502 13.02 12.53 7.83
N SER D 503 13.40 13.69 7.31
CA SER D 503 13.81 14.83 8.13
C SER D 503 12.80 15.96 7.98
N ILE D 504 12.49 16.61 9.10
CA ILE D 504 11.51 17.68 9.13
C ILE D 504 12.13 18.89 9.81
N ALA D 505 12.04 20.05 9.15
CA ALA D 505 12.50 21.33 9.71
C ALA D 505 11.38 22.35 9.49
N LYS D 506 10.43 22.40 10.42
CA LYS D 506 9.28 23.29 10.31
C LYS D 506 8.99 23.91 11.66
N ALA D 507 8.82 25.23 11.67
CA ALA D 507 8.45 25.97 12.88
C ALA D 507 9.41 25.70 14.03
N GLY D 508 10.69 25.57 13.70
CA GLY D 508 11.71 25.32 14.70
C GLY D 508 11.80 23.89 15.18
N ILE D 509 11.02 22.97 14.62
CA ILE D 509 11.06 21.56 15.00
C ILE D 509 11.99 20.85 14.03
N THR D 510 13.12 20.37 14.53
CA THR D 510 14.07 19.60 13.75
C THR D 510 14.07 18.17 14.29
N THR D 511 13.78 17.20 13.42
CA THR D 511 13.63 15.83 13.87
C THR D 511 13.98 14.88 12.74
N VAL D 512 14.83 13.90 13.02
CA VAL D 512 15.16 12.84 12.08
C VAL D 512 14.31 11.63 12.44
N LEU D 513 13.30 11.36 11.63
CA LEU D 513 12.34 10.31 11.90
C LEU D 513 12.54 9.18 10.90
N ASN D 514 12.52 7.94 11.39
CA ASN D 514 12.84 6.78 10.57
C ASN D 514 11.58 6.12 10.02
N SER D 515 11.71 5.54 8.83
CA SER D 515 10.60 4.84 8.19
C SER D 515 11.18 3.69 7.38
N ARG D 516 10.90 2.46 7.81
CA ARG D 516 11.41 1.25 7.16
C ARG D 516 10.23 0.51 6.55
N THR D 517 10.11 0.55 5.23
CA THR D 517 8.99 -0.08 4.55
C THR D 517 9.36 -0.35 3.11
N SER D 518 8.56 -1.22 2.47
CA SER D 518 8.73 -1.57 1.08
C SER D 518 7.67 -0.89 0.24
N VAL D 519 8.03 -0.54 -0.99
CA VAL D 519 7.18 0.25 -1.88
C VAL D 519 6.70 -0.65 -3.01
N LEU D 520 5.39 -0.68 -3.23
CA LEU D 520 4.77 -1.41 -4.33
C LEU D 520 3.89 -0.44 -5.09
N ALA D 521 4.13 -0.29 -6.39
CA ALA D 521 3.45 0.72 -7.20
C ALA D 521 2.91 0.11 -8.49
N ALA D 522 1.70 0.51 -8.85
CA ALA D 522 1.06 0.09 -10.10
C ALA D 522 0.83 1.33 -10.95
N ALA D 523 1.41 1.36 -12.15
CA ALA D 523 1.38 2.54 -12.99
C ALA D 523 1.05 2.15 -14.43
N ASN D 524 0.47 3.11 -15.16
CA ASN D 524 0.15 2.93 -16.56
C ASN D 524 1.04 3.81 -17.43
N PRO D 525 1.43 3.34 -18.61
CA PRO D 525 2.24 4.16 -19.51
C PRO D 525 1.36 5.19 -20.23
N ILE D 526 2.04 6.12 -20.90
CA ILE D 526 1.32 7.11 -21.70
C ILE D 526 0.67 6.41 -22.90
N TYR D 527 -0.40 7.04 -23.40
CA TYR D 527 -1.21 6.49 -24.50
C TYR D 527 -1.85 5.16 -24.12
N GLY D 528 -2.04 4.90 -22.83
CA GLY D 528 -2.65 3.64 -22.44
C GLY D 528 -1.77 2.45 -22.73
N ARG D 529 -2.10 1.71 -23.79
CA ARG D 529 -1.29 0.58 -24.21
C ARG D 529 0.16 0.98 -24.40
N TYR D 530 1.06 0.01 -24.26
CA TYR D 530 2.48 0.31 -24.29
C TYR D 530 2.92 0.91 -25.63
N ASP D 531 2.27 0.52 -26.72
CA ASP D 531 2.56 1.05 -28.05
C ASP D 531 4.03 0.80 -28.43
N ASP D 532 4.33 -0.48 -28.60
CA ASP D 532 5.71 -0.90 -28.90
C ASP D 532 6.27 -0.21 -30.13
N LEU D 533 5.40 0.14 -31.10
CA LEU D 533 5.87 0.85 -32.29
C LEU D 533 6.57 2.15 -31.92
N LYS D 534 6.10 2.83 -30.88
CA LYS D 534 6.76 4.03 -30.39
C LYS D 534 7.93 3.66 -29.49
N SER D 535 8.94 4.52 -29.45
CA SER D 535 10.16 4.25 -28.71
C SER D 535 9.86 4.13 -27.21
N PRO D 536 10.62 3.30 -26.48
CA PRO D 536 10.44 3.26 -25.03
C PRO D 536 10.76 4.57 -24.34
N GLY D 537 11.66 5.38 -24.91
CA GLY D 537 12.04 6.62 -24.26
C GLY D 537 10.89 7.57 -24.06
N ASP D 538 10.02 7.70 -25.07
CA ASP D 538 8.83 8.53 -24.97
C ASP D 538 7.57 7.71 -24.68
N ASN D 539 7.75 6.53 -24.08
CA ASN D 539 6.63 5.77 -23.53
C ASN D 539 6.57 5.79 -22.01
N ILE D 540 7.65 6.20 -21.35
CA ILE D 540 7.73 6.23 -19.89
C ILE D 540 8.15 7.63 -19.48
N ASP D 541 7.33 8.27 -18.64
CA ASP D 541 7.59 9.65 -18.25
C ASP D 541 8.43 9.78 -16.98
N PHE D 542 8.73 8.67 -16.30
CA PHE D 542 9.50 8.74 -15.07
C PHE D 542 10.95 9.09 -15.37
N GLN D 543 11.56 9.83 -14.44
CA GLN D 543 12.95 10.20 -14.59
C GLN D 543 13.87 9.03 -14.25
N THR D 544 15.16 9.21 -14.51
CA THR D 544 16.12 8.16 -14.22
C THR D 544 16.29 7.94 -12.72
N THR D 545 16.20 9.01 -11.92
CA THR D 545 16.43 8.89 -10.49
C THR D 545 15.39 7.99 -9.83
N ILE D 546 14.12 8.17 -10.18
CA ILE D 546 13.04 7.46 -9.48
C ILE D 546 13.07 5.97 -9.82
N LEU D 547 13.36 5.64 -11.08
CA LEU D 547 13.38 4.23 -11.47
C LEU D 547 14.54 3.49 -10.82
N SER D 548 15.66 4.16 -10.58
CA SER D 548 16.82 3.50 -9.98
C SER D 548 16.49 2.97 -8.58
N ARG D 549 15.69 3.73 -7.82
CA ARG D 549 15.32 3.28 -6.49
C ARG D 549 14.51 1.99 -6.56
N PHE D 550 13.59 1.90 -7.51
CA PHE D 550 12.93 0.62 -7.76
C PHE D 550 13.94 -0.38 -8.30
N ASP D 551 13.68 -1.65 -8.06
CA ASP D 551 14.59 -2.68 -8.56
C ASP D 551 13.92 -3.87 -9.22
N MET D 552 12.59 -3.98 -9.17
CA MET D 552 11.84 -4.91 -10.01
C MET D 552 10.76 -4.11 -10.73
N ILE D 553 10.89 -4.01 -12.05
CA ILE D 553 9.91 -3.34 -12.89
C ILE D 553 9.39 -4.34 -13.91
N PHE D 554 8.08 -4.56 -13.92
CA PHE D 554 7.44 -5.57 -14.75
C PHE D 554 6.56 -4.89 -15.77
N ILE D 555 6.85 -5.10 -17.05
CA ILE D 555 6.02 -4.58 -18.13
C ILE D 555 4.98 -5.65 -18.45
N VAL D 556 3.74 -5.40 -18.04
CA VAL D 556 2.65 -6.36 -18.23
C VAL D 556 1.97 -5.98 -19.55
N LYS D 557 2.39 -6.63 -20.63
CA LYS D 557 1.77 -6.40 -21.93
C LYS D 557 0.57 -7.30 -22.12
N ASP D 558 -0.38 -6.83 -22.93
CA ASP D 558 -1.55 -7.62 -23.30
C ASP D 558 -1.31 -8.28 -24.65
N ASP D 559 -1.69 -9.55 -24.74
CA ASP D 559 -1.45 -10.33 -25.95
C ASP D 559 -2.71 -11.06 -26.37
N HIS D 560 -2.81 -11.35 -27.66
CA HIS D 560 -3.95 -12.05 -28.23
C HIS D 560 -3.44 -13.24 -29.04
N ASN D 561 -3.65 -14.45 -28.52
CA ASN D 561 -3.37 -15.68 -29.25
C ASN D 561 -4.54 -16.64 -29.26
N GLU D 562 -5.61 -16.35 -28.52
CA GLU D 562 -6.89 -17.04 -28.41
C GLU D 562 -6.80 -18.34 -27.61
N GLU D 563 -5.60 -18.86 -27.32
CA GLU D 563 -5.54 -20.00 -26.43
C GLU D 563 -5.42 -19.55 -24.97
N ARG D 564 -4.54 -18.58 -24.72
CA ARG D 564 -4.55 -17.92 -23.42
C ARG D 564 -5.88 -17.23 -23.17
N ASP D 565 -6.49 -16.70 -24.24
CA ASP D 565 -7.81 -16.08 -24.10
C ASP D 565 -8.87 -17.12 -23.73
N ILE D 566 -8.84 -18.29 -24.37
CA ILE D 566 -9.80 -19.34 -24.01
C ILE D 566 -9.60 -19.74 -22.55
N SER D 567 -8.34 -19.94 -22.15
CA SER D 567 -8.07 -20.35 -20.78
C SER D 567 -8.52 -19.30 -19.77
N ILE D 568 -8.29 -18.02 -20.08
CA ILE D 568 -8.65 -16.95 -19.16
C ILE D 568 -10.16 -16.83 -19.05
N ALA D 569 -10.87 -16.96 -20.17
CA ALA D 569 -12.34 -16.96 -20.10
C ALA D 569 -12.82 -18.14 -19.25
N ASN D 570 -12.20 -19.30 -19.43
CA ASN D 570 -12.54 -20.45 -18.60
C ASN D 570 -12.36 -20.14 -17.13
N HIS D 571 -11.20 -19.59 -16.77
CA HIS D 571 -10.90 -19.31 -15.37
C HIS D 571 -11.86 -18.28 -14.79
N VAL D 572 -12.21 -17.26 -15.56
CA VAL D 572 -13.08 -16.21 -15.05
C VAL D 572 -14.49 -16.76 -14.82
N ILE D 573 -15.01 -17.51 -15.80
CA ILE D 573 -16.35 -18.05 -15.63
C ILE D 573 -16.38 -19.07 -14.50
N ASN D 574 -15.26 -19.77 -14.27
CA ASN D 574 -15.20 -20.68 -13.13
C ASN D 574 -15.15 -19.90 -11.81
N ILE D 575 -14.31 -18.86 -11.75
CA ILE D 575 -14.15 -18.07 -10.54
C ILE D 575 -15.41 -17.27 -10.22
N HIS D 576 -16.33 -17.18 -11.16
CA HIS D 576 -17.69 -16.78 -10.83
C HIS D 576 -18.15 -17.52 -9.58
N THR D 577 -18.88 -16.80 -8.71
CA THR D 577 -19.11 -17.27 -7.35
C THR D 577 -19.93 -18.55 -7.28
N GLY D 578 -20.58 -18.95 -8.38
CA GLY D 578 -21.33 -20.19 -8.36
C GLY D 578 -20.48 -21.44 -8.31
N ASN D 579 -19.21 -21.35 -8.69
CA ASN D 579 -18.34 -22.51 -8.79
C ASN D 579 -17.15 -22.44 -7.85
N ALA D 580 -16.36 -21.37 -7.91
CA ALA D 580 -15.07 -21.33 -7.23
C ALA D 580 -15.21 -21.54 -5.72
N ASN D 581 -16.34 -21.13 -5.15
CA ASN D 581 -16.53 -21.27 -3.70
C ASN D 581 -16.38 -22.71 -3.26
N ALA D 582 -16.60 -23.67 -4.15
CA ALA D 582 -16.29 -25.06 -3.83
C ALA D 582 -14.82 -25.38 -4.12
N MET D 583 -14.34 -25.03 -5.32
CA MET D 583 -13.04 -25.51 -5.78
C MET D 583 -11.92 -25.01 -4.87
N GLN D 584 -11.94 -23.73 -4.51
CA GLN D 584 -10.92 -23.21 -3.62
C GLN D 584 -10.91 -23.95 -2.29
N ASN D 585 -12.08 -24.40 -1.83
CA ASN D 585 -12.14 -25.18 -0.60
C ASN D 585 -11.28 -26.43 -0.71
N GLN D 586 -11.27 -27.07 -1.88
CA GLN D 586 -10.44 -28.26 -2.05
C GLN D 586 -8.96 -27.94 -1.91
N GLN D 587 -8.55 -26.71 -2.24
CA GLN D 587 -7.16 -26.34 -2.05
C GLN D 587 -6.78 -26.28 -0.58
N GLU D 588 -7.75 -26.15 0.32
CA GLU D 588 -7.51 -26.27 1.75
C GLU D 588 -7.76 -27.68 2.27
N GLU D 589 -8.22 -28.59 1.41
CA GLU D 589 -8.46 -29.97 1.82
C GLU D 589 -7.41 -30.93 1.31
N ASN D 590 -6.78 -30.62 0.17
CA ASN D 590 -5.68 -31.43 -0.34
C ASN D 590 -4.32 -30.95 0.15
N GLY D 591 -4.27 -29.83 0.89
CA GLY D 591 -3.00 -29.30 1.34
C GLY D 591 -2.19 -28.62 0.26
N SER D 592 -2.81 -28.24 -0.86
CA SER D 592 -2.08 -27.56 -1.93
C SER D 592 -1.83 -26.10 -1.59
N GLU D 593 -2.77 -25.44 -0.92
CA GLU D 593 -2.65 -24.04 -0.54
C GLU D 593 -3.12 -23.86 0.90
N ILE D 594 -2.59 -22.84 1.55
CA ILE D 594 -2.85 -22.59 2.96
C ILE D 594 -3.69 -21.32 3.10
N SER D 595 -4.28 -21.16 4.28
CA SER D 595 -5.12 -20.00 4.55
C SER D 595 -4.28 -18.74 4.70
N ILE D 596 -4.95 -17.60 4.62
CA ILE D 596 -4.25 -16.31 4.61
C ILE D 596 -3.62 -16.03 5.97
N GLU D 597 -4.34 -16.28 7.05
CA GLU D 597 -3.83 -15.92 8.38
C GLU D 597 -2.65 -16.79 8.78
N LYS D 598 -2.65 -18.06 8.36
CA LYS D 598 -1.49 -18.90 8.62
C LYS D 598 -0.27 -18.37 7.88
N MET D 599 -0.47 -17.88 6.66
CA MET D 599 0.62 -17.24 5.92
C MET D 599 1.10 -15.99 6.64
N LYS D 600 0.17 -15.21 7.22
CA LYS D 600 0.55 -14.02 7.97
C LYS D 600 1.43 -14.40 9.17
N ARG D 601 1.02 -15.41 9.92
CA ARG D 601 1.80 -15.84 11.06
C ARG D 601 3.16 -16.38 10.61
N TYR D 602 3.19 -17.11 9.50
CA TYR D 602 4.46 -17.64 9.01
C TYR D 602 5.40 -16.52 8.60
N ILE D 603 4.90 -15.50 7.92
CA ILE D 603 5.79 -14.43 7.47
C ILE D 603 6.31 -13.63 8.66
N THR D 604 5.45 -13.36 9.65
CA THR D 604 5.96 -12.63 10.80
C THR D 604 6.98 -13.46 11.58
N TYR D 605 6.76 -14.77 11.70
CA TYR D 605 7.72 -15.62 12.39
C TYR D 605 9.05 -15.66 11.65
N CYS D 606 9.01 -15.80 10.32
CA CYS D 606 10.24 -15.86 9.56
C CYS D 606 10.98 -14.52 9.59
N ARG D 607 10.24 -13.41 9.57
CA ARG D 607 10.88 -12.11 9.67
C ARG D 607 11.58 -11.95 11.02
N LEU D 608 10.95 -12.41 12.10
CA LEU D 608 11.55 -12.24 13.42
C LEU D 608 12.72 -13.20 13.62
N LYS D 609 12.65 -14.41 13.07
CA LYS D 609 13.58 -15.46 13.46
C LYS D 609 14.90 -15.38 12.72
N CYS D 610 14.87 -15.53 11.40
CA CYS D 610 16.09 -15.78 10.62
C CYS D 610 16.56 -14.54 9.89
N ALA D 611 17.85 -14.55 9.53
CA ALA D 611 18.48 -13.52 8.72
C ALA D 611 19.71 -14.12 8.06
N PRO D 612 19.60 -14.68 6.86
CA PRO D 612 20.70 -15.45 6.28
C PRO D 612 21.90 -14.62 5.86
N ARG D 613 22.90 -15.29 5.30
CA ARG D 613 24.16 -14.66 4.92
C ARG D 613 24.65 -15.33 3.63
N LEU D 614 25.56 -14.66 2.94
CA LEU D 614 26.06 -15.13 1.66
C LEU D 614 27.28 -16.04 1.83
N SER D 615 27.71 -16.62 0.71
CA SER D 615 28.87 -17.49 0.64
C SER D 615 29.78 -17.00 -0.49
N PRO D 616 31.09 -17.23 -0.37
CA PRO D 616 32.03 -16.62 -1.34
C PRO D 616 31.77 -17.00 -2.79
N GLN D 617 31.38 -18.24 -3.04
CA GLN D 617 31.08 -18.65 -4.42
C GLN D 617 29.92 -17.85 -4.99
N ALA D 618 28.88 -17.63 -4.17
CA ALA D 618 27.77 -16.78 -4.59
C ALA D 618 28.26 -15.37 -4.88
N ALA D 619 29.20 -14.87 -4.08
CA ALA D 619 29.75 -13.53 -4.33
C ALA D 619 30.44 -13.47 -5.68
N GLU D 620 31.25 -14.48 -6.01
CA GLU D 620 31.93 -14.50 -7.30
C GLU D 620 30.93 -14.56 -8.45
N LYS D 621 29.90 -15.40 -8.31
CA LYS D 621 28.89 -15.50 -9.37
C LYS D 621 28.15 -14.19 -9.56
N LEU D 622 27.79 -13.53 -8.46
CA LEU D 622 27.13 -12.23 -8.55
C LEU D 622 28.01 -11.20 -9.23
N SER D 623 29.31 -11.18 -8.89
CA SER D 623 30.23 -10.24 -9.51
C SER D 623 30.28 -10.44 -11.02
N SER D 624 30.43 -11.70 -11.45
CA SER D 624 30.52 -11.97 -12.88
C SER D 624 29.22 -11.61 -13.60
N ASN D 625 28.07 -11.94 -12.99
CA ASN D 625 26.80 -11.61 -13.62
C ASN D 625 26.61 -10.10 -13.74
N PHE D 626 27.01 -9.35 -12.72
CA PHE D 626 26.90 -7.90 -12.77
C PHE D 626 27.78 -7.33 -13.87
N VAL D 627 29.02 -7.84 -14.00
CA VAL D 627 29.89 -7.37 -15.07
C VAL D 627 29.26 -7.65 -16.43
N THR D 628 28.66 -8.83 -16.59
CA THR D 628 28.04 -9.17 -17.87
C THR D 628 26.90 -8.22 -18.21
N ILE D 629 26.01 -7.97 -17.25
CA ILE D 629 24.87 -7.10 -17.57
C ILE D 629 25.33 -5.67 -17.83
N ARG D 630 26.35 -5.21 -17.11
CA ARG D 630 26.89 -3.88 -17.39
C ARG D 630 27.45 -3.79 -18.80
N LYS D 631 28.20 -4.81 -19.23
CA LYS D 631 28.73 -4.82 -20.59
C LYS D 631 27.61 -4.82 -21.62
N GLN D 632 26.56 -5.60 -21.37
CA GLN D 632 25.44 -5.62 -22.31
C GLN D 632 24.76 -4.26 -22.41
N LEU D 633 24.59 -3.58 -21.27
CA LEU D 633 24.01 -2.24 -21.31
C LEU D 633 24.87 -1.30 -22.13
N LEU D 634 26.18 -1.35 -21.95
CA LEU D 634 27.07 -0.50 -22.73
C LEU D 634 26.96 -0.80 -24.22
N ILE D 635 26.89 -2.08 -24.58
CA ILE D 635 26.84 -2.43 -26.00
C ILE D 635 25.52 -2.01 -26.61
N ASN D 636 24.43 -2.01 -25.83
CA ASN D 636 23.18 -1.47 -26.36
C ASN D 636 23.25 0.05 -26.52
N GLU D 637 23.82 0.73 -25.53
CA GLU D 637 23.85 2.20 -25.58
C GLU D 637 24.70 2.71 -26.75
N LEU D 638 25.87 2.10 -26.97
CA LEU D 638 26.72 2.58 -28.05
C LEU D 638 26.09 2.36 -29.42
N GLU D 639 25.13 1.44 -29.52
CA GLU D 639 24.40 1.27 -30.77
C GLU D 639 23.28 2.28 -30.90
N SER D 640 22.38 2.34 -29.90
CA SER D 640 21.21 3.21 -30.02
C SER D 640 21.59 4.69 -30.00
N THR D 641 22.76 5.03 -29.45
CA THR D 641 23.25 6.39 -29.24
C THR D 641 22.21 7.34 -28.64
N GLU D 642 21.39 6.83 -27.70
CA GLU D 642 20.80 7.69 -26.69
C GLU D 642 20.88 6.98 -25.36
N ARG D 643 20.79 7.75 -24.28
CA ARG D 643 20.83 7.16 -22.95
C ARG D 643 19.66 6.23 -22.74
N SER D 644 19.93 5.11 -22.06
CA SER D 644 18.90 4.14 -21.77
C SER D 644 17.85 4.74 -20.85
N SER D 645 16.58 4.49 -21.17
CA SER D 645 15.50 4.97 -20.33
C SER D 645 15.40 4.19 -19.01
N ILE D 646 16.02 3.01 -18.94
CA ILE D 646 16.07 2.23 -17.71
C ILE D 646 17.53 1.98 -17.36
N PRO D 647 18.03 2.53 -16.25
CA PRO D 647 19.45 2.40 -15.93
C PRO D 647 19.77 1.12 -15.20
N ILE D 648 21.06 0.79 -15.19
CA ILE D 648 21.61 -0.31 -14.42
C ILE D 648 22.78 0.23 -13.60
N THR D 649 22.65 0.19 -12.27
CA THR D 649 23.67 0.74 -11.38
C THR D 649 23.90 -0.23 -10.23
N ILE D 650 24.75 0.20 -9.29
CA ILE D 650 25.14 -0.64 -8.17
C ILE D 650 23.92 -0.97 -7.30
N ARG D 651 22.92 -0.10 -7.29
CA ARG D 651 21.70 -0.40 -6.55
C ARG D 651 21.05 -1.67 -7.05
N GLN D 652 21.19 -1.98 -8.34
CA GLN D 652 20.66 -3.25 -8.85
C GLN D 652 21.45 -4.44 -8.32
N LEU D 653 22.77 -4.29 -8.14
CA LEU D 653 23.54 -5.35 -7.51
C LEU D 653 23.07 -5.57 -6.08
N GLU D 654 22.84 -4.49 -5.32
CA GLU D 654 22.25 -4.63 -4.00
C GLU D 654 20.88 -5.29 -4.09
N ALA D 655 20.14 -5.01 -5.15
CA ALA D 655 18.83 -5.61 -5.33
C ALA D 655 18.93 -7.13 -5.47
N ILE D 656 19.85 -7.59 -6.31
CA ILE D 656 20.00 -9.03 -6.48
C ILE D 656 20.46 -9.67 -5.17
N ILE D 657 21.34 -8.99 -4.44
CA ILE D 657 21.79 -9.52 -3.16
C ILE D 657 20.62 -9.66 -2.20
N ARG D 658 19.76 -8.65 -2.14
CA ARG D 658 18.61 -8.72 -1.24
C ARG D 658 17.59 -9.75 -1.70
N ILE D 659 17.45 -9.96 -3.00
CA ILE D 659 16.55 -11.00 -3.49
C ILE D 659 17.05 -12.37 -3.05
N THR D 660 18.36 -12.60 -3.20
CA THR D 660 18.94 -13.86 -2.73
C THR D 660 18.75 -14.03 -1.24
N GLU D 661 18.94 -12.94 -0.48
CA GLU D 661 18.75 -13.00 0.96
C GLU D 661 17.32 -13.39 1.31
N SER D 662 16.35 -12.82 0.61
CA SER D 662 14.95 -13.16 0.85
C SER D 662 14.68 -14.61 0.49
N LEU D 663 15.24 -15.09 -0.61
CA LEU D 663 15.03 -16.48 -1.00
C LEU D 663 15.55 -17.43 0.07
N ALA D 664 16.74 -17.15 0.61
CA ALA D 664 17.26 -17.98 1.69
C ALA D 664 16.42 -17.84 2.95
N LYS D 665 15.97 -16.62 3.25
CA LYS D 665 15.13 -16.37 4.42
C LYS D 665 13.83 -17.15 4.36
N LEU D 666 13.35 -17.45 3.15
CA LEU D 666 12.07 -18.13 3.03
C LEU D 666 12.10 -19.51 3.66
N GLU D 667 13.24 -20.21 3.57
CA GLU D 667 13.36 -21.57 4.08
C GLU D 667 14.06 -21.63 5.43
N LEU D 668 14.34 -20.49 6.06
CA LEU D 668 14.99 -20.38 7.36
C LEU D 668 16.42 -20.89 7.35
N SER D 669 16.99 -21.17 6.19
CA SER D 669 18.38 -21.61 6.13
C SER D 669 19.30 -20.48 6.54
N PRO D 670 20.20 -20.69 7.49
CA PRO D 670 21.06 -19.60 7.96
C PRO D 670 22.16 -19.22 7.00
N ILE D 671 22.12 -19.75 5.77
CA ILE D 671 23.10 -19.39 4.74
C ILE D 671 22.43 -19.51 3.38
N ALA D 672 22.90 -18.71 2.43
CA ALA D 672 22.38 -18.70 1.07
C ALA D 672 23.40 -19.33 0.13
N GLN D 673 22.92 -20.23 -0.74
CA GLN D 673 23.81 -20.96 -1.64
C GLN D 673 23.39 -20.82 -3.09
N GLU D 674 24.00 -21.63 -3.97
CA GLU D 674 23.79 -21.47 -5.41
C GLU D 674 22.35 -21.71 -5.82
N ARG D 675 21.63 -22.55 -5.07
CA ARG D 675 20.24 -22.85 -5.41
C ARG D 675 19.39 -21.59 -5.41
N HIS D 676 19.56 -20.73 -4.41
CA HIS D 676 18.83 -19.47 -4.38
C HIS D 676 19.40 -18.46 -5.34
N VAL D 677 20.72 -18.48 -5.56
CA VAL D 677 21.35 -17.49 -6.43
C VAL D 677 20.86 -17.66 -7.86
N ASP D 678 20.72 -18.91 -8.32
CA ASP D 678 20.24 -19.13 -9.67
C ASP D 678 18.83 -18.60 -9.86
N GLU D 679 17.95 -18.84 -8.89
CA GLU D 679 16.58 -18.34 -8.98
C GLU D 679 16.56 -16.81 -8.96
N ALA D 680 17.39 -16.20 -8.11
CA ALA D 680 17.43 -14.75 -8.04
C ALA D 680 17.90 -14.15 -9.36
N ILE D 681 18.94 -14.73 -9.96
CA ILE D 681 19.44 -14.23 -11.23
C ILE D 681 18.40 -14.43 -12.32
N ARG D 682 17.67 -15.55 -12.27
CA ARG D 682 16.62 -15.78 -13.26
C ARG D 682 15.53 -14.72 -13.16
N LEU D 683 15.08 -14.42 -11.94
CA LEU D 683 14.05 -13.40 -11.77
C LEU D 683 14.54 -12.04 -12.21
N PHE D 684 15.78 -11.69 -11.86
CA PHE D 684 16.33 -10.40 -12.28
C PHE D 684 16.46 -10.32 -13.78
N GLN D 685 16.90 -11.41 -14.44
CA GLN D 685 17.02 -11.39 -15.88
C GLN D 685 15.66 -11.27 -16.55
N ALA D 686 14.63 -11.93 -15.99
CA ALA D 686 13.29 -11.73 -16.52
C ALA D 686 12.88 -10.27 -16.41
N SER D 687 13.02 -9.68 -15.23
CA SER D 687 12.55 -8.32 -14.99
C SER D 687 13.44 -7.25 -15.63
N THR D 688 14.62 -7.60 -16.12
CA THR D 688 15.43 -6.65 -16.87
C THR D 688 15.34 -6.84 -18.38
N MET D 689 15.17 -8.06 -18.86
CA MET D 689 15.02 -8.29 -20.29
C MET D 689 13.62 -7.94 -20.75
N ASP D 690 12.63 -8.00 -19.85
CA ASP D 690 11.28 -7.58 -20.23
C ASP D 690 11.20 -6.07 -20.42
N ALA D 691 12.05 -5.30 -19.74
CA ALA D 691 11.92 -3.85 -19.74
C ALA D 691 13.09 -3.14 -20.40
N ALA D 692 14.31 -3.34 -19.93
CA ALA D 692 15.43 -2.54 -20.39
C ALA D 692 15.83 -2.92 -21.81
N SER D 693 16.24 -4.17 -22.02
CA SER D 693 16.68 -4.63 -23.32
C SER D 693 15.54 -5.02 -24.24
N GLN D 694 14.32 -4.57 -23.93
CA GLN D 694 13.17 -4.84 -24.78
C GLN D 694 13.22 -3.98 -26.03
N ASP D 695 13.85 -4.51 -27.10
CA ASP D 695 14.07 -3.80 -28.34
C ASP D 695 14.75 -2.46 -28.08
N PRO D 696 16.04 -2.46 -27.70
CA PRO D 696 16.71 -1.20 -27.40
C PRO D 696 16.88 -0.28 -28.59
N ILE D 697 16.75 -0.79 -29.82
CA ILE D 697 16.91 0.08 -30.99
C ILE D 697 15.64 0.89 -31.27
N GLY D 698 14.50 0.49 -30.72
CA GLY D 698 13.26 1.19 -30.97
C GLY D 698 12.84 1.18 -32.42
N GLY D 699 12.98 0.04 -33.08
CA GLY D 699 12.67 -0.07 -34.50
C GLY D 699 13.81 0.43 -35.38
N THR D 706 24.37 4.28 -41.92
CA THR D 706 24.07 3.43 -43.05
C THR D 706 22.56 3.37 -43.31
N SER D 707 21.78 3.64 -42.26
CA SER D 707 20.33 3.65 -42.34
C SER D 707 19.77 2.35 -42.90
N LEU D 708 18.69 2.45 -43.66
CA LEU D 708 18.02 1.29 -44.23
C LEU D 708 18.48 0.96 -45.65
N SER D 709 19.37 1.76 -46.22
CA SER D 709 19.80 1.54 -47.60
C SER D 709 20.50 0.20 -47.76
N GLU D 710 21.42 -0.12 -46.85
CA GLU D 710 22.11 -1.40 -46.91
C GLU D 710 21.16 -2.56 -46.64
N ILE D 711 20.07 -2.32 -45.90
CA ILE D 711 19.11 -3.37 -45.61
C ILE D 711 18.44 -3.84 -46.89
N ARG D 712 18.00 -2.89 -47.72
CA ARG D 712 17.34 -3.26 -48.97
C ARG D 712 18.33 -3.85 -49.96
N ARG D 713 19.56 -3.34 -49.98
CA ARG D 713 20.60 -3.95 -50.81
C ARG D 713 20.89 -5.38 -50.34
N PHE D 714 20.95 -5.58 -49.03
CA PHE D 714 21.21 -6.91 -48.49
C PHE D 714 20.10 -7.88 -48.87
N GLU D 715 18.85 -7.47 -48.69
CA GLU D 715 17.73 -8.35 -49.00
C GLU D 715 17.65 -8.68 -50.48
N GLN D 716 18.09 -7.75 -51.34
CA GLN D 716 18.06 -7.99 -52.78
C GLN D 716 18.99 -9.13 -53.18
N GLU D 717 20.20 -9.15 -52.63
CA GLU D 717 21.22 -10.07 -53.14
C GLU D 717 20.93 -11.50 -52.70
N LEU D 718 20.59 -11.70 -51.42
CA LEU D 718 20.33 -13.07 -50.96
C LEU D 718 19.12 -13.66 -51.67
N LYS D 719 18.12 -12.83 -51.96
CA LYS D 719 16.97 -13.30 -52.74
C LYS D 719 17.41 -13.74 -54.13
N ARG D 720 18.27 -12.97 -54.78
CA ARG D 720 18.78 -13.35 -56.10
C ARG D 720 19.71 -14.55 -56.01
N ARG D 721 20.66 -14.50 -55.08
CA ARG D 721 21.71 -15.52 -55.05
C ARG D 721 21.23 -16.83 -54.44
N LEU D 722 20.36 -16.77 -53.43
CA LEU D 722 19.95 -17.95 -52.70
C LEU D 722 18.49 -18.26 -52.97
N PRO D 723 18.16 -19.34 -53.65
CA PRO D 723 16.76 -19.65 -53.96
C PRO D 723 16.07 -20.34 -52.79
N ILE D 724 14.80 -20.65 -52.99
CA ILE D 724 13.97 -21.24 -51.94
C ILE D 724 14.17 -22.75 -51.94
N GLY D 725 14.47 -23.30 -50.76
CA GLY D 725 14.63 -24.72 -50.56
C GLY D 725 16.02 -25.16 -50.15
N TRP D 726 17.04 -24.37 -50.44
CA TRP D 726 18.41 -24.72 -50.14
C TRP D 726 18.87 -23.99 -48.86
N SER D 727 20.15 -24.11 -48.55
CA SER D 727 20.70 -23.49 -47.35
C SER D 727 22.19 -23.25 -47.56
N THR D 728 22.74 -22.36 -46.73
CA THR D 728 24.15 -22.01 -46.80
C THR D 728 24.70 -21.82 -45.40
N SER D 729 26.03 -21.89 -45.30
CA SER D 729 26.68 -21.71 -44.01
C SER D 729 26.67 -20.26 -43.58
N TYR D 730 26.61 -20.04 -42.27
CA TYR D 730 26.69 -18.69 -41.73
C TYR D 730 28.05 -18.06 -42.01
N GLN D 731 29.12 -18.86 -41.89
CA GLN D 731 30.46 -18.32 -42.06
C GLN D 731 30.68 -17.78 -43.47
N THR D 732 30.17 -18.49 -44.48
CA THR D 732 30.33 -18.03 -45.85
C THR D 732 29.64 -16.70 -46.07
N LEU D 733 28.41 -16.56 -45.58
CA LEU D 733 27.67 -15.32 -45.73
C LEU D 733 28.37 -14.18 -45.01
N ARG D 734 28.83 -14.43 -43.78
CA ARG D 734 29.54 -13.39 -43.04
C ARG D 734 30.82 -12.98 -43.77
N ARG D 735 31.56 -13.96 -44.28
CA ARG D 735 32.79 -13.67 -45.02
C ARG D 735 32.50 -12.80 -46.23
N GLU D 736 31.48 -13.17 -47.02
CA GLU D 736 31.17 -12.42 -48.23
C GLU D 736 30.76 -10.99 -47.89
N PHE D 737 29.88 -10.83 -46.90
CA PHE D 737 29.34 -9.50 -46.61
C PHE D 737 30.21 -8.69 -45.66
N VAL D 738 31.33 -9.24 -45.20
CA VAL D 738 32.35 -8.44 -44.52
C VAL D 738 33.38 -8.05 -45.56
N ASP D 739 33.61 -8.92 -46.54
CA ASP D 739 34.46 -8.56 -47.67
C ASP D 739 33.86 -7.39 -48.45
N THR D 740 32.54 -7.39 -48.61
CA THR D 740 31.86 -6.26 -49.21
C THR D 740 31.67 -5.16 -48.16
N HIS D 741 30.87 -4.14 -48.48
CA HIS D 741 30.70 -3.00 -47.61
C HIS D 741 29.75 -3.26 -46.44
N ARG D 742 29.03 -4.38 -46.45
CA ARG D 742 28.03 -4.62 -45.42
C ARG D 742 28.66 -4.78 -44.04
N PHE D 743 29.75 -5.52 -43.94
CA PHE D 743 30.47 -5.77 -42.69
C PHE D 743 29.62 -6.55 -41.68
N SER D 744 30.25 -6.96 -40.56
CA SER D 744 29.62 -7.91 -39.65
C SER D 744 28.51 -7.28 -38.82
N GLN D 745 28.71 -6.05 -38.35
CA GLN D 745 27.71 -5.42 -37.48
C GLN D 745 26.38 -5.25 -38.19
N LEU D 746 26.42 -4.86 -39.46
CA LEU D 746 25.18 -4.63 -40.20
C LEU D 746 24.52 -5.93 -40.63
N ALA D 747 25.32 -6.93 -41.01
CA ALA D 747 24.76 -8.17 -41.54
C ALA D 747 24.06 -8.99 -40.46
N LEU D 748 24.68 -9.11 -39.28
CA LEU D 748 24.11 -9.94 -38.23
C LEU D 748 22.74 -9.42 -37.81
N ASP D 749 22.63 -8.10 -37.60
CA ASP D 749 21.34 -7.52 -37.26
C ASP D 749 20.34 -7.71 -38.39
N LYS D 750 20.78 -7.48 -39.63
CA LYS D 750 19.90 -7.69 -40.77
C LYS D 750 19.46 -9.14 -40.88
N ALA D 751 20.40 -10.08 -40.70
CA ALA D 751 20.06 -11.49 -40.78
C ALA D 751 19.05 -11.87 -39.71
N LEU D 752 19.28 -11.42 -38.47
CA LEU D 752 18.39 -11.80 -37.39
C LEU D 752 17.04 -11.10 -37.48
N TYR D 753 16.97 -9.93 -38.12
CA TYR D 753 15.66 -9.32 -38.35
C TYR D 753 14.92 -9.98 -39.51
N ALA D 754 15.62 -10.40 -40.56
CA ALA D 754 14.99 -11.22 -41.59
C ALA D 754 14.45 -12.50 -40.98
N LEU D 755 15.19 -13.07 -40.02
CA LEU D 755 14.67 -14.17 -39.22
C LEU D 755 13.44 -13.72 -38.44
N GLU D 756 13.49 -12.53 -37.86
CA GLU D 756 12.37 -12.02 -37.07
C GLU D 756 11.15 -11.76 -37.94
N LYS D 757 11.37 -11.42 -39.21
CA LYS D 757 10.26 -11.37 -40.16
C LYS D 757 9.53 -12.70 -40.20
N HIS D 758 10.29 -13.80 -40.10
CA HIS D 758 9.74 -15.15 -39.91
C HIS D 758 8.75 -15.52 -41.01
N GLU D 759 9.11 -15.20 -42.25
CA GLU D 759 8.28 -15.60 -43.37
C GLU D 759 9.07 -16.13 -44.56
N THR D 760 10.39 -16.02 -44.59
CA THR D 760 11.16 -16.54 -45.71
C THR D 760 12.41 -17.31 -45.31
N ILE D 761 12.96 -17.10 -44.12
CA ILE D 761 14.24 -17.69 -43.75
C ILE D 761 14.10 -18.31 -42.37
N GLN D 762 14.61 -19.53 -42.21
CA GLN D 762 14.50 -20.29 -40.97
C GLN D 762 15.87 -20.77 -40.55
N LEU D 763 16.07 -20.93 -39.24
CA LEU D 763 17.29 -21.48 -38.69
C LEU D 763 17.07 -22.93 -38.27
N ARG D 764 18.05 -23.78 -38.56
CA ARG D 764 18.03 -25.17 -38.13
C ARG D 764 19.46 -25.61 -37.87
N HIS D 765 19.59 -26.73 -37.16
CA HIS D 765 20.88 -27.35 -36.86
C HIS D 765 21.87 -26.33 -36.29
N GLN D 766 21.51 -25.81 -35.11
CA GLN D 766 22.27 -24.76 -34.43
C GLN D 766 22.36 -23.55 -35.36
N GLY D 767 23.40 -22.74 -35.23
CA GLY D 767 23.53 -21.53 -36.01
C GLY D 767 24.28 -21.73 -37.31
N GLN D 768 24.39 -22.97 -37.75
CA GLN D 768 25.17 -23.28 -38.94
C GLN D 768 24.34 -23.23 -40.22
N ASN D 769 23.08 -23.61 -40.17
CA ASN D 769 22.25 -23.77 -41.36
C ASN D 769 21.25 -22.62 -41.47
N ILE D 770 21.25 -21.96 -42.63
CA ILE D 770 20.34 -20.85 -42.92
C ILE D 770 19.36 -21.34 -43.96
N TYR D 771 18.17 -21.75 -43.52
CA TYR D 771 17.19 -22.39 -44.40
C TYR D 771 16.19 -21.36 -44.91
N ARG D 772 16.04 -21.28 -46.23
CA ARG D 772 15.10 -20.37 -46.87
C ARG D 772 13.81 -21.12 -47.15
N SER D 773 12.83 -20.96 -46.27
CA SER D 773 11.54 -21.63 -46.44
C SER D 773 10.77 -21.04 -47.62
N LEU E 97 -52.85 50.44 49.54
CA LEU E 97 -53.26 51.00 50.82
C LEU E 97 -53.98 52.33 50.63
N ASN E 98 -53.25 53.33 50.12
CA ASN E 98 -53.77 54.68 49.98
C ASN E 98 -54.44 54.93 48.64
N HIS E 99 -54.08 54.17 47.60
CA HIS E 99 -54.52 54.45 46.22
C HIS E 99 -54.20 55.90 45.85
N VAL E 100 -52.90 56.20 45.85
CA VAL E 100 -52.44 57.55 45.60
C VAL E 100 -52.93 58.02 44.24
N LYS E 101 -53.64 59.14 44.22
CA LYS E 101 -54.19 59.66 42.97
C LYS E 101 -53.07 60.02 42.01
N LYS E 102 -53.18 59.52 40.79
CA LYS E 102 -52.11 59.71 39.81
C LYS E 102 -52.15 61.13 39.25
N VAL E 103 -50.96 61.66 38.95
CA VAL E 103 -50.85 62.97 38.35
C VAL E 103 -51.39 62.93 36.93
N ASP E 104 -52.09 63.99 36.53
CA ASP E 104 -52.71 64.07 35.21
C ASP E 104 -51.98 65.11 34.38
N ASP E 105 -51.41 64.67 33.25
CA ASP E 105 -50.78 65.58 32.31
C ASP E 105 -51.88 66.17 31.44
N VAL E 106 -52.38 67.34 31.85
CA VAL E 106 -53.49 67.97 31.13
C VAL E 106 -53.07 68.34 29.71
N THR E 107 -51.79 68.63 29.49
CA THR E 107 -51.31 68.89 28.14
C THR E 107 -51.50 67.66 27.25
N GLY E 108 -51.16 66.48 27.77
CA GLY E 108 -51.42 65.26 27.02
C GLY E 108 -52.89 65.04 26.76
N GLU E 109 -53.74 65.32 27.74
CA GLU E 109 -55.18 65.19 27.54
C GLU E 109 -55.67 66.13 26.46
N LYS E 110 -55.19 67.38 26.49
CA LYS E 110 -55.62 68.36 25.48
C LYS E 110 -55.17 67.95 24.08
N VAL E 111 -53.92 67.53 23.94
CA VAL E 111 -53.43 67.15 22.61
C VAL E 111 -54.15 65.90 22.12
N ARG E 112 -54.46 64.97 23.03
CA ARG E 112 -55.24 63.79 22.65
C ARG E 112 -56.63 64.18 22.19
N GLU E 113 -57.27 65.11 22.90
CA GLU E 113 -58.61 65.56 22.51
C GLU E 113 -58.58 66.20 21.13
N ALA E 114 -57.62 67.09 20.88
CA ALA E 114 -57.52 67.72 19.57
C ALA E 114 -57.22 66.70 18.49
N PHE E 115 -56.35 65.73 18.79
CA PHE E 115 -55.99 64.71 17.82
C PHE E 115 -57.20 63.88 17.41
N GLU E 116 -57.93 63.35 18.40
CA GLU E 116 -59.12 62.59 18.09
C GLU E 116 -60.18 63.45 17.43
N GLN E 117 -60.21 64.74 17.75
CA GLN E 117 -61.20 65.63 17.13
C GLN E 117 -60.94 65.77 15.63
N PHE E 118 -59.70 66.06 15.25
CA PHE E 118 -59.47 66.24 13.82
C PHE E 118 -59.46 64.91 13.10
N LEU E 119 -59.22 63.80 13.80
CA LEU E 119 -59.50 62.49 13.21
C LEU E 119 -60.99 62.32 12.93
N GLU E 120 -61.83 62.76 13.88
CA GLU E 120 -63.27 62.63 13.70
C GLU E 120 -63.76 63.45 12.52
N ASP E 121 -63.37 64.71 12.44
CA ASP E 121 -64.02 65.66 11.55
C ASP E 121 -62.99 66.46 10.76
N PHE E 122 -62.04 65.78 10.12
CA PHE E 122 -61.18 66.47 9.16
C PHE E 122 -62.00 66.99 7.99
N SER E 123 -62.83 66.12 7.40
CA SER E 123 -63.85 66.51 6.43
C SER E 123 -63.25 67.29 5.25
N VAL E 124 -62.18 66.75 4.69
CA VAL E 124 -61.54 67.36 3.53
C VAL E 124 -62.17 66.81 2.26
N GLN E 125 -62.28 67.66 1.24
CA GLN E 125 -62.80 67.27 -0.06
C GLN E 125 -61.64 67.19 -1.06
N SER E 126 -61.58 66.10 -1.79
CA SER E 126 -60.50 65.91 -2.76
C SER E 126 -60.83 66.54 -4.10
N THR E 127 -62.01 66.24 -4.65
CA THR E 127 -62.44 66.77 -5.92
C THR E 127 -63.80 67.43 -5.76
N ASP E 128 -64.33 67.96 -6.87
CA ASP E 128 -65.64 68.58 -6.85
C ASP E 128 -66.73 67.54 -6.55
N THR E 129 -66.64 66.36 -7.15
CA THR E 129 -67.62 65.31 -6.90
C THR E 129 -67.52 64.79 -5.48
N GLY E 130 -66.33 64.84 -4.88
CA GLY E 130 -66.15 64.45 -3.50
C GLY E 130 -66.48 65.56 -2.53
N GLU E 131 -67.78 65.78 -2.29
CA GLU E 131 -68.20 66.90 -1.44
C GLU E 131 -67.58 66.80 -0.05
N VAL E 132 -67.91 65.76 0.69
CA VAL E 132 -67.29 65.47 1.98
C VAL E 132 -66.86 64.01 1.98
N GLU E 133 -65.60 63.76 2.32
CA GLU E 133 -65.05 62.41 2.19
C GLU E 133 -64.71 61.75 3.51
N LYS E 134 -64.25 62.50 4.51
CA LYS E 134 -63.87 61.94 5.80
C LYS E 134 -62.86 60.81 5.63
N VAL E 135 -61.68 61.20 5.12
CA VAL E 135 -60.72 60.23 4.61
C VAL E 135 -60.33 59.22 5.67
N TYR E 136 -60.25 59.65 6.93
CA TYR E 136 -59.86 58.73 7.98
C TYR E 136 -60.97 57.75 8.31
N ARG E 137 -62.23 58.16 8.20
CA ARG E 137 -63.33 57.21 8.29
C ARG E 137 -63.22 56.16 7.18
N ALA E 138 -62.83 56.59 5.98
CA ALA E 138 -62.62 55.63 4.89
C ALA E 138 -61.48 54.68 5.21
N GLN E 139 -60.41 55.17 5.83
CA GLN E 139 -59.33 54.29 6.25
C GLN E 139 -59.82 53.26 7.26
N ILE E 140 -60.65 53.69 8.20
CA ILE E 140 -61.18 52.75 9.18
C ILE E 140 -62.11 51.75 8.50
N GLU E 141 -62.86 52.18 7.49
CA GLU E 141 -63.68 51.25 6.72
C GLU E 141 -62.83 50.21 6.01
N PHE E 142 -61.71 50.64 5.43
CA PHE E 142 -60.79 49.69 4.81
C PHE E 142 -60.29 48.69 5.84
N MET E 143 -59.99 49.15 7.06
CA MET E 143 -59.59 48.23 8.11
C MET E 143 -60.71 47.25 8.46
N LYS E 144 -61.95 47.73 8.53
CA LYS E 144 -63.07 46.84 8.82
C LYS E 144 -63.17 45.75 7.76
N ILE E 145 -63.04 46.13 6.49
CA ILE E 145 -63.24 45.16 5.41
C ILE E 145 -61.99 44.36 5.09
N TYR E 146 -60.85 44.67 5.70
CA TYR E 146 -59.62 43.94 5.43
C TYR E 146 -58.85 43.54 6.68
N ASP E 147 -59.30 43.95 7.87
CA ASP E 147 -58.62 43.64 9.13
C ASP E 147 -57.17 44.11 9.09
N LEU E 148 -57.01 45.43 8.95
CA LEU E 148 -55.70 46.06 8.97
C LEU E 148 -55.47 46.69 10.35
N ASN E 149 -54.26 47.19 10.56
CA ASN E 149 -53.86 47.58 11.91
C ASN E 149 -53.28 48.98 12.01
N THR E 150 -52.61 49.47 10.96
CA THR E 150 -51.84 50.70 11.04
C THR E 150 -52.50 51.80 10.22
N ILE E 151 -52.64 52.98 10.84
CA ILE E 151 -53.14 54.17 10.14
C ILE E 151 -51.96 54.94 9.60
N TYR E 152 -52.19 55.65 8.50
CA TYR E 152 -51.19 56.49 7.85
C TYR E 152 -51.70 57.92 7.88
N ILE E 153 -50.90 58.83 8.46
CA ILE E 153 -51.29 60.21 8.65
C ILE E 153 -50.30 61.10 7.89
N ASP E 154 -50.83 61.94 7.01
CA ASP E 154 -50.00 62.91 6.31
C ASP E 154 -49.70 64.08 7.25
N TYR E 155 -48.43 64.48 7.31
CA TYR E 155 -48.04 65.58 8.18
C TYR E 155 -48.65 66.90 7.72
N GLN E 156 -48.85 67.08 6.42
CA GLN E 156 -49.41 68.33 5.93
C GLN E 156 -50.86 68.50 6.32
N HIS E 157 -51.66 67.42 6.25
CA HIS E 157 -53.01 67.47 6.79
C HIS E 157 -52.99 67.77 8.28
N LEU E 158 -51.97 67.30 8.99
CA LEU E 158 -51.81 67.62 10.39
C LEU E 158 -51.23 69.03 10.60
N SER E 159 -50.66 69.62 9.55
CA SER E 159 -49.95 70.89 9.71
C SER E 159 -50.90 72.02 10.07
N MET E 160 -51.99 72.19 9.32
CA MET E 160 -52.85 73.34 9.54
C MET E 160 -53.87 73.12 10.65
N ARG E 161 -53.92 71.93 11.24
CA ARG E 161 -54.87 71.63 12.31
C ARG E 161 -54.37 72.26 13.60
N GLU E 162 -55.07 73.30 14.06
CA GLU E 162 -54.72 74.04 15.26
C GLU E 162 -53.33 74.68 15.16
N ASN E 163 -52.82 74.80 13.94
CA ASN E 163 -51.52 75.42 13.68
C ASN E 163 -50.41 74.79 14.52
N GLY E 164 -49.52 75.61 15.06
CA GLY E 164 -48.43 75.11 15.87
C GLY E 164 -48.84 74.67 17.26
N ALA E 165 -50.08 74.94 17.67
CA ALA E 165 -50.53 74.50 18.99
C ALA E 165 -50.63 72.98 19.05
N LEU E 166 -50.85 72.32 17.93
CA LEU E 166 -50.97 70.87 17.88
C LEU E 166 -49.89 70.21 17.05
N ALA E 167 -49.60 70.74 15.86
CA ALA E 167 -48.63 70.10 14.97
C ALA E 167 -47.24 70.09 15.60
N MET E 168 -46.76 71.24 16.04
CA MET E 168 -45.43 71.31 16.64
C MET E 168 -45.41 70.57 17.98
N ALA E 169 -46.50 70.64 18.74
CA ALA E 169 -46.57 69.96 20.02
C ALA E 169 -46.43 68.45 19.84
N ILE E 170 -47.08 67.88 18.83
CA ILE E 170 -46.95 66.46 18.57
C ILE E 170 -45.55 66.16 18.01
N SER E 171 -45.07 66.97 17.08
CA SER E 171 -43.83 66.66 16.39
C SER E 171 -42.64 66.68 17.34
N GLU E 172 -42.57 67.67 18.22
CA GLU E 172 -41.37 67.83 19.03
C GLU E 172 -41.29 66.76 20.13
N GLN E 173 -42.29 66.73 21.02
CA GLN E 173 -42.32 65.74 22.08
C GLN E 173 -43.17 64.53 21.66
N TYR E 174 -42.76 63.92 20.55
CA TYR E 174 -43.46 62.75 20.02
C TYR E 174 -43.44 61.61 21.02
N TYR E 175 -42.28 61.33 21.61
CA TYR E 175 -42.17 60.27 22.61
C TYR E 175 -43.03 60.59 23.82
N ARG E 176 -43.10 61.86 24.19
CA ARG E 176 -43.86 62.27 25.37
C ARG E 176 -45.34 61.96 25.22
N PHE E 177 -45.91 62.24 24.06
CA PHE E 177 -47.36 62.18 23.87
C PHE E 177 -47.82 61.01 23.00
N LEU E 178 -46.92 60.10 22.63
CA LEU E 178 -47.33 58.93 21.85
C LEU E 178 -48.44 58.12 22.53
N PRO E 179 -48.34 57.74 23.81
CA PRO E 179 -49.44 56.98 24.41
C PRO E 179 -50.76 57.71 24.43
N PHE E 180 -50.74 59.04 24.53
CA PHE E 180 -52.00 59.79 24.48
C PHE E 180 -52.65 59.69 23.11
N LEU E 181 -51.84 59.78 22.05
CA LEU E 181 -52.37 59.55 20.71
C LEU E 181 -52.94 58.15 20.59
N GLN E 182 -52.25 57.16 21.16
CA GLN E 182 -52.75 55.79 21.12
C GLN E 182 -54.08 55.67 21.84
N LYS E 183 -54.21 56.32 23.00
CA LYS E 183 -55.46 56.26 23.75
C LYS E 183 -56.60 56.91 22.99
N GLY E 184 -56.35 58.06 22.37
CA GLY E 184 -57.38 58.70 21.57
C GLY E 184 -57.79 57.86 20.37
N LEU E 185 -56.81 57.26 19.71
CA LEU E 185 -57.10 56.37 18.59
C LEU E 185 -57.96 55.19 19.02
N ARG E 186 -57.61 54.58 20.16
CA ARG E 186 -58.43 53.49 20.68
C ARG E 186 -59.84 53.96 20.99
N ARG E 187 -59.96 55.15 21.60
CA ARG E 187 -61.28 55.68 21.92
C ARG E 187 -62.14 55.79 20.67
N VAL E 188 -61.60 56.42 19.62
CA VAL E 188 -62.43 56.66 18.44
C VAL E 188 -62.75 55.35 17.72
N VAL E 189 -61.77 54.44 17.62
CA VAL E 189 -62.02 53.21 16.87
C VAL E 189 -63.03 52.34 17.61
N ARG E 190 -62.97 52.29 18.94
CA ARG E 190 -63.98 51.52 19.66
C ARG E 190 -65.31 52.24 19.71
N LYS E 191 -65.31 53.57 19.51
CA LYS E 191 -66.56 54.27 19.32
C LYS E 191 -67.23 53.86 18.02
N TYR E 192 -66.44 53.67 16.96
CA TYR E 192 -67.01 53.39 15.65
C TYR E 192 -66.91 51.94 15.22
N ALA E 193 -65.84 51.23 15.59
CA ALA E 193 -65.65 49.84 15.19
C ALA E 193 -65.16 49.03 16.38
N PRO E 194 -66.07 48.61 17.25
CA PRO E 194 -65.63 47.78 18.39
C PRO E 194 -65.06 46.44 17.96
N GLU E 195 -65.76 45.73 17.08
CA GLU E 195 -65.31 44.41 16.64
C GLU E 195 -63.95 44.45 15.97
N LEU E 196 -63.54 45.62 15.45
CA LEU E 196 -62.22 45.72 14.85
C LEU E 196 -61.11 45.47 15.85
N LEU E 197 -61.35 45.76 17.13
CA LEU E 197 -60.32 45.53 18.14
C LEU E 197 -60.14 44.06 18.48
N ASN E 198 -61.03 43.19 18.03
CA ASN E 198 -60.92 41.77 18.31
C ASN E 198 -59.71 41.16 17.60
N GLU E 260 -56.63 45.48 22.79
CA GLU E 260 -56.68 44.05 22.48
C GLU E 260 -55.77 43.74 21.30
N ARG E 261 -55.58 44.73 20.43
CA ARG E 261 -54.66 44.63 19.32
C ARG E 261 -53.84 45.91 19.24
N VAL E 262 -52.65 45.80 18.64
CA VAL E 262 -51.67 46.88 18.68
C VAL E 262 -51.86 47.74 17.44
N PHE E 263 -52.63 48.81 17.59
CA PHE E 263 -52.73 49.80 16.52
C PHE E 263 -51.44 50.59 16.42
N GLN E 264 -51.08 50.96 15.19
CA GLN E 264 -49.90 51.75 14.94
C GLN E 264 -50.25 52.97 14.10
N ILE E 265 -49.42 54.00 14.22
CA ILE E 265 -49.60 55.25 13.49
C ILE E 265 -48.30 55.55 12.76
N SER E 266 -48.39 55.84 11.47
CA SER E 266 -47.23 56.17 10.66
C SER E 266 -47.43 57.55 10.06
N PHE E 267 -46.61 58.50 10.47
CA PHE E 267 -46.65 59.85 9.90
C PHE E 267 -45.77 59.90 8.67
N PHE E 268 -46.21 60.66 7.66
CA PHE E 268 -45.42 60.83 6.45
C PHE E 268 -45.58 62.25 5.93
N ASN E 269 -44.83 62.55 4.87
CA ASN E 269 -44.85 63.86 4.21
C ASN E 269 -44.38 64.97 5.16
N LEU E 270 -43.14 64.81 5.64
CA LEU E 270 -42.52 65.82 6.48
C LEU E 270 -41.88 66.90 5.61
N PRO E 271 -41.93 68.17 6.01
CA PRO E 271 -41.48 69.24 5.11
C PRO E 271 -40.03 69.17 4.69
N THR E 272 -39.16 68.52 5.45
CA THR E 272 -37.74 68.50 5.13
C THR E 272 -37.15 67.13 5.44
N VAL E 273 -35.90 66.94 5.03
CA VAL E 273 -35.14 65.73 5.31
C VAL E 273 -33.76 66.15 5.78
N HIS E 274 -33.19 65.37 6.70
CA HIS E 274 -31.92 65.69 7.31
C HIS E 274 -30.86 64.68 6.88
N ARG E 275 -29.64 65.18 6.67
CA ARG E 275 -28.53 64.29 6.39
C ARG E 275 -28.02 63.65 7.67
N ILE E 276 -27.25 62.57 7.52
CA ILE E 276 -26.72 61.86 8.68
C ILE E 276 -25.78 62.76 9.47
N ARG E 277 -24.95 63.54 8.77
CA ARG E 277 -23.98 64.39 9.44
C ARG E 277 -24.63 65.49 10.26
N ASP E 278 -25.92 65.75 10.09
CA ASP E 278 -26.62 66.80 10.82
C ASP E 278 -27.29 66.29 12.09
N ILE E 279 -27.09 65.03 12.46
CA ILE E 279 -27.76 64.47 13.62
C ILE E 279 -27.09 65.00 14.89
N ARG E 280 -27.89 65.61 15.77
CA ARG E 280 -27.40 66.16 17.02
C ARG E 280 -28.37 65.80 18.14
N SER E 281 -27.85 65.81 19.37
CA SER E 281 -28.60 65.30 20.51
C SER E 281 -29.81 66.16 20.87
N GLU E 282 -29.83 67.43 20.45
CA GLU E 282 -30.94 68.29 20.84
C GLU E 282 -32.26 67.90 20.20
N LYS E 283 -32.26 66.99 19.21
CA LYS E 283 -33.46 66.53 18.55
C LYS E 283 -33.91 65.17 19.04
N ILE E 284 -33.46 64.75 20.22
CA ILE E 284 -33.84 63.45 20.76
C ILE E 284 -35.31 63.49 21.19
N GLY E 285 -36.06 62.47 20.80
CA GLY E 285 -37.47 62.41 21.12
C GLY E 285 -38.37 63.14 20.14
N SER E 286 -37.83 63.65 19.04
CA SER E 286 -38.59 64.44 18.08
C SER E 286 -38.72 63.68 16.77
N LEU E 287 -39.89 63.78 16.16
CA LEU E 287 -40.12 63.17 14.86
C LEU E 287 -39.16 63.77 13.82
N LEU E 288 -38.65 62.93 12.94
CA LEU E 288 -37.60 63.34 12.01
C LEU E 288 -37.62 62.43 10.80
N SER E 289 -37.00 62.90 9.73
CA SER E 289 -36.88 62.16 8.48
C SER E 289 -35.45 62.17 8.01
N ILE E 290 -34.92 61.00 7.66
CA ILE E 290 -33.54 60.86 7.21
C ILE E 290 -33.51 59.95 5.98
N SER E 291 -32.44 60.08 5.20
CA SER E 291 -32.30 59.31 3.97
C SER E 291 -30.88 58.77 3.86
N GLY E 292 -30.76 57.59 3.26
CA GLY E 292 -29.46 56.97 3.09
C GLY E 292 -29.62 55.63 2.39
N THR E 293 -28.48 54.93 2.26
CA THR E 293 -28.43 53.64 1.60
C THR E 293 -28.28 52.54 2.65
N VAL E 294 -29.14 51.54 2.57
CA VAL E 294 -29.09 50.40 3.48
C VAL E 294 -28.01 49.43 2.98
N THR E 295 -27.13 49.01 3.89
CA THR E 295 -26.03 48.13 3.53
C THR E 295 -26.09 46.76 4.19
N ARG E 296 -26.96 46.57 5.17
CA ARG E 296 -27.07 45.28 5.85
C ARG E 296 -28.37 45.24 6.64
N THR E 297 -28.96 44.07 6.72
CA THR E 297 -30.17 43.84 7.51
C THR E 297 -29.93 42.73 8.52
N SER E 298 -30.98 42.36 9.24
CA SER E 298 -30.91 41.31 10.24
C SER E 298 -32.19 40.48 10.17
N GLU E 299 -32.09 39.27 10.71
CA GLU E 299 -33.21 38.33 10.65
C GLU E 299 -34.38 38.86 11.46
N VAL E 300 -35.59 38.51 11.01
CA VAL E 300 -36.81 38.98 11.64
C VAL E 300 -37.00 38.19 12.94
N ARG E 301 -36.62 38.78 14.06
CA ARG E 301 -36.79 38.11 15.33
C ARG E 301 -37.97 38.67 16.10
N PRO E 302 -38.69 37.84 16.85
CA PRO E 302 -39.76 38.36 17.70
C PRO E 302 -39.21 38.96 18.98
N GLU E 303 -40.00 39.86 19.56
CA GLU E 303 -39.61 40.51 20.81
C GLU E 303 -40.81 40.66 21.71
N LEU E 304 -40.54 40.66 23.02
CA LEU E 304 -41.59 40.76 24.02
C LEU E 304 -42.13 42.18 24.08
N TYR E 305 -43.46 42.30 24.15
CA TYR E 305 -44.09 43.61 24.26
C TYR E 305 -44.89 43.75 25.56
N LYS E 306 -45.79 42.81 25.84
CA LYS E 306 -46.60 42.86 27.06
C LYS E 306 -46.58 41.48 27.69
N ALA E 307 -46.04 41.40 28.90
CA ALA E 307 -45.79 40.12 29.55
C ALA E 307 -46.79 39.88 30.68
N SER E 308 -46.92 38.60 31.04
CA SER E 308 -47.80 38.16 32.13
C SER E 308 -46.99 37.24 33.03
N PHE E 309 -46.67 37.72 34.24
CA PHE E 309 -45.83 36.98 35.17
C PHE E 309 -46.69 36.33 36.24
N THR E 310 -46.28 35.14 36.67
CA THR E 310 -46.94 34.40 37.75
C THR E 310 -46.04 34.44 38.98
N CYS E 311 -46.62 34.75 40.13
CA CYS E 311 -45.84 34.80 41.37
C CYS E 311 -45.77 33.43 42.04
N ASP E 312 -45.44 32.42 41.22
CA ASP E 312 -45.12 31.07 41.67
C ASP E 312 -46.13 30.51 42.68
N MET E 313 -45.77 30.55 43.96
CA MET E 313 -46.54 29.86 45.00
C MET E 313 -48.01 30.29 45.00
N CYS E 314 -48.25 31.59 44.91
CA CYS E 314 -49.58 32.10 44.57
C CYS E 314 -49.47 32.78 43.22
N ARG E 315 -50.23 32.27 42.25
CA ARG E 315 -50.05 32.68 40.86
C ARG E 315 -50.18 34.20 40.71
N ALA E 316 -51.27 34.77 41.21
CA ALA E 316 -51.47 36.21 41.27
C ALA E 316 -51.00 36.89 39.98
N ILE E 317 -51.68 36.52 38.88
CA ILE E 317 -51.23 36.86 37.54
C ILE E 317 -50.97 38.36 37.40
N VAL E 318 -49.72 38.71 37.12
CA VAL E 318 -49.31 40.10 36.93
C VAL E 318 -49.19 40.32 35.43
N ASP E 319 -50.25 40.82 34.82
CA ASP E 319 -50.32 40.97 33.38
C ASP E 319 -50.06 42.42 32.97
N ASN E 320 -49.90 42.61 31.66
CA ASN E 320 -49.68 43.93 31.06
C ASN E 320 -48.48 44.64 31.68
N VAL E 321 -47.44 43.87 31.98
CA VAL E 321 -46.20 44.43 32.51
C VAL E 321 -45.39 44.97 31.33
N GLU E 322 -45.05 46.25 31.39
CA GLU E 322 -44.30 46.86 30.31
C GLU E 322 -42.82 46.48 30.39
N GLN E 323 -42.12 46.68 29.28
CA GLN E 323 -40.71 46.34 29.18
C GLN E 323 -39.91 47.56 28.77
N SER E 324 -38.59 47.40 28.80
CA SER E 324 -37.65 48.44 28.43
C SER E 324 -36.49 47.77 27.71
N PHE E 325 -35.35 48.46 27.63
CA PHE E 325 -34.15 47.86 27.06
C PHE E 325 -33.67 46.65 27.85
N LYS E 326 -34.17 46.46 29.07
CA LYS E 326 -33.83 45.31 29.90
C LYS E 326 -35.09 44.50 30.20
N TYR E 327 -34.91 43.20 30.34
CA TYR E 327 -36.01 42.28 30.66
C TYR E 327 -36.47 42.55 32.09
N THR E 328 -37.60 43.23 32.24
CA THR E 328 -38.09 43.65 33.54
C THR E 328 -39.07 42.64 34.13
N GLU E 329 -39.22 42.69 35.44
CA GLU E 329 -40.08 41.81 36.20
C GLU E 329 -40.95 42.62 37.14
N PRO E 330 -42.08 42.06 37.57
CA PRO E 330 -42.92 42.76 38.55
C PRO E 330 -42.20 42.89 39.89
N THR E 331 -42.65 43.88 40.67
CA THR E 331 -42.01 44.20 41.94
C THR E 331 -42.87 43.92 43.16
N PHE E 332 -44.17 43.68 43.00
CA PHE E 332 -45.05 43.43 44.13
C PHE E 332 -46.10 42.40 43.75
N CYS E 333 -46.62 41.71 44.76
CA CYS E 333 -47.67 40.72 44.56
C CYS E 333 -48.99 41.26 45.09
N PRO E 334 -50.00 41.42 44.24
CA PRO E 334 -51.28 41.96 44.73
C PRO E 334 -51.97 41.10 45.77
N ASN E 335 -51.64 39.82 45.85
CA ASN E 335 -52.23 38.96 46.87
C ASN E 335 -51.75 39.41 48.24
N PRO E 336 -52.64 39.81 49.16
CA PRO E 336 -52.18 40.22 50.49
C PRO E 336 -51.49 39.10 51.26
N SER E 337 -51.97 37.86 51.13
CA SER E 337 -51.33 36.76 51.82
C SER E 337 -49.92 36.52 51.30
N CYS E 338 -49.75 36.55 49.98
CA CYS E 338 -48.41 36.48 49.39
C CYS E 338 -47.68 37.81 49.61
N GLU E 339 -46.36 37.73 49.56
CA GLU E 339 -45.52 38.91 49.72
C GLU E 339 -44.37 38.89 48.71
N ASN E 340 -44.70 38.56 47.46
CA ASN E 340 -43.84 38.59 46.27
C ASN E 340 -42.45 38.02 46.55
N ARG E 341 -42.34 37.13 47.54
CA ARG E 341 -41.05 36.50 47.83
C ARG E 341 -40.67 35.52 46.74
N ALA E 342 -41.63 34.74 46.27
CA ALA E 342 -41.38 33.77 45.21
C ALA E 342 -41.01 34.48 43.91
N PHE E 343 -40.04 33.93 43.21
CA PHE E 343 -39.59 34.51 41.95
C PHE E 343 -40.64 34.30 40.87
N TRP E 344 -40.80 35.30 40.01
CA TRP E 344 -41.85 35.30 39.01
C TRP E 344 -41.47 34.44 37.81
N THR E 345 -42.49 33.89 37.16
CA THR E 345 -42.30 33.03 36.00
C THR E 345 -43.15 33.54 34.85
N LEU E 346 -42.54 33.69 33.68
CA LEU E 346 -43.22 34.22 32.51
C LEU E 346 -44.13 33.17 31.89
N ASN E 347 -45.30 33.61 31.44
CA ASN E 347 -46.24 32.76 30.71
C ASN E 347 -46.12 33.10 29.23
N VAL E 348 -45.55 32.19 28.45
CA VAL E 348 -45.30 32.46 27.04
C VAL E 348 -46.60 32.58 26.26
N THR E 349 -47.53 31.64 26.48
CA THR E 349 -48.76 31.64 25.70
C THR E 349 -49.65 32.84 26.01
N ARG E 350 -49.41 33.54 27.11
CA ARG E 350 -50.16 34.74 27.44
C ARG E 350 -49.47 36.03 27.02
N SER E 351 -48.16 35.99 26.77
CA SER E 351 -47.45 37.17 26.34
C SER E 351 -47.77 37.50 24.89
N ARG E 352 -47.61 38.78 24.54
CA ARG E 352 -47.82 39.25 23.19
C ARG E 352 -46.49 39.75 22.62
N PHE E 353 -46.11 39.23 21.46
CA PHE E 353 -44.84 39.55 20.82
C PHE E 353 -45.07 40.45 19.62
N LEU E 354 -43.98 41.09 19.18
CA LEU E 354 -44.00 41.93 18.00
C LEU E 354 -42.73 41.69 17.20
N ASP E 355 -42.79 42.03 15.92
CA ASP E 355 -41.66 41.82 15.04
C ASP E 355 -40.52 42.78 15.37
N TRP E 356 -39.34 42.50 14.84
CA TRP E 356 -38.18 43.33 15.10
C TRP E 356 -37.08 43.06 14.10
N GLN E 357 -36.48 44.12 13.56
CA GLN E 357 -35.39 43.98 12.59
C GLN E 357 -34.49 45.20 12.67
N LYS E 358 -33.18 44.97 12.74
CA LYS E 358 -32.20 46.04 12.81
C LYS E 358 -31.48 46.16 11.48
N VAL E 359 -31.38 47.38 10.97
CA VAL E 359 -30.73 47.65 9.69
C VAL E 359 -29.67 48.73 9.89
N ARG E 360 -28.74 48.80 8.96
CA ARG E 360 -27.66 49.78 9.00
C ARG E 360 -27.72 50.65 7.75
N ILE E 361 -27.46 51.94 7.93
CA ILE E 361 -27.47 52.91 6.84
C ILE E 361 -26.17 53.70 6.87
N GLN E 362 -25.90 54.40 5.77
CA GLN E 362 -24.71 55.22 5.66
C GLN E 362 -24.96 56.34 4.66
N GLU E 363 -24.12 57.36 4.72
CA GLU E 363 -24.32 58.53 3.87
C GLU E 363 -24.10 58.18 2.41
N ASN E 364 -24.85 58.87 1.55
CA ASN E 364 -24.67 58.71 0.11
C ASN E 364 -23.37 59.38 -0.33
N ALA E 365 -22.91 59.01 -1.52
CA ALA E 365 -21.63 59.53 -2.01
C ALA E 365 -21.69 61.02 -2.30
N ASN E 366 -22.87 61.58 -2.54
CA ASN E 366 -22.95 62.99 -2.89
C ASN E 366 -22.73 63.89 -1.68
N GLU E 367 -23.23 63.49 -0.51
CA GLU E 367 -23.10 64.34 0.67
C GLU E 367 -21.67 64.40 1.19
N ILE E 368 -20.91 63.32 1.06
CA ILE E 368 -19.60 63.20 1.69
C ILE E 368 -18.59 64.15 1.05
N PRO E 369 -17.98 65.04 1.82
CA PRO E 369 -16.88 65.85 1.26
C PRO E 369 -15.56 65.10 1.32
N THR E 370 -14.72 65.37 0.33
CA THR E 370 -13.34 64.84 0.26
C THR E 370 -13.38 63.32 0.35
N GLY E 371 -12.32 62.73 0.89
CA GLY E 371 -12.26 61.28 1.04
C GLY E 371 -12.57 60.82 2.44
N SER E 372 -13.29 61.64 3.20
CA SER E 372 -13.65 61.28 4.56
C SER E 372 -14.53 60.05 4.57
N MET E 373 -14.33 59.19 5.56
CA MET E 373 -15.08 57.95 5.64
C MET E 373 -16.54 58.23 5.96
N PRO E 374 -17.45 57.43 5.42
CA PRO E 374 -18.89 57.67 5.65
C PRO E 374 -19.27 57.49 7.10
N ARG E 375 -20.28 58.25 7.53
CA ARG E 375 -20.84 58.11 8.86
C ARG E 375 -21.96 57.09 8.84
N THR E 376 -21.97 56.19 9.82
CA THR E 376 -22.90 55.08 9.86
C THR E 376 -23.84 55.21 11.05
N LEU E 377 -25.09 54.86 10.84
CA LEU E 377 -26.11 54.89 11.88
C LEU E 377 -26.92 53.60 11.82
N ASP E 378 -27.58 53.29 12.94
CA ASP E 378 -28.38 52.08 13.05
C ASP E 378 -29.85 52.45 13.14
N VAL E 379 -30.69 51.70 12.45
CA VAL E 379 -32.12 51.96 12.39
C VAL E 379 -32.87 50.71 12.85
N ILE E 380 -33.87 50.91 13.69
CA ILE E 380 -34.68 49.83 14.23
C ILE E 380 -36.09 49.93 13.66
N LEU E 381 -36.56 48.87 13.04
CA LEU E 381 -37.92 48.80 12.52
C LEU E 381 -38.80 48.03 13.50
N ARG E 382 -40.10 48.07 13.25
CA ARG E 382 -41.07 47.39 14.10
C ARG E 382 -42.41 47.34 13.39
N GLY E 383 -43.13 46.24 13.56
CA GLY E 383 -44.48 46.14 13.03
C GLY E 383 -44.47 45.71 11.57
N ASP E 384 -45.24 46.44 10.76
CA ASP E 384 -45.45 46.07 9.36
C ASP E 384 -44.35 46.55 8.44
N SER E 385 -43.36 47.30 8.95
CA SER E 385 -42.30 47.84 8.12
C SER E 385 -41.11 46.90 8.01
N VAL E 386 -41.29 45.62 8.31
CA VAL E 386 -40.19 44.66 8.27
C VAL E 386 -39.93 44.25 6.83
N GLU E 387 -38.65 44.07 6.51
CA GLU E 387 -38.20 43.62 5.19
C GLU E 387 -38.66 44.55 4.08
N ARG E 388 -38.87 45.83 4.40
CA ARG E 388 -39.21 46.82 3.39
C ARG E 388 -37.99 47.47 2.77
N ALA E 389 -36.80 47.19 3.29
CA ALA E 389 -35.56 47.74 2.76
C ALA E 389 -34.61 46.60 2.42
N LYS E 390 -33.89 46.75 1.32
CA LYS E 390 -32.94 45.77 0.86
C LYS E 390 -31.58 46.40 0.67
N PRO E 391 -30.50 45.63 0.82
CA PRO E 391 -29.15 46.22 0.69
C PRO E 391 -28.95 46.85 -0.66
N GLY E 392 -28.29 48.01 -0.67
CA GLY E 392 -28.04 48.75 -1.88
C GLY E 392 -29.14 49.69 -2.31
N ASP E 393 -30.26 49.73 -1.58
CA ASP E 393 -31.39 50.59 -1.93
C ASP E 393 -31.34 51.88 -1.12
N ARG E 394 -31.32 53.01 -1.82
CA ARG E 394 -31.38 54.31 -1.15
C ARG E 394 -32.81 54.58 -0.72
N CYS E 395 -33.04 54.71 0.59
CA CYS E 395 -34.37 54.81 1.13
C CYS E 395 -34.46 55.99 2.10
N LYS E 396 -35.67 56.51 2.25
CA LYS E 396 -35.96 57.58 3.20
C LYS E 396 -36.86 57.05 4.30
N PHE E 397 -36.44 57.26 5.55
CA PHE E 397 -37.16 56.77 6.71
C PHE E 397 -37.84 57.92 7.44
N THR E 398 -38.90 57.59 8.17
CA THR E 398 -39.56 58.52 9.05
C THR E 398 -39.74 57.87 10.42
N GLY E 399 -39.33 58.57 11.46
CA GLY E 399 -39.44 58.02 12.80
C GLY E 399 -38.93 58.99 13.83
N VAL E 400 -38.78 58.49 15.05
CA VAL E 400 -38.38 59.30 16.20
C VAL E 400 -36.95 58.96 16.57
N GLU E 401 -36.15 59.99 16.80
CA GLU E 401 -34.77 59.80 17.22
C GLU E 401 -34.72 59.45 18.70
N ILE E 402 -33.92 58.45 19.05
CA ILE E 402 -33.82 57.95 20.42
C ILE E 402 -32.35 57.72 20.76
N VAL E 403 -32.11 57.27 21.99
CA VAL E 403 -30.77 56.97 22.47
C VAL E 403 -30.83 55.65 23.24
N VAL E 404 -29.78 54.85 23.13
CA VAL E 404 -29.77 53.51 23.70
C VAL E 404 -28.58 53.34 24.64
N PRO E 405 -28.77 52.76 25.83
CA PRO E 405 -27.65 52.56 26.74
C PRO E 405 -26.95 51.24 26.49
N ASP E 406 -25.94 50.93 27.31
CA ASP E 406 -25.27 49.64 27.30
C ASP E 406 -25.93 48.75 28.33
N VAL E 407 -26.69 47.76 27.88
CA VAL E 407 -27.42 46.89 28.79
C VAL E 407 -26.48 46.04 29.64
N THR E 408 -25.27 45.79 29.15
CA THR E 408 -24.34 44.92 29.88
C THR E 408 -24.05 45.45 31.27
N GLN E 409 -23.81 46.76 31.39
CA GLN E 409 -23.61 47.34 32.72
C GLN E 409 -24.87 47.25 33.56
N LEU E 410 -26.04 47.37 32.95
CA LEU E 410 -27.28 47.21 33.68
C LEU E 410 -27.46 45.77 34.12
N GLY E 411 -28.21 45.58 35.20
CA GLY E 411 -28.44 44.26 35.76
C GLY E 411 -29.15 43.32 34.80
N LEU E 412 -28.57 42.13 34.60
CA LEU E 412 -29.17 41.10 33.77
C LEU E 412 -28.98 39.75 34.43
N PRO E 413 -29.90 38.81 34.22
CA PRO E 413 -29.67 37.44 34.70
C PRO E 413 -28.44 36.79 34.09
N GLY E 414 -28.08 37.16 32.86
CA GLY E 414 -26.89 36.62 32.25
C GLY E 414 -25.62 37.26 32.77
N VAL E 415 -24.49 36.65 32.41
CA VAL E 415 -23.18 37.11 32.85
C VAL E 415 -22.67 38.16 31.89
N LYS E 416 -21.79 39.03 32.38
CA LYS E 416 -21.20 40.10 31.56
C LYS E 416 -20.36 39.52 30.43
N LYS E 428 -9.18 53.02 19.34
CA LYS E 428 -10.54 53.50 19.14
C LYS E 428 -11.40 53.28 20.38
N THR E 429 -11.38 52.04 20.89
CA THR E 429 -12.17 51.68 22.06
C THR E 429 -11.37 51.67 23.35
N THR E 430 -10.07 51.39 23.27
CA THR E 430 -9.24 51.33 24.47
C THR E 430 -9.02 52.70 25.11
N GLU E 431 -9.26 53.78 24.37
CA GLU E 431 -9.02 55.12 24.90
C GLU E 431 -10.09 55.58 25.88
N GLY E 432 -11.26 54.95 25.86
CA GLY E 432 -12.30 55.32 26.82
C GLY E 432 -12.76 56.75 26.61
N LEU E 433 -12.70 57.53 27.70
CA LEU E 433 -13.15 58.93 27.71
C LEU E 433 -14.62 59.06 27.34
N ASN E 434 -15.40 58.01 27.56
CA ASN E 434 -16.82 58.07 27.28
C ASN E 434 -17.52 58.94 28.32
N SER E 435 -18.53 59.69 27.88
CA SER E 435 -19.32 60.54 28.76
C SER E 435 -20.28 59.65 29.53
N GLY E 436 -19.75 59.02 30.59
CA GLY E 436 -20.51 58.09 31.38
C GLY E 436 -21.24 58.75 32.54
N VAL E 437 -21.85 57.90 33.37
CA VAL E 437 -22.58 58.35 34.55
C VAL E 437 -22.64 57.19 35.53
N THR E 438 -22.53 57.52 36.82
CA THR E 438 -22.53 56.51 37.88
C THR E 438 -23.26 57.07 39.08
N GLY E 439 -23.24 56.31 40.18
CA GLY E 439 -23.90 56.71 41.40
C GLY E 439 -25.25 56.08 41.65
N LEU E 440 -25.69 55.17 40.78
CA LEU E 440 -27.01 54.56 40.91
C LEU E 440 -26.94 53.30 41.77
N ARG E 441 -28.11 52.82 42.18
CA ARG E 441 -28.17 51.61 42.99
C ARG E 441 -27.82 50.38 42.17
N SER E 442 -28.50 50.19 41.03
CA SER E 442 -28.28 49.01 40.22
C SER E 442 -26.91 49.01 39.56
N LEU E 443 -26.41 50.20 39.20
CA LEU E 443 -25.12 50.28 38.53
C LEU E 443 -23.99 49.89 39.47
N GLY E 444 -24.07 50.28 40.74
CA GLY E 444 -23.02 49.97 41.69
C GLY E 444 -21.74 50.73 41.41
N VAL E 445 -20.67 50.00 41.10
CA VAL E 445 -19.39 50.61 40.79
C VAL E 445 -19.16 50.69 39.29
N ARG E 446 -20.22 50.61 38.49
CA ARG E 446 -20.12 50.60 37.04
C ARG E 446 -20.51 51.95 36.46
N ASP E 447 -20.00 52.20 35.25
CA ASP E 447 -20.27 53.44 34.52
C ASP E 447 -21.16 53.12 33.31
N LEU E 448 -22.21 53.91 33.13
CA LEU E 448 -23.16 53.70 32.05
C LEU E 448 -22.87 54.65 30.90
N THR E 449 -22.78 54.09 29.70
CA THR E 449 -22.53 54.86 28.49
C THR E 449 -23.77 54.87 27.61
N TYR E 450 -23.76 55.74 26.60
CA TYR E 450 -24.88 55.86 25.68
C TYR E 450 -24.36 55.96 24.25
N LYS E 451 -25.23 55.61 23.31
CA LYS E 451 -24.93 55.73 21.89
C LYS E 451 -26.23 56.01 21.13
N ILE E 452 -26.08 56.54 19.93
CA ILE E 452 -27.20 57.08 19.16
C ILE E 452 -27.78 56.00 18.26
N SER E 453 -29.11 55.87 18.28
CA SER E 453 -29.81 54.96 17.40
C SER E 453 -31.11 55.60 16.96
N PHE E 454 -31.60 55.16 15.80
CA PHE E 454 -32.81 55.71 15.20
C PHE E 454 -33.92 54.67 15.25
N LEU E 455 -35.15 55.13 15.47
CA LEU E 455 -36.32 54.28 15.42
C LEU E 455 -37.21 54.76 14.28
N ALA E 456 -37.72 53.82 13.49
CA ALA E 456 -38.47 54.15 12.28
C ALA E 456 -39.93 53.74 12.42
N CYS E 457 -40.78 54.43 11.65
CA CYS E 457 -42.20 54.09 11.59
C CYS E 457 -42.76 54.08 10.16
N HIS E 458 -42.02 54.57 9.17
CA HIS E 458 -42.47 54.55 7.78
C HIS E 458 -41.25 54.56 6.87
N VAL E 459 -41.26 53.68 5.87
CA VAL E 459 -40.12 53.50 4.98
C VAL E 459 -40.57 53.69 3.54
N ILE E 460 -39.81 54.49 2.79
CA ILE E 460 -40.02 54.65 1.36
C ILE E 460 -38.66 54.59 0.67
N SER E 461 -38.67 54.15 -0.58
CA SER E 461 -37.45 54.02 -1.37
C SER E 461 -37.48 55.02 -2.52
N ILE E 462 -36.38 55.74 -2.71
CA ILE E 462 -36.27 56.76 -3.74
C ILE E 462 -35.33 56.33 -4.85
N GLY E 463 -34.96 55.06 -4.90
CA GLY E 463 -34.06 54.57 -5.94
C GLY E 463 -33.87 53.07 -5.91
N ASP E 500 -53.08 36.02 -14.65
CA ASP E 500 -54.31 35.73 -15.38
C ASP E 500 -54.89 36.99 -15.99
N GLN E 501 -55.54 36.85 -17.15
CA GLN E 501 -56.11 38.01 -17.82
C GLN E 501 -57.28 38.60 -17.02
N GLU E 502 -57.99 37.77 -16.26
CA GLU E 502 -59.06 38.31 -15.41
C GLU E 502 -58.48 39.16 -14.29
N VAL E 503 -57.31 38.79 -13.77
CA VAL E 503 -56.64 39.62 -12.78
C VAL E 503 -56.35 41.01 -13.35
N PHE E 504 -55.82 41.04 -14.57
CA PHE E 504 -55.53 42.32 -15.21
C PHE E 504 -56.81 43.11 -15.48
N LEU E 505 -57.86 42.43 -15.92
CA LEU E 505 -59.13 43.11 -16.19
C LEU E 505 -59.75 43.65 -14.90
N ASN E 506 -59.47 43.01 -13.77
CA ASN E 506 -59.98 43.51 -12.49
C ASN E 506 -59.50 44.93 -12.22
N SER E 507 -58.32 45.30 -12.73
CA SER E 507 -57.86 46.67 -12.66
C SER E 507 -58.63 47.53 -13.64
N LEU E 508 -59.79 48.04 -13.22
CA LEU E 508 -60.73 48.69 -14.12
C LEU E 508 -60.57 50.20 -14.08
N SER E 509 -60.61 50.81 -15.27
CA SER E 509 -60.66 52.26 -15.42
C SER E 509 -61.20 52.56 -16.80
N SER E 510 -61.68 53.79 -16.99
CA SER E 510 -62.26 54.18 -18.27
C SER E 510 -61.24 54.06 -19.39
N ASP E 511 -60.04 54.60 -19.17
CA ASP E 511 -58.98 54.45 -20.15
C ASP E 511 -58.56 52.99 -20.29
N GLU E 512 -58.44 52.28 -19.16
CA GLU E 512 -58.10 50.86 -19.20
C GLU E 512 -59.05 50.09 -20.10
N ILE E 513 -60.33 50.45 -20.07
CA ILE E 513 -61.31 49.78 -20.92
C ILE E 513 -61.15 50.23 -22.37
N ASN E 514 -61.21 51.55 -22.59
CA ASN E 514 -61.37 52.05 -23.96
C ASN E 514 -60.11 51.88 -24.79
N GLU E 515 -58.94 52.20 -24.22
CA GLU E 515 -57.70 52.14 -25.00
C GLU E 515 -57.41 50.72 -25.45
N LEU E 516 -57.51 49.76 -24.53
CA LEU E 516 -57.27 48.36 -24.88
C LEU E 516 -58.33 47.84 -25.83
N LYS E 517 -59.60 48.21 -25.62
CA LYS E 517 -60.65 47.78 -26.53
C LYS E 517 -60.40 48.30 -27.93
N GLU E 518 -59.97 49.55 -28.06
CA GLU E 518 -59.69 50.12 -29.37
C GLU E 518 -58.51 49.42 -30.03
N MET E 519 -57.40 49.27 -29.31
CA MET E 519 -56.24 48.65 -29.94
C MET E 519 -56.43 47.16 -30.19
N VAL E 520 -57.41 46.52 -29.56
CA VAL E 520 -57.73 45.14 -29.92
C VAL E 520 -58.65 45.09 -31.13
N LYS E 521 -59.67 45.95 -31.15
CA LYS E 521 -60.59 46.02 -32.27
C LYS E 521 -59.99 46.67 -33.51
N ASP E 522 -58.78 47.23 -33.40
CA ASP E 522 -58.11 47.84 -34.53
C ASP E 522 -57.79 46.79 -35.58
N GLU E 523 -57.32 47.24 -36.74
CA GLU E 523 -57.06 46.35 -37.85
C GLU E 523 -55.71 46.56 -38.51
N HIS E 524 -54.87 47.47 -38.02
CA HIS E 524 -53.47 47.58 -38.42
C HIS E 524 -52.56 47.67 -37.21
N ILE E 525 -52.91 46.92 -36.15
CA ILE E 525 -52.16 47.00 -34.90
C ILE E 525 -50.68 46.74 -35.17
N TYR E 526 -50.39 45.55 -35.72
CA TYR E 526 -49.03 45.20 -36.06
C TYR E 526 -48.40 46.27 -36.94
N ASP E 527 -49.17 46.75 -37.92
CA ASP E 527 -48.66 47.80 -38.81
C ASP E 527 -48.10 48.97 -38.02
N LYS E 528 -48.85 49.45 -37.02
CA LYS E 528 -48.35 50.52 -36.17
C LYS E 528 -47.36 50.00 -35.14
N LEU E 529 -47.55 48.76 -34.68
CA LEU E 529 -46.86 48.30 -33.47
C LEU E 529 -45.35 48.33 -33.65
N VAL E 530 -44.86 47.76 -34.76
CA VAL E 530 -43.43 47.76 -35.00
C VAL E 530 -42.90 49.18 -35.14
N ARG E 531 -43.69 50.07 -35.72
CA ARG E 531 -43.28 51.46 -35.84
C ARG E 531 -43.17 52.17 -34.50
N SER E 532 -43.72 51.59 -33.44
CA SER E 532 -43.72 52.19 -32.11
C SER E 532 -42.55 51.72 -31.24
N ILE E 533 -41.65 50.91 -31.79
CA ILE E 533 -40.56 50.33 -31.02
C ILE E 533 -39.27 51.09 -31.30
N ALA E 534 -38.64 51.60 -30.25
CA ALA E 534 -37.37 52.31 -30.30
C ALA E 534 -37.40 53.40 -31.37
N PRO E 535 -38.17 54.48 -31.16
CA PRO E 535 -38.21 55.55 -32.17
C PRO E 535 -36.89 56.27 -32.35
N ALA E 536 -35.98 56.18 -31.38
CA ALA E 536 -34.70 56.89 -31.48
C ALA E 536 -33.87 56.37 -32.64
N VAL E 537 -33.82 55.04 -32.82
CA VAL E 537 -32.99 54.47 -33.87
C VAL E 537 -33.64 54.72 -35.22
N PHE E 538 -32.80 54.82 -36.25
CA PHE E 538 -33.26 55.05 -37.61
C PHE E 538 -32.90 53.86 -38.49
N GLY E 539 -33.83 53.44 -39.32
CA GLY E 539 -33.63 52.29 -40.17
C GLY E 539 -33.81 51.00 -39.41
N HIS E 540 -33.34 49.91 -40.02
CA HIS E 540 -33.36 48.58 -39.42
C HIS E 540 -34.78 48.16 -39.04
N GLU E 541 -35.61 48.03 -40.07
CA GLU E 541 -37.03 47.75 -39.84
C GLU E 541 -37.24 46.36 -39.25
N ALA E 542 -36.53 45.35 -39.76
CA ALA E 542 -36.76 43.99 -39.30
C ALA E 542 -36.28 43.78 -37.87
N VAL E 543 -35.25 44.49 -37.45
CA VAL E 543 -34.72 44.32 -36.10
C VAL E 543 -35.76 44.69 -35.06
N LYS E 544 -36.54 45.74 -35.33
CA LYS E 544 -37.58 46.13 -34.39
C LYS E 544 -38.64 45.04 -34.25
N LYS E 545 -39.04 44.43 -35.36
CA LYS E 545 -39.98 43.32 -35.31
C LYS E 545 -39.40 42.16 -34.52
N GLY E 546 -38.11 41.87 -34.73
CA GLY E 546 -37.48 40.80 -33.97
C GLY E 546 -37.48 41.07 -32.48
N ILE E 547 -37.16 42.31 -32.08
CA ILE E 547 -37.14 42.64 -30.66
C ILE E 547 -38.54 42.56 -30.08
N LEU E 548 -39.55 42.99 -30.85
CA LEU E 548 -40.92 42.87 -30.38
C LEU E 548 -41.29 41.41 -30.14
N LEU E 549 -40.92 40.52 -31.08
CA LEU E 549 -41.21 39.11 -30.89
C LEU E 549 -40.46 38.55 -29.69
N GLN E 550 -39.22 39.00 -29.46
CA GLN E 550 -38.48 38.56 -28.29
C GLN E 550 -39.18 38.97 -27.00
N MET E 551 -39.66 40.21 -26.94
CA MET E 551 -40.38 40.66 -25.76
C MET E 551 -41.67 39.87 -25.56
N LEU E 552 -42.35 39.53 -26.65
CA LEU E 552 -43.62 38.81 -26.53
C LEU E 552 -43.42 37.45 -25.86
N GLY E 553 -42.38 36.72 -26.25
CA GLY E 553 -42.09 35.44 -25.64
C GLY E 553 -42.93 34.31 -26.21
N GLY E 554 -42.56 33.09 -25.83
CA GLY E 554 -43.26 31.91 -26.28
C GLY E 554 -43.90 31.13 -25.15
N VAL E 555 -44.83 30.23 -25.48
CA VAL E 555 -45.51 29.46 -24.46
C VAL E 555 -44.55 28.46 -23.84
N HIS E 556 -44.62 28.32 -22.52
CA HIS E 556 -43.82 27.34 -21.78
C HIS E 556 -44.71 26.16 -21.42
N LYS E 557 -44.32 24.97 -21.86
CA LYS E 557 -45.06 23.75 -21.57
C LYS E 557 -44.12 22.69 -21.03
N SER E 558 -44.65 21.89 -20.11
CA SER E 558 -43.92 20.78 -19.51
C SER E 558 -44.71 19.50 -19.72
N THR E 559 -44.02 18.45 -20.15
CA THR E 559 -44.66 17.17 -20.42
C THR E 559 -45.18 16.56 -19.12
N VAL E 560 -45.82 15.39 -19.25
CA VAL E 560 -46.35 14.68 -18.09
C VAL E 560 -45.27 13.72 -17.58
N GLU E 561 -44.04 13.90 -18.04
CA GLU E 561 -42.91 13.11 -17.59
C GLU E 561 -41.87 13.94 -16.85
N GLY E 562 -42.18 15.21 -16.55
CA GLY E 562 -41.22 16.05 -15.88
C GLY E 562 -40.13 16.60 -16.76
N ILE E 563 -40.31 16.57 -18.07
CA ILE E 563 -39.34 17.10 -19.03
C ILE E 563 -39.80 18.47 -19.47
N LYS E 564 -38.89 19.45 -19.42
CA LYS E 564 -39.22 20.84 -19.72
C LYS E 564 -38.87 21.17 -21.16
N LEU E 565 -39.78 21.84 -21.85
CA LEU E 565 -39.57 22.31 -23.21
C LEU E 565 -39.32 23.82 -23.19
N ARG E 566 -38.26 24.25 -23.87
CA ARG E 566 -37.92 25.67 -23.88
C ARG E 566 -39.02 26.47 -24.56
N GLY E 567 -39.36 27.60 -23.95
CA GLY E 567 -40.43 28.45 -24.47
C GLY E 567 -40.03 29.91 -24.60
N ASP E 568 -38.78 30.16 -25.01
CA ASP E 568 -38.27 31.51 -25.12
C ASP E 568 -37.52 31.65 -26.45
N ILE E 569 -37.26 32.90 -26.83
CA ILE E 569 -36.60 33.22 -28.09
C ILE E 569 -35.28 33.90 -27.79
N ASN E 570 -34.24 33.52 -28.54
CA ASN E 570 -32.91 34.07 -28.36
C ASN E 570 -32.42 34.63 -29.69
N ILE E 571 -31.91 35.85 -29.68
CA ILE E 571 -31.59 36.59 -30.90
C ILE E 571 -30.14 37.07 -30.83
N CYS E 572 -29.41 36.92 -31.93
CA CYS E 572 -28.08 37.47 -32.08
C CYS E 572 -28.08 38.51 -33.19
N VAL E 573 -27.30 39.58 -33.00
CA VAL E 573 -27.21 40.66 -33.96
C VAL E 573 -25.73 40.89 -34.28
N VAL E 574 -25.42 41.00 -35.56
CA VAL E 574 -24.04 41.18 -36.02
C VAL E 574 -23.99 42.41 -36.92
N GLY E 575 -22.92 43.17 -36.81
CA GLY E 575 -22.77 44.35 -37.66
C GLY E 575 -21.39 44.95 -37.56
N ASP E 576 -21.05 45.75 -38.55
CA ASP E 576 -19.80 46.48 -38.57
C ASP E 576 -19.82 47.59 -37.52
N PRO E 577 -18.65 48.08 -37.10
CA PRO E 577 -18.60 48.96 -35.93
C PRO E 577 -19.40 50.24 -36.09
N SER E 578 -19.94 50.71 -34.97
CA SER E 578 -20.52 52.05 -34.84
C SER E 578 -21.78 52.22 -35.70
N THR E 579 -22.66 51.21 -35.72
CA THR E 579 -24.00 51.38 -36.29
C THR E 579 -25.06 50.82 -35.33
N SER E 580 -25.46 51.67 -34.38
CA SER E 580 -26.75 51.55 -33.72
C SER E 580 -26.99 50.26 -32.94
N LYS E 581 -26.06 49.31 -32.98
CA LYS E 581 -26.35 48.02 -32.37
C LYS E 581 -26.41 48.11 -30.85
N SER E 582 -25.55 48.94 -30.25
CA SER E 582 -25.63 49.14 -28.81
C SER E 582 -26.91 49.88 -28.43
N GLN E 583 -27.45 50.69 -29.35
CA GLN E 583 -28.66 51.45 -29.04
C GLN E 583 -29.83 50.54 -28.76
N PHE E 584 -29.97 49.46 -29.53
CA PHE E 584 -31.08 48.53 -29.29
C PHE E 584 -30.98 47.90 -27.92
N LEU E 585 -29.79 47.45 -27.54
CA LEU E 585 -29.59 46.85 -26.22
C LEU E 585 -29.89 47.85 -25.12
N LYS E 586 -29.43 49.09 -25.27
CA LYS E 586 -29.67 50.08 -24.25
C LYS E 586 -31.16 50.39 -24.12
N TYR E 587 -31.86 50.49 -25.26
CA TYR E 587 -33.29 50.76 -25.21
C TYR E 587 -34.05 49.62 -24.55
N VAL E 588 -33.73 48.37 -24.93
CA VAL E 588 -34.46 47.24 -24.36
C VAL E 588 -34.16 47.10 -22.87
N VAL E 589 -32.93 47.41 -22.45
CA VAL E 589 -32.62 47.41 -21.02
C VAL E 589 -33.44 48.49 -20.31
N GLY E 590 -33.54 49.68 -20.91
CA GLY E 590 -34.31 50.75 -20.30
C GLY E 590 -35.80 50.50 -20.27
N PHE E 591 -36.32 49.65 -21.16
CA PHE E 591 -37.75 49.39 -21.24
C PHE E 591 -38.17 48.09 -20.58
N ALA E 592 -37.56 46.97 -20.95
CA ALA E 592 -38.04 45.68 -20.51
C ALA E 592 -37.83 45.52 -19.01
N PRO E 593 -38.88 45.14 -18.26
CA PRO E 593 -38.71 44.93 -16.82
C PRO E 593 -37.76 43.77 -16.53
N ARG E 594 -37.05 43.88 -15.41
CA ARG E 594 -36.11 42.84 -14.96
C ARG E 594 -35.04 42.57 -16.01
N SER E 595 -34.52 43.62 -16.62
CA SER E 595 -33.47 43.52 -17.61
C SER E 595 -32.10 43.76 -16.97
N VAL E 596 -31.09 43.07 -17.49
CA VAL E 596 -29.72 43.21 -17.01
C VAL E 596 -28.81 43.45 -18.21
N TYR E 597 -28.02 44.51 -18.15
CA TYR E 597 -27.03 44.80 -19.17
C TYR E 597 -25.65 44.43 -18.65
N THR E 598 -24.87 43.75 -19.49
CA THR E 598 -23.52 43.36 -19.10
C THR E 598 -22.67 43.17 -20.34
N SER E 599 -21.36 43.20 -20.14
CA SER E 599 -20.40 42.98 -21.22
C SER E 599 -20.03 41.50 -21.28
N GLY E 600 -19.50 41.10 -22.45
CA GLY E 600 -19.06 39.73 -22.61
C GLY E 600 -17.92 39.37 -21.66
N LYS E 601 -16.97 40.28 -21.49
CA LYS E 601 -15.87 40.10 -20.55
C LYS E 601 -16.19 40.88 -19.29
N ALA E 602 -16.24 40.18 -18.16
CA ALA E 602 -16.58 40.78 -16.87
C ALA E 602 -15.43 40.57 -15.90
N SER E 603 -15.10 41.63 -15.16
CA SER E 603 -14.03 41.55 -14.17
C SER E 603 -14.46 40.87 -12.88
N SER E 604 -15.76 40.66 -12.68
CA SER E 604 -16.23 39.98 -11.48
C SER E 604 -15.83 38.51 -11.50
N ALA E 605 -15.57 37.97 -10.32
CA ALA E 605 -15.27 36.55 -10.20
C ALA E 605 -16.47 35.68 -10.52
N ALA E 606 -17.68 36.24 -10.47
CA ALA E 606 -18.88 35.48 -10.78
C ALA E 606 -18.95 35.07 -12.25
N GLY E 607 -18.17 35.71 -13.11
CA GLY E 607 -18.32 35.46 -14.53
C GLY E 607 -19.72 35.83 -14.98
N LEU E 608 -20.30 35.00 -15.84
CA LEU E 608 -21.67 35.16 -16.25
C LEU E 608 -22.63 34.23 -15.53
N THR E 609 -22.22 32.98 -15.28
CA THR E 609 -23.15 32.01 -14.71
C THR E 609 -23.24 32.13 -13.19
N ALA E 610 -22.14 31.85 -12.50
CA ALA E 610 -22.10 31.84 -11.03
C ALA E 610 -20.68 31.56 -10.59
N ALA E 611 -20.45 31.64 -9.28
CA ALA E 611 -19.17 31.32 -8.68
C ALA E 611 -19.38 31.09 -7.20
N VAL E 612 -18.38 30.48 -6.56
CA VAL E 612 -18.37 30.26 -5.13
C VAL E 612 -17.33 31.16 -4.49
N VAL E 613 -17.68 31.80 -3.38
CA VAL E 613 -16.81 32.71 -2.68
C VAL E 613 -16.71 32.30 -1.22
N ARG E 614 -15.51 32.36 -0.67
CA ARG E 614 -15.27 32.09 0.74
C ARG E 614 -14.37 33.18 1.32
N ASP E 615 -14.62 33.53 2.57
CA ASP E 615 -13.56 34.15 3.37
C ASP E 615 -12.61 33.06 3.82
N GLU E 616 -11.33 33.43 3.95
CA GLU E 616 -10.30 32.42 4.18
C GLU E 616 -10.61 31.64 5.45
N GLU E 617 -10.48 30.32 5.37
CA GLU E 617 -10.87 29.41 6.44
C GLU E 617 -12.35 29.57 6.79
N GLY E 618 -13.16 29.82 5.77
CA GLY E 618 -14.60 29.94 5.93
C GLY E 618 -15.36 28.82 5.27
N GLY E 619 -16.19 28.13 6.05
CA GLY E 619 -16.86 26.95 5.54
C GLY E 619 -18.00 27.25 4.59
N ASP E 620 -18.36 26.22 3.82
CA ASP E 620 -19.54 26.10 2.97
C ASP E 620 -19.45 26.89 1.66
N TYR E 621 -18.41 27.71 1.45
CA TYR E 621 -18.12 28.27 0.13
C TYR E 621 -19.35 28.95 -0.48
N THR E 622 -20.03 29.77 0.31
CA THR E 622 -21.32 30.36 -0.08
C THR E 622 -21.29 30.90 -1.51
N ILE E 623 -22.25 30.47 -2.31
CA ILE E 623 -22.29 30.81 -3.72
C ILE E 623 -22.61 32.29 -3.89
N GLU E 624 -22.14 32.86 -4.99
CA GLU E 624 -22.52 34.21 -5.41
C GLU E 624 -23.29 34.12 -6.72
N ALA E 625 -24.36 34.90 -6.82
CA ALA E 625 -25.17 34.91 -8.02
C ALA E 625 -24.41 35.56 -9.17
N GLY E 626 -24.39 34.91 -10.32
CA GLY E 626 -23.80 35.48 -11.50
C GLY E 626 -24.77 36.40 -12.24
N ALA E 627 -24.25 37.03 -13.30
CA ALA E 627 -25.07 37.96 -14.07
C ALA E 627 -26.29 37.26 -14.65
N LEU E 628 -26.08 36.07 -15.23
CA LEU E 628 -27.20 35.31 -15.77
C LEU E 628 -28.17 34.92 -14.66
N MET E 629 -27.65 34.57 -13.49
CA MET E 629 -28.51 34.20 -12.38
C MET E 629 -29.38 35.38 -11.94
N LEU E 630 -28.81 36.59 -11.92
CA LEU E 630 -29.62 37.77 -11.66
C LEU E 630 -30.65 37.97 -12.76
N ALA E 631 -30.28 37.71 -14.01
CA ALA E 631 -31.20 37.85 -15.13
C ALA E 631 -32.34 36.83 -15.07
N ASP E 632 -32.22 35.80 -14.23
CA ASP E 632 -33.23 34.75 -14.15
C ASP E 632 -34.60 35.35 -13.89
N ASN E 633 -35.63 34.62 -14.33
CA ASN E 633 -37.03 35.03 -14.18
C ASN E 633 -37.29 36.37 -14.86
N GLY E 634 -36.58 36.62 -15.95
CA GLY E 634 -36.70 37.89 -16.64
C GLY E 634 -35.84 37.89 -17.88
N ILE E 635 -35.99 38.97 -18.66
CA ILE E 635 -35.28 39.12 -19.93
C ILE E 635 -33.85 39.57 -19.66
N CYS E 636 -32.90 38.92 -20.33
CA CYS E 636 -31.49 39.24 -20.21
C CYS E 636 -31.01 39.96 -21.46
N CYS E 637 -29.91 40.69 -21.32
CA CYS E 637 -29.25 41.37 -22.43
C CYS E 637 -27.75 41.20 -22.32
N ILE E 638 -27.11 40.85 -23.43
CA ILE E 638 -25.67 40.63 -23.47
C ILE E 638 -25.08 41.54 -24.52
N ASP E 639 -23.95 42.17 -24.21
CA ASP E 639 -23.26 43.03 -25.16
C ASP E 639 -21.81 42.56 -25.30
N GLU E 640 -21.26 42.76 -26.49
CA GLU E 640 -19.91 42.31 -26.83
C GLU E 640 -19.79 40.80 -26.61
N PHE E 641 -20.61 40.06 -27.35
CA PHE E 641 -20.80 38.64 -27.07
C PHE E 641 -19.62 37.79 -27.55
N ASP E 642 -18.88 38.26 -28.56
CA ASP E 642 -17.82 37.44 -29.13
C ASP E 642 -16.73 37.14 -28.10
N LYS E 643 -16.35 38.12 -27.30
CA LYS E 643 -15.40 37.88 -26.22
C LYS E 643 -16.11 37.13 -25.10
N MET E 644 -15.56 35.98 -24.72
CA MET E 644 -16.27 35.11 -23.79
C MET E 644 -15.24 34.26 -23.05
N ASP E 645 -15.62 33.82 -21.85
CA ASP E 645 -14.80 32.91 -21.07
C ASP E 645 -15.09 31.48 -21.52
N ILE E 646 -14.03 30.71 -21.78
CA ILE E 646 -14.19 29.38 -22.35
C ILE E 646 -15.00 28.49 -21.41
N SER E 647 -14.66 28.51 -20.12
CA SER E 647 -15.43 27.74 -19.15
C SER E 647 -16.86 28.25 -19.08
N ASP E 648 -17.04 29.57 -19.06
CA ASP E 648 -18.39 30.13 -19.07
C ASP E 648 -19.11 29.78 -20.37
N GLN E 649 -18.38 29.71 -21.48
CA GLN E 649 -19.00 29.38 -22.76
C GLN E 649 -19.52 27.95 -22.76
N VAL E 650 -18.70 27.01 -22.30
CA VAL E 650 -19.14 25.62 -22.26
C VAL E 650 -20.18 25.41 -21.19
N ALA E 651 -20.24 26.28 -20.18
CA ALA E 651 -21.33 26.23 -19.22
C ALA E 651 -22.63 26.71 -19.87
N ILE E 652 -22.59 27.83 -20.59
CA ILE E 652 -23.82 28.43 -21.08
C ILE E 652 -24.43 27.60 -22.20
N HIS E 653 -23.61 27.06 -23.12
CA HIS E 653 -24.24 26.41 -24.26
C HIS E 653 -24.99 25.15 -23.84
N GLU E 654 -24.53 24.48 -22.78
CA GLU E 654 -25.34 23.44 -22.17
C GLU E 654 -26.42 24.03 -21.26
N ALA E 655 -26.24 25.27 -20.79
CA ALA E 655 -27.22 25.89 -19.92
C ALA E 655 -28.45 26.36 -20.69
N MET E 656 -28.25 26.85 -21.90
CA MET E 656 -29.37 27.42 -22.67
C MET E 656 -30.42 26.36 -22.98
N GLU E 657 -29.99 25.18 -23.43
CA GLU E 657 -30.95 24.10 -23.69
C GLU E 657 -31.63 23.65 -22.41
N GLN E 658 -30.84 23.43 -21.36
CA GLN E 658 -31.38 23.06 -20.06
C GLN E 658 -32.10 24.20 -19.37
N GLN E 659 -31.94 25.44 -19.87
CA GLN E 659 -32.48 26.67 -19.26
C GLN E 659 -32.12 26.76 -17.77
N THR E 660 -31.13 25.99 -17.33
CA THR E 660 -30.63 26.02 -15.96
C THR E 660 -29.12 25.75 -15.99
N ILE E 661 -28.45 26.13 -14.90
CA ILE E 661 -27.03 25.86 -14.72
C ILE E 661 -26.80 25.32 -13.32
N SER E 662 -25.96 24.28 -13.22
CA SER E 662 -25.62 23.65 -11.94
C SER E 662 -24.11 23.46 -11.87
N ILE E 663 -23.49 24.03 -10.84
CA ILE E 663 -22.05 23.93 -10.63
C ILE E 663 -21.81 23.36 -9.24
N ALA E 664 -21.01 22.30 -9.17
CA ALA E 664 -20.66 21.64 -7.92
C ALA E 664 -19.15 21.73 -7.72
N LYS E 665 -18.73 22.41 -6.66
CA LYS E 665 -17.32 22.64 -6.39
C LYS E 665 -17.09 22.63 -4.89
N ALA E 666 -15.86 22.31 -4.50
CA ALA E 666 -15.37 22.49 -3.13
C ALA E 666 -16.33 21.91 -2.10
N GLY E 667 -16.78 20.69 -2.36
CA GLY E 667 -17.62 20.00 -1.40
C GLY E 667 -18.99 20.61 -1.18
N ILE E 668 -19.46 21.44 -2.10
CA ILE E 668 -20.84 21.92 -2.08
C ILE E 668 -21.41 21.77 -3.48
N HIS E 669 -22.73 21.56 -3.54
CA HIS E 669 -23.41 21.38 -4.82
C HIS E 669 -24.81 21.96 -4.71
N ALA E 670 -25.30 22.46 -5.84
CA ALA E 670 -26.62 23.06 -5.89
C ALA E 670 -27.08 23.12 -7.34
N THR E 671 -28.39 23.30 -7.51
CA THR E 671 -29.00 23.47 -8.82
C THR E 671 -29.68 24.83 -8.88
N LEU E 672 -29.33 25.62 -9.90
CA LEU E 672 -29.81 26.98 -10.02
C LEU E 672 -30.76 27.12 -11.20
N ASN E 673 -31.61 28.13 -11.14
CA ASN E 673 -32.56 28.42 -12.20
C ASN E 673 -32.06 29.60 -13.03
N ALA E 674 -32.13 29.45 -14.35
CA ALA E 674 -31.66 30.47 -15.27
C ALA E 674 -32.67 30.64 -16.41
N ARG E 675 -33.94 30.85 -16.06
CA ARG E 675 -34.97 31.01 -17.06
C ARG E 675 -34.84 32.38 -17.71
N THR E 676 -34.01 32.49 -18.75
CA THR E 676 -33.66 33.77 -19.33
C THR E 676 -33.91 33.75 -20.84
N SER E 677 -34.17 34.93 -21.39
CA SER E 677 -34.19 35.16 -22.83
C SER E 677 -32.96 35.96 -23.19
N ILE E 678 -32.13 35.42 -24.07
CA ILE E 678 -30.82 35.99 -24.35
C ILE E 678 -30.91 36.87 -25.58
N LEU E 679 -30.27 38.05 -25.50
CA LEU E 679 -30.13 38.95 -26.64
C LEU E 679 -28.70 39.43 -26.66
N ALA E 680 -27.97 39.12 -27.73
CA ALA E 680 -26.54 39.37 -27.78
C ALA E 680 -26.17 40.03 -29.10
N ALA E 681 -25.05 40.76 -29.06
CA ALA E 681 -24.49 41.39 -30.24
C ALA E 681 -23.03 40.99 -30.38
N ALA E 682 -22.60 40.76 -31.61
CA ALA E 682 -21.24 40.33 -31.90
C ALA E 682 -20.61 41.28 -32.93
N ASN E 683 -19.43 40.92 -33.41
CA ASN E 683 -18.73 41.73 -34.38
C ASN E 683 -18.01 40.82 -35.36
N PRO E 684 -18.08 41.09 -36.66
CA PRO E 684 -17.36 40.25 -37.62
C PRO E 684 -15.86 40.33 -37.41
N VAL E 685 -15.19 39.19 -37.63
CA VAL E 685 -13.74 39.14 -37.51
C VAL E 685 -13.11 39.90 -38.68
N GLY E 686 -12.17 40.78 -38.37
CA GLY E 686 -11.55 41.61 -39.38
C GLY E 686 -12.15 43.00 -39.51
N GLY E 687 -12.98 43.41 -38.57
CA GLY E 687 -13.57 44.73 -38.60
C GLY E 687 -14.92 44.79 -39.28
N ARG E 688 -14.97 44.43 -40.56
CA ARG E 688 -16.18 44.55 -41.35
C ARG E 688 -16.58 43.20 -41.91
N TYR E 689 -17.89 43.03 -42.09
CA TYR E 689 -18.43 41.78 -42.62
C TYR E 689 -18.00 41.59 -44.07
N ASN E 690 -17.27 40.51 -44.33
CA ASN E 690 -16.85 40.20 -45.69
C ASN E 690 -17.99 39.52 -46.43
N ARG E 691 -18.51 40.19 -47.46
CA ARG E 691 -19.70 39.70 -48.14
C ARG E 691 -19.49 38.35 -48.81
N LYS E 692 -18.25 37.99 -49.13
CA LYS E 692 -18.00 36.74 -49.83
C LYS E 692 -18.33 35.53 -48.96
N LEU E 693 -17.88 35.55 -47.71
CA LEU E 693 -18.02 34.38 -46.84
C LEU E 693 -19.39 34.39 -46.17
N SER E 694 -19.58 33.47 -45.22
CA SER E 694 -20.83 33.31 -44.50
C SER E 694 -20.60 33.56 -43.02
N LEU E 695 -21.64 33.30 -42.22
CA LEU E 695 -21.54 33.52 -40.77
C LEU E 695 -20.46 32.64 -40.16
N ARG E 696 -20.40 31.37 -40.56
CA ARG E 696 -19.39 30.48 -40.02
C ARG E 696 -17.99 30.97 -40.38
N GLY E 697 -17.79 31.41 -41.62
CA GLY E 697 -16.50 31.94 -42.01
C GLY E 697 -16.17 33.26 -41.34
N ASN E 698 -17.17 34.15 -41.24
CA ASN E 698 -16.92 35.49 -40.71
C ASN E 698 -16.75 35.49 -39.20
N LEU E 699 -17.54 34.68 -38.48
CA LEU E 699 -17.49 34.65 -37.03
C LEU E 699 -16.65 33.46 -36.56
N ASN E 700 -15.88 33.69 -35.50
CA ASN E 700 -15.11 32.62 -34.87
C ASN E 700 -15.92 31.82 -33.87
N MET E 701 -17.15 32.24 -33.59
CA MET E 701 -17.95 31.61 -32.55
C MET E 701 -18.34 30.19 -32.94
N THR E 702 -18.36 29.30 -31.95
CA THR E 702 -18.39 27.87 -32.19
C THR E 702 -19.72 27.42 -32.82
N ALA E 703 -19.66 26.28 -33.50
CA ALA E 703 -20.83 25.78 -34.21
C ALA E 703 -22.02 25.47 -33.32
N PRO E 704 -21.89 24.73 -32.21
CA PRO E 704 -23.10 24.35 -31.46
C PRO E 704 -23.91 25.53 -30.95
N ILE E 705 -23.25 26.64 -30.60
CA ILE E 705 -23.96 27.78 -30.05
C ILE E 705 -24.85 28.43 -31.12
N MET E 706 -24.40 28.44 -32.37
CA MET E 706 -25.20 29.02 -33.44
C MET E 706 -26.59 28.38 -33.49
N SER E 707 -26.65 27.07 -33.29
CA SER E 707 -27.95 26.40 -33.26
C SER E 707 -28.72 26.68 -31.98
N ARG E 708 -28.08 27.23 -30.96
CA ARG E 708 -28.81 27.62 -29.75
C ARG E 708 -29.67 28.84 -30.03
N PHE E 709 -29.08 29.84 -30.70
CA PHE E 709 -29.84 31.01 -31.11
C PHE E 709 -30.91 30.62 -32.12
N ASP E 710 -32.02 31.36 -32.11
CA ASP E 710 -33.12 31.08 -33.00
C ASP E 710 -33.20 32.02 -34.20
N LEU E 711 -32.64 33.23 -34.09
CA LEU E 711 -32.69 34.19 -35.17
C LEU E 711 -31.36 34.92 -35.26
N PHE E 712 -31.07 35.43 -36.44
CA PHE E 712 -29.86 36.20 -36.69
C PHE E 712 -30.20 37.47 -37.46
N PHE E 713 -29.45 38.54 -37.16
CA PHE E 713 -29.62 39.80 -37.84
C PHE E 713 -28.24 40.39 -38.12
N VAL E 714 -27.97 40.68 -39.40
CA VAL E 714 -26.71 41.27 -39.81
C VAL E 714 -27.01 42.62 -40.44
N ILE E 715 -26.28 43.66 -40.01
CA ILE E 715 -26.47 45.02 -40.48
C ILE E 715 -25.16 45.53 -41.05
N LEU E 716 -25.24 46.19 -42.21
CA LEU E 716 -24.07 46.66 -42.93
C LEU E 716 -24.16 48.16 -43.16
N ASP E 717 -23.04 48.84 -43.00
CA ASP E 717 -22.93 50.26 -43.33
C ASP E 717 -22.28 50.43 -44.69
N ASP E 718 -22.66 51.49 -45.39
CA ASP E 718 -22.20 51.74 -46.74
C ASP E 718 -21.73 53.19 -46.86
N CYS E 719 -21.18 53.51 -48.03
CA CYS E 719 -20.66 54.84 -48.33
C CYS E 719 -21.58 55.62 -49.25
N ASN E 720 -22.86 55.26 -49.30
CA ASN E 720 -23.81 55.96 -50.16
C ASN E 720 -24.01 57.39 -49.71
N GLU E 721 -24.08 58.31 -50.68
CA GLU E 721 -24.26 59.72 -50.36
C GLU E 721 -25.69 60.04 -49.95
N LYS E 722 -26.67 59.26 -50.42
CA LYS E 722 -28.06 59.54 -50.08
C LYS E 722 -28.41 59.09 -48.67
N ILE E 723 -27.79 58.01 -48.19
CA ILE E 723 -28.16 57.46 -46.89
C ILE E 723 -27.54 58.26 -45.75
N ASP E 724 -26.23 58.51 -45.84
CA ASP E 724 -25.52 59.15 -44.73
C ASP E 724 -26.04 60.55 -44.45
N THR E 725 -26.45 61.28 -45.50
CA THR E 725 -27.04 62.60 -45.28
C THR E 725 -28.34 62.47 -44.48
N GLU E 726 -29.17 61.49 -44.81
CA GLU E 726 -30.40 61.27 -44.06
C GLU E 726 -30.10 60.92 -42.62
N LEU E 727 -29.10 60.07 -42.39
CA LEU E 727 -28.74 59.68 -41.03
C LEU E 727 -28.26 60.88 -40.23
N ALA E 728 -27.40 61.72 -40.83
CA ALA E 728 -26.92 62.90 -40.13
C ALA E 728 -28.05 63.86 -39.83
N SER E 729 -28.97 64.04 -40.79
CA SER E 729 -30.13 64.88 -40.54
C SER E 729 -30.96 64.35 -39.38
N HIS E 730 -31.18 63.04 -39.34
CA HIS E 730 -31.95 62.46 -38.24
C HIS E 730 -31.25 62.66 -36.90
N ILE E 731 -29.93 62.45 -36.87
CA ILE E 731 -29.20 62.59 -35.61
C ILE E 731 -29.24 64.03 -35.12
N VAL E 732 -28.95 64.98 -36.00
CA VAL E 732 -28.93 66.39 -35.60
C VAL E 732 -30.33 66.85 -35.20
N ASP E 733 -31.35 66.42 -35.95
CA ASP E 733 -32.71 66.87 -35.74
C ASP E 733 -33.26 66.44 -34.39
N LEU E 734 -32.47 65.70 -33.61
CA LEU E 734 -32.87 65.32 -32.27
C LEU E 734 -32.33 66.26 -31.20
N HIS E 735 -31.15 66.85 -31.42
CA HIS E 735 -30.67 67.87 -30.51
C HIS E 735 -31.42 69.19 -30.67
N MET E 736 -32.15 69.35 -31.77
CA MET E 736 -32.90 70.57 -32.05
C MET E 736 -34.34 70.20 -32.41
N LYS E 737 -35.16 71.24 -32.54
CA LYS E 737 -36.58 71.12 -32.88
C LYS E 737 -37.30 70.15 -31.97
N ARG E 738 -37.65 68.98 -32.51
CA ARG E 738 -38.49 68.00 -31.82
C ARG E 738 -37.65 67.18 -30.83
N ASP E 739 -37.06 67.89 -29.87
CA ASP E 739 -36.22 67.24 -28.87
C ASP E 739 -37.02 66.26 -28.03
N GLU E 740 -38.31 66.51 -27.85
CA GLU E 740 -39.21 65.61 -27.13
C GLU E 740 -40.46 65.35 -27.95
N ALA E 741 -40.37 65.49 -29.27
CA ALA E 741 -41.54 65.37 -30.14
C ALA E 741 -41.26 64.45 -31.31
N ILE E 742 -40.49 63.37 -31.07
CA ILE E 742 -40.43 62.30 -32.06
C ILE E 742 -41.82 61.66 -32.13
N GLU E 743 -42.14 61.08 -33.28
CA GLU E 743 -43.49 60.61 -33.55
C GLU E 743 -43.53 59.09 -33.74
N PRO E 744 -43.76 58.33 -32.68
CA PRO E 744 -44.15 56.94 -32.84
C PRO E 744 -45.67 56.82 -32.83
N PRO E 745 -46.23 55.80 -33.49
CA PRO E 745 -47.69 55.66 -33.49
C PRO E 745 -48.29 55.46 -32.12
N PHE E 746 -47.53 54.92 -31.16
CA PHE E 746 -48.05 54.63 -29.83
C PHE E 746 -47.08 55.09 -28.76
N SER E 747 -47.62 55.37 -27.59
CA SER E 747 -46.83 55.77 -26.44
C SER E 747 -46.33 54.54 -25.69
N ALA E 748 -45.34 54.76 -24.83
CA ALA E 748 -44.74 53.66 -24.07
C ALA E 748 -45.76 53.00 -23.15
N GLU E 749 -46.59 53.80 -22.49
CA GLU E 749 -47.61 53.24 -21.59
C GLU E 749 -48.59 52.37 -22.36
N GLN E 750 -49.01 52.82 -23.54
CA GLN E 750 -49.89 52.00 -24.36
C GLN E 750 -49.21 50.69 -24.74
N LEU E 751 -47.92 50.75 -25.07
CA LEU E 751 -47.16 49.55 -25.41
C LEU E 751 -47.15 48.57 -24.26
N ARG E 752 -46.88 49.07 -23.05
CA ARG E 752 -46.84 48.18 -21.89
C ARG E 752 -48.23 47.61 -21.58
N ARG E 753 -49.27 48.43 -21.73
CA ARG E 753 -50.63 47.92 -21.52
C ARG E 753 -50.92 46.78 -22.48
N TYR E 754 -50.57 46.96 -23.76
CA TYR E 754 -50.85 45.91 -24.74
C TYR E 754 -49.98 44.68 -24.49
N ILE E 755 -48.74 44.89 -24.04
CA ILE E 755 -47.86 43.76 -23.77
C ILE E 755 -48.41 42.91 -22.63
N LYS E 756 -48.80 43.56 -21.53
CA LYS E 756 -49.34 42.82 -20.40
C LYS E 756 -50.78 42.38 -20.62
N TYR E 757 -51.45 42.83 -21.67
CA TYR E 757 -52.70 42.19 -22.03
C TYR E 757 -52.50 40.98 -22.94
N ALA E 758 -51.53 41.05 -23.85
CA ALA E 758 -51.28 39.95 -24.76
C ALA E 758 -50.55 38.79 -24.10
N ARG E 759 -49.73 39.07 -23.08
CA ARG E 759 -48.99 38.01 -22.42
C ARG E 759 -49.91 37.02 -21.74
N THR E 760 -51.18 37.36 -21.55
CA THR E 760 -52.15 36.50 -20.89
C THR E 760 -52.92 35.61 -21.86
N PHE E 761 -52.31 35.26 -22.99
CA PHE E 761 -52.93 34.37 -23.97
C PHE E 761 -51.99 33.22 -24.29
N LYS E 762 -52.57 32.02 -24.38
CA LYS E 762 -51.83 30.80 -24.72
C LYS E 762 -52.46 30.15 -25.95
N PRO E 763 -51.88 30.31 -27.13
CA PRO E 763 -52.50 29.77 -28.34
C PRO E 763 -52.40 28.25 -28.39
N ILE E 764 -53.29 27.66 -29.20
CA ILE E 764 -53.27 26.23 -29.47
C ILE E 764 -53.10 26.04 -30.97
N LEU E 765 -52.94 24.79 -31.41
CA LEU E 765 -52.68 24.47 -32.80
C LEU E 765 -53.85 23.68 -33.39
N THR E 766 -54.03 23.83 -34.70
CA THR E 766 -55.09 23.14 -35.42
C THR E 766 -54.48 22.15 -36.42
N LYS E 767 -55.37 21.38 -37.06
CA LYS E 767 -54.92 20.29 -37.92
C LYS E 767 -54.13 20.81 -39.12
N GLU E 768 -54.68 21.82 -39.80
CA GLU E 768 -54.01 22.40 -40.95
C GLU E 768 -52.66 22.99 -40.56
N ALA E 769 -52.59 23.58 -39.36
CA ALA E 769 -51.33 24.10 -38.87
C ALA E 769 -50.29 23.00 -38.77
N ARG E 770 -50.67 21.86 -38.19
CA ARG E 770 -49.73 20.75 -38.04
C ARG E 770 -49.28 20.21 -39.39
N SER E 771 -50.22 20.05 -40.33
CA SER E 771 -49.86 19.51 -41.63
C SER E 771 -48.90 20.45 -42.36
N TYR E 772 -49.24 21.74 -42.43
CA TYR E 772 -48.34 22.69 -43.06
C TYR E 772 -47.01 22.75 -42.33
N LEU E 773 -47.02 22.56 -41.02
CA LEU E 773 -45.80 22.63 -40.22
C LEU E 773 -44.85 21.50 -40.58
N VAL E 774 -45.36 20.27 -40.62
CA VAL E 774 -44.50 19.13 -40.96
C VAL E 774 -44.02 19.25 -42.41
N GLU E 775 -44.89 19.72 -43.30
CA GLU E 775 -44.47 19.89 -44.70
C GLU E 775 -43.34 20.92 -44.81
N LYS E 776 -43.47 22.05 -44.12
CA LYS E 776 -42.42 23.07 -44.15
C LYS E 776 -41.13 22.55 -43.54
N TYR E 777 -41.22 21.80 -42.44
CA TYR E 777 -40.02 21.24 -41.83
C TYR E 777 -39.31 20.31 -42.80
N LYS E 778 -40.07 19.45 -43.48
CA LYS E 778 -39.47 18.55 -44.45
C LYS E 778 -38.81 19.32 -45.58
N GLU E 779 -39.48 20.37 -46.08
CA GLU E 779 -38.90 21.17 -47.15
C GLU E 779 -37.58 21.80 -46.71
N LEU E 780 -37.56 22.39 -45.52
CA LEU E 780 -36.34 23.01 -45.03
C LEU E 780 -35.21 22.00 -44.90
N ARG E 781 -35.50 20.86 -44.25
CA ARG E 781 -34.47 19.86 -44.01
C ARG E 781 -33.92 19.31 -45.32
N LYS E 782 -34.79 19.05 -46.30
CA LYS E 782 -34.31 18.54 -47.57
C LYS E 782 -33.56 19.60 -48.35
N ASP E 783 -33.96 20.87 -48.22
CA ASP E 783 -33.33 21.93 -49.00
C ASP E 783 -31.91 22.21 -48.53
N ASP E 784 -31.71 22.37 -47.22
CA ASP E 784 -30.36 22.70 -46.78
C ASP E 784 -29.45 21.48 -46.71
N ALA E 785 -29.99 20.27 -46.76
CA ALA E 785 -29.16 19.08 -46.82
C ALA E 785 -28.67 18.78 -48.25
N GLN E 786 -29.29 19.39 -49.26
CA GLN E 786 -28.89 19.16 -50.64
C GLN E 786 -27.68 20.00 -51.05
N GLY E 787 -27.31 21.01 -50.26
CA GLY E 787 -26.19 21.87 -50.59
C GLY E 787 -24.87 21.14 -50.58
N PHE E 788 -24.44 20.71 -49.40
CA PHE E 788 -23.20 19.97 -49.28
C PHE E 788 -23.23 19.15 -47.99
N SER E 789 -22.37 18.13 -47.95
CA SER E 789 -22.24 17.26 -46.79
C SER E 789 -20.91 17.51 -46.11
N ARG E 790 -20.91 17.45 -44.77
CA ARG E 790 -19.76 17.67 -43.90
C ARG E 790 -19.25 19.11 -43.96
N SER E 791 -19.97 20.00 -44.65
CA SER E 791 -19.71 21.43 -44.57
C SER E 791 -20.98 22.26 -44.39
N SER E 792 -22.16 21.65 -44.55
CA SER E 792 -23.43 22.32 -44.33
C SER E 792 -24.25 21.48 -43.34
N TYR E 793 -24.44 22.01 -42.14
CA TYR E 793 -25.23 21.32 -41.11
C TYR E 793 -25.86 22.39 -40.22
N ARG E 794 -27.12 22.72 -40.50
CA ARG E 794 -27.78 23.81 -39.79
C ARG E 794 -29.21 23.53 -39.37
N ILE E 795 -29.86 22.49 -39.88
CA ILE E 795 -31.27 22.25 -39.61
C ILE E 795 -31.39 21.05 -38.68
N THR E 796 -31.93 21.28 -37.49
CA THR E 796 -32.17 20.23 -36.52
C THR E 796 -33.63 20.28 -36.06
N VAL E 797 -33.98 19.48 -35.06
CA VAL E 797 -35.34 19.52 -34.53
C VAL E 797 -35.56 20.80 -33.72
N ARG E 798 -34.51 21.30 -33.09
CA ARG E 798 -34.61 22.57 -32.38
C ARG E 798 -35.09 23.69 -33.30
N GLN E 799 -34.76 23.60 -34.60
CA GLN E 799 -35.27 24.60 -35.54
C GLN E 799 -36.78 24.50 -35.65
N LEU E 800 -37.32 23.28 -35.69
CA LEU E 800 -38.77 23.11 -35.71
C LEU E 800 -39.40 23.68 -34.44
N GLU E 801 -38.79 23.41 -33.28
CA GLU E 801 -39.34 23.97 -32.05
C GLU E 801 -39.28 25.49 -32.04
N SER E 802 -38.20 26.06 -32.59
CA SER E 802 -38.10 27.51 -32.71
C SER E 802 -39.21 28.07 -33.60
N MET E 803 -39.50 27.39 -34.69
CA MET E 803 -40.57 27.84 -35.57
C MET E 803 -41.93 27.75 -34.88
N ILE E 804 -42.14 26.71 -34.08
CA ILE E 804 -43.37 26.61 -33.30
C ILE E 804 -43.49 27.79 -32.35
N ARG E 805 -42.40 28.09 -31.63
CA ARG E 805 -42.42 29.19 -30.67
C ARG E 805 -42.67 30.53 -31.36
N LEU E 806 -42.04 30.74 -32.51
CA LEU E 806 -42.23 31.99 -33.25
C LEU E 806 -43.67 32.14 -33.72
N SER E 807 -44.27 31.06 -34.21
CA SER E 807 -45.67 31.12 -34.61
C SER E 807 -46.56 31.45 -33.43
N GLU E 808 -46.29 30.83 -32.28
CA GLU E 808 -47.08 31.14 -31.09
C GLU E 808 -46.95 32.60 -30.71
N ALA E 809 -45.73 33.14 -30.77
CA ALA E 809 -45.51 34.55 -30.43
C ALA E 809 -46.25 35.47 -31.39
N ILE E 810 -46.18 35.17 -32.69
CA ILE E 810 -46.86 36.02 -33.68
C ILE E 810 -48.36 36.02 -33.44
N ALA E 811 -48.94 34.84 -33.22
CA ALA E 811 -50.37 34.78 -32.92
C ALA E 811 -50.69 35.50 -31.62
N ARG E 812 -49.77 35.48 -30.67
CA ARG E 812 -49.96 36.20 -29.42
C ARG E 812 -49.98 37.71 -29.64
N ALA E 813 -49.22 38.19 -30.63
CA ALA E 813 -49.21 39.61 -30.94
C ALA E 813 -50.58 40.11 -31.37
N ASN E 814 -51.29 39.30 -32.15
CA ASN E 814 -52.60 39.69 -32.68
C ASN E 814 -53.74 39.29 -31.75
N CYS E 815 -53.43 38.74 -30.57
CA CYS E 815 -54.43 38.40 -29.57
C CYS E 815 -55.45 37.41 -30.11
N VAL E 816 -54.94 36.31 -30.65
CA VAL E 816 -55.76 35.23 -31.22
C VAL E 816 -55.41 33.95 -30.49
N ASP E 817 -56.43 33.19 -30.11
CA ASP E 817 -56.24 31.99 -29.33
C ASP E 817 -55.91 30.75 -30.17
N GLU E 818 -55.88 30.88 -31.49
CA GLU E 818 -55.56 29.78 -32.39
C GLU E 818 -54.35 30.15 -33.24
N ILE E 819 -54.05 29.28 -34.21
CA ILE E 819 -52.95 29.49 -35.15
C ILE E 819 -53.50 29.40 -36.57
N THR E 820 -53.17 30.40 -37.38
CA THR E 820 -53.43 30.50 -38.80
C THR E 820 -52.16 30.17 -39.58
N PRO E 821 -52.25 29.34 -40.60
CA PRO E 821 -51.04 28.94 -41.36
C PRO E 821 -50.25 30.10 -41.91
N SER E 822 -50.86 31.29 -42.01
CA SER E 822 -50.11 32.46 -42.41
C SER E 822 -49.01 32.78 -41.40
N PHE E 823 -49.28 32.55 -40.11
CA PHE E 823 -48.25 32.71 -39.10
C PHE E 823 -47.09 31.75 -39.35
N ILE E 824 -47.41 30.50 -39.68
CA ILE E 824 -46.38 29.53 -40.02
C ILE E 824 -45.58 30.01 -41.21
N ALA E 825 -46.26 30.59 -42.21
CA ALA E 825 -45.56 31.13 -43.38
C ALA E 825 -44.60 32.24 -42.98
N GLU E 826 -45.04 33.14 -42.11
CA GLU E 826 -44.15 34.23 -41.67
C GLU E 826 -42.95 33.69 -40.92
N ALA E 827 -43.16 32.72 -40.03
CA ALA E 827 -42.05 32.15 -39.27
C ALA E 827 -41.07 31.45 -40.20
N TYR E 828 -41.58 30.68 -41.17
CA TYR E 828 -40.71 30.02 -42.12
C TYR E 828 -39.96 31.03 -42.96
N ASP E 829 -40.60 32.14 -43.31
CA ASP E 829 -39.92 33.18 -44.07
C ASP E 829 -38.79 33.79 -43.25
N LEU E 830 -39.00 33.98 -41.96
CA LEU E 830 -37.94 34.50 -41.09
C LEU E 830 -36.76 33.54 -41.05
N LEU E 831 -37.04 32.26 -40.82
CA LEU E 831 -35.94 31.29 -40.78
C LEU E 831 -35.27 31.14 -42.14
N ARG E 832 -36.03 31.34 -43.23
CA ARG E 832 -35.47 31.26 -44.56
C ARG E 832 -34.54 32.43 -44.84
N GLN E 833 -34.97 33.65 -44.51
CA GLN E 833 -34.12 34.81 -44.73
C GLN E 833 -32.89 34.78 -43.81
N SER E 834 -33.01 34.11 -42.66
CA SER E 834 -31.80 33.88 -41.86
C SER E 834 -30.80 32.99 -42.59
N ILE E 835 -31.27 32.19 -43.56
CA ILE E 835 -30.38 31.40 -44.41
C ILE E 835 -30.21 32.01 -45.79
N ILE E 836 -31.12 32.90 -46.21
CA ILE E 836 -30.84 33.73 -47.38
C ILE E 836 -29.70 34.69 -47.06
N ARG E 837 -29.65 35.19 -45.81
CA ARG E 837 -28.62 36.13 -45.42
C ARG E 837 -27.26 35.48 -45.30
N VAL E 838 -27.20 34.21 -44.89
CA VAL E 838 -25.91 33.54 -44.74
C VAL E 838 -25.23 33.38 -46.09
N ASP E 839 -26.00 33.36 -47.18
CA ASP E 839 -25.42 33.25 -48.51
C ASP E 839 -25.00 34.60 -49.07
N VAL E 840 -25.67 35.67 -48.65
CA VAL E 840 -25.37 37.00 -49.16
C VAL E 840 -24.27 37.68 -48.34
N ALA F 4 4.73 34.95 65.54
CA ALA F 4 4.42 35.76 64.38
C ALA F 4 5.59 35.78 63.39
N LEU F 5 6.54 36.68 63.62
CA LEU F 5 7.72 36.82 62.77
C LEU F 5 8.98 36.70 63.62
N PRO F 6 9.84 35.73 63.34
CA PRO F 6 11.10 35.63 64.10
C PRO F 6 12.01 36.79 63.79
N SER F 7 12.94 37.04 64.71
CA SER F 7 13.88 38.14 64.61
C SER F 7 15.30 37.62 64.46
N ILE F 8 16.15 38.45 63.85
CA ILE F 8 17.56 38.13 63.66
C ILE F 8 18.39 39.35 64.06
N GLN F 9 19.67 39.10 64.28
CA GLN F 9 20.61 40.16 64.64
C GLN F 9 21.49 40.48 63.43
N LEU F 10 21.53 41.76 63.07
CA LEU F 10 22.34 42.22 61.95
C LEU F 10 23.35 43.26 62.43
N PRO F 11 24.54 43.30 61.82
CA PRO F 11 25.55 44.29 62.25
C PRO F 11 25.18 45.73 61.95
N VAL F 12 24.17 45.97 61.13
CA VAL F 12 23.85 47.32 60.68
C VAL F 12 22.96 48.01 61.70
N ASP F 13 23.16 49.32 61.82
CA ASP F 13 22.27 50.19 62.58
C ASP F 13 22.28 51.56 61.92
N TYR F 14 21.09 52.08 61.62
CA TYR F 14 20.97 53.23 60.74
C TYR F 14 21.18 54.56 61.44
N ASN F 15 21.19 54.60 62.77
CA ASN F 15 21.36 55.87 63.47
C ASN F 15 22.76 56.45 63.20
N ASN F 16 23.79 55.63 63.38
CA ASN F 16 25.15 56.09 63.11
C ASN F 16 25.32 56.42 61.64
N LEU F 17 24.67 55.66 60.76
CA LEU F 17 24.74 55.97 59.33
C LEU F 17 24.14 57.33 59.02
N PHE F 18 22.99 57.64 59.62
CA PHE F 18 22.36 58.93 59.38
C PHE F 18 23.21 60.07 59.92
N ASN F 19 23.78 59.88 61.13
CA ASN F 19 24.65 60.90 61.69
C ASN F 19 25.88 61.13 60.82
N GLU F 20 26.47 60.03 60.31
CA GLU F 20 27.61 60.15 59.41
C GLU F 20 27.23 60.83 58.11
N ILE F 21 26.03 60.55 57.61
CA ILE F 21 25.57 61.19 56.38
C ILE F 21 25.47 62.70 56.59
N THR F 22 24.85 63.11 57.69
CA THR F 22 24.72 64.54 57.97
C THR F 22 26.08 65.19 58.16
N ASP F 23 26.99 64.52 58.88
CA ASP F 23 28.33 65.05 59.07
C ASP F 23 29.05 65.22 57.74
N PHE F 24 28.95 64.22 56.86
CA PHE F 24 29.57 64.31 55.55
C PHE F 24 28.99 65.46 54.76
N LEU F 25 27.66 65.59 54.75
CA LEU F 25 27.02 66.63 53.96
C LEU F 25 27.43 68.02 54.43
N VAL F 26 27.45 68.23 55.74
CA VAL F 26 27.77 69.56 56.26
C VAL F 26 29.26 69.86 56.11
N THR F 27 30.12 68.93 56.52
CA THR F 27 31.53 69.19 56.70
C THR F 27 32.36 68.98 55.44
N PHE F 28 31.78 68.42 54.38
CA PHE F 28 32.58 68.02 53.22
C PHE F 28 33.35 69.19 52.64
N LYS F 29 34.63 68.96 52.36
CA LYS F 29 35.49 69.90 51.66
C LYS F 29 36.10 69.18 50.46
N GLN F 30 35.89 69.73 49.28
CA GLN F 30 36.39 69.14 48.05
C GLN F 30 37.76 69.69 47.67
N LYS F 59 34.80 78.48 47.32
CA LYS F 59 33.52 77.81 47.09
C LYS F 59 33.00 77.18 48.37
N GLY F 60 33.89 76.98 49.34
CA GLY F 60 33.52 76.33 50.57
C GLY F 60 33.11 74.89 50.34
N PRO F 61 32.23 74.37 51.20
CA PRO F 61 31.72 73.01 50.97
C PRO F 61 30.91 72.94 49.70
N LYS F 62 31.02 71.81 49.01
CA LYS F 62 30.35 71.64 47.73
C LYS F 62 28.84 71.46 47.90
N TYR F 63 28.44 70.66 48.88
CA TYR F 63 27.04 70.26 48.97
C TYR F 63 26.16 71.42 49.43
N MET F 64 26.66 72.27 50.33
CA MET F 64 25.95 73.50 50.63
C MET F 64 25.85 74.39 49.41
N ALA F 65 26.89 74.38 48.56
CA ALA F 65 26.84 75.17 47.32
C ALA F 65 25.71 74.69 46.41
N MET F 66 25.54 73.37 46.28
CA MET F 66 24.39 72.88 45.52
C MET F 66 23.08 73.26 46.21
N LEU F 67 22.98 73.00 47.51
CA LEU F 67 21.71 73.18 48.20
C LEU F 67 21.24 74.63 48.19
N GLN F 68 22.18 75.59 48.19
CA GLN F 68 21.78 76.99 48.14
C GLN F 68 21.05 77.30 46.85
N LYS F 69 21.64 76.95 45.71
CA LYS F 69 20.96 77.19 44.44
C LYS F 69 19.73 76.31 44.29
N VAL F 70 19.66 75.19 45.01
CA VAL F 70 18.40 74.46 45.08
C VAL F 70 17.33 75.30 45.77
N ALA F 71 17.71 75.98 46.85
CA ALA F 71 16.76 76.80 47.60
C ALA F 71 16.22 77.93 46.73
N ASN F 72 17.05 78.49 45.87
CA ASN F 72 16.64 79.57 44.97
C ASN F 72 15.76 79.09 43.84
N ARG F 73 15.32 77.83 43.87
CA ARG F 73 14.54 77.23 42.79
C ARG F 73 15.28 77.32 41.46
N GLU F 74 16.59 77.11 41.52
CA GLU F 74 17.45 77.10 40.34
C GLU F 74 17.81 75.69 39.90
N LEU F 75 18.13 74.82 40.83
CA LEU F 75 18.46 73.43 40.53
C LEU F 75 17.25 72.55 40.81
N ASN F 76 16.92 71.67 39.87
CA ASN F 76 15.72 70.84 39.97
C ASN F 76 16.03 69.37 40.25
N SER F 77 17.29 68.99 40.36
CA SER F 77 17.65 67.61 40.63
C SER F 77 19.04 67.56 41.25
N VAL F 78 19.21 66.68 42.23
CA VAL F 78 20.46 66.55 42.97
C VAL F 78 21.10 65.22 42.62
N ILE F 79 22.39 65.25 42.30
CA ILE F 79 23.16 64.07 41.94
C ILE F 79 24.29 63.90 42.95
N ILE F 80 24.46 62.67 43.45
CA ILE F 80 25.41 62.37 44.51
C ILE F 80 26.46 61.42 43.98
N ASP F 81 27.72 61.68 44.33
CA ASP F 81 28.85 60.85 43.97
C ASP F 81 29.38 60.14 45.20
N LEU F 82 29.58 58.83 45.11
CA LEU F 82 30.13 58.08 46.22
C LEU F 82 31.64 58.06 46.25
N ASP F 83 32.30 58.53 45.18
CA ASP F 83 33.75 58.69 45.24
C ASP F 83 34.14 59.69 46.32
N ASP F 84 33.39 60.79 46.41
CA ASP F 84 33.60 61.74 47.48
C ASP F 84 33.42 61.09 48.84
N ILE F 85 32.38 60.25 48.97
CA ILE F 85 32.14 59.56 50.24
C ILE F 85 33.32 58.68 50.60
N LEU F 86 33.79 57.90 49.63
CA LEU F 86 34.88 56.96 49.88
C LEU F 86 36.15 57.71 50.27
N GLN F 87 36.52 58.74 49.49
CA GLN F 87 37.77 59.45 49.78
C GLN F 87 37.67 60.20 51.10
N TYR F 88 36.50 60.78 51.40
CA TYR F 88 36.32 61.46 52.67
C TYR F 88 36.45 60.49 53.84
N GLN F 89 35.82 59.32 53.72
CA GLN F 89 35.92 58.33 54.79
C GLN F 89 37.35 57.85 54.96
N ASN F 90 38.04 57.62 53.85
CA ASN F 90 39.43 57.16 53.94
C ASN F 90 40.33 58.21 54.57
N GLU F 91 40.15 59.47 54.19
CA GLU F 91 41.03 60.52 54.73
C GLU F 91 40.67 60.86 56.17
N LYS F 92 39.42 60.65 56.58
CA LYS F 92 39.08 60.80 57.99
C LYS F 92 39.45 59.56 58.80
N PHE F 93 39.72 58.44 58.14
CA PHE F 93 40.21 57.26 58.83
C PHE F 93 41.58 57.50 59.45
N LEU F 94 42.30 58.53 59.00
CA LEU F 94 43.59 58.86 59.59
C LEU F 94 43.48 59.18 61.08
N GLN F 95 42.29 59.52 61.56
CA GLN F 95 42.02 59.72 62.97
C GLN F 95 41.09 58.62 63.45
N GLY F 96 41.50 57.90 64.49
CA GLY F 96 40.81 56.70 64.91
C GLY F 96 39.48 56.92 65.59
N THR F 97 38.54 57.57 64.90
CA THR F 97 37.20 57.78 65.40
C THR F 97 36.13 57.03 64.61
N GLN F 98 36.26 56.97 63.29
CA GLN F 98 35.30 56.24 62.47
C GLN F 98 35.43 54.75 62.73
N ALA F 99 34.28 54.05 62.74
CA ALA F 99 34.23 52.63 63.02
C ALA F 99 33.76 51.77 61.86
N ASP F 100 32.95 52.32 60.94
CA ASP F 100 32.42 51.54 59.83
C ASP F 100 32.52 52.36 58.55
N ASP F 101 32.04 51.79 57.45
CA ASP F 101 32.06 52.43 56.15
C ASP F 101 30.67 52.43 55.55
N LEU F 102 30.44 53.36 54.64
CA LEU F 102 29.11 53.59 54.06
C LEU F 102 28.93 52.98 52.69
N VAL F 103 29.94 53.06 51.82
CA VAL F 103 29.78 52.61 50.44
C VAL F 103 29.42 51.13 50.37
N SER F 104 29.88 50.34 51.34
CA SER F 104 29.51 48.93 51.36
C SER F 104 28.01 48.76 51.51
N ALA F 105 27.43 49.42 52.51
CA ALA F 105 25.98 49.33 52.71
C ALA F 105 25.22 49.98 51.56
N ILE F 106 25.79 51.02 50.95
CA ILE F 106 25.18 51.62 49.76
C ILE F 106 25.08 50.58 48.65
N GLN F 107 26.17 49.84 48.43
CA GLN F 107 26.16 48.82 47.39
C GLN F 107 25.20 47.69 47.73
N GLN F 108 25.09 47.34 49.01
CA GLN F 108 24.24 46.22 49.39
C GLN F 108 22.75 46.57 49.32
N ASN F 109 22.40 47.84 49.52
CA ASN F 109 21.01 48.27 49.46
C ASN F 109 20.98 49.76 49.16
N ALA F 110 19.97 50.20 48.40
CA ALA F 110 20.00 51.55 47.86
C ALA F 110 18.82 52.41 48.25
N ASN F 111 17.58 51.89 48.17
CA ASN F 111 16.42 52.76 48.33
C ASN F 111 16.35 53.33 49.74
N HIS F 112 16.69 52.52 50.74
CA HIS F 112 16.70 52.99 52.11
C HIS F 112 17.63 54.19 52.24
N PHE F 113 18.78 54.15 51.58
CA PHE F 113 19.68 55.28 51.59
C PHE F 113 19.13 56.47 50.81
N THR F 114 18.28 56.24 49.80
CA THR F 114 17.62 57.37 49.16
C THR F 114 16.70 58.09 50.14
N GLU F 115 15.94 57.32 50.94
CA GLU F 115 15.09 57.96 51.94
C GLU F 115 15.93 58.68 52.99
N LEU F 116 17.01 58.05 53.45
CA LEU F 116 17.89 58.74 54.41
C LEU F 116 18.44 60.03 53.83
N PHE F 117 18.86 60.02 52.55
CA PHE F 117 19.39 61.23 51.96
C PHE F 117 18.34 62.31 51.84
N CYS F 118 17.11 61.94 51.47
CA CYS F 118 16.08 62.98 51.36
C CYS F 118 15.74 63.56 52.72
N ARG F 119 15.70 62.72 53.76
CA ARG F 119 15.49 63.23 55.11
C ARG F 119 16.61 64.18 55.53
N ALA F 120 17.85 63.78 55.26
CA ALA F 120 18.99 64.63 55.64
C ALA F 120 18.94 65.96 54.91
N ILE F 121 18.61 65.94 53.62
CA ILE F 121 18.53 67.18 52.85
C ILE F 121 17.43 68.08 53.41
N ASP F 122 16.27 67.50 53.71
CA ASP F 122 15.17 68.33 54.20
C ASP F 122 15.46 68.87 55.60
N ASN F 123 16.28 68.17 56.39
CA ASN F 123 16.65 68.71 57.69
C ASN F 123 17.59 69.91 57.55
N ASN F 124 18.52 69.86 56.60
CA ASN F 124 19.57 70.86 56.46
C ASN F 124 19.36 71.76 55.26
N MET F 125 18.11 72.06 54.92
CA MET F 125 17.82 72.85 53.74
C MET F 125 18.11 74.32 54.00
N PRO F 126 18.98 74.97 53.21
CA PRO F 126 19.28 76.38 53.44
C PRO F 126 18.14 77.28 53.02
N LEU F 127 18.23 78.54 53.45
CA LEU F 127 17.28 79.57 53.06
C LEU F 127 17.65 80.15 51.69
N PRO F 128 16.66 80.64 50.94
CA PRO F 128 16.97 81.24 49.63
C PRO F 128 17.74 82.54 49.79
N THR F 129 18.82 82.66 49.02
CA THR F 129 19.61 83.89 48.99
C THR F 129 19.18 84.84 47.88
N LYS F 130 18.18 84.46 47.10
CA LYS F 130 17.73 85.26 45.97
C LYS F 130 16.21 85.38 46.02
N GLU F 131 15.69 86.40 45.33
CA GLU F 131 14.25 86.59 45.24
C GLU F 131 13.64 85.50 44.37
N ILE F 132 12.34 85.26 44.56
CA ILE F 132 11.61 84.23 43.86
C ILE F 132 10.38 84.84 43.22
N ASP F 133 10.07 84.42 42.00
CA ASP F 133 8.79 84.76 41.37
C ASP F 133 7.72 83.94 42.07
N TYR F 134 7.34 84.41 43.26
CA TYR F 134 6.58 83.59 44.20
C TYR F 134 5.13 83.39 43.77
N LYS F 135 4.61 84.25 42.90
CA LYS F 135 3.22 84.14 42.49
C LYS F 135 2.96 82.91 41.62
N ASP F 136 3.99 82.36 40.98
CA ASP F 136 3.80 81.27 40.03
C ASP F 136 3.52 79.94 40.71
N ASP F 137 4.00 79.74 41.93
CA ASP F 137 3.87 78.45 42.60
C ASP F 137 2.44 78.24 43.07
N VAL F 138 1.59 77.70 42.19
CA VAL F 138 0.18 77.55 42.51
C VAL F 138 -0.02 76.57 43.66
N LEU F 139 0.82 75.53 43.74
CA LEU F 139 0.74 74.59 44.84
C LEU F 139 0.96 75.30 46.17
N ASP F 140 1.95 76.20 46.21
CA ASP F 140 2.17 76.95 47.44
C ASP F 140 1.01 77.89 47.75
N VAL F 141 0.33 78.40 46.71
CA VAL F 141 -0.86 79.20 46.96
C VAL F 141 -1.93 78.35 47.63
N ILE F 142 -2.13 77.12 47.13
CA ILE F 142 -3.11 76.22 47.74
C ILE F 142 -2.71 75.91 49.18
N LEU F 143 -1.42 75.68 49.41
CA LEU F 143 -0.94 75.40 50.76
C LEU F 143 -1.19 76.58 51.69
N ASN F 144 -0.93 77.80 51.21
CA ASN F 144 -1.17 78.98 52.03
C ASN F 144 -2.65 79.14 52.33
N GLN F 145 -3.50 78.86 51.35
CA GLN F 145 -4.95 78.92 51.59
C GLN F 145 -5.35 77.92 52.66
N ARG F 146 -4.85 76.68 52.56
CA ARG F 146 -5.19 75.67 53.55
C ARG F 146 -4.69 76.04 54.93
N ARG F 147 -3.47 76.58 55.02
CA ARG F 147 -2.92 76.97 56.31
C ARG F 147 -3.72 78.11 56.92
N LEU F 148 -3.98 79.16 56.15
CA LEU F 148 -4.79 80.27 56.67
C LEU F 148 -6.23 79.86 56.92
N ARG F 149 -6.66 78.71 56.41
CA ARG F 149 -7.98 78.21 56.75
C ARG F 149 -7.98 77.45 58.08
N ASN F 150 -7.02 76.53 58.25
CA ASN F 150 -7.06 75.64 59.41
C ASN F 150 -6.33 76.21 60.62
N GLU F 151 -5.10 76.69 60.45
CA GLU F 151 -4.34 77.25 61.57
C GLU F 151 -5.04 78.46 62.16
N ARG F 152 -5.73 79.25 61.33
CA ARG F 152 -6.47 80.39 61.82
C ARG F 152 -7.54 80.00 62.83
N MET F 153 -8.05 78.77 62.74
CA MET F 153 -8.99 78.23 63.71
C MET F 153 -8.35 77.25 64.68
N LEU F 154 -7.04 77.04 64.57
CA LEU F 154 -6.30 76.13 65.44
C LEU F 154 -6.88 74.72 65.43
N THR F 189 -4.46 72.91 61.41
CA THR F 189 -3.02 72.71 61.22
C THR F 189 -2.69 71.23 61.11
N GLU F 190 -1.98 70.86 60.05
CA GLU F 190 -1.57 69.48 59.83
C GLU F 190 -0.20 69.45 59.20
N LEU F 191 0.63 68.50 59.64
CA LEU F 191 1.97 68.31 59.08
C LEU F 191 1.84 67.68 57.69
N PHE F 192 2.19 68.43 56.66
CA PHE F 192 2.14 67.90 55.30
C PHE F 192 3.29 66.93 55.07
N PRO F 193 3.06 65.85 54.33
CA PRO F 193 4.15 64.92 54.06
C PRO F 193 5.26 65.59 53.27
N PRO F 194 6.51 65.22 53.52
CA PRO F 194 7.62 65.91 52.84
C PRO F 194 7.60 65.75 51.32
N ASN F 195 7.16 64.59 50.82
CA ASN F 195 7.21 64.34 49.39
C ASN F 195 6.36 65.32 48.62
N LEU F 196 5.30 65.84 49.24
CA LEU F 196 4.44 66.80 48.57
C LEU F 196 5.12 68.14 48.35
N THR F 197 6.24 68.40 49.02
CA THR F 197 6.89 69.70 48.95
C THR F 197 8.19 69.72 48.18
N ARG F 198 8.81 68.56 47.94
CA ARG F 198 10.14 68.53 47.35
C ARG F 198 10.09 68.91 45.87
N ARG F 199 10.96 69.83 45.49
CA ARG F 199 11.12 70.25 44.09
C ARG F 199 12.29 69.58 43.41
N TYR F 200 13.04 68.74 44.11
CA TYR F 200 14.30 68.21 43.61
C TYR F 200 14.24 66.70 43.48
N PHE F 201 14.97 66.19 42.50
CA PHE F 201 15.15 64.76 42.31
C PHE F 201 16.53 64.35 42.80
N LEU F 202 16.61 63.15 43.37
CA LEU F 202 17.84 62.62 43.95
C LEU F 202 18.39 61.53 43.05
N TYR F 203 19.65 61.68 42.64
CA TYR F 203 20.29 60.72 41.74
C TYR F 203 21.64 60.32 42.29
N PHE F 204 22.01 59.07 42.04
CA PHE F 204 23.29 58.51 42.41
C PHE F 204 24.17 58.34 41.18
N LYS F 205 25.48 58.39 41.39
CA LYS F 205 26.44 58.17 40.33
C LYS F 205 27.41 57.09 40.76
N PRO F 206 27.70 56.11 39.90
CA PRO F 206 28.67 55.08 40.25
C PRO F 206 30.09 55.62 40.28
N LEU F 207 30.97 54.86 40.91
CA LEU F 207 32.34 55.32 41.14
C LEU F 207 33.20 55.06 39.89
N SER F 208 34.47 55.46 40.00
CA SER F 208 35.45 55.26 38.95
C SER F 208 36.54 54.32 39.43
N GLN F 209 37.11 53.55 38.49
CA GLN F 209 38.00 52.46 38.87
C GLN F 209 39.36 52.96 39.35
N ASN F 210 39.82 54.11 38.86
CA ASN F 210 41.08 54.65 39.36
C ASN F 210 40.97 55.03 40.84
N CYS F 211 39.79 55.48 41.27
CA CYS F 211 39.58 55.74 42.69
C CYS F 211 39.73 54.47 43.51
N ALA F 212 39.20 53.35 42.99
CA ALA F 212 39.41 52.07 43.66
C ALA F 212 40.89 51.69 43.66
N ARG F 213 41.59 51.96 42.56
CA ARG F 213 43.01 51.67 42.50
C ARG F 213 43.80 52.49 43.52
N ARG F 214 43.28 53.67 43.87
CA ARG F 214 43.97 54.51 44.86
C ARG F 214 44.16 53.79 46.18
N TYR F 215 43.20 52.94 46.57
CA TYR F 215 43.22 52.27 47.85
C TYR F 215 43.29 50.75 47.66
N ARG F 216 43.55 50.05 48.76
CA ARG F 216 43.66 48.60 48.73
C ARG F 216 42.32 47.91 48.64
N LYS F 217 41.26 48.51 49.19
CA LYS F 217 39.97 47.86 49.25
C LYS F 217 39.37 47.68 47.85
N LYS F 218 38.53 46.67 47.72
CA LYS F 218 37.89 46.32 46.46
C LYS F 218 36.54 47.01 46.29
N ALA F 219 36.52 48.34 46.45
CA ALA F 219 35.32 49.13 46.21
C ALA F 219 35.20 49.36 44.71
N ILE F 220 34.65 48.37 44.02
CA ILE F 220 34.72 48.32 42.57
C ILE F 220 33.39 48.72 41.93
N SER F 221 32.34 47.94 42.18
CA SER F 221 31.08 48.09 41.45
C SER F 221 31.36 48.15 39.95
N SER F 222 30.68 49.06 39.25
CA SER F 222 30.90 49.25 37.82
C SER F 222 30.79 47.92 37.08
N LYS F 223 31.85 47.53 36.36
CA LYS F 223 31.95 46.23 35.73
C LYS F 223 30.72 45.95 34.87
N PRO F 224 30.63 46.53 33.68
CA PRO F 224 29.35 46.54 32.96
C PRO F 224 28.92 45.16 32.49
N LEU F 225 28.28 44.41 33.39
CA LEU F 225 27.76 43.08 33.12
C LEU F 225 26.90 43.05 31.86
N SER F 226 26.76 41.86 31.27
CA SER F 226 25.84 41.69 30.16
C SER F 226 24.42 41.52 30.69
N VAL F 227 23.46 41.42 29.77
CA VAL F 227 22.08 41.21 30.18
C VAL F 227 21.91 39.84 30.84
N ARG F 228 22.51 38.81 30.26
CA ARG F 228 22.39 37.46 30.79
C ARG F 228 23.31 37.18 31.97
N GLN F 229 24.26 38.07 32.25
CA GLN F 229 25.16 37.89 33.39
C GLN F 229 24.50 38.27 34.71
N ILE F 230 23.28 38.79 34.68
CA ILE F 230 22.57 39.20 35.89
C ILE F 230 21.80 38.01 36.42
N LYS F 231 22.05 37.66 37.68
CA LYS F 231 21.39 36.54 38.33
C LYS F 231 20.38 37.04 39.36
N GLY F 232 19.78 36.11 40.09
CA GLY F 232 18.85 36.43 41.13
C GLY F 232 19.45 36.86 42.44
N ASP F 233 20.78 36.83 42.55
CA ASP F 233 21.47 37.28 43.75
C ASP F 233 21.77 38.78 43.75
N PHE F 234 21.57 39.45 42.62
CA PHE F 234 21.88 40.86 42.51
C PHE F 234 20.70 41.76 42.79
N LEU F 235 19.57 41.20 43.21
CA LEU F 235 18.42 42.03 43.54
C LEU F 235 18.72 42.94 44.72
N GLY F 236 18.43 44.22 44.56
CA GLY F 236 18.62 45.21 45.61
C GLY F 236 19.92 45.97 45.53
N GLN F 237 20.88 45.51 44.74
CA GLN F 237 22.18 46.16 44.66
C GLN F 237 22.17 47.22 43.57
N LEU F 238 23.31 47.90 43.42
CA LEU F 238 23.53 48.87 42.36
C LEU F 238 24.48 48.25 41.35
N ILE F 239 24.00 48.05 40.12
CA ILE F 239 24.75 47.33 39.10
C ILE F 239 24.75 48.13 37.82
N THR F 240 25.71 47.82 36.96
CA THR F 240 25.93 48.51 35.70
C THR F 240 25.76 47.54 34.54
N VAL F 241 24.95 47.91 33.55
CA VAL F 241 24.69 47.08 32.40
C VAL F 241 25.20 47.78 31.15
N ARG F 242 25.28 47.03 30.06
CA ARG F 242 25.74 47.54 28.77
C ARG F 242 24.97 46.87 27.65
N GLY F 243 24.59 47.67 26.65
CA GLY F 243 23.86 47.12 25.52
C GLY F 243 23.31 48.23 24.66
N ILE F 244 22.51 47.82 23.67
CA ILE F 244 21.90 48.74 22.72
C ILE F 244 20.44 48.95 23.09
N ILE F 245 20.01 50.20 23.09
CA ILE F 245 18.62 50.52 23.37
C ILE F 245 17.80 50.33 22.10
N THR F 246 16.69 49.61 22.22
CA THR F 246 15.86 49.29 21.07
C THR F 246 14.53 50.00 21.06
N ARG F 247 13.85 50.09 22.19
CA ARG F 247 12.53 50.71 22.26
C ARG F 247 12.51 51.75 23.37
N VAL F 248 11.86 52.88 23.10
CA VAL F 248 11.67 53.95 24.07
C VAL F 248 10.21 54.38 23.99
N SER F 249 9.51 54.31 25.12
CA SER F 249 8.12 54.72 25.15
C SER F 249 8.01 56.24 25.28
N ASP F 250 6.78 56.74 25.22
CA ASP F 250 6.53 58.17 25.37
C ASP F 250 6.56 58.57 26.84
N VAL F 251 6.38 59.85 27.10
CA VAL F 251 6.45 60.40 28.45
C VAL F 251 5.03 60.59 28.98
N LYS F 252 4.76 60.04 30.16
CA LYS F 252 3.45 60.14 30.76
C LYS F 252 3.58 60.51 32.23
N PRO F 253 2.59 61.19 32.79
CA PRO F 253 2.66 61.59 34.21
C PRO F 253 2.37 60.41 35.13
N ALA F 254 3.12 60.36 36.23
CA ALA F 254 2.96 59.32 37.24
C ALA F 254 2.63 59.96 38.58
N VAL F 255 1.68 59.37 39.29
CA VAL F 255 1.20 59.93 40.55
C VAL F 255 2.20 59.65 41.66
N GLU F 256 2.36 60.61 42.56
CA GLU F 256 3.14 60.43 43.78
C GLU F 256 2.35 60.72 45.04
N VAL F 257 1.57 61.81 45.05
CA VAL F 257 0.70 62.16 46.16
C VAL F 257 -0.64 62.57 45.58
N ILE F 258 -1.72 62.08 46.17
CA ILE F 258 -3.08 62.32 45.66
C ILE F 258 -3.84 63.15 46.69
N ALA F 259 -4.39 64.27 46.24
CA ALA F 259 -5.07 65.23 47.11
C ALA F 259 -6.54 65.30 46.72
N TYR F 260 -7.42 65.20 47.72
CA TYR F 260 -8.85 65.27 47.52
C TYR F 260 -9.40 66.57 48.11
N THR F 261 -10.69 66.81 47.86
CA THR F 261 -11.41 67.92 48.46
C THR F 261 -12.83 67.48 48.76
N CYS F 262 -13.33 67.84 49.94
CA CYS F 262 -14.54 67.26 50.50
C CYS F 262 -15.62 68.31 50.73
N ASP F 263 -15.73 69.29 49.84
CA ASP F 263 -16.72 70.37 49.94
C ASP F 263 -16.58 71.13 51.26
N GLN F 264 -15.43 71.81 51.38
CA GLN F 264 -15.11 72.67 52.51
C GLN F 264 -15.12 71.89 53.82
N CYS F 265 -14.17 70.96 53.93
CA CYS F 265 -13.95 70.18 55.14
C CYS F 265 -12.69 70.62 55.87
N GLY F 266 -12.40 71.91 55.85
CA GLY F 266 -11.18 72.41 56.46
C GLY F 266 -9.95 71.83 55.79
N TYR F 267 -9.22 70.98 56.52
CA TYR F 267 -8.10 70.28 55.91
C TYR F 267 -8.61 69.30 54.86
N GLU F 268 -7.87 69.21 53.76
CA GLU F 268 -8.20 68.30 52.66
C GLU F 268 -7.24 67.13 52.67
N VAL F 269 -7.79 65.92 52.64
CA VAL F 269 -7.00 64.72 52.91
C VAL F 269 -5.95 64.51 51.84
N PHE F 270 -4.76 64.11 52.27
CA PHE F 270 -3.67 63.73 51.37
C PHE F 270 -3.28 62.28 51.63
N GLN F 271 -2.93 61.58 50.55
CA GLN F 271 -2.42 60.22 50.67
C GLN F 271 -1.37 60.00 49.59
N GLU F 272 -0.48 59.05 49.84
CA GLU F 272 0.60 58.74 48.93
C GLU F 272 0.53 57.28 48.51
N VAL F 273 0.96 57.02 47.27
CA VAL F 273 0.99 55.67 46.73
C VAL F 273 2.31 55.47 46.01
N ASN F 274 3.00 54.37 46.32
CA ASN F 274 4.22 54.00 45.61
C ASN F 274 4.03 52.79 44.70
N SER F 275 3.07 51.92 44.98
CA SER F 275 2.78 50.79 44.12
C SER F 275 2.17 51.26 42.80
N ARG F 276 2.28 50.40 41.79
CA ARG F 276 1.75 50.73 40.46
C ARG F 276 0.23 50.67 40.40
N THR F 277 -0.44 50.44 41.53
CA THR F 277 -1.89 50.47 41.58
C THR F 277 -2.32 50.88 42.98
N PHE F 278 -3.56 51.32 43.09
CA PHE F 278 -4.06 51.87 44.36
C PHE F 278 -5.58 51.86 44.34
N THR F 279 -6.16 52.33 45.44
CA THR F 279 -7.58 52.54 45.60
C THR F 279 -7.84 53.93 46.14
N PRO F 280 -8.95 54.56 45.75
CA PRO F 280 -9.21 55.93 46.18
C PRO F 280 -9.97 55.98 47.51
N LEU F 281 -10.14 57.19 48.00
CA LEU F 281 -10.90 57.46 49.22
C LEU F 281 -12.33 57.85 48.88
N SER F 282 -13.21 57.66 49.84
CA SER F 282 -14.63 57.96 49.63
C SER F 282 -15.22 58.90 50.68
N GLU F 283 -14.82 58.75 51.95
CA GLU F 283 -15.35 59.58 53.02
C GLU F 283 -14.19 60.08 53.88
N CYS F 284 -14.17 61.37 54.15
CA CYS F 284 -13.06 61.98 54.87
C CYS F 284 -13.24 61.84 56.38
N THR F 285 -12.14 62.03 57.11
CA THR F 285 -12.09 61.82 58.55
C THR F 285 -12.24 63.12 59.35
N SER F 286 -12.65 64.21 58.70
CA SER F 286 -12.86 65.46 59.41
C SER F 286 -14.01 65.30 60.41
N GLU F 287 -13.97 66.10 61.48
CA GLU F 287 -14.93 65.94 62.57
C GLU F 287 -16.36 66.15 62.10
N GLU F 288 -16.60 67.17 61.28
CA GLU F 288 -17.93 67.38 60.73
C GLU F 288 -18.37 66.20 59.84
N CYS F 289 -17.43 65.46 59.28
CA CYS F 289 -17.73 64.22 58.59
C CYS F 289 -17.48 62.98 59.45
N SER F 290 -16.74 63.12 60.55
CA SER F 290 -16.77 62.10 61.59
C SER F 290 -18.15 62.00 62.23
N GLN F 291 -18.95 63.06 62.09
CA GLN F 291 -20.37 62.99 62.36
C GLN F 291 -21.01 61.92 61.47
N ASN F 292 -22.23 61.51 61.84
CA ASN F 292 -22.84 60.32 61.24
C ASN F 292 -22.95 60.42 59.73
N GLN F 293 -23.04 61.63 59.17
CA GLN F 293 -23.14 61.82 57.74
C GLN F 293 -22.16 62.88 57.27
N THR F 294 -21.75 62.75 56.01
CA THR F 294 -20.64 63.53 55.46
C THR F 294 -21.05 64.98 55.20
N LYS F 295 -20.11 65.90 55.42
CA LYS F 295 -20.27 67.30 55.04
C LYS F 295 -19.76 67.45 53.61
N GLY F 296 -20.59 67.03 52.66
CA GLY F 296 -20.24 67.10 51.26
C GLY F 296 -19.34 65.97 50.82
N GLN F 297 -19.65 65.36 49.68
CA GLN F 297 -18.84 64.26 49.17
C GLN F 297 -17.48 64.78 48.69
N LEU F 298 -16.47 63.93 48.81
CA LEU F 298 -15.11 64.29 48.41
C LEU F 298 -14.83 63.84 46.98
N PHE F 299 -13.97 64.58 46.31
CA PHE F 299 -13.55 64.27 44.95
C PHE F 299 -12.05 64.41 44.82
N MET F 300 -11.48 63.70 43.85
CA MET F 300 -10.05 63.81 43.58
C MET F 300 -9.75 65.15 42.92
N SER F 301 -8.69 65.81 43.40
CA SER F 301 -8.26 67.10 42.88
C SER F 301 -6.95 66.93 42.13
N THR F 302 -6.94 67.28 40.85
CA THR F 302 -5.76 67.09 40.02
C THR F 302 -4.71 68.17 40.28
N ARG F 303 -5.14 69.41 40.52
CA ARG F 303 -4.19 70.51 40.64
C ARG F 303 -3.31 70.34 41.87
N ALA F 304 -3.90 69.94 43.00
CA ALA F 304 -3.13 69.85 44.24
C ALA F 304 -2.24 68.63 44.28
N SER F 305 -2.56 67.59 43.53
CA SER F 305 -1.77 66.36 43.57
C SER F 305 -0.40 66.57 42.94
N LYS F 306 0.51 65.66 43.23
CA LYS F 306 1.88 65.71 42.74
C LYS F 306 2.11 64.63 41.69
N PHE F 307 2.92 64.97 40.69
CA PHE F 307 3.20 64.06 39.59
C PHE F 307 4.69 64.12 39.24
N SER F 308 5.16 63.06 38.59
CA SER F 308 6.52 62.99 38.11
C SER F 308 6.54 62.41 36.70
N ALA F 309 7.48 62.88 35.89
CA ALA F 309 7.64 62.36 34.55
C ALA F 309 8.09 60.91 34.58
N PHE F 310 7.45 60.08 33.76
CA PHE F 310 7.70 58.65 33.74
C PHE F 310 7.89 58.17 32.31
N GLN F 311 8.74 57.16 32.15
CA GLN F 311 9.00 56.56 30.84
C GLN F 311 9.52 55.15 31.06
N GLU F 312 9.36 54.32 30.04
CA GLU F 312 9.76 52.92 30.10
C GLU F 312 10.55 52.56 28.85
N CYS F 313 11.67 51.86 29.04
CA CYS F 313 12.50 51.42 27.93
C CYS F 313 13.04 50.03 28.24
N LYS F 314 13.39 49.30 27.18
CA LYS F 314 14.00 47.99 27.31
C LYS F 314 15.30 47.95 26.52
N ILE F 315 16.23 47.13 27.00
CA ILE F 315 17.56 47.03 26.42
C ILE F 315 17.79 45.58 25.99
N GLN F 316 18.61 45.42 24.95
CA GLN F 316 18.91 44.12 24.38
C GLN F 316 20.43 43.89 24.39
N GLU F 317 20.82 42.62 24.57
CA GLU F 317 22.22 42.27 24.62
C GLU F 317 22.90 42.52 23.28
N LEU F 318 24.19 42.82 23.33
CA LEU F 318 24.98 42.94 22.12
C LEU F 318 25.30 41.57 21.55
N SER F 319 25.52 41.53 20.23
CA SER F 319 25.83 40.27 19.57
C SER F 319 27.15 39.68 20.07
N GLN F 320 28.14 40.53 20.30
CA GLN F 320 29.46 40.05 20.72
C GLN F 320 29.39 39.27 22.01
N GLN F 321 28.49 39.63 22.92
CA GLN F 321 28.41 39.00 24.23
C GLN F 321 27.49 37.79 24.25
N VAL F 322 26.82 37.47 23.16
CA VAL F 322 25.93 36.31 23.12
C VAL F 322 26.76 35.05 22.90
N PRO F 323 26.64 34.05 23.77
CA PRO F 323 27.33 32.79 23.54
C PRO F 323 26.79 32.07 22.32
N VAL F 324 27.63 31.25 21.70
CA VAL F 324 27.26 30.60 20.45
C VAL F 324 26.04 29.71 20.67
N GLY F 325 25.17 29.68 19.67
CA GLY F 325 23.95 28.91 19.77
C GLY F 325 22.97 29.41 20.81
N HIS F 326 22.81 30.73 20.92
CA HIS F 326 21.91 31.32 21.91
C HIS F 326 21.19 32.50 21.29
N ILE F 327 20.07 32.85 21.90
CA ILE F 327 19.21 33.96 21.46
C ILE F 327 19.35 35.09 22.47
N PRO F 328 19.60 36.32 22.04
CA PRO F 328 19.76 37.43 22.99
C PRO F 328 18.49 37.68 23.80
N ARG F 329 18.69 38.13 25.04
CA ARG F 329 17.60 38.40 25.96
C ARG F 329 17.42 39.90 26.13
N SER F 330 16.38 40.27 26.89
CA SER F 330 16.00 41.67 27.05
C SER F 330 15.89 42.01 28.53
N LEU F 331 15.86 43.31 28.81
CA LEU F 331 15.75 43.82 30.18
C LEU F 331 15.02 45.16 30.15
N ASN F 332 14.04 45.31 31.03
CA ASN F 332 13.26 46.55 31.10
C ASN F 332 13.93 47.56 32.01
N ILE F 333 13.68 48.84 31.74
CA ILE F 333 14.22 49.94 32.52
C ILE F 333 13.11 50.96 32.76
N HIS F 334 12.97 51.40 34.01
CA HIS F 334 12.06 52.47 34.38
C HIS F 334 12.87 53.71 34.72
N VAL F 335 12.48 54.85 34.17
CA VAL F 335 13.19 56.11 34.35
C VAL F 335 12.21 57.17 34.84
N ASN F 336 12.63 57.96 35.82
CA ASN F 336 11.80 58.99 36.42
C ASN F 336 12.62 60.25 36.63
N GLY F 337 11.92 61.38 36.71
CA GLY F 337 12.57 62.65 37.00
C GLY F 337 13.13 63.33 35.75
N THR F 338 14.08 64.23 35.99
CA THR F 338 14.66 65.01 34.91
C THR F 338 15.46 64.17 33.94
N LEU F 339 15.86 62.95 34.32
CA LEU F 339 16.65 62.11 33.43
C LEU F 339 15.81 61.55 32.28
N VAL F 340 14.50 61.72 32.32
CA VAL F 340 13.64 61.29 31.22
C VAL F 340 14.08 61.98 29.94
N ARG F 341 14.00 61.25 28.82
CA ARG F 341 14.36 61.74 27.49
C ARG F 341 15.86 62.00 27.37
N SER F 342 16.68 61.19 28.04
CA SER F 342 18.13 61.29 27.93
C SER F 342 18.73 60.18 27.06
N LEU F 343 17.89 59.43 26.35
CA LEU F 343 18.39 58.36 25.49
C LEU F 343 17.37 58.09 24.39
N SER F 344 17.87 57.66 23.24
CA SER F 344 17.08 57.43 22.05
C SER F 344 17.32 56.01 21.53
N PRO F 345 16.33 55.41 20.86
CA PRO F 345 16.52 54.05 20.35
C PRO F 345 17.69 53.96 19.39
N GLY F 346 18.44 52.86 19.49
CA GLY F 346 19.54 52.60 18.58
C GLY F 346 20.85 53.24 19.00
N ASP F 347 21.33 52.93 20.21
CA ASP F 347 22.60 53.46 20.67
C ASP F 347 23.14 52.58 21.79
N ILE F 348 24.46 52.58 21.93
CA ILE F 348 25.14 51.81 22.98
C ILE F 348 25.30 52.70 24.20
N VAL F 349 24.90 52.19 25.37
CA VAL F 349 24.90 52.96 26.60
C VAL F 349 25.47 52.11 27.74
N ASP F 350 25.87 52.79 28.80
CA ASP F 350 26.32 52.17 30.04
C ASP F 350 25.42 52.70 31.15
N VAL F 351 24.42 51.91 31.54
CA VAL F 351 23.39 52.33 32.47
C VAL F 351 23.73 51.81 33.86
N THR F 352 23.64 52.69 34.86
CA THR F 352 23.78 52.32 36.26
C THR F 352 22.44 52.51 36.95
N GLY F 353 22.00 51.49 37.66
CA GLY F 353 20.69 51.58 38.27
C GLY F 353 20.53 50.60 39.42
N ILE F 354 19.30 50.50 39.89
CA ILE F 354 18.93 49.65 41.01
C ILE F 354 18.10 48.49 40.49
N PHE F 355 18.50 47.27 40.84
CA PHE F 355 17.88 46.06 40.31
C PHE F 355 16.78 45.64 41.29
N LEU F 356 15.53 45.93 40.94
CA LEU F 356 14.42 45.76 41.87
C LEU F 356 13.45 44.71 41.37
N PRO F 357 12.76 44.01 42.27
CA PRO F 357 11.75 43.04 41.85
C PRO F 357 10.46 43.73 41.45
N ALA F 358 9.60 42.96 40.79
CA ALA F 358 8.30 43.46 40.38
C ALA F 358 7.23 42.40 40.61
N PRO F 359 6.20 42.69 41.40
CA PRO F 359 5.17 41.68 41.67
C PRO F 359 4.42 41.30 40.41
N TYR F 360 4.01 40.03 40.35
CA TYR F 360 3.31 39.48 39.20
C TYR F 360 1.79 39.67 39.31
N THR F 361 1.30 40.20 40.43
CA THR F 361 -0.14 40.34 40.62
C THR F 361 -0.78 41.27 39.59
N GLY F 362 0.02 42.10 38.92
CA GLY F 362 -0.54 42.91 37.84
C GLY F 362 -1.10 42.07 36.72
N PHE F 363 -0.48 40.93 36.45
CA PHE F 363 -1.04 40.00 35.47
C PHE F 363 -2.37 39.44 35.94
N LYS F 364 -2.52 39.27 37.25
CA LYS F 364 -3.73 38.72 37.87
C LYS F 364 -4.08 37.37 37.26
N ALA F 365 -3.13 36.44 37.36
CA ALA F 365 -3.33 35.06 36.95
C ALA F 365 -3.47 34.11 38.13
N LEU F 366 -3.12 34.55 39.34
CA LEU F 366 -3.18 33.80 40.59
C LEU F 366 -2.16 32.67 40.62
N LYS F 367 -1.43 32.43 39.53
CA LYS F 367 -0.39 31.42 39.50
C LYS F 367 0.94 32.09 39.87
N ALA F 368 2.04 31.37 39.68
CA ALA F 368 3.37 31.85 40.02
C ALA F 368 3.43 32.34 41.46
N GLY F 369 3.15 31.41 42.38
CA GLY F 369 3.08 31.76 43.78
C GLY F 369 4.37 32.33 44.32
N LEU F 370 5.51 31.94 43.75
CA LEU F 370 6.79 32.48 44.14
C LEU F 370 7.55 33.15 43.00
N LEU F 371 7.04 33.07 41.77
CA LEU F 371 7.74 33.64 40.63
C LEU F 371 7.34 35.10 40.46
N THR F 372 8.34 35.96 40.26
CA THR F 372 8.11 37.39 40.10
C THR F 372 9.02 37.92 39.00
N GLU F 373 8.62 39.02 38.40
CA GLU F 373 9.38 39.66 37.34
C GLU F 373 10.36 40.67 37.92
N THR F 374 11.35 41.05 37.13
CA THR F 374 12.40 41.95 37.57
C THR F 374 12.57 43.10 36.60
N TYR F 375 13.01 44.24 37.11
CA TYR F 375 13.25 45.42 36.30
C TYR F 375 14.40 46.22 36.91
N LEU F 376 14.82 47.25 36.18
CA LEU F 376 15.89 48.13 36.60
C LEU F 376 15.40 49.56 36.59
N GLU F 377 15.83 50.34 37.58
CA GLU F 377 15.49 51.76 37.68
C GLU F 377 16.75 52.58 37.40
N ALA F 378 16.69 53.44 36.40
CA ALA F 378 17.88 54.17 35.95
C ALA F 378 18.32 55.19 37.00
N GLN F 379 19.62 55.39 37.06
CA GLN F 379 20.21 56.39 37.96
C GLN F 379 21.16 57.35 37.24
N PHE F 380 21.94 56.87 36.28
CA PHE F 380 22.93 57.70 35.61
C PHE F 380 23.29 57.03 34.30
N VAL F 381 23.16 57.76 33.19
CA VAL F 381 23.30 57.19 31.85
C VAL F 381 24.47 57.85 31.16
N ARG F 382 25.37 57.04 30.61
CA ARG F 382 26.42 57.52 29.72
C ARG F 382 26.00 57.21 28.29
N GLN F 383 25.80 58.26 27.49
CA GLN F 383 25.25 58.06 26.15
C GLN F 383 26.22 57.32 25.25
N HIS F 384 27.52 57.57 25.41
CA HIS F 384 28.56 56.83 24.67
C HIS F 384 28.35 57.04 23.17
N LYS F 385 28.71 56.04 22.36
CA LYS F 385 28.54 56.05 20.90
C LYS F 385 29.28 57.26 20.34
N LYS F 386 28.66 58.07 19.49
CA LYS F 386 29.33 59.21 18.85
C LYS F 386 28.31 60.30 18.62
N LYS F 387 28.78 61.54 18.57
CA LYS F 387 27.94 62.71 18.35
C LYS F 387 28.14 63.23 16.94
N PHE F 388 27.02 63.43 16.22
CA PHE F 388 27.10 63.99 14.87
C PHE F 388 27.41 65.48 14.91
N ALA F 389 26.81 66.21 15.86
CA ALA F 389 27.09 67.60 16.19
C ALA F 389 26.66 68.58 15.10
N SER F 390 26.17 68.11 13.96
CA SER F 390 25.71 68.97 12.87
C SER F 390 26.78 70.00 12.49
N PHE F 391 28.01 69.50 12.29
CA PHE F 391 29.18 70.28 11.88
C PHE F 391 29.31 71.60 12.64
N SER F 392 28.84 71.64 13.89
CA SER F 392 28.88 72.86 14.68
C SER F 392 30.30 73.41 14.75
N LEU F 393 30.44 74.69 14.45
CA LEU F 393 31.77 75.30 14.29
C LEU F 393 32.49 75.41 15.64
N THR F 394 33.80 75.22 15.59
CA THR F 394 34.67 75.30 16.76
C THR F 394 36.07 75.61 16.24
N SER F 395 36.96 76.02 17.14
CA SER F 395 38.30 76.40 16.72
C SER F 395 39.04 75.22 16.08
N ASP F 396 38.89 74.02 16.65
CA ASP F 396 39.61 72.87 16.12
C ASP F 396 39.15 72.53 14.71
N VAL F 397 37.83 72.54 14.46
CA VAL F 397 37.37 72.25 13.11
C VAL F 397 37.75 73.38 12.16
N GLU F 398 37.84 74.61 12.65
CA GLU F 398 38.29 75.72 11.81
C GLU F 398 39.74 75.54 11.38
N GLU F 399 40.62 75.15 12.30
CA GLU F 399 42.00 74.88 11.88
C GLU F 399 42.10 73.63 11.02
N ARG F 400 41.19 72.66 11.23
CA ARG F 400 41.16 71.50 10.35
C ARG F 400 40.81 71.90 8.92
N VAL F 401 39.80 72.76 8.74
CA VAL F 401 39.46 73.19 7.39
C VAL F 401 40.52 74.11 6.81
N MET F 402 41.24 74.85 7.66
CA MET F 402 42.41 75.60 7.17
C MET F 402 43.47 74.65 6.64
N GLU F 403 43.71 73.55 7.36
CA GLU F 403 44.65 72.53 6.87
C GLU F 403 44.16 71.94 5.55
N LEU F 404 42.86 71.70 5.43
CA LEU F 404 42.30 71.20 4.18
C LEU F 404 42.53 72.17 3.03
N ILE F 405 42.33 73.47 3.29
CA ILE F 405 42.58 74.47 2.26
C ILE F 405 44.05 74.46 1.86
N THR F 406 44.95 74.37 2.85
CA THR F 406 46.38 74.29 2.55
C THR F 406 46.75 73.00 1.83
N SER F 407 45.90 71.97 1.91
CA SER F 407 46.20 70.72 1.22
C SER F 407 46.20 70.88 -0.29
N GLY F 408 45.52 71.89 -0.82
CA GLY F 408 45.51 72.14 -2.27
C GLY F 408 44.40 71.35 -2.96
N ASP F 409 44.80 70.36 -3.77
CA ASP F 409 43.84 69.53 -4.47
C ASP F 409 43.35 68.43 -3.55
N VAL F 410 42.02 68.28 -3.46
CA VAL F 410 41.39 67.49 -2.42
C VAL F 410 40.67 66.28 -2.98
N TYR F 411 39.92 66.45 -4.08
CA TYR F 411 38.97 65.42 -4.51
C TYR F 411 39.66 64.09 -4.82
N ASN F 412 40.85 64.15 -5.43
CA ASN F 412 41.56 62.91 -5.74
C ASN F 412 41.97 62.17 -4.47
N ARG F 413 42.45 62.91 -3.47
CA ARG F 413 42.80 62.28 -2.19
C ARG F 413 41.56 61.68 -1.54
N LEU F 414 40.44 62.40 -1.57
CA LEU F 414 39.21 61.87 -1.00
C LEU F 414 38.79 60.58 -1.70
N ALA F 415 38.88 60.56 -3.04
CA ALA F 415 38.55 59.35 -3.78
C ALA F 415 39.47 58.21 -3.41
N LYS F 416 40.77 58.48 -3.30
CA LYS F 416 41.73 57.44 -2.91
C LYS F 416 41.45 56.92 -1.51
N SER F 417 40.89 57.76 -0.65
CA SER F 417 40.78 57.43 0.77
C SER F 417 39.45 56.79 1.15
N ILE F 418 38.56 56.52 0.21
CA ILE F 418 37.26 55.95 0.56
C ILE F 418 37.39 54.47 0.88
N ALA F 419 37.77 53.67 -0.11
CA ALA F 419 37.83 52.22 0.03
C ALA F 419 39.16 51.72 -0.54
N PRO F 420 40.25 51.85 0.20
CA PRO F 420 41.53 51.29 -0.26
C PRO F 420 41.53 49.78 -0.32
N GLU F 421 40.60 49.11 0.36
CA GLU F 421 40.53 47.65 0.28
C GLU F 421 40.26 47.18 -1.14
N ILE F 422 39.31 47.83 -1.81
CA ILE F 422 39.01 47.49 -3.20
C ILE F 422 40.01 48.22 -4.10
N TYR F 423 40.73 47.47 -4.92
CA TYR F 423 41.77 48.05 -5.75
C TYR F 423 41.21 48.66 -7.02
N GLY F 424 41.82 49.75 -7.46
CA GLY F 424 41.41 50.39 -8.70
C GLY F 424 40.06 51.08 -8.59
N ASN F 425 39.40 51.23 -9.74
CA ASN F 425 38.08 51.85 -9.84
C ASN F 425 38.10 53.29 -9.31
N LEU F 426 38.92 54.12 -9.97
CA LEU F 426 39.05 55.51 -9.55
C LEU F 426 37.83 56.33 -9.92
N ASP F 427 37.32 56.15 -11.15
CA ASP F 427 36.22 57.00 -11.62
C ASP F 427 34.93 56.71 -10.87
N VAL F 428 34.73 55.46 -10.42
CA VAL F 428 33.58 55.16 -9.59
C VAL F 428 33.64 55.96 -8.30
N LYS F 429 34.83 56.05 -7.71
CA LYS F 429 34.99 56.83 -6.48
C LYS F 429 34.81 58.33 -6.75
N LYS F 430 35.25 58.80 -7.92
CA LYS F 430 34.99 60.19 -8.28
C LYS F 430 33.50 60.47 -8.38
N ALA F 431 32.75 59.55 -9.01
CA ALA F 431 31.30 59.69 -9.06
C ALA F 431 30.69 59.64 -7.67
N LEU F 432 31.26 58.83 -6.77
CA LEU F 432 30.77 58.80 -5.39
C LEU F 432 30.97 60.14 -4.70
N LEU F 433 32.15 60.75 -4.89
CA LEU F 433 32.39 62.11 -4.40
C LEU F 433 31.33 63.07 -4.92
N LEU F 434 31.09 63.05 -6.22
CA LEU F 434 30.12 63.97 -6.79
C LEU F 434 28.69 63.65 -6.36
N LEU F 435 28.42 62.41 -5.95
CA LEU F 435 27.11 62.08 -5.41
C LEU F 435 26.95 62.58 -3.98
N LEU F 436 28.03 62.59 -3.20
CA LEU F 436 27.93 62.96 -1.79
C LEU F 436 27.66 64.46 -1.59
N VAL F 437 28.00 65.30 -2.56
CA VAL F 437 27.81 66.74 -2.39
C VAL F 437 26.40 67.16 -2.76
N GLY F 438 25.83 66.55 -3.78
CA GLY F 438 24.50 66.93 -4.25
C GLY F 438 24.57 67.92 -5.39
N GLY F 439 23.51 67.91 -6.22
CA GLY F 439 23.43 68.77 -7.37
C GLY F 439 22.70 70.08 -7.08
N VAL F 440 22.30 70.75 -8.15
CA VAL F 440 21.60 72.02 -8.03
C VAL F 440 20.22 71.79 -7.42
N ASP F 441 19.80 72.70 -6.56
CA ASP F 441 18.61 72.51 -5.74
C ASP F 441 17.97 73.87 -5.48
N LYS F 442 17.14 73.94 -4.45
CA LYS F 442 16.48 75.17 -3.97
C LYS F 442 15.74 75.90 -5.09
N ARG F 443 15.08 75.11 -5.96
CA ARG F 443 14.04 75.60 -6.86
C ARG F 443 14.53 76.63 -7.87
N VAL F 444 13.61 77.08 -8.73
CA VAL F 444 13.85 78.17 -9.66
C VAL F 444 12.64 79.09 -9.63
N GLY F 445 12.61 80.09 -10.51
CA GLY F 445 11.45 80.95 -10.59
C GLY F 445 10.20 80.19 -10.99
N ASP F 446 9.05 80.75 -10.60
CA ASP F 446 7.72 80.19 -10.81
C ASP F 446 7.50 78.91 -10.00
N GLY F 447 8.38 78.61 -9.05
CA GLY F 447 8.18 77.48 -8.17
C GLY F 447 8.45 76.12 -8.79
N MET F 448 9.05 76.07 -9.97
CA MET F 448 9.27 74.80 -10.65
C MET F 448 10.22 73.92 -9.86
N LYS F 449 9.93 72.62 -9.82
CA LYS F 449 10.65 71.70 -8.95
C LYS F 449 11.96 71.26 -9.58
N ILE F 450 13.04 71.37 -8.80
CA ILE F 450 14.33 70.80 -9.16
C ILE F 450 14.96 70.22 -7.90
N ARG F 451 15.66 69.10 -8.03
CA ARG F 451 16.27 68.40 -6.91
C ARG F 451 17.78 68.35 -7.08
N GLY F 452 18.49 68.45 -5.96
CA GLY F 452 19.93 68.28 -5.95
C GLY F 452 20.39 66.85 -5.85
N ASP F 453 19.46 65.91 -5.72
CA ASP F 453 19.81 64.51 -5.60
C ASP F 453 20.21 63.93 -6.95
N ILE F 454 21.17 63.02 -6.94
CA ILE F 454 21.71 62.40 -8.15
C ILE F 454 21.41 60.91 -8.10
N ASN F 455 20.91 60.38 -9.20
CA ASN F 455 20.56 58.96 -9.30
C ASN F 455 21.58 58.27 -10.20
N VAL F 456 22.45 57.47 -9.59
CA VAL F 456 23.50 56.75 -10.30
C VAL F 456 23.31 55.26 -10.01
N CYS F 457 23.34 54.45 -11.07
CA CYS F 457 23.17 53.02 -10.95
C CYS F 457 24.47 52.32 -11.33
N LEU F 458 24.91 51.40 -10.47
CA LEU F 458 26.12 50.62 -10.72
C LEU F 458 25.75 49.31 -11.38
N MET F 459 26.50 48.94 -12.42
CA MET F 459 26.21 47.77 -13.22
C MET F 459 27.51 47.01 -13.47
N GLY F 460 27.47 45.70 -13.36
CA GLY F 460 28.66 44.92 -13.63
C GLY F 460 28.51 43.47 -13.24
N ASP F 461 29.57 42.72 -13.50
CA ASP F 461 29.59 41.29 -13.26
C ASP F 461 29.65 40.99 -11.77
N PRO F 462 29.21 39.79 -11.36
CA PRO F 462 29.41 39.37 -9.98
C PRO F 462 30.89 39.20 -9.68
N GLY F 463 31.24 39.40 -8.41
CA GLY F 463 32.63 39.30 -8.01
C GLY F 463 33.47 40.51 -8.36
N VAL F 464 32.85 41.68 -8.45
CA VAL F 464 33.56 42.93 -8.72
C VAL F 464 33.63 43.81 -7.49
N ALA F 465 33.09 43.36 -6.36
CA ALA F 465 33.10 44.09 -5.09
C ALA F 465 32.43 45.45 -5.21
N LYS F 466 31.36 45.51 -6.00
CA LYS F 466 30.52 46.70 -5.97
C LYS F 466 29.68 46.76 -4.70
N SER F 467 29.24 45.61 -4.20
CA SER F 467 28.52 45.57 -2.93
C SER F 467 29.40 46.04 -1.79
N GLN F 468 30.69 45.65 -1.79
CA GLN F 468 31.59 46.07 -0.73
C GLN F 468 31.84 47.57 -0.78
N LEU F 469 31.98 48.13 -1.98
CA LEU F 469 32.11 49.58 -2.10
C LEU F 469 30.84 50.28 -1.63
N LEU F 470 29.68 49.70 -1.93
CA LEU F 470 28.43 50.26 -1.44
C LEU F 470 28.38 50.24 0.09
N LYS F 471 28.85 49.14 0.69
CA LYS F 471 28.91 49.06 2.14
C LYS F 471 29.84 50.12 2.72
N ALA F 472 30.98 50.34 2.07
CA ALA F 472 31.90 51.36 2.52
C ALA F 472 31.25 52.75 2.44
N ILE F 473 30.53 53.02 1.35
CA ILE F 473 29.83 54.30 1.23
C ILE F 473 28.78 54.45 2.32
N CYS F 474 28.04 53.37 2.59
CA CYS F 474 27.03 53.42 3.64
C CYS F 474 27.67 53.71 4.99
N LYS F 475 28.85 53.12 5.24
CA LYS F 475 29.57 53.40 6.48
C LYS F 475 30.02 54.86 6.54
N ILE F 476 30.49 55.41 5.42
CA ILE F 476 31.07 56.75 5.43
C ILE F 476 30.02 57.85 5.41
N SER F 477 28.76 57.51 5.12
CA SER F 477 27.72 58.52 5.08
C SER F 477 26.80 58.39 6.30
N PRO F 478 26.29 59.51 6.82
CA PRO F 478 25.44 59.45 8.01
C PRO F 478 23.99 59.07 7.71
N ARG F 479 23.49 59.45 6.55
CA ARG F 479 22.10 59.22 6.18
C ARG F 479 21.90 57.98 5.32
N GLY F 480 22.95 57.20 5.09
CA GLY F 480 22.83 56.07 4.19
C GLY F 480 21.95 54.97 4.77
N VAL F 481 21.10 54.41 3.92
CA VAL F 481 20.29 53.24 4.24
C VAL F 481 20.57 52.17 3.21
N TYR F 482 20.81 50.94 3.67
CA TYR F 482 21.20 49.83 2.81
C TYR F 482 20.06 48.84 2.68
N THR F 483 19.76 48.45 1.45
CA THR F 483 18.72 47.47 1.16
C THR F 483 19.24 46.47 0.14
N THR F 484 18.62 45.30 0.13
CA THR F 484 18.99 44.24 -0.80
C THR F 484 17.77 43.38 -1.08
N GLY F 485 17.97 42.35 -1.90
CA GLY F 485 16.86 41.52 -2.35
C GLY F 485 16.19 40.68 -1.28
N LYS F 486 14.97 41.05 -0.92
CA LYS F 486 14.12 40.29 -0.02
C LYS F 486 14.76 40.03 1.35
N GLY F 487 14.16 39.12 2.11
CA GLY F 487 14.56 38.85 3.48
C GLY F 487 13.59 39.38 4.52
N SER F 488 12.84 40.42 4.19
CA SER F 488 11.82 40.97 5.06
C SER F 488 10.83 41.75 4.21
N SER F 489 9.66 42.03 4.79
CA SER F 489 8.60 42.72 4.08
C SER F 489 8.34 44.14 4.58
N GLY F 490 9.01 44.56 5.66
CA GLY F 490 8.84 45.89 6.20
C GLY F 490 9.77 46.94 5.64
N VAL F 491 10.53 46.63 4.60
CA VAL F 491 11.51 47.58 4.08
C VAL F 491 10.82 48.78 3.44
N GLY F 492 9.70 48.57 2.76
CA GLY F 492 9.06 49.64 2.03
C GLY F 492 7.55 49.58 2.13
N LEU F 493 6.93 50.71 1.80
CA LEU F 493 5.48 50.87 1.67
C LEU F 493 4.75 50.87 3.01
N THR F 494 5.47 50.61 4.10
CA THR F 494 4.87 50.58 5.42
C THR F 494 5.79 51.26 6.42
N ALA F 495 5.21 52.07 7.30
CA ALA F 495 5.98 52.71 8.35
C ALA F 495 6.35 51.69 9.42
N ALA F 496 7.43 52.00 10.14
CA ALA F 496 7.96 51.10 11.15
C ALA F 496 7.05 50.97 12.37
N VAL F 497 6.04 51.83 12.49
CA VAL F 497 5.19 51.84 13.66
C VAL F 497 3.84 51.14 13.39
N MET F 498 3.78 50.34 12.32
CA MET F 498 2.58 49.59 11.97
C MET F 498 2.24 48.56 13.05
N LYS F 499 1.10 48.75 13.75
CA LYS F 499 0.63 47.82 14.78
C LYS F 499 1.66 47.64 15.89
N ASP F 500 2.45 48.67 16.14
CA ASP F 500 3.54 48.60 17.12
C ASP F 500 3.09 48.74 18.58
N PRO F 501 2.25 49.73 18.93
CA PRO F 501 1.94 49.92 20.35
C PRO F 501 1.21 48.72 20.94
N VAL F 502 1.42 48.52 22.25
CA VAL F 502 0.77 47.43 22.96
C VAL F 502 -0.75 47.56 22.88
N THR F 503 -1.25 48.78 22.76
CA THR F 503 -2.68 49.00 22.59
C THR F 503 -3.13 48.81 21.15
N ASP F 504 -2.19 48.65 20.21
CA ASP F 504 -2.49 48.46 18.79
C ASP F 504 -3.37 49.61 18.27
N GLU F 505 -2.78 50.80 18.28
CA GLU F 505 -3.49 52.02 17.89
C GLU F 505 -3.48 52.25 16.38
N MET F 506 -2.94 51.32 15.60
CA MET F 506 -2.85 51.46 14.14
C MET F 506 -2.09 52.73 13.76
N ILE F 507 -0.99 53.00 14.46
CA ILE F 507 -0.18 54.16 14.18
C ILE F 507 0.52 53.98 12.83
N LEU F 508 0.37 54.96 11.95
CA LEU F 508 0.91 54.85 10.60
C LEU F 508 0.95 56.23 9.96
N GLU F 509 1.71 56.34 8.88
CA GLU F 509 1.74 57.55 8.06
C GLU F 509 1.17 57.34 6.65
N GLY F 510 1.06 56.10 6.20
CA GLY F 510 0.57 55.83 4.86
C GLY F 510 1.69 55.52 3.88
N GLY F 511 1.79 56.31 2.82
CA GLY F 511 2.84 56.11 1.84
C GLY F 511 4.15 56.76 2.24
N ALA F 512 5.12 55.93 2.62
CA ALA F 512 6.42 56.44 3.05
C ALA F 512 7.46 55.34 2.90
N LEU F 513 8.72 55.75 2.92
CA LEU F 513 9.87 54.85 2.88
C LEU F 513 10.72 55.06 4.12
N VAL F 514 11.89 54.41 4.14
CA VAL F 514 12.78 54.45 5.28
C VAL F 514 13.66 55.70 5.19
N LEU F 515 13.36 56.68 6.06
CA LEU F 515 14.14 57.92 6.18
C LEU F 515 14.44 58.56 4.82
N ALA F 516 13.44 58.54 3.94
CA ALA F 516 13.63 59.00 2.57
C ALA F 516 13.94 60.50 2.48
N ASP F 517 13.61 61.27 3.51
CA ASP F 517 13.89 62.70 3.49
C ASP F 517 15.40 62.91 3.66
N ASN F 518 16.06 63.34 2.59
CA ASN F 518 17.51 63.60 2.59
C ASN F 518 18.29 62.37 3.03
N GLY F 519 17.83 61.20 2.59
CA GLY F 519 18.54 59.96 2.81
C GLY F 519 19.27 59.50 1.57
N ILE F 520 20.08 58.47 1.74
CA ILE F 520 20.84 57.87 0.65
C ILE F 520 20.40 56.42 0.53
N CYS F 521 19.56 56.13 -0.46
CA CYS F 521 18.99 54.79 -0.62
C CYS F 521 20.00 53.92 -1.36
N CYS F 522 20.69 53.06 -0.61
CA CYS F 522 21.64 52.11 -1.19
C CYS F 522 20.93 50.77 -1.36
N ILE F 523 20.90 50.27 -2.59
CA ILE F 523 20.18 49.06 -2.93
C ILE F 523 21.13 48.09 -3.61
N ASP F 524 21.06 46.82 -3.20
CA ASP F 524 21.77 45.74 -3.86
C ASP F 524 20.75 44.78 -4.47
N GLU F 525 21.13 44.18 -5.60
CA GLU F 525 20.25 43.31 -6.38
C GLU F 525 18.97 44.08 -6.78
N PHE F 526 19.21 45.11 -7.60
CA PHE F 526 18.12 45.97 -8.08
C PHE F 526 17.17 45.25 -9.02
N ASP F 527 17.52 44.05 -9.49
CA ASP F 527 16.63 43.26 -10.33
C ASP F 527 15.95 42.14 -9.57
N LYS F 528 15.97 42.19 -8.24
CA LYS F 528 15.43 41.12 -7.42
C LYS F 528 14.08 41.43 -6.79
N MET F 529 13.81 42.68 -6.43
CA MET F 529 12.61 43.00 -5.67
C MET F 529 11.35 42.79 -6.51
N ASP F 530 10.22 42.77 -5.82
CA ASP F 530 8.93 42.47 -6.42
C ASP F 530 8.38 43.71 -7.11
N GLU F 531 7.09 43.66 -7.48
CA GLU F 531 6.47 44.79 -8.14
C GLU F 531 6.13 45.91 -7.17
N SER F 532 5.91 45.60 -5.89
CA SER F 532 5.53 46.63 -4.93
C SER F 532 6.70 47.58 -4.67
N ASP F 533 7.88 47.03 -4.39
CA ASP F 533 9.05 47.87 -4.19
C ASP F 533 9.43 48.60 -5.46
N ARG F 534 9.24 47.96 -6.62
CA ARG F 534 9.49 48.64 -7.88
C ARG F 534 8.54 49.82 -8.08
N THR F 535 7.26 49.65 -7.72
CA THR F 535 6.32 50.76 -7.81
C THR F 535 6.72 51.89 -6.87
N ALA F 536 7.17 51.52 -5.66
CA ALA F 536 7.60 52.54 -4.71
C ALA F 536 8.79 53.34 -5.27
N ILE F 537 9.75 52.64 -5.88
CA ILE F 537 10.93 53.34 -6.37
C ILE F 537 10.65 54.11 -7.65
N HIS F 538 9.63 53.73 -8.44
CA HIS F 538 9.15 54.63 -9.48
C HIS F 538 8.44 55.84 -8.88
N GLU F 539 7.78 55.69 -7.73
CA GLU F 539 7.07 56.81 -7.13
C GLU F 539 8.01 57.79 -6.42
N VAL F 540 9.19 57.35 -6.00
CA VAL F 540 10.13 58.24 -5.31
C VAL F 540 10.87 59.08 -6.36
N MET F 541 10.46 58.94 -7.63
CA MET F 541 11.18 59.61 -8.71
C MET F 541 11.22 61.12 -8.53
N GLU F 542 12.36 61.71 -8.87
CA GLU F 542 12.53 63.16 -9.01
C GLU F 542 11.82 63.94 -7.91
N GLN F 543 12.23 63.67 -6.68
CA GLN F 543 11.73 64.31 -5.46
C GLN F 543 10.19 64.36 -5.42
N GLN F 544 9.54 63.35 -5.96
CA GLN F 544 8.09 63.21 -5.84
C GLN F 544 7.76 62.51 -4.53
N THR F 545 6.78 63.04 -3.81
CA THR F 545 6.38 62.47 -2.54
C THR F 545 5.59 61.19 -2.76
N ILE F 546 5.40 60.44 -1.68
CA ILE F 546 4.71 59.15 -1.71
C ILE F 546 3.34 59.32 -1.09
N SER F 547 2.29 59.15 -1.88
CA SER F 547 0.92 59.46 -1.48
C SER F 547 0.02 58.25 -1.68
N ILE F 548 0.45 57.09 -1.20
CA ILE F 548 -0.35 55.88 -1.26
C ILE F 548 -1.23 55.81 -0.02
N SER F 549 -2.52 55.56 -0.21
CA SER F 549 -3.50 55.56 0.86
C SER F 549 -4.18 54.20 0.97
N LYS F 550 -4.51 53.83 2.20
CA LYS F 550 -5.18 52.56 2.47
C LYS F 550 -6.43 52.74 3.34
N ALA F 551 -6.42 53.66 4.28
CA ALA F 551 -7.53 53.85 5.21
C ALA F 551 -7.81 55.34 5.41
N GLY F 552 -7.81 56.10 4.32
CA GLY F 552 -8.05 57.52 4.39
C GLY F 552 -6.87 58.36 4.80
N ILE F 553 -5.72 57.74 5.09
CA ILE F 553 -4.52 58.47 5.44
C ILE F 553 -3.92 59.10 4.18
N ASN F 554 -3.54 60.36 4.28
CA ASN F 554 -2.93 61.05 3.15
C ASN F 554 -1.73 61.89 3.57
N THR F 555 -1.15 61.62 4.74
CA THR F 555 0.05 62.33 5.17
C THR F 555 1.23 61.79 4.38
N THR F 556 1.48 62.38 3.21
CA THR F 556 2.55 61.91 2.35
C THR F 556 3.91 62.26 2.94
N LEU F 557 4.89 61.41 2.66
CA LEU F 557 6.27 61.65 3.07
C LEU F 557 7.00 62.42 1.98
N ASN F 558 7.68 63.49 2.36
CA ASN F 558 8.40 64.31 1.39
C ASN F 558 9.65 63.57 0.93
N ALA F 559 9.50 62.77 -0.12
CA ALA F 559 10.58 61.92 -0.60
C ALA F 559 11.58 62.77 -1.38
N ARG F 560 12.74 63.03 -0.78
CA ARG F 560 13.85 63.73 -1.42
C ARG F 560 15.13 62.98 -1.04
N THR F 561 15.51 62.01 -1.87
CA THR F 561 16.67 61.18 -1.58
C THR F 561 17.47 60.92 -2.85
N SER F 562 18.75 60.66 -2.68
CA SER F 562 19.61 60.26 -3.78
C SER F 562 19.60 58.74 -3.89
N ILE F 563 19.47 58.23 -5.12
CA ILE F 563 19.35 56.81 -5.37
C ILE F 563 20.68 56.28 -5.88
N LEU F 564 21.22 55.27 -5.20
CA LEU F 564 22.41 54.56 -5.63
C LEU F 564 22.13 53.07 -5.48
N ALA F 565 22.07 52.36 -6.60
CA ALA F 565 21.71 50.95 -6.60
C ALA F 565 22.67 50.17 -7.49
N ALA F 566 22.92 48.93 -7.08
CA ALA F 566 23.77 48.00 -7.82
C ALA F 566 22.93 46.82 -8.28
N ALA F 567 23.05 46.48 -9.56
CA ALA F 567 22.31 45.38 -10.15
C ALA F 567 23.25 44.51 -10.95
N ASN F 568 22.89 43.24 -11.06
CA ASN F 568 23.69 42.27 -11.80
C ASN F 568 22.97 41.83 -13.06
N PRO F 569 23.71 41.50 -14.13
CA PRO F 569 23.04 41.05 -15.36
C PRO F 569 22.31 39.73 -15.15
N LEU F 570 21.22 39.56 -15.89
CA LEU F 570 20.44 38.34 -15.77
C LEU F 570 21.18 37.13 -16.32
N TYR F 571 22.23 37.33 -17.12
CA TYR F 571 23.09 36.25 -17.57
C TYR F 571 24.30 36.03 -16.66
N GLY F 572 24.56 36.94 -15.74
CA GLY F 572 25.73 36.83 -14.89
C GLY F 572 27.03 37.21 -15.55
N ARG F 573 26.99 37.74 -16.77
CA ARG F 573 28.18 38.09 -17.51
C ARG F 573 27.79 39.04 -18.64
N TYR F 574 28.78 39.77 -19.15
CA TYR F 574 28.52 40.65 -20.27
C TYR F 574 28.28 39.83 -21.53
N ASN F 575 27.70 40.48 -22.54
CA ASN F 575 27.26 39.76 -23.72
C ASN F 575 27.80 40.41 -24.98
N PRO F 576 28.12 39.60 -25.99
CA PRO F 576 28.59 40.18 -27.26
C PRO F 576 27.48 40.87 -28.04
N ARG F 577 26.24 40.42 -27.91
CA ARG F 577 25.12 41.05 -28.59
C ARG F 577 24.68 42.31 -27.84
N LEU F 578 23.66 42.97 -28.39
CA LEU F 578 23.29 44.32 -27.96
C LEU F 578 22.91 44.34 -26.48
N SER F 579 23.34 45.41 -25.79
CA SER F 579 23.15 45.56 -24.37
C SER F 579 21.74 46.02 -23.97
N PRO F 580 21.11 46.98 -24.67
CA PRO F 580 19.77 47.41 -24.23
C PRO F 580 18.74 46.30 -24.25
N LEU F 581 18.84 45.35 -25.18
CA LEU F 581 17.95 44.19 -25.13
C LEU F 581 18.36 43.25 -24.01
N ASP F 582 19.66 43.10 -23.76
CA ASP F 582 20.11 42.35 -22.60
C ASP F 582 19.74 43.07 -21.31
N ASN F 583 20.07 44.36 -21.23
CA ASN F 583 19.69 45.26 -20.15
C ASN F 583 19.79 44.62 -18.77
N ILE F 584 18.85 44.96 -17.89
CA ILE F 584 18.89 44.49 -16.50
C ILE F 584 17.49 43.96 -16.18
N ASN F 585 16.69 43.75 -17.23
CA ASN F 585 15.25 43.49 -17.07
C ASN F 585 14.59 44.62 -16.29
N LEU F 586 14.83 45.85 -16.74
CA LEU F 586 14.33 47.06 -16.11
C LEU F 586 13.62 47.92 -17.13
N PRO F 587 12.61 48.68 -16.70
CA PRO F 587 11.91 49.57 -17.65
C PRO F 587 12.86 50.61 -18.23
N ALA F 588 12.64 50.92 -19.52
CA ALA F 588 13.46 51.94 -20.16
C ALA F 588 13.22 53.32 -19.56
N ALA F 589 12.00 53.58 -19.09
CA ALA F 589 11.72 54.86 -18.43
C ALA F 589 12.54 54.99 -17.15
N LEU F 590 12.60 53.92 -16.35
CA LEU F 590 13.40 53.96 -15.13
C LEU F 590 14.87 54.11 -15.45
N LEU F 591 15.34 53.44 -16.51
CA LEU F 591 16.74 53.58 -16.92
C LEU F 591 17.05 55.02 -17.33
N SER F 592 16.15 55.64 -18.10
CA SER F 592 16.37 57.02 -18.52
C SER F 592 16.26 57.99 -17.35
N ARG F 593 15.58 57.61 -16.27
CA ARG F 593 15.48 58.49 -15.11
C ARG F 593 16.86 58.71 -14.48
N PHE F 594 17.67 57.65 -14.43
CA PHE F 594 18.96 57.74 -13.74
C PHE F 594 19.86 58.77 -14.41
N ASP F 595 20.68 59.44 -13.59
CA ASP F 595 21.56 60.48 -14.11
C ASP F 595 22.82 59.90 -14.74
N ILE F 596 23.41 58.87 -14.12
CA ILE F 596 24.66 58.29 -14.61
C ILE F 596 24.55 56.77 -14.53
N LEU F 597 24.91 56.11 -15.63
CA LEU F 597 25.02 54.66 -15.69
C LEU F 597 26.48 54.28 -15.90
N PHE F 598 27.00 53.42 -15.03
CA PHE F 598 28.39 53.00 -15.11
C PHE F 598 28.46 51.48 -15.13
N LEU F 599 29.49 50.95 -15.78
CA LEU F 599 29.66 49.52 -15.97
C LEU F 599 30.94 49.03 -15.33
N MET F 600 30.90 47.77 -14.87
CA MET F 600 32.08 47.08 -14.33
C MET F 600 32.20 45.75 -15.07
N LEU F 601 33.01 45.72 -16.12
CA LEU F 601 33.17 44.54 -16.95
C LEU F 601 34.49 43.86 -16.61
N ASP F 602 34.42 42.57 -16.28
CA ASP F 602 35.62 41.80 -15.94
C ASP F 602 36.38 41.47 -17.22
N ILE F 603 37.57 42.02 -17.36
CA ILE F 603 38.42 41.80 -18.52
C ILE F 603 39.58 40.91 -18.10
N PRO F 604 39.63 39.65 -18.55
CA PRO F 604 40.76 38.78 -18.19
C PRO F 604 42.05 39.30 -18.80
N SER F 605 42.99 39.68 -17.94
CA SER F 605 44.25 40.22 -18.38
C SER F 605 45.30 39.97 -17.32
N ARG F 606 46.57 40.09 -17.72
CA ARG F 606 47.66 39.82 -16.79
C ARG F 606 47.98 41.03 -15.93
N ASP F 607 48.14 42.20 -16.57
CA ASP F 607 48.70 43.36 -15.89
C ASP F 607 47.76 43.93 -14.83
N ASP F 608 46.47 43.60 -14.87
CA ASP F 608 45.54 44.05 -13.85
C ASP F 608 45.28 42.99 -12.78
N ASP F 609 45.12 41.73 -13.17
CA ASP F 609 44.94 40.67 -12.20
C ASP F 609 46.17 40.50 -11.32
N GLU F 610 47.36 40.73 -11.88
CA GLU F 610 48.57 40.69 -11.06
C GLU F 610 48.50 41.69 -9.92
N LYS F 611 48.19 42.95 -10.24
CA LYS F 611 48.11 43.98 -9.22
C LYS F 611 47.00 43.69 -8.22
N LEU F 612 45.83 43.25 -8.70
CA LEU F 612 44.73 42.97 -7.80
C LEU F 612 45.08 41.85 -6.82
N ALA F 613 45.67 40.77 -7.34
CA ALA F 613 46.06 39.65 -6.49
C ALA F 613 47.13 40.08 -5.50
N GLU F 614 48.10 40.88 -5.95
CA GLU F 614 49.14 41.35 -5.05
C GLU F 614 48.56 42.18 -3.92
N HIS F 615 47.64 43.09 -4.24
CA HIS F 615 47.04 43.92 -3.20
C HIS F 615 46.23 43.09 -2.23
N VAL F 616 45.44 42.14 -2.73
CA VAL F 616 44.61 41.33 -1.84
C VAL F 616 45.48 40.47 -0.92
N THR F 617 46.52 39.85 -1.47
CA THR F 617 47.38 39.01 -0.63
C THR F 617 48.18 39.84 0.37
N TYR F 618 48.60 41.05 -0.01
CA TYR F 618 49.30 41.90 0.94
C TYR F 618 48.38 42.36 2.05
N VAL F 619 47.11 42.60 1.72
CA VAL F 619 46.12 42.89 2.76
C VAL F 619 45.98 41.70 3.69
N HIS F 620 45.93 40.49 3.13
CA HIS F 620 45.79 39.30 3.95
C HIS F 620 46.98 39.11 4.87
N MET F 621 48.19 39.41 4.38
CA MET F 621 49.39 39.13 5.17
C MET F 621 49.48 40.04 6.40
N HIS F 622 49.17 41.33 6.23
CA HIS F 622 49.33 42.28 7.31
C HIS F 622 48.18 42.29 8.32
N ASN F 623 47.05 41.65 7.99
CA ASN F 623 45.86 41.61 8.85
C ASN F 623 45.33 43.01 9.16
N LYS F 624 45.79 44.02 8.44
CA LYS F 624 45.36 45.40 8.65
C LYS F 624 45.23 46.06 7.29
N GLN F 625 44.99 47.36 7.29
CA GLN F 625 45.15 48.15 6.08
C GLN F 625 46.63 48.47 5.90
N PRO F 626 47.29 47.95 4.86
CA PRO F 626 48.75 48.07 4.79
C PRO F 626 49.20 49.49 4.54
N ASP F 627 50.48 49.73 4.86
CA ASP F 627 51.11 50.99 4.51
C ASP F 627 51.28 51.16 3.02
N LEU F 628 51.00 50.12 2.24
CA LEU F 628 50.93 50.24 0.79
C LEU F 628 50.00 51.37 0.38
N ASP F 629 48.89 51.52 1.08
CA ASP F 629 47.99 52.63 0.82
C ASP F 629 48.64 53.96 1.18
N PHE F 630 48.30 55.01 0.42
CA PHE F 630 48.87 56.34 0.59
C PHE F 630 47.71 57.34 0.57
N THR F 631 47.13 57.60 1.74
CA THR F 631 45.97 58.48 1.85
C THR F 631 46.26 59.56 2.89
N PRO F 632 46.34 60.83 2.52
CA PRO F 632 46.55 61.88 3.52
C PRO F 632 45.32 62.21 4.34
N VAL F 633 44.14 61.77 3.91
CA VAL F 633 42.88 62.20 4.52
C VAL F 633 42.15 60.98 5.07
N GLU F 634 41.36 61.20 6.12
CA GLU F 634 40.82 60.14 6.96
C GLU F 634 39.30 60.19 7.01
N PRO F 635 38.63 59.07 7.34
CA PRO F 635 37.16 59.03 7.28
C PRO F 635 36.46 60.11 8.08
N SER F 636 36.93 60.41 9.29
CA SER F 636 36.39 61.54 10.03
C SER F 636 36.63 62.84 9.29
N LYS F 637 37.81 62.97 8.69
CA LYS F 637 38.14 64.16 7.93
C LYS F 637 37.21 64.31 6.71
N MET F 638 36.93 63.21 6.01
CA MET F 638 35.96 63.27 4.93
C MET F 638 34.58 63.67 5.44
N ARG F 639 34.17 63.08 6.58
CA ARG F 639 32.85 63.39 7.11
C ARG F 639 32.72 64.87 7.47
N GLU F 640 33.81 65.46 7.96
CA GLU F 640 33.79 66.90 8.23
C GLU F 640 33.74 67.70 6.92
N TYR F 641 34.61 67.36 5.98
CA TYR F 641 34.75 68.19 4.79
C TYR F 641 33.54 68.10 3.88
N ILE F 642 32.82 66.98 3.86
CA ILE F 642 31.63 66.88 3.03
C ILE F 642 30.56 67.85 3.52
N ALA F 643 30.34 67.89 4.83
CA ALA F 643 29.40 68.85 5.39
C ALA F 643 29.87 70.27 5.15
N TYR F 644 31.18 70.51 5.28
CA TYR F 644 31.71 71.84 5.00
C TYR F 644 31.42 72.27 3.56
N ALA F 645 31.69 71.38 2.60
CA ALA F 645 31.49 71.71 1.20
C ALA F 645 30.02 71.90 0.88
N LYS F 646 29.15 71.06 1.46
CA LYS F 646 27.72 71.24 1.25
C LYS F 646 27.24 72.56 1.84
N THR F 647 27.85 73.01 2.93
CA THR F 647 27.44 74.26 3.56
C THR F 647 27.68 75.46 2.66
N LYS F 648 28.80 75.45 1.92
CA LYS F 648 29.17 76.62 1.10
C LYS F 648 28.09 76.94 0.08
N ARG F 649 27.66 75.95 -0.70
CA ARG F 649 26.55 76.06 -1.62
C ARG F 649 26.73 77.18 -2.64
N PRO F 650 27.66 77.03 -3.59
CA PRO F 650 27.79 78.04 -4.65
C PRO F 650 26.55 78.12 -5.54
N VAL F 651 26.36 79.28 -6.15
CA VAL F 651 25.22 79.52 -7.00
C VAL F 651 25.64 79.40 -8.46
N MET F 652 24.64 79.34 -9.35
CA MET F 652 24.88 79.10 -10.77
C MET F 652 25.38 80.36 -11.47
N SER F 653 26.29 80.17 -12.42
CA SER F 653 26.83 81.24 -13.25
C SER F 653 26.18 81.19 -14.63
N GLU F 654 25.74 82.36 -15.11
CA GLU F 654 24.93 82.41 -16.32
C GLU F 654 25.73 81.98 -17.55
N ALA F 655 26.99 82.38 -17.64
CA ALA F 655 27.73 82.30 -18.90
C ALA F 655 27.87 80.88 -19.41
N VAL F 656 27.66 79.87 -18.56
CA VAL F 656 27.72 78.48 -19.01
C VAL F 656 26.56 78.10 -19.91
N ASN F 657 25.60 79.01 -20.11
CA ASN F 657 24.39 78.68 -20.86
C ASN F 657 24.72 78.25 -22.28
N ASP F 658 25.48 79.07 -23.00
CA ASP F 658 25.80 78.75 -24.40
C ASP F 658 26.59 77.46 -24.50
N TYR F 659 27.55 77.28 -23.60
CA TYR F 659 28.40 76.09 -23.65
C TYR F 659 27.58 74.83 -23.43
N VAL F 660 26.68 74.84 -22.44
CA VAL F 660 25.87 73.66 -22.20
C VAL F 660 24.84 73.46 -23.32
N VAL F 661 24.36 74.55 -23.92
CA VAL F 661 23.43 74.41 -25.04
C VAL F 661 24.11 73.74 -26.22
N GLN F 662 25.32 74.16 -26.56
CA GLN F 662 26.02 73.52 -27.67
C GLN F 662 26.45 72.11 -27.32
N ALA F 663 26.75 71.84 -26.04
CA ALA F 663 27.02 70.47 -25.62
C ALA F 663 25.80 69.58 -25.82
N TYR F 664 24.62 70.08 -25.45
CA TYR F 664 23.40 69.30 -25.68
C TYR F 664 23.10 69.19 -27.16
N ILE F 665 23.50 70.18 -27.95
CA ILE F 665 23.34 70.09 -29.41
C ILE F 665 24.16 68.94 -29.96
N ARG F 666 25.41 68.82 -29.50
CA ARG F 666 26.23 67.69 -29.94
C ARG F 666 25.74 66.36 -29.36
N LEU F 667 25.11 66.39 -28.18
CA LEU F 667 24.52 65.16 -27.65
C LEU F 667 23.32 64.73 -28.48
N ARG F 668 22.53 65.69 -28.96
CA ARG F 668 21.46 65.35 -29.89
C ARG F 668 22.03 64.91 -31.24
N GLN F 669 23.18 65.45 -31.62
CA GLN F 669 23.89 64.93 -32.78
C GLN F 669 24.24 63.46 -32.58
N ASP F 670 24.67 63.11 -31.36
CA ASP F 670 24.87 61.70 -31.02
C ASP F 670 23.58 60.90 -31.17
N SER F 671 22.46 61.47 -30.69
CA SER F 671 21.17 60.81 -30.85
C SER F 671 20.82 60.63 -32.32
N LYS F 672 21.34 61.49 -33.19
CA LYS F 672 21.21 61.28 -34.63
C LYS F 672 21.97 60.06 -35.12
N ARG F 673 22.82 59.47 -34.28
CA ARG F 673 23.56 58.27 -34.62
C ARG F 673 23.17 57.07 -33.76
N GLU F 674 22.16 57.21 -32.90
CA GLU F 674 21.83 56.12 -31.98
C GLU F 674 21.05 55.00 -32.65
N MET F 675 20.60 55.18 -33.89
CA MET F 675 20.00 54.09 -34.63
C MET F 675 21.04 53.18 -35.28
N ASP F 676 22.32 53.55 -35.22
CA ASP F 676 23.38 52.65 -35.66
C ASP F 676 23.47 51.42 -34.79
N SER F 677 22.92 51.47 -33.58
CA SER F 677 22.85 50.34 -32.66
C SER F 677 24.23 49.84 -32.25
N LYS F 678 24.30 48.59 -31.81
CA LYS F 678 25.45 47.92 -31.22
C LYS F 678 25.68 48.44 -29.80
N PHE F 679 25.01 49.55 -29.48
CA PHE F 679 24.67 49.99 -28.13
C PHE F 679 23.76 51.20 -28.28
N SER F 680 22.62 51.20 -27.60
CA SER F 680 21.58 52.20 -27.81
C SER F 680 21.31 53.00 -26.54
N PHE F 681 22.38 53.39 -25.84
CA PHE F 681 22.26 54.25 -24.69
C PHE F 681 22.48 55.73 -25.01
N GLY F 682 22.76 56.05 -26.28
CA GLY F 682 22.91 57.42 -26.69
C GLY F 682 21.58 58.05 -27.08
N GLN F 683 20.60 57.93 -26.19
CA GLN F 683 19.24 58.37 -26.46
C GLN F 683 19.13 59.88 -26.30
N ALA F 684 17.98 60.40 -26.71
CA ALA F 684 17.68 61.83 -26.61
C ALA F 684 16.72 62.05 -25.45
N THR F 685 17.17 62.79 -24.43
CA THR F 685 16.36 63.04 -23.25
C THR F 685 16.77 64.37 -22.64
N PRO F 686 15.82 65.25 -22.31
CA PRO F 686 16.18 66.46 -21.56
C PRO F 686 16.79 66.15 -20.21
N ARG F 687 16.44 65.00 -19.61
CA ARG F 687 17.06 64.61 -18.35
C ARG F 687 18.56 64.49 -18.46
N THR F 688 19.07 64.19 -19.66
CA THR F 688 20.52 64.18 -19.86
C THR F 688 21.11 65.56 -19.60
N LEU F 689 20.50 66.60 -20.19
CA LEU F 689 20.97 67.96 -19.95
C LEU F 689 20.78 68.36 -18.50
N LEU F 690 19.66 67.97 -17.89
CA LEU F 690 19.41 68.31 -16.50
C LEU F 690 20.45 67.68 -15.58
N GLY F 691 20.78 66.42 -15.82
CA GLY F 691 21.84 65.78 -15.06
C GLY F 691 23.20 66.39 -15.31
N ILE F 692 23.45 66.83 -16.54
CA ILE F 692 24.70 67.54 -16.85
C ILE F 692 24.81 68.80 -16.00
N ILE F 693 23.73 69.57 -15.94
CA ILE F 693 23.72 70.81 -15.16
C ILE F 693 23.89 70.49 -13.68
N ARG F 694 23.20 69.45 -13.20
CA ARG F 694 23.29 69.08 -11.79
C ARG F 694 24.71 68.66 -11.42
N LEU F 695 25.37 67.89 -12.30
CA LEU F 695 26.73 67.45 -12.00
C LEU F 695 27.72 68.60 -12.08
N SER F 696 27.53 69.52 -13.02
CA SER F 696 28.36 70.72 -13.05
C SER F 696 28.19 71.53 -11.78
N GLN F 697 26.95 71.67 -11.30
CA GLN F 697 26.70 72.39 -10.06
C GLN F 697 27.35 71.67 -8.88
N ALA F 698 27.32 70.34 -8.88
CA ALA F 698 27.98 69.59 -7.81
C ALA F 698 29.49 69.80 -7.85
N LEU F 699 30.07 69.83 -9.04
CA LEU F 699 31.50 70.12 -9.17
C LEU F 699 31.83 71.52 -8.68
N ALA F 700 30.95 72.48 -8.96
CA ALA F 700 31.15 73.83 -8.44
C ALA F 700 30.96 73.87 -6.93
N LYS F 701 30.12 72.97 -6.39
CA LYS F 701 29.81 72.96 -4.97
C LYS F 701 30.94 72.35 -4.14
N LEU F 702 31.60 71.32 -4.68
CA LEU F 702 32.58 70.60 -3.87
C LEU F 702 33.78 71.47 -3.49
N ARG F 703 34.01 72.57 -4.20
CA ARG F 703 35.14 73.45 -3.91
C ARG F 703 34.81 74.83 -4.47
N LEU F 704 35.85 75.66 -4.61
CA LEU F 704 35.77 76.92 -5.34
C LEU F 704 34.87 77.95 -4.64
N ALA F 705 34.66 79.08 -5.30
CA ALA F 705 33.90 80.20 -4.78
C ALA F 705 32.41 80.00 -5.05
N ASP F 706 31.64 81.09 -5.04
CA ASP F 706 30.20 81.04 -5.18
C ASP F 706 29.76 81.10 -6.65
N MET F 707 30.64 80.68 -7.56
CA MET F 707 30.37 80.67 -8.99
C MET F 707 30.40 79.24 -9.49
N VAL F 708 30.16 79.08 -10.78
CA VAL F 708 30.26 77.79 -11.47
C VAL F 708 31.27 77.93 -12.59
N ASP F 709 32.26 77.04 -12.61
CA ASP F 709 33.33 77.11 -13.60
C ASP F 709 32.99 76.26 -14.81
N ILE F 710 33.45 76.73 -15.98
CA ILE F 710 33.27 75.98 -17.21
C ILE F 710 34.04 74.66 -17.15
N ASP F 711 35.19 74.66 -16.45
CA ASP F 711 35.92 73.42 -16.25
C ASP F 711 35.08 72.39 -15.54
N ASP F 712 34.17 72.81 -14.66
CA ASP F 712 33.25 71.86 -14.05
C ASP F 712 32.35 71.22 -15.10
N VAL F 713 31.84 72.01 -16.04
CA VAL F 713 31.01 71.45 -17.10
C VAL F 713 31.81 70.46 -17.94
N GLU F 714 33.06 70.82 -18.26
CA GLU F 714 33.90 69.93 -19.05
C GLU F 714 34.20 68.64 -18.30
N GLU F 715 34.45 68.74 -17.00
CA GLU F 715 34.70 67.55 -16.18
C GLU F 715 33.46 66.66 -16.11
N ALA F 716 32.28 67.27 -16.00
CA ALA F 716 31.04 66.50 -15.98
C ALA F 716 30.83 65.79 -17.31
N LEU F 717 31.10 66.47 -18.42
CA LEU F 717 30.97 65.84 -19.72
C LEU F 717 31.97 64.70 -19.89
N ARG F 718 33.21 64.89 -19.40
CA ARG F 718 34.20 63.83 -19.48
C ARG F 718 33.78 62.62 -18.62
N LEU F 719 33.19 62.88 -17.45
CA LEU F 719 32.68 61.79 -16.63
C LEU F 719 31.57 61.04 -17.35
N VAL F 720 30.69 61.77 -18.02
CA VAL F 720 29.63 61.12 -18.79
C VAL F 720 30.23 60.28 -19.90
N ARG F 721 31.26 60.81 -20.58
CA ARG F 721 31.90 60.06 -21.65
C ARG F 721 32.54 58.79 -21.12
N VAL F 722 33.18 58.86 -19.95
CA VAL F 722 33.79 57.68 -19.35
C VAL F 722 32.72 56.67 -18.97
N SER F 723 31.58 57.14 -18.47
CA SER F 723 30.47 56.24 -18.15
C SER F 723 29.96 55.55 -19.41
N LYS F 724 29.87 56.28 -20.51
CA LYS F 724 29.32 55.72 -21.74
C LYS F 724 30.28 54.74 -22.41
N GLU F 725 31.58 55.06 -22.40
CA GLU F 725 32.54 54.25 -23.14
C GLU F 725 32.71 52.85 -22.58
N SER F 726 32.21 52.58 -21.38
CA SER F 726 32.34 51.25 -20.80
C SER F 726 31.56 50.20 -21.57
N LEU F 727 30.62 50.61 -22.43
CA LEU F 727 29.82 49.65 -23.19
C LEU F 727 30.69 48.84 -24.13
N TYR F 728 31.38 49.51 -25.06
CA TYR F 728 32.13 48.86 -26.12
C TYR F 728 31.26 47.87 -26.90
N MET I 36 36.13 -29.38 33.48
CA MET I 36 37.20 -29.65 32.54
C MET I 36 36.97 -30.99 31.83
N GLY I 37 36.31 -30.93 30.68
CA GLY I 37 36.04 -32.12 29.90
C GLY I 37 36.55 -32.01 28.48
N TYR I 38 37.34 -33.01 28.05
CA TYR I 38 37.92 -32.96 26.72
C TYR I 38 36.86 -32.99 25.64
N TYR I 39 35.83 -33.81 25.82
CA TYR I 39 34.80 -34.01 24.80
C TYR I 39 33.54 -33.21 25.09
N ASP I 40 33.67 -32.02 25.65
CA ASP I 40 32.54 -31.14 25.92
C ASP I 40 32.56 -29.96 24.97
N ILE I 41 31.42 -29.71 24.31
CA ILE I 41 31.37 -28.70 23.26
C ILE I 41 31.58 -27.30 23.83
N ASP I 42 30.88 -27.00 24.93
CA ASP I 42 30.90 -25.64 25.47
C ASP I 42 32.30 -25.25 25.93
N ASP I 43 33.02 -26.18 26.55
CA ASP I 43 34.39 -25.87 26.97
C ASP I 43 35.27 -25.58 25.77
N VAL I 44 35.13 -26.38 24.70
CA VAL I 44 35.93 -26.18 23.51
C VAL I 44 35.64 -24.81 22.89
N LEU I 45 34.36 -24.44 22.84
CA LEU I 45 34.01 -23.11 22.32
C LEU I 45 34.58 -22.02 23.22
N ALA I 46 34.48 -22.18 24.53
CA ALA I 46 34.93 -21.15 25.46
C ALA I 46 36.43 -20.97 25.40
N ASP I 47 37.18 -22.02 25.08
CA ASP I 47 38.63 -21.87 24.94
C ASP I 47 39.01 -20.94 23.79
N GLY I 48 38.08 -20.68 22.87
CA GLY I 48 38.39 -19.91 21.68
C GLY I 48 38.34 -18.41 21.83
N THR I 49 37.87 -17.89 22.95
CA THR I 49 37.77 -16.45 23.12
C THR I 49 39.17 -15.82 23.18
N GLU I 50 39.25 -14.56 22.76
CA GLU I 50 40.52 -13.85 22.71
C GLU I 50 40.70 -12.99 23.96
N PHE I 51 41.92 -13.01 24.50
CA PHE I 51 42.27 -12.23 25.67
C PHE I 51 43.41 -11.28 25.33
N PRO I 52 43.32 -10.01 25.72
CA PRO I 52 44.45 -9.09 25.49
C PRO I 52 45.68 -9.54 26.24
N CYS I 53 46.84 -9.33 25.64
CA CYS I 53 48.11 -9.69 26.25
C CYS I 53 49.23 -8.91 25.58
N LYS I 54 50.35 -8.82 26.27
CA LYS I 54 51.51 -8.07 25.80
C LYS I 54 52.74 -8.96 25.77
N PHE I 55 53.58 -8.74 24.76
CA PHE I 55 54.85 -9.45 24.65
C PHE I 55 55.81 -8.94 25.72
N GLN I 56 55.86 -9.63 26.85
CA GLN I 56 56.81 -9.30 27.90
C GLN I 56 58.25 -9.44 27.41
N TYR I 57 58.48 -10.30 26.42
CA TYR I 57 59.81 -10.53 25.88
C TYR I 57 59.79 -10.30 24.37
N ASP I 58 60.93 -9.87 23.85
CA ASP I 58 61.08 -9.56 22.43
C ASP I 58 61.74 -10.74 21.72
N ILE I 59 61.14 -11.18 20.61
CA ILE I 59 61.62 -12.33 19.87
C ILE I 59 61.69 -11.97 18.39
N PRO I 60 62.85 -12.12 17.75
CA PRO I 60 62.92 -11.86 16.31
C PRO I 60 62.18 -12.91 15.50
N GLY I 61 61.70 -12.50 14.33
CA GLY I 61 61.08 -13.41 13.39
C GLY I 61 59.65 -13.80 13.71
N LEU I 62 59.07 -13.27 14.78
CA LEU I 62 57.72 -13.62 15.17
C LEU I 62 56.72 -12.73 14.41
N GLY I 63 55.43 -12.88 14.74
CA GLY I 63 54.39 -12.10 14.09
C GLY I 63 54.15 -12.48 12.64
N TYR I 64 54.79 -13.55 12.17
CA TYR I 64 54.61 -13.97 10.78
C TYR I 64 53.18 -14.34 10.49
N LEU I 65 52.46 -14.88 11.48
CA LEU I 65 51.11 -15.36 11.29
C LEU I 65 50.08 -14.25 11.33
N GLU I 66 50.48 -13.03 11.66
CA GLU I 66 49.58 -11.89 11.75
C GLU I 66 49.93 -10.74 10.81
N ASN I 67 51.21 -10.56 10.50
CA ASN I 67 51.66 -9.40 9.75
C ASN I 67 52.77 -9.85 8.80
N ASN I 68 53.52 -8.88 8.28
CA ASN I 68 54.66 -9.19 7.44
C ASN I 68 55.61 -10.15 8.14
N PRO I 69 55.80 -11.36 7.62
CA PRO I 69 56.65 -12.33 8.33
C PRO I 69 58.08 -11.86 8.52
N GLY I 70 58.63 -11.11 7.56
CA GLY I 70 60.01 -10.69 7.66
C GLY I 70 60.29 -9.73 8.79
N ARG I 71 59.29 -8.97 9.22
CA ARG I 71 59.56 -8.01 10.28
C ARG I 71 59.34 -8.65 11.65
N PRO I 72 60.32 -8.58 12.54
CA PRO I 72 60.15 -9.17 13.87
C PRO I 72 59.21 -8.34 14.73
N ILE I 73 58.83 -8.90 15.87
CA ILE I 73 57.98 -8.23 16.84
C ILE I 73 58.84 -7.64 17.93
N THR I 74 58.66 -6.34 18.18
CA THR I 74 59.42 -5.65 19.20
C THR I 74 58.81 -5.89 20.58
N LYS I 75 59.55 -5.49 21.61
CA LYS I 75 59.11 -5.72 22.99
C LYS I 75 57.89 -4.88 23.29
N ASN I 76 57.22 -5.24 24.39
CA ASN I 76 56.01 -4.58 24.91
C ASN I 76 55.03 -4.23 23.78
N THR I 77 54.58 -5.28 23.10
CA THR I 77 53.59 -5.16 22.03
C THR I 77 52.29 -5.81 22.48
N LYS I 78 51.20 -5.07 22.38
CA LYS I 78 49.90 -5.56 22.83
C LYS I 78 49.23 -6.36 21.72
N LEU I 79 48.67 -7.51 22.09
CA LEU I 79 47.98 -8.39 21.15
C LEU I 79 46.73 -8.94 21.81
N SER I 80 45.84 -9.49 20.98
CA SER I 80 44.62 -10.14 21.44
C SER I 80 44.70 -11.60 21.02
N LEU I 81 45.33 -12.42 21.87
CA LEU I 81 45.55 -13.82 21.55
C LEU I 81 44.44 -14.69 22.12
N PRO I 82 44.13 -15.80 21.45
CA PRO I 82 43.11 -16.72 21.98
C PRO I 82 43.56 -17.38 23.27
N LEU I 83 42.57 -17.80 24.05
CA LEU I 83 42.87 -18.38 25.37
C LEU I 83 43.69 -19.66 25.27
N TRP I 84 43.36 -20.51 24.29
CA TRP I 84 43.95 -21.84 24.26
C TRP I 84 45.46 -21.83 24.09
N LEU I 85 46.03 -20.74 23.57
CA LEU I 85 47.47 -20.60 23.50
C LEU I 85 48.02 -19.57 24.48
N ALA I 86 47.23 -18.55 24.82
CA ALA I 86 47.69 -17.57 25.80
C ALA I 86 47.86 -18.19 27.17
N ARG I 87 47.05 -19.20 27.50
CA ARG I 87 47.20 -19.87 28.79
C ARG I 87 48.55 -20.55 28.90
N ILE I 88 49.03 -21.14 27.81
CA ILE I 88 50.30 -21.87 27.86
C ILE I 88 51.48 -20.92 27.71
N LEU I 89 51.40 -20.00 26.74
CA LEU I 89 52.54 -19.12 26.49
C LEU I 89 52.86 -18.22 27.66
N ALA I 90 51.92 -18.03 28.59
CA ALA I 90 52.18 -17.23 29.77
C ALA I 90 52.83 -18.03 30.90
N ILE I 91 52.91 -19.35 30.77
CA ILE I 91 53.44 -20.20 31.83
C ILE I 91 54.72 -20.93 31.41
N VAL I 92 55.04 -20.97 30.12
CA VAL I 92 56.19 -21.76 29.67
C VAL I 92 57.49 -21.16 30.18
N GLY I 93 57.58 -19.84 30.21
CA GLY I 93 58.84 -19.21 30.53
C GLY I 93 59.78 -19.25 29.36
N GLY I 94 60.24 -20.45 28.99
CA GLY I 94 61.13 -20.59 27.85
C GLY I 94 62.55 -20.17 28.09
N ASP I 95 62.76 -18.96 28.61
CA ASP I 95 64.08 -18.46 28.94
C ASP I 95 65.03 -18.48 27.75
N GLU I 102 66.45 -15.14 34.56
CA GLU I 102 65.21 -14.52 34.10
C GLU I 102 64.38 -15.45 33.23
N PRO I 103 63.76 -16.49 33.84
CA PRO I 103 62.89 -17.40 33.10
C PRO I 103 61.48 -16.86 32.90
N VAL I 104 61.39 -15.60 32.49
CA VAL I 104 60.09 -14.93 32.33
C VAL I 104 59.39 -15.49 31.10
N PRO I 105 58.06 -15.58 31.12
CA PRO I 105 57.35 -16.12 29.96
C PRO I 105 57.44 -15.17 28.76
N PHE I 106 57.22 -15.74 27.58
CA PHE I 106 57.27 -14.95 26.35
C PHE I 106 56.20 -13.87 26.35
N VAL I 107 55.05 -14.13 26.96
CA VAL I 107 53.92 -13.20 26.93
C VAL I 107 53.48 -12.89 28.35
N GLU I 108 52.98 -11.68 28.54
CA GLU I 108 52.39 -11.25 29.79
C GLU I 108 50.94 -10.87 29.52
N LEU I 109 50.01 -11.45 30.28
CA LEU I 109 48.59 -11.33 30.00
C LEU I 109 48.00 -10.18 30.81
N LEU I 110 47.39 -9.23 30.10
CA LEU I 110 46.77 -8.06 30.71
C LEU I 110 45.37 -8.37 31.21
N PRO I 111 44.88 -7.62 32.19
CA PRO I 111 43.52 -7.83 32.68
C PRO I 111 42.49 -7.59 31.59
N PRO I 112 41.64 -8.57 31.31
CA PRO I 112 40.63 -8.39 30.26
C PRO I 112 39.55 -7.41 30.68
N ASP I 113 38.92 -6.80 29.67
CA ASP I 113 37.92 -5.78 29.91
C ASP I 113 36.64 -6.33 30.53
N MET I 114 36.35 -7.62 30.33
CA MET I 114 35.16 -8.20 30.94
C MET I 114 35.23 -8.13 32.45
N PHE I 115 36.41 -8.39 33.02
CA PHE I 115 36.62 -8.32 34.47
C PHE I 115 37.20 -6.94 34.77
N SER I 116 36.29 -5.98 34.98
CA SER I 116 36.66 -4.61 35.26
C SER I 116 35.83 -4.09 36.43
N THR I 117 36.35 -3.06 37.10
CA THR I 117 35.63 -2.45 38.22
C THR I 117 34.23 -2.01 37.80
N LYS I 118 34.10 -1.53 36.56
CA LYS I 118 32.79 -1.17 36.03
C LYS I 118 31.82 -2.35 36.13
N VAL I 119 32.23 -3.50 35.60
CA VAL I 119 31.37 -4.67 35.63
C VAL I 119 31.15 -5.16 37.06
N MET I 120 32.17 -5.04 37.91
CA MET I 120 32.00 -5.46 39.31
C MET I 120 30.91 -4.63 39.99
N ASN I 121 30.96 -3.32 39.82
CA ASN I 121 29.91 -2.47 40.39
C ASN I 121 28.56 -2.81 39.80
N ALA I 122 28.51 -3.02 38.48
CA ALA I 122 27.23 -3.31 37.84
C ALA I 122 26.62 -4.60 38.37
N ILE I 123 27.44 -5.64 38.53
CA ILE I 123 26.92 -6.92 38.99
C ILE I 123 26.56 -6.86 40.47
N LYS I 124 27.28 -6.07 41.26
CA LYS I 124 26.98 -5.99 42.67
C LYS I 124 25.69 -5.23 42.93
N THR I 125 25.46 -4.13 42.19
CA THR I 125 24.33 -3.27 42.54
C THR I 125 22.99 -3.96 42.28
N ASP I 126 22.84 -4.61 41.13
CA ASP I 126 21.59 -5.29 40.82
C ASP I 126 21.82 -6.40 39.78
N PRO I 127 21.91 -7.65 40.21
CA PRO I 127 22.23 -8.73 39.25
C PRO I 127 21.02 -9.29 38.54
N VAL I 128 19.83 -9.18 39.16
CA VAL I 128 18.66 -9.88 38.64
C VAL I 128 18.25 -9.33 37.28
N ALA I 129 18.36 -8.02 37.08
CA ALA I 129 17.97 -7.39 35.83
C ALA I 129 19.13 -7.18 34.87
N LEU I 130 20.32 -7.63 35.23
CA LEU I 130 21.49 -7.43 34.37
C LEU I 130 21.45 -8.36 33.17
N ASP I 131 21.71 -7.81 31.99
CA ASP I 131 21.76 -8.60 30.76
C ASP I 131 23.18 -9.14 30.55
N LEU I 132 23.55 -10.06 31.43
CA LEU I 132 24.90 -10.63 31.38
C LEU I 132 25.17 -11.35 30.06
N HIS I 133 24.13 -11.71 29.32
CA HIS I 133 24.33 -12.28 28.00
C HIS I 133 25.06 -11.31 27.08
N SER I 134 24.85 -10.01 27.26
CA SER I 134 25.48 -9.01 26.40
C SER I 134 26.98 -8.93 26.63
N ILE I 135 27.42 -9.05 27.88
CA ILE I 135 28.84 -8.93 28.19
C ILE I 135 29.63 -10.02 27.50
N ASN I 136 29.20 -11.27 27.67
CA ASN I 136 29.84 -12.40 26.99
C ASN I 136 28.90 -13.59 27.03
N SER I 137 29.09 -14.48 26.07
CA SER I 137 28.28 -15.69 25.96
C SER I 137 29.03 -16.94 26.42
N HIS I 138 30.09 -16.78 27.20
CA HIS I 138 30.72 -17.88 27.92
C HIS I 138 31.17 -17.40 29.29
N PHE I 139 30.32 -16.63 29.97
CA PHE I 139 30.77 -15.86 31.12
C PHE I 139 31.20 -16.76 32.27
N PHE I 140 30.42 -17.78 32.58
CA PHE I 140 30.68 -18.54 33.80
C PHE I 140 31.89 -19.45 33.67
N SER I 141 32.03 -20.15 32.55
CA SER I 141 33.22 -20.98 32.36
C SER I 141 34.48 -20.13 32.28
N LEU I 142 34.40 -18.99 31.61
CA LEU I 142 35.53 -18.08 31.56
C LEU I 142 35.88 -17.58 32.95
N ALA I 143 34.87 -17.29 33.77
CA ALA I 143 35.12 -16.86 35.14
C ALA I 143 35.82 -17.95 35.94
N ILE I 144 35.37 -19.21 35.77
CA ILE I 144 36.00 -20.31 36.47
C ILE I 144 37.46 -20.44 36.06
N LYS I 145 37.72 -20.38 34.76
CA LYS I 145 39.09 -20.51 34.29
C LYS I 145 39.96 -19.35 34.78
N TRP I 146 39.42 -18.12 34.75
CA TRP I 146 40.19 -16.97 35.19
C TRP I 146 40.51 -17.04 36.68
N ILE I 147 39.53 -17.43 37.49
CA ILE I 147 39.77 -17.53 38.93
C ILE I 147 40.69 -18.71 39.23
N MET I 148 40.68 -19.74 38.39
CA MET I 148 41.62 -20.85 38.57
C MET I 148 43.04 -20.40 38.26
N LEU I 149 43.22 -19.63 37.18
CA LEU I 149 44.55 -19.12 36.86
C LEU I 149 45.04 -18.15 37.94
N PHE I 150 44.16 -17.27 38.41
CA PHE I 150 44.51 -16.30 39.44
C PHE I 150 43.53 -16.44 40.59
N SER I 151 44.02 -16.91 41.73
CA SER I 151 43.17 -17.06 42.90
C SER I 151 42.80 -15.70 43.45
N GLU I 152 41.51 -15.40 43.47
CA GLU I 152 41.00 -14.11 43.93
C GLU I 152 39.73 -14.35 44.72
N LYS I 153 39.81 -14.23 46.05
CA LYS I 153 38.66 -14.48 46.89
C LYS I 153 37.52 -13.51 46.63
N GLU I 154 37.81 -12.34 46.05
CA GLU I 154 36.79 -11.31 45.90
C GLU I 154 35.86 -11.56 44.72
N LEU I 155 36.23 -12.46 43.80
CA LEU I 155 35.33 -12.80 42.70
C LEU I 155 34.44 -13.99 43.03
N ALA I 156 34.95 -14.96 43.78
CA ALA I 156 34.19 -16.17 44.05
C ALA I 156 32.87 -15.84 44.74
N ASN I 157 32.93 -15.03 45.80
CA ASN I 157 31.74 -14.73 46.58
C ASN I 157 30.71 -13.96 45.74
N VAL I 158 31.17 -12.96 44.99
CA VAL I 158 30.22 -12.13 44.24
C VAL I 158 29.58 -12.93 43.11
N VAL I 159 30.37 -13.74 42.41
CA VAL I 159 29.81 -14.56 41.33
C VAL I 159 28.84 -15.59 41.91
N SER I 160 29.21 -16.20 43.03
CA SER I 160 28.31 -17.16 43.66
C SER I 160 26.99 -16.50 44.04
N GLU I 161 27.05 -15.32 44.63
CA GLU I 161 25.82 -14.63 45.00
C GLU I 161 25.01 -14.25 43.77
N LEU I 162 25.68 -13.84 42.69
CA LEU I 162 25.00 -13.51 41.46
C LEU I 162 24.18 -14.69 40.95
N LEU I 163 24.82 -15.84 40.80
CA LEU I 163 24.09 -16.97 40.25
C LEU I 163 23.06 -17.51 41.23
N LEU I 164 23.34 -17.44 42.53
CA LEU I 164 22.34 -17.85 43.51
C LEU I 164 21.10 -16.99 43.42
N GLN I 165 21.27 -15.68 43.25
CA GLN I 165 20.11 -14.80 43.12
C GLN I 165 19.37 -15.04 41.82
N ARG I 166 20.09 -15.33 40.73
CA ARG I 166 19.40 -15.59 39.47
C ARG I 166 18.65 -16.91 39.50
N ALA I 167 19.12 -17.87 40.31
CA ALA I 167 18.49 -19.18 40.34
C ALA I 167 17.05 -19.10 40.84
N GLN I 168 16.77 -18.21 41.80
CA GLN I 168 15.41 -18.11 42.31
C GLN I 168 14.44 -17.66 41.23
N GLU I 169 14.83 -16.67 40.42
CA GLU I 169 13.96 -16.25 39.33
C GLU I 169 13.86 -17.32 38.26
N LEU I 170 14.94 -18.07 38.01
CA LEU I 170 14.86 -19.18 37.07
C LEU I 170 13.82 -20.19 37.53
N ASN I 171 13.84 -20.54 38.82
CA ASN I 171 12.85 -21.46 39.36
C ASN I 171 11.46 -20.87 39.25
N HIS I 172 11.32 -19.58 39.56
CA HIS I 172 10.01 -18.92 39.47
C HIS I 172 9.42 -19.07 38.08
N HIS I 173 10.22 -18.80 37.05
CA HIS I 173 9.71 -18.88 35.69
C HIS I 173 9.49 -20.33 35.26
N ALA I 174 10.34 -21.25 35.74
CA ALA I 174 10.18 -22.65 35.38
C ALA I 174 8.88 -23.22 35.93
N SER I 175 8.51 -22.83 37.16
CA SER I 175 7.29 -23.35 37.76
C SER I 175 6.05 -22.92 37.00
N SER I 176 6.06 -21.71 36.45
CA SER I 176 4.91 -21.18 35.76
C SER I 176 4.64 -21.97 34.47
N LEU I 177 3.38 -22.28 34.23
CA LEU I 177 2.98 -23.03 33.06
C LEU I 177 1.68 -22.46 32.51
N SER I 178 1.46 -22.67 31.22
CA SER I 178 0.26 -22.17 30.56
C SER I 178 -0.94 -23.04 30.91
N ILE I 179 -2.11 -22.63 30.40
CA ILE I 179 -3.34 -23.38 30.65
C ILE I 179 -4.25 -23.30 29.42
N ASN I 192 -2.05 -12.92 25.73
CA ASN I 192 -2.20 -13.70 26.94
C ASN I 192 -0.85 -14.03 27.56
N THR I 193 0.21 -13.51 26.95
CA THR I 193 1.57 -13.68 27.43
C THR I 193 2.22 -12.31 27.54
N ASN I 194 2.97 -12.10 28.62
CA ASN I 194 3.56 -10.80 28.91
C ASN I 194 5.00 -10.74 28.43
N ILE I 195 5.52 -9.52 28.37
CA ILE I 195 6.88 -9.29 27.86
C ILE I 195 7.95 -9.64 28.89
N ALA I 196 7.61 -9.66 30.18
CA ALA I 196 8.61 -9.83 31.22
C ALA I 196 9.32 -11.18 31.08
N THR I 197 8.54 -12.25 30.86
CA THR I 197 9.13 -13.58 30.77
C THR I 197 10.12 -13.66 29.62
N SER I 198 9.72 -13.21 28.43
CA SER I 198 10.61 -13.29 27.28
C SER I 198 11.85 -12.41 27.44
N THR I 199 11.66 -11.18 27.94
CA THR I 199 12.80 -10.28 28.07
C THR I 199 13.77 -10.78 29.14
N PHE I 200 13.27 -11.54 30.13
CA PHE I 200 14.18 -12.19 31.05
C PHE I 200 14.91 -13.34 30.36
N LEU I 201 14.16 -14.18 29.64
CA LEU I 201 14.74 -15.38 29.05
C LEU I 201 15.79 -15.06 28.00
N LEU I 202 15.70 -13.90 27.37
CA LEU I 202 16.69 -13.55 26.35
C LEU I 202 17.96 -12.94 26.93
N LYS I 203 18.01 -12.72 28.25
CA LYS I 203 19.19 -12.17 28.89
C LYS I 203 20.09 -13.24 29.51
N LEU I 204 19.69 -14.50 29.45
CA LEU I 204 20.39 -15.55 30.19
C LEU I 204 21.73 -15.89 29.56
N GLU I 205 22.62 -16.42 30.38
CA GLU I 205 23.84 -17.06 29.89
C GLU I 205 23.49 -18.39 29.23
N GLU I 206 24.36 -18.85 28.33
CA GLU I 206 24.06 -20.08 27.61
C GLU I 206 24.02 -21.26 28.56
N MET I 207 24.81 -21.24 29.62
CA MET I 207 24.89 -22.38 30.52
C MET I 207 23.70 -22.46 31.46
N GLU I 208 22.95 -21.38 31.63
CA GLU I 208 21.72 -21.42 32.42
C GLU I 208 20.55 -21.95 31.62
N LYS I 209 20.66 -21.92 30.29
CA LYS I 209 19.55 -22.37 29.44
C LYS I 209 19.27 -23.85 29.64
N GLU I 210 20.32 -24.66 29.80
CA GLU I 210 20.09 -26.09 29.98
C GLU I 210 19.39 -26.38 31.30
N ILE I 211 19.77 -25.66 32.37
CA ILE I 211 19.03 -25.81 33.62
C ILE I 211 17.58 -25.40 33.44
N TYR I 212 17.34 -24.29 32.74
CA TYR I 212 15.96 -23.85 32.55
C TYR I 212 15.16 -24.91 31.80
N LYS I 213 15.73 -25.45 30.72
CA LYS I 213 15.01 -26.45 29.94
C LYS I 213 14.77 -27.72 30.75
N LYS I 214 15.78 -28.19 31.49
CA LYS I 214 15.60 -29.40 32.28
C LYS I 214 14.51 -29.22 33.33
N SER I 215 14.52 -28.09 34.03
CA SER I 215 13.49 -27.84 35.03
C SER I 215 12.12 -27.76 34.36
N HIS I 216 12.03 -27.06 33.23
CA HIS I 216 10.75 -26.92 32.55
C HIS I 216 10.21 -28.27 32.13
N GLU I 217 11.07 -29.13 31.58
CA GLU I 217 10.61 -30.46 31.18
C GLU I 217 10.19 -31.30 32.38
N SER I 218 10.92 -31.19 33.49
CA SER I 218 10.54 -31.93 34.68
C SER I 218 9.15 -31.51 35.17
N TYR I 219 8.92 -30.21 35.26
CA TYR I 219 7.62 -29.72 35.72
C TYR I 219 6.52 -30.11 34.74
N LYS I 220 6.78 -30.00 33.44
CA LYS I 220 5.77 -30.36 32.45
C LYS I 220 5.42 -31.83 32.53
N ASP I 221 6.42 -32.69 32.69
CA ASP I 221 6.15 -34.13 32.79
C ASP I 221 5.35 -34.44 34.04
N THR I 222 5.71 -33.83 35.17
CA THR I 222 4.95 -34.07 36.39
C THR I 222 3.50 -33.62 36.24
N LYS I 223 3.29 -32.45 35.64
CA LYS I 223 1.93 -31.98 35.44
C LYS I 223 1.16 -32.89 34.51
N ARG I 224 1.79 -33.35 33.42
CA ARG I 224 1.11 -34.23 32.49
C ARG I 224 0.71 -35.53 33.16
N TRP I 225 1.61 -36.12 33.95
CA TRP I 225 1.27 -37.34 34.65
C TRP I 225 0.14 -37.12 35.64
N MET I 226 0.17 -35.97 36.34
CA MET I 226 -0.83 -35.73 37.37
C MET I 226 -2.22 -35.58 36.78
N PHE I 227 -2.34 -34.95 35.61
CA PHE I 227 -3.63 -34.65 35.00
C PHE I 227 -3.80 -35.54 33.77
N LYS I 228 -4.63 -36.57 33.88
CA LYS I 228 -4.95 -37.43 32.76
C LYS I 228 -6.44 -37.76 32.73
N THR J 50 25.84 -61.83 48.49
CA THR J 50 24.94 -62.72 49.24
C THR J 50 25.55 -64.10 49.37
N GLN J 51 25.02 -64.89 50.32
CA GLN J 51 25.50 -66.24 50.55
C GLN J 51 24.33 -67.22 50.54
N ILE J 52 23.16 -66.75 50.94
CA ILE J 52 21.96 -67.59 51.02
C ILE J 52 20.76 -66.66 51.04
N TYR J 53 19.61 -67.17 50.62
CA TYR J 53 18.39 -66.37 50.55
C TYR J 53 17.49 -66.71 51.71
N VAL J 54 16.97 -65.69 52.38
CA VAL J 54 15.87 -65.89 53.31
C VAL J 54 14.60 -66.24 52.54
N SER J 55 14.41 -65.58 51.40
CA SER J 55 13.24 -65.77 50.55
C SER J 55 13.52 -65.08 49.22
N PRO J 56 12.87 -65.52 48.13
CA PRO J 56 13.03 -64.81 46.86
C PRO J 56 12.60 -63.35 46.93
N GLN J 57 11.65 -63.02 47.81
CA GLN J 57 11.23 -61.62 47.95
C GLN J 57 12.39 -60.76 48.48
N GLN J 58 13.20 -61.31 49.38
CA GLN J 58 14.39 -60.59 49.82
C GLN J 58 15.33 -60.35 48.64
N ASP J 59 15.47 -61.34 47.77
CA ASP J 59 16.27 -61.17 46.57
C ASP J 59 15.72 -60.05 45.69
N PHE J 60 14.39 -60.01 45.53
CA PHE J 60 13.78 -58.95 44.73
C PHE J 60 14.03 -57.59 45.34
N SER J 61 13.90 -57.47 46.66
CA SER J 61 14.16 -56.19 47.31
C SER J 61 15.60 -55.75 47.13
N ASP J 62 16.54 -56.69 47.27
CA ASP J 62 17.95 -56.34 47.07
C ASP J 62 18.20 -55.90 45.63
N LEU J 63 17.57 -56.58 44.67
CA LEU J 63 17.74 -56.20 43.26
C LEU J 63 17.21 -54.80 43.02
N MET J 64 16.03 -54.49 43.55
CA MET J 64 15.45 -53.16 43.34
C MET J 64 16.30 -52.08 43.98
N LYS J 65 16.80 -52.34 45.20
CA LYS J 65 17.67 -51.36 45.85
C LYS J 65 18.95 -51.16 45.05
N SER J 66 19.52 -52.23 44.52
CA SER J 66 20.73 -52.11 43.71
C SER J 66 20.46 -51.29 42.45
N TRP J 67 19.32 -51.53 41.80
CA TRP J 67 18.97 -50.76 40.61
C TRP J 67 18.84 -49.28 40.94
N LYS J 68 18.15 -48.96 42.04
CA LYS J 68 18.01 -47.57 42.43
C LYS J 68 19.37 -46.95 42.72
N ASN J 69 20.25 -47.68 43.42
CA ASN J 69 21.57 -47.14 43.73
C ASN J 69 22.38 -46.90 42.47
N GLU J 70 22.31 -47.81 41.50
CA GLU J 70 23.10 -47.65 40.29
C GLU J 70 22.56 -46.54 39.40
N ARG J 71 21.24 -46.32 39.40
CA ARG J 71 20.66 -45.34 38.50
C ARG J 71 21.19 -43.94 38.78
N CYS J 72 21.33 -43.57 40.05
CA CYS J 72 21.73 -42.22 40.43
C CYS J 72 23.22 -42.10 40.76
N SER J 73 23.94 -43.21 40.85
CA SER J 73 25.34 -43.13 41.21
C SER J 73 26.16 -42.52 40.09
N PRO J 74 27.08 -41.61 40.40
CA PRO J 74 27.97 -41.06 39.36
C PRO J 74 29.20 -41.92 39.10
N GLU J 75 29.31 -43.08 39.74
CA GLU J 75 30.49 -43.93 39.63
C GLU J 75 30.05 -45.37 39.45
N LEU J 76 30.81 -46.12 38.67
CA LEU J 76 30.44 -47.49 38.33
C LEU J 76 30.64 -48.39 39.55
N LEU J 77 29.56 -49.00 40.02
CA LEU J 77 29.53 -49.85 41.20
C LEU J 77 29.80 -51.30 40.83
N PRO J 78 30.17 -52.14 41.82
CA PRO J 78 30.47 -53.55 41.51
C PRO J 78 29.26 -54.33 41.02
N TYR J 79 29.50 -55.61 40.70
CA TYR J 79 28.52 -56.45 40.02
C TYR J 79 28.02 -57.55 40.94
N PRO J 80 26.74 -57.56 41.30
CA PRO J 80 26.18 -58.60 42.20
C PRO J 80 25.84 -59.90 41.47
N HIS J 81 26.86 -60.75 41.32
CA HIS J 81 26.73 -61.95 40.48
C HIS J 81 25.66 -62.89 41.02
N GLN J 82 25.69 -63.17 42.32
CA GLN J 82 24.87 -64.24 42.87
C GLN J 82 23.39 -63.95 42.76
N LEU J 83 23.00 -62.68 42.87
CA LEU J 83 21.58 -62.32 42.82
C LEU J 83 20.98 -62.69 41.47
N MET J 84 21.58 -62.23 40.39
CA MET J 84 21.06 -62.58 39.07
C MET J 84 21.32 -64.05 38.75
N LYS J 85 22.34 -64.65 39.36
CA LYS J 85 22.54 -66.09 39.21
C LYS J 85 21.32 -66.85 39.70
N ARG J 86 20.77 -66.45 40.85
CA ARG J 86 19.53 -67.05 41.33
C ARG J 86 18.35 -66.65 40.46
N LEU J 87 18.28 -65.37 40.07
CA LEU J 87 17.09 -64.85 39.43
C LEU J 87 16.86 -65.44 38.05
N LEU J 88 17.93 -65.62 37.27
CA LEU J 88 17.77 -66.19 35.93
C LEU J 88 17.24 -67.61 36.01
N ASN J 89 17.76 -68.41 36.94
CA ASN J 89 17.23 -69.76 37.14
C ASN J 89 15.78 -69.72 37.58
N ARG J 90 15.44 -68.78 38.47
CA ARG J 90 14.05 -68.64 38.89
C ARG J 90 13.15 -68.35 37.71
N ILE J 91 13.56 -67.42 36.85
CA ILE J 91 12.76 -67.04 35.69
C ILE J 91 12.60 -68.22 34.75
N SER J 92 13.69 -68.95 34.49
CA SER J 92 13.60 -70.10 33.59
C SER J 92 12.65 -71.15 34.13
N MET J 93 12.74 -71.46 35.43
CA MET J 93 11.87 -72.48 36.00
C MET J 93 10.41 -72.03 35.96
N GLN J 94 10.14 -70.77 36.29
CA GLN J 94 8.76 -70.28 36.27
C GLN J 94 8.20 -70.30 34.85
N SER J 95 9.02 -69.91 33.87
CA SER J 95 8.57 -69.95 32.47
C SER J 95 8.29 -71.38 32.04
N GLN J 96 9.13 -72.32 32.46
CA GLN J 96 8.89 -73.71 32.12
C GLN J 96 7.57 -74.18 32.72
N LEU J 97 7.30 -73.82 33.98
CA LEU J 97 6.06 -74.25 34.63
C LEU J 97 4.84 -73.68 33.91
N ILE J 98 4.87 -72.38 33.60
CA ILE J 98 3.70 -71.77 32.97
C ILE J 98 3.49 -72.35 31.56
N GLU J 99 4.57 -72.55 30.82
CA GLU J 99 4.45 -73.15 29.50
C GLU J 99 3.89 -74.57 29.59
N ASN J 100 4.35 -75.34 30.57
CA ASN J 100 3.86 -76.71 30.74
C ASN J 100 2.37 -76.73 31.03
N ILE J 101 1.92 -75.90 31.98
CA ILE J 101 0.51 -75.93 32.34
C ILE J 101 -0.35 -75.41 31.18
N SER J 102 0.13 -74.38 30.48
CA SER J 102 -0.63 -73.87 29.34
C SER J 102 -0.75 -74.92 28.25
N MET J 103 0.34 -75.65 27.97
CA MET J 103 0.28 -76.71 26.97
C MET J 103 -0.65 -77.83 27.40
N GLY J 104 -0.67 -78.15 28.69
CA GLY J 104 -1.61 -79.15 29.17
C GLY J 104 -3.05 -78.74 28.95
N PHE J 105 -3.37 -77.49 29.29
CA PHE J 105 -4.73 -77.01 29.05
C PHE J 105 -5.05 -77.04 27.56
N LEU J 106 -4.10 -76.59 26.73
CA LEU J 106 -4.36 -76.52 25.30
C LEU J 106 -4.58 -77.90 24.69
N ASP J 107 -3.76 -78.89 25.07
CA ASP J 107 -3.91 -80.18 24.42
C ASP J 107 -5.08 -80.98 24.98
N MET J 108 -5.47 -80.75 26.25
CA MET J 108 -6.72 -81.37 26.68
C MET J 108 -7.91 -80.71 26.02
N GLN J 109 -7.78 -79.43 25.63
CA GLN J 109 -8.87 -78.76 24.94
C GLN J 109 -8.96 -79.20 23.47
N ASN J 110 -7.81 -79.45 22.84
CA ASN J 110 -7.83 -79.76 21.41
C ASN J 110 -7.91 -81.25 21.10
N ALA J 111 -7.56 -82.12 22.06
CA ALA J 111 -7.75 -83.55 21.84
C ALA J 111 -9.23 -83.88 21.67
N SER J 112 -10.08 -83.25 22.47
CA SER J 112 -11.52 -83.40 22.37
C SER J 112 -12.17 -82.16 22.97
N ASN J 113 -13.43 -81.92 22.60
CA ASN J 113 -14.14 -80.76 23.12
C ASN J 113 -14.23 -80.81 24.64
N ALA J 114 -14.65 -81.96 25.19
CA ALA J 114 -14.65 -82.25 26.63
C ALA J 114 -15.28 -81.07 27.37
N ASN J 115 -14.68 -80.57 28.44
CA ASN J 115 -15.19 -79.44 29.19
C ASN J 115 -14.17 -78.30 29.16
N PRO J 116 -14.58 -77.08 28.80
CA PRO J 116 -13.64 -75.97 28.86
C PRO J 116 -13.22 -75.68 30.29
N PRO J 117 -12.01 -75.14 30.50
CA PRO J 117 -11.56 -74.85 31.86
C PRO J 117 -12.50 -73.88 32.56
N MET J 118 -12.71 -74.11 33.84
CA MET J 118 -13.59 -73.24 34.61
C MET J 118 -13.02 -71.82 34.64
N PRO J 119 -13.81 -70.80 34.31
CA PRO J 119 -13.25 -69.44 34.24
C PRO J 119 -12.65 -68.96 35.54
N ASN J 120 -13.22 -69.35 36.67
CA ASN J 120 -12.64 -69.00 37.95
C ASN J 120 -11.40 -69.85 38.21
N GLU J 121 -10.48 -69.28 39.01
CA GLU J 121 -9.23 -69.88 39.45
C GLU J 121 -8.39 -70.44 38.31
N SER J 122 -8.70 -70.08 37.06
CA SER J 122 -7.92 -70.55 35.92
C SER J 122 -7.22 -69.40 35.20
N LYS J 123 -7.96 -68.39 34.74
CA LYS J 123 -7.33 -67.33 33.96
C LYS J 123 -6.50 -66.41 34.85
N LEU J 124 -7.10 -65.89 35.92
CA LEU J 124 -6.43 -64.90 36.75
C LEU J 124 -5.11 -65.37 37.36
N PRO J 125 -4.96 -66.61 37.85
CA PRO J 125 -3.65 -66.98 38.41
C PRO J 125 -2.52 -66.91 37.40
N LEU J 126 -2.68 -67.56 36.25
CA LEU J 126 -1.63 -67.52 35.23
C LEU J 126 -1.46 -66.11 34.68
N LEU J 127 -2.54 -65.33 34.63
CA LEU J 127 -2.41 -63.92 34.27
C LEU J 127 -1.47 -63.21 35.22
N CYS J 128 -1.64 -63.45 36.52
CA CYS J 128 -0.77 -62.84 37.51
C CYS J 128 0.67 -63.30 37.33
N MET J 129 0.87 -64.60 37.09
CA MET J 129 2.22 -65.10 36.90
C MET J 129 2.89 -64.41 35.71
N GLU J 130 2.21 -64.34 34.58
CA GLU J 130 2.83 -63.78 33.39
C GLU J 130 3.08 -62.28 33.53
N THR J 131 2.14 -61.55 34.16
CA THR J 131 2.36 -60.12 34.33
C THR J 131 3.50 -59.84 35.31
N GLU J 132 3.61 -60.65 36.37
CA GLU J 132 4.71 -60.47 37.30
C GLU J 132 6.03 -60.76 36.61
N LEU J 133 6.08 -61.80 35.78
CA LEU J 133 7.29 -62.11 35.05
C LEU J 133 7.66 -60.99 34.09
N GLU J 134 6.67 -60.39 33.43
CA GLU J 134 6.94 -59.26 32.55
C GLU J 134 7.50 -58.08 33.33
N ARG J 135 6.93 -57.80 34.51
CA ARG J 135 7.42 -56.71 35.35
C ARG J 135 8.88 -56.94 35.75
N LEU J 136 9.19 -58.15 36.21
CA LEU J 136 10.56 -58.45 36.62
C LEU J 136 11.52 -58.35 35.45
N LYS J 137 11.11 -58.83 34.28
CA LYS J 137 11.95 -58.71 33.10
C LYS J 137 12.22 -57.25 32.77
N PHE J 138 11.20 -56.39 32.90
CA PHE J 138 11.40 -54.97 32.67
C PHE J 138 12.45 -54.40 33.63
N VAL J 139 12.34 -54.76 34.92
CA VAL J 139 13.27 -54.22 35.91
C VAL J 139 14.71 -54.63 35.57
N ILE J 140 14.90 -55.93 35.27
CA ILE J 140 16.23 -56.42 34.98
C ILE J 140 16.78 -55.79 33.71
N ARG J 141 15.92 -55.63 32.69
CA ARG J 141 16.35 -55.00 31.45
C ARG J 141 16.83 -53.57 31.69
N SER J 142 16.07 -52.81 32.48
CA SER J 142 16.47 -51.44 32.78
C SER J 142 17.82 -51.42 33.49
N TYR J 143 18.00 -52.29 34.48
CA TYR J 143 19.28 -52.34 35.20
C TYR J 143 20.43 -52.62 34.25
N ILE J 144 20.27 -53.63 33.40
CA ILE J 144 21.35 -54.02 32.50
C ILE J 144 21.67 -52.90 31.52
N ARG J 145 20.64 -52.27 30.96
CA ARG J 145 20.88 -51.19 30.00
C ARG J 145 21.58 -50.01 30.65
N CYS J 146 21.20 -49.68 31.89
CA CYS J 146 21.88 -48.60 32.59
C CYS J 146 23.35 -48.92 32.80
N ARG J 147 23.65 -50.17 33.19
CA ARG J 147 25.05 -50.56 33.38
C ARG J 147 25.81 -50.49 32.06
N LEU J 148 25.16 -50.89 30.96
CA LEU J 148 25.79 -50.81 29.64
C LEU J 148 26.13 -49.37 29.28
N SER J 149 25.21 -48.44 29.51
CA SER J 149 25.50 -47.05 29.22
C SER J 149 26.65 -46.53 30.07
N LYS J 150 26.67 -46.90 31.37
CA LYS J 150 27.73 -46.45 32.24
C LYS J 150 29.09 -46.94 31.77
N ILE J 151 29.18 -48.23 31.42
CA ILE J 151 30.46 -48.74 30.91
C ILE J 151 30.76 -48.18 29.54
N ASP J 152 29.75 -47.71 28.80
CA ASP J 152 30.01 -46.95 27.59
C ASP J 152 30.76 -45.66 27.91
N LYS J 153 30.34 -44.95 28.94
CA LYS J 153 30.89 -43.63 29.19
C LYS J 153 32.35 -43.70 29.62
N PHE J 154 32.67 -44.58 30.58
CA PHE J 154 33.97 -44.55 31.26
C PHE J 154 34.94 -45.62 30.75
N SER J 155 34.85 -45.96 29.47
CA SER J 155 35.59 -47.13 28.97
C SER J 155 37.10 -46.95 29.13
N LEU J 156 37.64 -45.83 28.65
CA LEU J 156 39.09 -45.66 28.66
C LEU J 156 39.62 -45.56 30.07
N TYR J 157 38.87 -44.91 30.97
CA TYR J 157 39.33 -44.78 32.35
C TYR J 157 39.43 -46.15 33.02
N LEU J 158 38.42 -46.98 32.87
CA LEU J 158 38.48 -48.30 33.50
C LEU J 158 39.53 -49.18 32.83
N ARG J 159 39.73 -49.04 31.52
CA ARG J 159 40.79 -49.81 30.87
C ARG J 159 42.15 -49.41 31.42
N GLN J 160 42.42 -48.11 31.53
CA GLN J 160 43.70 -47.66 32.05
C GLN J 160 43.86 -48.02 33.53
N LEU J 161 42.74 -48.12 34.26
CA LEU J 161 42.83 -48.56 35.65
C LEU J 161 43.14 -50.04 35.74
N ASN J 162 42.61 -50.85 34.82
CA ASN J 162 42.75 -52.29 34.93
C ASN J 162 44.20 -52.72 34.82
N GLU J 163 44.96 -52.12 33.90
CA GLU J 163 46.36 -52.50 33.71
C GLU J 163 47.25 -52.07 34.87
N ASP J 164 46.75 -51.24 35.78
CA ASP J 164 47.53 -50.84 36.93
C ASP J 164 47.72 -52.01 37.88
N GLU J 165 48.97 -52.35 38.18
CA GLU J 165 49.24 -53.46 39.07
C GLU J 165 48.98 -53.11 40.53
N ASN J 166 49.28 -51.88 40.93
CA ASN J 166 49.05 -51.48 42.32
C ASN J 166 47.56 -51.32 42.63
N SER J 167 46.73 -51.13 41.61
CA SER J 167 45.29 -50.99 41.83
C SER J 167 44.71 -52.30 42.33
N LEU J 168 44.22 -52.29 43.58
CA LEU J 168 43.68 -53.51 44.15
C LEU J 168 42.34 -53.90 43.52
N ILE J 169 41.63 -52.95 42.94
CA ILE J 169 40.36 -53.27 42.28
C ILE J 169 40.64 -53.84 40.90
N SER J 170 40.01 -54.97 40.60
CA SER J 170 40.20 -55.66 39.32
C SER J 170 38.93 -55.57 38.50
N LEU J 171 39.11 -55.46 37.18
CA LEU J 171 37.98 -55.31 36.27
C LEU J 171 37.06 -56.52 36.30
N THR J 172 37.55 -57.67 36.75
CA THR J 172 36.75 -58.90 36.72
C THR J 172 35.54 -58.79 37.65
N ASP J 173 35.71 -58.17 38.82
CA ASP J 173 34.62 -58.14 39.79
C ASP J 173 33.53 -57.17 39.39
N LEU J 174 33.90 -55.97 38.91
CA LEU J 174 32.89 -54.95 38.60
C LEU J 174 32.03 -55.32 37.39
N LEU J 175 32.51 -56.21 36.52
CA LEU J 175 31.85 -56.46 35.25
C LEU J 175 31.60 -57.95 35.06
N SER J 176 30.56 -58.27 34.29
CA SER J 176 30.35 -59.62 33.83
C SER J 176 31.17 -59.88 32.56
N LYS J 177 31.30 -61.16 32.22
CA LYS J 177 32.14 -61.55 31.08
C LYS J 177 31.65 -60.92 29.79
N ASP J 178 30.34 -60.96 29.55
CA ASP J 178 29.80 -60.31 28.37
C ASP J 178 30.06 -58.81 28.38
N GLU J 179 30.04 -58.19 29.56
CA GLU J 179 30.40 -56.78 29.65
C GLU J 179 31.87 -56.55 29.32
N ILE J 180 32.73 -57.49 29.71
CA ILE J 180 34.16 -57.36 29.38
C ILE J 180 34.36 -57.43 27.87
N LYS J 181 33.74 -58.42 27.22
CA LYS J 181 33.88 -58.53 25.77
C LYS J 181 33.27 -57.31 25.09
N TYR J 182 32.14 -56.82 25.59
CA TYR J 182 31.56 -55.59 25.07
C TYR J 182 32.55 -54.44 25.14
N HIS J 183 33.15 -54.23 26.31
CA HIS J 183 34.09 -53.14 26.48
C HIS J 183 35.25 -53.25 25.51
N ASP J 184 35.90 -54.42 25.46
CA ASP J 184 37.11 -54.53 24.65
C ASP J 184 36.79 -54.41 23.16
N THR J 185 35.74 -55.09 22.69
CA THR J 185 35.39 -55.02 21.28
C THR J 185 35.00 -53.60 20.88
N HIS J 186 34.20 -52.93 21.72
CA HIS J 186 33.78 -51.56 21.42
C HIS J 186 34.98 -50.62 21.38
N SER J 187 35.90 -50.78 22.33
CA SER J 187 37.09 -49.94 22.35
C SER J 187 37.93 -50.14 21.08
N LEU J 188 38.13 -51.39 20.68
CA LEU J 188 38.89 -51.65 19.46
C LEU J 188 38.20 -51.09 18.23
N ILE J 189 36.88 -51.23 18.14
CA ILE J 189 36.15 -50.73 16.98
C ILE J 189 36.26 -49.21 16.91
N TRP J 190 36.04 -48.54 18.03
CA TRP J 190 36.11 -47.08 18.04
C TRP J 190 37.52 -46.60 17.73
N LEU J 191 38.53 -47.28 18.29
CA LEU J 191 39.91 -46.89 18.01
C LEU J 191 40.24 -47.06 16.54
N LYS J 192 39.77 -48.16 15.93
CA LYS J 192 39.99 -48.36 14.49
C LYS J 192 39.34 -47.24 13.69
N LEU J 193 38.10 -46.89 14.03
CA LEU J 193 37.40 -45.85 13.29
C LEU J 193 38.12 -44.52 13.39
N VAL J 194 38.50 -44.12 14.61
CA VAL J 194 39.13 -42.82 14.79
C VAL J 194 40.53 -42.81 14.21
N ASN J 195 41.21 -43.96 14.19
CA ASN J 195 42.55 -44.02 13.61
C ASN J 195 42.48 -43.90 12.10
N ASP J 196 41.52 -44.57 11.47
CA ASP J 196 41.35 -44.45 10.02
C ASP J 196 40.93 -43.04 9.63
N SER J 197 40.00 -42.44 10.38
CA SER J 197 39.41 -41.17 9.95
C SER J 197 40.40 -40.02 10.10
N ILE J 198 41.08 -39.92 11.24
CA ILE J 198 41.82 -38.72 11.58
C ILE J 198 43.29 -39.02 11.89
N LEU J 199 43.51 -39.93 12.84
CA LEU J 199 44.84 -40.10 13.41
C LEU J 199 45.87 -40.56 12.37
N LYS J 200 45.42 -41.12 11.25
CA LYS J 200 46.35 -41.50 10.19
C LYS J 200 47.15 -40.30 9.70
N TYR J 201 46.55 -39.11 9.71
CA TYR J 201 47.22 -37.90 9.28
C TYR J 201 48.00 -37.21 10.39
N MET J 202 47.82 -37.63 11.64
CA MET J 202 48.49 -36.98 12.75
C MET J 202 49.98 -37.27 12.75
N PRO J 203 50.80 -36.36 13.27
CA PRO J 203 52.23 -36.62 13.38
C PRO J 203 52.52 -37.62 14.50
N GLU J 204 53.75 -38.11 14.50
CA GLU J 204 54.16 -39.14 15.45
C GLU J 204 54.00 -38.70 16.90
N GLU J 205 54.07 -37.39 17.15
CA GLU J 205 54.11 -36.91 18.53
C GLU J 205 52.84 -37.24 19.30
N LEU J 206 51.67 -37.09 18.67
CA LEU J 206 50.41 -37.01 19.40
C LEU J 206 49.33 -37.92 18.83
N GLN J 207 49.72 -39.02 18.18
CA GLN J 207 48.71 -39.92 17.61
C GLN J 207 47.96 -40.69 18.68
N ALA J 208 48.56 -40.91 19.84
CA ALA J 208 47.92 -41.71 20.88
C ALA J 208 46.71 -40.99 21.46
N ILE J 209 45.64 -41.75 21.70
CA ILE J 209 44.40 -41.21 22.23
C ILE J 209 44.29 -41.44 23.73
N ASN J 210 45.42 -41.71 24.41
CA ASN J 210 45.44 -41.83 25.86
C ASN J 210 46.47 -40.91 26.47
N ASP J 211 46.87 -39.86 25.76
CA ASP J 211 47.87 -38.94 26.27
C ASP J 211 47.35 -38.20 27.50
N THR J 212 48.22 -38.00 28.47
CA THR J 212 47.90 -37.31 29.71
C THR J 212 48.97 -36.26 30.01
N GLU J 213 49.39 -35.54 28.97
CA GLU J 213 50.42 -34.53 29.10
C GLU J 213 50.05 -33.33 28.24
N GLY J 214 50.64 -32.18 28.58
CA GLY J 214 50.38 -30.97 27.83
C GLY J 214 49.36 -30.07 28.49
N SER J 215 48.30 -29.74 27.78
CA SER J 215 47.27 -28.84 28.29
C SER J 215 46.11 -29.58 28.91
N VAL J 216 45.44 -30.44 28.14
CA VAL J 216 44.20 -31.08 28.55
C VAL J 216 44.36 -32.59 28.49
N ASN J 217 43.99 -33.27 29.57
CA ASN J 217 43.93 -34.72 29.60
C ASN J 217 42.59 -35.19 29.05
N MET J 218 42.58 -36.39 28.49
CA MET J 218 41.42 -36.91 27.78
C MET J 218 40.86 -38.18 28.41
N ILE J 219 41.01 -38.33 29.72
CA ILE J 219 40.44 -39.44 30.47
C ILE J 219 39.38 -38.86 31.41
N ASP J 220 38.15 -39.39 31.30
CA ASP J 220 37.01 -38.85 32.04
C ASP J 220 36.84 -39.62 33.35
N GLU J 221 37.47 -39.13 34.41
CA GLU J 221 37.24 -39.70 35.72
C GLU J 221 35.82 -39.39 36.19
N PRO J 222 35.20 -40.30 36.94
CA PRO J 222 33.88 -40.00 37.51
C PRO J 222 33.97 -38.87 38.50
N ASP J 223 32.89 -38.08 38.57
CA ASP J 223 32.84 -36.93 39.48
C ASP J 223 32.39 -37.43 40.85
N TRP J 224 33.35 -37.59 41.76
CA TRP J 224 33.04 -38.11 43.08
C TRP J 224 32.32 -37.09 43.96
N ASN J 225 32.35 -35.81 43.59
CA ASN J 225 31.81 -34.75 44.42
C ASN J 225 30.38 -34.37 44.06
N LYS J 226 29.75 -35.07 43.12
CA LYS J 226 28.42 -34.70 42.69
C LYS J 226 27.41 -34.85 43.82
N PHE J 227 26.55 -33.85 43.97
CA PHE J 227 25.56 -33.87 45.03
C PHE J 227 24.44 -34.85 44.70
N VAL J 228 24.08 -35.69 45.67
CA VAL J 228 23.08 -36.72 45.46
C VAL J 228 22.10 -36.71 46.63
N PHE J 229 20.90 -37.20 46.38
CA PHE J 229 19.87 -37.33 47.41
C PHE J 229 20.01 -38.67 48.11
N ILE J 230 19.99 -38.65 49.44
CA ILE J 230 20.15 -39.86 50.24
C ILE J 230 19.01 -39.95 51.24
N HIS J 231 18.79 -41.16 51.75
CA HIS J 231 17.86 -41.41 52.83
C HIS J 231 18.56 -42.30 53.85
N VAL J 232 18.67 -41.81 55.08
CA VAL J 232 19.39 -42.55 56.11
C VAL J 232 18.52 -43.71 56.58
N ASN J 233 18.78 -44.90 56.05
CA ASN J 233 18.02 -46.08 56.44
C ASN J 233 18.46 -46.64 57.78
N GLY J 234 19.72 -46.43 58.15
CA GLY J 234 20.25 -46.97 59.37
C GLY J 234 20.83 -48.34 59.17
N PRO J 235 21.13 -49.04 60.26
CA PRO J 235 21.73 -50.37 60.16
C PRO J 235 20.70 -51.39 59.68
N PRO J 236 21.11 -52.33 58.82
CA PRO J 236 20.16 -53.34 58.34
C PRO J 236 19.65 -54.26 59.42
N ASP J 237 20.35 -54.36 60.55
CA ASP J 237 19.89 -55.19 61.65
C ASP J 237 18.62 -54.61 62.26
N GLY J 238 17.78 -55.49 62.78
CA GLY J 238 16.59 -55.05 63.49
C GLY J 238 16.89 -54.36 64.81
N LYS J 239 18.06 -54.64 65.39
CA LYS J 239 18.49 -53.90 66.58
C LYS J 239 18.85 -52.46 66.24
N TRP J 240 19.40 -52.24 65.03
CA TRP J 240 19.78 -50.92 64.52
C TRP J 240 20.54 -50.09 65.56
N ASN J 241 21.25 -50.75 66.48
CA ASN J 241 21.98 -50.03 67.51
C ASN J 241 23.33 -50.67 67.83
N GLU J 242 23.81 -51.61 67.04
CA GLU J 242 25.04 -52.32 67.34
C GLU J 242 26.24 -51.84 66.53
N ASP J 243 26.05 -50.89 65.63
CA ASP J 243 27.18 -50.37 64.86
C ASP J 243 28.15 -49.62 65.78
N PRO J 244 29.45 -49.83 65.61
CA PRO J 244 30.44 -49.02 66.35
C PRO J 244 30.62 -47.61 65.81
N LEU J 245 29.76 -47.17 64.90
CA LEU J 245 29.88 -45.88 64.25
C LEU J 245 28.88 -44.85 64.74
N LEU J 246 27.66 -45.26 65.06
CA LEU J 246 26.62 -44.30 65.40
C LEU J 246 26.88 -43.71 66.79
N GLN J 247 26.51 -42.44 66.94
CA GLN J 247 26.56 -41.73 68.20
C GLN J 247 25.16 -41.21 68.53
N GLU J 248 25.05 -40.41 69.58
CA GLU J 248 23.76 -39.91 70.03
C GLU J 248 23.85 -38.42 70.33
N ASN J 249 22.69 -37.75 70.26
CA ASN J 249 22.59 -36.34 70.58
C ASN J 249 21.48 -36.13 71.60
N GLU J 250 21.09 -34.87 71.82
CA GLU J 250 19.98 -34.60 72.70
C GLU J 250 18.72 -35.29 72.18
N PHE J 251 17.88 -35.73 73.12
CA PHE J 251 16.68 -36.51 72.81
C PHE J 251 17.03 -37.79 72.07
N GLY J 252 18.17 -38.39 72.42
CA GLY J 252 18.61 -39.59 71.74
C GLY J 252 19.04 -39.31 70.32
N LYS J 253 18.22 -39.72 69.35
CA LYS J 253 18.45 -39.47 67.93
C LYS J 253 19.82 -40.02 67.51
N PRO J 254 19.96 -41.33 67.37
CA PRO J 254 21.24 -41.89 66.94
C PRO J 254 21.69 -41.31 65.61
N CYS J 255 22.99 -41.06 65.48
CA CYS J 255 23.49 -40.34 64.32
C CYS J 255 24.91 -40.78 64.01
N TYR J 256 25.30 -40.54 62.75
CA TYR J 256 26.67 -40.75 62.29
C TYR J 256 27.30 -39.40 62.00
N THR J 257 28.57 -39.25 62.35
CA THR J 257 29.30 -38.01 62.15
C THR J 257 30.29 -38.19 61.01
N VAL J 258 30.05 -37.47 59.91
CA VAL J 258 30.94 -37.49 58.75
C VAL J 258 31.65 -36.15 58.68
N THR J 259 32.84 -36.16 58.08
CA THR J 259 33.67 -34.98 57.98
C THR J 259 34.04 -34.71 56.53
N ILE J 260 34.03 -33.44 56.16
CA ILE J 260 34.40 -32.98 54.82
C ILE J 260 35.77 -32.32 54.91
N PRO J 261 36.77 -32.80 54.17
CA PRO J 261 38.11 -32.21 54.30
C PRO J 261 38.22 -30.81 53.73
N ASP J 262 37.57 -30.55 52.59
CA ASP J 262 37.68 -29.23 51.97
C ASP J 262 37.11 -28.14 52.87
N LEU J 263 35.95 -28.40 53.47
CA LEU J 263 35.32 -27.42 54.36
C LEU J 263 35.75 -27.58 55.82
N LYS J 264 36.47 -28.65 56.15
CA LYS J 264 36.97 -28.88 57.51
C LYS J 264 35.84 -28.84 58.52
N GLU J 265 34.70 -29.42 58.15
CA GLU J 265 33.50 -29.41 58.97
C GLU J 265 33.10 -30.83 59.35
N GLU J 266 32.11 -30.92 60.21
CA GLU J 266 31.52 -32.21 60.61
C GLU J 266 30.01 -32.11 60.48
N VAL J 267 29.40 -33.06 59.78
CA VAL J 267 27.99 -33.05 59.48
C VAL J 267 27.33 -34.23 60.19
N GLU J 268 26.21 -33.97 60.85
CA GLU J 268 25.47 -34.98 61.57
C GLU J 268 24.34 -35.53 60.71
N LEU J 269 24.21 -36.85 60.66
CA LEU J 269 23.17 -37.53 59.91
C LEU J 269 22.37 -38.40 60.85
N THR J 270 21.06 -38.16 60.94
CA THR J 270 20.19 -38.92 61.81
C THR J 270 19.29 -39.84 60.99
N ILE J 271 18.72 -40.83 61.68
CA ILE J 271 17.84 -41.79 61.02
C ILE J 271 16.52 -41.13 60.67
N GLY J 272 16.05 -41.34 59.44
CA GLY J 272 14.78 -40.82 59.01
C GLY J 272 14.81 -39.44 58.39
N SER J 273 15.99 -38.90 58.11
CA SER J 273 16.13 -37.57 57.54
C SER J 273 16.76 -37.66 56.16
N ILE J 274 16.20 -36.93 55.21
CA ILE J 274 16.72 -36.85 53.86
C ILE J 274 17.70 -35.68 53.78
N TYR J 275 18.88 -35.94 53.23
CA TYR J 275 19.92 -34.92 53.10
C TYR J 275 20.28 -34.74 51.64
N VAL J 276 21.08 -33.72 51.37
CA VAL J 276 21.69 -33.50 50.07
C VAL J 276 23.18 -33.35 50.32
N MET J 277 23.94 -34.41 50.04
CA MET J 277 25.34 -34.47 50.39
C MET J 277 26.15 -34.95 49.18
N ARG J 278 27.38 -34.47 49.09
CA ARG J 278 28.25 -34.87 48.00
C ARG J 278 28.57 -36.36 48.09
N TYR J 279 28.81 -36.97 46.93
CA TYR J 279 28.95 -38.42 46.86
C TYR J 279 30.24 -38.92 47.49
N GLU J 280 31.30 -38.09 47.49
CA GLU J 280 32.61 -38.58 47.90
C GLU J 280 32.61 -39.07 49.34
N VAL J 281 31.98 -38.31 50.24
CA VAL J 281 32.05 -38.62 51.67
C VAL J 281 31.13 -39.75 52.09
N ILE J 282 30.45 -40.39 51.15
CA ILE J 282 29.34 -41.26 51.51
C ILE J 282 29.47 -42.65 50.89
N ARG J 283 30.60 -42.91 50.24
CA ARG J 283 30.77 -44.20 49.55
C ARG J 283 30.71 -45.37 50.54
N ASP J 284 31.39 -45.24 51.67
CA ASP J 284 31.47 -46.36 52.61
C ASP J 284 30.11 -46.69 53.20
N LEU J 285 29.36 -45.68 53.61
CA LEU J 285 28.03 -45.92 54.16
C LEU J 285 27.13 -46.59 53.12
N LEU J 286 27.23 -46.15 51.87
CA LEU J 286 26.41 -46.74 50.81
C LEU J 286 26.78 -48.20 50.58
N ARG J 287 28.08 -48.49 50.42
CA ARG J 287 28.50 -49.85 50.17
C ARG J 287 28.24 -50.77 51.36
N ASP J 288 28.13 -50.22 52.57
CA ASP J 288 27.76 -51.00 53.73
C ASP J 288 26.25 -51.02 53.96
N ASP J 289 25.47 -50.52 53.00
CA ASP J 289 24.01 -50.50 53.07
C ASP J 289 23.51 -49.70 54.27
N LYS J 290 24.29 -48.71 54.71
CA LYS J 290 23.86 -47.86 55.80
C LYS J 290 22.82 -46.85 55.33
N VAL J 291 22.99 -46.31 54.13
CA VAL J 291 22.10 -45.31 53.57
C VAL J 291 21.70 -45.73 52.16
N ALA J 292 20.47 -45.41 51.78
CA ALA J 292 19.93 -45.76 50.48
C ALA J 292 19.62 -44.49 49.69
N LEU J 293 20.13 -44.43 48.46
CA LEU J 293 19.90 -43.27 47.61
C LEU J 293 18.47 -43.24 47.09
N ILE J 294 18.02 -42.03 46.77
CA ILE J 294 16.73 -41.84 46.12
C ILE J 294 16.92 -40.97 44.88
N MET K 1 -39.77 -68.88 16.05
CA MET K 1 -38.55 -68.08 16.09
C MET K 1 -37.35 -68.97 16.41
N TYR K 2 -36.14 -68.49 16.14
CA TYR K 2 -35.02 -69.32 16.52
C TYR K 2 -34.64 -69.05 17.97
N TYR K 3 -34.23 -67.81 18.27
CA TYR K 3 -33.99 -67.32 19.63
C TYR K 3 -35.10 -66.34 20.00
N GLY K 4 -36.00 -66.76 20.88
CA GLY K 4 -36.93 -65.82 21.47
C GLY K 4 -36.24 -64.90 22.45
N ILE K 5 -36.89 -63.77 22.74
CA ILE K 5 -36.33 -62.82 23.70
C ILE K 5 -36.15 -63.47 25.07
N SER K 6 -36.98 -64.45 25.39
CA SER K 6 -36.91 -65.16 26.66
C SER K 6 -35.75 -66.13 26.73
N GLN K 7 -34.83 -66.15 25.76
CA GLN K 7 -33.68 -67.05 25.83
C GLN K 7 -32.38 -66.38 25.40
N PHE K 8 -32.39 -65.07 25.14
CA PHE K 8 -31.19 -64.39 24.63
C PHE K 8 -29.98 -64.67 25.50
N SER K 9 -30.13 -64.61 26.82
CA SER K 9 -29.00 -64.80 27.72
C SER K 9 -28.31 -66.14 27.48
N GLU K 10 -29.10 -67.18 27.19
CA GLU K 10 -28.52 -68.48 26.91
C GLU K 10 -27.51 -68.38 25.78
N ALA K 11 -27.89 -67.71 24.70
CA ALA K 11 -26.96 -67.51 23.59
C ALA K 11 -25.71 -66.77 24.07
N TYR K 12 -25.90 -65.75 24.90
CA TYR K 12 -24.76 -65.07 25.51
C TYR K 12 -23.83 -66.08 26.17
N ASN K 13 -24.39 -66.97 26.98
CA ASN K 13 -23.59 -67.98 27.65
C ASN K 13 -22.81 -68.80 26.64
N LYS K 14 -23.45 -69.16 25.53
CA LYS K 14 -22.76 -69.94 24.50
C LYS K 14 -21.49 -69.25 24.06
N ILE K 15 -21.53 -67.92 23.90
CA ILE K 15 -20.33 -67.20 23.49
C ILE K 15 -19.22 -67.41 24.51
N LEU K 16 -19.56 -67.28 25.80
CA LEU K 16 -18.57 -67.49 26.84
C LEU K 16 -18.05 -68.92 26.82
N ARG K 17 -18.88 -69.87 26.38
CA ARG K 17 -18.42 -71.25 26.31
C ARG K 17 -17.44 -71.46 25.16
N ASN K 18 -17.50 -70.62 24.13
CA ASN K 18 -16.72 -70.87 22.92
C ASN K 18 -15.63 -69.85 22.66
N SER K 19 -15.84 -68.58 23.01
CA SER K 19 -14.91 -67.53 22.65
C SER K 19 -14.06 -67.02 23.79
N SER K 20 -14.49 -67.21 25.04
CA SER K 20 -13.72 -66.74 26.18
C SER K 20 -12.43 -67.54 26.29
N SER K 21 -11.31 -66.92 25.92
CA SER K 21 -10.01 -67.59 25.93
C SER K 21 -8.97 -66.63 26.48
N HIS K 22 -7.73 -67.09 26.51
CA HIS K 22 -6.62 -66.31 27.04
C HIS K 22 -5.86 -65.56 25.95
N SER K 23 -5.30 -66.28 24.99
CA SER K 23 -4.41 -65.70 23.99
C SER K 23 -4.89 -66.04 22.59
N SER K 24 -6.17 -65.81 22.32
CA SER K 24 -6.74 -66.08 21.01
C SER K 24 -7.96 -65.21 20.80
N CYS K 25 -7.90 -64.34 19.79
CA CYS K 25 -9.03 -63.47 19.45
C CYS K 25 -10.08 -64.32 18.74
N GLN K 26 -11.08 -64.77 19.50
CA GLN K 26 -12.08 -65.71 18.99
C GLN K 26 -13.45 -65.08 18.84
N LEU K 27 -13.52 -63.82 18.47
CA LEU K 27 -14.79 -63.15 18.25
C LEU K 27 -14.57 -61.91 17.42
N VAL K 28 -15.22 -61.82 16.26
CA VAL K 28 -15.11 -60.69 15.36
C VAL K 28 -16.52 -60.20 15.04
N ILE K 29 -16.69 -58.88 15.00
CA ILE K 29 -17.98 -58.25 14.82
C ILE K 29 -17.96 -57.42 13.53
N PHE K 30 -18.97 -57.62 12.70
CA PHE K 30 -19.19 -56.79 11.51
C PHE K 30 -20.35 -55.85 11.80
N VAL K 31 -20.15 -54.57 11.50
CA VAL K 31 -21.12 -53.52 11.81
C VAL K 31 -21.58 -52.88 10.52
N SER K 32 -22.89 -52.62 10.43
CA SER K 32 -23.44 -51.91 9.28
C SER K 32 -23.04 -50.45 9.37
N CYS K 33 -22.01 -50.07 8.61
CA CYS K 33 -21.56 -48.69 8.61
C CYS K 33 -22.67 -47.77 8.12
N LEU K 34 -22.51 -46.47 8.40
CA LEU K 34 -23.47 -45.44 8.02
C LEU K 34 -24.86 -45.75 8.59
N ASN K 35 -24.89 -46.16 9.86
CA ASN K 35 -26.15 -46.34 10.58
C ASN K 35 -25.90 -46.06 12.05
N ILE K 36 -26.89 -45.44 12.70
CA ILE K 36 -26.70 -45.00 14.09
C ILE K 36 -27.05 -46.11 15.06
N ASP K 37 -28.15 -46.83 14.82
CA ASP K 37 -28.55 -47.89 15.74
C ASP K 37 -27.49 -48.97 15.83
N ALA K 38 -26.87 -49.31 14.70
CA ALA K 38 -25.79 -50.29 14.70
C ALA K 38 -24.62 -49.79 15.55
N LEU K 39 -24.27 -48.51 15.42
CA LEU K 39 -23.19 -47.96 16.22
C LEU K 39 -23.49 -48.03 17.71
N CYS K 40 -24.73 -47.69 18.10
CA CYS K 40 -25.11 -47.75 19.51
C CYS K 40 -25.04 -49.17 20.04
N ALA K 41 -25.57 -50.13 19.29
CA ALA K 41 -25.51 -51.52 19.72
C ALA K 41 -24.07 -52.00 19.83
N THR K 42 -23.22 -51.60 18.88
CA THR K 42 -21.82 -52.00 18.91
C THR K 42 -21.12 -51.42 20.13
N LYS K 43 -21.41 -50.17 20.47
CA LYS K 43 -20.81 -49.59 21.68
C LYS K 43 -21.24 -50.35 22.93
N MET K 44 -22.53 -50.67 23.02
CA MET K 44 -23.02 -51.43 24.18
C MET K 44 -22.32 -52.78 24.27
N LEU K 45 -22.21 -53.48 23.14
CA LEU K 45 -21.56 -54.78 23.14
C LEU K 45 -20.09 -54.67 23.49
N SER K 46 -19.41 -53.63 23.00
CA SER K 46 -17.99 -53.46 23.30
C SER K 46 -17.79 -53.23 24.80
N LEU K 47 -18.64 -52.41 25.42
CA LEU K 47 -18.53 -52.21 26.85
C LEU K 47 -18.77 -53.52 27.60
N LEU K 48 -19.83 -54.25 27.22
CA LEU K 48 -20.14 -55.50 27.91
C LEU K 48 -18.99 -56.49 27.81
N PHE K 49 -18.41 -56.64 26.63
CA PHE K 49 -17.34 -57.60 26.45
C PHE K 49 -16.01 -57.11 26.97
N LYS K 50 -15.86 -55.80 27.21
CA LYS K 50 -14.71 -55.32 27.95
C LYS K 50 -14.86 -55.60 29.44
N LYS K 51 -16.10 -55.69 29.92
CA LYS K 51 -16.31 -55.97 31.35
C LYS K 51 -15.74 -57.33 31.74
N GLN K 52 -16.11 -58.38 31.01
CA GLN K 52 -15.65 -59.73 31.32
C GLN K 52 -14.33 -60.09 30.66
N LEU K 53 -13.62 -59.11 30.10
CA LEU K 53 -12.29 -59.30 29.53
C LEU K 53 -12.30 -60.40 28.46
N VAL K 54 -13.23 -60.27 27.51
CA VAL K 54 -13.29 -61.15 26.35
C VAL K 54 -12.67 -60.41 25.18
N GLN K 55 -11.56 -60.94 24.66
CA GLN K 55 -10.86 -60.27 23.58
C GLN K 55 -11.71 -60.28 22.31
N SER K 56 -11.66 -59.18 21.57
CA SER K 56 -12.55 -58.99 20.43
C SER K 56 -11.94 -58.01 19.44
N GLN K 57 -12.62 -57.88 18.30
CA GLN K 57 -12.19 -57.02 17.22
C GLN K 57 -13.42 -56.49 16.49
N ILE K 58 -13.40 -55.20 16.16
CA ILE K 58 -14.51 -54.53 15.49
C ILE K 58 -14.11 -54.25 14.06
N VAL K 59 -14.96 -54.63 13.11
CA VAL K 59 -14.68 -54.47 11.69
C VAL K 59 -15.84 -53.73 11.03
N PRO K 60 -15.61 -52.54 10.48
CA PRO K 60 -16.65 -51.87 9.68
C PRO K 60 -16.60 -52.27 8.22
N ILE K 61 -17.78 -52.47 7.63
CA ILE K 61 -17.91 -52.79 6.22
C ILE K 61 -18.97 -51.89 5.62
N PHE K 62 -18.92 -51.75 4.30
CA PHE K 62 -19.85 -50.88 3.59
C PHE K 62 -20.77 -51.61 2.63
N GLY K 63 -20.26 -52.60 1.89
CA GLY K 63 -21.06 -53.27 0.88
C GLY K 63 -20.92 -54.78 0.99
N TYR K 64 -21.83 -55.47 0.29
CA TYR K 64 -21.83 -56.93 0.30
C TYR K 64 -20.52 -57.50 -0.24
N SER K 65 -19.88 -56.81 -1.19
CA SER K 65 -18.61 -57.28 -1.71
C SER K 65 -17.55 -57.32 -0.62
N GLU K 66 -17.49 -56.29 0.22
CA GLU K 66 -16.54 -56.30 1.33
C GLU K 66 -16.88 -57.41 2.32
N LEU K 67 -18.17 -57.64 2.55
CA LEU K 67 -18.57 -58.75 3.41
C LEU K 67 -18.04 -60.07 2.88
N ARG K 68 -18.23 -60.34 1.58
CA ARG K 68 -17.75 -61.57 0.99
C ARG K 68 -16.23 -61.69 1.10
N ARG K 69 -15.52 -60.60 0.77
CA ARG K 69 -14.06 -60.65 0.78
C ARG K 69 -13.53 -60.91 2.18
N HIS K 70 -14.07 -60.21 3.18
CA HIS K 70 -13.57 -60.38 4.53
C HIS K 70 -13.96 -61.72 5.12
N TYR K 71 -15.13 -62.25 4.75
CA TYR K 71 -15.47 -63.60 5.18
C TYR K 71 -14.50 -64.61 4.57
N SER K 72 -14.14 -64.41 3.30
CA SER K 72 -13.12 -65.27 2.70
C SER K 72 -11.79 -65.12 3.43
N GLN K 73 -11.54 -63.94 4.01
CA GLN K 73 -10.32 -63.73 4.76
C GLN K 73 -10.31 -64.44 6.11
N LEU K 74 -11.48 -64.89 6.59
CA LEU K 74 -11.56 -65.45 7.93
C LEU K 74 -10.84 -66.79 8.03
N ASP K 75 -10.53 -67.17 9.26
CA ASP K 75 -9.87 -68.43 9.58
C ASP K 75 -10.75 -69.22 10.53
N ASP K 76 -10.58 -70.56 10.50
CA ASP K 76 -11.42 -71.44 11.31
C ASP K 76 -11.22 -71.24 12.80
N ASN K 77 -10.16 -70.55 13.23
CA ASN K 77 -9.94 -70.30 14.65
C ASN K 77 -11.05 -69.47 15.27
N ILE K 78 -11.82 -68.75 14.45
CA ILE K 78 -12.89 -67.90 14.96
C ILE K 78 -14.10 -68.78 15.25
N ASN K 79 -14.40 -68.99 16.53
CA ASN K 79 -15.53 -69.82 16.90
C ASN K 79 -16.86 -69.12 16.68
N SER K 80 -16.91 -67.81 16.93
CA SER K 80 -18.16 -67.07 16.85
C SER K 80 -17.95 -65.78 16.06
N LEU K 81 -18.93 -65.45 15.23
CA LEU K 81 -18.91 -64.26 14.40
C LEU K 81 -20.19 -63.47 14.64
N LEU K 82 -20.09 -62.15 14.63
CA LEU K 82 -21.23 -61.27 14.81
C LEU K 82 -21.46 -60.46 13.54
N LEU K 83 -22.73 -60.31 13.16
CA LEU K 83 -23.14 -59.39 12.11
C LEU K 83 -24.28 -58.56 12.68
N VAL K 84 -24.16 -57.23 12.62
CA VAL K 84 -25.20 -56.35 13.14
C VAL K 84 -25.54 -55.31 12.07
N GLY K 85 -26.83 -55.10 11.87
CA GLY K 85 -27.32 -54.04 11.01
C GLY K 85 -27.58 -54.42 9.56
N PHE K 86 -27.47 -55.69 9.21
CA PHE K 86 -27.64 -56.12 7.82
C PHE K 86 -27.77 -57.63 7.79
N GLY K 87 -27.82 -58.18 6.58
CA GLY K 87 -27.78 -59.61 6.41
C GLY K 87 -29.00 -60.37 6.89
N GLY K 88 -30.15 -59.71 6.99
CA GLY K 88 -31.33 -60.40 7.44
C GLY K 88 -32.21 -60.93 6.33
N VAL K 89 -32.26 -60.22 5.21
CA VAL K 89 -33.24 -60.50 4.16
C VAL K 89 -32.66 -61.34 3.03
N ILE K 90 -31.44 -61.84 3.18
CA ILE K 90 -30.83 -62.69 2.17
C ILE K 90 -30.29 -63.95 2.83
N ASP K 91 -30.19 -65.02 2.04
CA ASP K 91 -29.65 -66.29 2.54
C ASP K 91 -28.13 -66.25 2.49
N LEU K 92 -27.50 -66.26 3.67
CA LEU K 92 -26.05 -66.19 3.72
C LEU K 92 -25.40 -67.46 3.16
N GLU K 93 -26.05 -68.61 3.34
CA GLU K 93 -25.48 -69.86 2.85
C GLU K 93 -25.32 -69.83 1.33
N ALA K 94 -26.37 -69.44 0.61
CA ALA K 94 -26.22 -69.22 -0.82
C ALA K 94 -25.31 -68.03 -1.11
N PHE K 95 -25.11 -67.15 -0.14
CA PHE K 95 -24.26 -65.99 -0.34
C PHE K 95 -22.79 -66.30 -0.10
N LEU K 96 -22.49 -67.03 0.97
CA LEU K 96 -21.11 -67.32 1.35
C LEU K 96 -20.76 -68.79 1.17
N GLU K 97 -21.58 -69.54 0.44
CA GLU K 97 -21.37 -70.96 0.13
C GLU K 97 -20.84 -71.74 1.34
N ILE K 98 -21.64 -71.73 2.40
CA ILE K 98 -21.32 -72.52 3.59
C ILE K 98 -21.75 -73.96 3.36
N ASP K 99 -20.82 -74.88 3.55
CA ASP K 99 -21.14 -76.31 3.48
C ASP K 99 -21.47 -76.79 4.88
N PRO K 100 -22.70 -77.21 5.17
CA PRO K 100 -23.02 -77.70 6.51
C PRO K 100 -22.17 -78.89 6.94
N GLN K 101 -21.82 -79.78 6.01
CA GLN K 101 -20.98 -80.92 6.34
C GLN K 101 -19.53 -80.54 6.55
N GLU K 102 -19.08 -79.42 5.98
CA GLU K 102 -17.72 -78.96 6.22
C GLU K 102 -17.52 -78.55 7.67
N TYR K 103 -18.53 -77.92 8.27
CA TYR K 103 -18.40 -77.35 9.61
C TYR K 103 -18.88 -78.26 10.72
N VAL K 104 -19.66 -79.31 10.41
CA VAL K 104 -20.15 -80.20 11.45
C VAL K 104 -18.98 -80.90 12.12
N ILE K 105 -19.05 -81.03 13.44
CA ILE K 105 -17.94 -81.58 14.20
C ILE K 105 -18.46 -82.24 15.48
N SER K 115 -23.47 -79.49 16.07
CA SER K 115 -22.30 -78.72 16.45
C SER K 115 -22.03 -77.61 15.46
N PHE K 116 -21.61 -77.99 14.25
CA PHE K 116 -21.38 -77.09 13.13
C PHE K 116 -20.26 -76.08 13.38
N ARG K 117 -19.50 -76.23 14.46
CA ARG K 117 -18.32 -75.42 14.73
C ARG K 117 -18.65 -73.92 14.76
N ARG K 118 -18.11 -73.18 13.79
CA ARG K 118 -18.17 -71.72 13.80
C ARG K 118 -19.58 -71.19 13.73
N ASP K 119 -20.06 -70.59 14.81
CA ASP K 119 -21.39 -70.00 14.83
C ASP K 119 -21.35 -68.58 14.30
N ILE K 120 -22.43 -68.19 13.62
CA ILE K 120 -22.60 -66.83 13.11
C ILE K 120 -23.91 -66.29 13.65
N TYR K 121 -23.88 -65.09 14.21
CA TYR K 121 -25.02 -64.45 14.84
C TYR K 121 -25.42 -63.24 14.00
N VAL K 122 -26.51 -63.36 13.25
CA VAL K 122 -27.03 -62.22 12.50
C VAL K 122 -28.04 -61.49 13.37
N LEU K 123 -27.93 -60.17 13.42
CA LEU K 123 -28.77 -59.33 14.27
C LEU K 123 -29.18 -58.11 13.45
N ASP K 124 -30.41 -58.10 12.97
CA ASP K 124 -30.92 -57.03 12.14
C ASP K 124 -32.39 -56.81 12.49
N ALA K 125 -33.03 -55.89 11.78
CA ALA K 125 -34.40 -55.51 12.07
C ALA K 125 -35.35 -55.61 10.89
N HIS K 126 -34.85 -55.67 9.66
CA HIS K 126 -35.72 -55.64 8.50
C HIS K 126 -36.65 -56.85 8.49
N ARG K 127 -37.95 -56.58 8.36
CA ARG K 127 -39.02 -57.58 8.49
C ARG K 127 -39.27 -58.50 7.30
N PRO K 128 -39.09 -58.07 6.05
CA PRO K 128 -39.19 -59.07 4.98
C PRO K 128 -37.92 -59.91 4.86
N TRP K 129 -37.56 -60.58 5.95
CA TRP K 129 -36.29 -61.28 5.98
C TRP K 129 -36.46 -62.74 5.59
N ASN K 130 -35.36 -63.33 5.12
CA ASN K 130 -35.43 -64.59 4.38
C ASN K 130 -35.98 -65.71 5.25
N LEU K 131 -36.97 -66.42 4.72
CA LEU K 131 -37.57 -67.54 5.45
C LEU K 131 -36.67 -68.76 5.45
N ASP K 132 -36.05 -69.07 4.31
CA ASP K 132 -35.12 -70.20 4.24
C ASP K 132 -33.94 -69.99 5.16
N ASN K 133 -33.42 -68.76 5.22
CA ASN K 133 -32.30 -68.44 6.08
C ASN K 133 -32.61 -68.71 7.54
N ILE K 134 -33.89 -68.82 7.89
CA ILE K 134 -34.28 -69.14 9.26
C ILE K 134 -34.51 -70.63 9.39
N PHE K 135 -35.46 -71.16 8.62
CA PHE K 135 -35.94 -72.51 8.90
C PHE K 135 -35.08 -73.60 8.28
N GLY K 136 -34.11 -73.27 7.43
CA GLY K 136 -33.36 -74.30 6.75
C GLY K 136 -31.95 -74.52 7.24
N SER K 137 -31.46 -73.64 8.10
CA SER K 137 -30.07 -73.68 8.52
C SER K 137 -29.96 -73.63 10.03
N GLN K 138 -29.17 -74.53 10.59
CA GLN K 138 -28.80 -74.47 12.00
C GLN K 138 -27.47 -73.76 12.22
N ILE K 139 -26.67 -73.60 11.17
CA ILE K 139 -25.42 -72.85 11.27
C ILE K 139 -25.69 -71.36 11.47
N ILE K 140 -26.70 -70.83 10.79
CA ILE K 140 -27.06 -69.42 10.87
C ILE K 140 -28.20 -69.27 11.85
N GLN K 141 -28.12 -68.30 12.73
CA GLN K 141 -29.04 -68.19 13.85
C GLN K 141 -29.08 -66.75 14.34
N CYS K 142 -30.30 -66.27 14.61
CA CYS K 142 -30.63 -64.86 14.73
C CYS K 142 -31.44 -64.60 16.01
N PHE K 143 -31.72 -63.33 16.25
CA PHE K 143 -32.54 -62.88 17.37
C PHE K 143 -33.85 -62.34 16.83
N ASP K 144 -34.90 -63.17 16.86
CA ASP K 144 -36.20 -62.67 16.46
C ASP K 144 -36.71 -61.65 17.47
N ASP K 145 -37.34 -60.60 16.96
CA ASP K 145 -37.91 -59.58 17.82
C ASP K 145 -39.26 -59.98 18.39
N GLY K 146 -39.80 -61.13 17.98
CA GLY K 146 -41.14 -61.52 18.37
C GLY K 146 -42.06 -61.51 17.17
N THR K 147 -41.50 -61.78 16.00
CA THR K 147 -42.23 -61.75 14.73
C THR K 147 -42.63 -63.14 14.25
N VAL K 148 -41.75 -64.13 14.41
CA VAL K 148 -42.04 -65.46 13.88
C VAL K 148 -43.19 -66.10 14.66
N ASP K 149 -43.20 -65.94 15.99
CA ASP K 149 -44.15 -66.65 16.82
C ASP K 149 -45.59 -66.32 16.47
N ASP K 150 -45.85 -65.12 15.96
CA ASP K 150 -47.21 -64.70 15.64
C ASP K 150 -47.43 -64.50 14.15
N THR K 151 -46.62 -63.66 13.50
CA THR K 151 -46.88 -63.32 12.10
C THR K 151 -46.67 -64.52 11.19
N LEU K 152 -45.54 -65.21 11.34
CA LEU K 152 -45.18 -66.31 10.45
C LEU K 152 -45.84 -67.63 10.84
N GLY K 153 -46.94 -67.58 11.59
CA GLY K 153 -47.62 -68.81 12.00
C GLY K 153 -48.18 -69.62 10.85
N GLU K 154 -48.28 -69.05 9.65
CA GLU K 154 -48.79 -69.75 8.49
C GLU K 154 -47.74 -70.01 7.42
N GLN K 155 -46.77 -69.12 7.25
CA GLN K 155 -45.79 -69.28 6.17
C GLN K 155 -44.89 -70.48 6.39
N LYS K 156 -44.58 -70.82 7.65
CA LYS K 156 -43.64 -71.90 7.90
C LYS K 156 -44.21 -73.26 7.57
N GLU K 157 -45.54 -73.40 7.60
CA GLU K 157 -46.17 -74.69 7.33
C GLU K 157 -45.86 -75.16 5.91
N ALA K 158 -46.02 -74.27 4.93
CA ALA K 158 -45.76 -74.64 3.54
C ALA K 158 -44.30 -74.99 3.34
N TYR K 159 -43.39 -74.22 3.96
CA TYR K 159 -41.97 -74.52 3.82
C TYR K 159 -41.63 -75.88 4.42
N TYR K 160 -42.20 -76.19 5.59
CA TYR K 160 -41.96 -77.50 6.19
C TYR K 160 -42.49 -78.61 5.30
N LYS K 161 -43.67 -78.41 4.71
CA LYS K 161 -44.25 -79.44 3.86
C LYS K 161 -43.42 -79.65 2.59
N LEU K 162 -42.93 -78.57 1.99
CA LEU K 162 -42.31 -78.63 0.68
C LEU K 162 -40.79 -78.66 0.73
N LEU K 163 -40.18 -78.70 1.92
CA LEU K 163 -38.73 -78.83 2.01
C LEU K 163 -38.26 -80.18 1.48
N ARG K 230 -52.24 -90.43 -7.02
CA ARG K 230 -51.06 -89.65 -6.70
C ARG K 230 -50.93 -88.43 -7.61
N LYS K 231 -51.88 -88.29 -8.53
CA LYS K 231 -51.89 -87.17 -9.46
C LYS K 231 -52.67 -85.98 -8.94
N GLN K 232 -53.39 -86.12 -7.83
CA GLN K 232 -54.20 -85.05 -7.28
C GLN K 232 -53.50 -84.27 -6.17
N ARG K 233 -52.25 -84.61 -5.85
CA ARG K 233 -51.52 -83.92 -4.79
C ARG K 233 -50.91 -82.60 -5.26
N LYS K 234 -50.98 -82.29 -6.56
CA LYS K 234 -50.42 -81.05 -7.06
C LYS K 234 -51.12 -79.82 -6.48
N LYS K 235 -52.32 -79.98 -5.94
CA LYS K 235 -53.00 -78.85 -5.30
C LYS K 235 -52.22 -78.36 -4.10
N GLN K 236 -51.66 -79.28 -3.31
CA GLN K 236 -50.85 -78.88 -2.16
C GLN K 236 -49.62 -78.11 -2.60
N ILE K 237 -48.95 -78.57 -3.67
CA ILE K 237 -47.77 -77.87 -4.17
C ILE K 237 -48.14 -76.49 -4.66
N HIS K 238 -49.26 -76.38 -5.39
CA HIS K 238 -49.72 -75.08 -5.86
C HIS K 238 -50.03 -74.15 -4.70
N GLU K 239 -50.69 -74.65 -3.66
CA GLU K 239 -51.00 -73.84 -2.50
C GLU K 239 -49.73 -73.37 -1.79
N TYR K 240 -48.75 -74.26 -1.65
CA TYR K 240 -47.50 -73.88 -1.01
C TYR K 240 -46.77 -72.80 -1.82
N GLU K 241 -46.74 -72.97 -3.14
CA GLU K 241 -46.09 -71.96 -3.99
C GLU K 241 -46.81 -70.62 -3.88
N GLY K 242 -48.14 -70.65 -3.88
CA GLY K 242 -48.88 -69.41 -3.73
C GLY K 242 -48.63 -68.74 -2.40
N VAL K 243 -48.56 -69.53 -1.33
CA VAL K 243 -48.29 -68.98 -0.01
C VAL K 243 -46.91 -68.32 0.03
N LEU K 244 -45.91 -68.99 -0.54
CA LEU K 244 -44.57 -68.42 -0.57
C LEU K 244 -44.55 -67.12 -1.38
N GLU K 245 -45.21 -67.12 -2.53
CA GLU K 245 -45.26 -65.90 -3.34
C GLU K 245 -45.96 -64.76 -2.61
N GLU K 246 -47.07 -65.07 -1.93
CA GLU K 246 -47.78 -64.05 -1.18
C GLU K 246 -46.91 -63.50 -0.05
N TYR K 247 -46.18 -64.37 0.64
CA TYR K 247 -45.26 -63.89 1.66
C TYR K 247 -44.21 -62.97 1.06
N TYR K 248 -43.67 -63.33 -0.09
CA TYR K 248 -42.72 -62.46 -0.78
C TYR K 248 -43.47 -61.34 -1.49
N SER K 249 -42.74 -60.53 -2.25
CA SER K 249 -43.29 -59.37 -2.94
C SER K 249 -43.92 -58.40 -1.94
N GLN K 250 -43.11 -57.98 -0.97
CA GLN K 250 -43.50 -56.99 0.01
C GLN K 250 -42.34 -56.04 0.24
N GLY K 251 -42.64 -54.86 0.78
CA GLY K 251 -41.64 -53.84 0.93
C GLY K 251 -40.72 -54.07 2.13
N THR K 252 -39.55 -53.44 2.06
CA THR K 252 -38.55 -53.57 3.11
C THR K 252 -38.80 -52.50 4.18
N THR K 253 -39.07 -52.94 5.41
CA THR K 253 -39.41 -52.04 6.49
C THR K 253 -38.66 -52.46 7.76
N VAL K 254 -38.66 -51.55 8.73
CA VAL K 254 -38.04 -51.77 10.03
C VAL K 254 -39.08 -51.53 11.11
N VAL K 255 -39.23 -52.49 12.02
CA VAL K 255 -40.25 -52.39 13.07
C VAL K 255 -39.68 -52.38 14.47
N ASN K 256 -38.37 -52.54 14.65
CA ASN K 256 -37.80 -52.51 15.98
C ASN K 256 -36.35 -52.06 15.89
N SER K 257 -35.82 -51.60 17.02
CA SER K 257 -34.45 -51.11 17.10
C SER K 257 -33.53 -52.18 17.68
N ILE K 258 -32.31 -52.22 17.14
CA ILE K 258 -31.33 -53.20 17.61
C ILE K 258 -30.95 -52.91 19.06
N SER K 259 -30.71 -51.64 19.38
CA SER K 259 -30.32 -51.27 20.73
C SER K 259 -31.40 -51.60 21.74
N ALA K 260 -32.66 -51.59 21.32
CA ALA K 260 -33.74 -51.96 22.24
C ALA K 260 -33.60 -53.41 22.68
N GLN K 261 -33.34 -54.31 21.74
CA GLN K 261 -33.14 -55.71 22.10
C GLN K 261 -31.87 -55.90 22.92
N ILE K 262 -30.81 -55.17 22.57
CA ILE K 262 -29.57 -55.27 23.34
C ILE K 262 -29.82 -54.83 24.79
N TYR K 263 -30.55 -53.73 24.97
CA TYR K 263 -30.85 -53.28 26.32
C TYR K 263 -31.78 -54.22 27.05
N SER K 264 -32.69 -54.88 26.33
CA SER K 264 -33.53 -55.89 26.98
C SER K 264 -32.68 -57.04 27.51
N LEU K 265 -31.71 -57.49 26.72
CA LEU K 265 -30.78 -58.51 27.20
C LEU K 265 -29.99 -58.01 28.41
N LEU K 266 -29.52 -56.76 28.35
CA LEU K 266 -28.78 -56.18 29.46
C LEU K 266 -29.63 -56.13 30.72
N SER K 267 -30.90 -55.77 30.59
CA SER K 267 -31.80 -55.72 31.74
C SER K 267 -32.04 -57.11 32.31
N ALA K 268 -32.21 -58.10 31.43
CA ALA K 268 -32.38 -59.47 31.90
C ALA K 268 -31.15 -59.97 32.64
N ILE K 269 -29.96 -59.54 32.22
CA ILE K 269 -28.74 -59.96 32.89
C ILE K 269 -28.56 -59.23 34.22
N GLY K 270 -28.66 -57.90 34.20
CA GLY K 270 -28.45 -57.11 35.39
C GLY K 270 -27.26 -56.17 35.32
N GLU K 271 -26.95 -55.67 34.12
CA GLU K 271 -25.81 -54.79 33.90
C GLU K 271 -26.25 -53.44 33.35
N THR K 272 -27.38 -52.92 33.83
CA THR K 272 -27.87 -51.64 33.38
C THR K 272 -27.21 -50.51 34.16
N ASN K 273 -26.95 -49.40 33.48
CA ASN K 273 -26.40 -48.21 34.11
C ASN K 273 -26.70 -47.01 33.22
N LEU K 274 -26.15 -45.86 33.58
CA LEU K 274 -26.50 -44.61 32.89
C LEU K 274 -25.94 -44.58 31.47
N SER K 275 -24.73 -45.10 31.27
CA SER K 275 -24.19 -45.13 29.91
C SER K 275 -25.03 -46.03 29.01
N ASN K 276 -25.44 -47.20 29.52
CA ASN K 276 -26.28 -48.08 28.72
C ASN K 276 -27.63 -47.43 28.42
N LEU K 277 -28.21 -46.74 29.40
CA LEU K 277 -29.48 -46.06 29.14
C LEU K 277 -29.32 -44.96 28.12
N TRP K 278 -28.23 -44.20 28.19
CA TRP K 278 -27.99 -43.14 27.21
C TRP K 278 -27.84 -43.71 25.81
N LEU K 279 -27.10 -44.81 25.67
CA LEU K 279 -26.93 -45.41 24.36
C LEU K 279 -28.24 -45.98 23.83
N ASN K 280 -29.05 -46.58 24.71
CA ASN K 280 -30.37 -47.05 24.31
C ASN K 280 -31.24 -45.91 23.83
N ILE K 281 -31.20 -44.77 24.54
CA ILE K 281 -32.00 -43.62 24.14
C ILE K 281 -31.55 -43.11 22.78
N LEU K 282 -30.23 -43.03 22.55
CA LEU K 282 -29.73 -42.61 21.25
C LEU K 282 -30.21 -43.54 20.14
N GLY K 283 -30.08 -44.84 20.36
CA GLY K 283 -30.49 -45.79 19.35
C GLY K 283 -31.97 -45.69 19.03
N THR K 284 -32.81 -45.53 20.05
CA THR K 284 -34.24 -45.45 19.82
C THR K 284 -34.64 -44.12 19.19
N THR K 285 -33.93 -43.04 19.49
CA THR K 285 -34.30 -41.75 18.96
C THR K 285 -33.69 -41.44 17.60
N SER K 286 -32.75 -42.27 17.13
CA SER K 286 -32.26 -42.06 15.77
C SER K 286 -33.31 -42.34 14.70
N LEU K 287 -34.44 -42.96 15.06
CA LEU K 287 -35.47 -43.35 14.10
C LEU K 287 -36.63 -42.37 14.05
N ASP K 288 -36.55 -41.25 14.77
CA ASP K 288 -37.68 -40.32 14.82
C ASP K 288 -38.01 -39.77 13.44
N ILE K 289 -36.99 -39.60 12.58
CA ILE K 289 -37.21 -38.97 11.28
C ILE K 289 -38.15 -39.82 10.42
N ALA K 290 -37.91 -41.12 10.37
CA ALA K 290 -38.56 -41.98 9.39
C ALA K 290 -39.57 -42.96 9.96
N TYR K 291 -39.44 -43.38 11.21
CA TYR K 291 -40.25 -44.46 11.77
C TYR K 291 -40.92 -43.99 13.06
N ALA K 292 -41.64 -42.87 12.95
CA ALA K 292 -42.32 -42.30 14.10
C ALA K 292 -43.26 -43.30 14.76
N GLN K 293 -43.83 -44.24 14.00
CA GLN K 293 -44.64 -45.28 14.61
C GLN K 293 -43.83 -46.14 15.58
N VAL K 294 -42.64 -46.56 15.15
CA VAL K 294 -41.77 -47.32 16.02
C VAL K 294 -41.35 -46.48 17.22
N TYR K 295 -41.06 -45.21 17.00
CA TYR K 295 -40.65 -44.34 18.10
C TYR K 295 -41.77 -44.20 19.13
N ASN K 296 -43.00 -44.04 18.67
CA ASN K 296 -44.12 -43.92 19.59
C ASN K 296 -44.43 -45.23 20.29
N ARG K 297 -44.18 -46.36 19.63
CA ARG K 297 -44.35 -47.65 20.31
C ARG K 297 -43.28 -47.84 21.38
N LEU K 298 -42.07 -47.36 21.16
CA LEU K 298 -40.96 -47.63 22.06
C LEU K 298 -40.77 -46.59 23.16
N TYR K 299 -41.35 -45.41 23.03
CA TYR K 299 -41.10 -44.35 24.02
C TYR K 299 -41.48 -44.73 25.45
N PRO K 300 -42.65 -45.32 25.73
CA PRO K 300 -43.03 -45.54 27.15
C PRO K 300 -42.04 -46.39 27.92
N LEU K 301 -41.43 -47.39 27.28
CA LEU K 301 -40.45 -48.20 27.98
C LEU K 301 -39.24 -47.36 28.40
N LEU K 302 -38.75 -46.51 27.51
CA LEU K 302 -37.65 -45.63 27.86
C LEU K 302 -38.02 -44.68 29.00
N GLN K 303 -39.23 -44.12 28.95
CA GLN K 303 -39.66 -43.21 30.00
C GLN K 303 -39.71 -43.92 31.34
N ASP K 304 -40.30 -45.13 31.38
CA ASP K 304 -40.39 -45.86 32.64
C ASP K 304 -39.02 -46.27 33.14
N GLU K 305 -38.10 -46.64 32.24
CA GLU K 305 -36.78 -47.06 32.67
C GLU K 305 -35.98 -45.89 33.23
N VAL K 306 -36.07 -44.72 32.60
CA VAL K 306 -35.35 -43.57 33.12
C VAL K 306 -35.98 -43.09 34.43
N LYS K 307 -37.29 -43.29 34.60
CA LYS K 307 -37.89 -43.01 35.91
C LYS K 307 -37.38 -43.98 36.97
N ARG K 308 -37.26 -45.26 36.61
CA ARG K 308 -36.76 -46.24 37.57
C ARG K 308 -35.33 -45.93 37.99
N LEU K 309 -34.48 -45.57 37.03
CA LEU K 309 -33.11 -45.19 37.36
C LEU K 309 -33.01 -43.70 37.65
N VAL K 317 -27.97 -30.06 45.39
CA VAL K 317 -26.73 -29.31 45.18
C VAL K 317 -26.01 -29.86 43.94
N LYS K 318 -25.42 -28.96 43.16
CA LYS K 318 -24.80 -29.33 41.88
C LYS K 318 -23.30 -29.49 42.08
N THR K 319 -22.91 -30.66 42.57
CA THR K 319 -21.50 -30.98 42.69
C THR K 319 -20.91 -31.20 41.30
N PRO K 320 -19.60 -30.95 41.12
CA PRO K 320 -19.00 -31.05 39.79
C PRO K 320 -19.02 -32.45 39.18
N ASP K 321 -19.62 -33.43 39.85
CA ASP K 321 -19.70 -34.78 39.32
C ASP K 321 -21.14 -35.24 39.11
N THR K 322 -22.09 -34.31 39.09
CA THR K 322 -23.48 -34.69 38.83
C THR K 322 -23.65 -35.13 37.39
N LEU K 323 -24.46 -36.16 37.19
CA LEU K 323 -24.85 -36.61 35.84
C LEU K 323 -26.35 -36.85 35.90
N THR K 324 -27.11 -35.90 35.38
CA THR K 324 -28.56 -35.89 35.53
C THR K 324 -29.23 -36.20 34.19
N LEU K 325 -30.18 -37.13 34.22
CA LEU K 325 -31.03 -37.43 33.08
C LEU K 325 -32.45 -37.01 33.41
N ASN K 326 -33.04 -36.21 32.54
CA ASN K 326 -34.30 -35.55 32.84
C ASN K 326 -35.28 -35.72 31.69
N ILE K 327 -36.57 -35.62 32.01
CA ILE K 327 -37.63 -35.55 31.01
C ILE K 327 -38.02 -34.08 30.93
N GLN K 328 -37.37 -33.35 30.04
CA GLN K 328 -37.66 -31.95 29.84
C GLN K 328 -38.41 -31.74 28.53
N PRO K 329 -39.31 -30.76 28.45
CA PRO K 329 -39.96 -30.46 27.18
C PRO K 329 -38.93 -30.06 26.13
N ASP K 330 -39.17 -30.49 24.89
CA ASP K 330 -38.30 -30.16 23.78
C ASP K 330 -39.15 -30.03 22.52
N TYR K 331 -38.57 -29.39 21.51
CA TYR K 331 -39.32 -29.01 20.32
C TYR K 331 -38.59 -29.46 19.07
N TYR K 332 -39.34 -29.62 17.99
CA TYR K 332 -38.77 -30.05 16.71
C TYR K 332 -37.98 -28.90 16.10
N LEU K 333 -36.82 -28.61 16.67
CA LEU K 333 -36.05 -27.43 16.32
C LEU K 333 -34.61 -27.82 16.06
N PHE K 334 -34.03 -27.26 15.00
CA PHE K 334 -32.68 -27.60 14.58
C PHE K 334 -31.69 -26.92 15.52
N LEU K 335 -31.10 -27.69 16.44
CA LEU K 335 -30.07 -27.22 17.36
C LEU K 335 -30.56 -25.99 18.15
N LEU K 336 -31.64 -26.22 18.90
CA LEU K 336 -32.24 -25.14 19.67
C LEU K 336 -31.29 -24.60 20.72
N ARG K 337 -30.57 -25.50 21.40
CA ARG K 337 -29.70 -25.11 22.51
C ARG K 337 -28.30 -24.75 22.06
N HIS K 338 -28.06 -24.62 20.76
CA HIS K 338 -26.76 -24.17 20.28
C HIS K 338 -26.84 -23.12 19.18
N SER K 339 -28.01 -22.82 18.64
CA SER K 339 -28.17 -21.76 17.68
C SER K 339 -29.26 -20.81 18.15
N SER K 340 -29.27 -19.62 17.56
CA SER K 340 -30.28 -18.63 17.91
C SER K 340 -31.67 -19.15 17.55
N LEU K 341 -32.67 -18.67 18.31
CA LEU K 341 -34.04 -19.15 18.11
C LEU K 341 -34.56 -18.80 16.72
N TYR K 342 -34.17 -17.65 16.19
CA TYR K 342 -34.59 -17.27 14.84
C TYR K 342 -34.09 -18.27 13.81
N ASP K 343 -32.79 -18.58 13.83
CA ASP K 343 -32.26 -19.56 12.90
C ASP K 343 -32.85 -20.93 13.14
N SER K 344 -33.19 -21.25 14.39
CA SER K 344 -33.82 -22.54 14.68
C SER K 344 -35.16 -22.66 13.97
N PHE K 345 -36.03 -21.67 14.15
CA PHE K 345 -37.30 -21.68 13.42
C PHE K 345 -37.08 -21.65 11.92
N TYR K 346 -36.09 -20.91 11.45
CA TYR K 346 -35.89 -20.75 10.01
C TYR K 346 -35.47 -22.06 9.36
N TYR K 347 -34.61 -22.83 10.03
CA TYR K 347 -34.11 -24.07 9.45
C TYR K 347 -34.90 -25.31 9.83
N SER K 348 -35.81 -25.21 10.80
CA SER K 348 -36.57 -26.39 11.20
C SER K 348 -37.43 -26.89 10.05
N ASN K 349 -37.29 -28.18 9.74
CA ASN K 349 -37.94 -28.75 8.57
C ASN K 349 -39.45 -28.73 8.70
N TYR K 350 -39.98 -28.99 9.90
CA TYR K 350 -41.42 -29.02 10.09
C TYR K 350 -42.04 -27.65 9.87
N VAL K 351 -41.43 -26.60 10.44
CA VAL K 351 -41.94 -25.25 10.22
C VAL K 351 -41.79 -24.85 8.77
N ASN K 352 -40.67 -25.23 8.14
CA ASN K 352 -40.51 -24.99 6.71
C ASN K 352 -41.67 -25.57 5.93
N ALA K 353 -41.97 -26.84 6.16
CA ALA K 353 -43.05 -27.49 5.42
C ALA K 353 -44.39 -26.83 5.72
N LYS K 354 -44.62 -26.42 6.97
CA LYS K 354 -45.92 -25.89 7.32
C LYS K 354 -46.15 -24.49 6.78
N LEU K 355 -45.09 -23.68 6.62
CA LEU K 355 -45.30 -22.28 6.30
C LEU K 355 -44.58 -21.80 5.04
N SER K 356 -43.96 -22.69 4.26
CA SER K 356 -43.39 -22.32 2.98
C SER K 356 -42.40 -21.16 3.12
N LEU K 357 -41.32 -21.41 3.83
CA LEU K 357 -40.32 -20.38 4.09
C LEU K 357 -39.36 -20.19 2.93
N TRP K 358 -39.53 -20.91 1.82
CA TRP K 358 -38.64 -20.75 0.68
C TRP K 358 -39.04 -19.58 -0.21
N ASN K 359 -40.18 -18.95 0.03
CA ASN K 359 -40.57 -17.72 -0.65
C ASN K 359 -40.82 -16.63 0.38
N GLU K 360 -41.31 -15.48 -0.09
CA GLU K 360 -41.35 -14.29 0.75
C GLU K 360 -42.48 -14.33 1.77
N ASN K 361 -43.63 -14.91 1.40
CA ASN K 361 -44.76 -14.94 2.31
C ASN K 361 -44.45 -15.75 3.56
N GLY K 362 -43.61 -16.78 3.44
CA GLY K 362 -43.20 -17.53 4.61
C GLY K 362 -42.44 -16.66 5.59
N LYS K 363 -41.49 -15.87 5.09
CA LYS K 363 -40.73 -14.99 5.98
C LYS K 363 -41.62 -13.93 6.59
N LYS K 364 -42.59 -13.42 5.82
CA LYS K 364 -43.52 -12.45 6.37
C LYS K 364 -44.34 -13.04 7.50
N ARG K 365 -44.85 -14.26 7.31
CA ARG K 365 -45.61 -14.91 8.37
C ARG K 365 -44.73 -15.21 9.58
N LEU K 366 -43.46 -15.57 9.34
CA LEU K 366 -42.56 -15.80 10.46
C LEU K 366 -42.33 -14.54 11.27
N HIS K 367 -42.13 -13.41 10.60
CA HIS K 367 -41.94 -12.15 11.30
C HIS K 367 -43.21 -11.76 12.05
N LYS K 368 -44.37 -12.00 11.45
CA LYS K 368 -45.62 -11.75 12.16
C LYS K 368 -45.73 -12.59 13.42
N MET K 369 -45.35 -13.86 13.32
CA MET K 369 -45.36 -14.75 14.49
C MET K 369 -44.44 -14.23 15.57
N PHE K 370 -43.23 -13.82 15.20
CA PHE K 370 -42.28 -13.31 16.18
C PHE K 370 -42.81 -12.04 16.84
N ALA K 371 -43.37 -11.13 16.06
CA ALA K 371 -43.91 -9.90 16.63
C ALA K 371 -45.07 -10.20 17.58
N ARG K 372 -45.98 -11.08 17.18
CA ARG K 372 -47.12 -11.40 18.04
C ARG K 372 -46.67 -12.10 19.31
N MET K 373 -45.60 -12.89 19.24
CA MET K 373 -45.02 -13.43 20.45
C MET K 373 -44.47 -12.31 21.33
N GLY K 374 -43.85 -11.31 20.70
CA GLY K 374 -43.31 -10.18 21.42
C GLY K 374 -41.82 -10.17 21.61
N ILE K 375 -41.12 -11.16 21.08
CA ILE K 375 -39.65 -11.17 21.16
C ILE K 375 -39.10 -10.21 20.11
N PRO K 376 -38.19 -9.31 20.48
CA PRO K 376 -37.59 -8.42 19.48
C PRO K 376 -36.77 -9.20 18.46
N LEU K 377 -36.69 -8.67 17.25
CA LEU K 377 -35.90 -9.32 16.21
C LEU K 377 -34.40 -9.23 16.50
N SER K 378 -33.98 -8.21 17.26
CA SER K 378 -32.59 -8.17 17.71
C SER K 378 -32.34 -9.14 18.86
N THR K 379 -33.32 -9.34 19.72
CA THR K 379 -33.17 -10.29 20.83
C THR K 379 -33.15 -11.72 20.33
N ALA K 380 -34.08 -12.07 19.44
CA ALA K 380 -34.20 -13.44 18.97
C ALA K 380 -33.02 -13.88 18.12
N GLN K 381 -32.15 -12.96 17.71
CA GLN K 381 -30.95 -13.31 16.97
C GLN K 381 -29.71 -13.32 17.84
N GLU K 382 -29.85 -13.74 19.10
CA GLU K 382 -28.72 -13.89 20.00
C GLU K 382 -28.58 -15.35 20.42
N THR K 383 -27.36 -15.70 20.83
CA THR K 383 -27.07 -17.07 21.25
C THR K 383 -27.93 -17.43 22.45
N TRP K 384 -28.25 -18.73 22.55
CA TRP K 384 -29.17 -19.20 23.58
C TRP K 384 -28.62 -18.98 24.98
N LEU K 385 -27.30 -19.02 25.14
CA LEU K 385 -26.70 -18.78 26.45
C LEU K 385 -26.99 -17.36 26.93
N TYR K 386 -26.67 -16.37 26.09
CA TYR K 386 -26.79 -14.98 26.50
C TYR K 386 -28.19 -14.42 26.32
N MET K 387 -29.09 -15.15 25.67
CA MET K 387 -30.44 -14.62 25.46
C MET K 387 -31.17 -14.52 26.79
N ASP K 388 -32.11 -13.57 26.86
CA ASP K 388 -32.63 -13.09 28.14
C ASP K 388 -33.23 -14.19 29.00
N HIS K 389 -32.87 -14.17 30.30
CA HIS K 389 -33.27 -15.21 31.22
C HIS K 389 -34.78 -15.23 31.46
N SER K 390 -35.40 -14.05 31.58
CA SER K 390 -36.84 -14.01 31.86
C SER K 390 -37.63 -14.65 30.73
N ILE K 391 -37.29 -14.31 29.49
CA ILE K 391 -38.02 -14.91 28.37
C ILE K 391 -37.58 -16.34 28.14
N LYS K 392 -36.36 -16.72 28.54
CA LYS K 392 -36.01 -18.14 28.56
C LYS K 392 -36.95 -18.91 29.46
N ARG K 393 -37.24 -18.35 30.64
CA ARG K 393 -38.18 -18.98 31.56
C ARG K 393 -39.59 -19.00 30.98
N GLU K 394 -40.01 -17.91 30.34
CA GLU K 394 -41.38 -17.77 29.88
C GLU K 394 -41.63 -18.34 28.49
N LEU K 395 -40.61 -18.94 27.87
CA LEU K 395 -40.73 -19.44 26.51
C LEU K 395 -41.87 -20.44 26.37
N GLY K 396 -42.04 -21.32 27.35
CA GLY K 396 -43.09 -22.33 27.26
C GLY K 396 -44.48 -21.70 27.19
N ILE K 397 -44.74 -20.74 28.07
CA ILE K 397 -46.05 -20.08 28.07
C ILE K 397 -46.22 -19.25 26.81
N ILE K 398 -45.15 -18.63 26.32
CA ILE K 398 -45.24 -17.84 25.10
C ILE K 398 -45.64 -18.73 23.93
N PHE K 399 -44.98 -19.88 23.79
CA PHE K 399 -45.32 -20.81 22.72
C PHE K 399 -46.75 -21.30 22.86
N ASP K 400 -47.15 -21.67 24.09
CA ASP K 400 -48.50 -22.19 24.30
C ASP K 400 -49.55 -21.16 23.89
N LYS K 401 -49.31 -19.89 24.20
CA LYS K 401 -50.31 -18.87 23.89
C LYS K 401 -50.27 -18.40 22.45
N ASN K 402 -49.14 -18.54 21.75
CA ASN K 402 -49.05 -17.98 20.40
C ASN K 402 -49.21 -19.01 19.28
N LEU K 403 -48.64 -20.22 19.41
CA LEU K 403 -48.52 -21.10 18.26
C LEU K 403 -49.86 -21.58 17.73
N ASP K 404 -50.94 -21.42 18.49
CA ASP K 404 -52.23 -22.00 18.09
C ASP K 404 -52.73 -21.39 16.79
N ARG K 405 -52.55 -20.08 16.60
CA ARG K 405 -53.07 -19.43 15.41
C ARG K 405 -52.44 -19.99 14.14
N TYR K 406 -51.13 -20.19 14.15
CA TYR K 406 -50.46 -20.77 12.99
C TYR K 406 -50.55 -22.29 12.96
N GLY K 407 -51.05 -22.91 14.03
CA GLY K 407 -51.27 -24.34 14.01
C GLY K 407 -50.02 -25.18 14.15
N LEU K 408 -48.96 -24.62 14.70
CA LEU K 408 -47.70 -25.33 14.86
C LEU K 408 -47.57 -26.01 16.22
N GLN K 409 -48.70 -26.25 16.91
CA GLN K 409 -48.63 -26.80 18.26
C GLN K 409 -48.09 -28.23 18.28
N ASP K 410 -48.01 -28.89 17.14
CA ASP K 410 -47.39 -30.21 17.10
C ASP K 410 -45.88 -30.16 17.19
N ILE K 411 -45.30 -28.98 17.40
CA ILE K 411 -43.85 -28.87 17.56
C ILE K 411 -43.39 -29.17 18.97
N ILE K 412 -44.30 -29.22 19.95
CA ILE K 412 -43.94 -29.41 21.34
C ILE K 412 -44.03 -30.89 21.69
N ARG K 413 -42.95 -31.44 22.24
CA ARG K 413 -42.90 -32.83 22.66
C ARG K 413 -42.09 -32.93 23.95
N ASP K 414 -41.94 -34.15 24.46
CA ASP K 414 -41.20 -34.41 25.68
C ASP K 414 -39.97 -35.27 25.34
N GLY K 415 -38.81 -34.80 25.76
CA GLY K 415 -37.57 -35.50 25.44
C GLY K 415 -36.64 -35.70 26.61
N PHE K 416 -35.39 -36.07 26.32
CA PHE K 416 -34.40 -36.38 27.34
C PHE K 416 -33.25 -35.37 27.28
N VAL K 417 -32.75 -34.99 28.45
CA VAL K 417 -31.66 -34.03 28.56
C VAL K 417 -30.62 -34.62 29.51
N ARG K 418 -29.36 -34.55 29.11
CA ARG K 418 -28.25 -35.04 29.92
C ARG K 418 -27.36 -33.87 30.32
N THR K 419 -27.07 -33.79 31.62
CA THR K 419 -26.23 -32.73 32.16
C THR K 419 -25.07 -33.33 32.93
N LEU K 420 -23.87 -32.81 32.71
CA LEU K 420 -22.65 -33.30 33.34
C LEU K 420 -21.99 -32.17 34.10
N GLY K 421 -22.36 -32.01 35.37
CA GLY K 421 -21.70 -31.04 36.23
C GLY K 421 -21.87 -29.62 35.70
N TYR K 422 -20.75 -28.94 35.48
CA TYR K 422 -20.75 -27.57 35.01
C TYR K 422 -20.45 -27.45 33.52
N ARG K 423 -20.45 -28.57 32.79
CA ARG K 423 -20.05 -28.54 31.39
C ARG K 423 -21.11 -27.90 30.52
N GLY K 424 -22.38 -28.15 30.81
CA GLY K 424 -23.47 -27.61 30.03
C GLY K 424 -24.61 -28.60 29.93
N SER K 425 -25.48 -28.39 28.94
CA SER K 425 -26.63 -29.24 28.72
C SER K 425 -26.69 -29.66 27.26
N ILE K 426 -27.22 -30.86 27.03
CA ILE K 426 -27.38 -31.42 25.69
C ILE K 426 -28.65 -32.26 25.67
N SER K 427 -29.18 -32.47 24.46
CA SER K 427 -30.38 -33.27 24.28
C SER K 427 -30.15 -34.31 23.18
N ALA K 428 -31.03 -35.31 23.19
CA ALA K 428 -30.85 -36.46 22.31
C ALA K 428 -30.88 -36.05 20.84
N SER K 429 -31.84 -35.21 20.46
CA SER K 429 -31.96 -34.80 19.06
C SER K 429 -30.70 -34.06 18.60
N GLU K 430 -30.23 -33.11 19.40
CA GLU K 430 -29.01 -32.39 19.04
C GLU K 430 -27.84 -33.35 18.92
N PHE K 431 -27.72 -34.30 19.85
CA PHE K 431 -26.57 -35.17 19.83
C PHE K 431 -26.58 -36.08 18.62
N VAL K 432 -27.75 -36.61 18.26
CA VAL K 432 -27.82 -37.48 17.10
C VAL K 432 -27.61 -36.70 15.81
N GLU K 433 -28.09 -35.45 15.74
CA GLU K 433 -27.81 -34.65 14.55
C GLU K 433 -26.31 -34.36 14.42
N ALA K 434 -25.65 -34.08 15.54
CA ALA K 434 -24.20 -33.91 15.50
C ALA K 434 -23.52 -35.17 15.01
N LEU K 435 -23.94 -36.33 15.51
CA LEU K 435 -23.35 -37.59 15.08
C LEU K 435 -23.56 -37.82 13.58
N THR K 436 -24.77 -37.55 13.09
CA THR K 436 -25.06 -37.74 11.68
C THR K 436 -24.19 -36.84 10.81
N ALA K 437 -24.05 -35.57 11.21
CA ALA K 437 -23.23 -34.65 10.44
C ALA K 437 -21.76 -35.08 10.46
N LEU K 438 -21.30 -35.56 11.62
CA LEU K 438 -19.92 -36.00 11.71
C LEU K 438 -19.68 -37.21 10.82
N LEU K 439 -20.68 -38.09 10.71
CA LEU K 439 -20.60 -39.19 9.76
C LEU K 439 -20.55 -38.69 8.32
N GLU K 440 -21.36 -37.68 8.01
CA GLU K 440 -21.39 -37.15 6.64
C GLU K 440 -20.04 -36.56 6.25
N VAL K 441 -19.50 -35.67 7.07
CA VAL K 441 -18.31 -34.91 6.73
C VAL K 441 -17.28 -35.07 7.84
N GLY K 442 -16.03 -35.27 7.44
CA GLY K 442 -14.96 -35.39 8.40
C GLY K 442 -13.62 -35.15 7.73
N ASN K 443 -12.57 -35.38 8.51
CA ASN K 443 -11.19 -35.23 8.05
C ASN K 443 -10.92 -33.84 7.51
N SER K 469 -11.66 -45.00 -11.77
CA SER K 469 -13.03 -45.28 -11.40
C SER K 469 -13.11 -46.14 -10.14
N ALA K 470 -12.60 -47.37 -10.27
CA ALA K 470 -12.61 -48.29 -9.14
C ALA K 470 -11.76 -47.76 -8.00
N GLN K 471 -10.62 -47.15 -8.32
CA GLN K 471 -9.76 -46.58 -7.27
C GLN K 471 -10.47 -45.45 -6.52
N LYS K 472 -11.15 -44.57 -7.25
CA LYS K 472 -11.87 -43.49 -6.59
C LYS K 472 -13.02 -44.02 -5.75
N LEU K 473 -13.73 -45.03 -6.25
CA LEU K 473 -14.81 -45.62 -5.48
C LEU K 473 -14.29 -46.26 -4.20
N THR K 474 -13.15 -46.94 -4.29
CA THR K 474 -12.54 -47.54 -3.11
C THR K 474 -12.10 -46.46 -2.12
N ASN K 475 -11.55 -45.36 -2.63
CA ASN K 475 -11.14 -44.25 -1.76
C ASN K 475 -12.34 -43.67 -1.01
N LEU K 476 -13.46 -43.50 -1.71
CA LEU K 476 -14.67 -43.00 -1.06
C LEU K 476 -15.15 -43.98 0.00
N ARG K 477 -15.16 -45.27 -0.32
CA ARG K 477 -15.66 -46.26 0.63
C ARG K 477 -14.73 -46.43 1.83
N LYS K 478 -13.45 -46.10 1.68
CA LYS K 478 -12.55 -46.15 2.83
C LYS K 478 -12.62 -44.89 3.68
N ARG K 479 -12.83 -43.72 3.06
CA ARG K 479 -12.99 -42.52 3.88
C ARG K 479 -14.30 -42.57 4.64
N TRP K 480 -15.31 -43.28 4.11
CA TRP K 480 -16.52 -43.49 4.88
C TRP K 480 -16.25 -44.25 6.17
N VAL K 481 -15.42 -45.31 6.10
CA VAL K 481 -15.08 -46.06 7.30
C VAL K 481 -14.26 -45.22 8.26
N SER K 482 -13.36 -44.41 7.72
CA SER K 482 -12.58 -43.53 8.59
C SER K 482 -13.47 -42.55 9.34
N ASN K 483 -14.46 -41.98 8.64
CA ASN K 483 -15.40 -41.07 9.30
C ASN K 483 -16.24 -41.81 10.34
N PHE K 484 -16.60 -43.07 10.05
CA PHE K 484 -17.34 -43.86 11.04
C PHE K 484 -16.53 -44.04 12.31
N TRP K 485 -15.25 -44.35 12.17
CA TRP K 485 -14.44 -44.55 13.37
C TRP K 485 -14.23 -43.24 14.12
N LEU K 486 -14.13 -42.12 13.41
CA LEU K 486 -14.03 -40.84 14.09
C LEU K 486 -15.30 -40.56 14.89
N SER K 487 -16.46 -40.84 14.30
CA SER K 487 -17.71 -40.66 15.03
C SER K 487 -17.76 -41.58 16.25
N TRP K 488 -17.29 -42.82 16.10
CA TRP K 488 -17.24 -43.73 17.24
C TRP K 488 -16.42 -43.15 18.37
N ASP K 489 -15.20 -42.69 18.06
CA ASP K 489 -14.35 -42.09 19.08
C ASP K 489 -15.01 -40.86 19.71
N ALA K 490 -15.86 -40.17 18.95
CA ALA K 490 -16.53 -39.00 19.51
C ALA K 490 -17.52 -39.32 20.63
N LEU K 491 -17.86 -40.60 20.84
CA LEU K 491 -18.91 -40.93 21.79
C LEU K 491 -18.52 -40.62 23.24
N ASP K 492 -17.27 -40.91 23.61
CA ASP K 492 -16.89 -40.87 25.01
C ASP K 492 -16.97 -39.46 25.59
N ASP K 493 -17.15 -39.38 26.90
CA ASP K 493 -17.31 -38.11 27.59
C ASP K 493 -16.00 -37.37 27.79
N ARG K 494 -14.86 -37.98 27.48
CA ARG K 494 -13.58 -37.31 27.60
C ARG K 494 -13.27 -36.41 26.42
N LYS K 495 -14.09 -36.43 25.37
CA LYS K 495 -13.87 -35.61 24.18
C LYS K 495 -15.12 -34.78 23.91
N VAL K 496 -14.94 -33.49 23.70
CA VAL K 496 -16.05 -32.60 23.37
C VAL K 496 -15.66 -31.72 22.19
N GLU K 497 -14.37 -31.69 21.88
CA GLU K 497 -13.92 -31.00 20.68
C GLU K 497 -14.27 -31.77 19.41
N LEU K 498 -14.62 -33.05 19.55
CA LEU K 498 -15.18 -33.82 18.45
C LEU K 498 -16.70 -33.80 18.46
N LEU K 499 -17.31 -32.99 19.31
CA LEU K 499 -18.75 -32.76 19.29
C LEU K 499 -19.10 -31.33 18.90
N ASN K 500 -18.30 -30.36 19.33
CA ASN K 500 -18.52 -28.98 18.87
C ASN K 500 -18.32 -28.88 17.36
N ARG K 501 -17.30 -29.56 16.84
CA ARG K 501 -17.10 -29.61 15.41
C ARG K 501 -18.28 -30.25 14.70
N GLY K 502 -18.81 -31.34 15.29
CA GLY K 502 -19.99 -31.96 14.70
C GLY K 502 -21.18 -31.05 14.66
N ILE K 503 -21.39 -30.27 15.72
CA ILE K 503 -22.52 -29.35 15.76
C ILE K 503 -22.39 -28.27 14.69
N GLN K 504 -21.20 -27.67 14.58
CA GLN K 504 -21.03 -26.63 13.57
C GLN K 504 -21.14 -27.20 12.15
N LEU K 505 -20.66 -28.42 11.94
CA LEU K 505 -20.81 -29.03 10.63
C LEU K 505 -22.26 -29.36 10.33
N ALA K 506 -23.04 -29.73 11.35
CA ALA K 506 -24.47 -29.95 11.14
C ALA K 506 -25.15 -28.66 10.71
N GLN K 507 -24.79 -27.55 11.34
CA GLN K 507 -25.33 -26.26 10.91
C GLN K 507 -25.01 -26.01 9.44
N ASP K 508 -23.75 -26.21 9.06
CA ASP K 508 -23.34 -25.94 7.68
C ASP K 508 -24.06 -26.84 6.69
N LEU K 509 -24.17 -28.13 7.01
CA LEU K 509 -24.83 -29.07 6.11
C LEU K 509 -26.31 -28.75 5.95
N GLN K 510 -26.98 -28.38 7.04
CA GLN K 510 -28.38 -28.03 6.91
C GLN K 510 -28.55 -26.77 6.07
N ARG K 511 -27.65 -25.80 6.23
CA ARG K 511 -27.71 -24.61 5.39
C ARG K 511 -27.56 -24.96 3.92
N ALA K 512 -26.59 -25.83 3.60
CA ALA K 512 -26.38 -26.20 2.20
C ALA K 512 -27.58 -26.95 1.64
N ILE K 513 -28.16 -27.84 2.43
CA ILE K 513 -29.33 -28.60 1.97
C ILE K 513 -30.50 -27.65 1.71
N PHE K 514 -30.71 -26.68 2.59
CA PHE K 514 -31.79 -25.72 2.39
C PHE K 514 -31.54 -24.88 1.13
N ASN K 515 -30.28 -24.48 0.93
CA ASN K 515 -29.94 -23.66 -0.24
C ASN K 515 -30.20 -24.42 -1.54
N THR K 516 -29.93 -25.72 -1.55
CA THR K 516 -30.20 -26.49 -2.76
C THR K 516 -31.69 -26.78 -2.93
N GLY K 517 -32.40 -27.03 -1.83
CA GLY K 517 -33.82 -27.34 -1.93
C GLY K 517 -34.65 -26.16 -2.40
N VAL K 518 -34.28 -24.95 -1.96
CA VAL K 518 -35.02 -23.77 -2.43
C VAL K 518 -34.83 -23.61 -3.94
N ALA K 519 -33.62 -23.88 -4.44
CA ALA K 519 -33.39 -23.81 -5.87
C ALA K 519 -34.20 -24.85 -6.62
N ILE K 520 -34.27 -26.07 -6.08
CA ILE K 520 -35.06 -27.12 -6.73
C ILE K 520 -36.51 -26.71 -6.83
N LEU K 521 -37.09 -26.27 -5.71
CA LEU K 521 -38.51 -25.93 -5.72
C LEU K 521 -38.77 -24.66 -6.53
N GLU K 522 -37.78 -23.79 -6.67
CA GLU K 522 -37.94 -22.61 -7.50
C GLU K 522 -37.96 -22.98 -8.98
N LYS K 523 -37.02 -23.84 -9.40
CA LYS K 523 -36.95 -24.23 -10.80
C LYS K 523 -38.04 -25.22 -11.20
N LYS K 524 -38.72 -25.83 -10.22
CA LYS K 524 -39.84 -26.73 -10.50
C LYS K 524 -39.38 -27.96 -11.29
N LEU K 525 -38.22 -28.51 -10.93
CA LEU K 525 -37.70 -29.68 -11.60
C LEU K 525 -38.47 -30.95 -11.27
N ILE K 526 -39.38 -30.90 -10.30
CA ILE K 526 -40.14 -32.08 -9.90
C ILE K 526 -41.16 -32.38 -10.99
N LYS K 527 -40.91 -33.44 -11.76
CA LYS K 527 -41.80 -33.85 -12.84
C LYS K 527 -42.82 -34.85 -12.29
N HIS K 528 -44.10 -34.61 -12.57
CA HIS K 528 -45.19 -35.44 -12.07
C HIS K 528 -45.59 -36.42 -13.16
N LEU K 529 -45.12 -37.66 -13.07
CA LEU K 529 -45.52 -38.70 -14.01
C LEU K 529 -46.85 -39.30 -13.56
N ARG K 530 -47.25 -40.39 -14.19
CA ARG K 530 -48.55 -41.00 -13.88
C ARG K 530 -48.53 -41.78 -12.58
N ILE K 531 -47.38 -42.34 -12.21
CA ILE K 531 -47.26 -43.20 -11.04
C ILE K 531 -46.40 -42.57 -9.95
N TYR K 532 -45.17 -42.19 -10.30
CA TYR K 532 -44.19 -41.75 -9.32
C TYR K 532 -43.58 -40.42 -9.75
N ARG K 533 -43.33 -39.55 -8.78
CA ARG K 533 -42.65 -38.30 -9.07
C ARG K 533 -41.17 -38.55 -9.34
N LEU K 534 -40.57 -37.63 -10.08
CA LEU K 534 -39.16 -37.74 -10.45
C LEU K 534 -38.52 -36.36 -10.45
N CYS K 535 -37.27 -36.30 -10.00
CA CYS K 535 -36.48 -35.08 -10.10
C CYS K 535 -35.01 -35.48 -10.20
N VAL K 536 -34.26 -34.76 -11.03
CA VAL K 536 -32.85 -35.05 -11.28
C VAL K 536 -32.06 -33.76 -11.11
N LEU K 537 -30.96 -33.84 -10.35
CA LEU K 537 -30.06 -32.70 -10.16
C LEU K 537 -28.99 -32.76 -11.25
N GLN K 538 -29.36 -32.28 -12.44
CA GLN K 538 -28.43 -32.29 -13.55
C GLN K 538 -27.24 -31.36 -13.29
N ASP K 539 -27.52 -30.11 -12.90
CA ASP K 539 -26.46 -29.15 -12.66
C ASP K 539 -26.88 -28.22 -11.53
N GLY K 540 -25.89 -27.70 -10.82
CA GLY K 540 -26.12 -26.80 -9.72
C GLY K 540 -24.87 -26.56 -8.91
N PRO K 541 -25.03 -26.09 -7.68
CA PRO K 541 -23.89 -25.91 -6.78
C PRO K 541 -23.66 -27.17 -5.94
N ASP K 542 -22.53 -27.17 -5.23
CA ASP K 542 -22.17 -28.12 -4.19
C ASP K 542 -22.63 -29.55 -4.45
N LEU K 543 -22.49 -30.02 -5.69
CA LEU K 543 -22.93 -31.38 -6.01
C LEU K 543 -22.02 -32.43 -5.40
N ASP K 544 -20.76 -32.09 -5.13
CA ASP K 544 -19.83 -33.06 -4.60
C ASP K 544 -20.23 -33.57 -3.22
N LEU K 545 -21.02 -32.81 -2.48
CA LEU K 545 -21.45 -33.25 -1.16
C LEU K 545 -22.41 -34.43 -1.25
N TYR K 546 -23.24 -34.49 -2.29
CA TYR K 546 -24.33 -35.45 -2.36
C TYR K 546 -23.87 -36.83 -2.82
N ARG K 547 -22.58 -37.08 -2.91
CA ARG K 547 -22.11 -38.44 -3.14
C ARG K 547 -22.37 -39.35 -1.95
N ASN K 548 -22.73 -38.79 -0.80
CA ASN K 548 -23.01 -39.59 0.39
C ASN K 548 -24.48 -39.99 0.44
N PRO K 549 -24.77 -41.29 0.55
CA PRO K 549 -26.17 -41.72 0.62
C PRO K 549 -26.93 -41.10 1.78
N LEU K 550 -26.31 -40.92 2.94
CA LEU K 550 -27.03 -40.34 4.06
C LEU K 550 -27.38 -38.87 3.81
N THR K 551 -26.46 -38.11 3.22
CA THR K 551 -26.78 -36.74 2.85
C THR K 551 -27.92 -36.69 1.84
N LEU K 552 -27.88 -37.59 0.85
CA LEU K 552 -28.94 -37.63 -0.14
C LEU K 552 -30.28 -37.98 0.51
N LEU K 553 -30.26 -38.91 1.47
CA LEU K 553 -31.48 -39.25 2.19
C LEU K 553 -32.00 -38.08 3.01
N ARG K 554 -31.10 -37.30 3.63
CA ARG K 554 -31.54 -36.12 4.36
C ARG K 554 -32.24 -35.14 3.44
N LEU K 555 -31.64 -34.89 2.27
CA LEU K 555 -32.26 -33.99 1.29
C LEU K 555 -33.62 -34.51 0.87
N GLY K 556 -33.69 -35.82 0.58
CA GLY K 556 -34.95 -36.40 0.17
C GLY K 556 -36.00 -36.38 1.26
N ASN K 557 -35.59 -36.53 2.51
CA ASN K 557 -36.53 -36.44 3.62
C ASN K 557 -37.13 -35.06 3.69
N TRP K 558 -36.30 -34.02 3.55
CA TRP K 558 -36.86 -32.67 3.53
C TRP K 558 -37.81 -32.48 2.36
N LEU K 559 -37.42 -32.99 1.17
CA LEU K 559 -38.28 -32.83 0.00
C LEU K 559 -39.62 -33.54 0.18
N ILE K 560 -39.61 -34.76 0.72
CA ILE K 560 -40.86 -35.48 0.88
C ILE K 560 -41.71 -34.84 1.96
N GLU K 561 -41.10 -34.27 3.00
CA GLU K 561 -41.86 -33.51 3.98
C GLU K 561 -42.55 -32.32 3.33
N CYS K 562 -41.81 -31.58 2.49
CA CYS K 562 -42.39 -30.43 1.81
C CYS K 562 -43.53 -30.85 0.89
N CYS K 563 -43.34 -31.94 0.14
CA CYS K 563 -44.39 -32.40 -0.77
C CYS K 563 -45.62 -32.86 0.01
N ALA K 564 -45.42 -33.58 1.12
CA ALA K 564 -46.55 -34.02 1.91
C ALA K 564 -47.32 -32.84 2.48
N GLU K 565 -46.61 -31.81 2.94
CA GLU K 565 -47.27 -30.65 3.55
C GLU K 565 -47.79 -29.70 2.47
N SER K 566 -48.69 -30.23 1.64
CA SER K 566 -49.33 -29.46 0.59
C SER K 566 -50.77 -29.94 0.45
N GLU K 567 -51.50 -29.35 -0.50
CA GLU K 567 -52.89 -29.72 -0.72
C GLU K 567 -53.03 -30.94 -1.62
N ASP K 568 -51.94 -31.50 -2.12
CA ASP K 568 -52.01 -32.70 -2.94
C ASP K 568 -52.48 -33.89 -2.11
N LYS K 569 -53.38 -34.69 -2.68
CA LYS K 569 -53.93 -35.86 -2.02
C LYS K 569 -53.48 -37.15 -2.68
N GLN K 570 -52.27 -37.16 -3.24
CA GLN K 570 -51.71 -38.34 -3.88
C GLN K 570 -50.40 -38.70 -3.19
N LEU K 571 -50.29 -39.96 -2.76
CA LEU K 571 -49.08 -40.48 -2.12
C LEU K 571 -48.32 -41.29 -3.16
N LEU K 572 -47.30 -40.67 -3.75
CA LEU K 572 -46.55 -41.32 -4.80
C LEU K 572 -45.10 -41.51 -4.38
N PRO K 573 -44.48 -42.63 -4.77
CA PRO K 573 -43.04 -42.79 -4.50
C PRO K 573 -42.24 -41.75 -5.28
N MET K 574 -41.09 -41.39 -4.71
CA MET K 574 -40.23 -40.38 -5.30
C MET K 574 -38.90 -41.01 -5.68
N VAL K 575 -38.37 -40.61 -6.83
CA VAL K 575 -37.07 -41.07 -7.31
C VAL K 575 -36.17 -39.86 -7.48
N LEU K 576 -34.99 -39.92 -6.88
CA LEU K 576 -34.07 -38.79 -6.87
C LEU K 576 -32.70 -39.25 -7.35
N ALA K 577 -32.05 -38.43 -8.17
CA ALA K 577 -30.79 -38.79 -8.79
C ALA K 577 -29.80 -37.64 -8.67
N SER K 578 -28.52 -37.98 -8.76
CA SER K 578 -27.45 -36.99 -8.70
C SER K 578 -26.43 -37.26 -9.79
N ILE K 579 -25.29 -36.58 -9.74
CA ILE K 579 -24.23 -36.77 -10.73
C ILE K 579 -22.88 -36.44 -10.11
N ASP K 580 -21.87 -37.24 -10.42
CA ASP K 580 -20.48 -36.95 -10.10
C ASP K 580 -19.69 -37.07 -11.41
N GLU K 581 -19.26 -35.94 -11.94
CA GLU K 581 -18.62 -35.91 -13.26
C GLU K 581 -17.35 -36.75 -13.30
N ASN K 582 -16.71 -36.98 -12.15
CA ASN K 582 -15.48 -37.77 -12.14
C ASN K 582 -15.73 -39.20 -12.62
N THR K 583 -16.85 -39.79 -12.20
CA THR K 583 -17.19 -41.16 -12.57
C THR K 583 -18.20 -41.21 -13.71
N ASP K 584 -18.93 -40.13 -13.98
CA ASP K 584 -19.96 -40.10 -15.00
C ASP K 584 -21.03 -41.15 -14.71
N THR K 585 -21.50 -41.15 -13.46
CA THR K 585 -22.53 -42.06 -13.02
C THR K 585 -23.59 -41.30 -12.24
N TYR K 586 -24.80 -41.84 -12.24
CA TYR K 586 -25.93 -41.28 -11.50
C TYR K 586 -26.20 -42.13 -10.28
N LEU K 587 -26.27 -41.51 -9.12
CA LEU K 587 -26.62 -42.18 -7.88
C LEU K 587 -28.11 -41.96 -7.64
N VAL K 588 -28.88 -43.04 -7.57
CA VAL K 588 -30.33 -42.98 -7.55
C VAL K 588 -30.82 -43.64 -6.27
N ALA K 589 -31.74 -42.97 -5.57
CA ALA K 589 -32.35 -43.49 -4.36
C ALA K 589 -33.86 -43.35 -4.45
N GLY K 590 -34.57 -44.39 -4.00
CA GLY K 590 -36.02 -44.39 -4.00
C GLY K 590 -36.56 -44.06 -2.60
N LEU K 591 -37.59 -43.22 -2.57
CA LEU K 591 -38.13 -42.72 -1.32
C LEU K 591 -39.62 -42.98 -1.26
N THR K 592 -40.09 -43.40 -0.10
CA THR K 592 -41.50 -43.68 0.11
C THR K 592 -42.24 -42.44 0.58
N PRO K 593 -43.55 -42.37 0.36
CA PRO K 593 -44.32 -41.23 0.88
C PRO K 593 -44.50 -41.34 2.39
N ARG K 594 -44.78 -40.19 3.01
CA ARG K 594 -44.96 -40.11 4.45
C ARG K 594 -46.23 -39.34 4.76
N TYR K 595 -46.97 -39.82 5.76
CA TYR K 595 -48.16 -39.11 6.20
C TYR K 595 -47.75 -37.87 6.99
N PRO K 596 -48.64 -36.88 7.09
CA PRO K 596 -48.38 -35.75 7.98
C PRO K 596 -48.17 -36.22 9.41
N ARG K 597 -47.22 -35.57 10.09
CA ARG K 597 -46.85 -36.02 11.43
C ARG K 597 -48.01 -35.89 12.40
N GLY K 598 -48.78 -34.81 12.31
CA GLY K 598 -49.94 -34.64 13.15
C GLY K 598 -51.15 -35.39 12.64
N LEU K 599 -51.06 -36.71 12.56
CA LEU K 599 -52.16 -37.53 12.10
C LEU K 599 -52.50 -38.59 13.15
N ASP K 600 -53.77 -38.98 13.18
CA ASP K 600 -54.24 -39.96 14.13
C ASP K 600 -53.68 -41.35 13.80
N THR K 601 -53.75 -42.24 14.78
CA THR K 601 -53.20 -43.58 14.65
C THR K 601 -54.15 -44.57 13.96
N ILE K 602 -55.42 -44.20 13.77
CA ILE K 602 -56.35 -45.10 13.12
C ILE K 602 -55.93 -45.35 11.67
N HIS K 603 -55.48 -44.32 10.98
CA HIS K 603 -54.94 -44.48 9.63
C HIS K 603 -53.44 -44.77 9.68
N THR K 604 -53.07 -45.73 10.52
CA THR K 604 -51.70 -46.20 10.63
C THR K 604 -51.70 -47.72 10.80
N LYS K 605 -52.56 -48.39 10.02
CA LYS K 605 -52.64 -49.85 10.12
C LYS K 605 -51.35 -50.52 9.67
N LYS K 606 -50.73 -49.99 8.60
CA LYS K 606 -49.51 -50.56 8.10
C LYS K 606 -48.64 -49.45 7.53
N PRO K 607 -47.35 -49.42 7.85
CA PRO K 607 -46.48 -48.40 7.26
C PRO K 607 -46.34 -48.60 5.76
N ILE K 608 -46.06 -47.49 5.07
CA ILE K 608 -45.90 -47.55 3.62
C ILE K 608 -44.63 -48.32 3.29
N LEU K 609 -44.76 -49.33 2.45
CA LEU K 609 -43.65 -50.22 2.12
C LEU K 609 -42.80 -49.62 1.00
N ASN K 610 -41.72 -50.31 0.67
CA ASN K 610 -40.76 -49.87 -0.34
C ASN K 610 -40.50 -51.00 -1.32
N ASN K 611 -41.00 -50.86 -2.56
CA ASN K 611 -40.84 -51.87 -3.59
C ASN K 611 -39.71 -51.55 -4.55
N PHE K 612 -38.95 -50.50 -4.29
CA PHE K 612 -37.93 -50.05 -5.24
C PHE K 612 -36.81 -51.09 -5.37
N SER K 613 -36.44 -51.73 -4.28
CA SER K 613 -35.40 -52.75 -4.34
C SER K 613 -35.81 -53.90 -5.24
N MET K 614 -37.06 -54.37 -5.09
CA MET K 614 -37.55 -55.44 -5.95
C MET K 614 -37.61 -55.01 -7.41
N ALA K 615 -38.08 -53.79 -7.66
CA ALA K 615 -38.14 -53.32 -9.04
C ALA K 615 -36.75 -53.24 -9.65
N PHE K 616 -35.79 -52.72 -8.89
CA PHE K 616 -34.42 -52.59 -9.39
C PHE K 616 -33.84 -53.97 -9.70
N GLN K 617 -34.00 -54.92 -8.78
CA GLN K 617 -33.42 -56.24 -9.01
C GLN K 617 -34.09 -56.93 -10.20
N GLN K 618 -35.40 -56.76 -10.36
CA GLN K 618 -36.07 -57.38 -11.49
C GLN K 618 -35.60 -56.80 -12.82
N ILE K 619 -35.47 -55.47 -12.89
CA ILE K 619 -35.01 -54.85 -14.13
C ILE K 619 -33.58 -55.26 -14.43
N THR K 620 -32.72 -55.31 -13.41
CA THR K 620 -31.35 -55.73 -13.63
C THR K 620 -31.27 -57.20 -14.05
N ALA K 621 -32.18 -58.03 -13.55
CA ALA K 621 -32.18 -59.43 -13.97
C ALA K 621 -32.66 -59.58 -15.41
N GLU K 622 -33.62 -58.75 -15.84
CA GLU K 622 -34.19 -58.95 -17.17
C GLU K 622 -33.45 -58.18 -18.26
N THR K 623 -32.64 -57.19 -17.92
CA THR K 623 -31.87 -56.47 -18.92
C THR K 623 -30.44 -56.29 -18.42
N ASP K 624 -29.52 -56.11 -19.37
CA ASP K 624 -28.10 -56.02 -19.05
C ASP K 624 -27.66 -54.56 -18.93
N ALA K 625 -28.17 -53.89 -17.91
CA ALA K 625 -27.74 -52.53 -17.61
C ALA K 625 -26.40 -52.54 -16.89
N LYS K 626 -25.73 -51.40 -16.91
CA LYS K 626 -24.43 -51.25 -16.25
C LYS K 626 -24.61 -50.61 -14.88
N VAL K 627 -25.25 -51.38 -13.99
CA VAL K 627 -25.53 -50.92 -12.65
C VAL K 627 -24.61 -51.65 -11.67
N ARG K 628 -24.62 -51.20 -10.41
CA ARG K 628 -23.81 -51.82 -9.36
C ARG K 628 -24.61 -51.74 -8.07
N ILE K 629 -25.34 -52.81 -7.76
CA ILE K 629 -26.18 -52.87 -6.57
C ILE K 629 -25.39 -53.57 -5.48
N ASP K 630 -24.74 -52.78 -4.61
CA ASP K 630 -23.95 -53.33 -3.53
C ASP K 630 -24.19 -52.66 -2.18
N ASN K 631 -25.08 -51.68 -2.12
CA ASN K 631 -25.38 -51.04 -0.85
C ASN K 631 -26.22 -51.96 0.03
N PHE K 632 -25.93 -51.95 1.34
CA PHE K 632 -26.74 -52.70 2.28
C PHE K 632 -28.19 -52.23 2.26
N GLU K 633 -28.40 -50.94 2.03
CA GLU K 633 -29.73 -50.43 1.71
C GLU K 633 -30.00 -50.78 0.25
N SER K 634 -30.95 -51.68 0.03
CA SER K 634 -31.20 -52.20 -1.31
C SER K 634 -31.99 -51.23 -2.19
N SER K 635 -32.43 -50.10 -1.63
CA SER K 635 -33.18 -49.11 -2.40
C SER K 635 -32.27 -48.05 -3.02
N ILE K 636 -30.96 -48.21 -2.92
CA ILE K 636 -30.00 -47.26 -3.48
C ILE K 636 -29.10 -48.02 -4.44
N ILE K 637 -29.01 -47.53 -5.68
CA ILE K 637 -28.21 -48.15 -6.71
C ILE K 637 -27.43 -47.09 -7.46
N GLU K 638 -26.40 -47.53 -8.19
CA GLU K 638 -25.63 -46.66 -9.06
C GLU K 638 -25.87 -47.07 -10.51
N ILE K 639 -26.02 -46.07 -11.38
CA ILE K 639 -26.33 -46.29 -12.78
C ILE K 639 -25.47 -45.39 -13.63
N ARG K 640 -25.41 -45.70 -14.93
CA ARG K 640 -24.61 -44.94 -15.87
C ARG K 640 -25.43 -43.81 -16.49
N ARG K 641 -24.73 -42.76 -16.91
CA ARG K 641 -25.41 -41.59 -17.46
C ARG K 641 -26.16 -41.93 -18.73
N GLU K 642 -25.52 -42.65 -19.65
CA GLU K 642 -26.17 -43.02 -20.89
C GLU K 642 -27.24 -44.09 -20.67
N ASP K 643 -27.15 -44.85 -19.58
CA ASP K 643 -28.09 -45.93 -19.32
C ASP K 643 -29.29 -45.49 -18.49
N LEU K 644 -29.25 -44.31 -17.89
CA LEU K 644 -30.33 -43.89 -17.00
C LEU K 644 -31.68 -43.87 -17.70
N SER K 645 -31.79 -43.08 -18.77
CA SER K 645 -33.12 -42.77 -19.32
C SER K 645 -33.87 -44.01 -19.79
N PRO K 646 -33.31 -44.89 -20.62
CA PRO K 646 -34.06 -46.11 -20.97
C PRO K 646 -34.44 -46.92 -19.74
N PHE K 647 -33.50 -47.04 -18.79
CA PHE K 647 -33.81 -47.72 -17.54
C PHE K 647 -35.07 -47.13 -16.91
N LEU K 648 -35.09 -45.80 -16.78
CA LEU K 648 -36.27 -45.15 -16.24
C LEU K 648 -37.51 -45.53 -17.02
N GLU K 649 -37.42 -45.51 -18.35
CA GLU K 649 -38.57 -45.93 -19.15
C GLU K 649 -39.04 -47.29 -18.71
N LYS K 650 -38.10 -48.22 -18.56
CA LYS K 650 -38.47 -49.57 -18.16
C LYS K 650 -39.19 -49.55 -16.83
N LEU K 651 -38.66 -48.76 -15.88
CA LEU K 651 -39.30 -48.70 -14.57
C LEU K 651 -40.70 -48.14 -14.67
N THR K 652 -40.91 -47.23 -15.63
CA THR K 652 -42.25 -46.70 -15.86
C THR K 652 -43.17 -47.80 -16.38
N LEU K 653 -42.67 -48.64 -17.28
CA LEU K 653 -43.53 -49.61 -17.93
C LEU K 653 -43.68 -50.90 -17.14
N SER K 654 -42.91 -51.06 -16.08
CA SER K 654 -42.96 -52.27 -15.28
C SER K 654 -44.01 -52.14 -14.18
N GLY K 655 -44.51 -53.29 -13.73
CA GLY K 655 -45.49 -53.30 -12.65
C GLY K 655 -44.81 -53.02 -11.32
N LEU K 656 -45.33 -52.04 -10.59
CA LEU K 656 -44.73 -51.63 -9.33
C LEU K 656 -45.47 -52.24 -8.14
N GLY L 5 7.91 -84.55 3.44
CA GLY L 5 7.85 -85.27 4.69
C GLY L 5 8.97 -86.28 4.86
N ASN L 6 8.89 -87.06 5.93
CA ASN L 6 9.85 -88.13 6.19
C ASN L 6 9.37 -89.41 5.53
N VAL L 7 10.02 -90.53 5.85
CA VAL L 7 9.54 -91.82 5.40
C VAL L 7 8.23 -92.18 6.11
N LEU L 8 8.02 -91.65 7.32
CA LEU L 8 6.78 -91.86 8.07
C LEU L 8 6.25 -90.52 8.55
N PRO L 9 5.77 -89.69 7.65
CA PRO L 9 5.25 -88.37 8.05
C PRO L 9 3.95 -88.51 8.85
N VAL L 10 3.78 -87.62 9.80
CA VAL L 10 2.56 -87.55 10.61
C VAL L 10 2.02 -86.13 10.52
N LYS L 11 0.81 -85.99 9.99
CA LYS L 11 0.22 -84.67 9.84
C LYS L 11 -0.02 -84.04 11.20
N ILE L 12 0.38 -82.79 11.33
CA ILE L 12 0.39 -82.12 12.64
C ILE L 12 -0.94 -81.41 12.85
N GLN L 13 -1.21 -81.05 14.10
CA GLN L 13 -2.26 -80.11 14.42
C GLN L 13 -1.62 -78.74 14.59
N PRO L 14 -1.97 -77.75 13.78
CA PRO L 14 -1.24 -76.47 13.78
C PRO L 14 -1.23 -75.79 15.15
N PRO L 15 -2.32 -75.86 15.95
CA PRO L 15 -2.26 -75.17 17.26
C PRO L 15 -1.12 -75.62 18.16
N LEU L 16 -0.81 -76.92 18.20
CA LEU L 16 0.21 -77.38 19.13
C LEU L 16 1.62 -77.04 18.69
N LEU L 17 1.88 -76.97 17.38
CA LEU L 17 3.17 -76.51 16.90
C LEU L 17 3.30 -75.00 16.95
N ARG L 18 2.18 -74.28 17.04
CA ARG L 18 2.20 -72.82 17.05
C ARG L 18 3.15 -72.23 18.10
N PRO L 19 3.17 -72.69 19.36
CA PRO L 19 4.12 -72.09 20.31
C PRO L 19 5.57 -72.24 19.92
N LEU L 20 5.96 -73.41 19.42
CA LEU L 20 7.37 -73.64 19.10
C LEU L 20 7.85 -72.70 18.00
N ALA L 21 7.04 -72.51 16.97
CA ALA L 21 7.40 -71.58 15.91
C ALA L 21 7.35 -70.14 16.41
N TYR L 22 6.28 -69.79 17.12
CA TYR L 22 6.05 -68.40 17.52
C TYR L 22 7.15 -67.91 18.45
N ARG L 23 7.57 -68.74 19.42
CA ARG L 23 8.60 -68.32 20.35
C ARG L 23 9.88 -67.95 19.61
N VAL L 24 10.38 -68.87 18.77
CA VAL L 24 11.65 -68.65 18.08
C VAL L 24 11.54 -67.48 17.11
N LEU L 25 10.42 -67.36 16.39
CA LEU L 25 10.31 -66.35 15.36
C LEU L 25 9.73 -65.03 15.86
N SER L 26 9.44 -64.89 17.16
CA SER L 26 8.90 -63.64 17.66
C SER L 26 9.50 -63.17 18.97
N ARG L 27 10.41 -63.92 19.58
CA ARG L 27 11.03 -63.43 20.81
C ARG L 27 12.54 -63.33 20.73
N LYS L 28 13.21 -64.31 20.11
CA LYS L 28 14.65 -64.20 19.90
C LYS L 28 14.95 -63.36 18.66
N TYR L 29 14.58 -63.88 17.49
CA TYR L 29 14.83 -63.25 16.21
C TYR L 29 13.57 -63.33 15.36
N GLY L 30 13.50 -62.47 14.35
CA GLY L 30 12.37 -62.47 13.44
C GLY L 30 11.15 -61.80 14.04
N LEU L 31 10.08 -61.79 13.25
CA LEU L 31 8.85 -61.13 13.66
C LEU L 31 7.74 -61.48 12.68
N SER L 32 6.50 -61.39 13.18
CA SER L 32 5.28 -61.45 12.38
C SER L 32 5.24 -62.68 11.47
N ILE L 33 5.18 -63.85 12.11
CA ILE L 33 5.00 -65.09 11.38
C ILE L 33 3.62 -65.11 10.74
N LYS L 34 3.55 -65.45 9.46
CA LYS L 34 2.29 -65.54 8.74
C LYS L 34 1.78 -66.97 8.77
N SER L 35 0.64 -67.20 8.11
CA SER L 35 0.09 -68.55 8.01
C SER L 35 0.89 -69.40 7.04
N ASP L 36 1.44 -68.79 5.98
CA ASP L 36 2.24 -69.52 5.03
C ASP L 36 3.47 -70.12 5.69
N GLY L 37 4.14 -69.34 6.54
CA GLY L 37 5.29 -69.87 7.25
C GLY L 37 4.94 -71.02 8.16
N LEU L 38 3.80 -70.94 8.85
CA LEU L 38 3.39 -72.02 9.74
C LEU L 38 3.07 -73.28 8.94
N SER L 39 2.38 -73.15 7.80
CA SER L 39 2.10 -74.31 6.97
C SER L 39 3.38 -74.93 6.42
N ALA L 40 4.33 -74.09 5.99
CA ALA L 40 5.62 -74.60 5.55
C ALA L 40 6.31 -75.37 6.66
N LEU L 41 6.33 -74.79 7.87
CA LEU L 41 6.95 -75.48 8.99
C LEU L 41 6.22 -76.76 9.34
N ALA L 42 4.91 -76.83 9.10
CA ALA L 42 4.18 -78.08 9.26
C ALA L 42 4.71 -79.14 8.30
N GLU L 43 4.87 -78.77 7.03
CA GLU L 43 5.41 -79.72 6.06
C GLU L 43 6.82 -80.16 6.43
N PHE L 44 7.65 -79.22 6.87
CA PHE L 44 9.05 -79.52 7.10
C PHE L 44 9.35 -80.03 8.50
N VAL L 45 8.36 -80.05 9.40
CA VAL L 45 8.43 -80.92 10.56
C VAL L 45 7.90 -82.30 10.21
N GLY L 46 7.03 -82.39 9.19
CA GLY L 46 6.80 -83.69 8.57
C GLY L 46 8.06 -84.26 7.98
N THR L 47 8.95 -83.39 7.48
CA THR L 47 10.28 -83.83 7.02
C THR L 47 11.25 -84.05 8.17
N ASN L 48 10.85 -83.78 9.41
CA ASN L 48 11.71 -83.99 10.57
C ASN L 48 10.91 -84.66 11.69
N ILE L 49 10.18 -85.72 11.34
CA ILE L 49 9.33 -86.41 12.31
C ILE L 49 10.14 -87.14 13.38
N GLY L 50 11.45 -87.31 13.17
CA GLY L 50 12.25 -88.09 14.09
C GLY L 50 12.24 -87.59 15.51
N ALA L 51 11.51 -88.30 16.37
CA ALA L 51 11.40 -88.00 17.80
C ALA L 51 10.98 -86.55 18.06
N ASN L 52 10.35 -85.90 17.10
CA ASN L 52 10.06 -84.48 17.26
C ASN L 52 8.84 -84.29 18.16
N TRP L 53 8.70 -83.06 18.66
CA TRP L 53 7.89 -82.67 19.81
C TRP L 53 8.49 -83.22 21.11
N ARG L 54 9.55 -84.03 21.02
CA ARG L 54 10.35 -84.44 22.15
C ARG L 54 11.83 -84.29 21.86
N GLN L 55 12.21 -83.79 20.69
CA GLN L 55 13.59 -83.57 20.28
C GLN L 55 13.75 -82.10 19.90
N GLY L 56 14.52 -81.38 20.71
CA GLY L 56 14.70 -79.96 20.53
C GLY L 56 15.77 -79.55 19.53
N PRO L 57 17.02 -79.96 19.76
CA PRO L 57 18.15 -79.33 19.04
C PRO L 57 18.06 -79.34 17.53
N ALA L 58 17.58 -80.43 16.91
CA ALA L 58 17.60 -80.51 15.46
C ALA L 58 16.68 -79.48 14.83
N THR L 59 15.42 -79.44 15.27
CA THR L 59 14.48 -78.48 14.72
C THR L 59 14.90 -77.05 15.05
N ILE L 60 15.45 -76.83 16.24
CA ILE L 60 15.87 -75.49 16.64
C ILE L 60 17.02 -75.02 15.77
N LYS L 61 18.00 -75.89 15.49
CA LYS L 61 19.11 -75.48 14.64
C LYS L 61 18.68 -75.30 13.20
N PHE L 62 17.74 -76.12 12.71
CA PHE L 62 17.20 -75.87 11.38
C PHE L 62 16.49 -74.53 11.33
N LEU L 63 15.76 -74.17 12.39
CA LEU L 63 15.09 -72.87 12.43
C LEU L 63 16.09 -71.73 12.47
N GLU L 64 17.19 -71.87 13.20
CA GLU L 64 18.16 -70.79 13.26
C GLU L 64 18.91 -70.66 11.94
N GLN L 65 19.16 -71.78 11.24
CA GLN L 65 19.68 -71.68 9.88
C GLN L 65 18.69 -71.00 8.94
N PHE L 66 17.40 -71.32 9.10
CA PHE L 66 16.35 -70.63 8.35
C PHE L 66 16.44 -69.12 8.57
N ALA L 67 16.56 -68.71 9.83
CA ALA L 67 16.67 -67.28 10.15
C ALA L 67 17.93 -66.67 9.57
N ALA L 68 19.06 -67.39 9.66
CA ALA L 68 20.32 -66.88 9.14
C ALA L 68 20.32 -66.76 7.62
N VAL L 69 19.47 -67.51 6.93
CA VAL L 69 19.32 -67.34 5.50
C VAL L 69 18.29 -66.26 5.17
N TRP L 70 17.22 -66.17 5.96
CA TRP L 70 16.11 -65.27 5.67
C TRP L 70 16.46 -63.81 5.97
N LYS L 71 17.21 -63.55 7.04
CA LYS L 71 17.42 -62.19 7.48
C LYS L 71 18.39 -61.40 6.62
N GLN L 72 19.06 -62.04 5.67
CA GLN L 72 19.90 -61.34 4.71
C GLN L 72 19.15 -60.86 3.48
N GLN L 73 17.91 -61.28 3.30
CA GLN L 73 17.07 -60.83 2.19
C GLN L 73 16.16 -59.71 2.71
N GLU L 74 16.27 -58.53 2.09
CA GLU L 74 15.56 -57.32 2.50
C GLU L 74 15.45 -57.21 4.02
N ARG L 75 14.26 -56.87 4.53
CA ARG L 75 14.01 -56.93 5.96
C ARG L 75 13.11 -58.08 6.36
N GLY L 76 12.28 -58.60 5.46
CA GLY L 76 11.59 -59.86 5.65
C GLY L 76 10.71 -59.96 6.87
N LEU L 77 9.91 -58.93 7.15
CA LEU L 77 8.99 -58.99 8.28
C LEU L 77 7.86 -59.99 8.05
N PHE L 78 7.54 -60.29 6.79
CA PHE L 78 6.50 -61.24 6.46
C PHE L 78 7.09 -62.37 5.63
N ILE L 79 6.51 -63.56 5.78
CA ILE L 79 6.96 -64.75 5.07
C ILE L 79 5.88 -65.08 4.03
N ASP L 80 6.14 -64.75 2.77
CA ASP L 80 5.24 -65.04 1.68
C ASP L 80 5.55 -66.42 1.10
N GLN L 81 5.05 -66.69 -0.10
CA GLN L 81 5.26 -67.99 -0.73
C GLN L 81 6.70 -68.24 -1.15
N SER L 82 7.62 -67.31 -0.87
CA SER L 82 9.03 -67.57 -1.09
C SER L 82 9.58 -68.60 -0.11
N GLY L 83 8.89 -68.81 1.02
CA GLY L 83 9.43 -69.68 2.06
C GLY L 83 9.83 -71.05 1.55
N VAL L 84 9.03 -71.61 0.64
CA VAL L 84 9.39 -72.88 0.01
C VAL L 84 10.67 -72.71 -0.80
N LYS L 85 10.86 -71.56 -1.43
CA LYS L 85 12.09 -71.32 -2.18
C LYS L 85 13.31 -71.28 -1.24
N GLU L 86 13.21 -70.58 -0.11
CA GLU L 86 14.33 -70.61 0.82
C GLU L 86 14.52 -71.99 1.46
N VAL L 87 13.47 -72.80 1.54
CA VAL L 87 13.65 -74.16 2.04
C VAL L 87 14.38 -75.02 1.00
N ILE L 88 14.09 -74.80 -0.28
CA ILE L 88 14.87 -75.45 -1.34
C ILE L 88 16.32 -74.99 -1.26
N GLN L 89 16.54 -73.71 -0.94
CA GLN L 89 17.88 -73.22 -0.71
C GLN L 89 18.54 -73.93 0.47
N GLU L 90 17.77 -74.16 1.54
CA GLU L 90 18.28 -74.90 2.69
C GLU L 90 18.69 -76.31 2.31
N MET L 91 17.86 -76.98 1.49
CA MET L 91 18.19 -78.32 1.01
C MET L 91 19.46 -78.31 0.17
N LYS L 92 19.62 -77.30 -0.69
CA LYS L 92 20.78 -77.25 -1.57
C LYS L 92 22.04 -76.72 -0.88
N GLU L 93 21.91 -76.11 0.30
CA GLU L 93 23.05 -75.62 1.06
C GLU L 93 23.59 -76.66 2.04
N ARG L 94 22.97 -77.83 2.12
CA ARG L 94 23.43 -78.87 3.02
C ARG L 94 24.39 -79.81 2.30
N ARG L 167 31.31 -73.10 -16.11
CA ARG L 167 31.48 -72.25 -14.94
C ARG L 167 30.29 -71.31 -14.77
N ASP L 168 29.87 -71.12 -13.53
CA ASP L 168 28.77 -70.23 -13.21
C ASP L 168 29.31 -68.91 -12.64
N TYR L 169 28.39 -68.08 -12.13
CA TYR L 169 28.73 -66.83 -11.46
C TYR L 169 29.44 -65.85 -12.38
N PHE L 170 29.07 -65.86 -13.66
CA PHE L 170 29.48 -64.82 -14.59
C PHE L 170 28.27 -64.40 -15.41
N LYS L 171 28.18 -63.10 -15.69
CA LYS L 171 27.02 -62.55 -16.38
C LYS L 171 27.46 -61.69 -17.55
N VAL L 172 26.65 -61.69 -18.60
CA VAL L 172 26.82 -60.81 -19.75
C VAL L 172 25.60 -59.89 -19.82
N ILE L 173 25.86 -58.59 -19.92
CA ILE L 173 24.78 -57.60 -19.91
C ILE L 173 24.94 -56.68 -21.11
N ASN L 174 23.81 -56.17 -21.58
CA ASN L 174 23.77 -55.26 -22.71
C ASN L 174 23.49 -53.84 -22.24
N ALA L 175 23.63 -52.88 -23.17
CA ALA L 175 23.38 -51.49 -22.83
C ALA L 175 21.92 -51.20 -22.55
N SER L 176 21.01 -52.11 -22.89
CA SER L 176 19.60 -51.87 -22.67
C SER L 176 19.21 -52.06 -21.21
N GLN L 177 19.82 -53.00 -20.52
CA GLN L 177 19.46 -53.33 -19.14
C GLN L 177 20.46 -52.82 -18.11
N GLN L 178 21.39 -51.95 -18.53
CA GLN L 178 22.31 -51.35 -17.57
C GLN L 178 21.56 -50.41 -16.63
N GLN L 179 21.91 -50.46 -15.35
CA GLN L 179 21.26 -49.61 -14.36
C GLN L 179 21.67 -48.16 -14.53
N ARG L 180 20.73 -47.25 -14.26
CA ARG L 180 20.97 -45.83 -14.39
C ARG L 180 21.42 -45.24 -13.06
N PHE L 181 22.50 -44.47 -13.09
CA PHE L 181 23.01 -43.78 -11.92
C PHE L 181 23.40 -42.37 -12.29
N SER L 182 22.71 -41.39 -11.71
CA SER L 182 23.04 -39.99 -11.95
C SER L 182 24.20 -39.57 -11.07
N TYR L 183 24.79 -38.42 -11.40
CA TYR L 183 25.86 -37.83 -10.62
C TYR L 183 25.46 -36.42 -10.21
N ASN L 184 25.60 -36.10 -8.93
CA ASN L 184 25.18 -34.82 -8.39
C ASN L 184 26.40 -33.97 -8.06
N PRO L 185 26.53 -32.76 -8.61
CA PRO L 185 27.71 -31.95 -8.31
C PRO L 185 27.68 -31.33 -6.94
N HIS L 186 26.49 -31.15 -6.34
CA HIS L 186 26.38 -30.53 -5.03
C HIS L 186 26.54 -31.51 -3.88
N LYS L 187 26.36 -32.81 -4.13
CA LYS L 187 26.54 -33.84 -3.12
C LYS L 187 27.74 -34.73 -3.40
N MET L 188 28.40 -34.55 -4.55
CA MET L 188 29.62 -35.30 -4.89
C MET L 188 29.43 -36.80 -4.72
N GLN L 189 28.29 -37.30 -5.17
CA GLN L 189 27.95 -38.70 -4.96
C GLN L 189 27.06 -39.19 -6.09
N PHE L 190 27.25 -40.44 -6.49
CA PHE L 190 26.38 -41.05 -7.49
C PHE L 190 25.01 -41.32 -6.89
N ILE L 191 23.97 -41.12 -7.69
CA ILE L 191 22.59 -41.28 -7.24
C ILE L 191 21.90 -42.29 -8.15
N PHE L 192 21.28 -43.30 -7.55
CA PHE L 192 20.53 -44.28 -8.31
C PHE L 192 19.32 -43.61 -8.97
N VAL L 193 19.02 -44.03 -10.19
CA VAL L 193 17.89 -43.52 -10.94
C VAL L 193 17.00 -44.71 -11.32
N PRO L 194 15.72 -44.71 -10.94
CA PRO L 194 14.86 -45.84 -11.29
C PRO L 194 14.75 -46.03 -12.79
N ASN L 195 14.74 -47.29 -13.21
CA ASN L 195 14.57 -47.63 -14.62
C ASN L 195 13.11 -47.43 -15.02
N LYS L 196 12.90 -46.93 -16.23
CA LYS L 196 11.55 -46.62 -16.69
C LYS L 196 10.68 -47.87 -16.83
N LYS L 197 11.30 -49.02 -17.13
CA LYS L 197 10.52 -50.23 -17.35
C LYS L 197 10.01 -50.80 -16.03
N GLN L 198 10.85 -50.82 -14.99
CA GLN L 198 10.48 -51.50 -13.75
C GLN L 198 9.29 -50.83 -13.07
N ASN L 199 9.28 -49.50 -13.00
CA ASN L 199 8.21 -48.78 -12.33
C ASN L 199 7.11 -48.34 -13.27
N GLY L 200 7.44 -48.02 -14.52
CA GLY L 200 6.44 -47.58 -15.47
C GLY L 200 5.69 -48.74 -16.10
N LEU L 201 4.67 -48.37 -16.89
CA LEU L 201 3.88 -49.38 -17.59
C LEU L 201 4.71 -50.06 -18.68
N GLY L 202 5.21 -49.28 -19.63
CA GLY L 202 6.08 -49.81 -20.65
C GLY L 202 5.41 -50.62 -21.73
N GLY L 203 4.07 -50.69 -21.74
CA GLY L 203 3.37 -51.46 -22.74
C GLY L 203 3.13 -50.73 -24.05
N ILE L 204 3.18 -49.40 -24.03
CA ILE L 204 2.92 -48.62 -25.23
C ILE L 204 4.21 -48.03 -25.79
N ALA L 205 4.88 -47.18 -25.02
CA ALA L 205 6.17 -46.62 -25.43
C ALA L 205 6.87 -46.15 -24.17
N GLY L 206 7.81 -46.96 -23.68
CA GLY L 206 8.54 -46.61 -22.47
C GLY L 206 10.00 -46.33 -22.73
N PHE L 207 10.45 -46.59 -23.95
CA PHE L 207 11.85 -46.44 -24.32
C PHE L 207 12.19 -45.04 -24.80
N LEU L 208 11.23 -44.14 -24.89
CA LEU L 208 11.49 -42.80 -25.41
C LEU L 208 12.00 -41.90 -24.29
N PRO L 209 13.23 -41.41 -24.38
CA PRO L 209 13.75 -40.53 -23.33
C PRO L 209 13.08 -39.16 -23.34
N ASP L 210 13.17 -38.49 -22.18
CA ASP L 210 12.54 -37.19 -22.01
C ASP L 210 13.43 -36.08 -22.54
N ILE L 211 12.86 -34.88 -22.65
CA ILE L 211 13.52 -33.77 -23.34
C ILE L 211 14.74 -33.30 -22.57
N GLU L 212 14.63 -33.16 -21.25
CA GLU L 212 15.73 -32.63 -20.46
C GLU L 212 16.91 -33.59 -20.37
N ASP L 213 16.75 -34.83 -20.84
CA ASP L 213 17.84 -35.79 -20.78
C ASP L 213 19.03 -35.31 -21.61
N LYS L 214 18.78 -34.78 -22.81
CA LYS L 214 19.89 -34.29 -23.62
C LYS L 214 20.45 -33.00 -23.07
N VAL L 215 19.64 -32.24 -22.33
CA VAL L 215 20.16 -31.06 -21.64
C VAL L 215 21.17 -31.47 -20.57
N GLN L 216 20.83 -32.51 -19.81
CA GLN L 216 21.64 -32.90 -18.66
C GLN L 216 22.76 -33.89 -19.00
N MET L 217 22.77 -34.46 -20.21
CA MET L 217 23.81 -35.44 -20.55
C MET L 217 25.20 -34.81 -20.53
N PHE L 218 25.36 -33.66 -21.19
CA PHE L 218 26.65 -33.00 -21.19
C PHE L 218 27.01 -32.47 -19.82
N LEU L 219 26.00 -32.05 -19.05
CA LEU L 219 26.26 -31.64 -17.68
C LEU L 219 26.83 -32.79 -16.87
N THR L 220 26.27 -33.99 -17.02
CA THR L 220 26.75 -35.15 -16.29
C THR L 220 28.18 -35.49 -16.70
N ARG L 221 28.46 -35.48 -18.01
CA ARG L 221 29.81 -35.76 -18.46
C ARG L 221 30.81 -34.76 -17.92
N TYR L 222 30.46 -33.46 -17.95
CA TYR L 222 31.36 -32.44 -17.45
C TYR L 222 31.57 -32.58 -15.95
N TYR L 223 30.52 -32.91 -15.19
CA TYR L 223 30.66 -33.07 -13.76
C TYR L 223 31.61 -34.22 -13.43
N LEU L 224 31.44 -35.35 -14.12
CA LEU L 224 32.31 -36.49 -13.88
C LEU L 224 33.76 -36.14 -14.22
N THR L 225 33.97 -35.46 -15.35
CA THR L 225 35.34 -35.10 -15.71
C THR L 225 35.94 -34.11 -14.70
N ASN L 226 35.13 -33.17 -14.21
CA ASN L 226 35.62 -32.21 -13.23
C ASN L 226 36.06 -32.92 -11.95
N ASP L 227 35.24 -33.85 -11.46
CA ASP L 227 35.60 -34.59 -10.27
C ASP L 227 36.88 -35.39 -10.50
N ARG L 228 36.98 -36.05 -11.66
CA ARG L 228 38.17 -36.85 -11.96
C ARG L 228 39.41 -35.99 -11.99
N VAL L 229 39.32 -34.81 -12.59
CA VAL L 229 40.47 -33.91 -12.68
C VAL L 229 40.86 -33.42 -11.30
N MET L 230 39.88 -33.00 -10.50
CA MET L 230 40.18 -32.40 -9.20
C MET L 230 40.63 -33.44 -8.18
N ARG L 231 40.42 -34.73 -8.44
CA ARG L 231 40.97 -35.74 -7.56
C ARG L 231 42.45 -35.99 -7.80
N ASN L 232 43.04 -35.39 -8.83
CA ASN L 232 44.44 -35.65 -9.15
C ASN L 232 45.35 -35.15 -8.03
N GLU L 233 46.48 -35.84 -7.87
CA GLU L 233 47.47 -35.47 -6.86
C GLU L 233 48.05 -34.09 -7.12
N ASN L 234 48.45 -33.84 -8.37
CA ASN L 234 49.12 -32.57 -8.67
C ASN L 234 48.20 -31.38 -8.44
N PHE L 235 46.91 -31.53 -8.76
CA PHE L 235 45.93 -30.45 -8.63
C PHE L 235 45.27 -30.56 -7.26
N GLN L 236 45.54 -29.60 -6.39
CA GLN L 236 44.94 -29.57 -5.06
C GLN L 236 44.36 -28.20 -4.75
N MET L 266 47.66 -26.28 -9.32
CA MET L 266 46.86 -25.07 -9.18
C MET L 266 45.39 -25.35 -9.44
N SER L 267 44.53 -24.42 -9.03
CA SER L 267 43.09 -24.57 -9.19
C SER L 267 42.63 -23.91 -10.49
N ILE L 268 41.69 -24.55 -11.16
CA ILE L 268 41.11 -24.01 -12.39
C ILE L 268 40.12 -22.90 -12.02
N THR L 269 39.73 -22.10 -13.01
CA THR L 269 38.79 -21.02 -12.80
C THR L 269 37.63 -21.16 -13.78
N PRO L 270 36.39 -21.03 -13.34
CA PRO L 270 35.26 -21.11 -14.28
C PRO L 270 35.32 -19.99 -15.29
N ILE L 271 34.76 -20.26 -16.47
CA ILE L 271 34.90 -19.35 -17.61
C ILE L 271 34.33 -17.98 -17.30
N LYS L 272 33.13 -17.94 -16.71
CA LYS L 272 32.44 -16.68 -16.50
C LYS L 272 33.24 -15.72 -15.60
N ASN L 273 34.14 -16.25 -14.78
CA ASN L 273 34.98 -15.42 -13.93
C ASN L 273 36.20 -14.86 -14.66
N LEU L 274 36.19 -14.82 -15.98
CA LEU L 274 37.31 -14.28 -16.76
C LEU L 274 37.00 -12.94 -17.39
N LEU L 275 35.85 -12.34 -17.08
CA LEU L 275 35.47 -11.09 -17.75
C LEU L 275 36.29 -9.91 -17.25
N GLY L 276 36.50 -9.82 -15.94
CA GLY L 276 37.06 -8.63 -15.33
C GLY L 276 38.57 -8.57 -15.23
N ARG L 277 39.29 -9.54 -15.79
CA ARG L 277 40.74 -9.56 -15.67
C ARG L 277 41.38 -9.67 -17.04
N ASP L 278 42.60 -9.16 -17.15
CA ASP L 278 43.37 -9.24 -18.39
C ASP L 278 44.84 -9.24 -18.06
N ALA L 279 45.65 -9.73 -19.01
CA ALA L 279 47.10 -9.85 -18.86
C ALA L 279 47.47 -10.71 -17.66
N GLN L 280 46.64 -11.71 -17.33
CA GLN L 280 46.90 -12.63 -16.24
C GLN L 280 46.71 -14.05 -16.73
N ASN L 281 47.62 -14.93 -16.33
CA ASN L 281 47.52 -16.34 -16.71
C ASN L 281 46.46 -17.05 -15.88
N PHE L 282 45.84 -18.06 -16.48
CA PHE L 282 44.74 -18.78 -15.85
C PHE L 282 44.85 -20.25 -16.21
N LEU L 283 43.80 -21.01 -15.90
CA LEU L 283 43.71 -22.41 -16.27
C LEU L 283 42.24 -22.79 -16.28
N LEU L 284 41.83 -23.55 -17.29
CA LEU L 284 40.41 -23.85 -17.46
C LEU L 284 40.26 -25.08 -18.34
N LEU L 285 39.05 -25.64 -18.32
CA LEU L 285 38.75 -26.84 -19.10
C LEU L 285 37.27 -26.87 -19.45
N GLY L 286 36.95 -27.53 -20.55
CA GLY L 286 35.57 -27.65 -20.98
C GLY L 286 35.49 -28.25 -22.37
N LEU L 287 34.26 -28.30 -22.88
CA LEU L 287 34.03 -28.79 -24.23
C LEU L 287 34.77 -27.94 -25.25
N LEU L 288 35.28 -28.60 -26.29
CA LEU L 288 35.93 -27.93 -27.40
C LEU L 288 35.08 -28.15 -28.65
N ASN L 289 34.75 -27.06 -29.34
CA ASN L 289 33.86 -27.14 -30.49
C ASN L 289 34.06 -25.90 -31.34
N LYS L 290 33.24 -25.78 -32.39
CA LYS L 290 33.23 -24.63 -33.28
C LYS L 290 31.97 -23.82 -33.01
N ASN L 291 32.13 -22.51 -32.81
CA ASN L 291 30.99 -21.66 -32.57
C ASN L 291 30.18 -21.49 -33.86
N PHE L 292 29.02 -20.83 -33.72
CA PHE L 292 28.16 -20.60 -34.88
C PHE L 292 28.91 -19.84 -35.97
N LYS L 293 29.75 -18.87 -35.57
CA LYS L 293 30.51 -18.10 -36.55
C LYS L 293 31.50 -18.98 -37.29
N GLY L 294 32.16 -19.89 -36.58
CA GLY L 294 33.14 -20.77 -37.20
C GLY L 294 34.52 -20.65 -36.60
N ASN L 295 34.58 -20.17 -35.35
CA ASN L 295 35.83 -20.06 -34.63
C ASN L 295 35.92 -21.14 -33.56
N TRP L 296 37.11 -21.30 -33.00
CA TRP L 296 37.35 -22.31 -31.98
C TRP L 296 37.01 -21.74 -30.61
N SER L 297 36.21 -22.48 -29.86
CA SER L 297 35.69 -22.00 -28.59
C SER L 297 35.71 -23.12 -27.56
N LEU L 298 35.74 -22.72 -26.29
CA LEU L 298 35.62 -23.63 -25.16
C LEU L 298 34.34 -23.33 -24.42
N GLU L 299 33.53 -24.35 -24.16
CA GLU L 299 32.23 -24.18 -23.53
C GLU L 299 32.25 -24.78 -22.13
N ASP L 300 31.67 -24.05 -21.19
CA ASP L 300 31.58 -24.44 -19.79
C ASP L 300 30.18 -24.13 -19.32
N PRO L 301 29.70 -24.79 -18.26
CA PRO L 301 28.38 -24.45 -17.73
C PRO L 301 28.24 -22.99 -17.35
N SER L 302 29.35 -22.33 -17.01
CA SER L 302 29.32 -20.90 -16.75
C SER L 302 29.17 -20.11 -18.06
N GLY L 303 29.94 -20.47 -19.08
CA GLY L 303 29.92 -19.71 -20.31
C GLY L 303 30.95 -20.21 -21.29
N SER L 304 31.27 -19.38 -22.28
CA SER L 304 32.17 -19.75 -23.35
C SER L 304 33.08 -18.58 -23.71
N VAL L 305 34.25 -18.92 -24.26
CA VAL L 305 35.23 -17.93 -24.71
C VAL L 305 35.75 -18.36 -26.08
N GLU L 306 36.69 -17.58 -26.61
CA GLU L 306 37.36 -17.87 -27.86
C GLU L 306 38.80 -18.32 -27.61
N ILE L 307 39.40 -18.90 -28.63
CA ILE L 307 40.71 -19.53 -28.53
C ILE L 307 41.65 -18.93 -29.56
N ASP L 308 42.86 -18.59 -29.14
CA ASP L 308 43.94 -18.17 -30.03
C ASP L 308 44.93 -19.32 -30.15
N ILE L 309 45.19 -19.74 -31.39
CA ILE L 309 45.95 -20.96 -31.64
C ILE L 309 47.30 -20.69 -32.30
N SER L 310 47.58 -19.44 -32.68
CA SER L 310 48.73 -19.13 -33.54
C SER L 310 50.06 -19.54 -32.91
N GLN L 311 50.15 -19.69 -31.60
CA GLN L 311 51.40 -20.04 -30.92
C GLN L 311 51.16 -21.14 -29.89
N THR L 312 50.49 -22.20 -30.30
CA THR L 312 50.13 -23.29 -29.41
C THR L 312 51.16 -24.42 -29.51
N ILE L 313 51.58 -24.92 -28.36
CA ILE L 313 52.46 -26.08 -28.27
C ILE L 313 51.72 -27.18 -27.53
N PRO L 314 51.14 -28.14 -28.24
CA PRO L 314 50.34 -29.18 -27.59
C PRO L 314 51.19 -30.34 -27.09
N THR L 315 50.64 -31.05 -26.13
CA THR L 315 51.26 -32.26 -25.61
C THR L 315 51.06 -33.39 -26.62
N GLN L 316 52.17 -33.92 -27.15
CA GLN L 316 52.09 -34.96 -28.15
C GLN L 316 51.57 -36.25 -27.52
N GLY L 317 51.09 -37.15 -28.39
CA GLY L 317 50.54 -38.40 -27.95
C GLY L 317 49.04 -38.41 -27.74
N HIS L 318 48.34 -37.34 -28.11
CA HIS L 318 46.90 -37.26 -27.97
C HIS L 318 46.28 -36.89 -29.31
N TYR L 319 45.06 -37.36 -29.52
CA TYR L 319 44.27 -36.98 -30.69
C TYR L 319 43.34 -35.84 -30.29
N TYR L 320 43.84 -34.62 -30.44
CA TYR L 320 43.07 -33.43 -30.07
C TYR L 320 41.90 -33.29 -31.04
N VAL L 321 40.71 -33.65 -30.57
CA VAL L 321 39.54 -33.74 -31.43
C VAL L 321 38.41 -32.91 -30.83
N PRO L 322 37.61 -32.23 -31.64
CA PRO L 322 36.43 -31.55 -31.10
C PRO L 322 35.52 -32.54 -30.36
N GLY L 323 35.03 -32.10 -29.21
CA GLY L 323 34.27 -32.94 -28.32
C GLY L 323 35.04 -33.60 -27.21
N CYS L 324 36.29 -33.17 -26.97
CA CYS L 324 37.17 -33.78 -25.98
C CYS L 324 37.50 -32.76 -24.90
N MET L 325 37.41 -33.18 -23.65
CA MET L 325 37.85 -32.34 -22.54
C MET L 325 39.34 -32.03 -22.67
N VAL L 326 39.70 -30.76 -22.53
CA VAL L 326 41.08 -30.33 -22.67
C VAL L 326 41.40 -29.33 -21.57
N LEU L 327 42.66 -29.33 -21.15
CA LEU L 327 43.16 -28.38 -20.16
C LEU L 327 43.95 -27.30 -20.88
N VAL L 328 43.55 -26.04 -20.68
CA VAL L 328 44.08 -24.92 -21.43
C VAL L 328 44.73 -23.95 -20.46
N GLU L 329 45.99 -23.60 -20.73
CA GLU L 329 46.72 -22.59 -19.97
C GLU L 329 47.05 -21.45 -20.91
N GLY L 330 46.63 -20.24 -20.55
CA GLY L 330 46.84 -19.12 -21.44
C GLY L 330 46.66 -17.80 -20.73
N ILE L 331 46.67 -16.73 -21.53
CA ILE L 331 46.59 -15.36 -21.04
C ILE L 331 45.35 -14.72 -21.64
N TYR L 332 44.46 -14.23 -20.78
CA TYR L 332 43.28 -13.53 -21.26
C TYR L 332 43.66 -12.16 -21.80
N TYR L 333 42.87 -11.68 -22.76
CA TYR L 333 43.06 -10.34 -23.32
C TYR L 333 41.69 -9.73 -23.57
N SER L 334 41.40 -8.62 -22.88
CA SER L 334 40.11 -7.96 -22.98
C SER L 334 40.01 -7.00 -24.16
N VAL L 335 41.11 -6.76 -24.87
CA VAL L 335 41.06 -5.90 -26.06
C VAL L 335 40.13 -6.52 -27.09
N GLY L 336 40.29 -7.81 -27.33
CA GLY L 336 39.29 -8.58 -28.06
C GLY L 336 38.58 -9.51 -27.09
N ASN L 337 38.45 -10.77 -27.47
CA ASN L 337 37.96 -11.81 -26.56
C ASN L 337 38.77 -13.08 -26.74
N LYS L 338 40.06 -12.93 -26.97
CA LYS L 338 40.93 -14.04 -27.34
C LYS L 338 41.71 -14.50 -26.11
N PHE L 339 41.59 -15.79 -25.80
CA PHE L 339 42.35 -16.41 -24.72
C PHE L 339 43.58 -17.05 -25.35
N HIS L 340 44.67 -16.27 -25.42
CA HIS L 340 45.88 -16.72 -26.10
C HIS L 340 46.46 -17.94 -25.41
N VAL L 341 46.40 -19.09 -26.08
CA VAL L 341 46.83 -20.35 -25.51
C VAL L 341 48.32 -20.54 -25.75
N THR L 342 49.02 -21.08 -24.75
CA THR L 342 50.42 -21.42 -24.88
C THR L 342 50.72 -22.89 -24.59
N SER L 343 49.81 -23.62 -23.94
CA SER L 343 50.00 -25.04 -23.69
C SER L 343 48.63 -25.71 -23.61
N MET L 344 48.61 -27.01 -23.86
CA MET L 344 47.35 -27.74 -23.96
C MET L 344 47.62 -29.22 -23.79
N THR L 345 46.85 -29.86 -22.90
CA THR L 345 47.06 -31.27 -22.60
C THR L 345 45.75 -31.89 -22.12
N LEU L 346 45.54 -33.15 -22.48
CA LEU L 346 44.37 -33.88 -22.00
C LEU L 346 44.53 -34.20 -20.52
N PRO L 347 43.41 -34.34 -19.79
CA PRO L 347 43.51 -34.64 -18.37
C PRO L 347 44.03 -36.04 -18.14
N PRO L 348 44.73 -36.27 -17.02
CA PRO L 348 45.22 -37.62 -16.72
C PRO L 348 44.12 -38.53 -16.22
N GLY L 349 44.41 -39.84 -16.29
CA GLY L 349 43.48 -40.86 -15.88
C GLY L 349 43.86 -41.52 -14.56
N GLU L 350 42.98 -42.39 -14.10
CA GLU L 350 43.13 -43.06 -12.81
C GLU L 350 42.86 -44.55 -12.96
N ARG L 351 43.47 -45.34 -12.09
CA ARG L 351 43.29 -46.79 -12.10
C ARG L 351 41.94 -47.14 -11.48
N ARG L 352 41.63 -48.45 -11.49
CA ARG L 352 40.32 -48.89 -11.05
C ARG L 352 40.17 -48.80 -9.53
N GLU L 353 41.18 -49.23 -8.78
CA GLU L 353 41.04 -49.32 -7.33
C GLU L 353 40.88 -47.94 -6.69
N ILE L 354 41.64 -46.95 -7.16
CA ILE L 354 41.59 -45.63 -6.55
C ILE L 354 40.24 -44.95 -6.82
N THR L 355 39.69 -45.12 -8.02
CA THR L 355 38.38 -44.58 -8.30
C THR L 355 37.29 -45.34 -7.55
N LEU L 356 37.46 -46.65 -7.39
CA LEU L 356 36.48 -47.45 -6.66
C LEU L 356 36.40 -47.03 -5.20
N GLU L 357 37.57 -46.91 -4.54
CA GLU L 357 37.57 -46.67 -3.10
C GLU L 357 36.88 -45.36 -2.74
N THR L 358 36.81 -44.40 -3.67
CA THR L 358 36.08 -43.17 -3.41
C THR L 358 34.60 -43.44 -3.16
N ILE L 359 34.09 -44.55 -3.68
CA ILE L 359 32.75 -45.01 -3.37
C ILE L 359 32.85 -46.40 -2.75
N GLY L 360 33.97 -46.67 -2.08
CA GLY L 360 34.22 -47.98 -1.50
C GLY L 360 34.30 -49.04 -2.57
N ASN L 361 33.29 -49.89 -2.65
CA ASN L 361 33.06 -50.74 -3.82
C ASN L 361 31.56 -50.74 -4.07
N LEU L 362 31.12 -49.80 -4.90
CA LEU L 362 29.70 -49.65 -5.18
C LEU L 362 29.24 -50.77 -6.11
N ASP L 363 27.95 -51.10 -6.02
CA ASP L 363 27.38 -52.21 -6.78
C ASP L 363 26.85 -51.73 -8.13
N LEU L 364 27.77 -51.25 -8.96
CA LEU L 364 27.40 -50.77 -10.29
C LEU L 364 26.97 -51.93 -11.19
N LEU L 365 27.89 -52.84 -11.46
CA LEU L 365 27.59 -54.05 -12.24
C LEU L 365 27.15 -55.18 -11.32
N GLY L 366 26.12 -54.91 -10.52
CA GLY L 366 25.74 -55.79 -9.44
C GLY L 366 25.34 -57.21 -9.85
N ILE L 367 26.19 -58.17 -9.52
CA ILE L 367 25.87 -59.58 -9.67
C ILE L 367 25.59 -60.24 -8.32
N HIS L 368 26.42 -59.94 -7.32
CA HIS L 368 26.16 -60.42 -5.97
C HIS L 368 25.00 -59.67 -5.33
N GLY L 369 24.98 -58.35 -5.47
CA GLY L 369 23.91 -57.55 -4.92
C GLY L 369 23.80 -56.25 -5.69
N ILE L 370 22.61 -55.63 -5.60
CA ILE L 370 22.31 -54.42 -6.35
C ILE L 370 21.77 -53.37 -5.39
N SER L 371 21.82 -52.12 -5.85
CA SER L 371 21.21 -51.00 -5.14
C SER L 371 20.05 -50.46 -5.95
N ASN L 372 19.13 -49.79 -5.26
CA ASN L 372 17.94 -49.24 -5.90
C ASN L 372 17.55 -47.97 -5.16
N ASN L 373 16.31 -47.52 -5.37
CA ASN L 373 15.87 -46.25 -4.81
C ASN L 373 15.92 -46.25 -3.28
N ASN L 374 15.53 -47.36 -2.65
CA ASN L 374 15.41 -47.36 -1.20
C ASN L 374 16.77 -47.35 -0.51
N PHE L 375 17.72 -48.14 -1.00
CA PHE L 375 18.97 -48.35 -0.27
C PHE L 375 20.15 -48.39 -1.24
N ILE L 376 21.33 -48.18 -0.67
CA ILE L 376 22.59 -48.27 -1.39
C ILE L 376 23.41 -49.41 -0.80
N ALA L 377 24.04 -50.21 -1.67
CA ALA L 377 24.71 -51.43 -1.25
C ALA L 377 26.16 -51.43 -1.72
N ARG L 378 27.00 -52.15 -0.98
CA ARG L 378 28.43 -52.25 -1.24
C ARG L 378 28.90 -53.63 -0.81
N LEU L 379 30.05 -54.04 -1.36
CA LEU L 379 30.58 -55.36 -1.04
C LEU L 379 32.06 -55.42 -1.41
N ASP L 380 32.89 -55.91 -0.47
CA ASP L 380 34.28 -56.21 -0.76
C ASP L 380 34.75 -57.51 -0.13
N LYS L 381 33.90 -58.22 0.62
CA LYS L 381 34.35 -59.42 1.33
C LYS L 381 34.64 -60.56 0.38
N ASP L 382 33.78 -60.79 -0.59
CA ASP L 382 33.94 -61.92 -1.52
C ASP L 382 34.81 -61.58 -2.72
N LEU L 383 35.29 -60.33 -2.82
CA LEU L 383 36.15 -59.97 -3.95
C LEU L 383 37.44 -60.78 -3.92
N LYS L 384 38.07 -60.86 -2.76
CA LYS L 384 39.31 -61.63 -2.64
C LYS L 384 39.05 -63.12 -2.83
N ILE L 385 37.93 -63.61 -2.32
CA ILE L 385 37.59 -65.03 -2.48
C ILE L 385 37.42 -65.37 -3.96
N ARG L 386 36.69 -64.54 -4.70
CA ARG L 386 36.50 -64.78 -6.11
C ARG L 386 37.79 -64.56 -6.90
N LEU L 387 38.65 -63.65 -6.44
CA LEU L 387 39.96 -63.51 -7.06
C LEU L 387 40.78 -64.78 -6.92
N HIS L 388 40.77 -65.37 -5.71
CA HIS L 388 41.47 -66.63 -5.50
C HIS L 388 40.86 -67.75 -6.33
N LEU L 389 39.54 -67.78 -6.43
CA LEU L 389 38.87 -68.78 -7.25
C LEU L 389 39.26 -68.64 -8.72
N LEU L 390 39.34 -67.40 -9.20
CA LEU L 390 39.72 -67.15 -10.59
C LEU L 390 41.18 -67.50 -10.85
N GLU L 391 42.04 -67.35 -9.84
CA GLU L 391 43.45 -67.65 -10.01
C GLU L 391 43.69 -69.11 -10.38
N LYS L 392 42.72 -69.98 -10.13
CA LYS L 392 42.83 -71.40 -10.43
C LYS L 392 41.87 -71.77 -11.56
N GLU L 393 42.21 -72.85 -12.26
CA GLU L 393 41.47 -73.39 -13.42
C GLU L 393 41.08 -72.29 -14.41
N LEU L 394 41.86 -71.21 -14.47
CA LEU L 394 41.58 -70.16 -15.44
C LEU L 394 42.00 -70.57 -16.85
N THR L 395 43.04 -71.39 -16.97
CA THR L 395 43.47 -71.86 -18.28
C THR L 395 42.44 -72.78 -18.92
N ASP L 396 41.63 -73.45 -18.11
CA ASP L 396 40.57 -74.30 -18.65
C ASP L 396 39.40 -73.49 -19.17
N HIS L 397 39.16 -72.31 -18.58
CA HIS L 397 38.05 -71.45 -18.99
C HIS L 397 38.57 -70.37 -19.94
N LYS L 398 38.84 -70.80 -21.17
CA LYS L 398 39.30 -69.90 -22.21
C LYS L 398 38.13 -69.44 -23.07
N PHE L 399 38.23 -68.21 -23.58
CA PHE L 399 37.25 -67.64 -24.48
C PHE L 399 37.99 -67.07 -25.69
N VAL L 400 37.51 -67.41 -26.88
CA VAL L 400 38.18 -67.04 -28.12
C VAL L 400 37.27 -66.14 -28.94
N ILE L 401 37.84 -65.11 -29.53
CA ILE L 401 37.12 -64.16 -30.36
C ILE L 401 37.66 -64.24 -31.79
N LEU L 402 36.83 -63.87 -32.74
CA LEU L 402 37.18 -63.88 -34.14
C LEU L 402 37.36 -62.45 -34.64
N GLY L 403 37.58 -62.31 -35.94
CA GLY L 403 37.74 -61.01 -36.55
C GLY L 403 36.42 -60.32 -36.78
N ALA L 404 36.50 -59.15 -37.41
CA ALA L 404 35.33 -58.33 -37.68
C ALA L 404 34.84 -58.54 -39.11
N ASN L 405 33.53 -58.34 -39.30
CA ASN L 405 32.88 -58.39 -40.61
C ASN L 405 33.09 -59.75 -41.28
N LEU L 406 32.53 -60.78 -40.65
CA LEU L 406 32.48 -62.11 -41.25
C LEU L 406 31.19 -62.20 -42.06
N PHE L 407 31.28 -61.84 -43.34
CA PHE L 407 30.11 -61.84 -44.20
C PHE L 407 29.67 -63.28 -44.48
N LEU L 408 28.44 -63.61 -44.14
CA LEU L 408 27.91 -64.95 -44.39
C LEU L 408 27.19 -65.04 -45.73
N ASP L 409 27.87 -64.58 -46.79
CA ASP L 409 27.30 -64.67 -48.13
C ASP L 409 28.32 -65.24 -49.11
N ASP L 410 29.60 -65.01 -48.84
CA ASP L 410 30.66 -65.46 -49.73
C ASP L 410 31.15 -66.84 -49.35
N LEU L 411 31.67 -67.56 -50.35
CA LEU L 411 32.10 -68.94 -50.15
C LEU L 411 33.41 -69.02 -49.39
N LYS L 412 34.34 -68.09 -49.64
CA LYS L 412 35.65 -68.16 -49.00
C LYS L 412 35.54 -68.02 -47.49
N ILE L 413 34.73 -67.08 -47.01
CA ILE L 413 34.54 -66.90 -45.58
C ILE L 413 33.93 -68.15 -44.97
N MET L 414 32.96 -68.76 -45.65
CA MET L 414 32.35 -69.97 -45.14
C MET L 414 33.36 -71.11 -45.06
N THR L 415 34.22 -71.25 -46.06
CA THR L 415 35.22 -72.30 -46.05
C THR L 415 36.22 -72.09 -44.91
N ALA L 416 36.70 -70.87 -44.74
CA ALA L 416 37.62 -70.58 -43.65
C ALA L 416 36.96 -70.83 -42.30
N LEU L 417 35.70 -70.43 -42.16
CA LEU L 417 34.98 -70.66 -40.92
C LEU L 417 34.79 -72.14 -40.65
N SER L 418 34.53 -72.92 -41.70
CA SER L 418 34.41 -74.36 -41.53
C SER L 418 35.72 -74.98 -41.07
N LYS L 419 36.84 -74.50 -41.62
CA LYS L 419 38.14 -75.00 -41.16
C LYS L 419 38.41 -74.61 -39.71
N ILE L 420 38.05 -73.39 -39.34
CA ILE L 420 38.22 -72.94 -37.96
C ILE L 420 37.41 -73.83 -37.02
N LEU L 421 36.15 -74.09 -37.38
CA LEU L 421 35.32 -74.95 -36.55
C LEU L 421 35.83 -76.38 -36.52
N GLN L 422 36.42 -76.84 -37.62
CA GLN L 422 37.04 -78.17 -37.63
C GLN L 422 38.15 -78.26 -36.61
N LYS L 423 39.00 -77.23 -36.55
CA LYS L 423 40.06 -77.23 -35.54
C LYS L 423 39.48 -77.06 -34.13
N LEU L 424 38.36 -76.35 -34.00
CA LEU L 424 37.87 -75.95 -32.69
C LEU L 424 36.96 -76.99 -32.03
N ASN L 425 36.28 -77.82 -32.82
CA ASN L 425 35.25 -78.69 -32.26
C ASN L 425 35.83 -79.70 -31.27
N ASP L 426 37.10 -80.07 -31.43
CA ASP L 426 37.71 -81.02 -30.50
C ASP L 426 37.77 -80.46 -29.09
N ASP L 427 38.13 -79.18 -28.95
CA ASP L 427 38.27 -78.52 -27.66
C ASP L 427 37.37 -77.29 -27.64
N PRO L 428 36.13 -77.42 -27.21
CA PRO L 428 35.23 -76.28 -27.16
C PRO L 428 35.62 -75.31 -26.06
N PRO L 429 35.72 -74.02 -26.36
CA PRO L 429 36.07 -73.04 -25.32
C PRO L 429 34.90 -72.73 -24.41
N THR L 430 35.06 -71.75 -23.53
CA THR L 430 33.99 -71.37 -22.63
C THR L 430 33.06 -70.34 -23.28
N LEU L 431 33.61 -69.34 -23.95
CA LEU L 431 32.84 -68.35 -24.69
C LEU L 431 33.38 -68.20 -26.10
N LEU L 432 32.49 -68.05 -27.07
CA LEU L 432 32.87 -67.77 -28.45
C LEU L 432 32.14 -66.53 -28.92
N ILE L 433 32.89 -65.60 -29.50
CA ILE L 433 32.36 -64.30 -29.89
C ILE L 433 32.60 -64.09 -31.38
N TRP L 434 31.55 -63.69 -32.10
CA TRP L 434 31.66 -63.25 -33.48
C TRP L 434 31.28 -61.78 -33.56
N GLN L 435 32.17 -60.97 -34.10
CA GLN L 435 31.97 -59.53 -34.17
C GLN L 435 32.02 -59.07 -35.62
N GLY L 436 31.33 -57.98 -35.90
CA GLY L 436 31.24 -57.43 -37.24
C GLY L 436 29.93 -57.79 -37.93
N SER L 437 29.75 -57.19 -39.09
CA SER L 437 28.54 -57.42 -39.86
C SER L 437 28.50 -58.83 -40.42
N PHE L 438 27.28 -59.36 -40.56
CA PHE L 438 27.06 -60.69 -41.11
C PHE L 438 26.53 -60.64 -42.53
N THR L 439 26.58 -59.48 -43.18
CA THR L 439 26.14 -59.35 -44.56
C THR L 439 26.94 -58.23 -45.21
N SER L 440 27.51 -58.50 -46.38
CA SER L 440 28.40 -57.55 -47.03
C SER L 440 27.69 -56.35 -47.63
N VAL L 441 26.35 -56.38 -47.72
CA VAL L 441 25.61 -55.25 -48.26
C VAL L 441 24.54 -54.83 -47.26
N PRO L 442 24.41 -53.54 -46.96
CA PRO L 442 23.35 -53.10 -46.05
C PRO L 442 21.96 -53.45 -46.60
N VAL L 443 21.08 -53.85 -45.69
CA VAL L 443 19.72 -54.22 -46.07
C VAL L 443 18.82 -53.00 -45.95
N PHE L 444 17.98 -52.80 -46.95
CA PHE L 444 17.12 -51.61 -47.02
C PHE L 444 15.96 -51.91 -47.97
N ALA L 445 15.26 -50.86 -48.36
CA ALA L 445 14.07 -51.02 -49.20
C ALA L 445 14.45 -51.53 -50.57
N SER L 446 13.77 -52.58 -51.02
CA SER L 446 13.95 -53.12 -52.36
C SER L 446 12.80 -52.64 -53.24
N MET L 447 13.14 -51.92 -54.31
CA MET L 447 12.15 -51.36 -55.21
C MET L 447 11.65 -52.36 -56.24
N SER L 448 12.27 -53.53 -56.34
CA SER L 448 11.89 -54.54 -57.32
C SER L 448 11.46 -55.81 -56.61
N SER L 449 10.32 -56.36 -57.02
CA SER L 449 9.82 -57.63 -56.50
C SER L 449 10.21 -58.82 -57.37
N ARG L 450 10.97 -58.58 -58.45
CA ARG L 450 11.33 -59.67 -59.35
C ARG L 450 12.36 -60.59 -58.71
N ASN L 451 13.22 -60.06 -57.85
CA ASN L 451 14.33 -60.80 -57.28
C ASN L 451 14.09 -61.05 -55.78
N ILE L 452 15.05 -61.72 -55.16
CA ILE L 452 14.94 -62.08 -53.75
C ILE L 452 15.00 -60.83 -52.90
N SER L 453 14.06 -60.70 -51.96
CA SER L 453 14.06 -59.57 -51.05
C SER L 453 15.29 -59.62 -50.16
N SER L 454 15.85 -58.43 -49.90
CA SER L 454 17.09 -58.36 -49.11
C SER L 454 16.87 -58.88 -47.70
N SER L 455 15.69 -58.61 -47.12
CA SER L 455 15.37 -59.17 -45.81
C SER L 455 15.33 -60.69 -45.85
N THR L 456 14.72 -61.25 -46.89
CA THR L 456 14.70 -62.70 -47.04
C THR L 456 16.10 -63.27 -47.23
N GLN L 457 16.95 -62.56 -47.98
CA GLN L 457 18.34 -63.00 -48.12
C GLN L 457 19.06 -62.99 -46.78
N PHE L 458 18.84 -61.94 -45.99
CA PHE L 458 19.45 -61.86 -44.66
C PHE L 458 18.99 -63.01 -43.78
N LYS L 459 17.69 -63.35 -43.86
CA LYS L 459 17.20 -64.52 -43.13
C LYS L 459 17.86 -65.80 -43.64
N ASN L 460 18.04 -65.92 -44.95
CA ASN L 460 18.62 -67.12 -45.52
C ASN L 460 20.06 -67.32 -45.07
N ASN L 461 20.82 -66.24 -44.98
CA ASN L 461 22.25 -66.38 -44.67
C ASN L 461 22.48 -67.03 -43.31
N PHE L 462 21.66 -66.67 -42.31
CA PHE L 462 21.82 -67.29 -41.00
C PHE L 462 21.32 -68.72 -40.98
N ASP L 463 20.39 -69.07 -41.87
CA ASP L 463 19.88 -70.44 -41.90
C ASP L 463 20.97 -71.44 -42.24
N ALA L 464 21.83 -71.10 -43.20
CA ALA L 464 22.93 -71.99 -43.55
C ALA L 464 23.88 -72.19 -42.37
N LEU L 465 24.07 -71.15 -41.56
CA LEU L 465 24.93 -71.27 -40.38
C LEU L 465 24.40 -72.33 -39.43
N ALA L 466 23.09 -72.40 -39.27
CA ALA L 466 22.50 -73.47 -38.45
C ALA L 466 22.84 -74.84 -39.01
N THR L 467 22.83 -74.98 -40.34
CA THR L 467 23.21 -76.25 -40.95
C THR L 467 24.67 -76.56 -40.69
N LEU L 468 25.55 -75.57 -40.78
CA LEU L 468 26.98 -75.82 -40.52
C LEU L 468 27.23 -76.16 -39.05
N LEU L 469 26.38 -75.67 -38.13
CA LEU L 469 26.51 -76.07 -36.74
C LEU L 469 26.22 -77.55 -36.52
N SER L 470 25.54 -78.21 -37.47
CA SER L 470 25.12 -79.59 -37.25
C SER L 470 26.30 -80.57 -37.23
N ARG L 471 27.45 -80.19 -37.77
CA ARG L 471 28.61 -81.09 -37.85
C ARG L 471 29.70 -80.73 -36.85
N PHE L 472 29.39 -79.91 -35.86
CA PHE L 472 30.34 -79.52 -34.82
C PHE L 472 29.67 -79.60 -33.45
N ASP L 473 29.04 -80.75 -33.18
CA ASP L 473 28.14 -80.87 -32.03
C ASP L 473 28.83 -80.59 -30.71
N ASN L 474 30.13 -80.89 -30.57
CA ASN L 474 30.81 -80.62 -29.32
C ASN L 474 30.86 -79.12 -29.03
N LEU L 475 31.15 -78.31 -30.03
CA LEU L 475 31.14 -76.86 -29.86
C LEU L 475 29.74 -76.36 -29.51
N THR L 476 28.73 -76.87 -30.23
CA THR L 476 27.35 -76.46 -29.98
C THR L 476 26.89 -76.88 -28.59
N GLU L 477 27.51 -77.92 -28.03
CA GLU L 477 27.08 -78.48 -26.75
C GLU L 477 27.81 -77.88 -25.56
N ASN L 478 29.07 -77.47 -25.73
CA ASN L 478 29.89 -77.08 -24.60
C ASN L 478 30.21 -75.59 -24.53
N THR L 479 30.13 -74.85 -25.63
CA THR L 479 30.52 -73.45 -25.67
C THR L 479 29.30 -72.58 -25.96
N THR L 480 29.10 -71.56 -25.14
CA THR L 480 28.09 -70.56 -25.42
C THR L 480 28.55 -69.67 -26.57
N MET L 481 27.59 -68.99 -27.20
CA MET L 481 27.86 -68.23 -28.40
C MET L 481 27.37 -66.80 -28.22
N ILE L 482 28.14 -65.85 -28.75
CA ILE L 482 27.83 -64.43 -28.65
C ILE L 482 27.89 -63.81 -30.04
N PHE L 483 26.89 -63.00 -30.37
CA PHE L 483 26.83 -62.26 -31.62
C PHE L 483 26.66 -60.77 -31.33
N ILE L 484 27.48 -59.95 -31.97
CA ILE L 484 27.47 -58.51 -31.79
C ILE L 484 27.21 -57.86 -33.14
N PRO L 485 26.22 -56.97 -33.25
CA PRO L 485 25.86 -56.40 -34.56
C PRO L 485 26.96 -55.54 -35.14
N GLY L 486 27.01 -55.51 -36.47
CA GLY L 486 27.97 -54.71 -37.20
C GLY L 486 27.39 -53.40 -37.66
N PRO L 487 28.21 -52.58 -38.34
CA PRO L 487 27.73 -51.25 -38.77
C PRO L 487 26.56 -51.29 -39.73
N ASN L 488 26.46 -52.28 -40.61
CA ASN L 488 25.41 -52.25 -41.62
C ASN L 488 24.48 -53.46 -41.55
N ASP L 489 24.09 -53.85 -40.34
CA ASP L 489 23.15 -54.92 -40.13
C ASP L 489 21.72 -54.37 -40.26
N LEU L 490 20.74 -55.17 -39.86
CA LEU L 490 19.35 -54.96 -40.24
C LEU L 490 18.80 -53.59 -39.82
N TRP L 491 18.77 -53.32 -38.52
CA TRP L 491 18.04 -52.14 -38.06
C TRP L 491 18.76 -50.85 -38.44
N GLY L 492 20.08 -50.79 -38.23
CA GLY L 492 20.79 -49.56 -38.53
C GLY L 492 20.77 -49.21 -40.00
N SER L 493 21.14 -50.18 -40.85
CA SER L 493 21.21 -49.91 -42.28
C SER L 493 19.86 -49.54 -42.86
N MET L 494 18.77 -49.84 -42.16
CA MET L 494 17.45 -49.44 -42.63
C MET L 494 17.31 -47.93 -42.73
N VAL L 495 18.04 -47.19 -41.90
CA VAL L 495 17.96 -45.73 -41.94
C VAL L 495 19.35 -45.12 -42.12
N SER L 496 20.39 -45.82 -41.69
CA SER L 496 21.74 -45.33 -41.86
C SER L 496 22.36 -45.72 -43.19
N LEU L 497 21.85 -46.79 -43.83
CA LEU L 497 22.31 -47.23 -45.14
C LEU L 497 23.82 -47.48 -45.14
N GLY L 498 24.32 -48.05 -44.05
CA GLY L 498 25.72 -48.41 -43.95
C GLY L 498 26.60 -47.36 -43.31
N ALA L 499 26.12 -46.15 -43.13
CA ALA L 499 26.89 -45.11 -42.48
C ALA L 499 26.75 -45.20 -40.96
N SER L 500 27.53 -44.38 -40.26
CA SER L 500 27.47 -44.37 -38.80
C SER L 500 26.13 -43.85 -38.32
N GLY L 501 25.60 -44.48 -37.28
CA GLY L 501 24.30 -44.11 -36.74
C GLY L 501 24.27 -44.07 -35.24
N THR L 502 23.11 -44.40 -34.65
CA THR L 502 23.00 -44.43 -33.20
C THR L 502 23.89 -45.51 -32.61
N LEU L 503 24.60 -45.16 -31.53
CA LEU L 503 25.57 -46.07 -30.93
C LEU L 503 24.92 -47.14 -30.06
N PRO L 504 23.92 -46.83 -29.21
CA PRO L 504 23.26 -47.90 -28.47
C PRO L 504 22.42 -48.76 -29.39
N GLN L 505 23.08 -49.58 -30.21
CA GLN L 505 22.42 -50.29 -31.29
C GLN L 505 21.55 -51.42 -30.76
N ASP L 506 20.42 -51.64 -31.43
CA ASP L 506 19.52 -52.71 -31.04
C ASP L 506 20.15 -54.07 -31.34
N PRO L 507 19.74 -55.11 -30.61
CA PRO L 507 20.24 -56.46 -30.91
C PRO L 507 19.63 -56.97 -32.21
N ILE L 508 20.16 -58.12 -32.64
CA ILE L 508 19.65 -58.77 -33.85
C ILE L 508 18.19 -59.14 -33.62
N PRO L 509 17.28 -58.83 -34.55
CA PRO L 509 15.87 -59.13 -34.32
C PRO L 509 15.62 -60.63 -34.19
N SER L 510 14.64 -60.97 -33.37
CA SER L 510 14.33 -62.38 -33.12
C SER L 510 13.77 -63.05 -34.37
N ALA L 511 12.98 -62.33 -35.16
CA ALA L 511 12.30 -62.94 -36.30
C ALA L 511 13.26 -63.49 -37.33
N PHE L 512 14.50 -62.99 -37.38
CA PHE L 512 15.49 -63.46 -38.33
C PHE L 512 16.48 -64.44 -37.71
N THR L 513 16.25 -64.87 -36.48
CA THR L 513 17.13 -65.79 -35.78
C THR L 513 16.30 -66.87 -35.08
N LYS L 514 15.36 -67.45 -35.80
CA LYS L 514 14.45 -68.45 -35.23
C LYS L 514 15.00 -69.87 -35.31
N LYS L 515 16.17 -70.07 -35.92
CA LYS L 515 16.77 -71.40 -35.99
C LYS L 515 18.06 -71.54 -35.20
N ILE L 516 18.86 -70.47 -35.10
CA ILE L 516 20.10 -70.54 -34.34
C ILE L 516 19.81 -70.76 -32.86
N ASN L 517 18.75 -70.15 -32.36
CA ASN L 517 18.38 -70.33 -30.96
C ASN L 517 17.96 -71.76 -30.65
N LYS L 518 17.41 -72.46 -31.65
CA LYS L 518 16.95 -73.83 -31.43
C LYS L 518 18.06 -74.85 -31.62
N VAL L 519 19.03 -74.59 -32.49
CA VAL L 519 20.13 -75.53 -32.68
C VAL L 519 21.10 -75.44 -31.51
N CYS L 520 21.66 -74.25 -31.29
CA CYS L 520 22.56 -74.06 -30.15
C CYS L 520 21.76 -73.97 -28.86
N LYS L 521 22.46 -74.20 -27.75
CA LYS L 521 21.83 -74.17 -26.44
C LYS L 521 22.10 -72.89 -25.66
N ASN L 522 23.08 -72.08 -26.07
CA ASN L 522 23.40 -70.86 -25.35
C ASN L 522 23.90 -69.83 -26.35
N VAL L 523 22.99 -68.97 -26.81
CA VAL L 523 23.31 -67.87 -27.71
C VAL L 523 22.72 -66.60 -27.12
N VAL L 524 23.52 -65.53 -27.10
CA VAL L 524 23.09 -64.25 -26.57
C VAL L 524 23.42 -63.16 -27.57
N TRP L 525 22.42 -62.35 -27.92
CA TRP L 525 22.62 -61.17 -28.74
C TRP L 525 22.59 -59.94 -27.86
N SER L 526 23.55 -59.04 -28.03
CA SER L 526 23.66 -57.85 -27.22
C SER L 526 23.87 -56.64 -28.13
N SER L 527 23.96 -55.46 -27.52
CA SER L 527 24.19 -54.24 -28.26
C SER L 527 25.66 -54.17 -28.71
N ASN L 528 25.95 -53.18 -29.55
CA ASN L 528 27.33 -52.98 -29.98
C ASN L 528 28.26 -52.71 -28.80
N PRO L 529 27.94 -51.81 -27.86
CA PRO L 529 28.67 -51.84 -26.59
C PRO L 529 28.05 -52.81 -25.61
N THR L 530 28.79 -53.83 -25.21
CA THR L 530 28.28 -54.84 -24.30
C THR L 530 29.29 -55.08 -23.18
N ARG L 531 28.77 -55.36 -21.99
CA ARG L 531 29.58 -55.55 -20.80
C ARG L 531 29.30 -56.92 -20.21
N ILE L 532 30.35 -57.68 -19.94
CA ILE L 532 30.21 -58.96 -19.28
C ILE L 532 30.82 -58.83 -17.89
N ALA L 533 30.30 -59.62 -16.95
CA ALA L 533 30.76 -59.61 -15.57
C ALA L 533 31.31 -60.98 -15.24
N TYR L 534 32.62 -61.09 -15.12
CA TYR L 534 33.27 -62.33 -14.73
C TYR L 534 33.37 -62.38 -13.20
N LEU L 535 34.12 -63.35 -12.68
CA LEU L 535 34.25 -63.48 -11.23
C LEU L 535 34.97 -62.27 -10.64
N SER L 536 36.12 -61.89 -11.22
CA SER L 536 36.87 -60.75 -10.73
C SER L 536 37.37 -59.89 -11.88
N GLN L 537 36.71 -59.94 -13.03
CA GLN L 537 37.13 -59.21 -14.21
C GLN L 537 35.94 -58.48 -14.83
N GLU L 538 36.22 -57.31 -15.39
CA GLU L 538 35.24 -56.56 -16.16
C GLU L 538 35.75 -56.47 -17.60
N ILE L 539 34.93 -56.95 -18.54
CA ILE L 539 35.30 -56.99 -19.95
C ILE L 539 34.23 -56.26 -20.74
N VAL L 540 34.65 -55.38 -21.64
CA VAL L 540 33.75 -54.64 -22.50
C VAL L 540 34.18 -54.84 -23.95
N ILE L 541 33.21 -54.94 -24.85
CA ILE L 541 33.46 -55.14 -26.26
C ILE L 541 32.76 -54.04 -27.04
N PHE L 542 33.47 -53.45 -28.01
CA PHE L 542 32.96 -52.30 -28.76
C PHE L 542 33.51 -52.37 -30.18
N ARG L 543 32.61 -52.44 -31.16
CA ARG L 543 32.97 -52.60 -32.56
C ARG L 543 32.54 -51.37 -33.35
N ASP L 544 33.51 -50.64 -33.88
CA ASP L 544 33.26 -49.53 -34.79
C ASP L 544 34.59 -49.12 -35.41
N ASP L 545 34.59 -48.00 -36.11
CA ASP L 545 35.78 -47.48 -36.77
C ASP L 545 36.35 -46.33 -35.94
N LEU L 546 37.63 -46.43 -35.59
CA LEU L 546 38.28 -45.45 -34.71
C LEU L 546 39.41 -44.70 -35.39
N SER L 547 40.36 -45.41 -35.99
CA SER L 547 41.56 -44.76 -36.49
C SER L 547 41.23 -43.76 -37.58
N GLY L 548 40.36 -44.14 -38.52
CA GLY L 548 39.96 -43.20 -39.56
C GLY L 548 39.26 -41.97 -39.01
N ARG L 549 38.37 -42.19 -38.04
CA ARG L 549 37.64 -41.08 -37.45
C ARG L 549 38.59 -40.09 -36.77
N PHE L 550 39.51 -40.60 -35.97
CA PHE L 550 40.44 -39.72 -35.29
C PHE L 550 41.49 -39.13 -36.23
N LYS L 551 41.76 -39.79 -37.35
CA LYS L 551 42.71 -39.24 -38.32
C LYS L 551 42.09 -38.11 -39.13
N ARG L 552 40.81 -38.23 -39.48
CA ARG L 552 40.16 -37.24 -40.33
C ARG L 552 39.80 -35.97 -39.57
N HIS L 553 39.61 -36.07 -38.24
CA HIS L 553 39.14 -34.93 -37.45
C HIS L 553 40.21 -34.42 -36.50
N ARG L 554 41.48 -34.70 -36.77
CA ARG L 554 42.55 -34.14 -35.94
C ARG L 554 42.60 -32.63 -36.10
N LEU L 555 42.79 -31.93 -34.98
CA LEU L 555 42.94 -30.49 -35.02
C LEU L 555 44.34 -30.12 -35.51
N GLU L 556 44.42 -29.04 -36.27
CA GLU L 556 45.66 -28.63 -36.91
C GLU L 556 46.35 -27.55 -36.09
N PHE L 557 47.67 -27.67 -35.95
CA PHE L 557 48.46 -26.75 -35.14
C PHE L 557 49.48 -26.03 -36.01
N PRO L 558 49.35 -24.71 -36.21
CA PRO L 558 50.40 -23.98 -36.93
C PRO L 558 51.73 -24.05 -36.21
N PHE L 559 52.80 -24.10 -36.98
CA PHE L 559 54.15 -24.23 -36.42
C PHE L 559 55.20 -23.81 -37.43
N GLN L 594 56.92 -48.49 -36.69
CA GLN L 594 56.67 -47.09 -36.39
C GLN L 594 55.18 -46.80 -36.28
N LYS L 595 54.36 -47.73 -36.77
CA LYS L 595 52.92 -47.59 -36.66
C LYS L 595 52.41 -47.91 -35.26
N VAL L 596 53.28 -48.40 -34.37
CA VAL L 596 52.90 -48.69 -33.00
C VAL L 596 52.70 -47.43 -32.17
N GLN L 597 53.17 -46.28 -32.64
CA GLN L 597 52.91 -45.04 -31.91
C GLN L 597 51.48 -44.56 -32.09
N GLU L 598 50.88 -44.83 -33.26
CA GLU L 598 49.51 -44.40 -33.51
C GLU L 598 48.54 -45.09 -32.56
N THR L 599 48.70 -46.40 -32.35
CA THR L 599 47.83 -47.09 -31.42
C THR L 599 48.07 -46.64 -29.99
N ARG L 600 49.31 -46.28 -29.65
CA ARG L 600 49.57 -45.73 -28.33
C ARG L 600 48.83 -44.42 -28.12
N LYS L 601 48.86 -43.55 -29.14
CA LYS L 601 48.10 -42.29 -29.05
C LYS L 601 46.61 -42.56 -28.92
N LEU L 602 46.10 -43.50 -29.71
CA LEU L 602 44.66 -43.81 -29.66
C LEU L 602 44.26 -44.31 -28.29
N VAL L 603 45.05 -45.24 -27.72
CA VAL L 603 44.73 -45.80 -26.41
C VAL L 603 44.80 -44.72 -25.34
N LYS L 604 45.86 -43.90 -25.37
CA LYS L 604 45.98 -42.83 -24.37
C LYS L 604 44.80 -41.88 -24.45
N THR L 605 44.39 -41.49 -25.66
CA THR L 605 43.27 -40.58 -25.81
C THR L 605 41.99 -41.19 -25.28
N ILE L 606 41.69 -42.43 -25.69
CA ILE L 606 40.41 -43.03 -25.32
C ILE L 606 40.36 -43.34 -23.83
N LEU L 607 41.52 -43.56 -23.20
CA LEU L 607 41.52 -43.86 -21.78
C LEU L 607 41.57 -42.62 -20.90
N ASP L 608 42.20 -41.53 -21.37
CA ASP L 608 42.20 -40.29 -20.61
C ASP L 608 40.85 -39.59 -20.71
N GLN L 609 40.23 -39.61 -21.89
CA GLN L 609 38.91 -39.00 -22.03
C GLN L 609 37.88 -39.71 -21.17
N GLY L 610 37.98 -41.03 -21.08
CA GLY L 610 37.05 -41.78 -20.24
C GLY L 610 35.65 -41.89 -20.79
N HIS L 611 35.46 -41.65 -22.08
CA HIS L 611 34.17 -41.83 -22.73
C HIS L 611 34.38 -42.53 -24.06
N LEU L 612 33.51 -43.49 -24.37
CA LEU L 612 33.69 -44.29 -25.57
C LEU L 612 33.55 -43.46 -26.84
N SER L 613 32.74 -42.40 -26.79
CA SER L 613 32.43 -41.58 -27.96
C SER L 613 32.72 -40.12 -27.65
N PRO L 614 34.00 -39.73 -27.68
CA PRO L 614 34.32 -38.32 -27.45
C PRO L 614 34.00 -37.44 -28.64
N PHE L 615 32.77 -37.53 -29.14
CA PHE L 615 32.32 -36.73 -30.28
C PHE L 615 30.99 -36.09 -29.94
N LEU L 616 30.75 -34.93 -30.55
CA LEU L 616 29.54 -34.17 -30.27
C LEU L 616 28.34 -34.85 -30.92
N ASP L 617 27.17 -34.23 -30.75
CA ASP L 617 25.95 -34.78 -31.35
C ASP L 617 25.94 -34.63 -32.86
N SER L 618 26.80 -33.78 -33.42
CA SER L 618 26.86 -33.64 -34.88
C SER L 618 27.34 -34.92 -35.53
N LEU L 619 28.37 -35.55 -34.96
CA LEU L 619 28.99 -36.72 -35.59
C LEU L 619 28.19 -38.00 -35.31
N ARG L 620 28.08 -38.38 -34.04
CA ARG L 620 27.43 -39.62 -33.65
C ARG L 620 26.24 -39.30 -32.75
N PRO L 621 25.01 -39.37 -33.27
CA PRO L 621 23.84 -39.16 -32.41
C PRO L 621 23.69 -40.30 -31.42
N ILE L 622 23.41 -39.94 -30.17
CA ILE L 622 23.30 -40.90 -29.08
C ILE L 622 21.92 -40.76 -28.45
N SER L 623 21.32 -41.89 -28.09
CA SER L 623 20.06 -41.85 -27.36
C SER L 623 20.25 -41.08 -26.06
N TRP L 624 19.23 -40.30 -25.70
CA TRP L 624 19.41 -39.29 -24.65
C TRP L 624 19.75 -39.91 -23.31
N ASP L 625 19.09 -41.02 -22.95
CA ASP L 625 19.24 -41.57 -21.62
C ASP L 625 20.35 -42.62 -21.51
N LEU L 626 20.60 -43.38 -22.56
CA LEU L 626 21.53 -44.50 -22.49
C LEU L 626 23.01 -44.10 -22.50
N ASP L 627 23.30 -42.79 -22.47
CA ASP L 627 24.69 -42.35 -22.55
C ASP L 627 25.54 -42.93 -21.43
N HIS L 628 24.93 -43.21 -20.28
CA HIS L 628 25.68 -43.76 -19.15
C HIS L 628 26.35 -45.09 -19.50
N THR L 629 25.78 -45.83 -20.46
CA THR L 629 26.40 -47.08 -20.88
C THR L 629 27.76 -46.85 -21.51
N LEU L 630 27.94 -45.75 -22.22
CA LEU L 630 29.22 -45.48 -22.86
C LEU L 630 30.25 -44.89 -21.91
N THR L 631 29.87 -44.58 -20.68
CA THR L 631 30.81 -43.98 -19.74
C THR L 631 31.82 -45.01 -19.26
N LEU L 632 33.07 -44.58 -19.09
CA LEU L 632 34.14 -45.41 -18.56
C LEU L 632 34.36 -45.18 -17.07
N CYS L 633 33.31 -44.88 -16.33
CA CYS L 633 33.42 -44.78 -14.89
C CYS L 633 33.87 -46.12 -14.31
N PRO L 634 34.71 -46.14 -13.27
CA PRO L 634 35.59 -47.29 -13.02
C PRO L 634 35.93 -48.12 -14.26
N ILE L 635 37.06 -47.79 -14.87
CA ILE L 635 37.46 -48.32 -16.18
C ILE L 635 37.52 -49.85 -16.12
N PRO L 636 37.20 -50.54 -17.21
CA PRO L 636 37.13 -51.99 -17.16
C PRO L 636 38.50 -52.63 -17.03
N SER L 637 38.50 -53.91 -16.68
CA SER L 637 39.75 -54.65 -16.57
C SER L 637 40.38 -54.85 -17.94
N THR L 638 39.60 -55.30 -18.93
CA THR L 638 40.09 -55.51 -20.28
C THR L 638 39.09 -54.93 -21.27
N MET L 639 39.60 -54.33 -22.33
CA MET L 639 38.78 -53.73 -23.38
C MET L 639 38.97 -54.50 -24.68
N VAL L 640 37.86 -54.98 -25.24
CA VAL L 640 37.89 -55.63 -26.56
C VAL L 640 37.55 -54.53 -27.58
N LEU L 641 38.58 -53.83 -28.02
CA LEU L 641 38.44 -52.72 -28.96
C LEU L 641 38.79 -53.23 -30.36
N CYS L 642 37.76 -53.46 -31.17
CA CYS L 642 37.95 -53.95 -32.54
C CYS L 642 37.77 -52.80 -33.51
N ASP L 643 38.79 -52.56 -34.33
CA ASP L 643 38.74 -51.53 -35.37
C ASP L 643 39.34 -52.13 -36.64
N THR L 644 38.54 -52.18 -37.70
CA THR L 644 38.99 -52.76 -38.95
C THR L 644 40.05 -51.94 -39.65
N THR L 645 40.28 -50.70 -39.21
CA THR L 645 41.27 -49.84 -39.82
C THR L 645 42.57 -49.77 -39.04
N SER L 646 42.76 -50.64 -38.05
CA SER L 646 43.94 -50.63 -37.21
C SER L 646 44.57 -52.02 -37.17
N ALA L 647 45.90 -52.04 -37.07
CA ALA L 647 46.62 -53.30 -36.96
C ALA L 647 46.36 -53.93 -35.59
N GLN L 648 46.72 -55.21 -35.47
CA GLN L 648 46.51 -55.93 -34.23
C GLN L 648 47.46 -55.43 -33.15
N PHE L 649 46.96 -55.33 -31.93
CA PHE L 649 47.75 -54.87 -30.80
C PHE L 649 47.24 -55.50 -29.51
N ASP L 650 48.11 -55.53 -28.51
CA ASP L 650 47.83 -56.15 -27.22
C ASP L 650 48.36 -55.29 -26.08
N LEU L 651 48.15 -53.98 -26.17
CA LEU L 651 48.76 -53.06 -25.22
C LEU L 651 48.00 -53.03 -23.90
N THR L 652 48.71 -52.59 -22.86
CA THR L 652 48.13 -52.37 -21.54
C THR L 652 48.55 -51.01 -21.02
N TYR L 653 47.67 -50.37 -20.26
CA TYR L 653 47.96 -49.04 -19.77
C TYR L 653 47.02 -48.71 -18.61
N ASN L 654 47.61 -48.15 -17.54
CA ASN L 654 46.86 -47.61 -16.41
C ASN L 654 45.93 -48.65 -15.80
N GLY L 655 46.48 -49.80 -15.47
CA GLY L 655 45.72 -50.86 -14.84
C GLY L 655 44.83 -51.66 -15.76
N CYS L 656 44.63 -51.19 -16.98
CA CYS L 656 43.81 -51.90 -17.97
C CYS L 656 44.65 -52.30 -19.17
N LYS L 657 44.19 -53.34 -19.86
CA LYS L 657 44.82 -53.81 -21.09
C LYS L 657 43.79 -53.82 -22.20
N VAL L 658 44.25 -53.50 -23.41
CA VAL L 658 43.38 -53.37 -24.56
C VAL L 658 43.86 -54.31 -25.65
N ILE L 659 42.92 -55.01 -26.27
CA ILE L 659 43.19 -55.89 -27.40
C ILE L 659 42.55 -55.28 -28.64
N ASN L 660 43.26 -55.34 -29.76
CA ASN L 660 42.84 -54.68 -31.01
C ASN L 660 42.76 -55.73 -32.11
N PRO L 661 41.71 -56.55 -32.12
CA PRO L 661 41.53 -57.49 -33.23
C PRO L 661 41.29 -56.73 -34.52
N GLY L 662 41.76 -57.32 -35.62
CA GLY L 662 41.58 -56.76 -36.94
C GLY L 662 40.42 -57.40 -37.68
N SER L 663 40.40 -57.20 -39.00
CA SER L 663 39.40 -57.83 -39.82
C SER L 663 39.58 -59.34 -39.80
N PHE L 664 38.48 -60.07 -40.03
CA PHE L 664 38.54 -61.52 -39.96
C PHE L 664 39.46 -62.10 -41.02
N ILE L 665 39.60 -61.42 -42.16
CA ILE L 665 40.50 -61.85 -43.22
C ILE L 665 41.32 -60.66 -43.68
N HIS L 666 42.47 -60.97 -44.29
CA HIS L 666 43.33 -59.97 -44.89
C HIS L 666 44.34 -60.68 -45.77
N ASN L 667 44.74 -60.00 -46.85
CA ASN L 667 45.78 -60.40 -47.80
C ASN L 667 45.87 -61.92 -48.01
N ARG L 668 44.75 -62.53 -48.41
CA ARG L 668 44.68 -63.97 -48.68
C ARG L 668 44.99 -64.79 -47.43
N ARG L 669 44.60 -64.28 -46.26
CA ARG L 669 44.78 -64.99 -45.00
C ARG L 669 43.65 -64.62 -44.06
N ALA L 670 43.44 -65.48 -43.07
CA ALA L 670 42.43 -65.25 -42.03
C ALA L 670 43.06 -65.48 -40.67
N ARG L 671 42.62 -64.69 -39.70
CA ARG L 671 43.20 -64.75 -38.36
C ARG L 671 42.13 -64.51 -37.30
N TYR L 672 42.41 -65.00 -36.10
CA TYR L 672 41.59 -64.75 -34.92
C TYR L 672 42.47 -64.93 -33.69
N MET L 673 42.03 -64.38 -32.57
CA MET L 673 42.87 -64.28 -31.39
C MET L 673 42.13 -64.83 -30.17
N GLU L 674 42.92 -65.26 -29.19
CA GLU L 674 42.41 -65.74 -27.91
C GLU L 674 43.18 -65.08 -26.79
N TYR L 675 42.49 -64.80 -25.69
CA TYR L 675 43.06 -64.10 -24.54
C TYR L 675 43.00 -65.01 -23.32
N VAL L 676 44.15 -65.21 -22.69
CA VAL L 676 44.23 -66.03 -21.49
C VAL L 676 43.88 -65.18 -20.27
N PRO L 677 43.00 -65.65 -19.38
CA PRO L 677 42.63 -64.83 -18.21
C PRO L 677 43.79 -64.51 -17.28
N SER L 678 44.97 -65.03 -17.59
CA SER L 678 46.19 -64.70 -16.84
C SER L 678 46.99 -63.58 -17.49
N SER L 679 46.30 -62.66 -18.16
CA SER L 679 46.92 -61.49 -18.78
C SER L 679 47.98 -61.89 -19.80
N LYS L 680 47.61 -62.81 -20.69
CA LYS L 680 48.47 -63.23 -21.79
C LYS L 680 47.61 -63.45 -23.03
N LYS L 681 48.20 -63.17 -24.19
CA LYS L 681 47.47 -63.18 -25.45
C LYS L 681 48.17 -64.08 -26.46
N THR L 682 47.38 -64.67 -27.35
CA THR L 682 47.90 -65.52 -28.42
C THR L 682 47.21 -65.17 -29.73
N ILE L 683 47.94 -65.32 -30.82
CA ILE L 683 47.45 -65.03 -32.16
C ILE L 683 47.67 -66.24 -33.04
N GLN L 684 46.68 -66.57 -33.86
CA GLN L 684 46.76 -67.73 -34.74
C GLN L 684 46.18 -67.40 -36.11
N GLU L 685 46.70 -68.10 -37.12
CA GLU L 685 46.29 -67.92 -38.51
C GLU L 685 46.25 -69.29 -39.16
N GLU L 686 45.17 -69.56 -39.91
CA GLU L 686 44.86 -70.91 -40.35
C GLU L 686 44.60 -70.98 -41.86
N ILE L 687 45.42 -70.31 -42.65
CA ILE L 687 45.34 -70.46 -44.10
C ILE L 687 46.75 -70.53 -44.69
N THR M 1321 37.74 -56.25 -85.87
CA THR M 1321 36.38 -56.14 -85.39
C THR M 1321 35.87 -57.48 -84.85
N TRP M 1322 35.33 -57.47 -83.63
CA TRP M 1322 34.81 -58.67 -83.02
C TRP M 1322 33.64 -58.31 -82.12
N GLU M 1323 32.68 -59.22 -82.02
CA GLU M 1323 31.52 -59.06 -81.15
C GLU M 1323 31.76 -59.85 -79.87
N VAL M 1324 31.75 -59.16 -78.74
CA VAL M 1324 32.05 -59.77 -77.46
C VAL M 1324 30.76 -60.30 -76.84
N LEU M 1325 30.79 -61.56 -76.41
CA LEU M 1325 29.65 -62.12 -75.70
C LEU M 1325 29.65 -61.73 -74.23
N GLN M 1326 30.82 -61.75 -73.59
CA GLN M 1326 30.89 -61.52 -72.16
C GLN M 1326 32.29 -61.06 -71.77
N TYR M 1327 32.35 -60.15 -70.81
CA TYR M 1327 33.58 -59.79 -70.12
C TYR M 1327 33.59 -60.45 -68.75
N LYS M 1328 34.79 -60.79 -68.27
CA LYS M 1328 34.91 -61.38 -66.94
C LYS M 1328 36.33 -61.20 -66.42
N ASP M 1329 36.44 -60.62 -65.23
CA ASP M 1329 37.74 -60.43 -64.59
C ASP M 1329 38.24 -61.75 -64.02
N SER M 1330 39.55 -61.96 -64.10
CA SER M 1330 40.17 -63.16 -63.56
C SER M 1330 40.45 -63.00 -62.07
N GLY M 1331 40.89 -64.09 -61.45
CA GLY M 1331 41.29 -64.03 -60.06
C GLY M 1331 42.53 -63.16 -59.86
N GLU M 1332 43.48 -63.24 -60.78
CA GLU M 1332 44.65 -62.38 -60.72
C GLU M 1332 44.24 -60.94 -60.99
N PRO M 1333 44.73 -59.99 -60.19
CA PRO M 1333 44.32 -58.58 -60.37
C PRO M 1333 44.72 -58.06 -61.75
N GLY M 1334 43.84 -57.23 -62.32
CA GLY M 1334 44.12 -56.57 -63.58
C GLY M 1334 44.03 -57.45 -64.81
N VAL M 1335 43.45 -58.64 -64.69
CA VAL M 1335 43.40 -59.61 -65.78
C VAL M 1335 41.94 -60.00 -66.02
N LEU M 1336 41.54 -60.00 -67.29
CA LEU M 1336 40.16 -60.23 -67.68
C LEU M 1336 40.10 -61.26 -68.79
N GLU M 1337 39.01 -62.03 -68.82
CA GLU M 1337 38.79 -63.03 -69.85
C GLU M 1337 37.46 -62.77 -70.55
N VAL M 1338 37.44 -62.99 -71.87
CA VAL M 1338 36.30 -62.66 -72.71
C VAL M 1338 35.95 -63.86 -73.57
N PHE M 1339 34.68 -64.23 -73.60
CA PHE M 1339 34.15 -65.10 -74.65
C PHE M 1339 33.76 -64.22 -75.83
N VAL M 1340 34.52 -64.30 -76.90
CA VAL M 1340 34.30 -63.45 -78.07
C VAL M 1340 34.05 -64.33 -79.28
N THR M 1341 33.27 -63.81 -80.22
CA THR M 1341 32.97 -64.52 -81.47
C THR M 1341 34.06 -64.17 -82.47
N ILE M 1342 35.04 -65.06 -82.60
CA ILE M 1342 36.11 -64.87 -83.57
C ILE M 1342 35.52 -65.12 -84.95
N ASN M 1343 36.29 -64.81 -86.00
CA ASN M 1343 35.81 -64.94 -87.37
C ASN M 1343 35.16 -66.29 -87.66
N GLY M 1344 35.51 -67.32 -86.90
CA GLY M 1344 34.83 -68.60 -86.99
C GLY M 1344 33.78 -68.78 -85.92
N LYS M 1345 34.06 -69.63 -84.94
CA LYS M 1345 33.16 -69.84 -83.82
C LYS M 1345 33.53 -68.90 -82.67
N VAL M 1346 33.01 -69.16 -81.48
CA VAL M 1346 33.40 -68.35 -80.33
C VAL M 1346 34.82 -68.69 -79.91
N GLN M 1347 35.46 -67.73 -79.23
CA GLN M 1347 36.84 -67.91 -78.80
C GLN M 1347 37.07 -67.07 -77.54
N ASN M 1348 38.05 -67.49 -76.74
CA ASN M 1348 38.37 -66.83 -75.48
C ASN M 1348 39.78 -66.29 -75.51
N ILE M 1349 39.96 -65.04 -75.08
CA ILE M 1349 41.25 -64.37 -75.07
C ILE M 1349 41.38 -63.57 -73.79
N THR M 1350 42.62 -63.38 -73.35
CA THR M 1350 42.93 -62.78 -72.06
C THR M 1350 43.47 -61.35 -72.25
N PHE M 1351 43.11 -60.46 -71.34
CA PHE M 1351 43.49 -59.05 -71.41
C PHE M 1351 44.22 -58.62 -70.13
N HIS M 1352 44.69 -57.39 -70.14
CA HIS M 1352 45.29 -56.75 -68.97
C HIS M 1352 44.78 -55.32 -68.88
N ILE M 1353 44.15 -54.98 -67.77
CA ILE M 1353 43.55 -53.66 -67.57
C ILE M 1353 44.16 -53.03 -66.31
N PRO M 1354 44.85 -51.90 -66.42
CA PRO M 1354 45.34 -51.20 -65.24
C PRO M 1354 44.22 -50.43 -64.54
N LYS M 1355 44.50 -50.04 -63.29
CA LYS M 1355 43.56 -49.27 -62.51
C LYS M 1355 43.80 -47.78 -62.67
N THR M 1356 42.79 -46.99 -62.32
CA THR M 1356 42.87 -45.53 -62.39
C THR M 1356 42.14 -44.95 -61.18
N ILE M 1357 42.85 -44.13 -60.40
CA ILE M 1357 42.31 -43.53 -59.18
C ILE M 1357 42.68 -42.06 -59.15
N TYR M 1358 41.97 -41.31 -58.31
CA TYR M 1358 42.19 -39.88 -58.15
C TYR M 1358 42.41 -39.56 -56.69
N MET M 1359 43.45 -38.79 -56.40
CA MET M 1359 43.85 -38.46 -55.04
C MET M 1359 43.64 -36.98 -54.77
N LYS M 1360 43.72 -36.62 -53.48
CA LYS M 1360 43.89 -35.24 -53.04
C LYS M 1360 45.05 -35.28 -52.05
N PHE M 1361 46.26 -35.19 -52.57
CA PHE M 1361 47.48 -35.49 -51.82
C PHE M 1361 48.24 -34.20 -51.56
N LYS M 1362 48.48 -33.89 -50.28
CA LYS M 1362 49.18 -32.70 -49.85
C LYS M 1362 48.47 -31.43 -50.32
N SER M 1363 49.06 -30.26 -50.02
CA SER M 1363 48.49 -29.00 -50.47
C SER M 1363 49.12 -28.55 -51.79
N GLN M 1364 50.43 -28.29 -51.79
CA GLN M 1364 51.15 -27.98 -53.02
C GLN M 1364 52.47 -28.73 -53.18
N THR M 1365 53.10 -29.20 -52.09
CA THR M 1365 54.33 -29.96 -52.17
C THR M 1365 54.11 -31.30 -51.48
N MET M 1366 54.54 -32.37 -52.12
CA MET M 1366 54.17 -33.71 -51.69
C MET M 1366 55.37 -34.66 -51.78
N PRO M 1367 55.41 -35.69 -50.93
CA PRO M 1367 56.42 -36.73 -51.07
C PRO M 1367 56.11 -37.67 -52.23
N LEU M 1368 56.56 -37.28 -53.43
CA LEU M 1368 56.16 -37.98 -54.65
C LEU M 1368 56.46 -39.47 -54.58
N GLN M 1369 57.61 -39.84 -54.01
CA GLN M 1369 58.10 -41.22 -54.04
C GLN M 1369 58.12 -41.75 -55.47
N LYS M 1370 58.83 -41.03 -56.33
CA LYS M 1370 58.84 -41.30 -57.76
C LYS M 1370 59.54 -42.60 -58.12
N ILE M 1371 60.27 -43.21 -57.18
CA ILE M 1371 60.97 -44.46 -57.49
C ILE M 1371 59.99 -45.59 -57.80
N LYS M 1372 58.76 -45.49 -57.32
CA LYS M 1372 57.74 -46.51 -57.61
C LYS M 1372 57.25 -46.33 -59.03
N ASN M 1373 57.18 -47.43 -59.78
CA ASN M 1373 56.81 -47.38 -61.20
C ASN M 1373 55.31 -47.17 -61.33
N CYS M 1374 54.91 -45.98 -61.75
CA CYS M 1374 53.51 -45.61 -61.92
C CYS M 1374 53.46 -44.27 -62.65
N LEU M 1375 52.27 -43.90 -63.08
CA LEU M 1375 52.07 -42.68 -63.86
C LEU M 1375 51.29 -41.67 -63.03
N ILE M 1376 51.82 -40.45 -62.94
CA ILE M 1376 51.27 -39.40 -62.10
C ILE M 1376 51.04 -38.16 -62.94
N GLU M 1377 49.97 -37.42 -62.63
CA GLU M 1377 49.66 -36.19 -63.34
C GLU M 1377 48.70 -35.35 -62.50
N LYS M 1378 48.98 -34.06 -62.40
CA LYS M 1378 48.09 -33.15 -61.68
C LYS M 1378 46.99 -32.69 -62.61
N SER M 1379 45.78 -33.21 -62.41
CA SER M 1379 44.67 -32.93 -63.30
C SER M 1379 43.86 -31.75 -62.79
N SER M 1380 42.77 -31.44 -63.50
CA SER M 1380 41.86 -30.36 -63.12
C SER M 1380 40.41 -30.82 -63.28
N ALA M 1381 40.12 -32.04 -62.84
CA ALA M 1381 38.79 -32.60 -63.02
C ALA M 1381 37.79 -31.92 -62.09
N SER M 1382 36.51 -32.21 -62.30
CA SER M 1382 35.43 -31.65 -61.51
C SER M 1382 35.10 -32.61 -60.37
N LEU M 1383 35.36 -32.17 -59.14
CA LEU M 1383 35.06 -32.98 -57.98
C LEU M 1383 33.58 -32.87 -57.62
N PRO M 1384 33.01 -33.91 -57.02
CA PRO M 1384 31.65 -33.79 -56.48
C PRO M 1384 31.61 -32.80 -55.33
N ASN M 1385 30.46 -32.13 -55.19
CA ASN M 1385 30.28 -31.10 -54.17
C ASN M 1385 29.48 -31.69 -53.02
N ASN M 1386 30.19 -32.16 -52.00
CA ASN M 1386 29.53 -32.67 -50.81
C ASN M 1386 29.04 -31.51 -49.94
N PRO M 1387 27.89 -31.65 -49.30
CA PRO M 1387 27.42 -30.57 -48.40
C PRO M 1387 28.38 -30.32 -47.24
N LYS M 1388 29.02 -31.37 -46.72
CA LYS M 1388 29.94 -31.18 -45.60
C LYS M 1388 31.22 -30.48 -46.04
N THR M 1389 31.69 -30.78 -47.25
CA THR M 1389 32.93 -30.19 -47.75
C THR M 1389 32.71 -28.72 -48.12
N SER M 1390 33.01 -27.82 -47.18
CA SER M 1390 32.83 -26.39 -47.38
C SER M 1390 34.13 -25.65 -47.63
N ASN M 1391 35.27 -26.23 -47.27
CA ASN M 1391 36.55 -25.59 -47.46
C ASN M 1391 37.24 -26.21 -48.66
N PRO M 1392 37.39 -25.48 -49.78
CA PRO M 1392 38.16 -26.05 -50.90
C PRO M 1392 39.60 -26.38 -50.53
N ALA M 1393 40.23 -25.56 -49.69
CA ALA M 1393 41.59 -25.78 -49.22
C ALA M 1393 42.56 -26.02 -50.38
N GLY M 1394 43.55 -26.87 -50.16
CA GLY M 1394 44.41 -27.28 -51.26
C GLY M 1394 43.63 -28.09 -52.28
N GLY M 1395 43.82 -27.75 -53.55
CA GLY M 1395 43.04 -28.37 -54.59
C GLY M 1395 43.87 -29.07 -55.64
N GLN M 1396 45.11 -29.42 -55.31
CA GLN M 1396 46.00 -30.06 -56.27
C GLN M 1396 45.60 -31.53 -56.41
N LEU M 1397 44.54 -31.75 -57.18
CA LEU M 1397 44.11 -33.10 -57.47
C LEU M 1397 45.14 -33.80 -58.34
N PHE M 1398 45.20 -35.13 -58.21
CA PHE M 1398 46.16 -35.94 -58.95
C PHE M 1398 45.42 -37.05 -59.67
N LYS M 1399 45.85 -37.35 -60.89
CA LYS M 1399 45.35 -38.49 -61.64
C LYS M 1399 46.45 -39.54 -61.70
N ILE M 1400 46.15 -40.73 -61.20
CA ILE M 1400 47.14 -41.81 -61.13
C ILE M 1400 46.54 -43.04 -61.79
N THR M 1401 47.18 -43.51 -62.85
CA THR M 1401 46.89 -44.81 -63.42
C THR M 1401 47.96 -45.79 -62.99
N LEU M 1402 47.54 -47.01 -62.67
CA LEU M 1402 48.43 -47.92 -61.96
C LEU M 1402 47.94 -49.35 -62.03
N PRO M 1403 48.78 -50.29 -62.42
CA PRO M 1403 48.35 -51.70 -62.49
C PRO M 1403 48.00 -52.23 -61.11
N GLU M 1404 46.97 -53.09 -61.07
CA GLU M 1404 46.44 -53.52 -59.77
C GLU M 1404 47.36 -54.49 -59.04
N SER M 1405 48.22 -55.22 -59.76
CA SER M 1405 49.13 -56.14 -59.08
C SER M 1405 50.10 -55.38 -58.16
N VAL M 1406 50.70 -54.32 -58.68
CA VAL M 1406 51.60 -53.52 -57.85
C VAL M 1406 50.82 -52.79 -56.76
N PHE M 1407 49.56 -52.44 -57.04
CA PHE M 1407 48.72 -51.84 -56.00
C PHE M 1407 48.53 -52.80 -54.84
N LEU M 1408 48.23 -54.06 -55.15
CA LEU M 1408 48.05 -55.05 -54.09
C LEU M 1408 49.35 -55.32 -53.36
N GLU M 1409 50.48 -55.32 -54.06
CA GLU M 1409 51.74 -55.58 -53.37
C GLU M 1409 52.14 -54.41 -52.48
N GLU M 1410 51.81 -53.17 -52.88
CA GLU M 1410 52.15 -52.01 -52.07
C GLU M 1410 51.11 -51.72 -50.99
N LYS M 1411 49.94 -52.35 -51.05
CA LYS M 1411 48.98 -52.22 -49.97
C LYS M 1411 49.49 -52.83 -48.67
N GLU M 1412 50.52 -53.68 -48.75
CA GLU M 1412 51.01 -54.36 -47.55
C GLU M 1412 51.67 -53.37 -46.59
N ASN M 1413 52.57 -52.52 -47.09
CA ASN M 1413 53.28 -51.61 -46.21
C ASN M 1413 52.48 -50.35 -45.95
N CYS M 1414 52.92 -49.58 -44.96
CA CYS M 1414 52.29 -48.32 -44.58
C CYS M 1414 53.02 -47.11 -45.12
N THR M 1415 54.35 -47.16 -45.19
CA THR M 1415 55.15 -46.05 -45.71
C THR M 1415 55.06 -46.03 -47.24
N SER M 1416 53.89 -45.63 -47.71
CA SER M 1416 53.61 -45.55 -49.14
C SER M 1416 52.74 -44.34 -49.41
N ILE M 1417 52.60 -44.02 -50.70
CA ILE M 1417 51.89 -42.80 -51.09
C ILE M 1417 50.42 -42.87 -50.71
N PHE M 1418 49.81 -44.06 -50.78
CA PHE M 1418 48.36 -44.16 -50.61
C PHE M 1418 47.94 -43.71 -49.21
N ASN M 1419 48.70 -44.08 -48.19
CA ASN M 1419 48.42 -43.69 -46.82
C ASN M 1419 49.54 -42.79 -46.33
N ASP M 1420 49.25 -41.49 -46.24
CA ASP M 1420 50.18 -40.50 -45.74
C ASP M 1420 49.38 -39.39 -45.07
N GLU M 1421 50.07 -38.33 -44.67
CA GLU M 1421 49.39 -37.15 -44.16
C GLU M 1421 48.79 -36.35 -45.31
N ASN M 1422 47.78 -35.55 -44.98
CA ASN M 1422 47.08 -34.69 -45.94
C ASN M 1422 46.42 -35.47 -47.06
N VAL M 1423 46.19 -36.77 -46.86
CA VAL M 1423 45.46 -37.57 -47.84
C VAL M 1423 43.98 -37.40 -47.55
N LEU M 1424 43.23 -36.95 -48.55
CA LEU M 1424 41.83 -36.58 -48.37
C LEU M 1424 40.85 -37.61 -48.89
N GLY M 1425 41.32 -38.68 -49.53
CA GLY M 1425 40.43 -39.73 -49.96
C GLY M 1425 40.71 -40.29 -51.34
N VAL M 1426 40.04 -41.37 -51.70
CA VAL M 1426 40.15 -41.99 -53.01
C VAL M 1426 38.78 -41.91 -53.69
N PHE M 1427 38.77 -41.46 -54.94
CA PHE M 1427 37.52 -41.14 -55.61
C PHE M 1427 37.07 -42.18 -56.62
N GLU M 1428 37.99 -42.95 -57.19
CA GLU M 1428 37.66 -43.97 -58.19
C GLU M 1428 38.37 -45.27 -57.89
N GLY M 1429 38.30 -45.70 -56.63
CA GLY M 1429 38.95 -46.93 -56.22
C GLY M 1429 38.10 -48.18 -56.27
N THR M 1430 36.79 -48.04 -56.39
CA THR M 1430 35.87 -49.17 -56.38
C THR M 1430 35.32 -49.48 -57.77
N ILE M 1431 36.15 -49.31 -58.80
CA ILE M 1431 35.77 -49.61 -60.18
C ILE M 1431 36.64 -50.78 -60.63
N THR M 1432 36.00 -51.91 -60.92
CA THR M 1432 36.74 -53.09 -61.36
C THR M 1432 37.23 -52.90 -62.78
N PRO M 1433 38.29 -53.62 -63.17
CA PRO M 1433 38.72 -53.58 -64.57
C PRO M 1433 37.63 -53.99 -65.53
N HIS M 1434 36.74 -54.89 -65.09
CA HIS M 1434 35.59 -55.25 -65.91
C HIS M 1434 34.76 -54.02 -66.27
N GLN M 1435 34.46 -53.19 -65.28
CA GLN M 1435 33.64 -52.01 -65.54
C GLN M 1435 34.35 -51.02 -66.45
N ARG M 1436 35.64 -50.76 -66.19
CA ARG M 1436 36.37 -49.83 -67.04
C ARG M 1436 36.41 -50.31 -68.48
N ALA M 1437 36.66 -51.60 -68.67
CA ALA M 1437 36.70 -52.14 -70.03
C ALA M 1437 35.33 -52.03 -70.70
N ILE M 1438 34.26 -52.35 -69.99
CA ILE M 1438 32.95 -52.35 -70.64
C ILE M 1438 32.41 -50.94 -70.86
N MET M 1439 32.89 -49.95 -70.11
CA MET M 1439 32.45 -48.58 -70.40
C MET M 1439 33.29 -47.93 -71.49
N ASP M 1440 34.62 -47.96 -71.35
CA ASP M 1440 35.47 -47.26 -72.31
C ASP M 1440 35.59 -48.02 -73.63
N LEU M 1441 35.73 -49.35 -73.57
CA LEU M 1441 36.02 -50.11 -74.78
C LEU M 1441 34.75 -50.61 -75.46
N GLY M 1442 33.79 -51.15 -74.71
CA GLY M 1442 32.58 -51.66 -75.31
C GLY M 1442 32.76 -53.02 -75.93
N ALA M 1443 31.66 -53.55 -76.48
CA ALA M 1443 31.69 -54.87 -77.08
C ALA M 1443 32.37 -54.88 -78.44
N SER M 1444 32.30 -53.78 -79.18
CA SER M 1444 32.89 -53.68 -80.52
C SER M 1444 34.40 -53.54 -80.37
N VAL M 1445 35.08 -54.66 -80.28
CA VAL M 1445 36.52 -54.70 -80.03
C VAL M 1445 37.25 -54.97 -81.34
N THR M 1446 38.45 -54.40 -81.45
CA THR M 1446 39.31 -54.62 -82.61
C THR M 1446 40.73 -54.30 -82.21
N PHE M 1447 41.67 -54.71 -83.06
CA PHE M 1447 43.08 -54.52 -82.81
C PHE M 1447 43.69 -53.63 -83.89
N ARG M 1448 44.75 -52.91 -83.52
CA ARG M 1448 45.53 -52.11 -84.46
C ARG M 1448 47.01 -52.29 -84.19
N SER M 1449 47.43 -53.54 -83.98
CA SER M 1449 48.83 -53.81 -83.64
C SER M 1449 49.75 -53.42 -84.79
N LYS M 1450 49.36 -53.73 -86.02
CA LYS M 1450 50.15 -53.43 -87.21
C LYS M 1450 51.57 -53.97 -87.12
N ALA M 1454 53.27 -59.53 -83.38
CA ALA M 1454 53.27 -60.14 -82.06
C ALA M 1454 51.87 -60.56 -81.65
N LEU M 1455 50.98 -60.71 -82.63
CA LEU M 1455 49.62 -61.13 -82.33
C LEU M 1455 49.60 -62.52 -81.70
N GLY M 1456 50.38 -63.45 -82.26
CA GLY M 1456 50.50 -64.75 -81.62
C GLY M 1456 51.13 -64.66 -80.24
N LYS M 1457 52.18 -63.85 -80.12
CA LYS M 1457 52.77 -63.62 -78.81
C LYS M 1457 51.81 -62.89 -77.88
N GLY M 1458 50.93 -62.06 -78.43
CA GLY M 1458 49.94 -61.37 -77.62
C GLY M 1458 48.71 -62.17 -77.28
N ILE M 1459 48.53 -63.33 -77.90
CA ILE M 1459 47.40 -64.20 -77.59
C ILE M 1459 47.82 -65.46 -76.83
N GLN M 1460 49.09 -65.88 -76.90
CA GLN M 1460 49.54 -66.93 -76.00
C GLN M 1460 49.52 -66.44 -74.55
N GLN M 1461 49.79 -65.16 -74.34
CA GLN M 1461 49.62 -64.49 -73.06
C GLN M 1461 48.47 -63.49 -73.17
N GLY M 1462 48.23 -62.75 -72.09
CA GLY M 1462 47.12 -61.80 -72.07
C GLY M 1462 47.44 -60.56 -72.87
N PHE M 1463 46.59 -60.25 -73.83
CA PHE M 1463 46.81 -59.07 -74.67
C PHE M 1463 46.57 -57.81 -73.86
N GLU M 1464 47.58 -56.94 -73.81
CA GLU M 1464 47.47 -55.71 -73.05
C GLU M 1464 46.68 -54.68 -73.85
N MET M 1465 45.81 -53.94 -73.15
CA MET M 1465 44.84 -53.08 -73.82
C MET M 1465 45.10 -51.59 -73.67
N LYS M 1466 45.74 -51.15 -72.58
CA LYS M 1466 45.89 -49.72 -72.35
C LYS M 1466 46.71 -49.05 -73.44
N ASP M 1467 47.66 -49.77 -74.03
CA ASP M 1467 48.43 -49.19 -75.13
C ASP M 1467 47.66 -49.21 -76.44
N LEU M 1468 46.86 -50.25 -76.67
CA LEU M 1468 46.15 -50.42 -77.93
C LEU M 1468 44.71 -50.82 -77.63
N SER M 1469 43.77 -49.90 -77.87
CA SER M 1469 42.36 -50.17 -77.66
C SER M 1469 41.54 -49.14 -78.40
N MET M 1470 40.35 -49.54 -78.84
CA MET M 1470 39.44 -48.66 -79.54
C MET M 1470 38.11 -49.39 -79.73
N ALA M 1471 37.05 -48.60 -79.94
CA ALA M 1471 35.71 -49.10 -80.17
C ALA M 1471 35.26 -48.73 -81.57
N GLU M 1472 34.86 -49.72 -82.36
CA GLU M 1472 34.35 -49.47 -83.70
C GLU M 1472 32.84 -49.31 -83.65
N ASN M 1473 32.23 -49.15 -84.83
CA ASN M 1473 30.80 -48.97 -84.91
C ASN M 1473 30.07 -50.27 -84.57
N GLU M 1474 28.82 -50.14 -84.13
CA GLU M 1474 28.06 -51.26 -83.60
C GLU M 1474 26.64 -51.29 -84.12
N ARG M 1475 26.42 -50.83 -85.36
CA ARG M 1475 25.08 -50.81 -85.93
C ARG M 1475 24.49 -52.22 -85.98
N TYR M 1476 25.28 -53.19 -86.44
CA TYR M 1476 24.90 -54.59 -86.40
C TYR M 1476 25.94 -55.35 -85.60
N LEU M 1477 25.51 -56.00 -84.52
CA LEU M 1477 26.46 -56.73 -83.67
C LEU M 1477 26.96 -57.98 -84.38
N SER M 1478 26.04 -58.85 -84.79
CA SER M 1478 26.42 -60.09 -85.44
C SER M 1478 25.19 -60.72 -86.07
N GLY M 1479 25.43 -61.47 -87.15
CA GLY M 1479 24.38 -62.30 -87.72
C GLY M 1479 24.32 -63.61 -86.96
N PHE M 1480 23.34 -63.75 -86.07
CA PHE M 1480 23.35 -64.86 -85.13
C PHE M 1480 22.71 -66.10 -85.74
N SER M 1481 23.47 -67.19 -85.78
CA SER M 1481 22.94 -68.51 -86.13
C SER M 1481 23.78 -69.53 -85.36
N MET M 1482 23.27 -69.93 -84.19
CA MET M 1482 24.02 -70.80 -83.29
C MET M 1482 23.09 -71.27 -82.19
N ASP M 1483 23.42 -72.42 -81.59
CA ASP M 1483 22.51 -73.13 -80.71
C ASP M 1483 22.28 -72.36 -79.41
N ILE M 1484 21.37 -72.89 -78.59
CA ILE M 1484 21.03 -72.32 -77.29
C ILE M 1484 20.90 -73.44 -76.26
N GLY M 1485 21.07 -73.06 -75.00
CA GLY M 1485 20.84 -73.96 -73.88
C GLY M 1485 19.73 -73.44 -73.00
N TYR M 1486 19.28 -74.28 -72.07
CA TYR M 1486 18.14 -73.92 -71.24
C TYR M 1486 18.15 -74.76 -69.97
N LEU M 1487 18.37 -74.11 -68.83
CA LEU M 1487 18.29 -74.77 -67.52
C LEU M 1487 17.40 -73.94 -66.61
N LEU M 1488 16.36 -74.55 -66.05
CA LEU M 1488 15.36 -73.84 -65.29
C LEU M 1488 15.08 -74.55 -63.96
N HIS M 1489 14.61 -73.77 -63.00
CA HIS M 1489 14.28 -74.27 -61.66
C HIS M 1489 13.03 -73.59 -61.14
N PHE M 1490 12.17 -74.37 -60.50
CA PHE M 1490 10.93 -73.87 -59.90
C PHE M 1490 10.82 -74.40 -58.48
N PRO M 1491 11.05 -73.57 -57.45
CA PRO M 1491 10.86 -73.96 -56.05
C PRO M 1491 9.44 -74.43 -55.76
N GLU M 1497 11.38 -79.77 -56.15
CA GLU M 1497 12.47 -80.28 -56.97
C GLU M 1497 12.06 -80.29 -58.43
N PHE M 1498 12.08 -79.12 -59.06
CA PHE M 1498 11.57 -78.95 -60.42
C PHE M 1498 12.66 -78.44 -61.36
N PHE M 1499 13.87 -78.98 -61.24
CA PHE M 1499 14.93 -78.62 -62.17
C PHE M 1499 14.58 -79.10 -63.57
N SER M 1500 14.69 -78.21 -64.55
CA SER M 1500 14.26 -78.50 -65.91
C SER M 1500 15.35 -78.11 -66.89
N LEU M 1501 15.44 -78.89 -67.98
CA LEU M 1501 16.41 -78.61 -69.03
C LEU M 1501 15.74 -78.83 -70.38
N PHE M 1502 16.27 -78.13 -71.39
CA PHE M 1502 15.78 -78.26 -72.75
C PHE M 1502 16.88 -77.89 -73.71
N LYS M 1503 16.88 -78.53 -74.88
CA LYS M 1503 17.87 -78.29 -75.92
C LYS M 1503 17.14 -77.86 -77.19
N SER M 1504 17.65 -76.80 -77.84
CA SER M 1504 17.08 -76.37 -79.11
C SER M 1504 17.24 -77.45 -80.17
N TRP M 1505 18.42 -78.07 -80.22
CA TRP M 1505 18.69 -79.15 -81.16
C TRP M 1505 18.40 -80.52 -80.58
N GLY M 1506 17.92 -80.61 -79.34
CA GLY M 1506 17.49 -81.85 -78.77
C GLY M 1506 16.02 -82.13 -79.06
N ASP M 1507 15.58 -83.32 -78.64
CA ASP M 1507 14.21 -83.75 -78.89
C ASP M 1507 13.62 -84.46 -77.69
N THR M 1508 14.10 -84.17 -76.49
CA THR M 1508 13.62 -84.82 -75.28
C THR M 1508 13.55 -83.81 -74.15
N ILE M 1509 12.62 -84.06 -73.21
CA ILE M 1509 12.47 -83.26 -72.01
C ILE M 1509 12.35 -84.21 -70.83
N THR M 1510 13.23 -84.05 -69.84
CA THR M 1510 13.20 -84.84 -68.62
C THR M 1510 13.17 -83.89 -67.44
N ILE M 1511 12.28 -84.15 -66.49
CA ILE M 1511 12.10 -83.29 -65.32
C ILE M 1511 12.46 -84.10 -64.08
N LEU M 1512 13.29 -83.52 -63.22
CA LEU M 1512 13.75 -84.20 -62.02
C LEU M 1512 12.62 -84.30 -61.01
N VAL M 1513 12.73 -85.29 -60.12
CA VAL M 1513 11.73 -85.55 -59.11
C VAL M 1513 11.64 -84.40 -58.12
N ILE M 1523 -0.64 -88.96 -67.27
CA ILE M 1523 -1.43 -87.74 -67.21
C ILE M 1523 -0.56 -86.52 -67.48
N ASN M 1524 0.70 -86.57 -67.01
CA ASN M 1524 1.61 -85.45 -67.22
C ASN M 1524 2.00 -85.31 -68.69
N ALA M 1525 2.33 -86.44 -69.34
CA ALA M 1525 2.78 -86.38 -70.72
C ALA M 1525 1.68 -85.91 -71.66
N SER M 1526 0.46 -86.43 -71.50
CA SER M 1526 -0.64 -86.01 -72.36
C SER M 1526 -0.96 -84.53 -72.18
N SER M 1527 -1.01 -84.07 -70.92
CA SER M 1527 -1.26 -82.66 -70.67
C SER M 1527 -0.15 -81.80 -71.23
N LEU M 1528 1.11 -82.24 -71.08
CA LEU M 1528 2.23 -81.49 -71.64
C LEU M 1528 2.12 -81.37 -73.15
N GLY M 1529 1.82 -82.49 -73.83
CA GLY M 1529 1.70 -82.44 -75.27
C GLY M 1529 0.55 -81.55 -75.73
N GLN M 1530 -0.60 -81.68 -75.09
CA GLN M 1530 -1.76 -80.88 -75.49
C GLN M 1530 -1.54 -79.40 -75.21
N ILE M 1531 -0.88 -79.07 -74.11
CA ILE M 1531 -0.63 -77.66 -73.79
C ILE M 1531 0.40 -77.08 -74.74
N TYR M 1532 1.43 -77.86 -75.08
CA TYR M 1532 2.43 -77.38 -76.04
C TYR M 1532 1.79 -77.15 -77.39
N LYS M 1533 0.95 -78.08 -77.85
CA LYS M 1533 0.26 -77.88 -79.12
C LYS M 1533 -0.65 -76.67 -79.08
N GLN M 1534 -1.40 -76.51 -77.98
CA GLN M 1534 -2.33 -75.40 -77.85
C GLN M 1534 -1.61 -74.07 -77.97
N MET M 1535 -0.56 -73.87 -77.17
CA MET M 1535 0.14 -72.60 -77.27
C MET M 1535 0.93 -72.51 -78.57
N PHE M 1536 1.21 -73.65 -79.21
CA PHE M 1536 1.76 -73.62 -80.56
C PHE M 1536 0.82 -72.93 -81.53
N GLU M 1537 -0.45 -73.34 -81.57
CA GLU M 1537 -1.32 -72.63 -82.50
C GLU M 1537 -1.61 -71.22 -82.02
N LYS M 1538 -1.63 -70.98 -80.70
CA LYS M 1538 -1.97 -69.65 -80.24
C LYS M 1538 -0.83 -68.65 -80.44
N LYS M 1539 0.41 -69.11 -80.61
CA LYS M 1539 1.54 -68.23 -80.90
C LYS M 1539 2.26 -68.65 -82.17
N LYS M 1540 1.51 -69.23 -83.12
CA LYS M 1540 2.03 -69.51 -84.46
C LYS M 1540 2.79 -68.32 -85.04
N GLY M 1541 2.22 -67.12 -84.96
CA GLY M 1541 2.85 -65.97 -85.58
C GLY M 1541 4.19 -65.63 -84.94
N LYS M 1542 4.24 -65.60 -83.61
CA LYS M 1542 5.48 -65.29 -82.91
C LYS M 1542 6.52 -66.38 -83.16
N ILE M 1543 6.10 -67.64 -83.15
CA ILE M 1543 7.03 -68.73 -83.42
C ILE M 1543 7.60 -68.62 -84.83
N GLU M 1544 6.75 -68.28 -85.80
CA GLU M 1544 7.23 -68.10 -87.17
C GLU M 1544 8.22 -66.95 -87.27
N THR M 1545 7.91 -65.82 -86.62
CA THR M 1545 8.78 -64.66 -86.76
C THR M 1545 10.05 -64.76 -85.93
N TYR M 1546 10.13 -65.70 -84.98
CA TYR M 1546 11.36 -65.91 -84.23
C TYR M 1546 11.99 -67.28 -84.48
N SER M 1547 11.52 -68.02 -85.49
CA SER M 1547 12.11 -69.32 -85.79
C SER M 1547 13.58 -69.20 -86.16
N TYR M 1548 13.96 -68.08 -86.82
CA TYR M 1548 15.36 -67.87 -87.15
C TYR M 1548 16.22 -67.75 -85.90
N LEU M 1549 15.62 -67.46 -84.75
CA LEU M 1549 16.34 -67.48 -83.48
C LEU M 1549 16.24 -68.85 -82.82
N VAL M 1550 15.01 -69.30 -82.54
CA VAL M 1550 14.77 -70.61 -81.96
C VAL M 1550 13.56 -71.24 -82.63
N ASP M 1551 13.67 -72.52 -82.95
CA ASP M 1551 12.58 -73.25 -83.59
C ASP M 1551 11.76 -74.02 -82.57
N ILE M 1556 7.90 -77.64 -82.37
CA ILE M 1556 8.41 -79.00 -82.52
C ILE M 1556 8.15 -79.80 -81.25
N ASN M 1557 7.43 -80.90 -81.39
CA ASN M 1557 7.17 -81.78 -80.26
C ASN M 1557 8.46 -82.47 -79.82
N PHE M 1558 8.57 -82.68 -78.51
CA PHE M 1558 9.75 -83.32 -77.93
C PHE M 1558 9.30 -84.37 -76.94
N GLU M 1559 10.15 -85.38 -76.73
CA GLU M 1559 9.84 -86.45 -75.79
C GLU M 1559 9.77 -85.89 -74.38
N PHE M 1560 8.82 -86.40 -73.60
CA PHE M 1560 8.60 -85.95 -72.23
C PHE M 1560 9.04 -87.04 -71.27
N VAL M 1561 9.58 -86.62 -70.12
CA VAL M 1561 10.04 -87.55 -69.09
C VAL M 1561 9.97 -86.85 -67.75
N TYR M 1562 9.62 -87.62 -66.71
CA TYR M 1562 9.52 -87.13 -65.34
C TYR M 1562 10.37 -88.05 -64.47
N PHE M 1563 11.65 -87.71 -64.34
CA PHE M 1563 12.58 -88.53 -63.57
C PHE M 1563 12.31 -88.42 -62.07
N LYS M 1568 20.14 -89.24 -55.39
CA LYS M 1568 20.51 -90.14 -56.48
C LYS M 1568 20.28 -89.48 -57.84
N LEU M 1569 19.22 -88.70 -57.95
CA LEU M 1569 18.88 -88.00 -59.18
C LEU M 1569 19.47 -86.61 -59.25
N TYR M 1570 20.02 -86.10 -58.14
CA TYR M 1570 20.47 -84.72 -58.04
C TYR M 1570 21.88 -84.50 -58.55
N ARG M 1571 22.60 -85.58 -58.90
CA ARG M 1571 23.93 -85.47 -59.47
C ARG M 1571 23.92 -85.38 -60.98
N ARG M 1572 22.76 -85.53 -61.61
CA ARG M 1572 22.68 -85.56 -63.07
C ARG M 1572 22.87 -84.19 -63.70
N LEU M 1573 22.76 -83.11 -62.91
CA LEU M 1573 23.05 -81.79 -63.45
C LEU M 1573 24.49 -81.70 -63.94
N SER M 1574 25.43 -82.24 -63.14
CA SER M 1574 26.83 -82.25 -63.56
C SER M 1574 27.01 -83.05 -64.85
N GLN M 1575 26.38 -84.22 -64.94
CA GLN M 1575 26.51 -85.04 -66.14
C GLN M 1575 25.95 -84.34 -67.36
N GLU M 1576 24.79 -83.70 -67.23
CA GLU M 1576 24.19 -83.02 -68.37
C GLU M 1576 25.03 -81.81 -68.78
N THR M 1577 25.56 -81.08 -67.80
CA THR M 1577 26.42 -79.94 -68.14
C THR M 1577 27.67 -80.40 -68.87
N THR M 1578 28.30 -81.48 -68.39
CA THR M 1578 29.46 -82.02 -69.09
C THR M 1578 29.09 -82.48 -70.50
N LYS M 1579 27.96 -83.16 -70.64
CA LYS M 1579 27.54 -83.67 -71.94
C LYS M 1579 27.34 -82.53 -72.92
N LEU M 1580 26.67 -81.46 -72.49
CA LEU M 1580 26.50 -80.30 -73.35
C LEU M 1580 27.84 -79.60 -73.61
N LYS M 1581 28.78 -79.69 -72.67
CA LYS M 1581 30.08 -79.09 -72.88
C LYS M 1581 30.84 -79.78 -74.01
N GLU M 1582 30.85 -81.11 -74.02
CA GLU M 1582 31.53 -81.78 -75.13
C GLU M 1582 30.64 -81.89 -76.38
N GLU M 1583 29.35 -81.61 -76.28
CA GLU M 1583 28.48 -81.70 -77.45
C GLU M 1583 28.45 -80.41 -78.26
N ARG M 1584 28.66 -79.26 -77.62
CA ARG M 1584 28.68 -77.99 -78.32
C ARG M 1584 29.60 -77.03 -77.56
N GLY M 1585 30.06 -76.01 -78.27
CA GLY M 1585 30.96 -75.02 -77.68
C GLY M 1585 30.22 -73.89 -77.00
N PHE M 1588 26.89 -72.70 -77.76
CA PHE M 1588 25.52 -72.68 -77.28
C PHE M 1588 25.41 -71.84 -76.00
N LEU M 1589 24.69 -70.74 -76.09
CA LEU M 1589 24.48 -69.88 -74.94
C LEU M 1589 23.49 -70.51 -73.98
N LEU M 1590 23.69 -70.26 -72.69
CA LEU M 1590 22.87 -70.84 -71.63
C LEU M 1590 21.95 -69.79 -71.06
N LEU M 1591 20.68 -70.17 -70.88
CA LEU M 1591 19.68 -69.31 -70.28
C LEU M 1591 19.32 -69.85 -68.91
N LEU M 1592 19.46 -69.03 -67.88
CA LEU M 1592 19.26 -69.43 -66.50
C LEU M 1592 18.05 -68.73 -65.93
N GLN M 1593 17.22 -69.48 -65.19
CA GLN M 1593 15.99 -68.92 -64.62
C GLN M 1593 15.72 -69.65 -63.31
N SER M 1594 16.13 -69.03 -62.21
CA SER M 1594 15.97 -69.61 -60.88
C SER M 1594 16.23 -68.52 -59.84
N PRO M 1595 15.69 -68.68 -58.64
CA PRO M 1595 16.00 -67.74 -57.55
C PRO M 1595 17.35 -67.98 -56.90
N PHE M 1596 18.09 -69.00 -57.32
CA PHE M 1596 19.35 -69.39 -56.71
C PHE M 1596 20.45 -69.47 -57.76
N ILE M 1597 20.57 -68.41 -58.55
CA ILE M 1597 21.53 -68.39 -59.65
C ILE M 1597 22.95 -68.55 -59.13
N THR M 1598 23.28 -67.84 -58.06
CA THR M 1598 24.62 -67.96 -57.48
C THR M 1598 24.87 -69.37 -56.94
N LYS M 1599 23.84 -69.98 -56.34
CA LYS M 1599 23.99 -71.34 -55.83
C LYS M 1599 24.26 -72.32 -56.97
N LEU M 1600 23.48 -72.21 -58.06
CA LEU M 1600 23.67 -73.09 -59.20
C LEU M 1600 25.05 -72.89 -59.83
N LEU M 1601 25.49 -71.64 -59.92
CA LEU M 1601 26.82 -71.37 -60.47
C LEU M 1601 27.92 -71.95 -59.59
N GLY M 1602 27.75 -71.85 -58.27
CA GLY M 1602 28.76 -72.35 -57.35
C GLY M 1602 28.74 -73.84 -57.10
N THR M 1603 27.66 -74.53 -57.48
CA THR M 1603 27.58 -75.96 -57.30
C THR M 1603 27.79 -76.75 -58.58
N ILE M 1604 27.85 -76.09 -59.73
CA ILE M 1604 28.16 -76.73 -61.00
C ILE M 1604 29.41 -76.04 -61.53
N ARG M 1605 30.56 -76.68 -61.36
CA ARG M 1605 31.83 -76.07 -61.76
C ARG M 1605 31.94 -75.90 -63.27
N LEU M 1606 31.23 -76.71 -64.05
CA LEU M 1606 31.34 -76.63 -65.51
C LEU M 1606 30.71 -75.37 -66.08
N LEU M 1607 29.79 -74.74 -65.35
CA LEU M 1607 29.05 -73.60 -65.88
C LEU M 1607 29.91 -72.35 -66.05
N ASN M 1608 31.11 -72.32 -65.50
CA ASN M 1608 31.99 -71.17 -65.68
C ASN M 1608 32.80 -71.25 -66.97
N GLN M 1609 32.67 -72.33 -67.73
CA GLN M 1609 33.52 -72.56 -68.89
C GLN M 1609 32.92 -72.04 -70.20
N MET M 1610 31.69 -71.54 -70.20
CA MET M 1610 31.04 -71.05 -71.39
C MET M 1610 30.33 -69.75 -71.08
N PRO M 1611 30.11 -68.90 -72.09
CA PRO M 1611 29.32 -67.68 -71.85
C PRO M 1611 27.86 -68.03 -71.59
N ILE M 1612 27.26 -67.34 -70.62
CA ILE M 1612 25.91 -67.60 -70.20
C ILE M 1612 25.14 -66.29 -70.11
N VAL M 1613 23.83 -66.37 -70.31
CA VAL M 1613 22.94 -65.22 -70.19
C VAL M 1613 21.89 -65.56 -69.14
N LYS M 1614 21.76 -64.72 -68.13
CA LYS M 1614 20.87 -64.95 -67.00
C LYS M 1614 19.57 -64.19 -67.21
N LEU M 1615 18.45 -64.87 -66.98
CA LEU M 1615 17.11 -64.33 -67.15
C LEU M 1615 16.31 -64.51 -65.86
N SER M 1616 16.90 -64.09 -64.74
CA SER M 1616 16.31 -64.29 -63.42
C SER M 1616 14.96 -63.60 -63.26
N LEU M 1617 13.89 -64.40 -63.17
CA LEU M 1617 12.55 -63.93 -62.80
C LEU M 1617 12.13 -64.79 -61.61
N ASN M 1618 12.49 -64.35 -60.41
CA ASN M 1618 12.36 -65.17 -59.23
C ASN M 1618 10.98 -64.96 -58.59
N GLU M 1619 10.83 -65.44 -57.35
CA GLU M 1619 9.57 -65.35 -56.59
C GLU M 1619 8.45 -66.15 -57.26
N VAL M 1620 8.74 -67.41 -57.56
CA VAL M 1620 7.76 -68.36 -58.07
C VAL M 1620 7.45 -69.35 -56.96
N LEU M 1621 6.16 -69.57 -56.71
CA LEU M 1621 5.71 -70.42 -55.62
C LEU M 1621 4.69 -71.43 -56.14
N LEU M 1622 4.39 -72.43 -55.30
CA LEU M 1622 3.48 -73.51 -55.64
C LEU M 1622 2.10 -73.28 -55.03
N PRO M 1623 1.04 -73.70 -55.72
CA PRO M 1623 -0.32 -73.53 -55.20
C PRO M 1623 -0.77 -74.62 -54.25
N GLN M 1624 0.12 -75.55 -53.89
CA GLN M 1624 -0.12 -76.61 -52.92
C GLN M 1624 -1.07 -77.68 -53.46
N LEU M 1625 -1.68 -77.42 -54.61
CA LEU M 1625 -2.56 -78.38 -55.28
C LEU M 1625 -2.59 -78.06 -56.76
N ASN M 1626 -2.55 -79.10 -57.58
CA ASN M 1626 -2.61 -78.97 -59.03
C ASN M 1626 -1.53 -78.01 -59.54
N TRP M 1627 -0.32 -78.20 -59.03
CA TRP M 1627 0.82 -77.43 -59.52
C TRP M 1627 1.27 -77.87 -60.89
N GLN M 1628 0.87 -79.07 -61.33
CA GLN M 1628 1.27 -79.54 -62.65
C GLN M 1628 0.77 -78.64 -63.77
N PRO M 1629 -0.51 -78.27 -63.85
CA PRO M 1629 -0.93 -77.40 -64.97
C PRO M 1629 -0.27 -76.03 -64.96
N THR M 1630 -0.18 -75.38 -63.79
CA THR M 1630 0.42 -74.05 -63.74
C THR M 1630 1.91 -74.10 -64.06
N LEU M 1631 2.62 -75.12 -63.58
CA LEU M 1631 4.03 -75.23 -63.90
C LEU M 1631 4.25 -75.57 -65.37
N LEU M 1632 3.36 -76.39 -65.95
CA LEU M 1632 3.42 -76.65 -67.37
C LEU M 1632 3.23 -75.38 -68.17
N LYS M 1633 2.25 -74.56 -67.78
CA LYS M 1633 2.03 -73.28 -68.46
C LYS M 1633 3.27 -72.40 -68.34
N LYS M 1634 3.86 -72.33 -67.15
CA LYS M 1634 5.05 -71.50 -66.96
C LYS M 1634 6.18 -71.96 -67.88
N LEU M 1635 6.47 -73.26 -67.87
CA LEU M 1635 7.59 -73.75 -68.66
C LEU M 1635 7.33 -73.59 -70.16
N VAL M 1636 6.11 -73.85 -70.62
CA VAL M 1636 5.85 -73.78 -72.05
C VAL M 1636 5.87 -72.33 -72.53
N ASN M 1637 5.33 -71.39 -71.74
CA ASN M 1637 5.39 -70.00 -72.16
C ASN M 1637 6.82 -69.48 -72.13
N HIS M 1638 7.62 -69.91 -71.16
CA HIS M 1638 9.02 -69.53 -71.15
C HIS M 1638 9.73 -70.06 -72.40
N VAL M 1639 9.48 -71.32 -72.74
CA VAL M 1639 10.14 -71.94 -73.89
C VAL M 1639 9.78 -71.22 -75.17
N LEU M 1640 8.49 -70.92 -75.35
CA LEU M 1640 8.05 -70.31 -76.60
C LEU M 1640 8.20 -68.78 -76.60
N SER M 1641 8.58 -68.17 -75.48
CA SER M 1641 8.85 -66.74 -75.44
C SER M 1641 10.33 -66.43 -75.37
N SER M 1642 11.19 -67.45 -75.22
CA SER M 1642 12.63 -67.20 -75.26
C SER M 1642 13.06 -66.57 -76.58
N GLY M 1643 12.37 -66.87 -77.68
CA GLY M 1643 12.72 -66.25 -78.94
C GLY M 1643 12.48 -64.75 -78.94
N SER M 1644 11.32 -64.32 -78.45
CA SER M 1644 11.06 -62.89 -78.31
C SER M 1644 12.03 -62.26 -77.32
N TRP M 1645 12.34 -62.98 -76.24
CA TRP M 1645 13.31 -62.49 -75.27
C TRP M 1645 14.65 -62.20 -75.94
N ILE M 1646 15.15 -63.15 -76.72
CA ILE M 1646 16.46 -62.98 -77.34
C ILE M 1646 16.40 -61.93 -78.44
N SER M 1647 15.27 -61.79 -79.13
CA SER M 1647 15.13 -60.72 -80.10
C SER M 1647 15.24 -59.35 -79.42
N HIS M 1648 14.53 -59.17 -78.32
CA HIS M 1648 14.60 -57.92 -77.59
C HIS M 1648 16.02 -57.69 -77.05
N LEU M 1649 16.65 -58.74 -76.55
CA LEU M 1649 17.99 -58.60 -75.99
C LEU M 1649 19.00 -58.20 -77.06
N ILE M 1650 18.93 -58.81 -78.25
CA ILE M 1650 19.86 -58.43 -79.31
C ILE M 1650 19.57 -57.02 -79.78
N LYS M 1651 18.29 -56.61 -79.79
CA LYS M 1651 17.98 -55.22 -80.11
C LYS M 1651 18.65 -54.27 -79.14
N LEU M 1652 18.46 -54.49 -77.83
CA LEU M 1652 19.04 -53.60 -76.83
C LEU M 1652 20.57 -53.61 -76.91
N SER M 1653 21.17 -54.79 -77.13
CA SER M 1653 22.61 -54.89 -77.16
C SER M 1653 23.20 -54.15 -78.36
N GLN M 1654 22.67 -54.40 -79.55
CA GLN M 1654 23.18 -53.71 -80.74
C GLN M 1654 22.72 -52.27 -80.82
N TYR M 1655 21.85 -51.84 -79.91
CA TYR M 1655 21.55 -50.41 -79.80
C TYR M 1655 22.47 -49.69 -78.82
N SER M 1656 22.79 -50.33 -77.69
CA SER M 1656 23.51 -49.67 -76.60
C SER M 1656 24.96 -50.11 -76.48
N ASN M 1657 25.47 -50.92 -77.41
CA ASN M 1657 26.87 -51.35 -77.41
C ASN M 1657 27.21 -52.09 -76.12
N ILE M 1658 26.35 -53.01 -75.72
CA ILE M 1658 26.54 -53.77 -74.49
C ILE M 1658 26.59 -55.27 -74.82
N PRO M 1659 27.51 -56.02 -74.24
CA PRO M 1659 27.56 -57.47 -74.51
C PRO M 1659 26.29 -58.17 -74.05
N ILE M 1660 25.98 -59.27 -74.73
CA ILE M 1660 24.73 -59.99 -74.47
C ILE M 1660 24.69 -60.50 -73.04
N CYS M 1661 25.77 -61.16 -72.60
CA CYS M 1661 25.77 -61.80 -71.29
C CYS M 1661 25.66 -60.80 -70.16
N ASN M 1662 26.07 -59.55 -70.38
CA ASN M 1662 26.02 -58.54 -69.34
C ASN M 1662 24.70 -57.78 -69.30
N LEU M 1663 23.74 -58.17 -70.12
CA LEU M 1663 22.44 -57.50 -70.17
C LEU M 1663 21.39 -58.28 -69.40
N ARG M 1664 20.25 -57.64 -69.20
CA ARG M 1664 19.10 -58.26 -68.56
C ARG M 1664 17.87 -57.45 -68.93
N LEU M 1665 16.70 -58.11 -68.86
CA LEU M 1665 15.47 -57.49 -69.32
C LEU M 1665 15.12 -56.26 -68.50
N ASP M 1666 15.28 -56.35 -67.18
CA ASP M 1666 14.88 -55.28 -66.27
C ASP M 1666 16.06 -54.44 -65.78
N SER M 1667 17.18 -54.48 -66.47
CA SER M 1667 18.35 -53.68 -66.10
C SER M 1667 18.40 -52.39 -66.92
N MET M 1668 17.32 -51.60 -66.85
CA MET M 1668 17.32 -50.30 -67.50
C MET M 1668 18.33 -49.37 -66.85
N ASP M 1669 18.44 -49.42 -65.51
CA ASP M 1669 19.37 -48.56 -64.80
C ASP M 1669 20.81 -48.79 -65.25
N TYR M 1670 21.14 -50.02 -65.63
CA TYR M 1670 22.51 -50.32 -66.02
C TYR M 1670 22.92 -49.56 -67.28
N ILE M 1671 22.01 -49.49 -68.26
CA ILE M 1671 22.32 -48.76 -69.48
C ILE M 1671 22.43 -47.27 -69.21
N ILE M 1672 21.55 -46.74 -68.34
CA ILE M 1672 21.66 -45.35 -67.92
C ILE M 1672 23.04 -45.09 -67.33
N ASP M 1673 23.47 -45.96 -66.42
CA ASP M 1673 24.76 -45.79 -65.79
C ASP M 1673 25.89 -45.84 -66.82
N VAL M 1674 25.82 -46.79 -67.75
CA VAL M 1674 26.91 -46.95 -68.71
C VAL M 1674 27.02 -45.71 -69.60
N LEU M 1675 25.89 -45.28 -70.17
CA LEU M 1675 25.92 -44.15 -71.10
C LEU M 1675 26.30 -42.86 -70.37
N TYR M 1676 25.70 -42.62 -69.21
CA TYR M 1676 26.02 -41.41 -68.46
C TYR M 1676 27.47 -41.42 -68.02
N ALA M 1677 27.99 -42.58 -67.62
CA ALA M 1677 29.37 -42.69 -67.18
C ALA M 1677 30.35 -42.43 -68.30
N ARG M 1678 30.08 -42.97 -69.49
CA ARG M 1678 31.00 -42.70 -70.60
C ARG M 1678 30.91 -41.26 -71.05
N LYS M 1679 29.71 -40.67 -71.02
CA LYS M 1679 29.57 -39.27 -71.36
C LYS M 1679 30.29 -38.37 -70.36
N LEU M 1680 30.36 -38.78 -69.09
CA LEU M 1680 31.17 -38.05 -68.13
C LEU M 1680 32.64 -38.33 -68.29
N LYS M 1681 33.00 -39.55 -68.72
CA LYS M 1681 34.40 -39.91 -68.90
C LYS M 1681 35.03 -39.10 -70.03
N LYS M 1682 34.32 -38.93 -71.14
CA LYS M 1682 34.81 -38.01 -72.16
C LYS M 1682 34.86 -36.58 -71.65
N GLU M 1683 34.08 -36.26 -70.62
CA GLU M 1683 34.14 -34.98 -69.94
C GLU M 1683 35.23 -35.02 -68.87
N ASN M 1684 35.40 -33.90 -68.17
CA ASN M 1684 36.40 -33.78 -67.10
C ASN M 1684 35.77 -33.90 -65.72
N ILE M 1685 34.77 -34.77 -65.57
CA ILE M 1685 34.01 -34.89 -64.33
C ILE M 1685 34.29 -36.25 -63.72
N VAL M 1686 34.64 -36.26 -62.43
CA VAL M 1686 34.87 -37.51 -61.72
C VAL M 1686 33.55 -38.26 -61.58
N LEU M 1687 33.60 -39.59 -61.70
CA LEU M 1687 32.39 -40.39 -61.85
C LEU M 1687 31.67 -40.67 -60.54
N TRP M 1688 32.35 -40.56 -59.41
CA TRP M 1688 31.83 -40.99 -58.10
C TRP M 1688 31.20 -42.39 -58.17
N TRP M 1689 31.74 -43.23 -59.06
CA TRP M 1689 31.19 -44.57 -59.26
C TRP M 1689 31.26 -45.38 -57.98
N ASN M 1690 30.20 -46.16 -57.72
CA ASN M 1690 30.11 -46.97 -56.52
C ASN M 1690 29.69 -48.39 -56.90
N GLU M 1691 30.14 -49.35 -56.09
CA GLU M 1691 29.78 -50.75 -56.24
C GLU M 1691 29.32 -51.30 -54.90
N LYS M 1692 28.43 -52.29 -54.97
CA LYS M 1692 27.90 -53.03 -53.82
C LYS M 1692 27.59 -52.14 -52.62
N ALA M 1693 27.15 -50.92 -52.89
CA ALA M 1693 26.77 -49.98 -51.84
C ALA M 1693 25.88 -48.88 -52.44
N PRO M 1694 24.69 -48.65 -51.89
CA PRO M 1694 23.80 -47.66 -52.48
C PRO M 1694 24.08 -46.24 -52.02
N LEU M 1695 25.36 -45.86 -51.99
CA LEU M 1695 25.75 -44.52 -51.61
C LEU M 1695 26.73 -43.96 -52.64
N PRO M 1696 26.66 -42.66 -52.90
CA PRO M 1696 27.64 -42.06 -53.82
C PRO M 1696 29.05 -42.12 -53.24
N ASP M 1697 30.02 -42.31 -54.12
CA ASP M 1697 31.41 -42.36 -53.70
C ASP M 1697 31.97 -40.94 -53.56
N HIS M 1698 32.59 -40.66 -52.41
CA HIS M 1698 33.09 -39.32 -52.16
C HIS M 1698 34.49 -39.32 -51.55
N GLY M 1699 35.17 -40.44 -51.52
CA GLY M 1699 36.47 -40.52 -50.88
C GLY M 1699 36.46 -41.05 -49.47
N GLY M 1700 35.35 -41.59 -49.01
CA GLY M 1700 35.21 -42.07 -47.65
C GLY M 1700 34.52 -41.10 -46.71
N ILE M 1701 34.43 -39.82 -47.09
CA ILE M 1701 33.73 -38.84 -46.26
C ILE M 1701 32.26 -39.23 -46.13
N GLN M 1702 31.71 -39.89 -47.14
CA GLN M 1702 30.30 -40.26 -47.16
C GLN M 1702 29.92 -41.25 -46.07
N ASN M 1703 30.90 -41.89 -45.42
CA ASN M 1703 30.58 -42.81 -44.33
C ASN M 1703 30.16 -42.09 -43.05
N ASP M 1704 30.50 -40.82 -42.90
CA ASP M 1704 30.19 -40.09 -41.68
C ASP M 1704 28.76 -39.57 -41.69
N PHE M 1705 28.23 -39.37 -40.48
CA PHE M 1705 26.87 -38.91 -40.28
C PHE M 1705 26.86 -37.39 -40.24
N ASP M 1706 26.02 -36.77 -41.07
CA ASP M 1706 25.94 -35.32 -41.13
C ASP M 1706 24.47 -34.91 -41.15
N LEU M 1707 24.17 -33.76 -40.54
CA LEU M 1707 22.78 -33.40 -40.29
C LEU M 1707 22.05 -33.06 -41.58
N ASN M 1708 22.65 -32.23 -42.43
CA ASN M 1708 21.98 -31.81 -43.65
C ASN M 1708 21.70 -33.00 -44.56
N THR M 1709 22.66 -33.93 -44.66
CA THR M 1709 22.42 -35.15 -45.41
C THR M 1709 21.26 -35.94 -44.81
N SER M 1710 21.20 -36.00 -43.48
CA SER M 1710 20.11 -36.72 -42.82
C SER M 1710 18.76 -36.09 -43.14
N TRP M 1711 18.71 -34.76 -43.18
CA TRP M 1711 17.43 -34.10 -43.44
C TRP M 1711 17.04 -34.18 -44.90
N ILE M 1712 18.00 -34.17 -45.82
CA ILE M 1712 17.63 -34.32 -47.23
C ILE M 1712 17.31 -35.76 -47.58
N MET M 1713 17.80 -36.72 -46.78
CA MET M 1713 17.44 -38.11 -47.04
C MET M 1713 15.97 -38.38 -46.72
N ASN M 1714 15.48 -37.84 -45.60
CA ASN M 1714 14.14 -38.16 -45.12
C ASN M 1714 13.09 -37.14 -45.55
N ASP M 1715 13.46 -36.14 -46.34
CA ASP M 1715 12.50 -35.15 -46.83
C ASP M 1715 11.80 -35.72 -48.06
N SER M 1716 10.76 -36.53 -47.80
CA SER M 1716 10.06 -37.24 -48.87
C SER M 1716 8.59 -36.88 -48.99
N GLU M 1717 8.04 -36.06 -48.11
CA GLU M 1717 6.63 -35.75 -48.16
C GLU M 1717 6.34 -34.66 -49.19
N PHE M 1718 5.17 -34.77 -49.82
CA PHE M 1718 4.76 -33.85 -50.87
C PHE M 1718 3.47 -33.15 -50.46
N PRO M 1719 3.37 -31.84 -50.60
CA PRO M 1719 2.17 -31.12 -50.17
C PRO M 1719 1.05 -31.27 -51.19
N LYS M 1720 -0.15 -30.84 -50.78
CA LYS M 1720 -1.31 -30.87 -51.65
C LYS M 1720 -2.30 -29.80 -51.18
N ILE M 1721 -3.23 -29.47 -52.07
CA ILE M 1721 -4.20 -28.41 -51.85
C ILE M 1721 -5.59 -29.04 -51.82
N ASN M 1722 -6.37 -28.72 -50.78
CA ASN M 1722 -7.74 -29.17 -50.69
C ASN M 1722 -8.59 -28.02 -50.16
N ASN M 1723 -9.59 -27.63 -50.93
CA ASN M 1723 -10.49 -26.53 -50.56
C ASN M 1723 -11.91 -27.08 -50.55
N SER M 1724 -12.40 -27.43 -49.37
CA SER M 1724 -13.71 -28.06 -49.25
C SER M 1724 -14.83 -27.07 -49.53
N GLY M 1725 -15.99 -27.60 -49.83
CA GLY M 1725 -17.17 -26.79 -50.08
C GLY M 1725 -18.09 -27.45 -51.08
N VAL M 1726 -19.25 -26.82 -51.26
CA VAL M 1726 -20.25 -27.27 -52.23
C VAL M 1726 -20.21 -26.31 -53.42
N TYR M 1727 -20.07 -26.87 -54.61
CA TYR M 1727 -19.91 -26.08 -55.83
C TYR M 1727 -21.09 -26.33 -56.75
N ASP M 1728 -21.71 -25.25 -57.23
CA ASP M 1728 -22.75 -25.35 -58.25
C ASP M 1728 -22.20 -25.16 -59.65
N ASN M 1729 -21.03 -24.54 -59.79
CA ASN M 1729 -20.41 -24.41 -61.10
C ASN M 1729 -19.86 -25.76 -61.55
N VAL M 1730 -19.72 -25.91 -62.87
CA VAL M 1730 -19.18 -27.13 -63.43
C VAL M 1730 -17.70 -27.24 -63.10
N VAL M 1731 -17.23 -28.46 -62.84
CA VAL M 1731 -15.85 -28.73 -62.48
C VAL M 1731 -15.33 -29.85 -63.39
N LEU M 1732 -14.15 -29.63 -63.97
CA LEU M 1732 -13.53 -30.62 -64.84
C LEU M 1732 -12.39 -31.30 -64.09
N ASP M 1733 -12.21 -32.60 -64.36
CA ASP M 1733 -11.12 -33.39 -63.79
C ASP M 1733 -10.08 -33.65 -64.86
N VAL M 1734 -8.83 -33.32 -64.56
CA VAL M 1734 -7.73 -33.49 -65.52
C VAL M 1734 -6.63 -34.32 -64.86
N GLY M 1735 -5.82 -34.92 -65.72
CA GLY M 1735 -4.65 -35.68 -65.27
C GLY M 1735 -3.39 -35.08 -65.85
N VAL M 1736 -2.32 -35.10 -65.06
CA VAL M 1736 -1.04 -34.55 -65.46
C VAL M 1736 -0.02 -35.68 -65.54
N ASP M 1737 0.70 -35.75 -66.65
CA ASP M 1737 1.64 -36.83 -66.92
C ASP M 1737 2.96 -36.26 -67.42
N ASN M 1738 4.00 -37.09 -67.34
CA ASN M 1738 5.34 -36.72 -67.78
C ASN M 1738 5.81 -35.45 -67.07
N LEU M 1739 5.49 -35.35 -65.79
CA LEU M 1739 5.83 -34.15 -65.03
C LEU M 1739 7.32 -34.07 -64.76
N THR M 1740 7.93 -35.18 -64.35
CA THR M 1740 9.34 -35.16 -63.98
C THR M 1740 10.24 -34.86 -65.17
N VAL M 1741 9.94 -35.45 -66.32
CA VAL M 1741 10.79 -35.24 -67.50
C VAL M 1741 10.70 -33.78 -67.94
N ASN M 1742 9.50 -33.20 -67.95
CA ASN M 1742 9.38 -31.79 -68.31
C ASN M 1742 10.07 -30.90 -67.29
N THR M 1743 9.99 -31.25 -66.01
CA THR M 1743 10.68 -30.48 -64.98
C THR M 1743 12.18 -30.50 -65.20
N ILE M 1744 12.73 -31.67 -65.54
CA ILE M 1744 14.17 -31.77 -65.77
C ILE M 1744 14.57 -30.98 -67.02
N LEU M 1745 13.82 -31.15 -68.11
CA LEU M 1745 14.21 -30.54 -69.37
C LEU M 1745 14.04 -29.02 -69.36
N THR M 1746 13.03 -28.51 -68.67
CA THR M 1746 12.74 -27.09 -68.71
C THR M 1746 13.84 -26.29 -68.02
N SER M 1747 14.02 -26.50 -66.72
CA SER M 1747 15.02 -25.75 -65.97
C SER M 1747 15.63 -26.62 -64.88
N GLU M 1777 29.22 -22.52 -55.20
CA GLU M 1777 30.11 -21.84 -54.27
C GLU M 1777 29.37 -21.35 -53.04
N PHE M 1778 28.38 -20.48 -53.26
CA PHE M 1778 27.63 -19.90 -52.16
C PHE M 1778 26.78 -20.95 -51.47
N VAL M 1779 26.05 -21.76 -52.23
CA VAL M 1779 25.17 -22.79 -51.68
C VAL M 1779 25.90 -24.12 -51.73
N HIS M 1780 26.14 -24.71 -50.56
CA HIS M 1780 26.86 -25.98 -50.49
C HIS M 1780 25.97 -27.18 -50.76
N ASP M 1781 24.66 -27.05 -50.53
CA ASP M 1781 23.74 -28.16 -50.75
C ASP M 1781 23.34 -28.32 -52.20
N ALA M 1782 23.74 -27.41 -53.09
CA ALA M 1782 23.38 -27.49 -54.49
C ALA M 1782 24.07 -28.67 -55.16
N PHE M 1783 23.37 -29.27 -56.12
CA PHE M 1783 23.96 -30.31 -56.95
C PHE M 1783 24.83 -29.68 -58.03
N SER M 1784 25.79 -30.47 -58.52
CA SER M 1784 26.73 -29.96 -59.51
C SER M 1784 25.99 -29.50 -60.77
N ASN M 1785 26.35 -28.30 -61.25
CA ASN M 1785 25.67 -27.74 -62.41
C ASN M 1785 26.06 -28.45 -63.69
N ASP M 1786 27.34 -28.85 -63.80
CA ASP M 1786 27.82 -29.48 -65.03
C ASP M 1786 27.10 -30.80 -65.28
N ALA M 1787 26.98 -31.63 -64.26
CA ALA M 1787 26.28 -32.91 -64.40
C ALA M 1787 24.82 -32.68 -64.74
N LEU M 1788 24.20 -31.67 -64.14
CA LEU M 1788 22.81 -31.36 -64.45
C LEU M 1788 22.64 -30.99 -65.91
N ASN M 1789 23.53 -30.14 -66.43
CA ASN M 1789 23.46 -29.76 -67.83
C ASN M 1789 23.66 -30.96 -68.75
N VAL M 1790 24.63 -31.82 -68.43
CA VAL M 1790 24.89 -32.99 -69.26
C VAL M 1790 23.68 -33.91 -69.26
N LEU M 1791 23.08 -34.13 -68.09
CA LEU M 1791 21.90 -34.98 -68.01
C LEU M 1791 20.74 -34.38 -68.78
N ARG M 1792 20.56 -33.06 -68.71
CA ARG M 1792 19.49 -32.43 -69.47
C ARG M 1792 19.69 -32.63 -70.97
N GLY M 1793 20.92 -32.45 -71.45
CA GLY M 1793 21.19 -32.67 -72.86
C GLY M 1793 20.96 -34.11 -73.28
N MET M 1794 21.39 -35.06 -72.44
CA MET M 1794 21.17 -36.46 -72.73
C MET M 1794 19.67 -36.78 -72.79
N LEU M 1795 18.90 -36.26 -71.84
CA LEU M 1795 17.46 -36.49 -71.85
C LEU M 1795 16.82 -35.85 -73.09
N LYS M 1796 17.31 -34.68 -73.49
CA LYS M 1796 16.75 -34.03 -74.67
C LYS M 1796 17.01 -34.86 -75.93
N GLU M 1797 18.23 -35.38 -76.08
CA GLU M 1797 18.50 -36.20 -77.24
C GLU M 1797 17.71 -37.51 -77.20
N TRP M 1798 17.49 -38.07 -76.00
CA TRP M 1798 16.65 -39.25 -75.90
C TRP M 1798 15.22 -38.95 -76.31
N TRP M 1799 14.69 -37.80 -75.88
CA TRP M 1799 13.35 -37.40 -76.30
C TRP M 1799 13.27 -37.25 -77.81
N ASP M 1800 14.26 -36.60 -78.40
CA ASP M 1800 14.25 -36.41 -79.86
C ASP M 1800 14.31 -37.74 -80.59
N GLU M 1801 15.16 -38.65 -80.14
CA GLU M 1801 15.27 -39.96 -80.79
C GLU M 1801 14.00 -40.77 -80.61
N ALA M 1802 13.39 -40.71 -79.42
CA ALA M 1802 12.15 -41.43 -79.19
C ALA M 1802 11.01 -40.87 -80.03
N LEU M 1803 11.06 -39.57 -80.34
CA LEU M 1803 10.07 -39.00 -81.26
C LEU M 1803 10.17 -39.63 -82.64
N LYS M 1804 11.38 -39.99 -83.07
CA LYS M 1804 11.59 -40.59 -84.38
C LYS M 1804 11.57 -42.12 -84.27
N GLU M 1805 10.43 -42.63 -83.80
CA GLU M 1805 10.07 -44.04 -83.79
C GLU M 1805 11.23 -44.94 -83.32
N ASN M 1806 11.61 -44.76 -82.07
CA ASN M 1806 12.56 -45.64 -81.40
C ASN M 1806 11.93 -46.15 -80.11
N SER M 1807 11.64 -47.45 -80.06
CA SER M 1807 11.01 -48.02 -78.87
C SER M 1807 11.96 -48.03 -77.69
N THR M 1808 13.24 -48.31 -77.93
CA THR M 1808 14.22 -48.38 -76.85
C THR M 1808 14.34 -47.03 -76.15
N ALA M 1809 14.39 -45.94 -76.92
CA ALA M 1809 14.46 -44.62 -76.31
C ALA M 1809 13.21 -44.32 -75.51
N ASP M 1810 12.05 -44.75 -75.99
CA ASP M 1810 10.82 -44.55 -75.24
C ASP M 1810 10.86 -45.29 -73.91
N LEU M 1811 11.33 -46.53 -73.92
CA LEU M 1811 11.44 -47.30 -72.68
C LEU M 1811 12.42 -46.64 -71.73
N LEU M 1812 13.54 -46.15 -72.24
CA LEU M 1812 14.52 -45.45 -71.41
C LEU M 1812 13.89 -44.21 -70.77
N VAL M 1813 13.14 -43.45 -71.55
CA VAL M 1813 12.47 -42.26 -71.02
C VAL M 1813 11.49 -42.63 -69.92
N ASN M 1814 10.74 -43.71 -70.13
CA ASN M 1814 9.79 -44.15 -69.11
C ASN M 1814 10.50 -44.57 -67.83
N SER M 1815 11.64 -45.25 -67.96
CA SER M 1815 12.34 -45.78 -66.80
C SER M 1815 13.27 -44.78 -66.12
N LEU M 1816 13.47 -43.60 -66.72
CA LEU M 1816 14.39 -42.62 -66.13
C LEU M 1816 13.98 -42.24 -64.71
N ALA M 1817 12.69 -41.97 -64.49
CA ALA M 1817 12.24 -41.56 -63.17
C ALA M 1817 12.47 -42.64 -62.13
N SER M 1818 12.14 -43.89 -62.48
CA SER M 1818 12.36 -45.00 -61.57
C SER M 1818 13.84 -45.17 -61.27
N TRP M 1819 14.70 -44.95 -62.26
CA TRP M 1819 16.14 -44.98 -62.00
C TRP M 1819 16.53 -43.88 -61.03
N VAL M 1820 15.95 -42.68 -61.18
CA VAL M 1820 16.29 -41.56 -60.33
C VAL M 1820 15.93 -41.85 -58.88
N GLN M 1821 14.72 -42.36 -58.65
CA GLN M 1821 14.28 -42.61 -57.29
C GLN M 1821 15.05 -43.77 -56.64
N ASN M 1822 15.35 -44.80 -57.41
CA ASN M 1822 15.89 -46.03 -56.83
C ASN M 1822 17.31 -45.84 -56.33
N PRO M 1823 17.59 -46.07 -55.05
CA PRO M 1823 18.98 -45.99 -54.57
C PRO M 1823 19.83 -47.18 -54.98
N ASN M 1824 19.21 -48.30 -55.36
CA ASN M 1824 19.99 -49.47 -55.74
C ASN M 1824 20.82 -49.23 -56.99
N ALA M 1825 20.35 -48.34 -57.87
CA ALA M 1825 21.11 -48.01 -59.07
C ALA M 1825 22.41 -47.31 -58.69
N LYS M 1826 23.46 -47.58 -59.46
CA LYS M 1826 24.75 -46.97 -59.23
C LYS M 1826 24.73 -45.52 -59.74
N LEU M 1827 25.76 -44.76 -59.35
CA LEU M 1827 25.82 -43.33 -59.61
C LEU M 1827 24.62 -42.59 -59.02
N PHE M 1828 24.12 -43.07 -57.90
CA PHE M 1828 22.97 -42.49 -57.24
C PHE M 1828 23.41 -41.51 -56.16
N ASP M 1829 22.88 -40.30 -56.20
CA ASP M 1829 23.15 -39.29 -55.20
C ASP M 1829 21.84 -38.77 -54.65
N GLY M 1830 21.71 -38.76 -53.32
CA GLY M 1830 20.51 -38.22 -52.72
C GLY M 1830 20.35 -36.73 -52.99
N LEU M 1831 21.46 -36.03 -53.18
CA LEU M 1831 21.39 -34.61 -53.51
C LEU M 1831 20.66 -34.40 -54.83
N LEU M 1832 20.95 -35.23 -55.82
CA LEU M 1832 20.26 -35.11 -57.11
C LEU M 1832 18.77 -35.41 -56.97
N ARG M 1833 18.42 -36.42 -56.18
CA ARG M 1833 17.02 -36.72 -55.95
C ARG M 1833 16.30 -35.56 -55.28
N TYR M 1834 16.94 -34.96 -54.28
CA TYR M 1834 16.34 -33.79 -53.63
C TYR M 1834 16.22 -32.63 -54.59
N HIS M 1835 17.22 -32.45 -55.46
CA HIS M 1835 17.15 -31.39 -56.46
C HIS M 1835 15.96 -31.60 -57.39
N VAL M 1836 15.76 -32.82 -57.85
CA VAL M 1836 14.63 -33.12 -58.72
C VAL M 1836 13.32 -32.88 -57.99
N HIS M 1837 13.23 -33.30 -56.74
CA HIS M 1837 12.00 -33.10 -55.97
C HIS M 1837 11.71 -31.62 -55.78
N ASN M 1838 12.73 -30.82 -55.46
CA ASN M 1838 12.55 -29.39 -55.27
C ASN M 1838 12.10 -28.73 -56.57
N LEU M 1839 12.74 -29.10 -57.69
CA LEU M 1839 12.33 -28.54 -58.97
C LEU M 1839 10.91 -28.93 -59.32
N THR M 1840 10.51 -30.15 -58.99
CA THR M 1840 9.13 -30.57 -59.24
C THR M 1840 8.15 -29.76 -58.39
N LYS M 1841 8.51 -29.50 -57.13
CA LYS M 1841 7.69 -28.65 -56.28
C LYS M 1841 7.50 -27.27 -56.92
N LYS M 1842 8.60 -26.65 -57.34
CA LYS M 1842 8.52 -25.33 -57.93
C LYS M 1842 7.71 -25.34 -59.21
N ALA M 1843 7.89 -26.36 -60.05
CA ALA M 1843 7.14 -26.44 -61.30
C ALA M 1843 5.65 -26.61 -61.02
N LEU M 1844 5.29 -27.43 -60.04
CA LEU M 1844 3.87 -27.62 -59.73
C LEU M 1844 3.24 -26.34 -59.22
N LEU M 1845 3.94 -25.62 -58.34
CA LEU M 1845 3.36 -24.37 -57.84
C LEU M 1845 3.26 -23.34 -58.98
N GLN M 1846 4.24 -23.32 -59.88
CA GLN M 1846 4.14 -22.43 -61.03
C GLN M 1846 2.95 -22.77 -61.91
N LEU M 1847 2.71 -24.06 -62.13
CA LEU M 1847 1.57 -24.48 -62.94
C LEU M 1847 0.26 -24.09 -62.26
N VAL M 1848 0.19 -24.24 -60.94
CA VAL M 1848 -1.01 -23.83 -60.22
C VAL M 1848 -1.24 -22.34 -60.37
N ASN M 1849 -0.16 -21.55 -60.26
CA ASN M 1849 -0.28 -20.10 -60.45
C ASN M 1849 -0.76 -19.77 -61.85
N GLU M 1850 -0.20 -20.46 -62.86
CA GLU M 1850 -0.62 -20.21 -64.25
C GLU M 1850 -2.09 -20.53 -64.44
N PHE M 1851 -2.56 -21.65 -63.88
CA PHE M 1851 -3.99 -21.96 -63.93
C PHE M 1851 -4.81 -20.90 -63.21
N SER M 1852 -4.28 -20.33 -62.13
CA SER M 1852 -4.98 -19.28 -61.41
C SER M 1852 -4.93 -17.94 -62.13
N ALA M 1853 -4.07 -17.78 -63.13
CA ALA M 1853 -4.00 -16.50 -63.84
C ALA M 1853 -5.31 -16.17 -64.53
N LEU M 1854 -5.92 -17.15 -65.19
CA LEU M 1854 -7.21 -16.95 -65.82
C LEU M 1854 -8.30 -17.12 -64.77
N GLY M 1855 -9.56 -17.15 -65.21
CA GLY M 1855 -10.64 -17.38 -64.27
C GLY M 1855 -10.74 -18.84 -63.91
N SER M 1856 -10.29 -19.20 -62.70
CA SER M 1856 -10.28 -20.60 -62.29
C SER M 1856 -10.10 -20.66 -60.78
N THR M 1857 -10.59 -21.74 -60.19
CA THR M 1857 -10.44 -22.01 -58.76
C THR M 1857 -9.98 -23.44 -58.58
N ILE M 1858 -8.82 -23.63 -57.96
CA ILE M 1858 -8.24 -24.96 -57.78
C ILE M 1858 -8.91 -25.61 -56.59
N VAL M 1859 -9.63 -26.70 -56.82
CA VAL M 1859 -10.28 -27.42 -55.74
C VAL M 1859 -9.31 -28.41 -55.11
N TYR M 1860 -8.68 -29.25 -55.92
CA TYR M 1860 -7.74 -30.24 -55.43
C TYR M 1860 -6.48 -30.22 -56.28
N ALA M 1861 -5.36 -30.55 -55.64
CA ALA M 1861 -4.07 -30.61 -56.32
C ALA M 1861 -3.33 -31.87 -55.90
N ASP M 1862 -2.47 -32.35 -56.80
CA ASP M 1862 -1.69 -33.57 -56.58
C ASP M 1862 -0.69 -33.69 -57.73
N ARG M 1863 0.16 -34.70 -57.65
CA ARG M 1863 1.07 -35.03 -58.74
C ARG M 1863 0.37 -35.71 -59.91
N ASN M 1864 -0.89 -36.14 -59.73
CA ASN M 1864 -1.55 -36.92 -60.75
C ASN M 1864 -2.92 -36.35 -61.12
N GLN M 1865 -3.57 -35.67 -60.18
CA GLN M 1865 -4.93 -35.18 -60.39
C GLN M 1865 -5.02 -33.71 -60.03
N ILE M 1866 -5.76 -32.97 -60.87
CA ILE M 1866 -6.06 -31.56 -60.63
C ILE M 1866 -7.53 -31.33 -60.93
N LEU M 1867 -8.24 -30.70 -60.00
CA LEU M 1867 -9.63 -30.31 -60.20
C LEU M 1867 -9.71 -28.80 -60.27
N ILE M 1868 -10.39 -28.29 -61.29
CA ILE M 1868 -10.48 -26.85 -61.55
C ILE M 1868 -11.94 -26.45 -61.60
N LYS M 1869 -12.29 -25.40 -60.87
CA LYS M 1869 -13.63 -24.86 -60.89
C LYS M 1869 -13.82 -23.94 -62.09
N THR M 1870 -14.84 -24.21 -62.90
CA THR M 1870 -15.11 -23.44 -64.10
C THR M 1870 -16.14 -22.36 -63.80
N ASN M 1871 -15.97 -21.21 -64.46
CA ASN M 1871 -16.85 -20.07 -64.21
C ASN M 1871 -18.29 -20.34 -64.65
N LYS M 1872 -18.47 -21.11 -65.72
CA LYS M 1872 -19.78 -21.27 -66.33
C LYS M 1872 -20.65 -22.20 -65.51
N TYR M 1873 -21.90 -22.39 -65.96
CA TYR M 1873 -22.86 -23.23 -65.27
C TYR M 1873 -23.27 -24.47 -66.04
N SER M 1874 -23.11 -24.49 -67.36
CA SER M 1874 -23.53 -25.62 -68.17
C SER M 1874 -22.33 -26.34 -68.77
N PRO M 1875 -22.25 -27.66 -68.62
CA PRO M 1875 -21.11 -28.39 -69.20
C PRO M 1875 -21.02 -28.24 -70.70
N GLU M 1876 -22.16 -28.12 -71.39
CA GLU M 1876 -22.15 -27.99 -72.84
C GLU M 1876 -21.42 -26.74 -73.31
N ASN M 1877 -21.32 -25.72 -72.46
CA ASN M 1877 -20.73 -24.45 -72.85
C ASN M 1877 -19.23 -24.38 -72.58
N CYS M 1878 -18.64 -25.40 -71.97
CA CYS M 1878 -17.25 -25.38 -71.57
C CYS M 1878 -16.33 -26.11 -72.55
N TYR M 1879 -16.86 -26.50 -73.71
CA TYR M 1879 -16.09 -27.28 -74.68
C TYR M 1879 -14.94 -26.46 -75.23
N ALA M 1880 -15.26 -25.36 -75.92
CA ALA M 1880 -14.23 -24.49 -76.49
C ALA M 1880 -13.40 -23.86 -75.38
N TYR M 1881 -14.01 -23.53 -74.25
CA TYR M 1881 -13.27 -22.93 -73.15
C TYR M 1881 -12.17 -23.87 -72.66
N SER M 1882 -12.54 -25.12 -72.37
CA SER M 1882 -11.55 -26.08 -71.88
C SER M 1882 -10.48 -26.34 -72.93
N GLN M 1883 -10.88 -26.48 -74.19
CA GLN M 1883 -9.89 -26.76 -75.23
C GLN M 1883 -8.92 -25.59 -75.39
N TYR M 1884 -9.42 -24.35 -75.37
CA TYR M 1884 -8.54 -23.20 -75.45
C TYR M 1884 -7.61 -23.13 -74.25
N MET M 1885 -8.14 -23.41 -73.06
CA MET M 1885 -7.30 -23.34 -71.86
C MET M 1885 -6.18 -24.35 -71.92
N MET M 1886 -6.50 -25.60 -72.29
CA MET M 1886 -5.45 -26.62 -72.35
C MET M 1886 -4.46 -26.32 -73.47
N LYS M 1887 -4.94 -25.79 -74.60
CA LYS M 1887 -4.04 -25.41 -75.68
C LYS M 1887 -3.08 -24.33 -75.24
N ALA M 1888 -3.58 -23.31 -74.55
CA ALA M 1888 -2.73 -22.24 -74.05
C ALA M 1888 -1.73 -22.78 -73.03
N VAL M 1889 -2.16 -23.71 -72.19
CA VAL M 1889 -1.26 -24.31 -71.21
C VAL M 1889 -0.13 -25.06 -71.92
N ARG M 1890 -0.48 -25.84 -72.95
CA ARG M 1890 0.52 -26.61 -73.68
C ARG M 1890 1.49 -25.70 -74.40
N THR M 1891 1.00 -24.61 -75.00
CA THR M 1891 1.86 -23.70 -75.75
C THR M 1891 2.84 -22.94 -74.87
N ASN M 1892 2.64 -22.94 -73.55
CA ASN M 1892 3.58 -22.28 -72.67
C ASN M 1892 4.93 -22.97 -72.74
N PRO M 1893 6.04 -22.22 -72.89
CA PRO M 1893 7.35 -22.87 -73.09
C PRO M 1893 7.75 -23.82 -71.96
N MET M 1894 7.46 -23.47 -70.71
CA MET M 1894 7.82 -24.33 -69.60
C MET M 1894 6.90 -25.52 -69.46
N PHE M 1895 5.74 -25.51 -70.10
CA PHE M 1895 4.81 -26.63 -70.09
C PHE M 1895 4.64 -27.24 -71.47
N SER M 1896 5.72 -27.25 -72.26
CA SER M 1896 5.64 -27.74 -73.63
C SER M 1896 5.46 -29.25 -73.67
N TYR M 1897 6.15 -29.97 -72.78
CA TYR M 1897 6.19 -31.42 -72.83
C TYR M 1897 5.12 -32.09 -71.98
N LEU M 1898 4.29 -31.34 -71.28
CA LEU M 1898 3.27 -31.94 -70.43
C LEU M 1898 2.20 -32.63 -71.27
N ASP M 1899 1.58 -33.64 -70.66
CA ASP M 1899 0.48 -34.37 -71.28
C ASP M 1899 -0.76 -34.18 -70.42
N LEU M 1900 -1.78 -33.55 -70.99
CA LEU M 1900 -2.98 -33.20 -70.26
C LEU M 1900 -4.18 -33.95 -70.84
N ASN M 1901 -4.91 -34.62 -69.97
CA ASN M 1901 -6.10 -35.38 -70.36
C ASN M 1901 -7.26 -35.00 -69.46
N ILE M 1902 -8.44 -34.87 -70.06
CA ILE M 1902 -9.67 -34.54 -69.32
C ILE M 1902 -10.47 -35.83 -69.15
N LYS M 1903 -10.87 -36.11 -67.90
CA LYS M 1903 -11.52 -37.37 -67.58
C LYS M 1903 -13.02 -37.22 -67.38
N ARG M 1904 -13.44 -36.34 -66.49
CA ARG M 1904 -14.85 -36.23 -66.12
C ARG M 1904 -15.26 -34.77 -66.03
N TYR M 1905 -16.55 -34.54 -66.23
CA TYR M 1905 -17.17 -33.23 -66.05
C TYR M 1905 -18.20 -33.33 -64.94
N TRP M 1906 -18.15 -32.40 -64.00
CA TRP M 1906 -18.98 -32.45 -62.80
C TRP M 1906 -20.11 -31.44 -62.91
N ASP M 1907 -21.33 -31.89 -62.63
CA ASP M 1907 -22.50 -31.02 -62.65
C ASP M 1907 -22.72 -30.34 -61.31
N LEU M 1908 -22.70 -31.10 -60.21
CA LEU M 1908 -22.92 -30.57 -58.87
C LEU M 1908 -22.11 -31.42 -57.90
N LEU M 1909 -21.18 -30.80 -57.19
CA LEU M 1909 -20.19 -31.52 -56.40
C LEU M 1909 -20.30 -31.14 -54.93
N ILE M 1910 -20.11 -32.11 -54.06
CA ILE M 1910 -20.00 -31.90 -52.62
C ILE M 1910 -18.62 -32.42 -52.23
N TRP M 1911 -17.63 -31.54 -52.23
CA TRP M 1911 -16.24 -31.93 -52.03
C TRP M 1911 -15.78 -31.49 -50.66
N MET M 1912 -15.30 -32.44 -49.85
CA MET M 1912 -14.73 -32.13 -48.56
C MET M 1912 -13.38 -32.80 -48.38
N ASP M 1913 -13.17 -33.92 -49.07
CA ASP M 1913 -11.91 -34.64 -48.95
C ASP M 1913 -11.71 -35.54 -50.16
N LYS M 1914 -10.46 -35.99 -50.32
CA LYS M 1914 -10.12 -36.87 -51.43
C LYS M 1914 -10.91 -38.17 -51.36
N PHE M 1915 -11.13 -38.69 -50.16
CA PHE M 1915 -11.76 -39.98 -49.96
C PHE M 1915 -13.23 -39.86 -49.58
N ASN M 1916 -13.78 -38.64 -49.58
CA ASN M 1916 -15.14 -38.42 -49.10
C ASN M 1916 -15.78 -37.33 -49.96
N PHE M 1917 -16.56 -37.75 -50.96
CA PHE M 1917 -17.25 -36.81 -51.82
C PHE M 1917 -18.42 -37.50 -52.48
N SER M 1918 -19.36 -36.69 -52.97
CA SER M 1918 -20.51 -37.18 -53.71
C SER M 1918 -20.98 -36.10 -54.66
N GLY M 1919 -21.39 -36.50 -55.85
CA GLY M 1919 -21.83 -35.51 -56.82
C GLY M 1919 -22.33 -36.17 -58.09
N LEU M 1920 -22.80 -35.33 -59.00
CA LEU M 1920 -23.30 -35.77 -60.30
C LEU M 1920 -22.26 -35.49 -61.36
N ALA M 1921 -21.98 -36.49 -62.20
CA ALA M 1921 -20.92 -36.39 -63.19
C ALA M 1921 -21.40 -36.89 -64.54
N CYS M 1922 -20.85 -36.28 -65.59
CA CYS M 1922 -21.00 -36.75 -66.96
C CYS M 1922 -19.61 -37.01 -67.52
N ILE M 1923 -19.47 -38.14 -68.23
CA ILE M 1923 -18.14 -38.57 -68.69
C ILE M 1923 -17.55 -37.55 -69.65
N GLU M 1924 -18.21 -37.33 -70.77
CA GLU M 1924 -17.75 -36.38 -71.77
C GLU M 1924 -18.95 -35.76 -72.46
N ILE M 1925 -18.82 -34.48 -72.80
CA ILE M 1925 -19.93 -33.73 -73.37
C ILE M 1925 -20.10 -34.10 -74.84
N GLU M 1926 -21.31 -34.55 -75.18
CA GLU M 1926 -21.65 -34.88 -76.56
C GLU M 1926 -22.36 -33.70 -77.21
N GLU M 1927 -22.73 -33.88 -78.47
CA GLU M 1927 -23.33 -32.82 -79.27
C GLU M 1927 -24.77 -33.17 -79.62
N LYS M 1928 -25.63 -32.15 -79.59
CA LYS M 1928 -27.04 -32.23 -79.98
C LYS M 1928 -27.87 -33.15 -79.09
N GLU M 1929 -27.27 -33.68 -78.02
CA GLU M 1929 -27.97 -34.58 -77.12
C GLU M 1929 -27.68 -34.19 -75.67
N ASN M 1930 -28.66 -34.39 -74.81
CA ASN M 1930 -28.45 -34.18 -73.38
C ASN M 1930 -27.52 -35.27 -72.84
N GLN M 1931 -26.53 -34.84 -72.05
CA GLN M 1931 -25.51 -35.76 -71.60
C GLN M 1931 -26.05 -36.76 -70.58
N ASP M 1932 -25.30 -37.84 -70.38
CA ASP M 1932 -25.63 -38.84 -69.38
C ASP M 1932 -25.06 -38.43 -68.02
N TYR M 1933 -25.93 -38.39 -67.01
CA TYR M 1933 -25.54 -38.00 -65.66
C TYR M 1933 -25.62 -39.20 -64.73
N THR M 1934 -24.54 -39.44 -64.00
CA THR M 1934 -24.47 -40.52 -63.03
C THR M 1934 -24.08 -39.96 -61.67
N ALA M 1935 -24.59 -40.60 -60.62
CA ALA M 1935 -24.35 -40.15 -59.25
C ALA M 1935 -23.28 -41.02 -58.61
N VAL M 1936 -22.33 -40.38 -57.94
CA VAL M 1936 -21.27 -41.08 -57.22
C VAL M 1936 -21.45 -40.82 -55.73
N SER M 1937 -21.01 -41.79 -54.92
CA SER M 1937 -21.15 -41.69 -53.47
C SER M 1937 -19.99 -42.44 -52.84
N GLN M 1938 -18.94 -41.72 -52.47
CA GLN M 1938 -17.77 -42.29 -51.80
C GLN M 1938 -17.64 -41.61 -50.45
N TRP M 1939 -17.91 -42.35 -49.37
CA TRP M 1939 -17.93 -41.80 -48.02
C TRP M 1939 -17.36 -42.82 -47.05
N GLN M 1940 -16.09 -42.63 -46.67
CA GLN M 1940 -15.53 -43.48 -45.62
C GLN M 1940 -16.22 -43.24 -44.29
N LEU M 1941 -16.72 -42.02 -44.07
CA LEU M 1941 -17.42 -41.71 -42.83
C LEU M 1941 -18.62 -42.63 -42.61
N LYS M 1942 -19.19 -43.15 -43.70
CA LYS M 1942 -20.30 -44.08 -43.57
C LYS M 1942 -19.91 -45.34 -42.80
N LYS M 1943 -18.65 -45.76 -42.90
CA LYS M 1943 -18.23 -47.00 -42.27
C LYS M 1943 -18.26 -46.90 -40.74
N PHE M 1944 -17.99 -45.72 -40.20
CA PHE M 1944 -17.90 -45.55 -38.75
C PHE M 1944 -19.26 -45.42 -38.09
N LEU M 1945 -20.35 -45.55 -38.84
CA LEU M 1945 -21.68 -45.49 -38.26
C LEU M 1945 -22.07 -46.86 -37.69
N SER M 1946 -23.16 -46.86 -36.93
CA SER M 1946 -23.73 -48.11 -36.46
C SER M 1946 -24.32 -48.88 -37.63
N PRO M 1947 -24.35 -50.22 -37.55
CA PRO M 1947 -24.84 -51.01 -38.69
C PRO M 1947 -26.28 -50.70 -39.09
N ILE M 1948 -27.12 -50.26 -38.16
CA ILE M 1948 -28.53 -50.05 -38.49
C ILE M 1948 -28.82 -48.66 -39.03
N TYR M 1949 -27.90 -47.71 -38.89
CA TYR M 1949 -28.15 -46.34 -39.33
C TYR M 1949 -27.52 -46.00 -40.67
N GLN M 1950 -26.61 -46.85 -41.17
CA GLN M 1950 -26.01 -46.60 -42.47
C GLN M 1950 -27.02 -46.53 -43.61
N PRO M 1951 -28.04 -47.41 -43.68
CA PRO M 1951 -29.07 -47.20 -44.71
C PRO M 1951 -29.75 -45.85 -44.60
N GLU M 1952 -30.03 -45.38 -43.38
CA GLU M 1952 -30.65 -44.07 -43.21
C GLU M 1952 -29.71 -42.97 -43.73
N PHE M 1953 -28.42 -43.08 -43.42
CA PHE M 1953 -27.46 -42.10 -43.90
C PHE M 1953 -27.44 -42.07 -45.43
N GLU M 1954 -27.42 -43.24 -46.05
CA GLU M 1954 -27.40 -43.31 -47.51
C GLU M 1954 -28.65 -42.66 -48.10
N ASP M 1955 -29.82 -43.02 -47.55
CA ASP M 1955 -31.07 -42.49 -48.09
C ASP M 1955 -31.14 -40.98 -47.96
N TRP M 1956 -30.73 -40.45 -46.81
CA TRP M 1956 -30.83 -39.00 -46.61
C TRP M 1956 -29.79 -38.26 -47.43
N MET M 1957 -28.61 -38.84 -47.65
CA MET M 1957 -27.66 -38.24 -48.57
C MET M 1957 -28.23 -38.17 -49.98
N MET M 1958 -28.87 -39.25 -50.42
CA MET M 1958 -29.50 -39.22 -51.74
C MET M 1958 -30.58 -38.14 -51.81
N ILE M 1959 -31.40 -38.02 -50.76
CA ILE M 1959 -32.48 -37.05 -50.77
C ILE M 1959 -31.94 -35.63 -50.83
N ILE M 1960 -30.91 -35.32 -50.02
CA ILE M 1960 -30.39 -33.97 -50.00
C ILE M 1960 -29.71 -33.62 -51.32
N LEU M 1961 -29.01 -34.59 -51.91
CA LEU M 1961 -28.42 -34.34 -53.23
C LEU M 1961 -29.51 -34.06 -54.26
N ASP M 1962 -30.60 -34.82 -54.21
CA ASP M 1962 -31.72 -34.57 -55.13
C ASP M 1962 -32.29 -33.17 -54.92
N SER M 1963 -32.44 -32.76 -53.66
CA SER M 1963 -32.99 -31.43 -53.38
C SER M 1963 -32.09 -30.33 -53.91
N MET M 1964 -30.78 -30.46 -53.71
CA MET M 1964 -29.86 -29.45 -54.22
C MET M 1964 -29.90 -29.39 -55.75
N LEU M 1965 -29.96 -30.54 -56.40
CA LEU M 1965 -30.07 -30.55 -57.85
C LEU M 1965 -31.35 -29.86 -58.29
N LYS M 1966 -32.46 -30.13 -57.61
CA LYS M 1966 -33.74 -29.54 -57.97
C LYS M 1966 -33.71 -28.02 -57.84
N THR M 1967 -33.14 -27.52 -56.73
CA THR M 1967 -33.14 -26.07 -56.54
C THR M 1967 -32.20 -25.38 -57.53
N LYS M 1968 -31.06 -26.01 -57.85
CA LYS M 1968 -30.19 -25.41 -58.86
C LYS M 1968 -30.88 -25.37 -60.21
N GLN M 1969 -31.60 -26.44 -60.58
CA GLN M 1969 -32.31 -26.44 -61.85
C GLN M 1969 -33.40 -25.37 -61.88
N SER M 1970 -34.13 -25.22 -60.77
CA SER M 1970 -35.18 -24.19 -60.72
C SER M 1970 -34.59 -22.79 -60.85
N TYR M 1971 -33.48 -22.53 -60.14
CA TYR M 1971 -32.84 -21.22 -60.25
C TYR M 1971 -32.37 -20.95 -61.67
N LEU M 1972 -31.76 -21.96 -62.31
CA LEU M 1972 -31.32 -21.78 -63.69
C LEU M 1972 -32.50 -21.53 -64.62
N LYS M 1973 -33.63 -22.18 -64.35
CA LYS M 1973 -34.84 -21.92 -65.13
C LYS M 1973 -35.34 -20.50 -64.92
N LEU M 1974 -35.17 -19.95 -63.73
CA LEU M 1974 -35.64 -18.58 -63.47
C LEU M 1974 -34.94 -17.57 -64.37
N ASN M 1975 -33.63 -17.72 -64.56
CA ASN M 1975 -32.88 -16.79 -65.39
C ASN M 1975 -32.65 -17.35 -66.78
N SER M 1995 -21.45 -13.03 -50.68
CA SER M 1995 -21.00 -14.26 -51.30
C SER M 1995 -22.13 -15.27 -51.39
N VAL M 1996 -23.36 -14.78 -51.50
CA VAL M 1996 -24.53 -15.63 -51.55
C VAL M 1996 -24.83 -15.99 -53.00
N GLU M 1997 -25.40 -17.18 -53.19
CA GLU M 1997 -25.83 -17.64 -54.51
C GLU M 1997 -27.21 -18.27 -54.36
N ASN M 1998 -28.18 -17.72 -55.08
CA ASN M 1998 -29.54 -18.25 -55.04
C ASN M 1998 -29.67 -19.59 -55.74
N SER M 1999 -28.59 -20.11 -56.32
CA SER M 1999 -28.64 -21.42 -56.94
C SER M 1999 -29.01 -22.49 -55.93
N LEU M 2000 -28.51 -22.37 -54.70
CA LEU M 2000 -28.75 -23.37 -53.67
C LEU M 2000 -29.57 -22.87 -52.50
N ASN M 2001 -29.67 -21.55 -52.30
CA ASN M 2001 -30.38 -21.02 -51.14
C ASN M 2001 -31.83 -21.46 -51.12
N GLY M 2002 -32.31 -21.88 -49.96
CA GLY M 2002 -33.66 -22.35 -49.81
C GLY M 2002 -33.86 -23.81 -50.12
N PHE M 2003 -32.80 -24.60 -50.21
CA PHE M 2003 -32.93 -26.01 -50.56
C PHE M 2003 -33.37 -26.88 -49.39
N SER M 2004 -33.11 -26.46 -48.15
CA SER M 2004 -33.46 -27.28 -47.01
C SER M 2004 -34.94 -27.21 -46.66
N HIS M 2005 -35.69 -26.29 -47.27
CA HIS M 2005 -37.13 -26.22 -47.02
C HIS M 2005 -37.88 -27.42 -47.58
N LEU M 2006 -37.24 -28.21 -48.45
CA LEU M 2006 -37.94 -29.33 -49.08
C LEU M 2006 -38.10 -30.51 -48.13
N PHE M 2007 -37.09 -30.78 -47.29
CA PHE M 2007 -37.04 -32.02 -46.53
C PHE M 2007 -36.93 -31.81 -45.02
N SER M 2008 -37.38 -30.67 -44.52
CA SER M 2008 -37.21 -30.38 -43.10
C SER M 2008 -38.11 -31.26 -42.23
N LYS M 2009 -39.42 -31.13 -42.42
CA LYS M 2009 -40.37 -31.83 -41.54
C LYS M 2009 -40.24 -33.34 -41.60
N PRO M 2010 -40.14 -33.98 -42.77
CA PRO M 2010 -39.93 -35.44 -42.77
C PRO M 2010 -38.66 -35.84 -42.04
N LEU M 2011 -37.59 -35.06 -42.20
CA LEU M 2011 -36.35 -35.37 -41.50
C LEU M 2011 -36.54 -35.29 -40.00
N MET M 2012 -37.23 -34.26 -39.52
CA MET M 2012 -37.45 -34.12 -38.08
C MET M 2012 -38.29 -35.28 -37.54
N LYS M 2013 -39.36 -35.64 -38.26
CA LYS M 2013 -40.19 -36.74 -37.80
C LYS M 2013 -39.42 -38.06 -37.77
N ARG M 2014 -38.59 -38.29 -38.79
CA ARG M 2014 -37.79 -39.51 -38.83
C ARG M 2014 -36.78 -39.54 -37.69
N VAL M 2015 -36.17 -38.39 -37.38
CA VAL M 2015 -35.21 -38.35 -36.28
C VAL M 2015 -35.91 -38.64 -34.96
N LYS M 2016 -37.12 -38.09 -34.77
CA LYS M 2016 -37.87 -38.39 -33.56
C LYS M 2016 -38.18 -39.88 -33.45
N LYS M 2017 -38.60 -40.49 -34.55
CA LYS M 2017 -38.91 -41.92 -34.53
C LYS M 2017 -37.68 -42.75 -34.21
N LEU M 2018 -36.54 -42.40 -34.82
CA LEU M 2018 -35.30 -43.10 -34.54
C LEU M 2018 -34.91 -42.98 -33.08
N PHE M 2019 -35.05 -41.78 -32.51
CA PHE M 2019 -34.72 -41.58 -31.12
C PHE M 2019 -35.61 -42.42 -30.21
N LYS M 2020 -36.91 -42.46 -30.50
CA LYS M 2020 -37.81 -43.26 -29.68
C LYS M 2020 -37.45 -44.74 -29.73
N ASN M 2021 -37.20 -45.26 -30.94
CA ASN M 2021 -36.87 -46.68 -31.06
C ASN M 2021 -35.55 -47.00 -30.37
N GLN M 2022 -34.54 -46.14 -30.53
CA GLN M 2022 -33.26 -46.39 -29.87
C GLN M 2022 -33.44 -46.38 -28.35
N GLN M 2023 -34.21 -45.43 -27.82
CA GLN M 2023 -34.48 -45.41 -26.40
C GLN M 2023 -35.16 -46.70 -25.95
N GLU M 2024 -36.07 -47.22 -26.78
CA GLU M 2024 -36.82 -48.41 -26.37
C GLU M 2024 -35.95 -49.66 -26.37
N PHE M 2025 -35.11 -49.85 -27.39
CA PHE M 2025 -34.49 -51.15 -27.60
C PHE M 2025 -32.97 -51.14 -27.43
N ILE M 2026 -32.41 -50.16 -26.71
CA ILE M 2026 -30.96 -50.12 -26.57
C ILE M 2026 -30.46 -51.17 -25.57
N LEU M 2027 -31.20 -51.41 -24.50
CA LEU M 2027 -30.76 -52.36 -23.47
C LEU M 2027 -31.18 -53.80 -23.72
N ASP M 2028 -31.87 -54.10 -24.82
CA ASP M 2028 -32.23 -55.48 -25.07
C ASP M 2028 -31.00 -56.30 -25.49
N PRO M 2029 -30.89 -57.54 -25.03
CA PRO M 2029 -29.71 -58.34 -25.36
C PRO M 2029 -29.71 -58.87 -26.78
N GLN M 2030 -30.88 -59.29 -27.27
CA GLN M 2030 -30.96 -59.81 -28.63
C GLN M 2030 -30.88 -58.72 -29.67
N TYR M 2031 -31.16 -57.47 -29.31
CA TYR M 2031 -30.99 -56.34 -30.21
C TYR M 2031 -29.65 -55.65 -30.04
N GLU M 2032 -28.76 -56.19 -29.22
CA GLU M 2032 -27.47 -55.55 -28.98
C GLU M 2032 -26.53 -55.67 -30.18
N ALA M 2033 -26.87 -56.48 -31.18
CA ALA M 2033 -25.96 -56.68 -32.30
C ALA M 2033 -25.90 -55.46 -33.20
N ASP M 2034 -27.06 -54.88 -33.53
CA ASP M 2034 -27.11 -53.82 -34.52
C ASP M 2034 -26.65 -52.47 -33.98
N TYR M 2035 -26.48 -52.32 -32.67
CA TYR M 2035 -26.00 -51.09 -32.08
C TYR M 2035 -24.50 -51.12 -31.80
N VAL M 2036 -23.80 -52.18 -32.21
CA VAL M 2036 -22.38 -52.30 -31.94
C VAL M 2036 -21.63 -51.33 -32.84
N ILE M 2037 -20.81 -50.47 -32.23
CA ILE M 2037 -20.01 -49.52 -32.99
C ILE M 2037 -18.81 -50.25 -33.57
N PRO M 2038 -18.65 -50.28 -34.89
CA PRO M 2038 -17.53 -51.00 -35.49
C PRO M 2038 -16.20 -50.34 -35.14
N VAL M 2039 -15.15 -51.16 -35.13
CA VAL M 2039 -13.78 -50.69 -34.89
C VAL M 2039 -12.98 -50.87 -36.17
N LEU M 2040 -12.25 -49.82 -36.54
CA LEU M 2040 -11.46 -49.78 -37.76
C LEU M 2040 -10.10 -49.20 -37.44
N PRO M 2041 -9.08 -49.51 -38.24
CA PRO M 2041 -7.77 -48.89 -38.03
C PRO M 2041 -7.87 -47.37 -38.12
N GLY M 2042 -7.13 -46.70 -37.25
CA GLY M 2042 -7.17 -45.25 -37.21
C GLY M 2042 -8.30 -44.64 -36.41
N SER M 2043 -9.17 -45.46 -35.83
CA SER M 2043 -10.26 -44.93 -35.01
C SER M 2043 -9.74 -44.60 -33.62
N HIS M 2044 -10.04 -43.39 -33.15
CA HIS M 2044 -9.59 -42.95 -31.84
C HIS M 2044 -10.68 -42.39 -30.96
N LEU M 2045 -11.84 -42.02 -31.51
CA LEU M 2045 -12.90 -41.42 -30.71
C LEU M 2045 -13.66 -42.50 -29.95
N ASN M 2046 -13.91 -42.23 -28.67
CA ASN M 2046 -14.72 -43.10 -27.82
C ASN M 2046 -16.00 -42.36 -27.48
N VAL M 2047 -17.13 -42.82 -28.02
CA VAL M 2047 -18.40 -42.15 -27.83
C VAL M 2047 -19.49 -43.21 -27.70
N LYS M 2048 -20.65 -42.79 -27.19
CA LYS M 2048 -21.65 -43.72 -26.69
C LYS M 2048 -22.90 -43.80 -27.57
N ASN M 2049 -23.56 -42.67 -27.83
CA ASN M 2049 -24.88 -42.71 -28.45
C ASN M 2049 -24.74 -42.64 -29.97
N PRO M 2050 -25.17 -43.66 -30.71
CA PRO M 2050 -24.94 -43.67 -32.17
C PRO M 2050 -25.73 -42.60 -32.90
N LEU M 2051 -26.98 -42.36 -32.50
CA LEU M 2051 -27.80 -41.37 -33.18
C LEU M 2051 -27.15 -39.99 -33.15
N LEU M 2052 -26.38 -39.70 -32.10
CA LEU M 2052 -25.69 -38.43 -32.03
C LEU M 2052 -24.68 -38.28 -33.17
N GLU M 2053 -23.89 -39.33 -33.43
CA GLU M 2053 -22.94 -39.23 -34.53
C GLU M 2053 -23.64 -39.24 -35.87
N LEU M 2054 -24.75 -39.98 -35.99
CA LEU M 2054 -25.53 -39.94 -37.22
C LEU M 2054 -25.95 -38.51 -37.54
N VAL M 2055 -26.58 -37.84 -36.59
CA VAL M 2055 -27.06 -36.48 -36.86
C VAL M 2055 -25.89 -35.51 -36.99
N LYS M 2056 -24.80 -35.73 -36.25
CA LYS M 2056 -23.64 -34.85 -36.36
C LYS M 2056 -23.04 -34.91 -37.75
N SER M 2057 -22.88 -36.11 -38.31
CA SER M 2057 -22.36 -36.24 -39.66
C SER M 2057 -23.36 -35.69 -40.67
N LEU M 2058 -24.64 -35.97 -40.49
CA LEU M 2058 -25.65 -35.49 -41.43
C LEU M 2058 -25.76 -33.98 -41.43
N CYS M 2059 -25.38 -33.33 -40.33
CA CYS M 2059 -25.36 -31.87 -40.29
C CYS M 2059 -24.04 -31.30 -40.80
N HIS M 2060 -22.92 -31.95 -40.48
CA HIS M 2060 -21.63 -31.46 -40.96
C HIS M 2060 -21.53 -31.57 -42.47
N VAL M 2061 -22.18 -32.56 -43.08
CA VAL M 2061 -22.16 -32.65 -44.54
C VAL M 2061 -22.91 -31.48 -45.16
N MET M 2062 -23.99 -31.04 -44.51
CA MET M 2062 -24.74 -29.89 -45.03
C MET M 2062 -24.00 -28.58 -44.77
N LEU M 2063 -23.27 -28.49 -43.65
CA LEU M 2063 -22.64 -27.23 -43.25
C LEU M 2063 -21.54 -26.78 -44.20
N LEU M 2064 -21.08 -27.65 -45.10
CA LEU M 2064 -20.02 -27.31 -46.04
C LEU M 2064 -20.44 -26.27 -47.07
N SER M 2065 -21.67 -25.73 -46.96
CA SER M 2065 -22.19 -24.83 -48.00
C SER M 2065 -21.34 -23.57 -48.12
N LYS M 2066 -20.95 -22.98 -46.98
CA LYS M 2066 -20.18 -21.74 -46.92
C LYS M 2066 -20.97 -20.55 -47.47
N SER M 2067 -22.22 -20.78 -47.86
CA SER M 2067 -23.09 -19.69 -48.30
C SER M 2067 -24.50 -19.76 -47.72
N THR M 2068 -24.91 -20.90 -47.15
CA THR M 2068 -26.22 -21.01 -46.53
C THR M 2068 -26.06 -21.41 -45.06
N ILE M 2069 -25.14 -20.73 -44.37
CA ILE M 2069 -24.76 -21.15 -43.02
C ILE M 2069 -25.93 -21.03 -42.06
N LEU M 2070 -26.66 -19.92 -42.12
CA LEU M 2070 -27.67 -19.63 -41.09
C LEU M 2070 -28.80 -20.66 -41.11
N GLU M 2071 -29.26 -21.02 -42.30
CA GLU M 2071 -30.34 -22.01 -42.39
C GLU M 2071 -29.90 -23.36 -41.84
N ILE M 2072 -28.67 -23.77 -42.16
CA ILE M 2072 -28.13 -25.01 -41.64
C ILE M 2072 -28.02 -24.95 -40.12
N ARG M 2073 -27.59 -23.81 -39.58
CA ARG M 2073 -27.45 -23.69 -38.14
C ARG M 2073 -28.81 -23.76 -37.45
N THR M 2074 -29.83 -23.12 -38.02
CA THR M 2074 -31.16 -23.23 -37.46
C THR M 2074 -31.65 -24.67 -37.47
N LEU M 2075 -31.43 -25.38 -38.58
CA LEU M 2075 -31.85 -26.77 -38.64
C LEU M 2075 -31.10 -27.62 -37.62
N ARG M 2076 -29.80 -27.37 -37.45
CA ARG M 2076 -29.00 -28.12 -36.50
C ARG M 2076 -29.46 -27.86 -35.06
N LYS M 2077 -29.76 -26.61 -34.73
CA LYS M 2077 -30.26 -26.32 -33.39
C LYS M 2077 -31.60 -26.99 -33.16
N GLU M 2078 -32.48 -26.97 -34.17
CA GLU M 2078 -33.77 -27.64 -34.03
C GLU M 2078 -33.60 -29.14 -33.83
N LEU M 2079 -32.65 -29.74 -34.56
CA LEU M 2079 -32.38 -31.16 -34.39
C LEU M 2079 -31.84 -31.46 -32.99
N LEU M 2080 -30.92 -30.63 -32.51
CA LEU M 2080 -30.34 -30.83 -31.19
C LEU M 2080 -31.36 -30.60 -30.09
N LYS M 2081 -32.41 -29.82 -30.34
CA LYS M 2081 -33.47 -29.65 -29.36
C LYS M 2081 -34.24 -30.93 -29.11
N ILE M 2082 -34.23 -31.88 -30.05
CA ILE M 2082 -34.85 -33.18 -29.81
C ILE M 2082 -34.17 -33.88 -28.65
N PHE M 2083 -32.84 -33.87 -28.64
CA PHE M 2083 -32.10 -34.28 -27.47
C PHE M 2083 -32.08 -33.14 -26.44
N GLU M 2084 -31.63 -33.46 -25.24
CA GLU M 2084 -31.55 -32.45 -24.19
C GLU M 2084 -30.15 -31.83 -24.14
N LEU M 2085 -29.75 -31.29 -25.27
CA LEU M 2085 -28.42 -30.70 -25.44
C LEU M 2085 -28.54 -29.24 -25.84
N ARG M 2086 -27.39 -28.61 -26.06
CA ARG M 2086 -27.33 -27.18 -26.33
C ARG M 2086 -26.50 -26.93 -27.58
N GLU M 2087 -26.66 -25.73 -28.15
CA GLU M 2087 -26.18 -25.45 -29.50
C GLU M 2087 -24.66 -25.55 -29.60
N PHE M 2088 -23.94 -25.02 -28.61
CA PHE M 2088 -22.48 -24.96 -28.67
C PHE M 2088 -21.81 -25.95 -27.73
N ALA M 2089 -22.50 -27.01 -27.34
CA ALA M 2089 -21.94 -27.99 -26.42
C ALA M 2089 -20.78 -28.74 -27.06
N LYS M 2090 -19.86 -29.21 -26.21
CA LYS M 2090 -18.70 -29.95 -26.70
C LYS M 2090 -19.11 -31.25 -27.35
N VAL M 2091 -20.07 -31.97 -26.76
CA VAL M 2091 -20.47 -33.27 -27.29
C VAL M 2091 -21.19 -33.13 -28.64
N ALA M 2092 -21.65 -31.93 -28.98
CA ALA M 2092 -22.31 -31.68 -30.26
C ALA M 2092 -21.35 -31.08 -31.29
N GLU M 2093 -20.07 -31.42 -31.20
CA GLU M 2093 -19.05 -30.93 -32.11
C GLU M 2093 -18.52 -32.10 -32.96
N PHE M 2094 -18.54 -31.93 -34.27
CA PHE M 2094 -18.10 -32.99 -35.17
C PHE M 2094 -16.59 -32.99 -35.32
N LYS M 2095 -16.02 -34.20 -35.40
CA LYS M 2095 -14.58 -34.39 -35.56
C LYS M 2095 -14.34 -35.41 -36.65
N ASP M 2096 -13.06 -35.61 -36.97
CA ASP M 2096 -12.69 -36.60 -37.97
C ASP M 2096 -12.69 -37.99 -37.33
N PRO M 2097 -13.51 -38.92 -37.80
CA PRO M 2097 -13.61 -40.22 -37.14
C PRO M 2097 -12.46 -41.16 -37.47
N SER M 2098 -11.39 -40.65 -38.08
CA SER M 2098 -10.26 -41.49 -38.41
C SER M 2098 -9.00 -40.64 -38.51
N LEU M 2099 -7.85 -41.30 -38.32
CA LEU M 2099 -6.55 -40.68 -38.46
C LEU M 2099 -5.98 -40.96 -39.85
N SER M 2100 -4.71 -40.63 -40.04
CA SER M 2100 -4.06 -40.80 -41.33
C SER M 2100 -2.66 -41.38 -41.16
N LEU M 2101 -2.28 -42.26 -42.06
CA LEU M 2101 -0.92 -42.81 -42.13
C LEU M 2101 -0.59 -42.98 -43.61
N VAL M 2102 0.18 -42.05 -44.16
CA VAL M 2102 0.44 -41.98 -45.59
C VAL M 2102 1.89 -42.37 -45.86
N VAL M 2103 2.09 -43.17 -46.90
CA VAL M 2103 3.42 -43.58 -47.35
C VAL M 2103 3.70 -42.86 -48.66
N PRO M 2104 4.70 -41.99 -48.73
CA PRO M 2104 4.97 -41.24 -49.96
C PRO M 2104 5.89 -41.98 -50.92
N ASP M 2105 5.79 -41.59 -52.19
CA ASP M 2105 6.67 -42.09 -53.25
C ASP M 2105 6.59 -43.62 -53.39
N PHE M 2106 5.37 -44.16 -53.34
CA PHE M 2106 5.20 -45.58 -53.57
C PHE M 2106 5.25 -45.87 -55.06
N LEU M 2107 6.03 -46.88 -55.45
CA LEU M 2107 6.31 -47.16 -56.86
C LEU M 2107 5.71 -48.51 -57.25
N CYS M 2108 5.21 -48.57 -58.48
CA CYS M 2108 4.74 -49.82 -59.09
C CYS M 2108 5.71 -50.21 -60.18
N GLU M 2109 6.19 -51.46 -60.13
CA GLU M 2109 7.19 -51.91 -61.10
C GLU M 2109 6.60 -52.06 -62.50
N TYR M 2110 5.36 -52.56 -62.59
CA TYR M 2110 4.79 -52.85 -63.89
C TYR M 2110 4.39 -51.60 -64.65
N CYS M 2111 3.99 -50.54 -63.94
CA CYS M 2111 3.44 -49.35 -64.57
C CYS M 2111 4.24 -48.09 -64.30
N PHE M 2112 5.24 -48.13 -63.41
CA PHE M 2112 6.04 -46.96 -63.06
C PHE M 2112 5.16 -45.81 -62.56
N PHE M 2113 4.13 -46.15 -61.81
CA PHE M 2113 3.21 -45.17 -61.27
C PHE M 2113 3.68 -44.75 -59.88
N ILE M 2114 3.71 -43.44 -59.65
CA ILE M 2114 4.17 -42.86 -58.40
C ILE M 2114 2.98 -42.20 -57.71
N SER M 2115 2.69 -42.62 -56.49
CA SER M 2115 1.59 -42.06 -55.73
C SER M 2115 1.83 -42.31 -54.24
N ASP M 2116 1.23 -41.46 -53.41
CA ASP M 2116 1.28 -41.61 -51.97
C ASP M 2116 0.06 -42.39 -51.51
N ILE M 2117 0.29 -43.49 -50.80
CA ILE M 2117 -0.77 -44.40 -50.38
C ILE M 2117 -1.05 -44.20 -48.90
N ASP M 2118 -2.32 -44.11 -48.55
CA ASP M 2118 -2.75 -43.94 -47.17
C ASP M 2118 -3.15 -45.29 -46.59
N PHE M 2119 -2.50 -45.67 -45.50
CA PHE M 2119 -2.76 -46.98 -44.90
C PHE M 2119 -4.00 -47.01 -44.03
N CYS M 2120 -4.53 -45.85 -43.64
CA CYS M 2120 -5.67 -45.79 -42.74
C CYS M 2120 -6.96 -45.39 -43.45
N LYS M 2121 -6.96 -44.25 -44.15
CA LYS M 2121 -8.19 -43.73 -44.71
C LYS M 2121 -8.63 -44.51 -45.95
N ALA M 2122 -7.68 -45.10 -46.68
CA ALA M 2122 -8.02 -45.75 -47.94
C ALA M 2122 -8.82 -47.04 -47.69
N ALA M 2123 -9.74 -47.32 -48.60
CA ALA M 2123 -10.57 -48.50 -48.52
C ALA M 2123 -9.75 -49.74 -48.87
N PRO M 2124 -10.24 -50.94 -48.47
CA PRO M 2124 -9.54 -52.18 -48.86
C PRO M 2124 -9.50 -52.39 -50.36
N GLU M 2125 -8.86 -53.47 -50.79
CA GLU M 2125 -8.69 -53.85 -52.20
C GLU M 2125 -8.15 -52.71 -53.05
N SER M 2126 -7.53 -51.72 -52.41
CA SER M 2126 -6.78 -50.69 -53.09
C SER M 2126 -5.37 -50.52 -52.55
N ILE M 2127 -5.12 -50.93 -51.30
CA ILE M 2127 -3.75 -50.95 -50.80
C ILE M 2127 -2.94 -52.00 -51.53
N PHE M 2128 -3.57 -53.12 -51.89
CA PHE M 2128 -2.87 -54.28 -52.42
C PHE M 2128 -2.68 -54.24 -53.93
N SER M 2129 -3.30 -53.29 -54.62
CA SER M 2129 -3.25 -53.24 -56.08
C SER M 2129 -2.97 -51.82 -56.54
N CYS M 2130 -2.25 -51.71 -57.66
CA CYS M 2130 -1.98 -50.41 -58.24
C CYS M 2130 -3.26 -49.80 -58.81
N VAL M 2131 -3.26 -48.47 -58.94
CA VAL M 2131 -4.47 -47.76 -59.33
C VAL M 2131 -4.74 -47.96 -60.81
N ARG M 2132 -3.77 -47.62 -61.66
CA ARG M 2132 -3.98 -47.71 -63.10
C ARG M 2132 -3.99 -49.17 -63.56
N CYS M 2133 -2.87 -49.85 -63.37
CA CYS M 2133 -2.79 -51.27 -63.69
C CYS M 2133 -3.28 -52.08 -62.50
N HIS M 2134 -4.12 -53.07 -62.75
CA HIS M 2134 -4.73 -53.84 -61.68
C HIS M 2134 -3.86 -55.06 -61.38
N LYS M 2135 -2.67 -54.78 -60.85
CA LYS M 2135 -1.69 -55.80 -60.49
C LYS M 2135 -1.51 -55.79 -58.98
N ALA M 2136 -1.48 -56.98 -58.39
CA ALA M 2136 -1.34 -57.10 -56.95
C ALA M 2136 0.07 -56.67 -56.50
N PHE M 2137 0.14 -56.09 -55.31
CA PHE M 2137 1.39 -55.65 -54.72
C PHE M 2137 2.02 -56.74 -53.87
N ASN M 2138 3.33 -56.63 -53.70
CA ASN M 2138 4.06 -57.49 -52.78
C ASN M 2138 3.84 -57.01 -51.34
N GLN M 2139 3.65 -57.96 -50.43
CA GLN M 2139 3.28 -57.62 -49.06
C GLN M 2139 4.47 -57.35 -48.16
N VAL M 2140 5.53 -58.17 -48.28
CA VAL M 2140 6.70 -57.92 -47.45
C VAL M 2140 7.33 -56.59 -47.82
N LEU M 2141 7.13 -56.14 -49.05
CA LEU M 2141 7.54 -54.78 -49.42
C LEU M 2141 6.76 -53.74 -48.61
N LEU M 2142 5.44 -53.94 -48.46
CA LEU M 2142 4.66 -53.04 -47.63
C LEU M 2142 5.17 -53.01 -46.20
N GLN M 2143 5.45 -54.20 -45.65
CA GLN M 2143 5.94 -54.27 -44.28
C GLN M 2143 7.28 -53.56 -44.14
N GLU M 2144 8.18 -53.78 -45.10
CA GLU M 2144 9.49 -53.13 -45.05
C GLU M 2144 9.36 -51.63 -45.14
N HIS M 2145 8.47 -51.13 -46.01
CA HIS M 2145 8.30 -49.69 -46.14
C HIS M 2145 7.74 -49.08 -44.87
N LEU M 2146 6.76 -49.75 -44.25
CA LEU M 2146 6.24 -49.27 -42.97
C LEU M 2146 7.34 -49.23 -41.93
N ILE M 2147 8.17 -50.27 -41.87
CA ILE M 2147 9.24 -50.30 -40.88
C ILE M 2147 10.23 -49.17 -41.12
N GLN M 2148 10.59 -48.94 -42.39
CA GLN M 2148 11.51 -47.86 -42.70
C GLN M 2148 10.94 -46.51 -42.31
N LYS M 2149 9.65 -46.29 -42.57
CA LYS M 2149 9.01 -45.03 -42.18
C LYS M 2149 9.06 -44.86 -40.67
N LEU M 2150 8.74 -45.92 -39.92
CA LEU M 2150 8.76 -45.82 -38.46
C LEU M 2150 10.15 -45.51 -37.94
N ARG M 2151 11.17 -46.18 -38.48
CA ARG M 2151 12.52 -45.96 -37.99
C ARG M 2151 13.02 -44.55 -38.33
N SER M 2152 12.69 -44.06 -39.53
CA SER M 2152 13.04 -42.69 -39.86
C SER M 2152 12.33 -41.70 -38.94
N ASP M 2153 11.08 -41.99 -38.60
CA ASP M 2153 10.34 -41.14 -37.66
C ASP M 2153 11.04 -41.09 -36.31
N ILE M 2154 11.44 -42.25 -35.79
CA ILE M 2154 12.10 -42.29 -34.49
C ILE M 2154 13.43 -41.54 -34.53
N GLU M 2155 14.19 -41.74 -35.61
CA GLU M 2155 15.46 -41.03 -35.73
C GLU M 2155 15.26 -39.52 -35.79
N SER M 2156 14.26 -39.08 -36.56
CA SER M 2156 13.98 -37.65 -36.67
C SER M 2156 13.58 -37.06 -35.33
N TYR M 2157 12.76 -37.79 -34.57
CA TYR M 2157 12.43 -37.33 -33.22
C TYR M 2157 13.67 -37.23 -32.35
N LEU M 2158 14.56 -38.21 -32.45
CA LEU M 2158 15.73 -38.24 -31.58
C LEU M 2158 16.76 -37.18 -31.94
N ILE M 2159 16.78 -36.69 -33.17
CA ILE M 2159 17.75 -35.69 -33.59
C ILE M 2159 17.14 -34.29 -33.66
N GLN M 2160 16.05 -34.05 -32.95
CA GLN M 2160 15.37 -32.76 -33.05
C GLN M 2160 16.15 -31.67 -32.32
N ASP M 2161 15.77 -30.42 -32.58
CA ASP M 2161 16.35 -29.26 -31.96
C ASP M 2161 15.52 -28.80 -30.77
N LEU M 2162 16.07 -27.83 -30.02
CA LEU M 2162 15.45 -27.31 -28.82
C LEU M 2162 15.10 -25.84 -29.00
N ARG M 2163 13.91 -25.47 -28.55
CA ARG M 2163 13.38 -24.12 -28.71
C ARG M 2163 12.92 -23.59 -27.37
N CYS M 2164 13.16 -22.30 -27.13
CA CYS M 2164 12.75 -21.67 -25.88
C CYS M 2164 11.24 -21.40 -25.90
N SER M 2165 10.63 -21.47 -24.72
CA SER M 2165 9.18 -21.39 -24.62
C SER M 2165 8.67 -19.98 -24.87
N ARG M 2166 9.29 -18.97 -24.25
CA ARG M 2166 8.78 -17.61 -24.34
C ARG M 2166 9.11 -16.99 -25.69
N CYS M 2167 10.39 -16.82 -25.99
CA CYS M 2167 10.85 -16.38 -27.29
C CYS M 2167 11.28 -17.61 -28.08
N HIS M 2168 10.80 -17.70 -29.32
CA HIS M 2168 10.97 -18.92 -30.10
C HIS M 2168 12.35 -19.07 -30.70
N LYS M 2169 13.34 -18.34 -30.19
CA LYS M 2169 14.71 -18.51 -30.65
C LYS M 2169 15.21 -19.91 -30.28
N VAL M 2170 16.19 -20.38 -31.04
CA VAL M 2170 16.67 -21.75 -30.96
C VAL M 2170 17.88 -21.83 -30.05
N LYS M 2171 18.09 -23.00 -29.46
CA LYS M 2171 19.22 -23.25 -28.58
C LYS M 2171 20.51 -23.23 -29.38
N ARG M 2172 21.51 -22.49 -28.90
CA ARG M 2172 22.77 -22.32 -29.62
C ARG M 2172 23.98 -22.72 -28.79
N ASP M 2173 23.77 -23.48 -27.71
CA ASP M 2173 24.88 -23.90 -26.85
C ASP M 2173 24.66 -25.34 -26.42
N TYR M 2174 25.77 -26.04 -26.18
CA TYR M 2174 25.69 -27.46 -25.87
C TYR M 2174 25.19 -27.71 -24.45
N MET M 2175 25.71 -26.95 -23.47
CA MET M 2175 25.24 -27.08 -22.09
C MET M 2175 24.78 -25.71 -21.60
N SER M 2176 23.53 -25.64 -21.15
CA SER M 2176 22.93 -24.45 -20.60
C SER M 2176 21.58 -24.82 -20.00
N ALA M 2177 21.25 -24.21 -18.86
CA ALA M 2177 20.03 -24.59 -18.16
C ALA M 2177 18.80 -24.05 -18.87
N HIS M 2178 18.83 -22.78 -19.29
CA HIS M 2178 17.64 -22.15 -19.85
C HIS M 2178 18.08 -20.98 -20.74
N CYS M 2179 17.09 -20.32 -21.33
CA CYS M 2179 17.34 -19.17 -22.17
C CYS M 2179 17.88 -18.01 -21.32
N PRO M 2180 18.68 -17.12 -21.91
CA PRO M 2180 19.06 -15.90 -21.19
C PRO M 2180 17.87 -15.08 -20.73
N CYS M 2181 16.79 -15.06 -21.50
CA CYS M 2181 15.54 -14.46 -21.04
C CYS M 2181 14.80 -15.46 -20.16
N ALA M 2182 13.55 -15.16 -19.83
CA ALA M 2182 12.74 -16.12 -19.10
C ALA M 2182 12.28 -17.24 -20.04
N GLY M 2183 12.02 -18.40 -19.47
CA GLY M 2183 11.51 -19.52 -20.24
C GLY M 2183 12.36 -20.77 -20.21
N ALA M 2184 11.72 -21.91 -20.34
CA ALA M 2184 12.38 -23.21 -20.29
C ALA M 2184 12.33 -23.88 -21.66
N TRP M 2185 13.37 -24.65 -21.96
CA TRP M 2185 13.48 -25.30 -23.26
C TRP M 2185 12.31 -26.26 -23.47
N GLU M 2186 11.85 -26.33 -24.71
CA GLU M 2186 10.91 -27.36 -25.14
C GLU M 2186 11.37 -27.91 -26.48
N GLY M 2187 10.98 -29.14 -26.76
CA GLY M 2187 11.38 -29.78 -27.99
C GLY M 2187 10.54 -29.35 -29.18
N THR M 2188 11.19 -29.29 -30.35
CA THR M 2188 10.46 -28.98 -31.57
C THR M 2188 9.45 -30.07 -31.90
N LEU M 2189 9.80 -31.33 -31.64
CA LEU M 2189 8.90 -32.45 -31.91
C LEU M 2189 8.31 -32.94 -30.59
N PRO M 2190 7.04 -32.70 -30.32
CA PRO M 2190 6.45 -33.13 -29.05
C PRO M 2190 6.35 -34.65 -28.96
N ARG M 2191 6.34 -35.14 -27.71
CA ARG M 2191 6.33 -36.57 -27.46
C ARG M 2191 4.99 -37.20 -27.80
N GLU M 2192 3.89 -36.52 -27.46
CA GLU M 2192 2.56 -37.12 -27.65
C GLU M 2192 2.28 -37.39 -29.11
N SER M 2193 2.83 -36.58 -30.02
CA SER M 2193 2.63 -36.80 -31.44
C SER M 2193 3.20 -38.16 -31.86
N ILE M 2194 4.45 -38.44 -31.49
CA ILE M 2194 5.05 -39.71 -31.87
C ILE M 2194 4.38 -40.86 -31.12
N VAL M 2195 3.89 -40.62 -29.90
CA VAL M 2195 3.17 -41.67 -29.19
C VAL M 2195 1.90 -42.05 -29.94
N GLN M 2196 1.15 -41.05 -30.41
CA GLN M 2196 -0.04 -41.34 -31.20
C GLN M 2196 0.32 -42.03 -32.52
N LYS M 2197 1.43 -41.61 -33.13
CA LYS M 2197 1.84 -42.27 -34.37
C LYS M 2197 2.12 -43.75 -34.13
N LEU M 2198 2.84 -44.07 -33.06
CA LEU M 2198 3.10 -45.47 -32.75
C LEU M 2198 1.81 -46.22 -32.44
N ASN M 2199 0.87 -45.55 -31.78
CA ASN M 2199 -0.43 -46.17 -31.53
C ASN M 2199 -1.10 -46.57 -32.83
N VAL M 2200 -1.06 -45.68 -33.82
CA VAL M 2200 -1.75 -46.00 -35.07
C VAL M 2200 -0.98 -47.04 -35.87
N PHE M 2201 0.36 -47.07 -35.77
CA PHE M 2201 1.09 -48.21 -36.33
C PHE M 2201 0.61 -49.52 -35.70
N LYS M 2202 0.45 -49.53 -34.38
CA LYS M 2202 -0.03 -50.73 -33.70
C LYS M 2202 -1.39 -51.15 -34.23
N GLN M 2203 -2.31 -50.20 -34.34
CA GLN M 2203 -3.65 -50.53 -34.80
C GLN M 2203 -3.62 -51.07 -36.24
N VAL M 2204 -2.84 -50.42 -37.10
CA VAL M 2204 -2.77 -50.86 -38.50
C VAL M 2204 -2.19 -52.27 -38.58
N ALA M 2205 -1.10 -52.52 -37.86
CA ALA M 2205 -0.48 -53.84 -37.89
C ALA M 2205 -1.42 -54.90 -37.32
N LYS M 2206 -2.24 -54.53 -36.34
CA LYS M 2206 -3.18 -55.50 -35.79
C LYS M 2206 -4.31 -55.81 -36.76
N TYR M 2207 -4.76 -54.81 -37.53
CA TYR M 2207 -5.92 -55.03 -38.38
C TYR M 2207 -5.64 -56.07 -39.45
N TYR M 2208 -4.57 -55.91 -40.21
CA TYR M 2208 -4.20 -56.88 -41.23
C TYR M 2208 -3.18 -57.86 -40.69
N GLY M 2209 -2.76 -58.79 -41.54
CA GLY M 2209 -1.70 -59.71 -41.17
C GLY M 2209 -0.34 -59.14 -41.45
N PHE M 2210 0.32 -58.62 -40.40
CA PHE M 2210 1.61 -57.93 -40.54
C PHE M 2210 2.49 -58.40 -39.39
N ASP M 2211 3.25 -59.47 -39.64
CA ASP M 2211 3.99 -60.14 -38.57
C ASP M 2211 5.37 -59.54 -38.32
N ILE M 2212 6.12 -59.24 -39.39
CA ILE M 2212 7.43 -58.64 -39.21
C ILE M 2212 7.32 -57.25 -38.60
N LEU M 2213 6.25 -56.50 -38.94
CA LEU M 2213 6.04 -55.22 -38.28
C LEU M 2213 5.74 -55.41 -36.79
N LEU M 2214 4.99 -56.46 -36.45
CA LEU M 2214 4.75 -56.77 -35.04
C LEU M 2214 6.06 -57.10 -34.33
N SER M 2215 6.94 -57.85 -34.99
CA SER M 2215 8.24 -58.13 -34.41
C SER M 2215 9.06 -56.86 -34.22
N CYS M 2216 8.99 -55.95 -35.20
CA CYS M 2216 9.66 -54.66 -35.08
C CYS M 2216 9.17 -53.90 -33.86
N ILE M 2217 7.86 -53.94 -33.62
CA ILE M 2217 7.31 -53.33 -32.41
C ILE M 2217 7.84 -54.04 -31.16
N ALA M 2218 7.89 -55.37 -31.20
CA ALA M 2218 8.22 -56.14 -30.00
C ALA M 2218 9.62 -55.83 -29.49
N ASP M 2219 10.57 -55.59 -30.40
CA ASP M 2219 11.94 -55.33 -29.99
C ASP M 2219 12.10 -54.05 -29.20
N LEU M 2220 11.10 -53.17 -29.19
CA LEU M 2220 11.18 -51.92 -28.46
C LEU M 2220 10.93 -52.13 -26.97
N TYR N 2 47.16 -20.88 13.99
CA TYR N 2 45.87 -20.58 13.37
C TYR N 2 44.99 -21.82 13.29
N GLY N 3 43.86 -21.77 13.98
CA GLY N 3 42.92 -22.89 13.99
C GLY N 3 41.48 -22.43 14.07
N ASP N 4 41.25 -21.14 13.78
CA ASP N 4 39.92 -20.58 13.91
C ASP N 4 38.90 -21.32 13.06
N LEU N 5 39.33 -21.79 11.89
CA LEU N 5 38.43 -22.54 11.01
C LEU N 5 37.81 -23.72 11.74
N GLY N 6 38.58 -24.37 12.62
CA GLY N 6 38.04 -25.50 13.35
C GLY N 6 36.81 -25.15 14.15
N ASN N 7 36.79 -23.94 14.75
CA ASN N 7 35.62 -23.51 15.50
C ASN N 7 34.37 -23.58 14.63
N LYS N 8 34.50 -23.21 13.36
CA LYS N 8 33.34 -23.26 12.46
C LYS N 8 32.75 -24.65 12.41
N LEU N 9 33.59 -25.67 12.43
CA LEU N 9 33.09 -27.03 12.54
C LEU N 9 32.40 -27.24 13.89
N VAL N 10 33.10 -26.92 14.97
CA VAL N 10 32.62 -27.26 16.31
C VAL N 10 31.27 -26.61 16.57
N LEU N 11 31.18 -25.31 16.26
CA LEU N 11 29.92 -24.59 16.41
C LEU N 11 28.79 -25.32 15.71
N GLU N 12 29.04 -25.75 14.47
CA GLU N 12 28.02 -26.48 13.73
C GLU N 12 27.53 -27.69 14.51
N ALA N 13 28.47 -28.45 15.08
CA ALA N 13 28.10 -29.63 15.85
C ALA N 13 27.11 -29.28 16.95
N LYS N 14 27.32 -28.12 17.60
CA LYS N 14 26.41 -27.71 18.67
C LYS N 14 24.98 -27.68 18.17
N ARG N 15 24.77 -27.11 16.99
CA ARG N 15 23.42 -27.04 16.43
C ARG N 15 22.82 -28.43 16.32
N THR N 16 23.60 -29.40 15.86
CA THR N 16 23.09 -30.76 15.73
C THR N 16 22.63 -31.29 17.08
N LYS N 17 23.39 -31.01 18.14
CA LYS N 17 22.97 -31.45 19.46
C LYS N 17 21.63 -30.82 19.83
N GLN N 18 21.45 -29.53 19.52
CA GLN N 18 20.16 -28.90 19.75
C GLN N 18 19.07 -29.59 18.95
N LEU N 19 19.40 -30.03 17.74
CA LEU N 19 18.44 -30.82 16.96
C LEU N 19 18.04 -32.07 17.73
N TYR N 20 19.00 -32.72 18.38
CA TYR N 20 18.67 -33.84 19.26
C TYR N 20 17.85 -33.35 20.44
N ALA N 21 18.23 -32.22 21.02
CA ALA N 21 17.59 -31.76 22.26
C ALA N 21 16.13 -31.41 22.03
N ARG N 22 15.85 -30.60 21.00
CA ARG N 22 14.48 -30.17 20.75
C ARG N 22 13.58 -31.34 20.38
N SER N 23 14.08 -32.25 19.54
CA SER N 23 13.25 -33.36 19.08
C SER N 23 13.08 -34.41 20.17
N ASN N 24 14.13 -34.67 20.96
CA ASN N 24 14.15 -35.76 21.93
C ASN N 24 13.84 -37.10 21.26
N GLN N 25 14.39 -37.29 20.07
CA GLN N 25 14.25 -38.55 19.33
C GLN N 25 15.32 -38.60 18.26
N ASP N 26 16.03 -39.73 18.18
CA ASP N 26 17.03 -39.91 17.14
C ASP N 26 16.35 -40.00 15.78
N VAL N 27 16.69 -39.08 14.89
CA VAL N 27 16.05 -39.01 13.58
C VAL N 27 16.88 -38.10 12.69
N ASN N 28 16.85 -38.39 11.39
CA ASN N 28 17.38 -37.54 10.31
C ASN N 28 18.70 -36.87 10.67
N LEU N 29 19.70 -37.70 10.91
CA LEU N 29 21.05 -37.18 11.13
C LEU N 29 21.53 -36.49 9.86
N PRO N 30 22.07 -35.28 9.97
CA PRO N 30 22.38 -34.49 8.77
C PRO N 30 23.65 -34.96 8.07
N MET N 31 23.92 -34.36 6.92
CA MET N 31 25.09 -34.69 6.13
C MET N 31 26.37 -34.30 6.85
N TYR N 32 27.44 -35.05 6.61
CA TYR N 32 28.74 -34.77 7.23
C TYR N 32 29.34 -33.50 6.66
N HIS N 33 30.52 -33.15 7.17
CA HIS N 33 31.28 -31.98 6.76
C HIS N 33 32.74 -32.34 6.51
N GLU N 34 32.97 -33.43 5.80
CA GLU N 34 34.34 -33.90 5.59
C GLU N 34 35.17 -32.95 4.72
N ASP N 35 34.53 -32.02 4.01
CA ASP N 35 35.28 -31.08 3.20
C ASP N 35 36.13 -30.15 4.07
N ILE N 36 35.51 -29.53 5.07
CA ILE N 36 36.27 -28.69 5.99
C ILE N 36 37.29 -29.54 6.74
N ILE N 37 36.95 -30.79 7.00
CA ILE N 37 37.87 -31.69 7.70
C ILE N 37 39.14 -31.89 6.88
N ARG N 38 38.99 -32.17 5.59
CA ARG N 38 40.19 -32.37 4.78
C ARG N 38 40.91 -31.06 4.52
N ASN N 39 40.20 -29.93 4.56
CA ASN N 39 40.88 -28.64 4.54
C ASN N 39 41.80 -28.51 5.75
N ILE N 40 41.29 -28.86 6.93
CA ILE N 40 42.10 -28.81 8.14
C ILE N 40 43.25 -29.81 8.04
N LEU N 41 42.99 -30.96 7.44
CA LEU N 41 44.05 -31.96 7.29
C LEU N 41 45.18 -31.46 6.40
N LYS N 42 44.85 -30.80 5.29
CA LYS N 42 45.92 -30.30 4.43
C LYS N 42 46.66 -29.15 5.11
N GLU N 43 45.94 -28.28 5.83
CA GLU N 43 46.65 -27.21 6.53
C GLU N 43 47.52 -27.76 7.64
N VAL N 44 47.11 -28.85 8.29
CA VAL N 44 47.93 -29.41 9.36
C VAL N 44 49.11 -30.17 8.78
N SER N 45 48.96 -30.73 7.57
CA SER N 45 50.12 -31.27 6.87
C SER N 45 51.12 -30.17 6.56
N ASN N 46 50.61 -29.01 6.14
CA ASN N 46 51.48 -27.84 5.95
C ASN N 46 52.19 -27.47 7.24
N LEU N 47 51.46 -27.46 8.35
CA LEU N 47 52.07 -27.13 9.63
C LEU N 47 53.15 -28.14 10.00
N ARG N 48 52.86 -29.43 9.80
CA ARG N 48 53.83 -30.47 10.14
C ARG N 48 55.09 -30.36 9.31
N LYS N 49 54.94 -30.14 8.00
CA LYS N 49 56.13 -30.00 7.15
C LYS N 49 56.92 -28.74 7.51
N ASN N 50 56.21 -27.66 7.87
CA ASN N 50 56.90 -26.46 8.31
C ASN N 50 57.69 -26.72 9.59
N THR N 51 57.08 -27.43 10.55
CA THR N 51 57.77 -27.73 11.79
C THR N 51 58.99 -28.62 11.55
N GLU N 52 58.86 -29.61 10.66
CA GLU N 52 59.99 -30.45 10.33
C GLU N 52 61.11 -29.64 9.70
N TYR N 53 60.78 -28.74 8.78
CA TYR N 53 61.80 -27.91 8.16
C TYR N 53 62.48 -27.02 9.19
N LEU N 54 61.71 -26.41 10.09
CA LEU N 54 62.30 -25.54 11.09
C LEU N 54 63.20 -26.31 12.03
N LYS N 55 62.82 -27.54 12.41
CA LYS N 55 63.72 -28.38 13.18
C LYS N 55 64.99 -28.69 12.40
N GLU N 56 64.86 -28.89 11.08
CA GLU N 56 66.02 -29.11 10.25
C GLU N 56 66.99 -27.94 10.33
N GLN N 57 66.50 -26.71 10.12
CA GLN N 57 67.40 -25.57 10.20
C GLN N 57 67.91 -25.34 11.61
N GLN N 58 67.13 -25.70 12.63
CA GLN N 58 67.62 -25.60 14.01
C GLN N 58 68.81 -26.52 14.23
N GLN N 59 68.71 -27.77 13.76
CA GLN N 59 69.85 -28.67 13.80
C GLN N 59 70.98 -28.21 12.90
N LEU N 60 70.69 -27.40 11.88
CA LEU N 60 71.72 -26.96 10.96
C LEU N 60 72.66 -25.94 11.60
N GLY N 61 72.20 -25.22 12.61
CA GLY N 61 73.05 -24.37 13.42
C GLY N 61 72.87 -22.88 13.22
N MET N 62 72.22 -22.45 12.15
CA MET N 62 72.02 -21.02 11.91
C MET N 62 70.70 -20.51 12.48
N LEU N 63 69.93 -21.35 13.15
CA LEU N 63 68.62 -20.97 13.66
C LEU N 63 68.69 -20.75 15.17
N ASP N 64 68.07 -19.66 15.63
CA ASP N 64 68.09 -19.32 17.04
C ASP N 64 67.28 -20.33 17.86
N ASP N 65 67.80 -20.66 19.05
CA ASP N 65 67.15 -21.65 19.90
C ASP N 65 65.78 -21.16 20.38
N LYS N 66 65.69 -19.90 20.81
CA LYS N 66 64.41 -19.39 21.29
C LYS N 66 63.37 -19.35 20.18
N VAL N 67 63.78 -18.91 18.98
CA VAL N 67 62.86 -18.92 17.85
C VAL N 67 62.40 -20.34 17.55
N ALA N 68 63.33 -21.29 17.53
CA ALA N 68 62.97 -22.67 17.25
C ALA N 68 61.97 -23.18 18.27
N LYS N 69 62.23 -22.95 19.56
CA LYS N 69 61.35 -23.49 20.58
C LYS N 69 59.97 -22.83 20.53
N CYS N 70 59.90 -21.52 20.32
CA CYS N 70 58.60 -20.86 20.30
C CYS N 70 57.80 -21.30 19.08
N GLN N 71 58.45 -21.42 17.92
CA GLN N 71 57.77 -21.96 16.75
C GLN N 71 57.25 -23.36 17.01
N TYR N 72 58.06 -24.19 17.66
CA TYR N 72 57.66 -25.56 17.95
C TYR N 72 56.43 -25.59 18.85
N PHE N 73 56.44 -24.78 19.91
CA PHE N 73 55.29 -24.76 20.81
C PHE N 73 54.03 -24.26 20.12
N VAL N 74 54.17 -23.20 19.31
CA VAL N 74 53.00 -22.67 18.62
C VAL N 74 52.40 -23.71 17.68
N THR N 75 53.26 -24.36 16.90
CA THR N 75 52.77 -25.38 15.98
C THR N 75 52.14 -26.54 16.73
N LEU N 76 52.77 -26.98 17.83
CA LEU N 76 52.22 -28.08 18.61
C LEU N 76 50.84 -27.73 19.16
N LEU N 77 50.68 -26.51 19.65
CA LEU N 77 49.37 -26.08 20.16
C LEU N 77 48.34 -26.06 19.04
N CYS N 78 48.74 -25.62 17.85
CA CYS N 78 47.82 -25.62 16.70
C CYS N 78 47.35 -27.03 16.39
N MET N 79 48.30 -27.98 16.29
CA MET N 79 47.92 -29.37 16.06
C MET N 79 47.02 -29.89 17.15
N GLU N 80 47.30 -29.55 18.41
CA GLU N 80 46.49 -30.02 19.52
C GLU N 80 45.06 -29.53 19.39
N ARG N 81 44.87 -28.25 19.07
CA ARG N 81 43.51 -27.73 18.94
C ARG N 81 42.78 -28.36 17.77
N ASN N 82 43.48 -28.55 16.64
CA ASN N 82 42.84 -29.19 15.49
C ASN N 82 42.35 -30.59 15.85
N LYS N 83 43.23 -31.37 16.51
CA LYS N 83 42.83 -32.71 16.91
C LYS N 83 41.66 -32.68 17.88
N ARG N 84 41.68 -31.74 18.84
CA ARG N 84 40.58 -31.65 19.79
C ARG N 84 39.26 -31.39 19.09
N CYS N 85 39.26 -30.46 18.12
CA CYS N 85 38.03 -30.15 17.40
C CYS N 85 37.52 -31.37 16.64
N LEU N 86 38.41 -32.05 15.93
CA LEU N 86 37.98 -33.19 15.11
C LEU N 86 37.41 -34.30 15.99
N LEU N 87 38.10 -34.64 17.07
CA LEU N 87 37.58 -35.70 17.95
C LEU N 87 36.32 -35.26 18.67
N ALA N 88 36.17 -33.97 18.96
CA ALA N 88 34.93 -33.49 19.57
C ALA N 88 33.75 -33.70 18.64
N TYR N 89 33.93 -33.45 17.35
CA TYR N 89 32.89 -33.77 16.38
C TYR N 89 32.62 -35.28 16.33
N GLN N 90 33.69 -36.07 16.22
CA GLN N 90 33.54 -37.50 15.98
C GLN N 90 32.87 -38.21 17.16
N ARG N 91 33.20 -37.81 18.38
CA ARG N 91 32.63 -38.48 19.54
C ARG N 91 31.12 -38.30 19.59
N LEU N 92 30.64 -37.07 19.34
CA LEU N 92 29.21 -36.83 19.32
C LEU N 92 28.53 -37.61 18.20
N ARG N 93 29.16 -37.65 17.02
CA ARG N 93 28.60 -38.43 15.92
C ARG N 93 28.46 -39.90 16.31
N THR N 94 29.50 -40.47 16.91
CA THR N 94 29.46 -41.86 17.32
C THR N 94 28.39 -42.08 18.39
N ASP N 95 28.26 -41.15 19.33
CA ASP N 95 27.28 -41.31 20.40
C ASP N 95 25.87 -41.34 19.83
N ILE N 96 25.55 -40.40 18.94
CA ILE N 96 24.20 -40.37 18.39
C ILE N 96 23.96 -41.58 17.51
N LEU N 97 24.99 -42.05 16.78
CA LEU N 97 24.83 -43.25 15.97
C LEU N 97 24.51 -44.45 16.83
N ASP N 98 25.24 -44.62 17.95
CA ASP N 98 24.98 -45.75 18.83
C ASP N 98 23.60 -45.65 19.47
N SER N 99 23.20 -44.43 19.85
CA SER N 99 21.87 -44.26 20.41
C SER N 99 20.79 -44.67 19.40
N MET N 100 20.98 -44.28 18.14
CA MET N 100 20.03 -44.69 17.11
C MET N 100 20.03 -46.20 16.91
N ALA N 101 21.20 -46.82 16.94
CA ALA N 101 21.29 -48.25 16.65
C ALA N 101 20.79 -49.10 17.80
N TRP N 102 20.79 -48.58 19.04
CA TRP N 102 20.47 -49.43 20.18
C TRP N 102 18.98 -49.74 20.28
N ASN N 103 18.11 -48.84 19.82
CA ASN N 103 16.69 -48.97 20.10
C ASN N 103 15.89 -49.65 18.98
N ASN N 104 16.45 -49.75 17.77
CA ASN N 104 15.74 -50.36 16.66
C ASN N 104 16.05 -51.84 16.51
N ASN N 105 16.37 -52.53 17.61
CA ASN N 105 16.66 -53.95 17.67
C ASN N 105 17.92 -54.33 16.90
N GLY N 106 18.75 -53.36 16.53
CA GLY N 106 20.01 -53.66 15.87
C GLY N 106 19.89 -54.17 14.46
N LEU N 107 18.76 -53.91 13.78
CA LEU N 107 18.55 -54.38 12.42
C LEU N 107 18.65 -53.29 11.37
N ASP N 108 18.84 -52.04 11.79
CA ASP N 108 19.05 -50.87 10.91
C ASP N 108 17.78 -50.45 10.19
N LEU N 109 16.78 -51.34 10.13
CA LEU N 109 15.43 -51.06 9.64
C LEU N 109 15.40 -50.18 8.39
N MET N 110 16.04 -50.61 7.31
CA MET N 110 16.03 -49.79 6.10
C MET N 110 14.67 -49.78 5.43
N SER N 111 13.86 -50.83 5.64
CA SER N 111 12.53 -50.88 5.03
C SER N 111 11.63 -49.78 5.56
N SER N 112 11.67 -49.52 6.86
CA SER N 112 10.80 -48.53 7.47
C SER N 112 11.41 -47.97 8.75
N SER N 116 13.36 -43.60 10.70
CA SER N 116 14.54 -42.76 10.58
C SER N 116 14.76 -42.33 9.14
N GLN N 117 16.01 -42.00 8.81
CA GLN N 117 16.34 -41.60 7.45
C GLN N 117 16.20 -42.78 6.50
N GLN N 118 15.92 -42.47 5.22
CA GLN N 118 15.65 -43.49 4.23
C GLN N 118 16.92 -43.98 3.54
N ASP N 119 17.75 -43.06 3.06
CA ASP N 119 18.91 -43.45 2.26
C ASP N 119 20.13 -43.80 3.09
N THR N 120 20.27 -43.19 4.28
CA THR N 120 21.47 -43.28 5.10
C THR N 120 22.72 -42.81 4.35
N ASN N 121 22.52 -42.08 3.25
CA ASN N 121 23.65 -41.58 2.48
C ASN N 121 24.34 -40.40 3.16
N ASN N 122 23.71 -39.80 4.15
CA ASN N 122 24.30 -38.70 4.89
C ASN N 122 25.34 -39.15 5.91
N LEU N 123 25.78 -40.40 5.84
CA LEU N 123 26.80 -40.94 6.73
C LEU N 123 28.01 -41.37 5.92
N SER N 124 29.20 -41.16 6.47
CA SER N 124 30.41 -41.59 5.81
C SER N 124 30.50 -43.11 5.80
N HIS N 125 31.34 -43.62 4.89
CA HIS N 125 31.50 -45.07 4.76
C HIS N 125 32.08 -45.67 6.04
N GLN N 126 33.06 -45.01 6.65
CA GLN N 126 33.59 -45.48 7.92
C GLN N 126 32.51 -45.52 8.98
N GLU N 127 31.67 -44.48 9.01
CA GLU N 127 30.56 -44.46 9.96
C GLU N 127 29.58 -45.61 9.70
N GLN N 128 29.34 -45.93 8.44
CA GLN N 128 28.41 -47.01 8.13
C GLN N 128 28.96 -48.37 8.54
N GLU N 129 30.26 -48.60 8.32
CA GLU N 129 30.83 -49.87 8.77
C GLU N 129 30.89 -49.93 10.29
N TYR N 130 31.12 -48.79 10.95
CA TYR N 130 31.02 -48.76 12.41
C TYR N 130 29.61 -49.12 12.87
N LEU N 131 28.61 -48.58 12.18
CA LEU N 131 27.22 -48.91 12.52
C LEU N 131 26.96 -50.40 12.35
N LYS N 132 27.49 -50.99 11.28
CA LYS N 132 27.33 -52.43 11.09
C LYS N 132 27.99 -53.22 12.21
N GLU N 133 29.19 -52.79 12.61
CA GLU N 133 29.88 -53.48 13.71
C GLU N 133 29.09 -53.36 15.02
N TYR N 134 28.52 -52.19 15.28
CA TYR N 134 27.73 -52.02 16.49
C TYR N 134 26.47 -52.86 16.45
N CYS N 135 25.84 -52.98 15.28
CA CYS N 135 24.70 -53.87 15.15
C CYS N 135 25.11 -55.32 15.40
N ASP N 136 26.31 -55.69 14.95
CA ASP N 136 26.83 -57.02 15.23
C ASP N 136 26.96 -57.24 16.74
N LEU N 137 27.55 -56.27 17.45
CA LEU N 137 27.67 -56.39 18.90
C LEU N 137 26.31 -56.46 19.57
N ILE N 138 25.36 -55.66 19.10
CA ILE N 138 24.02 -55.64 19.69
C ILE N 138 23.36 -57.00 19.53
N THR N 139 23.47 -57.60 18.34
CA THR N 139 22.94 -58.94 18.15
C THR N 139 23.66 -59.96 19.02
N ASP N 140 24.98 -59.80 19.17
CA ASP N 140 25.75 -60.77 19.94
C ASP N 140 25.40 -60.73 21.42
N LEU N 141 25.14 -59.53 21.97
CA LEU N 141 25.02 -59.39 23.41
C LEU N 141 23.86 -60.20 23.97
N LYS N 142 22.71 -60.16 23.30
CA LYS N 142 21.52 -60.83 23.80
C LYS N 142 21.51 -62.33 23.47
N SER N 143 22.52 -62.81 22.76
CA SER N 143 22.61 -64.22 22.41
C SER N 143 23.33 -65.06 23.46
N GLY N 144 23.86 -64.45 24.51
CA GLY N 144 24.62 -65.17 25.50
C GLY N 144 23.80 -65.64 26.69
N ASP N 145 24.10 -65.09 27.87
CA ASP N 145 23.43 -65.53 29.10
C ASP N 145 22.02 -64.97 29.24
N LEU N 146 21.71 -63.88 28.53
CA LEU N 146 20.45 -63.16 28.71
C LEU N 146 19.45 -63.48 27.61
N VAL N 147 19.48 -64.70 27.07
CA VAL N 147 18.64 -65.03 25.92
C VAL N 147 17.16 -64.90 26.24
N ASP N 148 16.78 -65.10 27.50
CA ASP N 148 15.37 -65.06 27.87
C ASP N 148 14.81 -63.65 27.90
N ILE N 149 15.65 -62.63 28.01
CA ILE N 149 15.21 -61.25 28.15
C ILE N 149 15.71 -60.45 26.95
N ASP N 150 14.80 -59.80 26.24
CA ASP N 150 15.16 -59.00 25.09
C ASP N 150 15.66 -57.64 25.56
N LEU N 151 16.95 -57.38 25.40
CA LEU N 151 17.51 -56.10 25.83
C LEU N 151 17.00 -54.93 25.02
N SER N 152 16.57 -55.16 23.78
CA SER N 152 16.01 -54.10 22.94
C SER N 152 14.51 -54.02 23.02
N GLY N 153 13.92 -54.39 24.15
CA GLY N 153 12.49 -54.26 24.35
C GLY N 153 12.12 -52.86 24.76
N SER N 154 10.92 -52.74 25.34
CA SER N 154 10.43 -51.45 25.78
C SER N 154 11.15 -51.00 27.05
N LEU N 155 10.90 -49.75 27.44
CA LEU N 155 11.38 -49.23 28.71
C LEU N 155 10.28 -48.62 29.56
N VAL N 156 9.07 -48.49 29.05
CA VAL N 156 7.94 -48.06 29.88
C VAL N 156 7.55 -49.20 30.80
N PRO N 157 7.43 -48.98 32.10
CA PRO N 157 7.02 -50.06 33.01
C PRO N 157 5.65 -50.60 32.63
N PRO N 158 5.47 -51.91 32.71
CA PRO N 158 4.16 -52.50 32.38
C PRO N 158 3.11 -52.09 33.39
N SER N 159 2.12 -51.31 32.95
CA SER N 159 1.14 -50.75 33.86
C SER N 159 -0.25 -51.36 33.71
N ASP N 160 -0.58 -51.95 32.57
CA ASP N 160 -1.90 -52.52 32.36
C ASP N 160 -1.80 -53.69 31.39
N VAL N 161 -2.77 -54.59 31.46
CA VAL N 161 -2.72 -55.85 30.74
C VAL N 161 -3.53 -55.82 29.45
N PHE N 162 -4.72 -55.21 29.47
CA PHE N 162 -5.60 -55.16 28.31
C PHE N 162 -5.73 -53.71 27.86
N ILE N 163 -5.38 -53.45 26.60
CA ILE N 163 -5.47 -52.11 26.03
C ILE N 163 -6.17 -52.20 24.69
N ASP N 164 -6.68 -51.06 24.24
CA ASP N 164 -7.30 -50.96 22.93
C ASP N 164 -6.24 -50.61 21.89
N VAL N 165 -6.30 -51.30 20.74
CA VAL N 165 -5.34 -51.10 19.67
C VAL N 165 -6.10 -50.88 18.38
N ARG N 166 -5.73 -49.83 17.64
CA ARG N 166 -6.35 -49.49 16.37
C ARG N 166 -5.32 -49.63 15.27
N VAL N 167 -5.71 -50.28 14.17
CA VAL N 167 -4.78 -50.58 13.09
C VAL N 167 -4.36 -49.30 12.37
N LEU N 168 -3.13 -49.28 11.88
CA LEU N 168 -2.58 -48.14 11.16
C LEU N 168 -2.20 -48.46 9.72
N LYS N 169 -1.61 -49.63 9.46
CA LYS N 169 -1.30 -50.06 8.11
C LYS N 169 -1.89 -51.44 7.86
N ASP N 170 -2.19 -51.72 6.61
CA ASP N 170 -2.84 -52.97 6.23
C ASP N 170 -1.81 -54.06 5.94
N ALA N 171 -2.18 -55.29 6.31
CA ALA N 171 -1.38 -56.47 6.02
C ALA N 171 -2.33 -57.65 5.89
N GLY N 172 -1.78 -58.85 5.93
CA GLY N 172 -2.61 -60.04 5.88
C GLY N 172 -3.05 -60.48 7.26
N GLU N 173 -2.74 -61.71 7.63
CA GLU N 173 -2.98 -62.21 8.98
C GLU N 173 -1.67 -62.66 9.60
N ILE N 174 -1.52 -62.43 10.89
CA ILE N 174 -0.29 -62.73 11.61
C ILE N 174 -0.61 -63.64 12.78
N GLN N 175 0.12 -64.74 12.89
CA GLN N 175 -0.06 -65.68 13.97
C GLN N 175 0.53 -65.15 15.27
N THR N 176 -0.05 -65.58 16.38
CA THR N 176 0.51 -65.38 17.71
C THR N 176 0.49 -66.72 18.43
N GLU N 177 0.87 -66.70 19.71
CA GLU N 177 0.78 -67.90 20.51
C GLU N 177 -0.69 -68.20 20.82
N TYR N 178 -1.14 -69.39 20.42
CA TYR N 178 -2.49 -69.93 20.63
C TYR N 178 -3.54 -69.21 19.78
N GLY N 179 -3.15 -68.31 18.89
CA GLY N 179 -4.13 -67.60 18.09
C GLY N 179 -3.47 -66.95 16.89
N VAL N 180 -4.29 -66.22 16.13
CA VAL N 180 -3.81 -65.51 14.94
C VAL N 180 -4.54 -64.18 14.85
N PHE N 181 -3.79 -63.13 14.50
CA PHE N 181 -4.33 -61.79 14.33
C PHE N 181 -4.31 -61.44 12.86
N ASN N 182 -5.47 -61.08 12.32
CA ASN N 182 -5.57 -60.62 10.94
C ASN N 182 -5.54 -59.09 10.92
N LEU N 183 -4.52 -58.53 10.26
CA LEU N 183 -4.33 -57.08 10.24
C LEU N 183 -5.17 -56.47 9.12
N ILE N 184 -6.48 -56.53 9.32
CA ILE N 184 -7.40 -55.79 8.44
C ILE N 184 -7.19 -54.30 8.64
N LYS N 185 -7.34 -53.54 7.57
CA LYS N 185 -7.09 -52.10 7.62
C LYS N 185 -8.13 -51.39 8.47
N ASP N 186 -7.66 -50.57 9.41
CA ASP N 186 -8.49 -49.65 10.18
C ASP N 186 -9.58 -50.41 10.95
N SER N 187 -9.11 -51.22 11.90
CA SER N 187 -9.98 -51.89 12.84
C SER N 187 -9.41 -51.73 14.25
N GLN N 188 -10.18 -52.16 15.24
CA GLN N 188 -9.80 -52.03 16.63
C GLN N 188 -9.71 -53.40 17.29
N PHE N 189 -8.68 -53.58 18.12
CA PHE N 189 -8.46 -54.82 18.84
C PHE N 189 -8.57 -54.56 20.34
N PHE N 190 -9.02 -55.57 21.07
CA PHE N 190 -9.01 -55.57 22.53
C PHE N 190 -8.11 -56.73 22.94
N VAL N 191 -6.81 -56.49 23.02
CA VAL N 191 -5.82 -57.55 23.15
C VAL N 191 -4.92 -57.28 24.35
N ARG N 192 -4.05 -58.25 24.62
CA ARG N 192 -3.11 -58.14 25.72
C ARG N 192 -1.97 -57.19 25.39
N GLN N 193 -1.52 -56.43 26.40
CA GLN N 193 -0.48 -55.44 26.19
C GLN N 193 0.83 -56.07 25.72
N SER N 194 1.20 -57.20 26.32
CA SER N 194 2.52 -57.79 26.09
C SER N 194 2.61 -58.58 24.79
N ASP N 195 1.68 -58.38 23.85
CA ASP N 195 1.74 -59.04 22.55
C ASP N 195 2.03 -58.10 21.39
N VAL N 196 1.64 -56.84 21.49
CA VAL N 196 1.62 -55.94 20.34
C VAL N 196 2.64 -54.83 20.44
N GLU N 197 3.47 -54.82 21.49
CA GLU N 197 4.48 -53.77 21.60
C GLU N 197 5.49 -53.85 20.46
N ARG N 198 5.82 -55.06 20.01
CA ARG N 198 6.73 -55.21 18.87
C ARG N 198 6.14 -54.55 17.63
N LEU N 199 4.86 -54.80 17.36
CA LEU N 199 4.21 -54.19 16.21
C LEU N 199 4.12 -52.68 16.38
N ILE N 200 3.82 -52.21 17.59
CA ILE N 200 3.69 -50.78 17.83
C ILE N 200 5.01 -50.07 17.56
N GLN N 201 6.13 -50.64 18.03
CA GLN N 201 7.42 -50.07 17.72
C GLN N 201 7.68 -50.07 16.22
N GLN N 202 7.19 -51.10 15.52
CA GLN N 202 7.33 -51.15 14.06
C GLN N 202 6.49 -50.09 13.35
N GLY N 203 5.55 -49.46 14.05
CA GLY N 203 4.71 -48.44 13.44
C GLY N 203 3.47 -48.96 12.76
N TYR N 204 3.13 -50.24 12.92
CA TYR N 204 1.96 -50.81 12.28
C TYR N 204 0.70 -50.69 13.14
N LEU N 205 0.82 -50.27 14.39
CA LEU N 205 -0.32 -50.12 15.27
C LEU N 205 -0.25 -48.76 15.96
N GLN N 206 -1.42 -48.25 16.32
CA GLN N 206 -1.55 -46.90 16.86
C GLN N 206 -2.60 -46.91 17.95
N LYS N 207 -2.78 -45.77 18.62
CA LYS N 207 -3.79 -45.58 19.65
C LYS N 207 -3.59 -46.58 20.79
N ILE N 208 -2.50 -46.38 21.52
CA ILE N 208 -2.19 -47.19 22.67
C ILE N 208 -3.28 -47.01 23.72
N SER O 2 19.19 -46.18 31.45
CA SER O 2 19.33 -45.95 30.02
C SER O 2 19.48 -44.46 29.73
N LEU O 3 20.29 -44.13 28.73
CA LEU O 3 20.48 -42.74 28.32
C LEU O 3 19.18 -42.13 27.79
N PRO O 4 18.65 -42.59 26.62
CA PRO O 4 17.54 -41.90 25.95
C PRO O 4 17.31 -40.44 26.34
N ALA O 5 18.26 -39.57 25.95
CA ALA O 5 18.24 -38.16 26.32
C ALA O 5 18.27 -38.00 27.84
N HIS O 6 19.39 -38.44 28.43
CA HIS O 6 19.74 -38.24 29.83
C HIS O 6 18.69 -38.76 30.81
N LEU O 7 17.87 -39.73 30.39
CA LEU O 7 16.98 -40.40 31.33
C LEU O 7 17.73 -41.29 32.31
N GLN O 8 19.06 -41.28 32.28
CA GLN O 8 19.88 -42.10 33.14
C GLN O 8 20.23 -41.44 34.47
N GLN O 9 19.75 -40.22 34.71
CA GLN O 9 20.08 -39.48 35.93
C GLN O 9 18.93 -39.37 36.92
N THR O 10 17.69 -39.36 36.45
CA THR O 10 16.55 -39.25 37.35
C THR O 10 15.50 -40.32 37.05
N PHE O 11 14.33 -40.19 37.66
CA PHE O 11 13.24 -41.13 37.47
C PHE O 11 12.11 -40.46 36.70
N SER O 12 11.54 -41.18 35.75
CA SER O 12 10.34 -40.71 35.08
C SER O 12 9.12 -40.95 35.96
N PRO O 13 8.06 -40.16 35.78
CA PRO O 13 6.86 -40.36 36.61
C PRO O 13 6.27 -41.75 36.49
N GLU O 14 6.39 -42.40 35.34
CA GLU O 14 5.92 -43.77 35.21
C GLU O 14 6.66 -44.70 36.16
N GLU O 15 7.98 -44.54 36.26
CA GLU O 15 8.75 -45.37 37.18
C GLU O 15 8.35 -45.10 38.62
N ILE O 16 8.03 -43.84 38.95
CA ILE O 16 7.57 -43.52 40.30
C ILE O 16 6.25 -44.22 40.58
N GLN O 17 5.32 -44.15 39.62
CA GLN O 17 4.03 -44.82 39.81
C GLN O 17 4.22 -46.31 39.99
N PHE O 18 5.12 -46.90 39.22
CA PHE O 18 5.40 -48.33 39.34
C PHE O 18 5.96 -48.67 40.72
N ILE O 19 7.00 -47.94 41.14
CA ILE O 19 7.62 -48.21 42.42
C ILE O 19 6.68 -47.95 43.58
N VAL O 20 5.63 -47.14 43.37
CA VAL O 20 4.63 -46.98 44.41
C VAL O 20 3.62 -48.11 44.38
N GLU O 21 3.19 -48.55 43.19
CA GLU O 21 2.25 -49.66 43.16
C GLU O 21 2.90 -50.98 43.52
N ASN O 22 4.22 -50.99 43.73
CA ASN O 22 4.91 -52.17 44.21
C ASN O 22 4.80 -52.36 45.72
N GLU O 23 3.79 -51.78 46.36
CA GLU O 23 3.68 -51.73 47.81
C GLU O 23 2.46 -52.50 48.31
N PRO O 24 2.54 -53.10 49.49
CA PRO O 24 1.40 -53.85 50.03
C PRO O 24 0.24 -52.94 50.42
N ILE O 25 -0.96 -53.53 50.42
CA ILE O 25 -2.19 -52.83 50.81
C ILE O 25 -3.19 -53.85 51.33
N LYS O 26 -4.22 -53.37 52.02
CA LYS O 26 -5.27 -54.23 52.52
C LYS O 26 -6.42 -54.30 51.53
N ILE O 27 -7.12 -55.43 51.53
CA ILE O 27 -8.18 -55.70 50.56
C ILE O 27 -9.36 -56.35 51.28
N PHE O 28 -10.52 -56.29 50.64
CA PHE O 28 -11.76 -56.89 51.16
C PHE O 28 -12.35 -57.75 50.06
N PRO O 29 -11.97 -59.02 49.98
CA PRO O 29 -12.32 -59.85 48.82
C PRO O 29 -13.81 -60.13 48.74
N ARG O 30 -14.25 -60.40 47.51
CA ARG O 30 -15.63 -60.75 47.20
C ARG O 30 -15.83 -62.26 47.02
N ILE O 31 -14.81 -62.97 46.56
CA ILE O 31 -14.91 -64.40 46.31
C ILE O 31 -14.02 -65.14 47.32
N THR O 32 -14.11 -66.47 47.28
CA THR O 32 -13.33 -67.32 48.16
C THR O 32 -12.59 -68.37 47.34
N THR O 33 -11.35 -68.64 47.73
CA THR O 33 -10.56 -69.69 47.10
C THR O 33 -9.82 -70.51 48.16
N ARG O 34 -10.44 -70.68 49.32
CA ARG O 34 -9.84 -71.50 50.37
C ARG O 34 -9.77 -72.95 49.90
N GLN O 35 -8.63 -73.59 50.19
CA GLN O 35 -8.35 -74.91 49.63
C GLN O 35 -9.34 -75.95 50.13
N LYS O 36 -9.61 -76.93 49.26
CA LYS O 36 -10.53 -78.02 49.57
C LYS O 36 -9.98 -78.85 50.71
N ILE O 37 -10.60 -78.74 51.88
CA ILE O 37 -10.15 -79.48 53.05
C ILE O 37 -11.23 -80.47 53.48
N HIS O 47 -9.10 -75.83 41.66
CA HIS O 47 -8.14 -75.09 42.47
C HIS O 47 -6.77 -75.06 41.81
N THR O 48 -6.14 -73.88 41.80
CA THR O 48 -4.80 -73.70 41.26
C THR O 48 -3.97 -72.89 42.24
N ARG O 49 -2.73 -73.32 42.44
CA ARG O 49 -1.82 -72.62 43.33
C ARG O 49 -1.35 -71.32 42.70
N TRP O 50 -1.36 -70.25 43.49
CA TRP O 50 -0.86 -68.97 43.00
C TRP O 50 0.64 -69.04 42.75
N GLN O 51 1.40 -69.52 43.74
CA GLN O 51 2.83 -69.85 43.62
C GLN O 51 3.61 -68.81 42.80
N LEU O 52 3.48 -67.55 43.20
CA LEU O 52 4.28 -66.48 42.63
C LEU O 52 5.71 -66.54 43.16
N ILE O 53 6.56 -65.63 42.69
CA ILE O 53 7.97 -65.63 43.05
C ILE O 53 8.38 -64.42 43.87
N THR O 54 7.56 -63.37 43.93
CA THR O 54 7.93 -62.16 44.66
C THR O 54 6.83 -61.71 45.62
N THR O 55 6.04 -62.66 46.12
CA THR O 55 4.96 -62.35 47.04
C THR O 55 4.55 -63.62 47.77
N ASP O 56 4.26 -63.49 49.06
CA ASP O 56 3.79 -64.63 49.84
C ASP O 56 2.43 -65.06 49.32
N ASP O 57 2.39 -66.21 48.64
CA ASP O 57 1.15 -66.74 48.10
C ASP O 57 0.21 -67.26 49.17
N LYS O 58 0.68 -67.35 50.42
CA LYS O 58 -0.14 -67.94 51.48
C LYS O 58 -1.42 -67.15 51.68
N ALA O 59 -1.34 -65.82 51.67
CA ALA O 59 -2.55 -65.01 51.79
C ALA O 59 -3.45 -65.20 50.58
N LEU O 60 -2.87 -65.26 49.39
CA LEU O 60 -3.67 -65.46 48.18
C LEU O 60 -4.39 -66.80 48.21
N ASN O 61 -3.66 -67.87 48.54
CA ASN O 61 -4.29 -69.18 48.64
C ASN O 61 -5.27 -69.21 49.80
N ASN O 62 -4.88 -68.67 50.95
CA ASN O 62 -5.72 -68.69 52.15
C ASN O 62 -6.44 -67.34 52.27
N MET O 63 -7.47 -67.18 51.44
CA MET O 63 -8.42 -66.08 51.62
C MET O 63 -9.82 -66.65 51.63
N VAL O 64 -10.72 -65.93 52.29
CA VAL O 64 -12.13 -66.27 52.33
C VAL O 64 -12.92 -64.97 52.34
N ALA O 65 -14.14 -65.02 51.80
CA ALA O 65 -14.87 -63.80 51.50
C ALA O 65 -15.19 -63.00 52.76
N MET O 66 -15.23 -61.68 52.59
CA MET O 66 -15.60 -60.74 53.65
C MET O 66 -14.64 -60.81 54.84
N ARG O 67 -13.35 -60.99 54.56
CA ARG O 67 -12.33 -60.96 55.59
C ARG O 67 -11.13 -60.18 55.09
N SER O 68 -10.58 -59.33 55.96
CA SER O 68 -9.48 -58.47 55.58
C SER O 68 -8.19 -59.27 55.43
N THR O 69 -7.40 -58.90 54.41
CA THR O 69 -6.12 -59.53 54.17
C THR O 69 -5.27 -58.58 53.34
N GLU O 70 -3.97 -58.87 53.28
CA GLU O 70 -3.00 -57.99 52.66
C GLU O 70 -2.47 -58.58 51.36
N VAL O 71 -2.57 -57.82 50.28
CA VAL O 71 -2.01 -58.19 48.99
C VAL O 71 -1.28 -56.97 48.44
N VAL O 72 -0.35 -57.22 47.51
CA VAL O 72 0.35 -56.11 46.89
C VAL O 72 -0.64 -55.30 46.05
N LEU O 73 -0.25 -54.07 45.74
CA LEU O 73 -1.22 -53.09 45.23
C LEU O 73 -1.75 -53.49 43.86
N TRP O 74 -0.85 -53.91 42.95
CA TRP O 74 -1.29 -54.12 41.58
C TRP O 74 -2.19 -55.34 41.44
N ILE O 75 -2.01 -56.36 42.29
CA ILE O 75 -2.96 -57.47 42.30
C ILE O 75 -4.34 -56.97 42.72
N ALA O 76 -4.40 -56.10 43.73
CA ALA O 76 -5.67 -55.53 44.14
C ALA O 76 -6.29 -54.73 43.01
N LEU O 77 -5.48 -53.96 42.29
CA LEU O 77 -5.99 -53.19 41.16
C LEU O 77 -6.55 -54.10 40.08
N LEU O 78 -5.85 -55.18 39.77
CA LEU O 78 -6.32 -56.11 38.76
C LEU O 78 -7.64 -56.75 39.17
N LEU O 79 -7.75 -57.16 40.44
CA LEU O 79 -9.01 -57.72 40.91
C LEU O 79 -10.11 -56.66 40.93
N LYS O 80 -9.74 -55.39 41.11
CA LYS O 80 -10.73 -54.31 41.06
C LYS O 80 -11.20 -54.06 39.64
N GLN O 81 -10.33 -54.31 38.65
CA GLN O 81 -10.79 -54.28 37.26
C GLN O 81 -11.86 -55.34 37.02
N GLN O 82 -11.82 -56.42 37.78
CA GLN O 82 -12.89 -57.41 37.79
C GLN O 82 -13.77 -57.10 39.01
N SER O 83 -14.75 -57.94 39.31
CA SER O 83 -15.65 -57.72 40.45
C SER O 83 -15.32 -58.61 41.64
N LYS O 84 -14.03 -58.84 41.89
CA LYS O 84 -13.59 -59.70 43.00
C LYS O 84 -12.88 -58.93 44.09
N CYS O 85 -13.04 -57.60 44.13
CA CYS O 85 -12.22 -56.76 44.98
C CYS O 85 -13.06 -55.69 45.66
N SER O 86 -12.54 -55.20 46.79
CA SER O 86 -13.08 -54.01 47.44
C SER O 86 -11.93 -53.40 48.26
N ILE O 87 -11.31 -52.36 47.71
CA ILE O 87 -10.14 -51.77 48.35
C ILE O 87 -10.55 -51.01 49.60
N VAL O 88 -9.76 -51.13 50.65
CA VAL O 88 -9.97 -50.41 51.90
C VAL O 88 -9.03 -49.21 51.93
N ALA O 89 -9.59 -48.02 52.04
CA ALA O 89 -8.79 -46.81 52.01
C ALA O 89 -7.97 -46.66 53.30
N PRO O 90 -6.80 -46.02 53.24
CA PRO O 90 -6.01 -45.80 54.45
C PRO O 90 -6.67 -44.79 55.38
N GLN O 91 -6.02 -44.48 56.50
CA GLN O 91 -6.58 -43.53 57.44
C GLN O 91 -6.43 -42.08 56.98
N TRP O 92 -5.56 -41.82 56.01
CA TRP O 92 -5.43 -40.46 55.48
C TRP O 92 -6.72 -40.03 54.81
N LEU O 93 -7.22 -40.84 53.90
CA LEU O 93 -8.25 -40.41 52.97
C LEU O 93 -9.58 -40.28 53.67
N THR O 94 -9.67 -39.32 54.58
CA THR O 94 -10.91 -38.92 55.21
C THR O 94 -10.75 -37.47 55.67
N THR O 95 -11.87 -36.75 55.71
CA THR O 95 -11.80 -35.31 55.94
C THR O 95 -11.24 -34.97 57.32
N LYS O 96 -11.61 -35.74 58.34
CA LYS O 96 -11.25 -35.37 59.71
C LYS O 96 -9.77 -35.57 60.01
N GLU O 97 -9.05 -36.33 59.19
CA GLU O 97 -7.61 -36.42 59.35
C GLU O 97 -6.88 -35.35 58.54
N LEU O 98 -7.32 -35.12 57.31
CA LEU O 98 -6.74 -34.05 56.50
C LEU O 98 -6.91 -32.70 57.17
N ASP O 99 -8.00 -32.52 57.93
CA ASP O 99 -8.21 -31.25 58.62
C ASP O 99 -7.14 -31.00 59.66
N ARG O 100 -6.87 -31.98 60.52
CA ARG O 100 -5.82 -31.80 61.51
C ARG O 100 -4.46 -31.70 60.83
N LYS O 101 -4.27 -32.36 59.69
CA LYS O 101 -3.01 -32.24 58.98
C LYS O 101 -2.79 -30.81 58.50
N ILE O 102 -3.78 -30.23 57.82
CA ILE O 102 -3.64 -28.86 57.33
C ILE O 102 -3.50 -27.89 58.48
N GLN O 103 -4.17 -28.16 59.61
CA GLN O 103 -3.96 -27.34 60.79
C GLN O 103 -2.51 -27.42 61.26
N TYR O 104 -1.92 -28.61 61.22
CA TYR O 104 -0.52 -28.75 61.61
C TYR O 104 0.41 -27.97 60.71
N GLU O 105 0.18 -28.02 59.39
CA GLU O 105 1.02 -27.20 58.51
C GLU O 105 0.84 -25.71 58.81
N LYS O 106 -0.41 -25.27 59.02
CA LYS O 106 -0.65 -23.86 59.26
C LYS O 106 0.03 -23.38 60.53
N THR O 107 -0.02 -24.19 61.59
CA THR O 107 0.52 -23.77 62.89
C THR O 107 2.03 -23.91 62.99
N HIS O 108 2.67 -24.62 62.07
CA HIS O 108 4.12 -24.79 62.08
C HIS O 108 4.69 -24.32 60.75
N PRO O 109 5.22 -23.11 60.67
CA PRO O 109 5.59 -22.55 59.37
C PRO O 109 7.00 -22.90 58.93
N ASP O 110 7.63 -23.88 59.56
CA ASP O 110 9.01 -24.24 59.22
C ASP O 110 9.24 -25.72 59.01
N ARG O 111 8.38 -26.61 59.53
CA ARG O 111 8.56 -28.04 59.40
C ARG O 111 7.49 -28.62 58.49
N PHE O 112 7.92 -29.35 57.47
CA PHE O 112 6.98 -30.09 56.64
C PHE O 112 6.28 -31.13 57.50
N SER O 113 4.98 -31.30 57.29
CA SER O 113 4.22 -32.25 58.09
C SER O 113 4.65 -33.68 57.78
N GLU O 114 4.45 -34.56 58.76
CA GLU O 114 4.78 -35.96 58.59
C GLU O 114 3.87 -36.61 57.56
N LEU O 115 4.45 -37.05 56.44
CA LEU O 115 3.68 -37.68 55.39
C LEU O 115 4.59 -38.59 54.59
N PRO O 116 4.15 -39.80 54.22
CA PRO O 116 5.07 -40.78 53.64
C PRO O 116 5.53 -40.46 52.22
N TRP O 117 6.38 -41.33 51.67
CA TRP O 117 6.89 -41.13 50.32
C TRP O 117 5.78 -41.24 49.29
N ASN O 118 4.82 -42.13 49.51
CA ASN O 118 3.75 -42.38 48.55
C ASN O 118 2.63 -41.35 48.62
N TRP O 119 2.92 -40.18 49.18
CA TRP O 119 1.95 -39.10 49.24
C TRP O 119 1.49 -38.71 47.85
N LEU O 120 0.17 -38.58 47.70
CA LEU O 120 -0.51 -38.07 46.51
C LEU O 120 -0.54 -39.05 45.35
N VAL O 121 0.29 -40.07 45.38
CA VAL O 121 0.33 -41.05 44.30
C VAL O 121 -0.73 -42.12 44.50
N LEU O 122 -0.76 -42.71 45.70
CA LEU O 122 -1.87 -43.56 46.07
C LEU O 122 -3.19 -42.80 45.96
N ALA O 123 -3.18 -41.51 46.27
CA ALA O 123 -4.38 -40.70 46.15
C ALA O 123 -4.85 -40.64 44.70
N ARG O 124 -3.93 -40.32 43.77
CA ARG O 124 -4.31 -40.27 42.36
C ARG O 124 -4.83 -41.61 41.88
N ILE O 125 -4.14 -42.69 42.22
CA ILE O 125 -4.52 -44.00 41.71
C ILE O 125 -5.89 -44.42 42.27
N LEU O 126 -6.10 -44.25 43.57
CA LEU O 126 -7.37 -44.62 44.17
C LEU O 126 -8.51 -43.78 43.63
N PHE O 127 -8.26 -42.48 43.43
CA PHE O 127 -9.31 -41.62 42.87
C PHE O 127 -9.64 -42.04 41.45
N ASN O 128 -8.63 -42.42 40.67
CA ASN O 128 -8.89 -42.82 39.29
C ASN O 128 -9.66 -44.14 39.22
N LYS O 129 -9.30 -45.11 40.06
CA LYS O 129 -9.89 -46.45 39.96
C LYS O 129 -11.02 -46.67 40.97
N ALA O 130 -10.74 -46.53 42.27
CA ALA O 130 -11.72 -46.86 43.30
C ALA O 130 -12.54 -45.62 43.64
N LYS O 131 -13.38 -45.23 42.68
CA LYS O 131 -14.19 -44.03 42.83
C LYS O 131 -15.38 -44.25 43.76
N ASP O 132 -15.85 -45.50 43.88
CA ASP O 132 -17.13 -45.77 44.49
C ASP O 132 -17.06 -46.27 45.93
N ASP O 133 -15.93 -46.82 46.36
CA ASP O 133 -15.85 -47.48 47.66
C ASP O 133 -15.67 -46.50 48.82
N PHE O 134 -15.46 -45.22 48.57
CA PHE O 134 -15.20 -44.26 49.63
C PHE O 134 -16.46 -44.00 50.46
N HIS O 135 -16.23 -43.50 51.68
CA HIS O 135 -17.32 -43.03 52.53
C HIS O 135 -17.56 -41.53 52.40
N ASP O 136 -16.56 -40.78 51.92
CA ASP O 136 -16.57 -39.34 51.75
C ASP O 136 -16.76 -38.96 50.29
N PRO O 137 -17.37 -37.81 50.02
CA PRO O 137 -17.42 -37.32 48.64
C PRO O 137 -16.03 -37.09 48.08
N ILE O 138 -15.88 -37.37 46.79
CA ILE O 138 -14.55 -37.31 46.17
C ILE O 138 -14.06 -35.86 46.07
N HIS O 139 -14.97 -34.94 45.75
CA HIS O 139 -14.55 -33.56 45.49
C HIS O 139 -13.97 -32.91 46.74
N GLU O 140 -14.55 -33.19 47.91
CA GLU O 140 -14.03 -32.62 49.15
C GLU O 140 -12.58 -33.06 49.38
N LEU O 141 -12.33 -34.36 49.24
CA LEU O 141 -10.99 -34.89 49.44
C LEU O 141 -10.02 -34.32 48.41
N ARG O 142 -10.46 -34.21 47.16
CA ARG O 142 -9.60 -33.66 46.13
C ARG O 142 -9.24 -32.20 46.43
N GLY O 143 -10.22 -31.42 46.88
CA GLY O 143 -9.93 -30.03 47.22
C GLY O 143 -8.97 -29.90 48.39
N LYS O 144 -9.17 -30.73 49.42
CA LYS O 144 -8.27 -30.66 50.57
C LYS O 144 -6.86 -31.09 50.19
N ILE O 145 -6.73 -32.12 49.34
CA ILE O 145 -5.42 -32.53 48.86
C ILE O 145 -4.77 -31.42 48.05
N GLN O 146 -5.57 -30.71 47.24
CA GLN O 146 -5.04 -29.57 46.50
C GLN O 146 -4.54 -28.49 47.43
N ASP O 147 -5.27 -28.23 48.51
CA ASP O 147 -4.83 -27.24 49.50
C ASP O 147 -3.50 -27.64 50.11
N LEU O 148 -3.37 -28.92 50.48
CA LEU O 148 -2.11 -29.41 51.03
C LEU O 148 -0.98 -29.24 50.03
N ARG O 149 -1.23 -29.56 48.77
CA ARG O 149 -0.22 -29.40 47.72
C ARG O 149 0.24 -27.96 47.64
N GLU O 150 -0.70 -27.02 47.62
CA GLU O 150 -0.34 -25.61 47.51
C GLU O 150 0.47 -25.14 48.72
N ILE O 151 0.04 -25.54 49.92
CA ILE O 151 0.75 -25.10 51.12
C ILE O 151 2.18 -25.62 51.14
N ARG O 152 2.35 -26.90 50.82
CA ARG O 152 3.69 -27.46 50.81
C ARG O 152 4.54 -26.84 49.71
N GLN O 153 3.93 -26.50 48.57
CA GLN O 153 4.67 -25.83 47.52
C GLN O 153 5.18 -24.47 47.99
N ILE O 154 4.33 -23.73 48.70
CA ILE O 154 4.73 -22.44 49.26
C ILE O 154 5.89 -22.60 50.22
N LYS O 155 5.80 -23.60 51.11
CA LYS O 155 6.87 -23.80 52.07
C LYS O 155 8.17 -24.19 51.38
N VAL O 156 8.08 -24.97 50.29
CA VAL O 156 9.27 -25.34 49.54
C VAL O 156 9.94 -24.11 48.94
N LEU O 157 9.14 -23.24 48.32
CA LEU O 157 9.71 -22.01 47.76
C LEU O 157 10.33 -21.15 48.84
N LYS O 158 9.68 -21.05 50.00
CA LYS O 158 10.25 -20.26 51.10
C LYS O 158 11.58 -20.85 51.55
N GLY O 159 11.66 -22.17 51.68
CA GLY O 159 12.89 -22.78 52.16
C GLY O 159 14.01 -22.77 51.16
N LEU O 160 13.69 -22.75 49.87
CA LEU O 160 14.73 -22.84 48.85
C LEU O 160 15.61 -21.59 48.77
N LYS O 161 15.22 -20.51 49.46
CA LYS O 161 15.95 -19.24 49.34
C LYS O 161 17.44 -19.44 49.64
N TYR O 162 17.76 -20.09 50.75
CA TYR O 162 19.14 -20.31 51.12
C TYR O 162 19.60 -21.68 50.64
N LEU O 163 20.74 -21.72 49.95
CA LEU O 163 21.31 -22.94 49.39
C LEU O 163 22.79 -22.96 49.72
N ASN O 164 23.14 -23.58 50.84
CA ASN O 164 24.54 -23.72 51.21
C ASN O 164 25.26 -24.60 50.20
N GLU O 165 26.58 -24.46 50.16
CA GLU O 165 27.40 -25.31 49.31
C GLU O 165 27.84 -26.58 50.02
N SER O 166 27.47 -26.77 51.29
CA SER O 166 27.89 -27.93 52.04
C SER O 166 26.83 -29.04 52.01
N HIS O 167 25.64 -28.74 52.50
CA HIS O 167 24.58 -29.74 52.58
C HIS O 167 23.25 -29.04 52.83
N LEU O 168 22.21 -29.84 53.02
CA LEU O 168 20.87 -29.33 53.28
C LEU O 168 20.04 -30.47 53.87
N GLN O 169 18.95 -30.11 54.53
CA GLN O 169 18.08 -31.09 55.17
C GLN O 169 16.64 -30.83 54.78
N LEU O 170 15.95 -31.87 54.32
CA LEU O 170 14.60 -31.79 53.75
C LEU O 170 13.72 -32.88 54.36
N ASP O 171 13.69 -32.91 55.69
CA ASP O 171 13.27 -34.10 56.45
C ASP O 171 11.99 -34.75 55.97
N ASN O 172 11.06 -34.00 55.37
CA ASN O 172 9.73 -34.56 55.14
C ASN O 172 9.21 -34.22 53.74
N LEU O 173 10.03 -34.41 52.72
CA LEU O 173 9.58 -34.30 51.34
C LEU O 173 9.16 -35.66 50.80
N SER O 174 8.05 -35.68 50.06
CA SER O 174 7.54 -36.91 49.48
C SER O 174 8.31 -37.24 48.20
N LEU O 175 7.86 -38.26 47.47
CA LEU O 175 8.60 -38.75 46.32
C LEU O 175 8.61 -37.73 45.17
N LEU O 176 7.41 -37.39 44.67
CA LEU O 176 7.33 -36.54 43.49
C LEU O 176 7.95 -35.17 43.73
N GLU O 177 7.79 -34.65 44.95
CA GLU O 177 8.34 -33.33 45.27
C GLU O 177 9.86 -33.34 45.16
N ILE O 178 10.50 -34.42 45.60
CA ILE O 178 11.95 -34.54 45.43
C ILE O 178 12.29 -34.74 43.97
N ASN O 179 11.51 -35.57 43.27
CA ASN O 179 11.85 -35.94 41.90
C ASN O 179 11.83 -34.71 40.99
N GLU O 180 10.80 -33.88 41.11
CA GLU O 180 10.69 -32.72 40.24
C GLU O 180 11.80 -31.70 40.49
N LEU O 181 12.25 -31.57 41.74
CA LEU O 181 13.23 -30.56 42.11
C LEU O 181 14.67 -31.03 42.00
N ARG O 182 14.91 -32.33 41.84
CA ARG O 182 16.27 -32.86 41.84
C ARG O 182 17.24 -32.17 40.88
N PRO O 183 16.92 -31.98 39.59
CA PRO O 183 17.97 -31.53 38.67
C PRO O 183 18.42 -30.10 38.92
N PHE O 184 17.48 -29.18 39.14
CA PHE O 184 17.83 -27.78 39.35
C PHE O 184 18.70 -27.62 40.59
N ILE O 185 18.27 -28.22 41.70
CA ILE O 185 19.03 -28.13 42.95
C ILE O 185 20.42 -28.73 42.79
N THR O 186 20.47 -29.93 42.18
CA THR O 186 21.75 -30.61 42.03
C THR O 186 22.71 -29.78 41.19
N GLU O 187 22.24 -29.23 40.07
CA GLU O 187 23.13 -28.47 39.21
C GLU O 187 23.60 -27.18 39.88
N ILE O 188 22.70 -26.50 40.60
CA ILE O 188 23.09 -25.26 41.26
C ILE O 188 24.18 -25.53 42.30
N MET O 189 23.98 -26.54 43.14
CA MET O 189 25.02 -26.83 44.13
C MET O 189 26.29 -27.33 43.48
N ASP O 190 26.19 -28.06 42.36
CA ASP O 190 27.40 -28.48 41.67
C ASP O 190 28.20 -27.28 41.19
N LYS O 191 27.53 -26.28 40.61
CA LYS O 191 28.23 -25.10 40.14
C LYS O 191 28.86 -24.35 41.31
N LEU O 192 28.12 -24.20 42.42
CA LEU O 192 28.68 -23.51 43.57
C LEU O 192 29.91 -24.22 44.11
N ARG O 193 29.84 -25.56 44.21
CA ARG O 193 30.98 -26.32 44.70
C ARG O 193 32.16 -26.19 43.76
N GLU O 194 31.91 -26.20 42.45
CA GLU O 194 33.00 -26.03 41.50
C GLU O 194 33.66 -24.68 41.68
N ILE O 195 32.87 -23.62 41.87
CA ILE O 195 33.44 -22.30 42.08
C ILE O 195 34.29 -22.28 43.33
N HIS O 196 33.76 -22.81 44.43
CA HIS O 196 34.49 -22.75 45.69
C HIS O 196 35.79 -23.55 45.62
N THR O 197 35.73 -24.76 45.05
CA THR O 197 36.93 -25.58 44.96
C THR O 197 37.96 -24.95 44.03
N ALA O 198 37.52 -24.34 42.93
CA ALA O 198 38.44 -23.68 42.03
C ALA O 198 39.12 -22.50 42.69
N SER O 199 38.43 -21.83 43.62
CA SER O 199 39.00 -20.69 44.33
C SER O 199 40.12 -21.08 45.28
N LEU O 200 40.25 -22.37 45.60
CA LEU O 200 41.25 -22.83 46.55
C LEU O 200 42.34 -23.65 45.87
#